data_9HAY
#
_entry.id   9HAY
#
_cell.length_a   199.754
_cell.length_b   372.948
_cell.length_c   104.177
_cell.angle_alpha   90
_cell.angle_beta   90
_cell.angle_gamma   90
#
_symmetry.space_group_name_H-M   'P 21 21 2'
#
loop_
_entity.id
_entity.type
_entity.pdbx_description
1 polymer 'Luciferase family protein'
2 non-polymer 6-O-phosphono-beta-D-glucopyranose
3 non-polymer DI(HYDROXYETHYL)ETHER
4 non-polymer 'TETRAETHYLENE GLYCOL'
5 non-polymer 'TRIETHYLENE GLYCOL'
6 non-polymer 1,2-ETHANEDIOL
7 water water
#
_entity_poly.entity_id   1
_entity_poly.type   'polypeptide(L)'
_entity_poly.pdbx_seq_one_letter_code
;MGSSHHHHHHSSGLVPRGSHMASMTGGQQMGRGSSRLGYSASFEQFHPSDLLRWCQLAEQEGFDSVLAADHFHPWTPEQG
QSGFVWAWLGALGATTRLRFGTGVTPPIGFRYHPAIVAQAAATLEAMFPGRFWLGIGAGEALNEHIVGRYWPEPAERIRM
LIEAIEVIQKLFTGKVIRHEGVYFKVESAKLYTMPDVPPPIIVGTAGPYMAKKTGQLCDGLLTPGANDEKLRLLLSRFEE
GARAAGKDPRRMPRMIQVHVSWAETDEQAIENALREWPNGGMAFPKGDIRNPEDFQAMARLVRPEHFQGRVLMTSDLDRH
GEFLQHLIDLGFTEIYVHNVGRNQEEFIRAYGRAVIPHLRWPADAPVAQAMSPSASRAGQ
;
_entity_poly.pdbx_strand_id   A,B,C,D,E,F,G,H,I,J,K,L,M,N,O,P,Q,R
#
loop_
_chem_comp.id
_chem_comp.type
_chem_comp.name
_chem_comp.formula
BG6 D-saccharide, beta linking 6-O-phosphono-beta-D-glucopyranose 'C6 H13 O9 P'
EDO non-polymer 1,2-ETHANEDIOL 'C2 H6 O2'
PEG non-polymer DI(HYDROXYETHYL)ETHER 'C4 H10 O3'
PG4 non-polymer 'TETRAETHYLENE GLYCOL' 'C8 H18 O5'
PGE non-polymer 'TRIETHYLENE GLYCOL' 'C6 H14 O4'
#
# COMPACT_ATOMS: atom_id res chain seq x y z
N SER A 34 -16.63 51.92 -15.90
CA SER A 34 -15.77 50.78 -15.46
C SER A 34 -15.27 49.98 -16.69
N SER A 35 -13.95 49.78 -16.77
CA SER A 35 -13.26 49.47 -18.03
C SER A 35 -13.43 48.01 -18.43
N ARG A 36 -13.52 47.79 -19.74
CA ARG A 36 -13.85 46.48 -20.29
C ARG A 36 -13.84 46.51 -21.82
N LEU A 37 -13.77 45.32 -22.41
CA LEU A 37 -13.83 45.11 -23.84
C LEU A 37 -13.93 43.61 -24.08
N GLY A 38 -14.54 43.24 -25.20
CA GLY A 38 -14.64 41.84 -25.58
C GLY A 38 -13.49 41.41 -26.50
N TYR A 39 -13.04 40.16 -26.30
CA TYR A 39 -12.06 39.53 -27.15
C TYR A 39 -12.78 38.51 -28.03
N SER A 40 -12.47 38.58 -29.33
CA SER A 40 -13.04 37.68 -30.31
C SER A 40 -12.07 36.55 -30.57
N ALA A 41 -12.48 35.32 -30.25
CA ALA A 41 -11.64 34.14 -30.40
C ALA A 41 -11.89 33.49 -31.75
N SER A 42 -10.90 33.62 -32.65
CA SER A 42 -11.05 33.21 -34.05
C SER A 42 -10.66 31.73 -34.22
N PHE A 43 -11.65 30.85 -34.15
CA PHE A 43 -11.45 29.42 -34.30
C PHE A 43 -11.02 29.08 -35.72
N GLU A 44 -11.33 29.97 -36.68
CA GLU A 44 -10.92 29.74 -38.05
C GLU A 44 -9.39 29.74 -38.16
N GLN A 45 -8.72 30.48 -37.27
CA GLN A 45 -7.30 30.75 -37.43
C GLN A 45 -6.41 30.03 -36.41
N PHE A 46 -6.90 29.84 -35.19
CA PHE A 46 -6.02 29.55 -34.07
C PHE A 46 -6.39 28.22 -33.39
N HIS A 47 -5.34 27.48 -33.06
CA HIS A 47 -5.48 26.25 -32.32
C HIS A 47 -6.21 26.54 -31.01
N PRO A 48 -7.19 25.70 -30.60
CA PRO A 48 -7.93 25.94 -29.37
C PRO A 48 -7.07 26.10 -28.12
N SER A 49 -5.92 25.41 -28.05
CA SER A 49 -5.03 25.55 -26.91
C SER A 49 -4.47 26.98 -26.84
N ASP A 50 -4.14 27.55 -28.00
CA ASP A 50 -3.64 28.91 -28.07
C ASP A 50 -4.74 29.89 -27.69
N LEU A 51 -5.96 29.67 -28.21
CA LEU A 51 -7.08 30.51 -27.87
C LEU A 51 -7.31 30.50 -26.35
N LEU A 52 -7.17 29.33 -25.73
CA LEU A 52 -7.40 29.22 -24.30
C LEU A 52 -6.41 30.09 -23.55
N ARG A 53 -5.11 29.96 -23.87
CA ARG A 53 -4.06 30.72 -23.21
C ARG A 53 -4.28 32.22 -23.44
N TRP A 54 -4.66 32.61 -24.66
CA TRP A 54 -4.80 34.02 -25.00
C TRP A 54 -6.00 34.64 -24.28
N CYS A 55 -7.08 33.87 -24.11
CA CYS A 55 -8.24 34.37 -23.38
C CYS A 55 -7.87 34.58 -21.92
N GLN A 56 -7.06 33.68 -21.35
CA GLN A 56 -6.59 33.82 -19.97
C GLN A 56 -5.77 35.10 -19.83
N LEU A 57 -4.94 35.39 -20.83
CA LEU A 57 -4.15 36.60 -20.84
C LEU A 57 -5.05 37.83 -21.01
N ALA A 58 -6.01 37.73 -21.93
CA ALA A 58 -6.93 38.83 -22.19
C ALA A 58 -7.65 39.23 -20.89
N GLU A 59 -8.04 38.24 -20.09
CA GLU A 59 -8.67 38.52 -18.80
C GLU A 59 -7.73 39.33 -17.93
N GLN A 60 -6.45 38.92 -17.85
CA GLN A 60 -5.47 39.63 -17.05
C GLN A 60 -5.33 41.07 -17.55
N GLU A 61 -5.51 41.29 -18.87
CA GLU A 61 -5.22 42.57 -19.48
C GLU A 61 -6.45 43.48 -19.56
N GLY A 62 -7.60 43.05 -18.99
CA GLY A 62 -8.75 43.94 -18.85
C GLY A 62 -9.92 43.59 -19.79
N PHE A 63 -9.78 42.60 -20.67
CA PHE A 63 -10.94 42.12 -21.42
C PHE A 63 -11.85 41.39 -20.44
N ASP A 64 -13.18 41.48 -20.64
CA ASP A 64 -14.14 40.94 -19.68
C ASP A 64 -15.02 39.84 -20.29
N SER A 65 -14.94 39.62 -21.61
CA SER A 65 -15.79 38.64 -22.26
CA SER A 65 -15.79 38.64 -22.26
C SER A 65 -15.16 38.16 -23.57
N VAL A 66 -15.65 37.00 -24.02
CA VAL A 66 -15.12 36.33 -25.19
C VAL A 66 -16.29 35.98 -26.11
N LEU A 67 -16.06 36.22 -27.40
CA LEU A 67 -16.95 35.75 -28.45
C LEU A 67 -16.22 34.65 -29.20
N ALA A 68 -16.85 33.47 -29.29
CA ALA A 68 -16.23 32.31 -29.88
C ALA A 68 -17.03 31.83 -31.09
N ALA A 69 -16.37 31.85 -32.25
CA ALA A 69 -16.94 31.37 -33.51
C ALA A 69 -17.29 29.89 -33.40
N ASP A 70 -18.39 29.48 -34.05
CA ASP A 70 -18.81 28.10 -34.12
C ASP A 70 -18.70 27.64 -35.56
N HIS A 71 -17.52 27.17 -35.93
CA HIS A 71 -17.25 26.75 -37.30
C HIS A 71 -16.94 25.26 -37.32
N PHE A 72 -17.10 24.68 -38.51
CA PHE A 72 -16.52 23.39 -38.85
C PHE A 72 -15.30 23.61 -39.76
N HIS A 73 -15.37 24.63 -40.62
CA HIS A 73 -14.27 24.92 -41.54
C HIS A 73 -13.80 26.36 -41.39
N PRO A 74 -12.51 26.62 -41.63
CA PRO A 74 -12.01 27.99 -41.77
C PRO A 74 -12.49 28.53 -43.12
N TRP A 75 -12.41 29.85 -43.30
CA TRP A 75 -12.69 30.45 -44.60
C TRP A 75 -11.65 30.00 -45.61
N THR A 76 -10.39 29.91 -45.20
CA THR A 76 -9.30 29.54 -46.12
C THR A 76 -8.39 28.51 -45.46
N PRO A 77 -7.68 27.68 -46.24
CA PRO A 77 -6.63 26.80 -45.69
C PRO A 77 -5.55 27.55 -44.91
N GLU A 78 -5.22 28.77 -45.35
CA GLU A 78 -4.18 29.55 -44.70
C GLU A 78 -4.59 29.91 -43.28
N GLN A 79 -5.89 30.04 -43.01
CA GLN A 79 -6.37 30.26 -41.65
C GLN A 79 -6.11 29.00 -40.83
N GLY A 80 -6.59 27.86 -41.32
CA GLY A 80 -6.03 26.57 -40.99
C GLY A 80 -6.60 25.87 -39.73
N GLN A 81 -7.68 26.38 -39.14
CA GLN A 81 -8.25 25.73 -37.96
C GLN A 81 -9.78 25.74 -37.96
N SER A 82 -10.38 24.96 -37.04
CA SER A 82 -11.79 25.02 -36.68
C SER A 82 -12.08 24.04 -35.55
N GLY A 83 -11.73 24.43 -34.32
CA GLY A 83 -12.06 23.60 -33.16
C GLY A 83 -13.57 23.57 -32.90
N PHE A 84 -14.00 22.52 -32.20
CA PHE A 84 -15.38 22.39 -31.77
C PHE A 84 -15.60 23.28 -30.56
N VAL A 85 -16.33 24.36 -30.76
CA VAL A 85 -16.40 25.45 -29.79
C VAL A 85 -16.98 24.96 -28.46
N TRP A 86 -17.96 24.05 -28.50
CA TRP A 86 -18.68 23.69 -27.29
C TRP A 86 -17.76 23.04 -26.26
N ALA A 87 -16.80 22.23 -26.72
CA ALA A 87 -15.86 21.61 -25.80
C ALA A 87 -14.93 22.67 -25.22
N TRP A 88 -14.43 23.54 -26.10
CA TRP A 88 -13.50 24.58 -25.68
C TRP A 88 -14.15 25.49 -24.64
N LEU A 89 -15.44 25.80 -24.77
CA LEU A 89 -16.09 26.74 -23.86
C LEU A 89 -16.05 26.20 -22.43
N GLY A 90 -16.13 24.88 -22.26
CA GLY A 90 -16.01 24.29 -20.94
C GLY A 90 -14.65 24.59 -20.29
N ALA A 91 -13.59 24.52 -21.12
CA ALA A 91 -12.24 24.83 -20.66
C ALA A 91 -12.11 26.30 -20.28
N LEU A 92 -12.69 27.17 -21.11
CA LEU A 92 -12.68 28.60 -20.84
C LEU A 92 -13.40 28.89 -19.52
N GLY A 93 -14.59 28.31 -19.38
CA GLY A 93 -15.42 28.51 -18.21
C GLY A 93 -14.69 28.10 -16.94
N ALA A 94 -13.95 26.99 -17.01
CA ALA A 94 -13.38 26.42 -15.80
C ALA A 94 -12.05 27.10 -15.41
N THR A 95 -11.44 27.88 -16.31
CA THR A 95 -10.12 28.46 -16.04
C THR A 95 -10.12 29.99 -16.03
N THR A 96 -11.28 30.64 -16.20
CA THR A 96 -11.37 32.10 -16.18
C THR A 96 -12.67 32.48 -15.48
N ARG A 97 -12.87 33.80 -15.31
CA ARG A 97 -14.13 34.35 -14.82
C ARG A 97 -14.80 35.20 -15.90
N LEU A 98 -14.28 35.15 -17.14
CA LEU A 98 -14.80 35.89 -18.27
C LEU A 98 -16.24 35.46 -18.57
N ARG A 99 -17.02 36.41 -19.09
CA ARG A 99 -18.26 36.06 -19.79
C ARG A 99 -17.88 35.53 -21.17
N PHE A 100 -18.76 34.74 -21.77
CA PHE A 100 -18.46 34.20 -23.09
C PHE A 100 -19.75 33.77 -23.79
N GLY A 101 -19.68 33.76 -25.12
CA GLY A 101 -20.81 33.35 -25.93
C GLY A 101 -20.37 32.81 -27.29
N THR A 102 -21.27 32.07 -27.94
CA THR A 102 -21.07 31.64 -29.30
C THR A 102 -21.39 32.80 -30.21
N GLY A 103 -20.55 32.99 -31.24
CA GLY A 103 -20.76 34.10 -32.15
C GLY A 103 -20.60 33.68 -33.61
N VAL A 104 -21.52 32.90 -34.19
CA VAL A 104 -22.74 32.41 -33.56
C VAL A 104 -22.94 30.94 -33.96
N THR A 105 -23.84 30.25 -33.24
CA THR A 105 -24.23 28.89 -33.57
C THR A 105 -25.45 28.93 -34.47
N PRO A 106 -25.51 28.13 -35.55
CA PRO A 106 -26.75 27.95 -36.32
C PRO A 106 -27.56 26.76 -35.81
N PRO A 107 -28.62 26.99 -35.01
CA PRO A 107 -29.38 25.90 -34.43
C PRO A 107 -30.52 25.41 -35.32
N ILE A 108 -30.25 25.30 -36.62
CA ILE A 108 -31.32 25.12 -37.60
C ILE A 108 -31.25 23.74 -38.25
N GLY A 109 -30.54 22.81 -37.61
CA GLY A 109 -30.72 21.40 -37.90
C GLY A 109 -29.77 20.85 -38.97
N PHE A 110 -28.65 21.53 -39.27
CA PHE A 110 -27.66 20.97 -40.17
C PHE A 110 -26.60 20.29 -39.31
N ARG A 111 -25.57 21.02 -38.90
CA ARG A 111 -24.65 20.52 -37.90
C ARG A 111 -25.36 20.27 -36.57
N TYR A 112 -26.34 21.10 -36.21
CA TYR A 112 -26.88 21.10 -34.86
C TYR A 112 -28.40 21.18 -34.85
N HIS A 113 -29.03 20.24 -34.15
CA HIS A 113 -30.46 20.28 -33.88
C HIS A 113 -30.70 21.29 -32.76
N PRO A 114 -31.78 22.11 -32.82
CA PRO A 114 -31.99 23.13 -31.80
C PRO A 114 -32.10 22.59 -30.38
N ALA A 115 -32.61 21.37 -30.21
CA ALA A 115 -32.73 20.79 -28.89
C ALA A 115 -31.34 20.56 -28.27
N ILE A 116 -30.35 20.24 -29.10
CA ILE A 116 -29.00 19.99 -28.60
C ILE A 116 -28.32 21.31 -28.24
N VAL A 117 -28.53 22.34 -29.06
CA VAL A 117 -28.02 23.65 -28.72
C VAL A 117 -28.62 24.10 -27.40
N ALA A 118 -29.91 23.85 -27.20
CA ALA A 118 -30.57 24.26 -25.96
C ALA A 118 -29.91 23.57 -24.77
N GLN A 119 -29.65 22.27 -24.90
CA GLN A 119 -29.07 21.50 -23.82
C GLN A 119 -27.66 22.00 -23.52
N ALA A 120 -26.88 22.25 -24.58
CA ALA A 120 -25.51 22.73 -24.43
C ALA A 120 -25.48 24.06 -23.71
N ALA A 121 -26.36 24.97 -24.11
CA ALA A 121 -26.44 26.31 -23.53
C ALA A 121 -26.83 26.21 -22.06
N ALA A 122 -27.83 25.37 -21.76
CA ALA A 122 -28.28 25.21 -20.39
C ALA A 122 -27.16 24.64 -19.53
N THR A 123 -26.38 23.70 -20.07
CA THR A 123 -25.31 23.10 -19.30
C THR A 123 -24.24 24.13 -18.98
N LEU A 124 -23.84 24.90 -19.99
CA LEU A 124 -22.81 25.92 -19.79
C LEU A 124 -23.25 26.93 -18.74
N GLU A 125 -24.48 27.41 -18.84
CA GLU A 125 -24.97 28.40 -17.89
C GLU A 125 -25.12 27.77 -16.51
N ALA A 126 -25.52 26.50 -16.44
CA ALA A 126 -25.64 25.82 -15.16
C ALA A 126 -24.28 25.69 -14.47
N MET A 127 -23.22 25.44 -15.27
CA MET A 127 -21.88 25.28 -14.75
C MET A 127 -21.25 26.64 -14.41
N PHE A 128 -21.56 27.66 -15.22
CA PHE A 128 -20.93 28.96 -15.09
C PHE A 128 -22.00 30.05 -15.01
N PRO A 129 -22.81 30.09 -13.94
CA PRO A 129 -23.99 30.97 -13.93
C PRO A 129 -23.58 32.43 -14.04
N GLY A 130 -24.35 33.18 -14.84
CA GLY A 130 -24.13 34.59 -15.05
C GLY A 130 -23.10 34.89 -16.14
N ARG A 131 -22.60 33.86 -16.85
CA ARG A 131 -21.42 34.05 -17.68
C ARG A 131 -21.66 33.74 -19.16
N PHE A 132 -22.66 32.91 -19.49
CA PHE A 132 -22.82 32.46 -20.85
C PHE A 132 -23.94 33.22 -21.53
N TRP A 133 -23.74 33.55 -22.81
CA TRP A 133 -24.82 34.04 -23.65
C TRP A 133 -24.85 33.21 -24.94
N LEU A 134 -26.06 32.82 -25.35
CA LEU A 134 -26.25 31.94 -26.50
C LEU A 134 -26.44 32.78 -27.74
N GLY A 135 -25.37 32.91 -28.53
CA GLY A 135 -25.46 33.61 -29.80
C GLY A 135 -25.80 32.64 -30.92
N ILE A 136 -26.84 32.98 -31.69
CA ILE A 136 -27.35 32.14 -32.75
C ILE A 136 -27.52 32.95 -34.03
N GLY A 137 -27.54 32.26 -35.17
CA GLY A 137 -27.70 32.88 -36.48
C GLY A 137 -28.12 31.87 -37.53
N ALA A 138 -28.28 32.36 -38.77
CA ALA A 138 -28.86 31.60 -39.87
C ALA A 138 -27.83 30.68 -40.55
N GLY A 139 -26.54 30.86 -40.22
CA GLY A 139 -25.52 29.91 -40.63
C GLY A 139 -24.99 30.16 -42.04
N GLU A 140 -23.85 29.52 -42.35
CA GLU A 140 -23.22 29.59 -43.66
C GLU A 140 -22.96 28.19 -44.21
N ALA A 141 -23.04 28.07 -45.54
CA ALA A 141 -22.84 26.81 -46.21
C ALA A 141 -21.45 26.27 -45.91
N LEU A 142 -20.47 27.16 -45.75
CA LEU A 142 -19.10 26.77 -45.44
C LEU A 142 -19.08 25.69 -44.36
N ASN A 143 -19.93 25.83 -43.33
CA ASN A 143 -19.96 24.90 -42.23
C ASN A 143 -21.10 23.88 -42.37
N GLU A 144 -22.27 24.30 -42.87
CA GLU A 144 -23.45 23.45 -42.82
C GLU A 144 -23.51 22.46 -43.98
N HIS A 145 -22.77 22.71 -45.07
CA HIS A 145 -22.93 21.92 -46.29
C HIS A 145 -22.43 20.49 -46.09
N ILE A 146 -21.64 20.24 -45.03
CA ILE A 146 -21.00 18.94 -44.88
C ILE A 146 -22.05 17.85 -44.72
N VAL A 147 -23.26 18.17 -44.25
CA VAL A 147 -24.26 17.13 -43.99
C VAL A 147 -25.08 16.82 -45.24
N GLY A 148 -24.83 17.52 -46.34
CA GLY A 148 -25.36 17.11 -47.64
C GLY A 148 -26.86 17.33 -47.81
N ARG A 149 -27.38 18.44 -47.30
CA ARG A 149 -28.80 18.74 -47.38
C ARG A 149 -29.06 20.02 -48.18
N TYR A 150 -30.29 20.17 -48.64
CA TYR A 150 -30.78 21.36 -49.30
C TYR A 150 -30.45 22.58 -48.43
N TRP A 151 -29.84 23.59 -49.06
CA TRP A 151 -29.46 24.82 -48.39
C TRP A 151 -30.41 25.93 -48.81
N PRO A 152 -31.34 26.36 -47.93
CA PRO A 152 -32.33 27.37 -48.30
C PRO A 152 -31.73 28.76 -48.48
N GLU A 153 -32.43 29.59 -49.24
CA GLU A 153 -32.12 31.00 -49.34
C GLU A 153 -32.14 31.66 -47.97
N PRO A 154 -31.41 32.79 -47.77
CA PRO A 154 -31.40 33.50 -46.49
C PRO A 154 -32.77 33.72 -45.83
N ALA A 155 -33.76 34.19 -46.60
CA ALA A 155 -35.05 34.49 -46.00
C ALA A 155 -35.68 33.22 -45.43
N GLU A 156 -35.52 32.09 -46.11
CA GLU A 156 -36.04 30.85 -45.61
C GLU A 156 -35.27 30.41 -44.35
N ARG A 157 -33.95 30.61 -44.33
CA ARG A 157 -33.17 30.21 -43.16
C ARG A 157 -33.58 31.05 -41.95
N ILE A 158 -33.99 32.30 -42.18
CA ILE A 158 -34.50 33.16 -41.12
C ILE A 158 -35.74 32.51 -40.52
N ARG A 159 -36.64 31.99 -41.37
CA ARG A 159 -37.82 31.33 -40.85
C ARG A 159 -37.42 30.11 -40.04
N MET A 160 -36.37 29.40 -40.46
CA MET A 160 -35.89 28.25 -39.71
C MET A 160 -35.36 28.71 -38.35
N LEU A 161 -34.62 29.83 -38.35
CA LEU A 161 -34.03 30.34 -37.13
C LEU A 161 -35.12 30.72 -36.12
N ILE A 162 -36.19 31.35 -36.62
CA ILE A 162 -37.30 31.77 -35.77
C ILE A 162 -37.96 30.54 -35.14
N GLU A 163 -38.12 29.46 -35.90
CA GLU A 163 -38.69 28.24 -35.33
C GLU A 163 -37.72 27.63 -34.33
N ALA A 164 -36.42 27.68 -34.61
CA ALA A 164 -35.44 27.13 -33.67
C ALA A 164 -35.48 27.90 -32.34
N ILE A 165 -35.67 29.21 -32.41
CA ILE A 165 -35.78 30.04 -31.21
C ILE A 165 -36.95 29.54 -30.35
N GLU A 166 -38.06 29.23 -31.01
CA GLU A 166 -39.24 28.70 -30.34
C GLU A 166 -38.87 27.42 -29.60
N VAL A 167 -38.15 26.52 -30.28
CA VAL A 167 -37.78 25.24 -29.69
C VAL A 167 -36.90 25.48 -28.47
N ILE A 168 -35.89 26.35 -28.62
CA ILE A 168 -34.95 26.59 -27.53
C ILE A 168 -35.69 27.17 -26.33
N GLN A 169 -36.57 28.14 -26.57
CA GLN A 169 -37.30 28.82 -25.51
C GLN A 169 -38.22 27.85 -24.78
N LYS A 170 -38.91 26.98 -25.52
CA LYS A 170 -39.75 25.98 -24.89
C LYS A 170 -38.90 25.10 -23.97
N LEU A 171 -37.75 24.63 -24.46
CA LEU A 171 -36.92 23.75 -23.66
C LEU A 171 -36.40 24.49 -22.43
N PHE A 172 -36.12 25.79 -22.57
CA PHE A 172 -35.61 26.59 -21.47
C PHE A 172 -36.64 26.77 -20.34
N THR A 173 -37.93 26.46 -20.57
CA THR A 173 -38.92 26.53 -19.50
C THR A 173 -38.67 25.45 -18.46
N GLY A 174 -37.96 24.38 -18.82
CA GLY A 174 -37.68 23.30 -17.89
C GLY A 174 -38.83 22.28 -17.77
N LYS A 175 -39.86 22.42 -18.60
CA LYS A 175 -40.94 21.45 -18.62
C LYS A 175 -40.70 20.44 -19.74
N VAL A 176 -41.49 19.37 -19.70
CA VAL A 176 -41.60 18.43 -20.79
C VAL A 176 -42.35 19.13 -21.92
N ILE A 177 -41.70 19.26 -23.07
CA ILE A 177 -42.32 19.96 -24.18
C ILE A 177 -42.32 19.07 -25.42
N ARG A 178 -43.27 19.39 -26.30
CA ARG A 178 -43.41 18.79 -27.61
C ARG A 178 -43.47 19.95 -28.60
N HIS A 179 -42.99 19.73 -29.82
CA HIS A 179 -43.02 20.76 -30.84
C HIS A 179 -43.18 20.09 -32.20
N GLU A 180 -44.07 20.66 -33.02
CA GLU A 180 -44.20 20.26 -34.40
C GLU A 180 -44.42 21.51 -35.24
N GLY A 181 -43.43 21.88 -36.05
CA GLY A 181 -43.54 22.99 -36.95
C GLY A 181 -43.11 22.61 -38.37
N VAL A 182 -42.92 23.61 -39.22
CA VAL A 182 -42.53 23.36 -40.59
C VAL A 182 -41.18 22.65 -40.64
N TYR A 183 -40.23 23.03 -39.77
CA TYR A 183 -38.85 22.59 -39.92
C TYR A 183 -38.41 21.58 -38.86
N PHE A 184 -38.98 21.62 -37.65
CA PHE A 184 -38.47 20.80 -36.57
C PHE A 184 -39.62 20.00 -35.92
N LYS A 185 -39.31 18.80 -35.50
CA LYS A 185 -40.18 17.96 -34.72
C LYS A 185 -39.41 17.58 -33.46
N VAL A 186 -40.00 17.87 -32.30
CA VAL A 186 -39.44 17.50 -31.04
C VAL A 186 -40.47 16.66 -30.30
N GLU A 187 -40.10 15.41 -30.01
CA GLU A 187 -40.92 14.56 -29.16
C GLU A 187 -40.65 14.94 -27.71
N SER A 188 -41.52 14.46 -26.80
CA SER A 188 -41.43 14.76 -25.39
C SER A 188 -39.97 14.90 -24.94
N ALA A 189 -39.58 16.14 -24.58
CA ALA A 189 -38.22 16.45 -24.24
C ALA A 189 -38.19 17.48 -23.10
N LYS A 190 -37.24 17.28 -22.19
CA LYS A 190 -37.07 18.15 -21.04
C LYS A 190 -35.59 18.33 -20.73
N LEU A 191 -35.20 19.55 -20.41
CA LEU A 191 -33.87 19.83 -19.88
C LEU A 191 -33.88 19.67 -18.36
N TYR A 192 -33.30 18.58 -17.86
CA TYR A 192 -33.22 18.35 -16.42
C TYR A 192 -32.08 19.17 -15.81
N THR A 193 -31.02 19.42 -16.58
CA THR A 193 -29.87 20.17 -16.12
C THR A 193 -30.01 21.61 -16.62
N MET A 194 -30.31 22.52 -15.70
CA MET A 194 -30.84 23.84 -16.01
CA MET A 194 -30.84 23.84 -16.01
C MET A 194 -30.25 24.82 -15.00
N PRO A 195 -29.85 26.04 -15.42
CA PRO A 195 -29.55 27.09 -14.45
C PRO A 195 -30.85 27.59 -13.82
N ASP A 196 -30.75 28.34 -12.71
CA ASP A 196 -31.94 28.96 -12.13
C ASP A 196 -32.60 29.89 -13.14
N VAL A 197 -31.76 30.61 -13.90
CA VAL A 197 -32.22 31.56 -14.88
C VAL A 197 -31.53 31.27 -16.21
N PRO A 198 -32.27 31.21 -17.33
CA PRO A 198 -31.69 30.81 -18.62
C PRO A 198 -30.68 31.83 -19.11
N PRO A 199 -29.70 31.41 -19.93
CA PRO A 199 -28.79 32.37 -20.55
C PRO A 199 -29.59 33.18 -21.56
N PRO A 200 -29.17 34.42 -21.85
CA PRO A 200 -29.87 35.21 -22.86
C PRO A 200 -29.61 34.63 -24.24
N ILE A 201 -30.62 34.77 -25.11
CA ILE A 201 -30.48 34.40 -26.51
C ILE A 201 -30.20 35.69 -27.28
N ILE A 202 -29.05 35.68 -27.96
CA ILE A 202 -28.56 36.78 -28.76
C ILE A 202 -28.57 36.35 -30.21
N VAL A 203 -29.16 37.16 -31.09
CA VAL A 203 -29.14 36.83 -32.50
C VAL A 203 -28.07 37.64 -33.19
N GLY A 204 -27.19 36.96 -33.94
CA GLY A 204 -26.24 37.59 -34.82
C GLY A 204 -26.81 37.75 -36.23
N THR A 205 -27.02 38.99 -36.66
CA THR A 205 -27.61 39.27 -37.95
C THR A 205 -27.19 40.67 -38.40
N ALA A 206 -27.21 40.86 -39.72
CA ALA A 206 -27.03 42.15 -40.37
C ALA A 206 -28.27 42.54 -41.17
N GLY A 207 -29.36 41.77 -41.01
CA GLY A 207 -30.59 42.03 -41.74
C GLY A 207 -31.56 42.87 -40.92
N PRO A 208 -32.09 43.98 -41.48
CA PRO A 208 -33.11 44.77 -40.78
C PRO A 208 -34.30 43.96 -40.28
N TYR A 209 -34.80 43.05 -41.11
CA TYR A 209 -35.97 42.26 -40.75
C TYR A 209 -35.66 41.44 -39.49
N MET A 210 -34.55 40.69 -39.51
CA MET A 210 -34.23 39.80 -38.41
C MET A 210 -33.84 40.60 -37.16
N ALA A 211 -33.28 41.79 -37.34
CA ALA A 211 -32.96 42.65 -36.22
C ALA A 211 -34.23 43.00 -35.45
N LYS A 212 -35.30 43.34 -36.18
CA LYS A 212 -36.59 43.64 -35.57
C LYS A 212 -37.09 42.41 -34.82
N LYS A 213 -37.03 41.25 -35.47
CA LYS A 213 -37.49 40.01 -34.88
C LYS A 213 -36.69 39.68 -33.63
N THR A 214 -35.39 40.00 -33.65
CA THR A 214 -34.52 39.74 -32.52
C THR A 214 -35.03 40.51 -31.30
N GLY A 215 -35.37 41.78 -31.50
CA GLY A 215 -35.91 42.59 -30.44
C GLY A 215 -37.23 42.02 -29.90
N GLN A 216 -38.05 41.53 -30.82
CA GLN A 216 -39.35 40.98 -30.46
C GLN A 216 -39.22 39.68 -29.66
N LEU A 217 -38.34 38.78 -30.09
CA LEU A 217 -38.39 37.37 -29.68
C LEU A 217 -37.24 37.01 -28.75
N CYS A 218 -36.15 37.78 -28.76
CA CYS A 218 -34.92 37.37 -28.10
C CYS A 218 -34.48 38.45 -27.11
N ASP A 219 -33.26 38.31 -26.59
CA ASP A 219 -32.80 39.12 -25.46
C ASP A 219 -31.79 40.17 -25.89
N GLY A 220 -31.17 40.03 -27.08
CA GLY A 220 -30.14 40.98 -27.49
C GLY A 220 -29.70 40.76 -28.92
N LEU A 221 -28.95 41.74 -29.43
CA LEU A 221 -28.51 41.78 -30.81
C LEU A 221 -26.99 41.73 -30.87
N LEU A 222 -26.48 40.95 -31.84
CA LEU A 222 -25.08 40.95 -32.21
C LEU A 222 -25.01 41.23 -33.71
N THR A 223 -24.18 42.18 -34.11
CA THR A 223 -24.07 42.52 -35.53
C THR A 223 -22.60 42.72 -35.86
N PRO A 224 -22.19 42.57 -37.13
CA PRO A 224 -20.82 42.87 -37.54
C PRO A 224 -20.60 44.36 -37.77
N GLY A 225 -19.32 44.75 -37.80
CA GLY A 225 -18.90 46.09 -38.19
C GLY A 225 -19.46 46.43 -39.57
N ALA A 226 -19.97 47.66 -39.71
CA ALA A 226 -20.51 48.15 -40.96
C ALA A 226 -20.58 49.66 -40.86
N ASN A 227 -21.03 50.36 -41.92
CA ASN A 227 -21.02 51.81 -41.87
C ASN A 227 -22.08 52.29 -40.87
N ASP A 228 -21.99 53.57 -40.50
CA ASP A 228 -22.82 54.16 -39.45
C ASP A 228 -24.31 54.03 -39.80
N GLU A 229 -24.66 54.30 -41.05
CA GLU A 229 -26.05 54.29 -41.49
C GLU A 229 -26.67 52.90 -41.27
N LYS A 230 -25.94 51.85 -41.63
CA LYS A 230 -26.44 50.48 -41.52
C LYS A 230 -26.56 50.09 -40.05
N LEU A 231 -25.59 50.48 -39.22
CA LEU A 231 -25.62 50.16 -37.80
C LEU A 231 -26.79 50.85 -37.11
N ARG A 232 -27.04 52.12 -37.45
CA ARG A 232 -28.16 52.85 -36.88
C ARG A 232 -29.49 52.21 -37.24
N LEU A 233 -29.60 51.71 -38.48
CA LEU A 233 -30.83 51.08 -38.95
C LEU A 233 -31.06 49.80 -38.14
N LEU A 234 -30.01 48.98 -37.97
CA LEU A 234 -30.14 47.74 -37.23
C LEU A 234 -30.51 48.00 -35.78
N LEU A 235 -29.86 48.98 -35.14
CA LEU A 235 -30.20 49.35 -33.78
C LEU A 235 -31.67 49.78 -33.70
N SER A 236 -32.09 50.63 -34.64
CA SER A 236 -33.45 51.18 -34.64
C SER A 236 -34.47 50.05 -34.82
N ARG A 237 -34.20 49.12 -35.74
CA ARG A 237 -35.09 48.00 -35.99
C ARG A 237 -35.22 47.12 -34.74
N PHE A 238 -34.08 46.85 -34.10
CA PHE A 238 -34.06 46.07 -32.88
C PHE A 238 -34.90 46.75 -31.80
N GLU A 239 -34.73 48.06 -31.63
CA GLU A 239 -35.46 48.82 -30.62
C GLU A 239 -36.97 48.77 -30.88
N GLU A 240 -37.36 48.99 -32.14
CA GLU A 240 -38.76 48.97 -32.58
C GLU A 240 -39.39 47.62 -32.24
N GLY A 241 -38.66 46.54 -32.56
CA GLY A 241 -39.16 45.20 -32.33
C GLY A 241 -39.40 44.94 -30.85
N ALA A 242 -38.44 45.36 -30.02
CA ALA A 242 -38.55 45.19 -28.58
C ALA A 242 -39.72 46.00 -28.05
N ARG A 243 -39.86 47.25 -28.49
CA ARG A 243 -40.91 48.12 -27.99
C ARG A 243 -42.29 47.58 -28.36
N ALA A 244 -42.46 47.13 -29.60
CA ALA A 244 -43.74 46.59 -30.02
C ALA A 244 -44.10 45.32 -29.24
N ALA A 245 -43.12 44.64 -28.66
CA ALA A 245 -43.38 43.47 -27.83
C ALA A 245 -43.45 43.81 -26.34
N GLY A 246 -43.49 45.10 -25.99
CA GLY A 246 -43.63 45.53 -24.60
C GLY A 246 -42.33 45.48 -23.79
N LYS A 247 -41.19 45.33 -24.45
CA LYS A 247 -39.90 45.21 -23.76
C LYS A 247 -39.20 46.57 -23.73
N ASP A 248 -38.25 46.74 -22.79
CA ASP A 248 -37.46 47.96 -22.68
C ASP A 248 -36.09 47.72 -23.34
N PRO A 249 -35.83 48.24 -24.56
CA PRO A 249 -34.58 47.98 -25.26
C PRO A 249 -33.33 48.59 -24.64
N ARG A 250 -33.51 49.54 -23.73
CA ARG A 250 -32.40 50.18 -23.04
C ARG A 250 -31.71 49.18 -22.10
N ARG A 251 -32.42 48.12 -21.71
N ARG A 251 -32.42 48.12 -21.71
CA ARG A 251 -31.87 47.10 -20.81
CA ARG A 251 -31.87 47.11 -20.82
C ARG A 251 -31.44 45.84 -21.59
C ARG A 251 -31.44 45.84 -21.59
N MET A 252 -31.47 45.90 -22.93
CA MET A 252 -31.16 44.74 -23.75
C MET A 252 -29.81 44.99 -24.44
N PRO A 253 -28.89 44.01 -24.42
CA PRO A 253 -27.57 44.19 -25.03
C PRO A 253 -27.62 44.45 -26.53
N ARG A 254 -26.79 45.39 -26.98
CA ARG A 254 -26.55 45.64 -28.38
C ARG A 254 -25.06 45.51 -28.61
N MET A 255 -24.66 44.42 -29.27
CA MET A 255 -23.30 43.97 -29.31
C MET A 255 -22.81 44.06 -30.75
N ILE A 256 -21.54 44.41 -30.92
CA ILE A 256 -20.96 44.45 -32.24
C ILE A 256 -19.63 43.70 -32.23
N GLN A 257 -19.39 42.96 -33.32
CA GLN A 257 -18.14 42.27 -33.54
C GLN A 257 -17.37 42.97 -34.65
N VAL A 258 -16.15 43.44 -34.34
CA VAL A 258 -15.36 44.18 -35.30
C VAL A 258 -14.06 43.43 -35.56
N HIS A 259 -13.55 43.63 -36.78
CA HIS A 259 -12.29 43.06 -37.22
C HIS A 259 -11.29 44.20 -37.36
N VAL A 260 -10.14 44.06 -36.71
CA VAL A 260 -9.10 45.06 -36.80
C VAL A 260 -7.80 44.33 -37.17
N SER A 261 -6.81 45.11 -37.60
CA SER A 261 -5.45 44.65 -37.77
C SER A 261 -4.53 45.65 -37.12
N TRP A 262 -4.00 45.28 -35.96
CA TRP A 262 -2.92 46.01 -35.31
C TRP A 262 -1.62 45.26 -35.51
N ALA A 263 -0.55 46.01 -35.74
CA ALA A 263 0.79 45.46 -35.84
C ALA A 263 1.79 46.59 -35.61
N GLU A 264 3.08 46.26 -35.73
CA GLU A 264 4.14 47.18 -35.35
CA GLU A 264 4.15 47.17 -35.37
C GLU A 264 4.19 48.35 -36.34
N THR A 265 3.83 48.08 -37.62
CA THR A 265 3.75 49.11 -38.65
C THR A 265 2.42 48.96 -39.38
N ASP A 266 1.99 50.05 -40.03
CA ASP A 266 0.84 50.05 -40.91
C ASP A 266 1.02 48.98 -42.00
N GLU A 267 2.23 48.89 -42.56
CA GLU A 267 2.49 47.97 -43.64
C GLU A 267 2.23 46.53 -43.19
N GLN A 268 2.69 46.16 -42.00
CA GLN A 268 2.48 44.82 -41.47
CA GLN A 268 2.48 44.81 -41.46
C GLN A 268 0.99 44.59 -41.18
N ALA A 269 0.29 45.63 -40.74
CA ALA A 269 -1.14 45.53 -40.44
C ALA A 269 -1.92 45.21 -41.70
N ILE A 270 -1.55 45.86 -42.79
CA ILE A 270 -2.17 45.64 -44.09
C ILE A 270 -1.87 44.24 -44.57
N GLU A 271 -0.61 43.81 -44.48
CA GLU A 271 -0.19 42.49 -44.95
C GLU A 271 -0.93 41.41 -44.17
N ASN A 272 -1.06 41.60 -42.85
CA ASN A 272 -1.75 40.64 -41.98
C ASN A 272 -3.19 40.45 -42.42
N ALA A 273 -3.87 41.55 -42.76
CA ALA A 273 -5.27 41.48 -43.18
C ALA A 273 -5.39 40.71 -44.49
N LEU A 274 -4.56 41.00 -45.48
CA LEU A 274 -4.56 40.31 -46.78
C LEU A 274 -4.32 38.81 -46.62
N ARG A 275 -3.36 38.44 -45.79
CA ARG A 275 -2.91 37.06 -45.67
C ARG A 275 -3.91 36.26 -44.84
N GLU A 276 -4.41 36.85 -43.75
CA GLU A 276 -5.12 36.11 -42.71
C GLU A 276 -6.63 36.21 -42.88
N TRP A 277 -7.14 37.30 -43.47
CA TRP A 277 -8.55 37.61 -43.41
C TRP A 277 -9.05 38.22 -44.70
N PRO A 278 -8.75 37.61 -45.88
CA PRO A 278 -9.20 38.19 -47.14
C PRO A 278 -10.73 38.24 -47.24
N ASN A 279 -11.40 37.36 -46.49
CA ASN A 279 -12.86 37.35 -46.44
C ASN A 279 -13.38 38.68 -45.89
N GLY A 280 -12.56 39.36 -45.10
CA GLY A 280 -12.87 40.71 -44.63
C GLY A 280 -12.97 41.71 -45.77
N GLY A 281 -12.34 41.43 -46.92
CA GLY A 281 -12.39 42.33 -48.06
C GLY A 281 -13.40 41.86 -49.12
N MET A 282 -14.26 40.91 -48.73
CA MET A 282 -15.28 40.39 -49.62
C MET A 282 -16.63 40.98 -49.25
N ALA A 283 -16.93 42.14 -49.82
CA ALA A 283 -18.16 42.88 -49.56
C ALA A 283 -19.27 42.32 -50.45
N PHE A 284 -19.69 41.10 -50.15
CA PHE A 284 -20.73 40.42 -50.92
C PHE A 284 -21.24 39.25 -50.08
N PRO A 285 -22.43 38.71 -50.36
CA PRO A 285 -23.01 37.65 -49.50
C PRO A 285 -22.18 36.39 -49.69
N LYS A 286 -21.82 35.75 -48.57
CA LYS A 286 -20.87 34.64 -48.58
C LYS A 286 -21.50 33.34 -48.08
N GLY A 287 -22.81 33.35 -47.84
CA GLY A 287 -23.47 32.27 -47.11
C GLY A 287 -23.70 31.01 -47.93
N ASP A 288 -23.47 31.06 -49.26
CA ASP A 288 -23.71 29.93 -50.14
C ASP A 288 -22.41 29.22 -50.53
N ILE A 289 -21.24 29.79 -50.20
CA ILE A 289 -19.98 29.27 -50.66
C ILE A 289 -19.52 28.14 -49.75
N ARG A 290 -19.21 26.98 -50.36
CA ARG A 290 -19.11 25.73 -49.63
C ARG A 290 -17.73 25.45 -49.07
N ASN A 291 -16.67 25.76 -49.83
CA ASN A 291 -15.35 25.21 -49.55
C ASN A 291 -14.34 26.28 -49.18
N PRO A 292 -13.40 25.98 -48.24
CA PRO A 292 -12.25 26.84 -48.01
C PRO A 292 -11.48 27.17 -49.29
N GLU A 293 -11.38 26.19 -50.19
CA GLU A 293 -10.67 26.36 -51.46
C GLU A 293 -11.38 27.38 -52.35
N ASP A 294 -12.71 27.53 -52.20
CA ASP A 294 -13.46 28.51 -52.98
C ASP A 294 -13.07 29.92 -52.51
N PHE A 295 -13.14 30.16 -51.19
CA PHE A 295 -12.74 31.45 -50.65
C PHE A 295 -11.28 31.72 -50.96
N GLN A 296 -10.44 30.69 -50.90
CA GLN A 296 -9.02 30.84 -51.15
C GLN A 296 -8.80 31.38 -52.56
N ALA A 297 -9.52 30.85 -53.55
CA ALA A 297 -9.36 31.32 -54.92
C ALA A 297 -9.91 32.75 -55.06
N MET A 298 -11.01 33.04 -54.35
CA MET A 298 -11.62 34.37 -54.40
C MET A 298 -10.68 35.39 -53.73
N ALA A 299 -9.92 34.94 -52.72
CA ALA A 299 -9.02 35.81 -51.98
C ALA A 299 -7.98 36.46 -52.89
N ARG A 300 -7.61 35.80 -53.97
CA ARG A 300 -6.58 36.29 -54.88
C ARG A 300 -6.99 37.62 -55.49
N LEU A 301 -8.28 37.97 -55.45
CA LEU A 301 -8.77 39.23 -56.00
C LEU A 301 -8.75 40.35 -54.96
N VAL A 302 -8.59 40.03 -53.68
CA VAL A 302 -8.79 41.03 -52.64
C VAL A 302 -7.54 41.92 -52.55
N ARG A 303 -7.79 43.23 -52.41
CA ARG A 303 -6.77 44.23 -52.27
C ARG A 303 -7.07 45.10 -51.05
N PRO A 304 -6.08 45.86 -50.52
CA PRO A 304 -6.31 46.70 -49.33
C PRO A 304 -7.56 47.59 -49.36
N GLU A 305 -7.85 48.21 -50.51
CA GLU A 305 -9.02 49.08 -50.67
C GLU A 305 -10.30 48.40 -50.21
N HIS A 306 -10.42 47.08 -50.44
CA HIS A 306 -11.67 46.36 -50.23
C HIS A 306 -12.01 46.20 -48.74
N PHE A 307 -11.06 46.53 -47.86
CA PHE A 307 -11.24 46.41 -46.43
C PHE A 307 -11.79 47.69 -45.77
N GLN A 308 -11.94 48.80 -46.52
CA GLN A 308 -12.32 50.04 -45.89
C GLN A 308 -13.72 49.91 -45.28
N GLY A 309 -13.84 50.27 -43.99
CA GLY A 309 -15.07 50.17 -43.23
C GLY A 309 -15.34 48.77 -42.68
N ARG A 310 -14.45 47.79 -43.00
CA ARG A 310 -14.69 46.40 -42.65
C ARG A 310 -13.57 45.91 -41.73
N VAL A 311 -12.34 46.43 -41.94
CA VAL A 311 -11.18 46.05 -41.15
C VAL A 311 -10.29 47.28 -41.02
N LEU A 312 -10.14 47.77 -39.80
CA LEU A 312 -9.24 48.87 -39.51
C LEU A 312 -7.81 48.34 -39.48
N MET A 313 -6.93 48.93 -40.30
CA MET A 313 -5.58 48.43 -40.45
C MET A 313 -4.61 49.56 -40.11
N THR A 314 -4.09 49.57 -38.87
CA THR A 314 -3.14 50.59 -38.47
C THR A 314 -2.42 50.16 -37.21
N SER A 315 -1.18 50.67 -37.05
CA SER A 315 -0.35 50.49 -35.87
C SER A 315 -0.70 51.54 -34.80
N ASP A 316 -1.47 52.56 -35.19
CA ASP A 316 -1.76 53.67 -34.31
C ASP A 316 -2.90 53.28 -33.36
N LEU A 317 -2.55 53.06 -32.09
CA LEU A 317 -3.50 52.58 -31.10
C LEU A 317 -4.50 53.67 -30.70
N ASP A 318 -4.14 54.93 -30.90
CA ASP A 318 -5.09 56.02 -30.70
C ASP A 318 -6.26 55.88 -31.66
N ARG A 319 -5.98 55.47 -32.92
CA ARG A 319 -7.01 55.35 -33.95
C ARG A 319 -7.91 54.15 -33.64
N HIS A 320 -7.33 53.09 -33.08
CA HIS A 320 -8.11 51.96 -32.60
C HIS A 320 -9.09 52.43 -31.51
N GLY A 321 -8.59 53.24 -30.58
CA GLY A 321 -9.38 53.76 -29.48
C GLY A 321 -10.57 54.58 -29.99
N GLU A 322 -10.33 55.50 -30.93
CA GLU A 322 -11.37 56.37 -31.47
C GLU A 322 -12.41 55.55 -32.23
N PHE A 323 -11.94 54.57 -33.00
CA PHE A 323 -12.82 53.71 -33.77
C PHE A 323 -13.80 52.99 -32.83
N LEU A 324 -13.30 52.46 -31.72
CA LEU A 324 -14.12 51.72 -30.78
C LEU A 324 -15.05 52.66 -30.02
N GLN A 325 -14.54 53.82 -29.60
CA GLN A 325 -15.32 54.81 -28.87
C GLN A 325 -16.52 55.24 -29.72
N HIS A 326 -16.31 55.45 -31.02
CA HIS A 326 -17.37 55.83 -31.94
C HIS A 326 -18.52 54.82 -31.90
N LEU A 327 -18.19 53.53 -31.79
CA LEU A 327 -19.20 52.49 -31.79
C LEU A 327 -19.99 52.53 -30.48
N ILE A 328 -19.31 52.81 -29.37
CA ILE A 328 -19.99 52.98 -28.10
C ILE A 328 -20.98 54.15 -28.22
N ASP A 329 -20.51 55.23 -28.82
CA ASP A 329 -21.30 56.46 -28.97
C ASP A 329 -22.54 56.20 -29.81
N LEU A 330 -22.47 55.28 -30.78
CA LEU A 330 -23.63 54.93 -31.60
C LEU A 330 -24.69 54.20 -30.78
N GLY A 331 -24.27 53.56 -29.68
CA GLY A 331 -25.20 52.90 -28.78
C GLY A 331 -24.90 51.42 -28.54
N PHE A 332 -23.74 50.93 -29.00
CA PHE A 332 -23.35 49.55 -28.72
C PHE A 332 -22.87 49.46 -27.28
N THR A 333 -23.32 48.42 -26.59
CA THR A 333 -23.08 48.25 -25.17
C THR A 333 -21.97 47.23 -24.94
N GLU A 334 -21.61 46.47 -25.98
CA GLU A 334 -20.45 45.59 -25.94
C GLU A 334 -19.80 45.57 -27.32
N ILE A 335 -18.47 45.50 -27.32
CA ILE A 335 -17.71 45.33 -28.55
C ILE A 335 -16.79 44.12 -28.36
N TYR A 336 -16.80 43.23 -29.36
CA TYR A 336 -15.89 42.09 -29.43
C TYR A 336 -14.91 42.36 -30.56
N VAL A 337 -13.61 42.40 -30.22
CA VAL A 337 -12.59 42.76 -31.17
C VAL A 337 -11.82 41.51 -31.60
N HIS A 338 -11.78 41.31 -32.92
CA HIS A 338 -10.98 40.30 -33.58
C HIS A 338 -9.80 40.98 -34.26
N ASN A 339 -8.60 40.77 -33.73
CA ASN A 339 -7.39 41.15 -34.42
C ASN A 339 -7.06 40.05 -35.43
N VAL A 340 -6.90 40.41 -36.70
CA VAL A 340 -6.77 39.42 -37.76
C VAL A 340 -5.36 38.82 -37.77
N GLY A 341 -4.38 39.51 -37.21
CA GLY A 341 -3.01 39.05 -37.26
C GLY A 341 -2.74 37.88 -36.34
N ARG A 342 -1.64 37.15 -36.60
CA ARG A 342 -1.20 36.05 -35.76
C ARG A 342 -0.57 36.54 -34.47
N ASN A 343 -0.36 37.87 -34.36
CA ASN A 343 0.26 38.50 -33.21
C ASN A 343 -0.79 38.76 -32.11
N GLN A 344 -1.45 37.69 -31.64
CA GLN A 344 -2.56 37.80 -30.71
C GLN A 344 -2.08 38.30 -29.35
N GLU A 345 -1.01 37.71 -28.84
CA GLU A 345 -0.49 38.08 -27.53
C GLU A 345 -0.13 39.56 -27.51
N GLU A 346 0.53 40.03 -28.57
CA GLU A 346 1.05 41.39 -28.64
C GLU A 346 -0.14 42.35 -28.75
N PHE A 347 -1.14 41.95 -29.53
CA PHE A 347 -2.37 42.72 -29.69
C PHE A 347 -3.07 42.88 -28.34
N ILE A 348 -3.21 41.77 -27.61
CA ILE A 348 -3.89 41.77 -26.33
C ILE A 348 -3.18 42.73 -25.37
N ARG A 349 -1.85 42.69 -25.32
CA ARG A 349 -1.09 43.52 -24.39
C ARG A 349 -1.16 44.99 -24.79
N ALA A 350 -1.13 45.24 -26.10
CA ALA A 350 -1.21 46.60 -26.61
C ALA A 350 -2.58 47.22 -26.29
N TYR A 351 -3.66 46.47 -26.52
CA TYR A 351 -4.99 46.94 -26.22
C TYR A 351 -5.14 47.14 -24.71
N GLY A 352 -4.59 46.22 -23.92
CA GLY A 352 -4.70 46.29 -22.46
C GLY A 352 -4.04 47.54 -21.91
N ARG A 353 -2.92 47.93 -22.51
CA ARG A 353 -2.13 49.07 -22.06
C ARG A 353 -2.71 50.38 -22.58
N ALA A 354 -3.12 50.43 -23.87
CA ALA A 354 -3.28 51.71 -24.57
C ALA A 354 -4.73 51.97 -25.00
N VAL A 355 -5.61 50.97 -25.04
CA VAL A 355 -6.94 51.14 -25.59
C VAL A 355 -8.01 50.98 -24.52
N ILE A 356 -8.04 49.82 -23.85
CA ILE A 356 -9.13 49.48 -22.96
C ILE A 356 -9.28 50.52 -21.83
N PRO A 357 -8.20 50.96 -21.14
CA PRO A 357 -8.36 51.94 -20.05
C PRO A 357 -9.00 53.25 -20.47
N HIS A 358 -8.93 53.62 -21.77
CA HIS A 358 -9.37 54.93 -22.24
C HIS A 358 -10.77 54.87 -22.87
N LEU A 359 -11.38 53.69 -22.99
CA LEU A 359 -12.74 53.59 -23.49
C LEU A 359 -13.71 54.04 -22.40
N ARG A 360 -14.70 54.86 -22.80
CA ARG A 360 -15.71 55.38 -21.90
C ARG A 360 -17.04 54.71 -22.17
N TRP A 361 -17.45 53.80 -21.28
CA TRP A 361 -18.72 53.11 -21.36
C TRP A 361 -19.77 53.86 -20.54
N PRO A 362 -21.05 53.96 -20.98
CA PRO A 362 -22.11 54.43 -20.10
C PRO A 362 -22.19 53.51 -18.88
N ALA A 363 -22.43 54.12 -17.71
CA ALA A 363 -22.40 53.42 -16.43
C ALA A 363 -23.48 52.34 -16.34
N ASP A 364 -24.63 52.56 -16.98
CA ASP A 364 -25.75 51.63 -16.82
C ASP A 364 -25.73 50.47 -17.84
N ALA A 365 -24.76 50.46 -18.77
CA ALA A 365 -24.96 49.78 -20.04
C ALA A 365 -25.23 48.30 -19.81
N PRO A 366 -26.28 47.72 -20.43
CA PRO A 366 -26.59 46.30 -20.27
C PRO A 366 -25.59 45.42 -21.01
N VAL A 367 -25.27 44.32 -20.35
CA VAL A 367 -24.28 43.37 -20.81
C VAL A 367 -24.98 42.03 -20.98
N ALA A 368 -24.52 41.22 -21.94
CA ALA A 368 -25.14 39.93 -22.23
C ALA A 368 -24.86 38.94 -21.11
N GLN A 369 -25.86 38.76 -20.23
CA GLN A 369 -25.79 37.82 -19.12
C GLN A 369 -27.21 37.63 -18.58
N ALA A 370 -27.44 36.53 -17.84
CA ALA A 370 -28.76 36.17 -17.36
C ALA A 370 -29.44 37.34 -16.61
N SER B 34 1.02 -0.90 -11.01
CA SER B 34 0.87 0.54 -10.66
C SER B 34 -0.62 0.94 -10.56
N SER B 35 -1.00 1.55 -9.41
CA SER B 35 -2.40 1.57 -8.96
C SER B 35 -3.24 2.57 -9.74
N ARG B 36 -4.51 2.18 -9.96
CA ARG B 36 -5.41 2.95 -10.80
C ARG B 36 -6.79 2.30 -10.82
N LEU B 37 -7.77 3.09 -11.27
CA LEU B 37 -9.15 2.67 -11.47
C LEU B 37 -9.88 3.80 -12.16
N GLY B 38 -10.93 3.44 -12.90
CA GLY B 38 -11.76 4.44 -13.57
C GLY B 38 -12.96 4.84 -12.72
N TYR B 39 -13.32 6.13 -12.81
CA TYR B 39 -14.50 6.68 -12.19
C TYR B 39 -15.54 6.93 -13.28
N SER B 40 -16.76 6.46 -13.03
CA SER B 40 -17.87 6.61 -13.93
C SER B 40 -18.70 7.82 -13.50
N ALA B 41 -18.76 8.84 -14.36
CA ALA B 41 -19.49 10.08 -14.08
C ALA B 41 -20.91 9.97 -14.61
N SER B 42 -21.87 9.87 -13.69
CA SER B 42 -23.26 9.59 -14.01
C SER B 42 -24.02 10.90 -14.25
N PHE B 43 -24.07 11.33 -15.52
CA PHE B 43 -24.78 12.55 -15.90
C PHE B 43 -26.28 12.41 -15.67
N GLU B 44 -26.78 11.18 -15.64
CA GLU B 44 -28.20 10.95 -15.39
C GLU B 44 -28.59 11.46 -14.00
N GLN B 45 -27.62 11.42 -13.06
CA GLN B 45 -27.94 11.63 -11.65
C GLN B 45 -27.42 12.97 -11.11
N PHE B 46 -26.28 13.44 -11.60
CA PHE B 46 -25.52 14.45 -10.88
C PHE B 46 -25.31 15.70 -11.72
N HIS B 47 -25.46 16.84 -11.07
CA HIS B 47 -25.20 18.13 -11.65
C HIS B 47 -23.76 18.15 -12.17
N PRO B 48 -23.52 18.67 -13.38
CA PRO B 48 -22.16 18.70 -13.93
C PRO B 48 -21.12 19.38 -13.05
N SER B 49 -21.51 20.40 -12.28
CA SER B 49 -20.58 21.06 -11.37
C SER B 49 -20.13 20.10 -10.27
N ASP B 50 -21.05 19.26 -9.78
CA ASP B 50 -20.71 18.27 -8.77
C ASP B 50 -19.79 17.21 -9.37
N LEU B 51 -20.13 16.76 -10.59
CA LEU B 51 -19.30 15.77 -11.26
C LEU B 51 -17.88 16.31 -11.45
N LEU B 52 -17.75 17.60 -11.76
CA LEU B 52 -16.44 18.18 -11.98
C LEU B 52 -15.63 18.11 -10.69
N ARG B 53 -16.21 18.55 -9.58
CA ARG B 53 -15.53 18.55 -8.30
C ARG B 53 -15.17 17.12 -7.89
N TRP B 54 -16.07 16.16 -8.11
CA TRP B 54 -15.85 14.79 -7.70
C TRP B 54 -14.74 14.14 -8.53
N CYS B 55 -14.65 14.46 -9.82
CA CYS B 55 -13.59 13.93 -10.65
C CYS B 55 -12.24 14.48 -10.19
N GLN B 56 -12.21 15.75 -9.78
CA GLN B 56 -10.99 16.36 -9.26
C GLN B 56 -10.55 15.63 -7.99
N LEU B 57 -11.52 15.28 -7.15
CA LEU B 57 -11.24 14.53 -5.93
C LEU B 57 -10.78 13.12 -6.27
N ALA B 58 -11.47 12.48 -7.22
CA ALA B 58 -11.15 11.13 -7.63
C ALA B 58 -9.69 11.05 -8.07
N GLU B 59 -9.23 12.06 -8.82
CA GLU B 59 -7.84 12.13 -9.24
C GLU B 59 -6.93 12.13 -8.01
N GLN B 60 -7.24 12.95 -7.01
CA GLN B 60 -6.44 13.02 -5.80
C GLN B 60 -6.42 11.65 -5.11
N GLU B 61 -7.51 10.89 -5.24
CA GLU B 61 -7.68 9.66 -4.47
C GLU B 61 -7.20 8.43 -5.23
N GLY B 62 -6.61 8.60 -6.42
CA GLY B 62 -5.95 7.49 -7.12
C GLY B 62 -6.71 6.99 -8.36
N PHE B 63 -7.89 7.52 -8.66
CA PHE B 63 -8.53 7.22 -9.93
C PHE B 63 -7.73 7.89 -11.04
N ASP B 64 -7.63 7.25 -12.22
CA ASP B 64 -6.77 7.74 -13.28
C ASP B 64 -7.55 8.11 -14.55
N SER B 65 -8.85 7.81 -14.61
CA SER B 65 -9.64 8.06 -15.81
CA SER B 65 -9.64 8.06 -15.81
C SER B 65 -11.12 8.15 -15.46
N VAL B 66 -11.86 8.77 -16.39
CA VAL B 66 -13.26 9.07 -16.22
C VAL B 66 -14.02 8.58 -17.44
N LEU B 67 -15.15 7.93 -17.20
CA LEU B 67 -16.11 7.60 -18.23
C LEU B 67 -17.32 8.49 -18.01
N ALA B 68 -17.72 9.21 -19.07
CA ALA B 68 -18.78 10.19 -18.99
C ALA B 68 -19.91 9.80 -19.94
N ALA B 69 -21.08 9.58 -19.36
CA ALA B 69 -22.28 9.25 -20.13
C ALA B 69 -22.66 10.43 -21.03
N ASP B 70 -23.21 10.10 -22.21
CA ASP B 70 -23.68 11.11 -23.15
C ASP B 70 -25.19 10.95 -23.27
N HIS B 71 -25.93 11.61 -22.39
CA HIS B 71 -27.37 11.52 -22.36
C HIS B 71 -27.99 12.88 -22.68
N PHE B 72 -29.25 12.83 -23.08
CA PHE B 72 -30.13 13.98 -23.10
C PHE B 72 -31.12 13.88 -21.93
N HIS B 73 -31.53 12.65 -21.59
CA HIS B 73 -32.48 12.43 -20.51
C HIS B 73 -31.92 11.44 -19.49
N PRO B 74 -32.30 11.59 -18.20
CA PRO B 74 -32.03 10.55 -17.21
C PRO B 74 -33.00 9.40 -17.46
N TRP B 75 -32.70 8.23 -16.86
CA TRP B 75 -33.62 7.11 -16.92
C TRP B 75 -34.91 7.45 -16.18
N THR B 76 -34.80 8.14 -15.05
CA THR B 76 -35.98 8.48 -14.24
C THR B 76 -35.90 9.94 -13.82
N PRO B 77 -37.05 10.59 -13.53
CA PRO B 77 -37.05 11.93 -12.94
C PRO B 77 -36.28 12.02 -11.63
N GLU B 78 -36.32 10.95 -10.83
CA GLU B 78 -35.66 10.95 -9.54
C GLU B 78 -34.14 11.07 -9.72
N GLN B 79 -33.61 10.57 -10.83
CA GLN B 79 -32.19 10.74 -11.13
C GLN B 79 -31.90 12.21 -11.40
N GLY B 80 -32.67 12.81 -12.31
CA GLY B 80 -32.93 14.24 -12.30
C GLY B 80 -31.93 15.11 -13.08
N GLN B 81 -30.99 14.53 -13.85
CA GLN B 81 -30.02 15.35 -14.57
C GLN B 81 -29.73 14.78 -15.97
N SER B 82 -29.04 15.60 -16.79
CA SER B 82 -28.44 15.17 -18.06
C SER B 82 -27.70 16.35 -18.69
N GLY B 83 -26.50 16.65 -18.18
CA GLY B 83 -25.68 17.68 -18.77
C GLY B 83 -25.17 17.30 -20.16
N PHE B 84 -24.83 18.32 -20.95
CA PHE B 84 -24.23 18.12 -22.25
C PHE B 84 -22.76 17.78 -22.06
N VAL B 85 -22.42 16.51 -22.32
CA VAL B 85 -21.13 15.97 -21.89
C VAL B 85 -19.97 16.70 -22.56
N TRP B 86 -20.15 17.10 -23.82
CA TRP B 86 -19.03 17.62 -24.60
C TRP B 86 -18.49 18.91 -23.99
N ALA B 87 -19.36 19.76 -23.46
CA ALA B 87 -18.93 20.99 -22.82
C ALA B 87 -18.20 20.65 -21.52
N TRP B 88 -18.79 19.75 -20.74
CA TRP B 88 -18.21 19.35 -19.47
C TRP B 88 -16.81 18.79 -19.65
N LEU B 89 -16.59 18.02 -20.72
CA LEU B 89 -15.30 17.36 -20.90
C LEU B 89 -14.19 18.38 -21.05
N GLY B 90 -14.48 19.53 -21.64
CA GLY B 90 -13.49 20.59 -21.73
C GLY B 90 -13.05 21.09 -20.35
N ALA B 91 -14.03 21.20 -19.43
CA ALA B 91 -13.75 21.62 -18.07
C ALA B 91 -12.91 20.57 -17.36
N LEU B 92 -13.25 19.30 -17.55
CA LEU B 92 -12.50 18.20 -16.95
C LEU B 92 -11.06 18.23 -17.46
N GLY B 93 -10.92 18.34 -18.78
CA GLY B 93 -9.63 18.36 -19.41
C GLY B 93 -8.74 19.48 -18.87
N ALA B 94 -9.32 20.64 -18.64
CA ALA B 94 -8.55 21.83 -18.31
C ALA B 94 -8.18 21.88 -16.82
N THR B 95 -8.84 21.07 -15.97
CA THR B 95 -8.64 21.18 -14.53
C THR B 95 -8.08 19.89 -13.91
N THR B 96 -7.78 18.86 -14.72
CA THR B 96 -7.23 17.62 -14.21
C THR B 96 -6.20 17.10 -15.22
N ARG B 97 -5.54 15.99 -14.86
CA ARG B 97 -4.66 15.27 -15.78
C ARG B 97 -5.22 13.88 -16.08
N LEU B 98 -6.46 13.61 -15.65
CA LEU B 98 -7.13 12.33 -15.88
C LEU B 98 -7.29 12.06 -17.38
N ARG B 99 -7.28 10.77 -17.73
CA ARG B 99 -7.82 10.35 -19.02
C ARG B 99 -9.34 10.37 -18.92
N PHE B 100 -10.02 10.48 -20.06
CA PHE B 100 -11.47 10.51 -20.05
C PHE B 100 -12.02 10.13 -21.41
N GLY B 101 -13.26 9.63 -21.42
CA GLY B 101 -13.93 9.25 -22.63
C GLY B 101 -15.45 9.32 -22.48
N THR B 102 -16.14 9.36 -23.63
CA THR B 102 -17.58 9.25 -23.68
C THR B 102 -17.95 7.80 -23.52
N GLY B 103 -18.97 7.52 -22.70
CA GLY B 103 -19.38 6.16 -22.47
C GLY B 103 -20.89 5.98 -22.54
N VAL B 104 -21.52 6.08 -23.73
CA VAL B 104 -20.88 6.31 -25.01
C VAL B 104 -21.73 7.32 -25.79
N THR B 105 -21.16 7.87 -26.87
CA THR B 105 -21.88 8.75 -27.78
C THR B 105 -22.45 7.92 -28.93
N PRO B 106 -23.72 8.14 -29.33
CA PRO B 106 -24.24 7.55 -30.56
C PRO B 106 -24.05 8.47 -31.76
N PRO B 107 -23.05 8.20 -32.62
CA PRO B 107 -22.77 9.08 -33.74
C PRO B 107 -23.56 8.74 -35.00
N ILE B 108 -24.84 8.41 -34.84
CA ILE B 108 -25.59 7.80 -35.92
C ILE B 108 -26.70 8.72 -36.43
N GLY B 109 -26.57 10.02 -36.13
CA GLY B 109 -27.30 11.04 -36.86
C GLY B 109 -28.65 11.41 -36.24
N PHE B 110 -28.89 11.11 -34.96
CA PHE B 110 -30.10 11.58 -34.28
C PHE B 110 -29.74 12.86 -33.56
N ARG B 111 -29.28 12.76 -32.31
CA ARG B 111 -28.72 13.90 -31.63
C ARG B 111 -27.45 14.39 -32.33
N TYR B 112 -26.66 13.48 -32.89
CA TYR B 112 -25.32 13.84 -33.34
C TYR B 112 -25.01 13.25 -34.72
N HIS B 113 -24.58 14.11 -35.65
CA HIS B 113 -24.06 13.68 -36.94
C HIS B 113 -22.63 13.18 -36.73
N PRO B 114 -22.19 12.09 -37.39
CA PRO B 114 -20.86 11.55 -37.15
C PRO B 114 -19.73 12.54 -37.42
N ALA B 115 -19.92 13.45 -38.39
CA ALA B 115 -18.89 14.44 -38.68
C ALA B 115 -18.65 15.35 -37.47
N ILE B 116 -19.72 15.64 -36.72
CA ILE B 116 -19.61 16.54 -35.57
C ILE B 116 -18.93 15.81 -34.42
N VAL B 117 -19.28 14.55 -34.21
CA VAL B 117 -18.60 13.74 -33.21
C VAL B 117 -17.11 13.69 -33.53
N ALA B 118 -16.77 13.52 -34.81
CA ALA B 118 -15.38 13.43 -35.21
C ALA B 118 -14.66 14.73 -34.84
N GLN B 119 -15.30 15.87 -35.14
CA GLN B 119 -14.69 17.16 -34.88
C GLN B 119 -14.51 17.35 -33.37
N ALA B 120 -15.52 16.99 -32.59
CA ALA B 120 -15.49 17.14 -31.14
C ALA B 120 -14.35 16.32 -30.55
N ALA B 121 -14.23 15.07 -31.02
CA ALA B 121 -13.21 14.16 -30.53
C ALA B 121 -11.82 14.70 -30.88
N ALA B 122 -11.66 15.17 -32.12
CA ALA B 122 -10.39 15.70 -32.56
C ALA B 122 -10.00 16.93 -31.74
N THR B 123 -10.98 17.78 -31.41
CA THR B 123 -10.70 18.98 -30.65
C THR B 123 -10.23 18.62 -29.24
N LEU B 124 -10.95 17.70 -28.60
CA LEU B 124 -10.60 17.28 -27.25
C LEU B 124 -9.19 16.70 -27.22
N GLU B 125 -8.89 15.81 -28.15
CA GLU B 125 -7.57 15.18 -28.17
C GLU B 125 -6.51 16.22 -28.53
N ALA B 126 -6.82 17.18 -29.39
CA ALA B 126 -5.86 18.22 -29.74
C ALA B 126 -5.54 19.08 -28.52
N MET B 127 -6.55 19.35 -27.69
CA MET B 127 -6.37 20.19 -26.51
C MET B 127 -5.71 19.40 -25.38
N PHE B 128 -6.03 18.10 -25.27
CA PHE B 128 -5.58 17.27 -24.17
C PHE B 128 -4.92 16.00 -24.71
N PRO B 129 -3.77 16.11 -25.41
CA PRO B 129 -3.21 14.97 -26.14
C PRO B 129 -2.86 13.83 -25.18
N GLY B 130 -3.19 12.60 -25.59
CA GLY B 130 -2.91 11.41 -24.83
C GLY B 130 -4.00 11.08 -23.81
N ARG B 131 -5.10 11.85 -23.78
CA ARG B 131 -6.02 11.77 -22.65
C ARG B 131 -7.43 11.36 -23.04
N PHE B 132 -7.84 11.58 -24.29
CA PHE B 132 -9.23 11.34 -24.67
C PHE B 132 -9.36 10.01 -25.39
N TRP B 133 -10.45 9.29 -25.12
CA TRP B 133 -10.85 8.16 -25.95
C TRP B 133 -12.31 8.34 -26.35
N LEU B 134 -12.60 8.07 -27.63
CA LEU B 134 -13.92 8.29 -28.20
C LEU B 134 -14.73 7.00 -28.07
N GLY B 135 -15.62 6.97 -27.07
CA GLY B 135 -16.51 5.84 -26.91
C GLY B 135 -17.82 6.09 -27.64
N ILE B 136 -18.20 5.12 -28.48
CA ILE B 136 -19.39 5.22 -29.32
C ILE B 136 -20.23 3.97 -29.19
N GLY B 137 -21.52 4.10 -29.52
CA GLY B 137 -22.47 3.00 -29.47
C GLY B 137 -23.72 3.28 -30.30
N ALA B 138 -24.66 2.33 -30.29
CA ALA B 138 -25.83 2.34 -31.16
C ALA B 138 -26.96 3.21 -30.62
N GLY B 139 -26.84 3.63 -29.35
CA GLY B 139 -27.75 4.62 -28.78
C GLY B 139 -29.05 4.02 -28.26
N GLU B 140 -29.78 4.84 -27.49
CA GLU B 140 -31.07 4.45 -26.92
C GLU B 140 -32.13 5.51 -27.24
N ALA B 141 -33.37 5.04 -27.40
CA ALA B 141 -34.48 5.91 -27.73
C ALA B 141 -34.65 6.99 -26.67
N LEU B 142 -34.37 6.64 -25.41
CA LEU B 142 -34.48 7.58 -24.31
C LEU B 142 -33.88 8.94 -24.69
N ASN B 143 -32.73 8.93 -25.36
CA ASN B 143 -32.05 10.16 -25.75
C ASN B 143 -32.32 10.55 -27.20
N GLU B 144 -32.41 9.58 -28.11
CA GLU B 144 -32.44 9.89 -29.53
C GLU B 144 -33.86 10.26 -30.01
N HIS B 145 -34.89 9.88 -29.27
CA HIS B 145 -36.25 10.03 -29.77
C HIS B 145 -36.67 11.49 -29.87
N ILE B 146 -35.94 12.40 -29.21
CA ILE B 146 -36.36 13.79 -29.16
C ILE B 146 -36.41 14.40 -30.55
N VAL B 147 -35.65 13.88 -31.52
CA VAL B 147 -35.60 14.51 -32.84
C VAL B 147 -36.71 13.99 -33.75
N GLY B 148 -37.52 13.05 -33.27
CA GLY B 148 -38.77 12.71 -33.95
C GLY B 148 -38.58 11.91 -35.23
N ARG B 149 -37.61 10.97 -35.25
CA ARG B 149 -37.32 10.20 -36.45
C ARG B 149 -37.55 8.70 -36.21
N TYR B 150 -37.63 7.97 -37.32
CA TYR B 150 -37.73 6.52 -37.32
C TYR B 150 -36.59 5.93 -36.48
N TRP B 151 -36.94 5.04 -35.54
CA TRP B 151 -35.96 4.42 -34.68
C TRP B 151 -35.76 2.96 -35.11
N PRO B 152 -34.63 2.63 -35.76
CA PRO B 152 -34.41 1.28 -36.28
C PRO B 152 -34.21 0.24 -35.19
N GLU B 153 -34.47 -1.01 -35.52
CA GLU B 153 -34.13 -2.14 -34.65
C GLU B 153 -32.63 -2.15 -34.38
N PRO B 154 -32.19 -2.76 -33.25
CA PRO B 154 -30.75 -2.85 -32.92
C PRO B 154 -29.83 -3.26 -34.06
N ALA B 155 -30.17 -4.31 -34.80
CA ALA B 155 -29.27 -4.79 -35.85
C ALA B 155 -29.08 -3.71 -36.91
N GLU B 156 -30.14 -2.97 -37.23
CA GLU B 156 -30.01 -1.90 -38.20
C GLU B 156 -29.17 -0.75 -37.63
N ARG B 157 -29.33 -0.45 -36.34
CA ARG B 157 -28.53 0.63 -35.75
C ARG B 157 -27.05 0.27 -35.75
N ILE B 158 -26.75 -1.03 -35.62
CA ILE B 158 -25.37 -1.50 -35.71
C ILE B 158 -24.83 -1.16 -37.10
N ARG B 159 -25.62 -1.38 -38.14
CA ARG B 159 -25.17 -1.06 -39.49
C ARG B 159 -24.93 0.44 -39.58
N MET B 160 -25.76 1.25 -38.92
CA MET B 160 -25.56 2.68 -38.92
C MET B 160 -24.25 3.04 -38.22
N LEU B 161 -23.99 2.37 -37.09
CA LEU B 161 -22.79 2.63 -36.30
C LEU B 161 -21.54 2.31 -37.12
N ILE B 162 -21.58 1.20 -37.86
CA ILE B 162 -20.43 0.79 -38.67
C ILE B 162 -20.16 1.84 -39.75
N GLU B 163 -21.22 2.39 -40.36
CA GLU B 163 -21.03 3.43 -41.36
C GLU B 163 -20.50 4.71 -40.68
N ALA B 164 -20.98 5.02 -39.48
CA ALA B 164 -20.51 6.20 -38.78
C ALA B 164 -19.01 6.08 -38.47
N ILE B 165 -18.56 4.88 -38.10
CA ILE B 165 -17.15 4.62 -37.85
C ILE B 165 -16.34 4.97 -39.09
N GLU B 166 -16.82 4.56 -40.25
CA GLU B 166 -16.18 4.85 -41.52
C GLU B 166 -16.02 6.37 -41.67
N VAL B 167 -17.10 7.11 -41.40
CA VAL B 167 -17.09 8.57 -41.54
C VAL B 167 -16.05 9.17 -40.58
N ILE B 168 -16.05 8.73 -39.33
CA ILE B 168 -15.17 9.29 -38.34
C ILE B 168 -13.71 9.02 -38.73
N GLN B 169 -13.43 7.79 -39.16
CA GLN B 169 -12.07 7.39 -39.53
C GLN B 169 -11.58 8.18 -40.74
N LYS B 170 -12.44 8.37 -41.74
CA LYS B 170 -12.07 9.16 -42.89
C LYS B 170 -11.69 10.58 -42.44
N LEU B 171 -12.52 11.18 -41.58
CA LEU B 171 -12.27 12.55 -41.15
C LEU B 171 -10.97 12.60 -40.34
N PHE B 172 -10.69 11.55 -39.56
CA PHE B 172 -9.48 11.51 -38.74
C PHE B 172 -8.20 11.44 -39.58
N THR B 173 -8.28 11.15 -40.89
CA THR B 173 -7.08 11.16 -41.74
C THR B 173 -6.57 12.59 -41.91
N GLY B 174 -7.42 13.60 -41.72
CA GLY B 174 -7.01 14.98 -41.88
C GLY B 174 -7.02 15.45 -43.34
N LYS B 175 -7.55 14.63 -44.24
CA LYS B 175 -7.71 15.04 -45.63
C LYS B 175 -9.14 15.55 -45.84
N VAL B 176 -9.33 16.20 -46.99
CA VAL B 176 -10.65 16.51 -47.49
C VAL B 176 -11.29 15.22 -47.93
N ILE B 177 -12.42 14.86 -47.33
CA ILE B 177 -13.07 13.61 -47.66
C ILE B 177 -14.53 13.86 -48.04
N ARG B 178 -15.06 12.91 -48.81
CA ARG B 178 -16.45 12.84 -49.22
C ARG B 178 -16.92 11.44 -48.85
N HIS B 179 -18.21 11.31 -48.54
CA HIS B 179 -18.76 10.02 -48.18
C HIS B 179 -20.22 9.98 -48.64
N GLU B 180 -20.60 8.86 -49.25
CA GLU B 180 -21.99 8.61 -49.56
C GLU B 180 -22.28 7.14 -49.27
N GLY B 181 -23.10 6.88 -48.26
CA GLY B 181 -23.50 5.52 -47.94
C GLY B 181 -25.00 5.42 -47.76
N VAL B 182 -25.45 4.30 -47.20
CA VAL B 182 -26.87 4.10 -46.98
C VAL B 182 -27.42 5.16 -46.03
N TYR B 183 -26.67 5.54 -44.99
CA TYR B 183 -27.22 6.33 -43.91
C TYR B 183 -26.68 7.76 -43.87
N PHE B 184 -25.45 8.01 -44.35
CA PHE B 184 -24.84 9.32 -44.17
C PHE B 184 -24.31 9.85 -45.49
N LYS B 185 -24.43 11.16 -45.67
CA LYS B 185 -23.85 11.86 -46.79
C LYS B 185 -22.96 12.95 -46.20
N VAL B 186 -21.68 12.94 -46.59
CA VAL B 186 -20.75 13.95 -46.18
C VAL B 186 -20.17 14.60 -47.44
N GLU B 187 -20.42 15.91 -47.58
CA GLU B 187 -19.81 16.68 -48.65
C GLU B 187 -18.40 17.05 -48.22
N SER B 188 -17.59 17.50 -49.18
CA SER B 188 -16.19 17.85 -48.93
C SER B 188 -15.99 18.41 -47.54
N ALA B 189 -15.32 17.66 -46.69
CA ALA B 189 -15.12 18.00 -45.29
C ALA B 189 -13.73 17.60 -44.82
N LYS B 190 -13.14 18.46 -44.00
CA LYS B 190 -11.82 18.23 -43.45
C LYS B 190 -11.75 18.76 -42.03
N LEU B 191 -11.08 18.01 -41.15
CA LEU B 191 -10.77 18.47 -39.81
C LEU B 191 -9.42 19.20 -39.85
N TYR B 192 -9.48 20.54 -39.76
CA TYR B 192 -8.29 21.36 -39.73
C TYR B 192 -7.63 21.33 -38.34
N THR B 193 -8.45 21.17 -37.29
CA THR B 193 -7.95 21.10 -35.92
C THR B 193 -7.88 19.63 -35.54
N MET B 194 -6.65 19.13 -35.43
CA MET B 194 -6.36 17.71 -35.35
CA MET B 194 -6.36 17.71 -35.35
C MET B 194 -5.21 17.50 -34.37
N PRO B 195 -5.24 16.45 -33.53
CA PRO B 195 -4.03 16.05 -32.80
C PRO B 195 -3.03 15.42 -33.76
N ASP B 196 -1.77 15.30 -33.35
CA ASP B 196 -0.77 14.60 -34.14
C ASP B 196 -1.22 13.17 -34.38
N VAL B 197 -1.82 12.56 -33.36
CA VAL B 197 -2.29 11.19 -33.44
C VAL B 197 -3.74 11.14 -32.96
N PRO B 198 -4.65 10.48 -33.70
CA PRO B 198 -6.07 10.48 -33.37
C PRO B 198 -6.35 9.79 -32.05
N PRO B 199 -7.43 10.15 -31.34
CA PRO B 199 -7.83 9.41 -30.14
C PRO B 199 -8.31 8.04 -30.60
N PRO B 200 -8.22 7.02 -29.73
CA PRO B 200 -8.74 5.70 -30.06
C PRO B 200 -10.26 5.72 -30.10
N ILE B 201 -10.81 4.90 -30.99
CA ILE B 201 -12.24 4.67 -31.06
C ILE B 201 -12.55 3.39 -30.29
N ILE B 202 -13.39 3.54 -29.26
CA ILE B 202 -13.83 2.45 -28.41
C ILE B 202 -15.32 2.25 -28.66
N VAL B 203 -15.73 1.01 -28.92
CA VAL B 203 -17.15 0.74 -29.08
C VAL B 203 -17.71 0.15 -27.78
N GLY B 204 -18.79 0.74 -27.29
CA GLY B 204 -19.57 0.19 -26.19
C GLY B 204 -20.69 -0.70 -26.71
N THR B 205 -20.61 -2.00 -26.43
CA THR B 205 -21.59 -2.96 -26.91
C THR B 205 -21.60 -4.17 -25.99
N ALA B 206 -22.75 -4.86 -25.99
CA ALA B 206 -22.91 -6.15 -25.34
C ALA B 206 -23.28 -7.22 -26.36
N GLY B 207 -23.22 -6.88 -27.66
CA GLY B 207 -23.59 -7.80 -28.73
C GLY B 207 -22.37 -8.55 -29.28
N PRO B 208 -22.43 -9.88 -29.36
CA PRO B 208 -21.37 -10.66 -29.97
C PRO B 208 -20.90 -10.19 -31.33
N TYR B 209 -21.87 -9.88 -32.21
CA TYR B 209 -21.56 -9.50 -33.58
C TYR B 209 -20.76 -8.20 -33.53
N MET B 210 -21.24 -7.18 -32.82
CA MET B 210 -20.59 -5.88 -32.82
C MET B 210 -19.25 -5.95 -32.09
N ALA B 211 -19.12 -6.85 -31.12
CA ALA B 211 -17.85 -7.03 -30.43
C ALA B 211 -16.78 -7.47 -31.42
N LYS B 212 -17.12 -8.43 -32.29
CA LYS B 212 -16.22 -8.87 -33.34
C LYS B 212 -15.84 -7.71 -34.26
N LYS B 213 -16.85 -6.95 -34.68
CA LYS B 213 -16.65 -5.81 -35.56
C LYS B 213 -15.77 -4.77 -34.90
N THR B 214 -15.92 -4.61 -33.58
CA THR B 214 -15.13 -3.64 -32.83
C THR B 214 -13.66 -4.00 -32.95
N GLY B 215 -13.36 -5.29 -32.77
CA GLY B 215 -11.98 -5.75 -32.90
C GLY B 215 -11.45 -5.50 -34.31
N GLN B 216 -12.30 -5.73 -35.31
CA GLN B 216 -11.90 -5.57 -36.69
C GLN B 216 -11.62 -4.11 -37.04
N LEU B 217 -12.50 -3.20 -36.62
CA LEU B 217 -12.61 -1.87 -37.21
C LEU B 217 -12.12 -0.78 -36.26
N CYS B 218 -12.08 -1.05 -34.96
CA CYS B 218 -11.84 -0.02 -33.98
C CYS B 218 -10.64 -0.37 -33.10
N ASP B 219 -10.43 0.37 -32.03
CA ASP B 219 -9.21 0.31 -31.24
C ASP B 219 -9.42 -0.41 -29.91
N GLY B 220 -10.67 -0.56 -29.45
CA GLY B 220 -10.91 -1.21 -28.18
C GLY B 220 -12.40 -1.41 -27.89
N LEU B 221 -12.66 -2.18 -26.82
CA LEU B 221 -14.00 -2.61 -26.46
C LEU B 221 -14.36 -2.05 -25.08
N LEU B 222 -15.61 -1.57 -24.97
CA LEU B 222 -16.21 -1.21 -23.69
C LEU B 222 -17.51 -2.00 -23.57
N THR B 223 -17.71 -2.67 -22.44
CA THR B 223 -18.91 -3.46 -22.25
C THR B 223 -19.42 -3.25 -20.83
N PRO B 224 -20.72 -3.47 -20.55
CA PRO B 224 -21.23 -3.39 -19.18
C PRO B 224 -20.97 -4.67 -18.40
N GLY B 225 -21.06 -4.55 -17.07
CA GLY B 225 -21.00 -5.68 -16.16
C GLY B 225 -22.05 -6.71 -16.53
N ALA B 226 -21.66 -7.98 -16.51
CA ALA B 226 -22.55 -9.09 -16.78
C ALA B 226 -21.88 -10.34 -16.22
N ASN B 227 -22.55 -11.50 -16.35
CA ASN B 227 -21.99 -12.73 -15.81
C ASN B 227 -20.74 -13.12 -16.61
N ASP B 228 -19.95 -14.02 -16.02
CA ASP B 228 -18.67 -14.43 -16.55
C ASP B 228 -18.79 -14.97 -17.97
N GLU B 229 -19.80 -15.82 -18.21
CA GLU B 229 -19.98 -16.45 -19.50
C GLU B 229 -20.15 -15.41 -20.60
N LYS B 230 -20.96 -14.38 -20.35
CA LYS B 230 -21.24 -13.37 -21.37
C LYS B 230 -20.00 -12.53 -21.64
N LEU B 231 -19.26 -12.18 -20.56
CA LEU B 231 -18.06 -11.37 -20.70
C LEU B 231 -16.99 -12.13 -21.51
N ARG B 232 -16.82 -13.42 -21.21
CA ARG B 232 -15.83 -14.24 -21.89
C ARG B 232 -16.15 -14.33 -23.39
N LEU B 233 -17.44 -14.44 -23.73
CA LEU B 233 -17.86 -14.55 -25.11
C LEU B 233 -17.52 -13.24 -25.84
N LEU B 234 -17.84 -12.10 -25.22
CA LEU B 234 -17.58 -10.82 -25.84
C LEU B 234 -16.08 -10.62 -26.03
N LEU B 235 -15.28 -10.94 -25.02
CA LEU B 235 -13.83 -10.84 -25.15
C LEU B 235 -13.35 -11.71 -26.31
N SER B 236 -13.83 -12.94 -26.39
CA SER B 236 -13.41 -13.88 -27.42
C SER B 236 -13.77 -13.36 -28.83
N ARG B 237 -14.98 -12.83 -28.96
CA ARG B 237 -15.44 -12.29 -30.24
C ARG B 237 -14.56 -11.09 -30.67
N PHE B 238 -14.28 -10.21 -29.70
CA PHE B 238 -13.42 -9.06 -29.93
C PHE B 238 -12.04 -9.52 -30.40
N GLU B 239 -11.47 -10.52 -29.73
CA GLU B 239 -10.15 -11.02 -30.06
C GLU B 239 -10.11 -11.59 -31.47
N GLU B 240 -11.12 -12.38 -31.82
CA GLU B 240 -11.25 -13.02 -33.12
C GLU B 240 -11.28 -11.96 -34.22
N GLY B 241 -12.10 -10.91 -33.98
CA GLY B 241 -12.24 -9.84 -34.95
C GLY B 241 -10.92 -9.12 -35.22
N ALA B 242 -10.20 -8.83 -34.13
CA ALA B 242 -8.90 -8.18 -34.22
C ALA B 242 -7.91 -9.06 -34.97
N ARG B 243 -7.87 -10.34 -34.62
CA ARG B 243 -6.91 -11.27 -35.23
C ARG B 243 -7.17 -11.42 -36.71
N ALA B 244 -8.42 -11.57 -37.11
CA ALA B 244 -8.76 -11.70 -38.52
C ALA B 244 -8.38 -10.45 -39.30
N ALA B 245 -8.28 -9.30 -38.65
CA ALA B 245 -7.84 -8.07 -39.31
C ALA B 245 -6.34 -7.82 -39.16
N GLY B 246 -5.58 -8.81 -38.67
CA GLY B 246 -4.13 -8.71 -38.56
C GLY B 246 -3.66 -7.88 -37.35
N LYS B 247 -4.54 -7.58 -36.39
CA LYS B 247 -4.20 -6.79 -35.23
C LYS B 247 -3.84 -7.70 -34.07
N ASP B 248 -3.12 -7.15 -33.08
CA ASP B 248 -2.79 -7.85 -31.85
C ASP B 248 -3.74 -7.42 -30.74
N PRO B 249 -4.74 -8.22 -30.34
CA PRO B 249 -5.69 -7.83 -29.30
C PRO B 249 -5.14 -7.65 -27.89
N ARG B 250 -3.96 -8.17 -27.66
CA ARG B 250 -3.28 -8.03 -26.37
C ARG B 250 -2.88 -6.57 -26.13
N ARG B 251 -2.76 -5.79 -27.19
CA ARG B 251 -2.38 -4.38 -27.09
C ARG B 251 -3.59 -3.45 -27.24
N MET B 252 -4.80 -4.04 -27.25
CA MET B 252 -6.02 -3.26 -27.46
C MET B 252 -6.78 -3.24 -26.13
N PRO B 253 -7.27 -2.06 -25.69
CA PRO B 253 -8.02 -1.98 -24.43
C PRO B 253 -9.30 -2.83 -24.42
N ARG B 254 -9.54 -3.48 -23.29
CA ARG B 254 -10.78 -4.16 -23.02
C ARG B 254 -11.30 -3.60 -21.72
N MET B 255 -12.38 -2.80 -21.82
CA MET B 255 -12.83 -1.94 -20.75
C MET B 255 -14.20 -2.42 -20.32
N ILE B 256 -14.47 -2.33 -19.02
CA ILE B 256 -15.78 -2.69 -18.50
C ILE B 256 -16.28 -1.58 -17.59
N GLN B 257 -17.58 -1.31 -17.70
CA GLN B 257 -18.26 -0.35 -16.84
C GLN B 257 -19.17 -1.11 -15.88
N VAL B 258 -18.94 -0.96 -14.57
CA VAL B 258 -19.69 -1.68 -13.58
C VAL B 258 -20.44 -0.70 -12.69
N HIS B 259 -21.56 -1.19 -12.17
CA HIS B 259 -22.38 -0.43 -11.24
C HIS B 259 -22.26 -1.11 -9.87
N VAL B 260 -21.91 -0.31 -8.86
CA VAL B 260 -21.84 -0.81 -7.50
C VAL B 260 -22.66 0.12 -6.62
N SER B 261 -22.96 -0.37 -5.40
CA SER B 261 -23.54 0.44 -4.37
C SER B 261 -22.74 0.20 -3.09
N TRP B 262 -21.91 1.20 -2.73
CA TRP B 262 -21.29 1.22 -1.43
C TRP B 262 -21.98 2.24 -0.55
N ALA B 263 -22.11 1.90 0.73
CA ALA B 263 -22.65 2.78 1.75
C ALA B 263 -22.18 2.29 3.12
N GLU B 264 -22.63 2.96 4.18
CA GLU B 264 -22.10 2.71 5.52
C GLU B 264 -22.62 1.35 6.00
N THR B 265 -23.82 0.93 5.56
CA THR B 265 -24.34 -0.39 5.85
C THR B 265 -24.83 -1.04 4.56
N ASP B 266 -24.93 -2.38 4.59
CA ASP B 266 -25.50 -3.16 3.51
C ASP B 266 -26.91 -2.66 3.21
N GLU B 267 -27.69 -2.39 4.26
CA GLU B 267 -29.07 -2.00 4.10
C GLU B 267 -29.17 -0.72 3.30
N GLN B 268 -28.32 0.27 3.60
CA GLN B 268 -28.31 1.54 2.88
C GLN B 268 -27.87 1.33 1.44
N ALA B 269 -26.92 0.40 1.22
CA ALA B 269 -26.41 0.14 -0.12
C ALA B 269 -27.52 -0.42 -1.00
N ILE B 270 -28.34 -1.31 -0.43
CA ILE B 270 -29.46 -1.90 -1.14
C ILE B 270 -30.48 -0.82 -1.46
N GLU B 271 -30.83 0.01 -0.46
CA GLU B 271 -31.83 1.05 -0.62
C GLU B 271 -31.39 2.03 -1.71
N ASN B 272 -30.11 2.40 -1.71
CA ASN B 272 -29.56 3.34 -2.66
C ASN B 272 -29.73 2.81 -4.09
N ALA B 273 -29.50 1.52 -4.30
CA ALA B 273 -29.64 0.93 -5.62
C ALA B 273 -31.08 1.00 -6.10
N LEU B 274 -32.04 0.62 -5.24
CA LEU B 274 -33.45 0.67 -5.58
C LEU B 274 -33.92 2.08 -5.94
N ARG B 275 -33.50 3.06 -5.14
CA ARG B 275 -34.00 4.42 -5.27
C ARG B 275 -33.36 5.11 -6.47
N GLU B 276 -32.05 4.92 -6.66
CA GLU B 276 -31.27 5.72 -7.59
C GLU B 276 -31.10 5.06 -8.96
N TRP B 277 -31.12 3.72 -9.01
CA TRP B 277 -30.71 3.02 -10.22
C TRP B 277 -31.58 1.79 -10.48
N PRO B 278 -32.92 1.93 -10.47
CA PRO B 278 -33.80 0.80 -10.72
C PRO B 278 -33.60 0.18 -12.09
N ASN B 279 -33.11 0.99 -13.04
CA ASN B 279 -32.80 0.53 -14.37
C ASN B 279 -31.73 -0.57 -14.32
N GLY B 280 -30.90 -0.55 -13.27
CA GLY B 280 -29.93 -1.60 -13.03
C GLY B 280 -30.60 -2.94 -12.75
N GLY B 281 -31.86 -2.94 -12.31
CA GLY B 281 -32.58 -4.18 -12.03
C GLY B 281 -33.54 -4.55 -13.17
N MET B 282 -33.36 -3.91 -14.34
CA MET B 282 -34.17 -4.17 -15.51
C MET B 282 -33.36 -5.00 -16.49
N ALA B 283 -33.40 -6.32 -16.31
CA ALA B 283 -32.65 -7.26 -17.14
C ALA B 283 -33.48 -7.57 -18.39
N PHE B 284 -33.58 -6.59 -19.27
CA PHE B 284 -34.34 -6.69 -20.50
C PHE B 284 -33.90 -5.55 -21.41
N PRO B 285 -34.14 -5.64 -22.74
CA PRO B 285 -33.63 -4.63 -23.66
C PRO B 285 -34.40 -3.31 -23.42
N LYS B 286 -33.65 -2.21 -23.31
CA LYS B 286 -34.22 -0.94 -22.89
C LYS B 286 -34.11 0.12 -23.98
N GLY B 287 -33.64 -0.26 -25.18
CA GLY B 287 -33.25 0.70 -26.20
C GLY B 287 -34.42 1.37 -26.92
N ASP B 288 -35.65 0.88 -26.74
CA ASP B 288 -36.81 1.40 -27.43
C ASP B 288 -37.67 2.31 -26.53
N ILE B 289 -37.38 2.37 -25.23
CA ILE B 289 -38.23 3.08 -24.28
C ILE B 289 -37.87 4.57 -24.28
N ARG B 290 -38.89 5.41 -24.49
CA ARG B 290 -38.66 6.79 -24.89
C ARG B 290 -38.55 7.75 -23.71
N ASN B 291 -39.32 7.54 -22.64
CA ASN B 291 -39.52 8.59 -21.65
C ASN B 291 -38.98 8.21 -20.27
N PRO B 292 -38.41 9.16 -19.53
CA PRO B 292 -38.11 8.94 -18.10
C PRO B 292 -39.32 8.42 -17.32
N GLU B 293 -40.51 8.92 -17.65
CA GLU B 293 -41.74 8.53 -16.98
C GLU B 293 -42.05 7.04 -17.25
N ASP B 294 -41.61 6.50 -18.38
CA ASP B 294 -41.82 5.10 -18.70
C ASP B 294 -40.97 4.24 -17.77
N PHE B 295 -39.68 4.54 -17.69
CA PHE B 295 -38.79 3.82 -16.79
C PHE B 295 -39.25 3.99 -15.35
N GLN B 296 -39.72 5.18 -15.00
CA GLN B 296 -40.18 5.46 -13.65
C GLN B 296 -41.31 4.51 -13.27
N ALA B 297 -42.26 4.30 -14.19
CA ALA B 297 -43.38 3.40 -13.90
C ALA B 297 -42.89 1.96 -13.84
N MET B 298 -41.92 1.60 -14.70
CA MET B 298 -41.38 0.25 -14.70
C MET B 298 -40.58 0.00 -13.42
N ALA B 299 -39.96 1.05 -12.87
CA ALA B 299 -39.13 0.95 -11.68
C ALA B 299 -39.92 0.40 -10.48
N ARG B 300 -41.23 0.65 -10.46
CA ARG B 300 -42.08 0.24 -9.35
C ARG B 300 -42.07 -1.29 -9.19
N LEU B 301 -41.67 -2.02 -10.24
CA LEU B 301 -41.63 -3.48 -10.20
C LEU B 301 -40.27 -3.99 -9.72
N VAL B 302 -39.25 -3.15 -9.66
CA VAL B 302 -37.90 -3.64 -9.42
C VAL B 302 -37.71 -3.93 -7.93
N ARG B 303 -37.06 -5.06 -7.65
CA ARG B 303 -36.77 -5.51 -6.29
C ARG B 303 -35.28 -5.85 -6.21
N PRO B 304 -34.71 -5.92 -4.97
CA PRO B 304 -33.29 -6.22 -4.81
C PRO B 304 -32.76 -7.44 -5.59
N GLU B 305 -33.53 -8.52 -5.65
CA GLU B 305 -33.15 -9.74 -6.36
C GLU B 305 -32.72 -9.43 -7.80
N HIS B 306 -33.38 -8.46 -8.44
CA HIS B 306 -33.20 -8.21 -9.87
C HIS B 306 -31.83 -7.59 -10.19
N PHE B 307 -31.09 -7.18 -9.16
CA PHE B 307 -29.78 -6.57 -9.32
C PHE B 307 -28.63 -7.58 -9.28
N GLN B 308 -28.89 -8.87 -9.03
CA GLN B 308 -27.79 -9.80 -8.85
C GLN B 308 -27.01 -9.92 -10.15
N GLY B 309 -25.68 -9.75 -10.06
CA GLY B 309 -24.78 -9.78 -11.20
C GLY B 309 -24.74 -8.47 -11.99
N ARG B 310 -25.53 -7.48 -11.56
CA ARG B 310 -25.66 -6.22 -12.29
C ARG B 310 -25.21 -5.07 -11.40
N VAL B 311 -25.43 -5.18 -10.08
CA VAL B 311 -25.07 -4.15 -9.13
C VAL B 311 -24.67 -4.82 -7.82
N LEU B 312 -23.39 -4.69 -7.45
CA LEU B 312 -22.92 -5.21 -6.18
C LEU B 312 -23.32 -4.22 -5.08
N MET B 313 -24.02 -4.73 -4.06
CA MET B 313 -24.59 -3.89 -3.02
C MET B 313 -24.05 -4.36 -1.67
N THR B 314 -23.00 -3.67 -1.16
CA THR B 314 -22.46 -4.00 0.16
C THR B 314 -21.58 -2.87 0.67
N SER B 315 -21.47 -2.80 2.01
CA SER B 315 -20.58 -1.86 2.70
C SER B 315 -19.18 -2.42 2.82
N ASP B 316 -19.02 -3.73 2.53
CA ASP B 316 -17.76 -4.42 2.75
C ASP B 316 -16.82 -4.10 1.59
N LEU B 317 -15.79 -3.28 1.85
CA LEU B 317 -14.89 -2.81 0.80
C LEU B 317 -13.95 -3.93 0.34
N ASP B 318 -13.74 -4.94 1.17
CA ASP B 318 -12.99 -6.10 0.73
C ASP B 318 -13.73 -6.80 -0.42
N ARG B 319 -15.06 -6.86 -0.35
CA ARG B 319 -15.87 -7.55 -1.36
C ARG B 319 -15.89 -6.73 -2.65
N HIS B 320 -15.85 -5.39 -2.54
CA HIS B 320 -15.68 -4.52 -3.69
C HIS B 320 -14.36 -4.84 -4.38
N GLY B 321 -13.29 -4.98 -3.58
CA GLY B 321 -11.96 -5.30 -4.08
C GLY B 321 -11.94 -6.61 -4.86
N GLU B 322 -12.52 -7.66 -4.30
CA GLU B 322 -12.56 -8.99 -4.90
C GLU B 322 -13.37 -8.96 -6.20
N PHE B 323 -14.50 -8.26 -6.18
CA PHE B 323 -15.36 -8.15 -7.34
C PHE B 323 -14.59 -7.53 -8.51
N LEU B 324 -13.83 -6.46 -8.22
CA LEU B 324 -13.08 -5.76 -9.26
C LEU B 324 -11.89 -6.60 -9.72
N GLN B 325 -11.19 -7.22 -8.78
CA GLN B 325 -10.04 -8.07 -9.09
C GLN B 325 -10.45 -9.20 -10.02
N HIS B 326 -11.61 -9.81 -9.79
CA HIS B 326 -12.14 -10.87 -10.62
C HIS B 326 -12.23 -10.40 -12.08
N LEU B 327 -12.67 -9.15 -12.30
CA LEU B 327 -12.85 -8.63 -13.64
C LEU B 327 -11.50 -8.41 -14.31
N ILE B 328 -10.50 -7.97 -13.54
CA ILE B 328 -9.14 -7.86 -14.06
C ILE B 328 -8.67 -9.24 -14.51
N ASP B 329 -8.91 -10.24 -13.67
CA ASP B 329 -8.48 -11.61 -13.91
C ASP B 329 -9.14 -12.18 -15.17
N LEU B 330 -10.36 -11.74 -15.50
CA LEU B 330 -11.03 -12.16 -16.74
C LEU B 330 -10.32 -11.62 -17.97
N GLY B 331 -9.61 -10.50 -17.81
CA GLY B 331 -8.81 -9.93 -18.89
C GLY B 331 -9.17 -8.47 -19.20
N PHE B 332 -9.99 -7.82 -18.35
CA PHE B 332 -10.31 -6.42 -18.53
C PHE B 332 -9.11 -5.58 -18.07
N THR B 333 -8.75 -4.59 -18.88
CA THR B 333 -7.55 -3.80 -18.70
C THR B 333 -7.90 -2.45 -18.09
N GLU B 334 -9.20 -2.09 -18.10
CA GLU B 334 -9.69 -0.94 -17.38
C GLU B 334 -11.08 -1.24 -16.85
N ILE B 335 -11.34 -0.71 -15.66
CA ILE B 335 -12.68 -0.80 -15.06
C ILE B 335 -13.11 0.62 -14.68
N TYR B 336 -14.34 0.97 -15.09
CA TYR B 336 -14.96 2.24 -14.73
C TYR B 336 -16.09 1.92 -13.77
N VAL B 337 -16.00 2.49 -12.55
CA VAL B 337 -16.93 2.16 -11.48
C VAL B 337 -17.91 3.31 -11.30
N HIS B 338 -19.19 2.96 -11.37
CA HIS B 338 -20.30 3.84 -11.07
C HIS B 338 -20.91 3.40 -9.74
N ASN B 339 -20.72 4.23 -8.71
CA ASN B 339 -21.44 4.07 -7.46
C ASN B 339 -22.82 4.69 -7.64
N VAL B 340 -23.87 3.90 -7.38
CA VAL B 340 -25.22 4.34 -7.70
C VAL B 340 -25.73 5.34 -6.67
N GLY B 341 -25.15 5.35 -5.46
CA GLY B 341 -25.64 6.21 -4.39
C GLY B 341 -25.26 7.67 -4.63
N ARG B 342 -25.96 8.57 -3.93
CA ARG B 342 -25.69 10.00 -3.94
C ARG B 342 -24.43 10.34 -3.15
N ASN B 343 -23.90 9.35 -2.41
CA ASN B 343 -22.74 9.52 -1.54
C ASN B 343 -21.44 9.39 -2.34
N GLN B 344 -21.27 10.23 -3.37
CA GLN B 344 -20.16 10.11 -4.30
C GLN B 344 -18.84 10.43 -3.61
N GLU B 345 -18.79 11.53 -2.86
CA GLU B 345 -17.56 11.94 -2.21
C GLU B 345 -17.07 10.82 -1.28
N GLU B 346 -17.99 10.24 -0.51
CA GLU B 346 -17.65 9.26 0.51
C GLU B 346 -17.18 7.98 -0.18
N PHE B 347 -17.86 7.62 -1.29
CA PHE B 347 -17.50 6.47 -2.09
C PHE B 347 -16.08 6.63 -2.63
N ILE B 348 -15.79 7.82 -3.19
CA ILE B 348 -14.48 8.09 -3.77
C ILE B 348 -13.39 7.93 -2.72
N ARG B 349 -13.61 8.47 -1.53
CA ARG B 349 -12.60 8.42 -0.47
C ARG B 349 -12.42 7.00 0.05
N ALA B 350 -13.54 6.26 0.15
CA ALA B 350 -13.49 4.89 0.62
C ALA B 350 -12.72 4.01 -0.37
N TYR B 351 -13.02 4.15 -1.67
CA TYR B 351 -12.30 3.39 -2.69
C TYR B 351 -10.82 3.78 -2.70
N GLY B 352 -10.54 5.07 -2.56
CA GLY B 352 -9.17 5.56 -2.58
C GLY B 352 -8.32 4.97 -1.45
N ARG B 353 -8.94 4.81 -0.28
CA ARG B 353 -8.28 4.33 0.92
C ARG B 353 -8.18 2.80 0.90
N ALA B 354 -9.25 2.09 0.51
CA ALA B 354 -9.39 0.68 0.84
C ALA B 354 -9.43 -0.25 -0.37
N VAL B 355 -9.67 0.27 -1.58
CA VAL B 355 -9.86 -0.59 -2.75
C VAL B 355 -8.74 -0.42 -3.77
N ILE B 356 -8.54 0.81 -4.23
CA ILE B 356 -7.63 1.06 -5.34
C ILE B 356 -6.21 0.58 -5.03
N PRO B 357 -5.62 0.87 -3.85
CA PRO B 357 -4.27 0.39 -3.55
C PRO B 357 -4.06 -1.11 -3.63
N HIS B 358 -5.14 -1.90 -3.45
CA HIS B 358 -5.04 -3.37 -3.37
C HIS B 358 -5.37 -4.06 -4.69
N LEU B 359 -5.78 -3.31 -5.73
CA LEU B 359 -6.03 -3.92 -7.03
C LEU B 359 -4.71 -4.21 -7.72
N ARG B 360 -4.61 -5.41 -8.31
CA ARG B 360 -3.40 -5.85 -8.98
C ARG B 360 -3.63 -5.90 -10.49
N TRP B 361 -3.06 -4.92 -11.20
CA TRP B 361 -3.15 -4.84 -12.65
C TRP B 361 -1.92 -5.50 -13.28
N PRO B 362 -2.05 -6.23 -14.41
CA PRO B 362 -0.87 -6.68 -15.15
C PRO B 362 -0.08 -5.43 -15.59
N ALA B 363 1.25 -5.54 -15.53
CA ALA B 363 2.16 -4.41 -15.72
C ALA B 363 2.05 -3.85 -17.14
N ASP B 364 1.81 -4.72 -18.13
CA ASP B 364 1.84 -4.25 -19.50
C ASP B 364 0.50 -3.77 -20.04
N ALA B 365 -0.55 -3.78 -19.19
CA ALA B 365 -1.92 -3.75 -19.68
C ALA B 365 -2.16 -2.51 -20.55
N PRO B 366 -2.74 -2.65 -21.76
CA PRO B 366 -3.05 -1.50 -22.59
C PRO B 366 -4.21 -0.69 -22.04
N VAL B 367 -4.06 0.62 -22.15
CA VAL B 367 -5.02 1.57 -21.65
C VAL B 367 -5.52 2.40 -22.83
N ALA B 368 -6.78 2.88 -22.77
CA ALA B 368 -7.37 3.62 -23.86
C ALA B 368 -6.75 5.01 -23.94
N GLN B 369 -5.82 5.17 -24.88
CA GLN B 369 -5.15 6.43 -25.17
C GLN B 369 -4.45 6.33 -26.51
N ALA B 370 -4.17 7.48 -27.14
CA ALA B 370 -3.56 7.51 -28.47
C ALA B 370 -2.17 6.86 -28.47
N MET B 371 -1.86 6.05 -29.52
CA MET B 371 -0.49 5.68 -29.86
C MET B 371 0.37 6.94 -29.79
N SER C 34 -82.68 -9.14 -18.55
CA SER C 34 -82.49 -10.31 -19.47
C SER C 34 -80.99 -10.64 -19.61
N SER C 35 -80.65 -11.91 -19.38
CA SER C 35 -79.29 -12.32 -18.99
C SER C 35 -78.35 -12.37 -20.18
N ARG C 36 -77.09 -12.00 -19.91
CA ARG C 36 -76.09 -11.86 -20.96
C ARG C 36 -74.74 -11.47 -20.37
N LEU C 37 -73.70 -11.67 -21.18
CA LEU C 37 -72.33 -11.29 -20.85
C LEU C 37 -71.51 -11.44 -22.12
N GLY C 38 -70.42 -10.66 -22.20
CA GLY C 38 -69.51 -10.78 -23.32
C GLY C 38 -68.35 -11.73 -23.02
N TYR C 39 -67.93 -12.46 -24.07
CA TYR C 39 -66.76 -13.32 -24.04
C TYR C 39 -65.64 -12.63 -24.81
N SER C 40 -64.46 -12.59 -24.19
CA SER C 40 -63.29 -11.99 -24.79
C SER C 40 -62.44 -13.09 -25.41
N ALA C 41 -62.27 -13.02 -26.74
CA ALA C 41 -61.51 -14.03 -27.49
C ALA C 41 -60.07 -13.58 -27.64
N SER C 42 -59.17 -14.28 -26.92
CA SER C 42 -57.78 -13.88 -26.80
C SER C 42 -56.96 -14.52 -27.91
N PHE C 43 -56.80 -13.79 -29.02
CA PHE C 43 -56.02 -14.24 -30.17
C PHE C 43 -54.54 -14.36 -29.81
N GLU C 44 -54.10 -13.64 -28.78
CA GLU C 44 -52.71 -13.73 -28.37
C GLU C 44 -52.40 -15.14 -27.87
N GLN C 45 -53.42 -15.84 -27.33
CA GLN C 45 -53.18 -17.09 -26.62
C GLN C 45 -53.67 -18.33 -27.37
N PHE C 46 -54.76 -18.21 -28.13
CA PHE C 46 -55.53 -19.38 -28.54
C PHE C 46 -55.62 -19.50 -30.05
N HIS C 47 -55.46 -20.71 -30.53
CA HIS C 47 -55.62 -21.05 -31.94
C HIS C 47 -57.02 -20.61 -32.37
N PRO C 48 -57.17 -19.97 -33.55
CA PRO C 48 -58.47 -19.52 -34.00
C PRO C 48 -59.54 -20.61 -34.07
N SER C 49 -59.16 -21.85 -34.38
CA SER C 49 -60.12 -22.95 -34.41
C SER C 49 -60.69 -23.22 -33.02
N ASP C 50 -59.84 -23.12 -31.98
CA ASP C 50 -60.28 -23.30 -30.61
C ASP C 50 -61.20 -22.15 -30.21
N LEU C 51 -60.82 -20.91 -30.57
CA LEU C 51 -61.64 -19.75 -30.26
C LEU C 51 -63.02 -19.91 -30.90
N LEU C 52 -63.06 -20.44 -32.12
CA LEU C 52 -64.34 -20.59 -32.81
C LEU C 52 -65.23 -21.55 -32.03
N ARG C 53 -64.69 -22.72 -31.65
CA ARG C 53 -65.46 -23.72 -30.91
C ARG C 53 -65.91 -23.16 -29.56
N TRP C 54 -65.04 -22.41 -28.88
CA TRP C 54 -65.35 -21.89 -27.56
C TRP C 54 -66.42 -20.81 -27.63
N CYS C 55 -66.41 -19.99 -28.68
CA CYS C 55 -67.45 -18.98 -28.85
C CYS C 55 -68.80 -19.65 -29.09
N GLN C 56 -68.81 -20.75 -29.86
CA GLN C 56 -70.03 -21.51 -30.09
C GLN C 56 -70.58 -22.05 -28.78
N LEU C 57 -69.68 -22.52 -27.92
CA LEU C 57 -70.07 -23.01 -26.61
C LEU C 57 -70.56 -21.86 -25.73
N ALA C 58 -69.84 -20.73 -25.77
CA ALA C 58 -70.21 -19.57 -24.98
C ALA C 58 -71.63 -19.14 -25.29
N GLU C 59 -71.99 -19.17 -26.58
CA GLU C 59 -73.34 -18.84 -27.00
C GLU C 59 -74.33 -19.78 -26.32
N GLN C 60 -74.05 -21.09 -26.33
CA GLN C 60 -74.92 -22.07 -25.71
C GLN C 60 -75.06 -21.78 -24.22
N GLU C 61 -74.01 -21.23 -23.60
CA GLU C 61 -73.94 -21.08 -22.15
C GLU C 61 -74.45 -19.71 -21.69
N GLY C 62 -74.94 -18.85 -22.60
CA GLY C 62 -75.59 -17.61 -22.21
C GLY C 62 -74.79 -16.34 -22.53
N PHE C 63 -73.56 -16.46 -23.03
CA PHE C 63 -72.86 -15.28 -23.51
C PHE C 63 -73.54 -14.80 -24.79
N ASP C 64 -73.59 -13.48 -25.02
CA ASP C 64 -74.34 -12.92 -26.14
C ASP C 64 -73.45 -12.17 -27.13
N SER C 65 -72.16 -11.96 -26.83
CA SER C 65 -71.29 -11.19 -27.70
CA SER C 65 -71.29 -11.19 -27.70
C SER C 65 -69.83 -11.56 -27.45
N VAL C 66 -69.01 -11.22 -28.44
CA VAL C 66 -67.60 -11.57 -28.46
C VAL C 66 -66.80 -10.32 -28.77
N LEU C 67 -65.71 -10.16 -28.03
CA LEU C 67 -64.70 -9.16 -28.31
C LEU C 67 -63.47 -9.90 -28.80
N ALA C 68 -62.97 -9.53 -29.99
CA ALA C 68 -61.87 -10.22 -30.63
C ALA C 68 -60.70 -9.25 -30.83
N ALA C 69 -59.58 -9.58 -30.21
CA ALA C 69 -58.33 -8.86 -30.35
C ALA C 69 -57.86 -8.84 -31.81
N ASP C 70 -57.25 -7.73 -32.23
CA ASP C 70 -56.69 -7.61 -33.56
C ASP C 70 -55.18 -7.47 -33.42
N HIS C 71 -54.48 -8.61 -33.34
CA HIS C 71 -53.04 -8.59 -33.15
C HIS C 71 -52.35 -9.20 -34.37
N PHE C 72 -51.07 -8.88 -34.49
CA PHE C 72 -50.13 -9.60 -35.33
C PHE C 72 -49.25 -10.48 -34.46
N HIS C 73 -48.91 -10.00 -33.26
CA HIS C 73 -48.04 -10.74 -32.35
C HIS C 73 -48.72 -10.90 -30.99
N PRO C 74 -48.42 -12.00 -30.27
CA PRO C 74 -48.79 -12.14 -28.88
C PRO C 74 -47.88 -11.25 -28.05
N TRP C 75 -48.26 -10.98 -26.80
CA TRP C 75 -47.39 -10.27 -25.88
C TRP C 75 -46.14 -11.08 -25.59
N THR C 76 -46.29 -12.40 -25.43
CA THR C 76 -45.17 -13.28 -25.12
C THR C 76 -45.19 -14.51 -26.01
N PRO C 77 -44.04 -15.17 -26.25
CA PRO C 77 -44.01 -16.47 -26.94
C PRO C 77 -44.87 -17.53 -26.26
N GLU C 78 -44.94 -17.48 -24.93
CA GLU C 78 -45.69 -18.49 -24.18
C GLU C 78 -47.17 -18.38 -24.49
N GLN C 79 -47.66 -17.18 -24.83
CA GLN C 79 -49.04 -17.03 -25.26
C GLN C 79 -49.22 -17.73 -26.60
N GLY C 80 -48.38 -17.40 -27.57
CA GLY C 80 -48.07 -18.30 -28.67
C GLY C 80 -48.98 -18.22 -29.90
N GLN C 81 -49.88 -17.23 -29.99
CA GLN C 81 -50.75 -17.13 -31.16
C GLN C 81 -50.98 -15.69 -31.60
N SER C 82 -51.57 -15.52 -32.81
CA SER C 82 -52.11 -14.25 -33.29
C SER C 82 -52.76 -14.45 -34.66
N GLY C 83 -53.96 -15.00 -34.67
CA GLY C 83 -54.70 -15.16 -35.91
C GLY C 83 -55.14 -13.81 -36.49
N PHE C 84 -55.40 -13.81 -37.80
CA PHE C 84 -55.94 -12.68 -38.49
C PHE C 84 -57.44 -12.58 -38.19
N VAL C 85 -57.80 -11.58 -37.39
CA VAL C 85 -59.12 -11.54 -36.79
C VAL C 85 -60.21 -11.42 -37.86
N TRP C 86 -59.93 -10.68 -38.94
CA TRP C 86 -60.98 -10.36 -39.90
C TRP C 86 -61.51 -11.63 -40.58
N ALA C 87 -60.63 -12.59 -40.86
CA ALA C 87 -61.05 -13.85 -41.46
C ALA C 87 -61.87 -14.64 -40.46
N TRP C 88 -61.38 -14.71 -39.22
CA TRP C 88 -62.04 -15.46 -38.17
C TRP C 88 -63.46 -14.93 -37.93
N LEU C 89 -63.64 -13.62 -38.00
CA LEU C 89 -64.95 -13.03 -37.69
C LEU C 89 -66.00 -13.53 -38.68
N GLY C 90 -65.61 -13.79 -39.93
CA GLY C 90 -66.54 -14.35 -40.89
C GLY C 90 -67.04 -15.73 -40.47
N ALA C 91 -66.12 -16.54 -39.92
CA ALA C 91 -66.46 -17.86 -39.42
C ALA C 91 -67.40 -17.77 -38.24
N LEU C 92 -67.10 -16.84 -37.32
CA LEU C 92 -67.94 -16.62 -36.15
C LEU C 92 -69.33 -16.21 -36.59
N GLY C 93 -69.38 -15.23 -37.49
CA GLY C 93 -70.64 -14.70 -37.99
C GLY C 93 -71.51 -15.79 -38.60
N ALA C 94 -70.89 -16.70 -39.34
CA ALA C 94 -71.66 -17.66 -40.12
C ALA C 94 -72.11 -18.86 -39.28
N THR C 95 -71.55 -19.06 -38.08
CA THR C 95 -71.83 -20.26 -37.29
C THR C 95 -72.45 -19.93 -35.93
N THR C 96 -72.74 -18.65 -35.64
CA THR C 96 -73.38 -18.26 -34.39
C THR C 96 -74.35 -17.12 -34.68
N ARG C 97 -75.08 -16.70 -33.64
CA ARG C 97 -75.93 -15.50 -33.69
C ARG C 97 -75.42 -14.42 -32.75
N LEU C 98 -74.22 -14.63 -32.18
CA LEU C 98 -73.57 -13.69 -31.29
C LEU C 98 -73.33 -12.35 -31.97
N ARG C 99 -73.37 -11.27 -31.18
CA ARG C 99 -72.78 -10.01 -31.60
C ARG C 99 -71.27 -10.14 -31.44
N PHE C 100 -70.52 -9.32 -32.17
CA PHE C 100 -69.07 -9.38 -32.08
C PHE C 100 -68.45 -8.07 -32.56
N GLY C 101 -67.24 -7.81 -32.07
CA GLY C 101 -66.49 -6.63 -32.48
C GLY C 101 -65.00 -6.83 -32.33
N THR C 102 -64.23 -5.96 -33.02
CA THR C 102 -62.79 -5.91 -32.86
C THR C 102 -62.50 -5.13 -31.58
N GLY C 103 -61.53 -5.64 -30.80
CA GLY C 103 -61.20 -4.98 -29.55
C GLY C 103 -59.68 -4.87 -29.34
N VAL C 104 -58.99 -4.01 -30.11
CA VAL C 104 -59.52 -3.13 -31.14
C VAL C 104 -58.59 -3.15 -32.35
N THR C 105 -59.07 -2.62 -33.48
CA THR C 105 -58.27 -2.46 -34.68
C THR C 105 -57.65 -1.08 -34.70
N PRO C 106 -56.35 -0.93 -35.03
CA PRO C 106 -55.77 0.38 -35.27
C PRO C 106 -55.83 0.77 -36.74
N PRO C 107 -56.78 1.65 -37.14
CA PRO C 107 -56.96 1.99 -38.54
C PRO C 107 -56.12 3.16 -39.00
N ILE C 108 -54.86 3.20 -38.56
CA ILE C 108 -54.06 4.40 -38.69
C ILE C 108 -52.91 4.21 -39.65
N GLY C 109 -52.99 3.18 -40.50
CA GLY C 109 -52.17 3.11 -41.69
C GLY C 109 -50.86 2.35 -41.50
N PHE C 110 -50.72 1.52 -40.45
CA PHE C 110 -49.53 0.68 -40.32
C PHE C 110 -49.89 -0.68 -40.92
N ARG C 111 -50.41 -1.58 -40.11
CA ARG C 111 -50.97 -2.81 -40.63
C ARG C 111 -52.17 -2.53 -41.54
N TYR C 112 -52.97 -1.51 -41.22
CA TYR C 112 -54.27 -1.33 -41.89
C TYR C 112 -54.51 0.13 -42.29
N HIS C 113 -54.83 0.34 -43.56
CA HIS C 113 -55.28 1.63 -44.04
C HIS C 113 -56.75 1.82 -43.63
N PRO C 114 -57.17 3.02 -43.20
CA PRO C 114 -58.54 3.21 -42.73
C PRO C 114 -59.61 2.85 -43.74
N ALA C 115 -59.33 3.05 -45.03
CA ALA C 115 -60.31 2.69 -46.06
C ALA C 115 -60.58 1.19 -46.06
N ILE C 116 -59.55 0.38 -45.75
CA ILE C 116 -59.70 -1.07 -45.76
C ILE C 116 -60.49 -1.51 -44.52
N VAL C 117 -60.20 -0.90 -43.38
CA VAL C 117 -60.98 -1.17 -42.18
C VAL C 117 -62.44 -0.84 -42.44
N ALA C 118 -62.70 0.28 -43.11
CA ALA C 118 -64.07 0.68 -43.39
C ALA C 118 -64.75 -0.40 -44.24
N GLN C 119 -64.05 -0.88 -45.27
CA GLN C 119 -64.63 -1.87 -46.16
C GLN C 119 -64.90 -3.16 -45.40
N ALA C 120 -63.94 -3.57 -44.56
CA ALA C 120 -64.07 -4.81 -43.81
C ALA C 120 -65.28 -4.74 -42.88
N ALA C 121 -65.41 -3.60 -42.18
CA ALA C 121 -66.51 -3.40 -41.24
C ALA C 121 -67.85 -3.42 -41.98
N ALA C 122 -67.91 -2.74 -43.12
CA ALA C 122 -69.13 -2.68 -43.89
C ALA C 122 -69.51 -4.08 -44.39
N THR C 123 -68.52 -4.88 -44.78
CA THR C 123 -68.80 -6.22 -45.29
C THR C 123 -69.37 -7.08 -44.17
N LEU C 124 -68.74 -7.04 -43.00
CA LEU C 124 -69.18 -7.86 -41.88
C LEU C 124 -70.62 -7.48 -41.49
N GLU C 125 -70.90 -6.18 -41.39
CA GLU C 125 -72.23 -5.75 -41.00
C GLU C 125 -73.24 -6.09 -42.10
N ALA C 126 -72.83 -6.00 -43.37
CA ALA C 126 -73.72 -6.34 -44.47
C ALA C 126 -74.07 -7.82 -44.43
N MET C 127 -73.11 -8.68 -44.05
CA MET C 127 -73.31 -10.12 -43.99
C MET C 127 -74.08 -10.50 -42.74
N PHE C 128 -73.82 -9.80 -41.62
CA PHE C 128 -74.39 -10.15 -40.33
C PHE C 128 -75.06 -8.93 -39.72
N PRO C 129 -76.16 -8.41 -40.31
CA PRO C 129 -76.72 -7.13 -39.90
C PRO C 129 -77.18 -7.18 -38.45
N GLY C 130 -76.89 -6.09 -37.72
CA GLY C 130 -77.26 -5.94 -36.33
C GLY C 130 -76.26 -6.58 -35.37
N ARG C 131 -75.13 -7.10 -35.86
CA ARG C 131 -74.29 -7.96 -35.04
C ARG C 131 -72.86 -7.42 -34.85
N PHE C 132 -72.37 -6.58 -35.76
CA PHE C 132 -70.97 -6.18 -35.71
C PHE C 132 -70.85 -4.79 -35.11
N TRP C 133 -69.81 -4.59 -34.29
CA TRP C 133 -69.40 -3.25 -33.88
C TRP C 133 -67.90 -3.08 -34.16
N LEU C 134 -67.55 -1.92 -34.70
CA LEU C 134 -66.18 -1.65 -35.13
C LEU C 134 -65.43 -0.98 -33.98
N GLY C 135 -64.62 -1.76 -33.28
CA GLY C 135 -63.78 -1.23 -32.22
C GLY C 135 -62.42 -0.83 -32.77
N ILE C 136 -62.01 0.42 -32.50
CA ILE C 136 -60.77 0.98 -33.01
C ILE C 136 -59.99 1.62 -31.88
N GLY C 137 -58.67 1.77 -32.10
CA GLY C 137 -57.77 2.38 -31.13
C GLY C 137 -56.46 2.84 -31.80
N ALA C 138 -55.57 3.40 -30.99
CA ALA C 138 -54.36 4.05 -31.44
C ALA C 138 -53.22 3.09 -31.69
N GLY C 139 -53.38 1.84 -31.30
CA GLY C 139 -52.47 0.75 -31.67
C GLY C 139 -51.25 0.67 -30.77
N GLU C 140 -50.55 -0.46 -30.88
CA GLU C 140 -49.32 -0.73 -30.15
C GLU C 140 -48.21 -1.15 -31.10
N ALA C 141 -46.98 -0.76 -30.74
CA ALA C 141 -45.82 -1.08 -31.56
C ALA C 141 -45.68 -2.58 -31.73
N LEU C 142 -46.06 -3.34 -30.70
CA LEU C 142 -46.00 -4.80 -30.75
C LEU C 142 -46.51 -5.32 -32.08
N ASN C 143 -47.61 -4.75 -32.59
CA ASN C 143 -48.22 -5.20 -33.82
C ASN C 143 -47.83 -4.32 -35.00
N GLU C 144 -47.72 -3.00 -34.80
CA GLU C 144 -47.59 -2.09 -35.93
C GLU C 144 -46.13 -1.96 -36.41
N HIS C 145 -45.16 -2.34 -35.57
CA HIS C 145 -43.76 -2.07 -35.91
C HIS C 145 -43.28 -2.90 -37.08
N ILE C 146 -44.02 -3.96 -37.44
CA ILE C 146 -43.54 -4.87 -38.46
C ILE C 146 -43.37 -4.18 -39.80
N VAL C 147 -44.10 -3.08 -40.05
CA VAL C 147 -44.05 -2.43 -41.35
C VAL C 147 -42.91 -1.42 -41.43
N GLY C 148 -42.16 -1.23 -40.34
CA GLY C 148 -40.89 -0.51 -40.39
C GLY C 148 -41.03 1.00 -40.59
N ARG C 149 -42.03 1.62 -39.95
CA ARG C 149 -42.27 3.04 -40.09
C ARG C 149 -42.13 3.77 -38.76
N TYR C 150 -41.96 5.09 -38.87
CA TYR C 150 -41.92 5.99 -37.72
C TYR C 150 -43.14 5.74 -36.84
N TRP C 151 -42.89 5.54 -35.54
CA TRP C 151 -43.94 5.29 -34.57
C TRP C 151 -44.17 6.53 -33.71
N PRO C 152 -45.27 7.27 -33.93
CA PRO C 152 -45.48 8.53 -33.22
C PRO C 152 -45.80 8.30 -31.74
N GLU C 153 -45.56 9.35 -30.95
CA GLU C 153 -45.99 9.34 -29.55
C GLU C 153 -47.50 9.18 -29.46
N PRO C 154 -48.03 8.68 -28.32
CA PRO C 154 -49.48 8.50 -28.13
C PRO C 154 -50.35 9.68 -28.57
N ALA C 155 -50.00 10.91 -28.16
CA ALA C 155 -50.86 12.05 -28.48
C ALA C 155 -50.96 12.23 -30.00
N GLU C 156 -49.85 11.99 -30.72
CA GLU C 156 -49.88 12.10 -32.16
C GLU C 156 -50.72 10.96 -32.75
N ARG C 157 -50.64 9.76 -32.19
CA ARG C 157 -51.41 8.65 -32.73
C ARG C 157 -52.90 8.90 -32.53
N ILE C 158 -53.27 9.61 -31.46
CA ILE C 158 -54.65 10.00 -31.24
C ILE C 158 -55.09 10.89 -32.39
N ARG C 159 -54.25 11.84 -32.82
CA ARG C 159 -54.61 12.69 -33.93
C ARG C 159 -54.79 11.85 -35.19
N MET C 160 -53.97 10.80 -35.35
CA MET C 160 -54.10 9.92 -36.49
C MET C 160 -55.43 9.18 -36.43
N LEU C 161 -55.79 8.72 -35.22
CA LEU C 161 -57.02 7.98 -35.02
C LEU C 161 -58.23 8.85 -35.37
N ILE C 162 -58.20 10.11 -34.97
CA ILE C 162 -59.29 11.03 -35.22
C ILE C 162 -59.45 11.24 -36.73
N GLU C 163 -58.35 11.34 -37.45
CA GLU C 163 -58.44 11.49 -38.90
C GLU C 163 -58.97 10.20 -39.52
N ALA C 164 -58.54 9.05 -39.00
CA ALA C 164 -59.02 7.78 -39.52
C ALA C 164 -60.54 7.66 -39.34
N ILE C 165 -61.05 8.12 -38.20
CA ILE C 165 -62.48 8.11 -37.93
C ILE C 165 -63.21 8.90 -39.02
N GLU C 166 -62.66 10.05 -39.38
CA GLU C 166 -63.21 10.89 -40.44
C GLU C 166 -63.29 10.09 -41.74
N VAL C 167 -62.21 9.38 -42.09
CA VAL C 167 -62.16 8.61 -43.31
C VAL C 167 -63.23 7.52 -43.28
N ILE C 168 -63.32 6.79 -42.17
CA ILE C 168 -64.25 5.69 -42.08
C ILE C 168 -65.68 6.21 -42.20
N GLN C 169 -65.98 7.31 -41.52
CA GLN C 169 -67.33 7.87 -41.52
C GLN C 169 -67.71 8.36 -42.92
N LYS C 170 -66.78 9.01 -43.62
CA LYS C 170 -67.03 9.44 -44.98
C LYS C 170 -67.38 8.23 -45.85
N LEU C 171 -66.59 7.15 -45.74
CA LEU C 171 -66.82 5.98 -46.56
C LEU C 171 -68.17 5.34 -46.19
N PHE C 172 -68.54 5.40 -44.92
CA PHE C 172 -69.79 4.81 -44.45
C PHE C 172 -71.02 5.55 -45.01
N THR C 173 -70.86 6.76 -45.59
CA THR C 173 -71.99 7.45 -46.20
C THR C 173 -72.45 6.73 -47.47
N GLY C 174 -71.59 5.92 -48.07
CA GLY C 174 -71.93 5.19 -49.28
C GLY C 174 -71.75 6.02 -50.55
N LYS C 175 -71.19 7.23 -50.44
CA LYS C 175 -70.94 8.06 -51.59
C LYS C 175 -69.49 7.88 -52.05
N VAL C 176 -69.21 8.39 -53.24
CA VAL C 176 -67.85 8.57 -53.72
C VAL C 176 -67.24 9.69 -52.91
N ILE C 177 -66.16 9.41 -52.19
CA ILE C 177 -65.54 10.42 -51.37
C ILE C 177 -64.05 10.54 -51.70
N ARG C 178 -63.51 11.72 -51.39
CA ARG C 178 -62.09 12.03 -51.48
C ARG C 178 -61.70 12.59 -50.12
N HIS C 179 -60.45 12.40 -49.74
CA HIS C 179 -59.96 12.89 -48.45
C HIS C 179 -58.49 13.24 -48.58
N GLU C 180 -58.13 14.41 -48.05
CA GLU C 180 -56.73 14.78 -47.93
C GLU C 180 -56.54 15.45 -46.57
N GLY C 181 -55.82 14.79 -45.68
CA GLY C 181 -55.50 15.36 -44.38
C GLY C 181 -54.01 15.23 -44.10
N VAL C 182 -53.64 15.47 -42.85
CA VAL C 182 -52.25 15.40 -42.46
C VAL C 182 -51.71 13.97 -42.67
N TYR C 183 -52.51 12.94 -42.38
CA TYR C 183 -51.99 11.58 -42.31
C TYR C 183 -52.46 10.68 -43.45
N PHE C 184 -53.64 10.94 -44.02
CA PHE C 184 -54.20 9.99 -44.99
C PHE C 184 -54.63 10.74 -46.25
N LYS C 185 -54.41 10.08 -47.40
CA LYS C 185 -54.91 10.56 -48.67
C LYS C 185 -55.77 9.45 -49.25
N VAL C 186 -57.01 9.79 -49.57
CA VAL C 186 -57.92 8.85 -50.19
C VAL C 186 -58.40 9.45 -51.49
N GLU C 187 -58.12 8.78 -52.59
CA GLU C 187 -58.62 9.16 -53.90
C GLU C 187 -60.04 8.62 -54.02
N SER C 188 -60.77 9.09 -55.04
CA SER C 188 -62.15 8.72 -55.25
C SER C 188 -62.42 7.28 -54.85
N ALA C 189 -63.20 7.11 -53.77
CA ALA C 189 -63.45 5.79 -53.20
C ALA C 189 -64.89 5.70 -52.71
N LYS C 190 -65.49 4.54 -52.92
CA LYS C 190 -66.85 4.28 -52.51
C LYS C 190 -66.99 2.83 -52.05
N LEU C 191 -67.73 2.63 -50.96
CA LEU C 191 -68.11 1.30 -50.51
C LEU C 191 -69.42 0.90 -51.20
N TYR C 192 -69.34 0.01 -52.18
CA TYR C 192 -70.53 -0.47 -52.89
C TYR C 192 -71.27 -1.52 -52.05
N THR C 193 -70.54 -2.28 -51.24
CA THR C 193 -71.13 -3.29 -50.37
C THR C 193 -71.26 -2.70 -48.98
N MET C 194 -72.51 -2.42 -48.60
N MET C 194 -72.51 -2.42 -48.61
CA MET C 194 -72.85 -1.60 -47.46
CA MET C 194 -72.85 -1.60 -47.46
C MET C 194 -74.08 -2.21 -46.78
C MET C 194 -74.08 -2.21 -46.78
N PRO C 195 -74.16 -2.22 -45.43
CA PRO C 195 -75.43 -2.54 -44.78
C PRO C 195 -76.38 -1.36 -44.94
N ASP C 196 -77.67 -1.56 -44.67
CA ASP C 196 -78.64 -0.46 -44.68
C ASP C 196 -78.21 0.60 -43.67
N VAL C 197 -77.71 0.14 -42.52
CA VAL C 197 -77.29 1.02 -41.45
C VAL C 197 -75.88 0.64 -41.01
N PRO C 198 -74.96 1.62 -40.88
CA PRO C 198 -73.56 1.30 -40.58
C PRO C 198 -73.40 0.68 -39.20
N PRO C 199 -72.35 -0.12 -38.98
CA PRO C 199 -72.05 -0.63 -37.64
C PRO C 199 -71.58 0.55 -36.80
N PRO C 200 -71.78 0.51 -35.48
CA PRO C 200 -71.32 1.58 -34.60
C PRO C 200 -69.80 1.56 -34.53
N ILE C 201 -69.22 2.75 -34.39
CA ILE C 201 -67.79 2.89 -34.16
C ILE C 201 -67.58 3.07 -32.66
N ILE C 202 -66.81 2.15 -32.09
CA ILE C 202 -66.47 2.13 -30.68
C ILE C 202 -64.99 2.41 -30.56
N VAL C 203 -64.60 3.35 -29.69
CA VAL C 203 -63.20 3.61 -29.47
C VAL C 203 -62.77 2.92 -28.18
N GLY C 204 -61.68 2.14 -28.27
CA GLY C 204 -61.02 1.58 -27.10
C GLY C 204 -59.89 2.49 -26.64
N THR C 205 -60.05 3.05 -25.43
CA THR C 205 -59.07 3.97 -24.89
C THR C 205 -59.18 3.97 -23.37
N ALA C 206 -58.07 4.36 -22.73
CA ALA C 206 -58.01 4.62 -21.29
C ALA C 206 -57.61 6.07 -21.03
N GLY C 207 -57.58 6.90 -22.07
CA GLY C 207 -57.21 8.31 -21.95
C GLY C 207 -58.42 9.21 -21.78
N PRO C 208 -58.45 10.08 -20.74
CA PRO C 208 -59.53 11.06 -20.59
C PRO C 208 -59.81 11.89 -21.84
N TYR C 209 -58.75 12.36 -22.50
CA TYR C 209 -58.91 13.21 -23.66
C TYR C 209 -59.67 12.43 -24.75
N MET C 210 -59.19 11.23 -25.08
CA MET C 210 -59.78 10.47 -26.19
C MET C 210 -61.18 9.97 -25.81
N ALA C 211 -61.43 9.75 -24.51
CA ALA C 211 -62.75 9.36 -24.06
C ALA C 211 -63.76 10.45 -24.40
N LYS C 212 -63.40 11.71 -24.16
CA LYS C 212 -64.24 12.84 -24.49
C LYS C 212 -64.49 12.88 -26.01
N LYS C 213 -63.40 12.72 -26.78
CA LYS C 213 -63.49 12.75 -28.24
C LYS C 213 -64.38 11.61 -28.73
N THR C 214 -64.32 10.46 -28.06
CA THR C 214 -65.11 9.31 -28.45
C THR C 214 -66.60 9.67 -28.35
N GLY C 215 -66.97 10.31 -27.25
CA GLY C 215 -68.35 10.74 -27.07
C GLY C 215 -68.77 11.73 -28.16
N GLN C 216 -67.86 12.63 -28.51
CA GLN C 216 -68.14 13.65 -29.50
C GLN C 216 -68.31 13.05 -30.90
N LEU C 217 -67.42 12.12 -31.30
CA LEU C 217 -67.22 11.77 -32.69
C LEU C 217 -67.75 10.38 -33.04
N CYS C 218 -67.91 9.51 -32.03
CA CYS C 218 -68.18 8.12 -32.27
C CYS C 218 -69.46 7.68 -31.56
N ASP C 219 -69.70 6.37 -31.51
CA ASP C 219 -70.98 5.84 -31.07
C ASP C 219 -70.89 5.21 -29.67
N GLY C 220 -69.68 4.90 -29.18
CA GLY C 220 -69.57 4.26 -27.89
C GLY C 220 -68.12 4.12 -27.43
N LEU C 221 -67.97 3.73 -26.16
CA LEU C 221 -66.68 3.65 -25.49
C LEU C 221 -66.39 2.21 -25.08
N LEU C 222 -65.13 1.80 -25.27
CA LEU C 222 -64.61 0.56 -24.73
C LEU C 222 -63.37 0.91 -23.94
N THR C 223 -63.29 0.43 -22.69
CA THR C 223 -62.13 0.72 -21.86
C THR C 223 -61.73 -0.55 -21.12
N PRO C 224 -60.47 -0.67 -20.68
CA PRO C 224 -60.05 -1.81 -19.86
C PRO C 224 -60.42 -1.62 -18.39
N GLY C 225 -60.39 -2.75 -17.66
CA GLY C 225 -60.55 -2.75 -16.22
C GLY C 225 -59.52 -1.83 -15.57
N ALA C 226 -59.99 -1.07 -14.58
CA ALA C 226 -59.16 -0.15 -13.82
C ALA C 226 -59.91 0.16 -12.53
N ASN C 227 -59.32 0.94 -11.64
CA ASN C 227 -59.97 1.26 -10.38
C ASN C 227 -61.17 2.17 -10.64
N ASP C 228 -62.03 2.30 -9.62
CA ASP C 228 -63.30 3.01 -9.73
C ASP C 228 -63.09 4.46 -10.16
N GLU C 229 -62.09 5.12 -9.56
CA GLU C 229 -61.84 6.54 -9.84
C GLU C 229 -61.56 6.75 -11.33
N LYS C 230 -60.72 5.88 -11.92
CA LYS C 230 -60.32 6.05 -13.31
C LYS C 230 -61.52 5.77 -14.23
N LEU C 231 -62.32 4.74 -13.90
CA LEU C 231 -63.47 4.38 -14.71
C LEU C 231 -64.51 5.50 -14.69
N ARG C 232 -64.74 6.08 -13.51
CA ARG C 232 -65.71 7.17 -13.37
C ARG C 232 -65.28 8.38 -14.21
N LEU C 233 -63.96 8.66 -14.23
CA LEU C 233 -63.45 9.78 -14.98
C LEU C 233 -63.69 9.55 -16.47
N LEU C 234 -63.36 8.35 -16.95
CA LEU C 234 -63.54 8.04 -18.37
C LEU C 234 -65.01 8.11 -18.76
N LEU C 235 -65.90 7.55 -17.93
CA LEU C 235 -67.33 7.64 -18.20
C LEU C 235 -67.77 9.09 -18.26
N SER C 236 -67.32 9.91 -17.30
CA SER C 236 -67.72 11.30 -17.22
C SER C 236 -67.25 12.08 -18.45
N ARG C 237 -65.99 11.83 -18.87
CA ARG C 237 -65.44 12.50 -20.03
C ARG C 237 -66.22 12.13 -21.29
N PHE C 238 -66.53 10.85 -21.43
CA PHE C 238 -67.31 10.35 -22.55
C PHE C 238 -68.68 11.03 -22.59
N GLU C 239 -69.34 11.12 -21.43
CA GLU C 239 -70.67 11.71 -21.35
C GLU C 239 -70.62 13.20 -21.74
N GLU C 240 -69.63 13.92 -21.22
CA GLU C 240 -69.46 15.34 -21.48
C GLU C 240 -69.27 15.57 -22.99
N GLY C 241 -68.43 14.72 -23.61
CA GLY C 241 -68.16 14.85 -25.04
C GLY C 241 -69.41 14.65 -25.88
N ALA C 242 -70.19 13.63 -25.52
CA ALA C 242 -71.45 13.35 -26.21
C ALA C 242 -72.42 14.51 -26.04
N ARG C 243 -72.55 15.02 -24.81
CA ARG C 243 -73.52 16.08 -24.53
C ARG C 243 -73.15 17.35 -25.28
N ALA C 244 -71.87 17.72 -25.29
CA ALA C 244 -71.43 18.92 -25.99
C ALA C 244 -71.68 18.79 -27.49
N ALA C 245 -71.77 17.56 -28.03
CA ALA C 245 -72.07 17.37 -29.44
C ALA C 245 -73.57 17.15 -29.69
N GLY C 246 -74.43 17.38 -28.68
CA GLY C 246 -75.87 17.28 -28.84
C GLY C 246 -76.40 15.84 -28.81
N LYS C 247 -75.59 14.88 -28.38
CA LYS C 247 -75.98 13.48 -28.36
C LYS C 247 -76.48 13.11 -26.95
N ASP C 248 -77.26 12.01 -26.87
CA ASP C 248 -77.74 11.49 -25.60
C ASP C 248 -76.88 10.31 -25.18
N PRO C 249 -75.95 10.46 -24.20
CA PRO C 249 -75.04 9.38 -23.81
C PRO C 249 -75.68 8.17 -23.13
N ARG C 250 -76.93 8.34 -22.67
CA ARG C 250 -77.66 7.25 -22.06
C ARG C 250 -78.00 6.17 -23.07
N ARG C 251 -78.01 6.53 -24.37
CA ARG C 251 -78.31 5.58 -25.44
C ARG C 251 -77.04 5.10 -26.14
N MET C 252 -75.87 5.45 -25.61
CA MET C 252 -74.59 5.10 -26.23
C MET C 252 -73.92 4.03 -25.38
N PRO C 253 -73.41 2.95 -25.98
CA PRO C 253 -72.77 1.88 -25.21
C PRO C 253 -71.53 2.34 -24.45
N ARG C 254 -71.41 1.85 -23.21
CA ARG C 254 -70.21 2.02 -22.41
C ARG C 254 -69.75 0.63 -22.02
N MET C 255 -68.64 0.19 -22.63
CA MET C 255 -68.23 -1.19 -22.62
C MET C 255 -66.91 -1.28 -21.87
N ILE C 256 -66.74 -2.38 -21.12
CA ILE C 256 -65.49 -2.60 -20.42
C ILE C 256 -65.02 -4.02 -20.71
N GLN C 257 -63.70 -4.15 -20.89
CA GLN C 257 -63.04 -5.43 -21.06
C GLN C 257 -62.24 -5.72 -19.81
N VAL C 258 -62.55 -6.85 -19.14
CA VAL C 258 -61.90 -7.22 -17.91
C VAL C 258 -61.16 -8.53 -18.11
N HIS C 259 -60.09 -8.68 -17.33
CA HIS C 259 -59.29 -9.89 -17.30
C HIS C 259 -59.52 -10.54 -15.94
N VAL C 260 -59.90 -11.82 -15.96
CA VAL C 260 -60.07 -12.59 -14.75
C VAL C 260 -59.24 -13.87 -14.87
N SER C 261 -59.03 -14.51 -13.73
CA SER C 261 -58.48 -15.85 -13.69
C SER C 261 -59.36 -16.69 -12.77
N TRP C 262 -60.17 -17.55 -13.39
CA TRP C 262 -60.90 -18.58 -12.66
C TRP C 262 -60.21 -19.92 -12.89
N ALA C 263 -60.17 -20.72 -11.82
CA ALA C 263 -59.64 -22.07 -11.88
C ALA C 263 -60.19 -22.84 -10.68
N GLU C 264 -59.80 -24.10 -10.55
CA GLU C 264 -60.40 -25.00 -9.57
C GLU C 264 -59.97 -24.56 -8.17
N THR C 265 -58.77 -23.99 -8.04
CA THR C 265 -58.30 -23.43 -6.77
C THR C 265 -57.77 -22.03 -7.00
N ASP C 266 -57.70 -21.25 -5.91
CA ASP C 266 -57.08 -19.94 -5.90
C ASP C 266 -55.65 -20.04 -6.40
N GLU C 267 -54.93 -21.07 -5.92
CA GLU C 267 -53.52 -21.23 -6.24
C GLU C 267 -53.33 -21.35 -7.76
N GLN C 268 -54.18 -22.17 -8.42
CA GLN C 268 -54.09 -22.37 -9.86
C GLN C 268 -54.46 -21.07 -10.57
N ALA C 269 -55.42 -20.31 -10.04
CA ALA C 269 -55.86 -19.06 -10.66
C ALA C 269 -54.72 -18.06 -10.68
N ILE C 270 -53.98 -17.99 -9.58
CA ILE C 270 -52.85 -17.09 -9.46
C ILE C 270 -51.75 -17.52 -10.44
N GLU C 271 -51.44 -18.81 -10.48
CA GLU C 271 -50.39 -19.34 -11.34
C GLU C 271 -50.73 -19.07 -12.80
N ASN C 272 -51.99 -19.27 -13.17
CA ASN C 272 -52.44 -19.06 -14.54
C ASN C 272 -52.20 -17.60 -14.96
N ALA C 273 -52.48 -16.65 -14.08
CA ALA C 273 -52.30 -15.24 -14.40
C ALA C 273 -50.83 -14.93 -14.65
N LEU C 274 -49.94 -15.39 -13.76
CA LEU C 274 -48.50 -15.18 -13.89
C LEU C 274 -47.95 -15.76 -15.20
N ARG C 275 -48.37 -16.97 -15.53
CA ARG C 275 -47.80 -17.73 -16.63
C ARG C 275 -48.34 -17.19 -17.96
N GLU C 276 -49.64 -16.89 -18.00
CA GLU C 276 -50.33 -16.66 -19.27
C GLU C 276 -50.45 -15.18 -19.58
N TRP C 277 -50.49 -14.31 -18.56
CA TRP C 277 -50.89 -12.93 -18.76
C TRP C 277 -50.07 -11.97 -17.90
N PRO C 278 -48.72 -12.07 -17.91
CA PRO C 278 -47.91 -11.19 -17.07
C PRO C 278 -48.07 -9.72 -17.47
N ASN C 279 -48.45 -9.47 -18.72
CA ASN C 279 -48.69 -8.13 -19.21
C ASN C 279 -49.83 -7.48 -18.41
N GLY C 280 -50.72 -8.31 -17.84
CA GLY C 280 -51.76 -7.84 -16.94
C GLY C 280 -51.19 -7.22 -15.68
N GLY C 281 -49.95 -7.58 -15.29
CA GLY C 281 -49.32 -7.02 -14.11
C GLY C 281 -48.33 -5.91 -14.44
N MET C 282 -48.39 -5.40 -15.67
CA MET C 282 -47.51 -4.35 -16.13
C MET C 282 -48.28 -3.03 -16.17
N ALA C 283 -48.34 -2.35 -15.02
CA ALA C 283 -49.08 -1.09 -14.91
C ALA C 283 -48.15 0.04 -15.34
N PHE C 284 -47.92 0.11 -16.65
CA PHE C 284 -47.05 1.11 -17.24
C PHE C 284 -47.34 1.14 -18.73
N PRO C 285 -46.98 2.23 -19.45
CA PRO C 285 -47.33 2.34 -20.88
C PRO C 285 -46.54 1.31 -21.68
N LYS C 286 -47.24 0.57 -22.54
CA LYS C 286 -46.68 -0.58 -23.22
C LYS C 286 -46.66 -0.39 -24.74
N GLY C 287 -47.06 0.80 -25.21
CA GLY C 287 -47.35 1.01 -26.62
C GLY C 287 -46.12 1.13 -27.51
N ASP C 288 -44.92 1.25 -26.93
CA ASP C 288 -43.69 1.42 -27.67
C ASP C 288 -42.86 0.14 -27.76
N ILE C 289 -43.24 -0.91 -27.03
CA ILE C 289 -42.44 -2.12 -26.93
C ILE C 289 -42.74 -3.03 -28.13
N ARG C 290 -41.67 -3.43 -28.84
CA ARG C 290 -41.81 -3.97 -30.18
C ARG C 290 -41.99 -5.49 -30.21
N ASN C 291 -41.30 -6.22 -29.33
CA ASN C 291 -41.14 -7.65 -29.51
C ASN C 291 -41.77 -8.47 -28.40
N PRO C 292 -42.37 -9.64 -28.71
CA PRO C 292 -42.75 -10.60 -27.69
C PRO C 292 -41.63 -10.93 -26.71
N GLU C 293 -40.40 -11.02 -27.20
CA GLU C 293 -39.24 -11.33 -26.38
C GLU C 293 -38.98 -10.21 -25.36
N ASP C 294 -39.37 -8.97 -25.69
CA ASP C 294 -39.19 -7.85 -24.77
C ASP C 294 -40.14 -8.02 -23.59
N PHE C 295 -41.42 -8.23 -23.87
CA PHE C 295 -42.40 -8.46 -22.83
C PHE C 295 -42.04 -9.69 -22.02
N GLN C 296 -41.53 -10.72 -22.69
CA GLN C 296 -41.17 -11.97 -22.04
C GLN C 296 -40.11 -11.70 -20.97
N ALA C 297 -39.10 -10.87 -21.29
CA ALA C 297 -38.05 -10.57 -20.34
C ALA C 297 -38.60 -9.69 -19.21
N MET C 298 -39.52 -8.77 -19.54
CA MET C 298 -40.13 -7.90 -18.55
C MET C 298 -41.01 -8.71 -17.61
N ALA C 299 -41.62 -9.79 -18.11
CA ALA C 299 -42.52 -10.62 -17.34
C ALA C 299 -41.85 -11.19 -16.09
N ARG C 300 -40.52 -11.40 -16.15
CA ARG C 300 -39.79 -11.97 -15.04
C ARG C 300 -39.89 -11.10 -13.78
N LEU C 301 -40.28 -9.83 -13.92
CA LEU C 301 -40.45 -8.93 -12.79
C LEU C 301 -41.85 -9.01 -12.17
N VAL C 302 -42.82 -9.60 -12.88
CA VAL C 302 -44.20 -9.49 -12.43
C VAL C 302 -44.47 -10.47 -11.30
N ARG C 303 -45.20 -9.99 -10.29
CA ARG C 303 -45.58 -10.78 -9.11
C ARG C 303 -47.09 -10.61 -8.89
N PRO C 304 -47.74 -11.51 -8.12
CA PRO C 304 -49.20 -11.44 -7.93
C PRO C 304 -49.76 -10.06 -7.53
N GLU C 305 -49.08 -9.35 -6.64
CA GLU C 305 -49.47 -8.02 -6.19
C GLU C 305 -49.77 -7.09 -7.35
N HIS C 306 -49.01 -7.20 -8.44
CA HIS C 306 -49.08 -6.25 -9.55
C HIS C 306 -50.38 -6.36 -10.35
N PHE C 307 -51.16 -7.41 -10.09
CA PHE C 307 -52.41 -7.64 -10.78
C PHE C 307 -53.62 -7.02 -10.06
N GLN C 308 -53.45 -6.41 -8.88
CA GLN C 308 -54.60 -5.91 -8.14
C GLN C 308 -55.30 -4.81 -8.95
N GLY C 309 -56.62 -4.99 -9.11
CA GLY C 309 -57.45 -4.08 -9.89
C GLY C 309 -57.40 -4.33 -11.40
N ARG C 310 -56.57 -5.28 -11.83
CA ARG C 310 -56.30 -5.50 -13.25
C ARG C 310 -56.74 -6.93 -13.62
N VAL C 311 -56.58 -7.88 -12.69
CA VAL C 311 -56.94 -9.28 -12.92
C VAL C 311 -57.44 -9.88 -11.60
N LEU C 312 -58.72 -10.24 -11.59
CA LEU C 312 -59.29 -10.94 -10.45
C LEU C 312 -58.88 -12.41 -10.49
N MET C 313 -58.27 -12.89 -9.41
CA MET C 313 -57.71 -14.23 -9.38
C MET C 313 -58.35 -15.02 -8.23
N THR C 314 -59.39 -15.82 -8.53
CA THR C 314 -60.03 -16.64 -7.50
C THR C 314 -60.89 -17.72 -8.14
N SER C 315 -61.06 -18.82 -7.39
CA SER C 315 -61.94 -19.92 -7.75
C SER C 315 -63.38 -19.64 -7.32
N ASP C 316 -63.58 -18.61 -6.51
CA ASP C 316 -64.87 -18.31 -5.93
C ASP C 316 -65.73 -17.57 -6.95
N LEU C 317 -66.72 -18.25 -7.52
CA LEU C 317 -67.54 -17.71 -8.59
C LEU C 317 -68.50 -16.63 -8.07
N ASP C 318 -68.82 -16.66 -6.78
CA ASP C 318 -69.60 -15.59 -6.19
C ASP C 318 -68.84 -14.27 -6.29
N ARG C 319 -67.50 -14.30 -6.09
CA ARG C 319 -66.69 -13.09 -6.12
C ARG C 319 -66.56 -12.57 -7.55
N HIS C 320 -66.54 -13.48 -8.54
CA HIS C 320 -66.60 -13.11 -9.94
C HIS C 320 -67.90 -12.35 -10.20
N GLY C 321 -69.01 -12.88 -9.69
CA GLY C 321 -70.32 -12.28 -9.86
C GLY C 321 -70.37 -10.85 -9.31
N GLU C 322 -69.89 -10.66 -8.08
CA GLU C 322 -69.91 -9.36 -7.42
C GLU C 322 -69.02 -8.36 -8.16
N PHE C 323 -67.85 -8.83 -8.61
CA PHE C 323 -66.92 -7.98 -9.34
C PHE C 323 -67.58 -7.43 -10.61
N LEU C 324 -68.31 -8.29 -11.34
CA LEU C 324 -68.94 -7.90 -12.58
C LEU C 324 -70.14 -7.00 -12.30
N GLN C 325 -70.94 -7.35 -11.28
CA GLN C 325 -72.11 -6.56 -10.91
C GLN C 325 -71.70 -5.12 -10.55
N HIS C 326 -70.58 -4.98 -9.83
CA HIS C 326 -70.07 -3.67 -9.45
C HIS C 326 -69.85 -2.80 -10.70
N LEU C 327 -69.34 -3.39 -11.79
CA LEU C 327 -69.05 -2.66 -12.99
C LEU C 327 -70.35 -2.23 -13.69
N ILE C 328 -71.37 -3.09 -13.65
CA ILE C 328 -72.68 -2.72 -14.15
C ILE C 328 -73.20 -1.50 -13.38
N ASP C 329 -73.05 -1.57 -12.06
CA ASP C 329 -73.54 -0.54 -11.16
C ASP C 329 -72.84 0.80 -11.42
N LEU C 330 -71.58 0.78 -11.87
CA LEU C 330 -70.85 1.99 -12.21
C LEU C 330 -71.43 2.65 -13.47
N GLY C 331 -72.10 1.85 -14.32
CA GLY C 331 -72.77 2.36 -15.50
C GLY C 331 -72.29 1.71 -16.80
N PHE C 332 -71.51 0.62 -16.73
CA PHE C 332 -71.12 -0.11 -17.92
C PHE C 332 -72.30 -0.94 -18.39
N THR C 333 -72.54 -0.90 -19.71
CA THR C 333 -73.72 -1.50 -20.31
C THR C 333 -73.35 -2.83 -20.96
N GLU C 334 -72.06 -3.08 -21.14
CA GLU C 334 -71.56 -4.37 -21.58
C GLU C 334 -70.22 -4.65 -20.92
N ILE C 335 -70.01 -5.94 -20.59
CA ILE C 335 -68.74 -6.40 -20.06
C ILE C 335 -68.27 -7.56 -20.91
N TYR C 336 -67.00 -7.51 -21.33
CA TYR C 336 -66.35 -8.59 -22.06
C TYR C 336 -65.30 -9.19 -21.13
N VAL C 337 -65.44 -10.49 -20.84
CA VAL C 337 -64.61 -11.16 -19.87
C VAL C 337 -63.59 -12.04 -20.59
N HIS C 338 -62.32 -11.79 -20.26
CA HIS C 338 -61.19 -12.59 -20.68
C HIS C 338 -60.69 -13.39 -19.49
N ASN C 339 -60.90 -14.70 -19.53
CA ASN C 339 -60.25 -15.60 -18.59
C ASN C 339 -58.83 -15.87 -19.07
N VAL C 340 -57.83 -15.62 -18.23
CA VAL C 340 -56.45 -15.66 -18.67
C VAL C 340 -55.97 -17.11 -18.79
N GLY C 341 -56.62 -18.05 -18.09
CA GLY C 341 -56.18 -19.43 -18.09
C GLY C 341 -56.47 -20.14 -19.41
N ARG C 342 -55.77 -21.25 -19.64
CA ARG C 342 -55.98 -22.12 -20.78
C ARG C 342 -57.27 -22.93 -20.66
N ASN C 343 -57.90 -22.88 -19.47
CA ASN C 343 -59.09 -23.65 -19.15
C ASN C 343 -60.35 -22.91 -19.62
N GLN C 344 -60.42 -22.63 -20.93
CA GLN C 344 -61.47 -21.78 -21.48
C GLN C 344 -62.83 -22.49 -21.41
N GLU C 345 -62.87 -23.77 -21.80
CA GLU C 345 -64.12 -24.49 -21.81
C GLU C 345 -64.71 -24.52 -20.40
N GLU C 346 -63.86 -24.79 -19.41
CA GLU C 346 -64.30 -24.97 -18.02
C GLU C 346 -64.78 -23.63 -17.49
N PHE C 347 -64.06 -22.56 -17.85
CA PHE C 347 -64.42 -21.21 -17.47
C PHE C 347 -65.80 -20.84 -18.03
N ILE C 348 -66.01 -21.13 -19.32
CA ILE C 348 -67.25 -20.82 -19.99
C ILE C 348 -68.41 -21.52 -19.29
N ARG C 349 -68.25 -22.80 -18.96
CA ARG C 349 -69.32 -23.57 -18.35
C ARG C 349 -69.60 -23.09 -16.93
N ALA C 350 -68.53 -22.74 -16.20
CA ALA C 350 -68.66 -22.24 -14.84
C ALA C 350 -69.41 -20.91 -14.81
N TYR C 351 -69.03 -19.99 -15.71
CA TYR C 351 -69.71 -18.70 -15.80
C TYR C 351 -71.16 -18.89 -16.22
N GLY C 352 -71.40 -19.80 -17.17
CA GLY C 352 -72.75 -20.05 -17.67
C GLY C 352 -73.68 -20.55 -16.57
N ARG C 353 -73.14 -21.39 -15.68
CA ARG C 353 -73.90 -22.01 -14.60
C ARG C 353 -74.06 -21.05 -13.41
N ALA C 354 -73.00 -20.32 -13.03
CA ALA C 354 -72.93 -19.72 -11.71
C ALA C 354 -72.88 -18.18 -11.72
N VAL C 355 -72.55 -17.56 -12.87
CA VAL C 355 -72.32 -16.12 -12.89
C VAL C 355 -73.38 -15.41 -13.74
N ILE C 356 -73.49 -15.81 -15.02
CA ILE C 356 -74.30 -15.06 -15.96
C ILE C 356 -75.76 -14.97 -15.50
N PRO C 357 -76.42 -16.07 -15.07
CA PRO C 357 -77.82 -15.97 -14.66
C PRO C 357 -78.10 -14.99 -13.52
N HIS C 358 -77.09 -14.66 -12.70
CA HIS C 358 -77.27 -13.84 -11.50
C HIS C 358 -76.88 -12.37 -11.73
N LEU C 359 -76.35 -12.02 -12.91
CA LEU C 359 -76.05 -10.63 -13.21
C LEU C 359 -77.35 -9.87 -13.51
N ARG C 360 -77.47 -8.68 -12.93
CA ARG C 360 -78.65 -7.84 -13.10
C ARG C 360 -78.31 -6.63 -13.98
N TRP C 361 -78.79 -6.66 -15.22
CA TRP C 361 -78.61 -5.56 -16.16
C TRP C 361 -79.80 -4.63 -16.12
N PRO C 362 -79.65 -3.30 -16.23
CA PRO C 362 -80.80 -2.41 -16.45
C PRO C 362 -81.49 -2.83 -17.75
N ALA C 363 -82.83 -2.78 -17.74
CA ALA C 363 -83.65 -3.23 -18.86
C ALA C 363 -83.40 -2.38 -20.10
N ASP C 364 -83.10 -1.11 -19.93
CA ASP C 364 -82.93 -0.12 -20.96
C ASP C 364 -81.58 -0.17 -21.71
N ALA C 365 -80.61 -0.89 -21.13
CA ALA C 365 -79.21 -0.59 -21.36
C ALA C 365 -78.88 -0.69 -22.85
N PRO C 366 -78.21 0.32 -23.44
CA PRO C 366 -77.81 0.26 -24.84
C PRO C 366 -76.66 -0.72 -25.05
N VAL C 367 -76.75 -1.43 -26.16
CA VAL C 367 -75.79 -2.45 -26.52
C VAL C 367 -75.16 -2.03 -27.86
N ALA C 368 -73.89 -2.42 -28.09
CA ALA C 368 -73.19 -2.02 -29.30
C ALA C 368 -73.74 -2.81 -30.49
N GLN C 369 -74.59 -2.13 -31.27
CA GLN C 369 -75.18 -2.65 -32.49
C GLN C 369 -75.79 -1.49 -33.27
N ALA C 370 -75.99 -1.68 -34.58
CA ALA C 370 -76.51 -0.64 -35.45
C ALA C 370 -77.93 -0.18 -35.04
N MET C 371 -78.14 1.16 -35.07
CA MET C 371 -79.32 1.84 -34.53
C MET C 371 -80.57 0.92 -34.56
N ARG D 32 -58.86 -41.23 -65.81
CA ARG D 32 -60.05 -40.37 -65.55
C ARG D 32 -60.30 -40.15 -64.05
N GLY D 33 -60.23 -38.87 -63.62
CA GLY D 33 -60.48 -38.47 -62.24
C GLY D 33 -61.98 -38.39 -61.94
N SER D 34 -62.28 -38.29 -60.63
CA SER D 34 -63.54 -37.82 -60.12
C SER D 34 -63.91 -36.45 -60.72
N SER D 35 -65.23 -36.24 -60.83
CA SER D 35 -65.84 -35.03 -61.36
C SER D 35 -65.71 -33.84 -60.41
N ARG D 36 -65.53 -32.67 -61.03
CA ARG D 36 -65.25 -31.45 -60.30
C ARG D 36 -65.15 -30.27 -61.28
N LEU D 37 -65.26 -29.07 -60.69
CA LEU D 37 -65.13 -27.82 -61.40
C LEU D 37 -65.04 -26.72 -60.36
N GLY D 38 -64.38 -25.62 -60.71
CA GLY D 38 -64.32 -24.46 -59.85
C GLY D 38 -65.43 -23.44 -60.15
N TYR D 39 -65.93 -22.82 -59.08
CA TYR D 39 -66.89 -21.72 -59.16
C TYR D 39 -66.17 -20.42 -58.87
N SER D 40 -66.40 -19.44 -59.73
CA SER D 40 -65.79 -18.13 -59.59
C SER D 40 -66.80 -17.20 -58.92
N ALA D 41 -66.44 -16.71 -57.73
CA ALA D 41 -67.31 -15.83 -56.95
C ALA D 41 -66.99 -14.37 -57.27
N SER D 42 -67.91 -13.71 -57.99
CA SER D 42 -67.68 -12.37 -58.52
C SER D 42 -68.13 -11.30 -57.51
N PHE D 43 -67.17 -10.84 -56.69
CA PHE D 43 -67.43 -9.83 -55.68
C PHE D 43 -67.79 -8.49 -56.32
N GLU D 44 -67.38 -8.30 -57.58
CA GLU D 44 -67.71 -7.07 -58.28
C GLU D 44 -69.22 -6.94 -58.45
N GLN D 45 -69.92 -8.09 -58.54
CA GLN D 45 -71.33 -8.08 -58.94
C GLN D 45 -72.28 -8.42 -57.80
N PHE D 46 -71.87 -9.28 -56.87
CA PHE D 46 -72.83 -9.95 -56.00
C PHE D 46 -72.55 -9.68 -54.52
N HIS D 47 -73.62 -9.44 -53.80
CA HIS D 47 -73.58 -9.26 -52.36
C HIS D 47 -72.92 -10.48 -51.75
N PRO D 48 -72.00 -10.31 -50.77
CA PRO D 48 -71.34 -11.44 -50.13
C PRO D 48 -72.28 -12.49 -49.53
N SER D 49 -73.45 -12.08 -49.03
CA SER D 49 -74.41 -13.04 -48.49
C SER D 49 -74.92 -13.95 -49.61
N ASP D 50 -75.15 -13.39 -50.79
CA ASP D 50 -75.62 -14.17 -51.93
C ASP D 50 -74.52 -15.12 -52.39
N LEU D 51 -73.27 -14.62 -52.45
CA LEU D 51 -72.15 -15.45 -52.85
C LEU D 51 -72.01 -16.62 -51.89
N LEU D 52 -72.24 -16.38 -50.59
CA LEU D 52 -72.09 -17.44 -49.61
C LEU D 52 -73.09 -18.55 -49.89
N ARG D 53 -74.36 -18.17 -50.06
CA ARG D 53 -75.42 -19.14 -50.31
C ARG D 53 -75.15 -19.91 -51.62
N TRP D 54 -74.71 -19.19 -52.66
CA TRP D 54 -74.49 -19.80 -53.96
C TRP D 54 -73.31 -20.78 -53.93
N CYS D 55 -72.27 -20.47 -53.16
CA CYS D 55 -71.14 -21.38 -53.02
C CYS D 55 -71.57 -22.67 -52.32
N GLN D 56 -72.45 -22.53 -51.32
CA GLN D 56 -72.99 -23.69 -50.61
C GLN D 56 -73.77 -24.57 -51.58
N LEU D 57 -74.53 -23.94 -52.48
CA LEU D 57 -75.28 -24.66 -53.48
C LEU D 57 -74.32 -25.30 -54.50
N ALA D 58 -73.31 -24.55 -54.93
CA ALA D 58 -72.34 -25.04 -55.88
C ALA D 58 -71.69 -26.33 -55.36
N GLU D 59 -71.38 -26.36 -54.06
CA GLU D 59 -70.83 -27.55 -53.45
C GLU D 59 -71.80 -28.72 -53.60
N GLN D 60 -73.09 -28.50 -53.33
CA GLN D 60 -74.09 -29.55 -53.46
C GLN D 60 -74.14 -30.04 -54.91
N GLU D 61 -73.87 -29.15 -55.87
CA GLU D 61 -74.07 -29.44 -57.27
C GLU D 61 -72.80 -29.97 -57.94
N GLY D 62 -71.71 -30.19 -57.19
CA GLY D 62 -70.55 -30.89 -57.72
C GLY D 62 -69.33 -29.99 -57.94
N PHE D 63 -69.45 -28.66 -57.72
CA PHE D 63 -68.27 -27.81 -57.74
C PHE D 63 -67.43 -28.16 -56.51
N ASP D 64 -66.10 -28.09 -56.63
CA ASP D 64 -65.22 -28.54 -55.55
C ASP D 64 -64.34 -27.40 -55.01
N SER D 65 -64.34 -26.22 -55.65
CA SER D 65 -63.49 -25.13 -55.22
CA SER D 65 -63.49 -25.13 -55.22
C SER D 65 -64.06 -23.80 -55.69
N VAL D 66 -63.61 -22.74 -55.02
CA VAL D 66 -64.08 -21.39 -55.24
C VAL D 66 -62.88 -20.47 -55.45
N LEU D 67 -63.01 -19.60 -56.43
CA LEU D 67 -62.08 -18.50 -56.65
C LEU D 67 -62.82 -17.22 -56.29
N ALA D 68 -62.23 -16.43 -55.39
CA ALA D 68 -62.85 -15.23 -54.88
C ALA D 68 -62.00 -14.00 -55.19
N ALA D 69 -62.58 -13.10 -55.97
CA ALA D 69 -61.98 -11.82 -56.29
C ALA D 69 -61.66 -11.00 -55.05
N ASP D 70 -60.54 -10.27 -55.07
CA ASP D 70 -60.17 -9.37 -54.00
C ASP D 70 -60.19 -7.95 -54.55
N HIS D 71 -61.37 -7.33 -54.50
CA HIS D 71 -61.56 -5.99 -55.02
C HIS D 71 -61.92 -5.04 -53.89
N PHE D 72 -61.70 -3.75 -54.16
CA PHE D 72 -62.29 -2.67 -53.40
C PHE D 72 -63.43 -2.05 -54.21
N HIS D 73 -63.28 -2.01 -55.54
CA HIS D 73 -64.29 -1.43 -56.41
C HIS D 73 -64.72 -2.42 -57.47
N PRO D 74 -65.99 -2.37 -57.92
CA PRO D 74 -66.42 -3.09 -59.12
C PRO D 74 -65.86 -2.37 -60.34
N TRP D 75 -65.88 -3.05 -61.49
CA TRP D 75 -65.49 -2.42 -62.74
C TRP D 75 -66.46 -1.31 -63.08
N THR D 76 -67.77 -1.54 -62.85
CA THR D 76 -68.79 -0.55 -63.19
C THR D 76 -69.77 -0.41 -62.03
N PRO D 77 -70.44 0.75 -61.90
CA PRO D 77 -71.53 0.91 -60.92
C PRO D 77 -72.65 -0.13 -61.09
N GLU D 78 -72.92 -0.55 -62.33
CA GLU D 78 -74.00 -1.47 -62.60
C GLU D 78 -73.69 -2.83 -61.99
N GLN D 79 -72.39 -3.18 -61.87
CA GLN D 79 -72.02 -4.40 -61.20
C GLN D 79 -72.34 -4.28 -59.72
N GLY D 80 -71.86 -3.20 -59.08
CA GLY D 80 -72.51 -2.66 -57.90
C GLY D 80 -72.03 -3.22 -56.56
N GLN D 81 -70.97 -4.04 -56.51
CA GLN D 81 -70.51 -4.60 -55.24
C GLN D 81 -68.98 -4.65 -55.15
N SER D 82 -68.48 -4.89 -53.93
CA SER D 82 -67.09 -5.24 -53.67
C SER D 82 -66.91 -5.53 -52.17
N GLY D 83 -67.32 -6.73 -51.76
CA GLY D 83 -67.11 -7.14 -50.38
C GLY D 83 -65.63 -7.37 -50.08
N PHE D 84 -65.30 -7.30 -48.79
CA PHE D 84 -63.96 -7.60 -48.31
C PHE D 84 -63.80 -9.12 -48.24
N VAL D 85 -62.99 -9.64 -49.17
CA VAL D 85 -62.95 -11.07 -49.41
C VAL D 85 -62.48 -11.83 -48.17
N TRP D 86 -61.54 -11.27 -47.42
CA TRP D 86 -60.90 -12.02 -46.34
C TRP D 86 -61.91 -12.41 -45.27
N ALA D 87 -62.86 -11.51 -44.97
CA ALA D 87 -63.88 -11.82 -43.98
C ALA D 87 -64.81 -12.91 -44.52
N TRP D 88 -65.22 -12.75 -45.79
CA TRP D 88 -66.11 -13.70 -46.42
C TRP D 88 -65.51 -15.10 -46.44
N LEU D 89 -64.20 -15.21 -46.67
CA LEU D 89 -63.58 -16.52 -46.81
C LEU D 89 -63.70 -17.32 -45.52
N GLY D 90 -63.70 -16.63 -44.36
CA GLY D 90 -63.92 -17.32 -43.10
C GLY D 90 -65.29 -17.98 -43.04
N ALA D 91 -66.31 -17.27 -43.56
CA ALA D 91 -67.66 -17.78 -43.60
C ALA D 91 -67.75 -18.98 -44.54
N LEU D 92 -67.10 -18.87 -45.70
CA LEU D 92 -67.07 -19.96 -46.66
C LEU D 92 -66.43 -21.19 -46.03
N GLY D 93 -65.26 -20.97 -45.42
CA GLY D 93 -64.52 -22.05 -44.79
C GLY D 93 -65.34 -22.77 -43.74
N ALA D 94 -66.12 -22.02 -42.97
CA ALA D 94 -66.80 -22.60 -41.82
C ALA D 94 -68.09 -23.29 -42.20
N THR D 95 -68.62 -23.05 -43.40
CA THR D 95 -69.94 -23.58 -43.78
C THR D 95 -69.89 -24.51 -44.99
N THR D 96 -68.69 -24.82 -45.52
CA THR D 96 -68.54 -25.74 -46.63
C THR D 96 -67.29 -26.57 -46.41
N ARG D 97 -67.05 -27.53 -47.32
CA ARG D 97 -65.81 -28.30 -47.37
C ARG D 97 -65.04 -28.00 -48.67
N LEU D 98 -65.49 -27.00 -49.42
CA LEU D 98 -64.84 -26.59 -50.67
C LEU D 98 -63.40 -26.13 -50.42
N ARG D 99 -62.56 -26.31 -51.43
CA ARG D 99 -61.30 -25.58 -51.50
C ARG D 99 -61.62 -24.15 -51.95
N PHE D 100 -60.73 -23.21 -51.64
CA PHE D 100 -60.98 -21.84 -52.04
C PHE D 100 -59.68 -21.05 -52.04
N GLY D 101 -59.66 -19.98 -52.85
CA GLY D 101 -58.51 -19.12 -52.92
C GLY D 101 -58.89 -17.70 -53.35
N THR D 102 -57.97 -16.77 -53.10
CA THR D 102 -58.10 -15.41 -53.60
C THR D 102 -57.67 -15.41 -55.07
N GLY D 103 -58.43 -14.69 -55.90
CA GLY D 103 -58.13 -14.66 -57.32
C GLY D 103 -58.21 -13.25 -57.89
N VAL D 104 -57.27 -12.34 -57.57
CA VAL D 104 -56.12 -12.58 -56.70
C VAL D 104 -55.94 -11.36 -55.79
N THR D 105 -55.13 -11.52 -54.73
CA THR D 105 -54.76 -10.43 -53.86
C THR D 105 -53.48 -9.79 -54.33
N PRO D 106 -53.37 -8.45 -54.37
CA PRO D 106 -52.10 -7.79 -54.61
C PRO D 106 -51.37 -7.46 -53.32
N PRO D 107 -50.34 -8.25 -52.95
CA PRO D 107 -49.66 -8.05 -51.67
C PRO D 107 -48.49 -7.08 -51.75
N ILE D 108 -48.69 -5.98 -52.49
CA ILE D 108 -47.57 -5.14 -52.87
C ILE D 108 -47.65 -3.78 -52.20
N GLY D 109 -48.44 -3.68 -51.12
CA GLY D 109 -48.31 -2.57 -50.17
C GLY D 109 -49.20 -1.37 -50.48
N PHE D 110 -50.27 -1.54 -51.29
CA PHE D 110 -51.23 -0.45 -51.48
C PHE D 110 -52.36 -0.68 -50.49
N ARG D 111 -53.37 -1.44 -50.90
CA ARG D 111 -54.38 -1.88 -49.95
C ARG D 111 -53.77 -2.81 -48.90
N TYR D 112 -52.79 -3.64 -49.27
CA TYR D 112 -52.34 -4.71 -48.39
C TYR D 112 -50.82 -4.82 -48.32
N HIS D 113 -50.29 -4.79 -47.10
CA HIS D 113 -48.88 -5.06 -46.86
C HIS D 113 -48.65 -6.56 -46.96
N PRO D 114 -47.55 -7.05 -47.55
CA PRO D 114 -47.35 -8.48 -47.71
C PRO D 114 -47.36 -9.27 -46.42
N ALA D 115 -46.89 -8.66 -45.31
CA ALA D 115 -46.89 -9.35 -44.03
C ALA D 115 -48.32 -9.67 -43.59
N ILE D 116 -49.28 -8.80 -43.92
CA ILE D 116 -50.66 -8.98 -43.50
C ILE D 116 -51.30 -10.07 -44.36
N VAL D 117 -51.01 -10.06 -45.66
CA VAL D 117 -51.48 -11.14 -46.53
C VAL D 117 -50.95 -12.47 -46.02
N ALA D 118 -49.69 -12.51 -45.62
CA ALA D 118 -49.10 -13.74 -45.14
C ALA D 118 -49.87 -14.23 -43.90
N GLN D 119 -50.16 -13.31 -42.98
CA GLN D 119 -50.84 -13.68 -41.75
C GLN D 119 -52.26 -14.19 -42.07
N ALA D 120 -52.95 -13.48 -42.98
CA ALA D 120 -54.30 -13.85 -43.35
C ALA D 120 -54.33 -15.25 -43.96
N ALA D 121 -53.38 -15.52 -44.86
CA ALA D 121 -53.31 -16.80 -45.53
C ALA D 121 -53.01 -17.91 -44.52
N ALA D 122 -52.07 -17.65 -43.61
CA ALA D 122 -51.71 -18.63 -42.61
C ALA D 122 -52.91 -18.93 -41.70
N THR D 123 -53.70 -17.90 -41.37
CA THR D 123 -54.84 -18.11 -40.48
C THR D 123 -55.87 -18.98 -41.18
N LEU D 124 -56.18 -18.66 -42.44
CA LEU D 124 -57.18 -19.40 -43.18
C LEU D 124 -56.76 -20.87 -43.29
N GLU D 125 -55.50 -21.11 -43.65
CA GLU D 125 -55.04 -22.49 -43.81
C GLU D 125 -55.01 -23.19 -42.46
N ALA D 126 -54.66 -22.47 -41.39
CA ALA D 126 -54.64 -23.07 -40.06
C ALA D 126 -56.05 -23.50 -39.65
N MET D 127 -57.06 -22.69 -40.00
CA MET D 127 -58.44 -22.96 -39.65
C MET D 127 -59.04 -24.04 -40.56
N PHE D 128 -58.63 -24.04 -41.84
CA PHE D 128 -59.22 -24.93 -42.83
C PHE D 128 -58.12 -25.69 -43.56
N PRO D 129 -57.37 -26.58 -42.87
CA PRO D 129 -56.17 -27.17 -43.46
C PRO D 129 -56.51 -27.98 -44.71
N GLY D 130 -55.66 -27.84 -45.74
CA GLY D 130 -55.82 -28.55 -46.99
C GLY D 130 -56.75 -27.85 -47.97
N ARG D 131 -57.26 -26.64 -47.64
CA ARG D 131 -58.37 -26.08 -48.38
C ARG D 131 -58.06 -24.72 -49.02
N PHE D 132 -57.08 -23.99 -48.50
CA PHE D 132 -56.86 -22.63 -48.97
C PHE D 132 -55.67 -22.60 -49.93
N TRP D 133 -55.77 -21.79 -50.97
CA TRP D 133 -54.62 -21.45 -51.79
C TRP D 133 -54.55 -19.93 -51.92
N LEU D 134 -53.32 -19.41 -51.77
CA LEU D 134 -53.11 -17.97 -51.75
C LEU D 134 -52.81 -17.50 -53.17
N GLY D 135 -53.82 -16.92 -53.81
CA GLY D 135 -53.62 -16.35 -55.13
C GLY D 135 -53.24 -14.88 -55.03
N ILE D 136 -52.14 -14.52 -55.69
CA ILE D 136 -51.59 -13.17 -55.65
C ILE D 136 -51.31 -12.68 -57.06
N GLY D 137 -51.23 -11.36 -57.20
CA GLY D 137 -50.96 -10.70 -58.47
C GLY D 137 -50.51 -9.26 -58.30
N ALA D 138 -50.28 -8.60 -59.43
CA ALA D 138 -49.63 -7.29 -59.48
C ALA D 138 -50.62 -6.16 -59.26
N GLY D 139 -51.91 -6.47 -59.29
CA GLY D 139 -52.95 -5.53 -58.88
C GLY D 139 -53.37 -4.60 -60.01
N GLU D 140 -54.51 -3.92 -59.78
CA GLU D 140 -55.04 -2.93 -60.70
C GLU D 140 -55.32 -1.62 -59.98
N ALA D 141 -55.16 -0.52 -60.71
CA ALA D 141 -55.37 0.81 -60.16
C ALA D 141 -56.80 0.94 -59.64
N LEU D 142 -57.75 0.29 -60.31
CA LEU D 142 -59.15 0.32 -59.92
C LEU D 142 -59.29 0.15 -58.40
N ASN D 143 -58.50 -0.78 -57.82
CA ASN D 143 -58.59 -1.06 -56.40
C ASN D 143 -57.49 -0.34 -55.61
N GLU D 144 -56.28 -0.24 -56.15
CA GLU D 144 -55.13 0.21 -55.36
C GLU D 144 -55.04 1.73 -55.29
N HIS D 145 -55.69 2.45 -56.22
CA HIS D 145 -55.48 3.89 -56.32
C HIS D 145 -56.05 4.64 -55.10
N ILE D 146 -56.91 3.99 -54.33
CA ILE D 146 -57.60 4.67 -53.25
C ILE D 146 -56.61 5.21 -52.21
N VAL D 147 -55.42 4.61 -52.10
CA VAL D 147 -54.48 5.02 -51.06
C VAL D 147 -53.60 6.18 -51.53
N GLY D 148 -53.76 6.63 -52.76
CA GLY D 148 -53.18 7.89 -53.21
C GLY D 148 -51.66 7.84 -53.42
N ARG D 149 -51.14 6.72 -53.96
CA ARG D 149 -49.71 6.55 -54.12
C ARG D 149 -49.33 6.41 -55.59
N TYR D 150 -48.03 6.60 -55.86
CA TYR D 150 -47.44 6.37 -57.16
C TYR D 150 -47.80 4.97 -57.64
N TRP D 151 -48.32 4.87 -58.87
CA TRP D 151 -48.71 3.60 -59.45
C TRP D 151 -47.69 3.19 -60.52
N PRO D 152 -46.82 2.21 -60.23
CA PRO D 152 -45.77 1.83 -61.17
C PRO D 152 -46.30 1.14 -62.42
N GLU D 153 -45.51 1.18 -63.49
CA GLU D 153 -45.80 0.39 -64.68
C GLU D 153 -45.83 -1.09 -64.34
N PRO D 154 -46.52 -1.92 -65.15
CA PRO D 154 -46.57 -3.38 -64.91
C PRO D 154 -45.24 -4.05 -64.59
N ALA D 155 -44.19 -3.78 -65.35
CA ALA D 155 -42.92 -4.47 -65.13
C ALA D 155 -42.37 -4.14 -63.73
N GLU D 156 -42.55 -2.89 -63.29
CA GLU D 156 -42.11 -2.53 -61.96
C GLU D 156 -42.97 -3.21 -60.90
N ARG D 157 -44.28 -3.32 -61.14
CA ARG D 157 -45.15 -3.96 -60.16
C ARG D 157 -44.78 -5.44 -60.03
N ILE D 158 -44.31 -6.05 -61.12
CA ILE D 158 -43.85 -7.43 -61.10
C ILE D 158 -42.67 -7.53 -60.14
N ARG D 159 -41.74 -6.56 -60.18
CA ARG D 159 -40.61 -6.58 -59.26
C ARG D 159 -41.12 -6.47 -57.83
N MET D 160 -42.18 -5.66 -57.62
CA MET D 160 -42.75 -5.53 -56.29
C MET D 160 -43.34 -6.88 -55.86
N LEU D 161 -44.04 -7.55 -56.77
CA LEU D 161 -44.69 -8.81 -56.47
C LEU D 161 -43.65 -9.87 -56.09
N ILE D 162 -42.52 -9.89 -56.80
CA ILE D 162 -41.47 -10.85 -56.54
C ILE D 162 -40.90 -10.62 -55.14
N GLU D 163 -40.73 -9.35 -54.74
CA GLU D 163 -40.25 -9.06 -53.40
C GLU D 163 -41.30 -9.46 -52.37
N ALA D 164 -42.58 -9.22 -52.67
CA ALA D 164 -43.64 -9.59 -51.75
C ALA D 164 -43.66 -11.11 -51.52
N ILE D 165 -43.42 -11.88 -52.58
CA ILE D 165 -43.35 -13.33 -52.47
C ILE D 165 -42.27 -13.73 -51.49
N GLU D 166 -41.13 -13.07 -51.56
CA GLU D 166 -40.02 -13.30 -50.66
C GLU D 166 -40.48 -13.07 -49.22
N VAL D 167 -41.19 -11.97 -48.98
CA VAL D 167 -41.65 -11.63 -47.64
C VAL D 167 -42.61 -12.71 -47.15
N ILE D 168 -43.57 -13.11 -47.99
CA ILE D 168 -44.56 -14.08 -47.58
C ILE D 168 -43.88 -15.41 -47.25
N GLN D 169 -42.95 -15.84 -48.09
CA GLN D 169 -42.27 -17.11 -47.92
C GLN D 169 -41.43 -17.11 -46.65
N LYS D 170 -40.74 -16.01 -46.37
CA LYS D 170 -39.97 -15.90 -45.13
C LYS D 170 -40.91 -16.07 -43.94
N LEU D 171 -42.05 -15.37 -43.96
CA LEU D 171 -42.98 -15.43 -42.84
C LEU D 171 -43.54 -16.84 -42.69
N PHE D 172 -43.75 -17.53 -43.82
CA PHE D 172 -44.30 -18.88 -43.80
C PHE D 172 -43.33 -19.89 -43.18
N THR D 173 -42.04 -19.56 -42.99
CA THR D 173 -41.11 -20.47 -42.33
C THR D 173 -41.46 -20.61 -40.83
N GLY D 174 -42.19 -19.63 -40.27
CA GLY D 174 -42.56 -19.69 -38.86
C GLY D 174 -41.46 -19.20 -37.92
N LYS D 175 -40.38 -18.65 -38.47
CA LYS D 175 -39.34 -18.05 -37.66
C LYS D 175 -39.56 -16.54 -37.55
N VAL D 176 -38.82 -15.94 -36.63
CA VAL D 176 -38.69 -14.50 -36.57
C VAL D 176 -37.84 -14.06 -37.75
N ILE D 177 -38.40 -13.22 -38.62
CA ILE D 177 -37.69 -12.80 -39.80
C ILE D 177 -37.66 -11.26 -39.87
N ARG D 178 -36.64 -10.78 -40.58
CA ARG D 178 -36.42 -9.39 -40.90
C ARG D 178 -36.24 -9.33 -42.41
N HIS D 179 -36.65 -8.22 -43.03
CA HIS D 179 -36.51 -8.05 -44.46
C HIS D 179 -36.27 -6.59 -44.77
N GLU D 180 -35.31 -6.32 -45.65
CA GLU D 180 -35.12 -5.00 -46.19
C GLU D 180 -34.80 -5.12 -47.68
N GLY D 181 -35.72 -4.65 -48.51
CA GLY D 181 -35.52 -4.66 -49.95
C GLY D 181 -35.87 -3.30 -50.55
N VAL D 182 -35.96 -3.26 -51.87
CA VAL D 182 -36.25 -2.01 -52.55
C VAL D 182 -37.63 -1.49 -52.12
N TYR D 183 -38.62 -2.37 -51.95
CA TYR D 183 -40.01 -1.95 -51.79
C TYR D 183 -40.56 -2.14 -50.38
N PHE D 184 -40.06 -3.14 -49.63
CA PHE D 184 -40.67 -3.47 -48.34
C PHE D 184 -39.62 -3.53 -47.24
N LYS D 185 -40.02 -3.08 -46.06
CA LYS D 185 -39.21 -3.20 -44.86
C LYS D 185 -40.06 -3.94 -43.84
N VAL D 186 -39.54 -5.05 -43.34
CA VAL D 186 -40.21 -5.81 -42.31
C VAL D 186 -39.27 -5.92 -41.12
N GLU D 187 -39.71 -5.36 -39.98
CA GLU D 187 -38.99 -5.51 -38.73
C GLU D 187 -39.34 -6.88 -38.15
N SER D 188 -38.56 -7.32 -37.16
CA SER D 188 -38.74 -8.62 -36.53
C SER D 188 -40.22 -9.01 -36.48
N ALA D 189 -40.56 -10.05 -37.26
CA ALA D 189 -41.93 -10.49 -37.39
C ALA D 189 -41.99 -12.00 -37.49
N LYS D 190 -43.02 -12.58 -36.87
CA LYS D 190 -43.21 -14.02 -36.85
C LYS D 190 -44.70 -14.34 -36.89
N LEU D 191 -45.06 -15.35 -37.67
CA LEU D 191 -46.42 -15.89 -37.65
C LEU D 191 -46.50 -16.98 -36.60
N TYR D 192 -47.15 -16.67 -35.47
CA TYR D 192 -47.33 -17.66 -34.41
C TYR D 192 -48.49 -18.61 -34.75
N THR D 193 -49.48 -18.12 -35.51
CA THR D 193 -50.62 -18.93 -35.92
C THR D 193 -50.37 -19.39 -37.34
N MET D 194 -50.08 -20.69 -37.48
CA MET D 194 -49.49 -21.28 -38.67
CA MET D 194 -49.49 -21.27 -38.67
C MET D 194 -50.10 -22.66 -38.86
N PRO D 195 -50.42 -23.10 -40.09
CA PRO D 195 -50.74 -24.52 -40.33
C PRO D 195 -49.44 -25.32 -40.26
N ASP D 196 -49.57 -26.65 -40.14
CA ASP D 196 -48.39 -27.52 -40.17
C ASP D 196 -47.66 -27.34 -41.50
N VAL D 197 -48.44 -27.20 -42.58
CA VAL D 197 -47.89 -27.02 -43.91
C VAL D 197 -48.51 -25.79 -44.55
N PRO D 198 -47.69 -24.89 -45.14
CA PRO D 198 -48.20 -23.62 -45.66
C PRO D 198 -49.15 -23.83 -46.83
N PRO D 199 -50.08 -22.90 -47.09
CA PRO D 199 -50.92 -22.98 -48.28
C PRO D 199 -50.03 -22.72 -49.48
N PRO D 200 -50.38 -23.25 -50.67
CA PRO D 200 -49.61 -22.96 -51.87
C PRO D 200 -49.80 -21.50 -52.27
N ILE D 201 -48.74 -20.94 -52.85
CA ILE D 201 -48.80 -19.62 -53.45
C ILE D 201 -49.01 -19.78 -54.95
N ILE D 202 -50.12 -19.21 -55.42
CA ILE D 202 -50.51 -19.22 -56.81
C ILE D 202 -50.41 -17.80 -57.34
N VAL D 203 -49.74 -17.60 -58.47
CA VAL D 203 -49.68 -16.29 -59.07
C VAL D 203 -50.69 -16.21 -60.20
N GLY D 204 -51.53 -15.18 -60.17
CA GLY D 204 -52.42 -14.84 -61.26
C GLY D 204 -51.77 -13.80 -62.15
N THR D 205 -51.50 -14.19 -63.40
CA THR D 205 -50.80 -13.32 -64.34
C THR D 205 -51.15 -13.75 -65.76
N ALA D 206 -51.04 -12.79 -66.68
CA ALA D 206 -51.13 -13.03 -68.10
C ALA D 206 -49.81 -12.64 -68.78
N GLY D 207 -48.76 -12.34 -67.99
CA GLY D 207 -47.47 -11.97 -68.55
C GLY D 207 -46.53 -13.17 -68.66
N PRO D 208 -45.93 -13.41 -69.85
CA PRO D 208 -44.93 -14.47 -70.00
C PRO D 208 -43.80 -14.42 -68.98
N TYR D 209 -43.28 -13.22 -68.70
CA TYR D 209 -42.16 -13.10 -67.79
C TYR D 209 -42.58 -13.58 -66.40
N MET D 210 -43.69 -13.08 -65.89
CA MET D 210 -44.13 -13.43 -64.53
C MET D 210 -44.56 -14.90 -64.46
N ALA D 211 -45.06 -15.46 -65.58
CA ALA D 211 -45.42 -16.86 -65.61
C ALA D 211 -44.18 -17.72 -65.34
N LYS D 212 -43.06 -17.37 -65.96
CA LYS D 212 -41.80 -18.06 -65.74
C LYS D 212 -41.38 -17.95 -64.28
N LYS D 213 -41.46 -16.74 -63.74
CA LYS D 213 -41.09 -16.48 -62.36
C LYS D 213 -42.00 -17.26 -61.41
N THR D 214 -43.27 -17.41 -61.78
CA THR D 214 -44.22 -18.14 -60.97
C THR D 214 -43.76 -19.58 -60.82
N GLY D 215 -43.35 -20.19 -61.94
CA GLY D 215 -42.84 -21.54 -61.90
C GLY D 215 -41.61 -21.67 -61.02
N GLN D 216 -40.73 -20.67 -61.12
CA GLN D 216 -39.49 -20.66 -60.38
C GLN D 216 -39.73 -20.53 -58.88
N LEU D 217 -40.62 -19.61 -58.47
CA LEU D 217 -40.65 -19.11 -57.10
C LEU D 217 -41.88 -19.60 -56.34
N CYS D 218 -42.93 -20.03 -57.04
CA CYS D 218 -44.21 -20.28 -56.42
C CYS D 218 -44.66 -21.70 -56.72
N ASP D 219 -45.93 -22.00 -56.40
CA ASP D 219 -46.42 -23.37 -56.39
C ASP D 219 -47.35 -23.64 -57.57
N GLY D 220 -47.90 -22.59 -58.22
CA GLY D 220 -48.85 -22.82 -59.29
C GLY D 220 -49.21 -21.52 -60.00
N LEU D 221 -49.88 -21.69 -61.15
CA LEU D 221 -50.21 -20.60 -62.06
C LEU D 221 -51.73 -20.47 -62.16
N LEU D 222 -52.22 -19.23 -62.15
CA LEU D 222 -53.59 -18.91 -62.48
C LEU D 222 -53.57 -17.87 -63.59
N THR D 223 -54.33 -18.09 -64.65
CA THR D 223 -54.35 -17.15 -65.76
C THR D 223 -55.80 -17.03 -66.24
N PRO D 224 -56.17 -15.93 -66.91
CA PRO D 224 -57.50 -15.79 -67.52
C PRO D 224 -57.60 -16.50 -68.85
N GLY D 225 -58.85 -16.72 -69.27
CA GLY D 225 -59.19 -17.23 -70.58
C GLY D 225 -58.57 -16.38 -71.65
N ALA D 226 -58.00 -17.03 -72.67
CA ALA D 226 -57.39 -16.34 -73.80
C ALA D 226 -57.25 -17.37 -74.90
N ASN D 227 -56.80 -16.95 -76.08
CA ASN D 227 -56.65 -17.84 -77.21
C ASN D 227 -55.56 -18.87 -76.91
N ASP D 228 -55.54 -19.94 -77.72
CA ASP D 228 -54.67 -21.09 -77.51
C ASP D 228 -53.20 -20.65 -77.53
N GLU D 229 -52.80 -19.76 -78.44
CA GLU D 229 -51.42 -19.33 -78.55
C GLU D 229 -50.93 -18.71 -77.23
N LYS D 230 -51.75 -17.84 -76.63
CA LYS D 230 -51.37 -17.13 -75.42
C LYS D 230 -51.28 -18.11 -74.26
N LEU D 231 -52.23 -19.04 -74.17
CA LEU D 231 -52.27 -20.02 -73.09
C LEU D 231 -51.07 -20.94 -73.17
N ARG D 232 -50.71 -21.39 -74.38
CA ARG D 232 -49.57 -22.26 -74.56
C ARG D 232 -48.28 -21.56 -74.13
N LEU D 233 -48.17 -20.26 -74.43
CA LEU D 233 -46.97 -19.51 -74.08
C LEU D 233 -46.86 -19.45 -72.55
N LEU D 234 -47.97 -19.12 -71.88
CA LEU D 234 -47.95 -18.98 -70.44
C LEU D 234 -47.63 -20.32 -69.79
N LEU D 235 -48.26 -21.41 -70.26
CA LEU D 235 -47.99 -22.73 -69.73
C LEU D 235 -46.51 -23.06 -69.91
N SER D 236 -45.97 -22.81 -71.12
CA SER D 236 -44.61 -23.16 -71.45
C SER D 236 -43.63 -22.40 -70.56
N ARG D 237 -43.89 -21.10 -70.37
CA ARG D 237 -43.03 -20.27 -69.54
C ARG D 237 -43.02 -20.77 -68.10
N PHE D 238 -44.22 -21.08 -67.60
CA PHE D 238 -44.37 -21.61 -66.26
C PHE D 238 -43.58 -22.91 -66.09
N GLU D 239 -43.69 -23.81 -67.06
CA GLU D 239 -43.02 -25.11 -66.99
C GLU D 239 -41.51 -24.92 -67.01
N GLU D 240 -41.02 -24.05 -67.89
CA GLU D 240 -39.60 -23.77 -68.03
C GLU D 240 -39.04 -23.23 -66.71
N GLY D 241 -39.79 -22.30 -66.10
CA GLY D 241 -39.36 -21.69 -64.85
C GLY D 241 -39.24 -22.74 -63.74
N ALA D 242 -40.23 -23.61 -63.65
CA ALA D 242 -40.23 -24.68 -62.66
C ALA D 242 -39.07 -25.63 -62.89
N ARG D 243 -38.85 -26.04 -64.15
CA ARG D 243 -37.80 -26.98 -64.46
C ARG D 243 -36.42 -26.41 -64.14
N ALA D 244 -36.18 -25.15 -64.51
CA ALA D 244 -34.90 -24.51 -64.25
C ALA D 244 -34.65 -24.40 -62.75
N ALA D 245 -35.70 -24.41 -61.92
CA ALA D 245 -35.53 -24.37 -60.48
C ALA D 245 -35.54 -25.77 -59.85
N GLY D 246 -35.46 -26.83 -60.66
CA GLY D 246 -35.36 -28.19 -60.17
C GLY D 246 -36.70 -28.79 -59.73
N LYS D 247 -37.83 -28.13 -60.09
CA LYS D 247 -39.14 -28.60 -59.66
C LYS D 247 -39.77 -29.44 -60.78
N ASP D 248 -40.76 -30.26 -60.42
CA ASP D 248 -41.51 -31.06 -61.38
C ASP D 248 -42.84 -30.36 -61.68
N PRO D 249 -42.99 -29.71 -62.87
CA PRO D 249 -44.21 -28.96 -63.18
C PRO D 249 -45.46 -29.80 -63.39
N ARG D 250 -45.29 -31.10 -63.56
CA ARG D 250 -46.42 -32.01 -63.72
C ARG D 250 -47.21 -32.12 -62.43
N ARG D 251 -46.58 -31.80 -61.29
CA ARG D 251 -47.24 -31.85 -59.99
C ARG D 251 -47.65 -30.47 -59.50
N MET D 252 -47.55 -29.45 -60.36
CA MET D 252 -47.86 -28.08 -59.98
C MET D 252 -49.16 -27.67 -60.68
N PRO D 253 -50.12 -27.07 -59.97
CA PRO D 253 -51.37 -26.65 -60.57
C PRO D 253 -51.22 -25.62 -61.68
N ARG D 254 -51.99 -25.81 -62.75
CA ARG D 254 -52.13 -24.83 -63.82
C ARG D 254 -53.62 -24.54 -63.94
N MET D 255 -54.00 -23.34 -63.49
CA MET D 255 -55.39 -23.01 -63.25
C MET D 255 -55.79 -21.90 -64.23
N ILE D 256 -57.03 -21.97 -64.69
CA ILE D 256 -57.55 -20.94 -65.58
C ILE D 256 -58.90 -20.48 -65.08
N GLN D 257 -59.12 -19.17 -65.16
CA GLN D 257 -60.39 -18.54 -64.83
C GLN D 257 -61.08 -18.08 -66.12
N VAL D 258 -62.27 -18.59 -66.38
CA VAL D 258 -62.99 -18.28 -67.60
C VAL D 258 -64.31 -17.60 -67.27
N HIS D 259 -64.75 -16.76 -68.20
CA HIS D 259 -66.00 -16.04 -68.10
C HIS D 259 -66.94 -16.60 -69.15
N VAL D 260 -68.14 -17.02 -68.71
CA VAL D 260 -69.15 -17.53 -69.62
C VAL D 260 -70.45 -16.78 -69.35
N SER D 261 -71.38 -16.90 -70.31
CA SER D 261 -72.74 -16.44 -70.12
C SER D 261 -73.67 -17.55 -70.57
N TRP D 262 -74.26 -18.23 -69.58
CA TRP D 262 -75.34 -19.16 -69.84
C TRP D 262 -76.66 -18.51 -69.44
N ALA D 263 -77.69 -18.78 -70.25
CA ALA D 263 -79.04 -18.33 -69.98
C ALA D 263 -80.00 -19.21 -70.78
N GLU D 264 -81.31 -18.92 -70.67
CA GLU D 264 -82.32 -19.79 -71.24
C GLU D 264 -82.28 -19.71 -72.77
N THR D 265 -81.89 -18.54 -73.31
CA THR D 265 -81.70 -18.38 -74.74
C THR D 265 -80.34 -17.73 -75.00
N ASP D 266 -79.84 -17.91 -76.22
CA ASP D 266 -78.65 -17.24 -76.71
C ASP D 266 -78.81 -15.73 -76.55
N GLU D 267 -79.99 -15.20 -76.91
CA GLU D 267 -80.23 -13.77 -76.90
C GLU D 267 -80.01 -13.23 -75.48
N GLN D 268 -80.56 -13.92 -74.47
CA GLN D 268 -80.42 -13.48 -73.08
C GLN D 268 -78.95 -13.58 -72.64
N ALA D 269 -78.24 -14.61 -73.13
CA ALA D 269 -76.86 -14.82 -72.75
C ALA D 269 -75.99 -13.66 -73.25
N ILE D 270 -76.27 -13.20 -74.47
CA ILE D 270 -75.57 -12.10 -75.08
C ILE D 270 -75.86 -10.81 -74.30
N GLU D 271 -77.14 -10.58 -74.00
CA GLU D 271 -77.55 -9.36 -73.31
C GLU D 271 -76.91 -9.30 -71.92
N ASN D 272 -76.87 -10.45 -71.23
CA ASN D 272 -76.30 -10.53 -69.90
C ASN D 272 -74.82 -10.13 -69.93
N ALA D 273 -74.08 -10.57 -70.94
CA ALA D 273 -72.66 -10.25 -71.04
C ALA D 273 -72.46 -8.75 -71.23
N LEU D 274 -73.22 -8.14 -72.15
CA LEU D 274 -73.13 -6.70 -72.40
C LEU D 274 -73.43 -5.88 -71.14
N ARG D 275 -74.48 -6.25 -70.42
CA ARG D 275 -74.98 -5.46 -69.32
C ARG D 275 -74.09 -5.63 -68.09
N GLU D 276 -73.64 -6.87 -67.83
CA GLU D 276 -73.02 -7.22 -66.56
C GLU D 276 -71.49 -7.18 -66.63
N TRP D 277 -70.91 -7.44 -67.81
CA TRP D 277 -69.49 -7.71 -67.88
C TRP D 277 -68.88 -7.09 -69.14
N PRO D 278 -69.11 -5.78 -69.41
CA PRO D 278 -68.55 -5.15 -70.60
C PRO D 278 -67.02 -5.15 -70.59
N ASN D 279 -66.44 -5.20 -69.40
CA ASN D 279 -64.98 -5.29 -69.25
C ASN D 279 -64.46 -6.55 -69.91
N GLY D 280 -65.30 -7.58 -70.01
CA GLY D 280 -64.97 -8.79 -70.75
C GLY D 280 -64.75 -8.52 -72.24
N GLY D 281 -65.32 -7.43 -72.78
CA GLY D 281 -65.14 -7.08 -74.18
C GLY D 281 -64.07 -6.00 -74.38
N MET D 282 -63.27 -5.75 -73.34
CA MET D 282 -62.21 -4.75 -73.39
C MET D 282 -60.87 -5.45 -73.52
N ALA D 283 -60.49 -5.75 -74.77
CA ALA D 283 -59.25 -6.47 -75.06
C ALA D 283 -58.10 -5.47 -75.12
N PHE D 284 -57.73 -4.96 -73.94
CA PHE D 284 -56.68 -3.98 -73.82
C PHE D 284 -56.24 -3.94 -72.36
N PRO D 285 -55.03 -3.42 -72.03
CA PRO D 285 -54.57 -3.41 -70.64
C PRO D 285 -55.43 -2.44 -69.83
N LYS D 286 -55.90 -2.89 -68.67
CA LYS D 286 -56.88 -2.16 -67.89
C LYS D 286 -56.33 -1.75 -66.52
N GLY D 287 -55.04 -1.99 -66.27
CA GLY D 287 -54.48 -1.91 -64.93
C GLY D 287 -54.22 -0.48 -64.45
N ASP D 288 -54.36 0.52 -65.32
CA ASP D 288 -54.11 1.91 -64.97
C ASP D 288 -55.40 2.71 -64.75
N ILE D 289 -56.56 2.13 -65.07
CA ILE D 289 -57.81 2.86 -65.04
C ILE D 289 -58.37 2.86 -63.61
N ARG D 290 -58.67 4.05 -63.10
CA ARG D 290 -58.86 4.23 -61.66
C ARG D 290 -60.30 4.04 -61.20
N ASN D 291 -61.29 4.46 -61.99
CA ASN D 291 -62.64 4.62 -61.49
C ASN D 291 -63.65 3.71 -62.17
N PRO D 292 -64.65 3.19 -61.42
CA PRO D 292 -65.79 2.52 -62.05
C PRO D 292 -66.45 3.35 -63.13
N GLU D 293 -66.52 4.67 -62.93
CA GLU D 293 -67.13 5.58 -63.91
C GLU D 293 -66.33 5.60 -65.21
N ASP D 294 -65.01 5.34 -65.14
CA ASP D 294 -64.17 5.31 -66.33
C ASP D 294 -64.55 4.08 -67.17
N PHE D 295 -64.57 2.91 -66.54
CA PHE D 295 -64.96 1.69 -67.23
C PHE D 295 -66.39 1.82 -67.75
N GLN D 296 -67.26 2.45 -66.96
CA GLN D 296 -68.66 2.61 -67.33
C GLN D 296 -68.76 3.37 -68.64
N ALA D 297 -67.98 4.44 -68.80
CA ALA D 297 -68.02 5.23 -70.02
C ALA D 297 -67.42 4.43 -71.18
N MET D 298 -66.37 3.66 -70.89
CA MET D 298 -65.73 2.84 -71.92
C MET D 298 -66.68 1.73 -72.37
N ALA D 299 -67.52 1.23 -71.45
CA ALA D 299 -68.44 0.14 -71.72
C ALA D 299 -69.40 0.47 -72.87
N ARG D 300 -69.70 1.76 -73.05
CA ARG D 300 -70.65 2.18 -74.08
C ARG D 300 -70.15 1.81 -75.47
N LEU D 301 -68.85 1.53 -75.63
CA LEU D 301 -68.27 1.15 -76.91
C LEU D 301 -68.33 -0.35 -77.14
N VAL D 302 -68.59 -1.16 -76.11
CA VAL D 302 -68.45 -2.59 -76.23
C VAL D 302 -69.67 -3.17 -76.96
N ARG D 303 -69.38 -4.10 -77.88
CA ARG D 303 -70.38 -4.79 -78.66
C ARG D 303 -70.13 -6.29 -78.55
N PRO D 304 -71.12 -7.16 -78.89
CA PRO D 304 -70.95 -8.61 -78.82
C PRO D 304 -69.67 -9.17 -79.45
N GLU D 305 -69.27 -8.65 -80.62
CA GLU D 305 -68.07 -9.10 -81.32
C GLU D 305 -66.85 -9.11 -80.39
N HIS D 306 -66.75 -8.12 -79.49
CA HIS D 306 -65.55 -7.89 -78.70
C HIS D 306 -65.34 -8.97 -77.64
N PHE D 307 -66.35 -9.82 -77.42
CA PHE D 307 -66.28 -10.89 -76.43
C PHE D 307 -65.74 -12.21 -76.99
N GLN D 308 -65.48 -12.32 -78.31
CA GLN D 308 -65.11 -13.61 -78.87
C GLN D 308 -63.77 -14.05 -78.28
N GLY D 309 -63.75 -15.29 -77.75
CA GLY D 309 -62.57 -15.86 -77.10
C GLY D 309 -62.40 -15.43 -75.64
N ARG D 310 -63.29 -14.54 -75.17
CA ARG D 310 -63.15 -13.95 -73.84
C ARG D 310 -64.36 -14.31 -72.98
N VAL D 311 -65.55 -14.44 -73.61
CA VAL D 311 -66.77 -14.79 -72.92
C VAL D 311 -67.62 -15.64 -73.87
N LEU D 312 -67.83 -16.90 -73.51
CA LEU D 312 -68.70 -17.76 -74.26
C LEU D 312 -70.15 -17.45 -73.93
N MET D 313 -70.95 -17.15 -74.95
CA MET D 313 -72.32 -16.68 -74.76
C MET D 313 -73.27 -17.62 -75.49
N THR D 314 -73.85 -18.59 -74.77
CA THR D 314 -74.80 -19.52 -75.38
C THR D 314 -75.59 -20.25 -74.29
N SER D 315 -76.81 -20.67 -74.69
CA SER D 315 -77.69 -21.48 -73.87
C SER D 315 -77.35 -22.97 -74.00
N ASP D 316 -76.53 -23.30 -75.00
CA ASP D 316 -76.24 -24.69 -75.33
C ASP D 316 -75.17 -25.21 -74.36
N LEU D 317 -75.59 -26.08 -73.43
CA LEU D 317 -74.71 -26.57 -72.38
C LEU D 317 -73.69 -27.56 -72.93
N ASP D 318 -73.97 -28.19 -74.07
CA ASP D 318 -72.99 -29.03 -74.73
C ASP D 318 -71.79 -28.18 -75.15
N ARG D 319 -72.02 -26.95 -75.62
CA ARG D 319 -70.95 -26.07 -76.08
C ARG D 319 -70.12 -25.57 -74.90
N HIS D 320 -70.77 -25.36 -73.75
CA HIS D 320 -70.06 -25.06 -72.51
C HIS D 320 -69.12 -26.21 -72.17
N GLY D 321 -69.62 -27.43 -72.26
CA GLY D 321 -68.84 -28.63 -71.97
C GLY D 321 -67.60 -28.73 -72.84
N GLU D 322 -67.76 -28.55 -74.16
CA GLU D 322 -66.66 -28.65 -75.11
C GLU D 322 -65.63 -27.56 -74.87
N PHE D 323 -66.11 -26.35 -74.59
CA PHE D 323 -65.23 -25.21 -74.32
C PHE D 323 -64.32 -25.51 -73.12
N LEU D 324 -64.90 -26.09 -72.06
CA LEU D 324 -64.15 -26.38 -70.85
C LEU D 324 -63.20 -27.55 -71.09
N GLN D 325 -63.69 -28.59 -71.76
CA GLN D 325 -62.90 -29.77 -72.07
C GLN D 325 -61.64 -29.40 -72.85
N HIS D 326 -61.79 -28.48 -73.83
CA HIS D 326 -60.66 -28.01 -74.64
C HIS D 326 -59.54 -27.49 -73.74
N LEU D 327 -59.93 -26.75 -72.66
CA LEU D 327 -58.93 -26.14 -71.80
C LEU D 327 -58.22 -27.22 -70.98
N ILE D 328 -58.96 -28.25 -70.56
CA ILE D 328 -58.35 -29.37 -69.87
C ILE D 328 -57.31 -30.02 -70.79
N ASP D 329 -57.71 -30.21 -72.05
CA ASP D 329 -56.89 -30.88 -73.05
C ASP D 329 -55.60 -30.09 -73.31
N LEU D 330 -55.63 -28.75 -73.18
CA LEU D 330 -54.44 -27.95 -73.34
C LEU D 330 -53.45 -28.18 -72.19
N GLY D 331 -53.96 -28.62 -71.03
CA GLY D 331 -53.11 -28.93 -69.90
C GLY D 331 -53.48 -28.19 -68.61
N PHE D 332 -54.63 -27.50 -68.57
CA PHE D 332 -55.09 -26.88 -67.33
C PHE D 332 -55.66 -27.96 -66.42
N THR D 333 -55.31 -27.88 -65.14
CA THR D 333 -55.64 -28.89 -64.16
C THR D 333 -56.81 -28.44 -63.30
N GLU D 334 -57.14 -27.15 -63.35
CA GLU D 334 -58.33 -26.62 -62.70
C GLU D 334 -58.92 -25.49 -63.54
N ILE D 335 -60.25 -25.41 -63.56
CA ILE D 335 -60.95 -24.34 -64.22
C ILE D 335 -61.93 -23.73 -63.23
N TYR D 336 -61.91 -22.39 -63.13
CA TYR D 336 -62.84 -21.62 -62.34
C TYR D 336 -63.76 -20.87 -63.29
N VAL D 337 -65.06 -21.14 -63.19
CA VAL D 337 -66.04 -20.60 -64.12
C VAL D 337 -66.83 -19.47 -63.46
N HIS D 338 -66.81 -18.32 -64.13
CA HIS D 338 -67.60 -17.14 -63.79
C HIS D 338 -68.72 -17.00 -64.81
N ASN D 339 -69.95 -17.26 -64.40
CA ASN D 339 -71.12 -16.91 -65.19
C ASN D 339 -71.42 -15.44 -64.98
N VAL D 340 -71.49 -14.66 -66.07
CA VAL D 340 -71.58 -13.21 -65.95
C VAL D 340 -72.99 -12.79 -65.57
N GLY D 341 -73.99 -13.63 -65.83
CA GLY D 341 -75.38 -13.27 -65.61
C GLY D 341 -75.73 -13.27 -64.12
N ARG D 342 -76.82 -12.57 -63.78
CA ARG D 342 -77.36 -12.53 -62.43
C ARG D 342 -78.05 -13.84 -62.06
N ASN D 343 -78.22 -14.74 -63.04
CA ASN D 343 -78.89 -16.03 -62.87
C ASN D 343 -77.92 -17.08 -62.32
N GLN D 344 -77.33 -16.80 -61.15
CA GLN D 344 -76.27 -17.63 -60.60
C GLN D 344 -76.82 -19.00 -60.18
N GLU D 345 -77.94 -19.01 -59.48
CA GLU D 345 -78.50 -20.25 -58.99
C GLU D 345 -78.81 -21.19 -60.16
N GLU D 346 -79.41 -20.62 -61.22
CA GLU D 346 -79.86 -21.42 -62.36
C GLU D 346 -78.63 -21.95 -63.11
N PHE D 347 -77.59 -21.10 -63.22
CA PHE D 347 -76.34 -21.49 -63.85
C PHE D 347 -75.71 -22.65 -63.08
N ILE D 348 -75.66 -22.54 -61.76
CA ILE D 348 -75.05 -23.56 -60.92
C ILE D 348 -75.77 -24.90 -61.12
N ARG D 349 -77.10 -24.88 -61.13
CA ARG D 349 -77.87 -26.11 -61.26
C ARG D 349 -77.70 -26.71 -62.66
N ALA D 350 -77.67 -25.85 -63.68
CA ALA D 350 -77.52 -26.29 -65.05
C ALA D 350 -76.14 -26.95 -65.25
N TYR D 351 -75.09 -26.32 -64.74
CA TYR D 351 -73.75 -26.88 -64.85
C TYR D 351 -73.68 -28.20 -64.06
N GLY D 352 -74.28 -28.24 -62.87
CA GLY D 352 -74.25 -29.42 -62.03
C GLY D 352 -74.91 -30.63 -62.71
N ARG D 353 -75.99 -30.37 -63.46
CA ARG D 353 -76.76 -31.40 -64.14
C ARG D 353 -76.10 -31.81 -65.45
N ALA D 354 -75.61 -30.85 -66.24
CA ALA D 354 -75.35 -31.08 -67.67
C ALA D 354 -73.88 -30.93 -68.06
N VAL D 355 -73.04 -30.30 -67.23
CA VAL D 355 -71.67 -30.00 -67.63
C VAL D 355 -70.66 -30.77 -66.78
N ILE D 356 -70.73 -30.58 -65.46
CA ILE D 356 -69.70 -31.10 -64.57
C ILE D 356 -69.56 -32.63 -64.70
N PRO D 357 -70.65 -33.43 -64.70
CA PRO D 357 -70.51 -34.89 -64.80
C PRO D 357 -69.79 -35.37 -66.06
N HIS D 358 -69.78 -34.57 -67.14
CA HIS D 358 -69.26 -35.00 -68.44
C HIS D 358 -67.84 -34.48 -68.69
N LEU D 359 -67.27 -33.67 -67.79
CA LEU D 359 -65.89 -33.23 -67.94
C LEU D 359 -64.95 -34.37 -67.56
N ARG D 360 -63.92 -34.56 -68.40
CA ARG D 360 -62.95 -35.63 -68.20
C ARG D 360 -61.62 -35.04 -67.77
N TRP D 361 -61.29 -35.22 -66.48
CA TRP D 361 -60.04 -34.78 -65.91
C TRP D 361 -59.02 -35.90 -65.93
N PRO D 362 -57.72 -35.62 -66.18
CA PRO D 362 -56.68 -36.63 -65.97
C PRO D 362 -56.70 -37.07 -64.52
N ALA D 363 -56.50 -38.37 -64.29
CA ALA D 363 -56.60 -38.99 -62.98
C ALA D 363 -55.58 -38.42 -61.99
N ASP D 364 -54.40 -38.06 -62.47
CA ASP D 364 -53.33 -37.65 -61.58
C ASP D 364 -53.33 -36.14 -61.26
N ALA D 365 -54.26 -35.37 -61.87
CA ALA D 365 -54.03 -33.95 -62.09
C ALA D 365 -53.83 -33.24 -60.75
N PRO D 366 -52.77 -32.41 -60.62
CA PRO D 366 -52.55 -31.67 -59.38
C PRO D 366 -53.54 -30.54 -59.20
N VAL D 367 -53.94 -30.38 -57.94
CA VAL D 367 -54.92 -29.39 -57.56
C VAL D 367 -54.27 -28.46 -56.54
N ALA D 368 -54.70 -27.19 -56.50
CA ALA D 368 -54.11 -26.21 -55.61
C ALA D 368 -54.50 -26.49 -54.16
N GLN D 369 -53.57 -27.10 -53.42
CA GLN D 369 -53.75 -27.40 -52.00
C GLN D 369 -52.41 -27.76 -51.38
N ALA D 370 -52.29 -27.62 -50.05
CA ALA D 370 -51.03 -27.86 -49.36
C ALA D 370 -50.58 -29.31 -49.49
N MET D 371 -49.25 -29.50 -49.70
CA MET D 371 -48.56 -30.77 -49.95
C MET D 371 -49.39 -31.97 -49.48
N SER E 34 -60.92 41.02 -92.46
CA SER E 34 -61.87 40.55 -91.42
C SER E 34 -62.07 39.04 -91.45
N SER E 35 -61.84 38.37 -92.59
CA SER E 35 -61.86 36.92 -92.70
C SER E 35 -60.62 36.27 -92.09
N ARG E 36 -60.82 35.10 -91.49
CA ARG E 36 -59.79 34.45 -90.69
C ARG E 36 -60.30 33.10 -90.15
N LEU E 37 -59.33 32.28 -89.73
CA LEU E 37 -59.60 31.00 -89.11
C LEU E 37 -58.27 30.48 -88.55
N GLY E 38 -58.36 29.65 -87.51
CA GLY E 38 -57.18 29.04 -86.94
C GLY E 38 -56.90 27.66 -87.53
N TYR E 39 -55.61 27.36 -87.70
CA TYR E 39 -55.14 26.05 -88.11
C TYR E 39 -54.55 25.33 -86.91
N SER E 40 -54.98 24.08 -86.73
CA SER E 40 -54.52 23.26 -85.64
C SER E 40 -53.39 22.36 -86.15
N ALA E 41 -52.18 22.53 -85.58
CA ALA E 41 -51.02 21.78 -85.99
C ALA E 41 -50.87 20.54 -85.10
N SER E 42 -51.12 19.37 -85.70
CA SER E 42 -51.20 18.11 -84.99
C SER E 42 -49.81 17.45 -84.91
N PHE E 43 -49.10 17.73 -83.81
CA PHE E 43 -47.77 17.17 -83.59
C PHE E 43 -47.84 15.66 -83.38
N GLU E 44 -49.01 15.16 -82.98
CA GLU E 44 -49.18 13.72 -82.79
C GLU E 44 -49.00 13.00 -84.13
N GLN E 45 -49.33 13.67 -85.24
CA GLN E 45 -49.44 13.00 -86.52
C GLN E 45 -48.32 13.37 -87.51
N PHE E 46 -47.83 14.61 -87.46
CA PHE E 46 -47.09 15.16 -88.57
C PHE E 46 -45.69 15.60 -88.16
N HIS E 47 -44.74 15.29 -89.04
CA HIS E 47 -43.36 15.70 -88.88
C HIS E 47 -43.33 17.23 -88.76
N PRO E 48 -42.54 17.79 -87.84
CA PRO E 48 -42.47 19.24 -87.66
C PRO E 48 -42.10 20.02 -88.92
N SER E 49 -41.28 19.44 -89.80
CA SER E 49 -40.94 20.12 -91.06
C SER E 49 -42.18 20.26 -91.94
N ASP E 50 -43.05 19.24 -91.96
CA ASP E 50 -44.27 19.28 -92.74
C ASP E 50 -45.22 20.32 -92.13
N LEU E 51 -45.34 20.32 -90.79
CA LEU E 51 -46.19 21.27 -90.11
C LEU E 51 -45.74 22.69 -90.44
N LEU E 52 -44.43 22.92 -90.49
CA LEU E 52 -43.91 24.25 -90.76
C LEU E 52 -44.36 24.70 -92.15
N ARG E 53 -44.16 23.84 -93.16
CA ARG E 53 -44.52 24.18 -94.53
C ARG E 53 -46.03 24.40 -94.64
N TRP E 54 -46.83 23.57 -93.96
CA TRP E 54 -48.27 23.67 -94.07
C TRP E 54 -48.80 24.93 -93.39
N CYS E 55 -48.17 25.36 -92.29
CA CYS E 55 -48.57 26.61 -91.64
C CYS E 55 -48.26 27.78 -92.55
N GLN E 56 -47.13 27.73 -93.26
CA GLN E 56 -46.77 28.78 -94.21
C GLN E 56 -47.82 28.87 -95.32
N LEU E 57 -48.30 27.71 -95.77
CA LEU E 57 -49.33 27.65 -96.79
C LEU E 57 -50.66 28.15 -96.22
N ALA E 58 -50.98 27.72 -94.99
CA ALA E 58 -52.21 28.14 -94.35
C ALA E 58 -52.30 29.66 -94.28
N GLU E 59 -51.16 30.30 -93.97
CA GLU E 59 -51.11 31.76 -93.94
C GLU E 59 -51.47 32.32 -95.31
N GLN E 60 -50.89 31.76 -96.38
CA GLN E 60 -51.19 32.20 -97.73
C GLN E 60 -52.67 32.04 -98.03
N GLU E 61 -53.32 31.02 -97.43
CA GLU E 61 -54.67 30.65 -97.79
C GLU E 61 -55.72 31.32 -96.88
N GLY E 62 -55.30 32.20 -95.96
CA GLY E 62 -56.24 33.00 -95.19
C GLY E 62 -56.36 32.60 -93.72
N PHE E 63 -55.69 31.53 -93.28
CA PHE E 63 -55.63 31.24 -91.85
C PHE E 63 -54.77 32.31 -91.19
N ASP E 64 -55.11 32.70 -89.95
CA ASP E 64 -54.43 33.81 -89.29
C ASP E 64 -53.71 33.39 -88.01
N SER E 65 -53.89 32.14 -87.54
CA SER E 65 -53.28 31.71 -86.30
CA SER E 65 -53.29 31.70 -86.31
C SER E 65 -53.16 30.18 -86.29
N VAL E 66 -52.28 29.72 -85.41
CA VAL E 66 -51.94 28.32 -85.28
C VAL E 66 -52.05 27.91 -83.82
N LEU E 67 -52.65 26.74 -83.61
CA LEU E 67 -52.66 26.08 -82.32
C LEU E 67 -51.75 24.87 -82.44
N ALA E 68 -50.76 24.78 -81.54
CA ALA E 68 -49.76 23.73 -81.60
C ALA E 68 -49.81 22.89 -80.32
N ALA E 69 -50.09 21.60 -80.50
CA ALA E 69 -50.10 20.63 -79.43
C ALA E 69 -48.73 20.54 -78.76
N ASP E 70 -48.71 20.32 -77.44
CA ASP E 70 -47.47 20.12 -76.70
C ASP E 70 -47.48 18.69 -76.16
N HIS E 71 -47.01 17.75 -76.97
CA HIS E 71 -46.99 16.35 -76.61
C HIS E 71 -45.56 15.85 -76.51
N PHE E 72 -45.41 14.74 -75.79
CA PHE E 72 -44.23 13.91 -75.87
C PHE E 72 -44.54 12.66 -76.69
N HIS E 73 -45.78 12.16 -76.58
CA HIS E 73 -46.19 10.96 -77.29
C HIS E 73 -47.43 11.22 -78.13
N PRO E 74 -47.58 10.53 -79.28
CA PRO E 74 -48.84 10.51 -80.02
C PRO E 74 -49.82 9.65 -79.25
N TRP E 75 -51.11 9.75 -79.58
CA TRP E 75 -52.11 8.87 -79.02
C TRP E 75 -51.86 7.43 -79.46
N THR E 76 -51.48 7.25 -80.72
CA THR E 76 -51.27 5.91 -81.27
C THR E 76 -49.97 5.88 -82.07
N PRO E 77 -49.31 4.71 -82.21
CA PRO E 77 -48.16 4.56 -83.10
C PRO E 77 -48.46 4.96 -84.55
N GLU E 78 -49.69 4.70 -85.01
CA GLU E 78 -50.06 4.99 -86.38
C GLU E 78 -50.02 6.51 -86.63
N GLN E 79 -50.27 7.32 -85.60
CA GLN E 79 -50.14 8.75 -85.72
C GLN E 79 -48.67 9.10 -85.93
N GLY E 80 -47.81 8.62 -85.03
CA GLY E 80 -46.41 8.38 -85.35
C GLY E 80 -45.46 9.56 -85.09
N GLN E 81 -45.90 10.65 -84.46
CA GLN E 81 -45.00 11.79 -84.23
C GLN E 81 -45.23 12.43 -82.84
N SER E 82 -44.29 13.30 -82.44
CA SER E 82 -44.43 14.21 -81.31
C SER E 82 -43.21 15.11 -81.21
N GLY E 83 -43.14 16.14 -82.05
CA GLY E 83 -42.06 17.10 -81.98
C GLY E 83 -42.14 17.94 -80.69
N PHE E 84 -40.99 18.49 -80.31
CA PHE E 84 -40.89 19.42 -79.22
C PHE E 84 -41.38 20.79 -79.69
N VAL E 85 -42.56 21.17 -79.20
CA VAL E 85 -43.29 22.29 -79.77
C VAL E 85 -42.51 23.59 -79.62
N TRP E 86 -41.80 23.76 -78.50
CA TRP E 86 -41.19 25.05 -78.20
C TRP E 86 -40.14 25.42 -79.23
N ALA E 87 -39.38 24.44 -79.72
CA ALA E 87 -38.38 24.71 -80.74
C ALA E 87 -39.09 25.06 -82.04
N TRP E 88 -40.10 24.29 -82.40
CA TRP E 88 -40.83 24.50 -83.63
C TRP E 88 -41.45 25.90 -83.67
N LEU E 89 -41.95 26.39 -82.53
CA LEU E 89 -42.64 27.67 -82.52
C LEU E 89 -41.70 28.80 -82.91
N GLY E 90 -40.41 28.67 -82.58
CA GLY E 90 -39.44 29.66 -83.02
C GLY E 90 -39.33 29.73 -84.55
N ALA E 91 -39.38 28.56 -85.19
CA ALA E 91 -39.32 28.47 -86.64
C ALA E 91 -40.58 29.09 -87.25
N LEU E 92 -41.74 28.79 -86.65
CA LEU E 92 -42.99 29.36 -87.12
C LEU E 92 -42.95 30.88 -87.02
N GLY E 93 -42.54 31.36 -85.84
CA GLY E 93 -42.48 32.78 -85.56
C GLY E 93 -41.60 33.51 -86.59
N ALA E 94 -40.47 32.88 -86.95
CA ALA E 94 -39.47 33.58 -87.76
C ALA E 94 -39.81 33.54 -89.24
N THR E 95 -40.74 32.67 -89.68
CA THR E 95 -41.01 32.49 -91.11
C THR E 95 -42.45 32.85 -91.50
N THR E 96 -43.28 33.34 -90.56
CA THR E 96 -44.64 33.73 -90.85
C THR E 96 -44.98 34.97 -90.02
N ARG E 97 -46.19 35.50 -90.23
CA ARG E 97 -46.73 36.57 -89.41
C ARG E 97 -47.96 36.11 -88.63
N LEU E 98 -48.22 34.79 -88.66
CA LEU E 98 -49.34 34.18 -87.95
C LEU E 98 -49.23 34.41 -86.44
N ARG E 99 -50.38 34.50 -85.78
CA ARG E 99 -50.44 34.32 -84.34
C ARG E 99 -50.32 32.82 -84.05
N PHE E 100 -49.89 32.48 -82.84
CA PHE E 100 -49.74 31.07 -82.50
C PHE E 100 -49.75 30.89 -80.99
N GLY E 101 -50.13 29.69 -80.56
CA GLY E 101 -50.15 29.35 -79.15
C GLY E 101 -50.00 27.85 -78.94
N THR E 102 -49.64 27.49 -77.70
CA THR E 102 -49.62 26.11 -77.27
C THR E 102 -51.04 25.70 -76.94
N GLY E 103 -51.41 24.48 -77.37
CA GLY E 103 -52.77 24.01 -77.14
C GLY E 103 -52.79 22.57 -76.65
N VAL E 104 -52.35 22.27 -75.42
CA VAL E 104 -51.86 23.22 -74.43
C VAL E 104 -50.63 22.63 -73.75
N THR E 105 -49.89 23.47 -73.02
CA THR E 105 -48.76 23.03 -72.20
C THR E 105 -49.25 22.76 -70.79
N PRO E 106 -48.85 21.65 -70.14
CA PRO E 106 -49.10 21.46 -68.72
C PRO E 106 -47.93 21.96 -67.87
N PRO E 107 -48.05 23.14 -67.25
CA PRO E 107 -46.95 23.72 -66.50
C PRO E 107 -46.90 23.30 -65.04
N ILE E 108 -47.16 22.01 -64.79
CA ILE E 108 -47.43 21.56 -63.44
C ILE E 108 -46.32 20.65 -62.92
N GLY E 109 -45.16 20.71 -63.55
CA GLY E 109 -43.93 20.21 -62.95
C GLY E 109 -43.62 18.75 -63.28
N PHE E 110 -44.21 18.18 -64.35
CA PHE E 110 -43.84 16.84 -64.79
C PHE E 110 -42.80 17.01 -65.89
N ARG E 111 -43.23 17.13 -67.13
CA ARG E 111 -42.32 17.49 -68.21
C ARG E 111 -41.77 18.91 -68.00
N TYR E 112 -42.59 19.81 -67.45
CA TYR E 112 -42.25 21.23 -67.45
C TYR E 112 -42.51 21.88 -66.09
N HIS E 113 -41.48 22.53 -65.55
CA HIS E 113 -41.62 23.37 -64.37
C HIS E 113 -42.26 24.69 -64.79
N PRO E 114 -43.18 25.28 -64.01
CA PRO E 114 -43.87 26.50 -64.42
C PRO E 114 -42.93 27.66 -64.71
N ALA E 115 -41.80 27.74 -64.00
CA ALA E 115 -40.85 28.82 -64.25
C ALA E 115 -40.28 28.73 -65.66
N ILE E 116 -40.11 27.52 -66.18
CA ILE E 116 -39.54 27.32 -67.51
C ILE E 116 -40.58 27.68 -68.56
N VAL E 117 -41.83 27.28 -68.34
CA VAL E 117 -42.90 27.67 -69.25
C VAL E 117 -42.98 29.20 -69.29
N ALA E 118 -42.85 29.85 -68.14
CA ALA E 118 -42.94 31.29 -68.11
C ALA E 118 -41.83 31.90 -68.97
N GLN E 119 -40.61 31.37 -68.83
CA GLN E 119 -39.47 31.90 -69.56
C GLN E 119 -39.67 31.69 -71.06
N ALA E 120 -40.15 30.49 -71.42
CA ALA E 120 -40.35 30.16 -72.83
C ALA E 120 -41.38 31.09 -73.46
N ALA E 121 -42.49 31.31 -72.73
CA ALA E 121 -43.56 32.17 -73.21
C ALA E 121 -43.05 33.61 -73.37
N ALA E 122 -42.31 34.08 -72.37
CA ALA E 122 -41.80 35.44 -72.42
C ALA E 122 -40.83 35.61 -73.60
N THR E 123 -40.02 34.58 -73.88
CA THR E 123 -39.06 34.68 -74.97
C THR E 123 -39.79 34.76 -76.30
N LEU E 124 -40.79 33.88 -76.49
CA LEU E 124 -41.54 33.87 -77.74
C LEU E 124 -42.21 35.22 -77.96
N GLU E 125 -42.88 35.75 -76.92
CA GLU E 125 -43.59 37.01 -77.09
C GLU E 125 -42.58 38.15 -77.29
N ALA E 126 -41.42 38.08 -76.65
CA ALA E 126 -40.41 39.12 -76.83
C ALA E 126 -39.88 39.12 -78.25
N MET E 127 -39.75 37.93 -78.85
CA MET E 127 -39.25 37.80 -80.21
C MET E 127 -40.33 38.13 -81.23
N PHE E 128 -41.59 37.77 -80.92
CA PHE E 128 -42.69 37.93 -81.86
C PHE E 128 -43.84 38.68 -81.20
N PRO E 129 -43.65 39.97 -80.88
CA PRO E 129 -44.62 40.68 -80.04
C PRO E 129 -45.98 40.75 -80.74
N GLY E 130 -47.04 40.54 -79.93
CA GLY E 130 -48.41 40.59 -80.41
C GLY E 130 -48.88 39.26 -81.01
N ARG E 131 -48.06 38.20 -80.95
CA ARG E 131 -48.35 37.02 -81.76
C ARG E 131 -48.54 35.75 -80.92
N PHE E 132 -48.00 35.69 -79.70
CA PHE E 132 -48.02 34.45 -78.95
C PHE E 132 -49.13 34.50 -77.90
N TRP E 133 -49.79 33.37 -77.70
CA TRP E 133 -50.65 33.18 -76.54
C TRP E 133 -50.27 31.88 -75.84
N LEU E 134 -50.21 31.92 -74.50
CA LEU E 134 -49.75 30.80 -73.70
C LEU E 134 -50.95 29.97 -73.30
N GLY E 135 -51.17 28.86 -73.99
CA GLY E 135 -52.22 27.93 -73.64
C GLY E 135 -51.70 26.87 -72.68
N ILE E 136 -52.40 26.70 -71.55
CA ILE E 136 -52.01 25.78 -70.50
C ILE E 136 -53.19 24.91 -70.09
N GLY E 137 -52.88 23.76 -69.48
CA GLY E 137 -53.88 22.83 -69.00
C GLY E 137 -53.33 21.85 -67.98
N ALA E 138 -54.19 20.93 -67.52
CA ALA E 138 -53.89 20.06 -66.40
C ALA E 138 -53.12 18.81 -66.84
N GLY E 139 -52.99 18.59 -68.13
CA GLY E 139 -52.09 17.59 -68.68
C GLY E 139 -52.72 16.19 -68.73
N GLU E 140 -52.05 15.31 -69.49
CA GLU E 140 -52.44 13.91 -69.59
C GLU E 140 -51.25 13.00 -69.30
N ALA E 141 -51.56 11.84 -68.72
CA ALA E 141 -50.55 10.86 -68.36
C ALA E 141 -49.77 10.44 -69.60
N LEU E 142 -50.45 10.37 -70.75
CA LEU E 142 -49.80 9.99 -72.00
C LEU E 142 -48.45 10.68 -72.15
N ASN E 143 -48.38 11.97 -71.79
CA ASN E 143 -47.15 12.74 -71.94
C ASN E 143 -46.39 12.86 -70.61
N GLU E 144 -47.10 13.01 -69.49
CA GLU E 144 -46.43 13.35 -68.23
C GLU E 144 -45.86 12.12 -67.52
N HIS E 145 -46.33 10.92 -67.85
CA HIS E 145 -45.96 9.74 -67.08
C HIS E 145 -44.50 9.38 -67.24
N ILE E 146 -43.83 9.92 -68.27
CA ILE E 146 -42.47 9.52 -68.58
C ILE E 146 -41.52 9.83 -67.42
N VAL E 147 -41.85 10.82 -66.58
CA VAL E 147 -40.93 11.21 -65.52
C VAL E 147 -41.13 10.38 -64.25
N GLY E 148 -42.09 9.47 -64.25
CA GLY E 148 -42.19 8.46 -63.22
C GLY E 148 -42.65 8.96 -61.86
N ARG E 149 -43.61 9.91 -61.85
CA ARG E 149 -44.09 10.48 -60.59
C ARG E 149 -45.57 10.19 -60.36
N TYR E 150 -45.99 10.37 -59.12
CA TYR E 150 -47.39 10.26 -58.72
C TYR E 150 -48.25 11.13 -59.63
N TRP E 151 -49.31 10.54 -60.19
CA TRP E 151 -50.21 11.25 -61.09
C TRP E 151 -51.53 11.53 -60.37
N PRO E 152 -51.79 12.78 -59.95
CA PRO E 152 -52.98 13.10 -59.17
C PRO E 152 -54.26 13.01 -59.98
N GLU E 153 -55.38 12.82 -59.28
CA GLU E 153 -56.69 12.89 -59.90
C GLU E 153 -56.90 14.27 -60.52
N PRO E 154 -57.81 14.39 -61.52
CA PRO E 154 -58.09 15.68 -62.17
C PRO E 154 -58.28 16.86 -61.22
N ALA E 155 -59.08 16.70 -60.16
CA ALA E 155 -59.36 17.84 -59.29
C ALA E 155 -58.07 18.34 -58.62
N GLU E 156 -57.18 17.41 -58.26
CA GLU E 156 -55.92 17.80 -57.67
C GLU E 156 -55.02 18.48 -58.72
N ARG E 157 -55.04 17.99 -59.96
CA ARG E 157 -54.20 18.60 -60.99
C ARG E 157 -54.68 20.03 -61.27
N ILE E 158 -55.99 20.28 -61.12
CA ILE E 158 -56.53 21.61 -61.25
C ILE E 158 -55.89 22.52 -60.20
N ARG E 159 -55.77 22.02 -58.96
CA ARG E 159 -55.16 22.82 -57.91
C ARG E 159 -53.70 23.09 -58.27
N MET E 160 -53.03 22.12 -58.89
CA MET E 160 -51.66 22.32 -59.32
C MET E 160 -51.61 23.41 -60.39
N LEU E 161 -52.55 23.35 -61.34
CA LEU E 161 -52.59 24.30 -62.44
C LEU E 161 -52.78 25.72 -61.91
N ILE E 162 -53.66 25.88 -60.93
CA ILE E 162 -53.94 27.19 -60.35
C ILE E 162 -52.67 27.75 -59.70
N GLU E 163 -51.90 26.90 -59.00
CA GLU E 163 -50.68 27.35 -58.40
C GLU E 163 -49.66 27.70 -59.49
N ALA E 164 -49.61 26.91 -60.56
CA ALA E 164 -48.69 27.19 -61.65
C ALA E 164 -48.99 28.55 -62.28
N ILE E 165 -50.28 28.87 -62.42
CA ILE E 165 -50.70 30.16 -62.96
C ILE E 165 -50.12 31.29 -62.11
N GLU E 166 -50.19 31.12 -60.80
CA GLU E 166 -49.65 32.08 -59.85
C GLU E 166 -48.15 32.29 -60.13
N VAL E 167 -47.41 31.18 -60.31
CA VAL E 167 -45.98 31.27 -60.54
C VAL E 167 -45.71 32.01 -61.84
N ILE E 168 -46.45 31.66 -62.91
CA ILE E 168 -46.20 32.26 -64.20
C ILE E 168 -46.47 33.78 -64.13
N GLN E 169 -47.59 34.15 -63.48
CA GLN E 169 -47.99 35.54 -63.40
C GLN E 169 -46.98 36.34 -62.59
N LYS E 170 -46.49 35.78 -61.48
CA LYS E 170 -45.47 36.45 -60.70
C LYS E 170 -44.24 36.72 -61.57
N LEU E 171 -43.80 35.70 -62.32
CA LEU E 171 -42.60 35.85 -63.13
C LEU E 171 -42.83 36.89 -64.22
N PHE E 172 -44.05 36.94 -64.75
CA PHE E 172 -44.39 37.89 -65.82
C PHE E 172 -44.35 39.34 -65.33
N THR E 173 -44.32 39.60 -64.01
CA THR E 173 -44.21 40.97 -63.52
C THR E 173 -42.82 41.55 -63.83
N GLY E 174 -41.82 40.70 -64.08
CA GLY E 174 -40.47 41.15 -64.38
C GLY E 174 -39.66 41.49 -63.14
N LYS E 175 -40.19 41.19 -61.94
CA LYS E 175 -39.43 41.39 -60.72
C LYS E 175 -38.76 40.08 -60.30
N VAL E 176 -37.84 40.21 -59.36
CA VAL E 176 -37.30 39.07 -58.63
C VAL E 176 -38.40 38.54 -57.73
N ILE E 177 -38.81 37.30 -57.91
CA ILE E 177 -39.88 36.74 -57.11
C ILE E 177 -39.44 35.43 -56.46
N ARG E 178 -40.11 35.11 -55.36
CA ARG E 178 -39.95 33.89 -54.61
C ARG E 178 -41.35 33.32 -54.44
N HIS E 179 -41.47 31.99 -54.39
CA HIS E 179 -42.76 31.36 -54.26
C HIS E 179 -42.58 30.07 -53.49
N GLU E 180 -43.49 29.85 -52.53
CA GLU E 180 -43.55 28.58 -51.82
C GLU E 180 -45.02 28.24 -51.63
N GLY E 181 -45.50 27.20 -52.31
CA GLY E 181 -46.86 26.73 -52.16
C GLY E 181 -46.88 25.22 -51.94
N VAL E 182 -48.07 24.64 -52.05
CA VAL E 182 -48.21 23.22 -51.83
C VAL E 182 -47.38 22.44 -52.86
N TYR E 183 -47.34 22.89 -54.13
CA TYR E 183 -46.80 22.08 -55.20
C TYR E 183 -45.47 22.60 -55.74
N PHE E 184 -45.20 23.91 -55.67
CA PHE E 184 -44.02 24.45 -56.33
C PHE E 184 -43.21 25.30 -55.36
N LYS E 185 -41.89 25.21 -55.51
CA LYS E 185 -40.97 26.08 -54.80
C LYS E 185 -40.13 26.81 -55.85
N VAL E 186 -40.14 28.14 -55.80
CA VAL E 186 -39.32 28.93 -56.68
C VAL E 186 -38.44 29.82 -55.82
N GLU E 187 -37.13 29.64 -55.95
CA GLU E 187 -36.14 30.51 -55.33
C GLU E 187 -36.02 31.77 -56.18
N SER E 188 -35.39 32.80 -55.62
CA SER E 188 -35.22 34.08 -56.28
C SER E 188 -35.05 33.92 -57.78
N ALA E 189 -36.06 34.36 -58.53
CA ALA E 189 -36.09 34.17 -59.98
C ALA E 189 -36.70 35.40 -60.64
N LYS E 190 -36.10 35.76 -61.78
CA LYS E 190 -36.55 36.91 -62.55
C LYS E 190 -36.40 36.60 -64.04
N LEU E 191 -37.39 37.01 -64.82
CA LEU E 191 -37.31 36.99 -66.28
C LEU E 191 -36.68 38.29 -66.77
N TYR E 192 -35.42 38.23 -67.19
CA TYR E 192 -34.72 39.38 -67.73
C TYR E 192 -35.13 39.66 -69.17
N THR E 193 -35.48 38.60 -69.92
CA THR E 193 -35.96 38.73 -71.28
C THR E 193 -37.48 38.68 -71.25
N MET E 194 -38.09 39.83 -71.52
CA MET E 194 -39.51 40.07 -71.29
CA MET E 194 -39.50 40.07 -71.30
C MET E 194 -40.04 40.93 -72.44
N PRO E 195 -41.25 40.66 -72.96
CA PRO E 195 -41.90 41.63 -73.86
C PRO E 195 -42.35 42.84 -73.06
N ASP E 196 -42.69 43.92 -73.74
CA ASP E 196 -43.24 45.12 -73.11
C ASP E 196 -44.53 44.74 -72.36
N VAL E 197 -45.32 43.85 -72.97
CA VAL E 197 -46.59 43.42 -72.41
C VAL E 197 -46.63 41.89 -72.48
N PRO E 198 -47.03 41.20 -71.39
CA PRO E 198 -47.00 39.75 -71.36
C PRO E 198 -47.97 39.13 -72.34
N PRO E 199 -47.71 37.89 -72.83
CA PRO E 199 -48.68 37.19 -73.67
C PRO E 199 -49.85 36.82 -72.76
N PRO E 200 -51.06 36.68 -73.33
CA PRO E 200 -52.22 36.26 -72.54
C PRO E 200 -52.07 34.79 -72.15
N ILE E 201 -52.59 34.46 -70.98
CA ILE E 201 -52.67 33.09 -70.50
C ILE E 201 -54.06 32.57 -70.80
N ILE E 202 -54.11 31.49 -71.58
CA ILE E 202 -55.33 30.83 -72.00
C ILE E 202 -55.36 29.47 -71.36
N VAL E 203 -56.46 29.10 -70.71
CA VAL E 203 -56.58 27.78 -70.14
C VAL E 203 -57.42 26.90 -71.07
N GLY E 204 -56.87 25.73 -71.41
CA GLY E 204 -57.60 24.69 -72.11
C GLY E 204 -58.25 23.72 -71.15
N THR E 205 -59.58 23.69 -71.13
CA THR E 205 -60.32 22.85 -70.20
C THR E 205 -61.71 22.58 -70.76
N ALA E 206 -62.29 21.46 -70.31
CA ALA E 206 -63.68 21.11 -70.58
C ALA E 206 -64.46 20.99 -69.27
N GLY E 207 -63.84 21.41 -68.15
CA GLY E 207 -64.48 21.34 -66.85
C GLY E 207 -65.17 22.65 -66.47
N PRO E 208 -66.46 22.62 -66.07
CA PRO E 208 -67.15 23.83 -65.60
C PRO E 208 -66.40 24.57 -64.50
N TYR E 209 -65.85 23.84 -63.52
CA TYR E 209 -65.17 24.46 -62.41
C TYR E 209 -63.96 25.27 -62.94
N MET E 210 -63.11 24.62 -63.73
CA MET E 210 -61.89 25.28 -64.19
C MET E 210 -62.21 26.40 -65.19
N ALA E 211 -63.32 26.27 -65.92
CA ALA E 211 -63.74 27.33 -66.83
C ALA E 211 -64.02 28.60 -66.05
N LYS E 212 -64.71 28.48 -64.92
CA LYS E 212 -64.97 29.61 -64.04
C LYS E 212 -63.66 30.21 -63.54
N LYS E 213 -62.75 29.35 -63.08
CA LYS E 213 -61.46 29.79 -62.56
C LYS E 213 -60.66 30.47 -63.66
N THR E 214 -60.79 30.00 -64.90
CA THR E 214 -60.09 30.58 -66.02
C THR E 214 -60.50 32.04 -66.19
N GLY E 215 -61.81 32.29 -66.11
CA GLY E 215 -62.33 33.64 -66.21
C GLY E 215 -61.81 34.51 -65.07
N GLN E 216 -61.74 33.93 -63.87
CA GLN E 216 -61.28 34.66 -62.70
C GLN E 216 -59.80 35.04 -62.79
N LEU E 217 -58.96 34.07 -63.21
CA LEU E 217 -57.52 34.15 -62.96
C LEU E 217 -56.72 34.43 -64.24
N CYS E 218 -57.31 34.14 -65.42
CA CYS E 218 -56.55 34.15 -66.65
C CYS E 218 -57.19 35.08 -67.66
N ASP E 219 -56.74 35.01 -68.91
CA ASP E 219 -57.09 36.00 -69.92
C ASP E 219 -58.07 35.44 -70.95
N GLY E 220 -58.22 34.11 -71.04
CA GLY E 220 -59.11 33.54 -72.03
C GLY E 220 -59.28 32.04 -71.88
N LEU E 221 -60.24 31.49 -72.64
CA LEU E 221 -60.66 30.10 -72.55
C LEU E 221 -60.41 29.41 -73.88
N LEU E 222 -59.90 28.19 -73.81
CA LEU E 222 -59.81 27.27 -74.94
C LEU E 222 -60.52 25.98 -74.53
N THR E 223 -61.43 25.50 -75.37
CA THR E 223 -62.16 24.28 -75.05
C THR E 223 -62.26 23.44 -76.32
N PRO E 224 -62.45 22.10 -76.20
CA PRO E 224 -62.68 21.26 -77.37
C PRO E 224 -64.13 21.30 -77.85
N GLY E 225 -64.32 20.84 -79.09
CA GLY E 225 -65.64 20.65 -79.67
C GLY E 225 -66.48 19.75 -78.79
N ALA E 226 -67.74 20.13 -78.59
CA ALA E 226 -68.68 19.34 -77.82
C ALA E 226 -70.09 19.82 -78.19
N ASN E 227 -71.12 19.19 -77.63
CA ASN E 227 -72.49 19.57 -77.95
C ASN E 227 -72.77 20.97 -77.41
N ASP E 228 -73.87 21.56 -77.91
CA ASP E 228 -74.24 22.93 -77.62
C ASP E 228 -74.40 23.16 -76.11
N GLU E 229 -75.06 22.23 -75.43
CA GLU E 229 -75.33 22.38 -74.01
C GLU E 229 -74.04 22.52 -73.22
N LYS E 230 -73.03 21.69 -73.52
CA LYS E 230 -71.79 21.68 -72.78
C LYS E 230 -71.02 22.97 -73.07
N LEU E 231 -71.00 23.42 -74.33
CA LEU E 231 -70.28 24.62 -74.72
C LEU E 231 -70.91 25.85 -74.05
N ARG E 232 -72.23 25.91 -74.02
CA ARG E 232 -72.92 27.03 -73.39
C ARG E 232 -72.59 27.10 -71.89
N LEU E 233 -72.51 25.94 -71.24
CA LEU E 233 -72.21 25.89 -69.82
C LEU E 233 -70.80 26.43 -69.59
N LEU E 234 -69.83 25.97 -70.38
CA LEU E 234 -68.46 26.40 -70.22
C LEU E 234 -68.33 27.90 -70.47
N LEU E 235 -68.97 28.41 -71.52
CA LEU E 235 -68.96 29.84 -71.80
C LEU E 235 -69.54 30.61 -70.60
N SER E 236 -70.68 30.14 -70.09
CA SER E 236 -71.38 30.83 -69.02
C SER E 236 -70.52 30.84 -67.74
N ARG E 237 -69.88 29.71 -67.44
CA ARG E 237 -69.01 29.61 -66.27
C ARG E 237 -67.84 30.57 -66.39
N PHE E 238 -67.23 30.59 -67.57
CA PHE E 238 -66.12 31.49 -67.85
C PHE E 238 -66.55 32.94 -67.64
N GLU E 239 -67.72 33.32 -68.18
CA GLU E 239 -68.20 34.69 -68.07
C GLU E 239 -68.44 35.06 -66.61
N GLU E 240 -69.08 34.17 -65.85
CA GLU E 240 -69.39 34.37 -64.44
C GLU E 240 -68.10 34.60 -63.65
N GLY E 241 -67.08 33.77 -63.92
CA GLY E 241 -65.81 33.88 -63.23
C GLY E 241 -65.14 35.22 -63.48
N ALA E 242 -65.15 35.65 -64.74
CA ALA E 242 -64.58 36.93 -65.12
C ALA E 242 -65.34 38.07 -64.44
N ARG E 243 -66.66 38.02 -64.47
CA ARG E 243 -67.48 39.09 -63.92
C ARG E 243 -67.27 39.21 -62.41
N ALA E 244 -67.24 38.08 -61.70
CA ALA E 244 -67.04 38.10 -60.26
C ALA E 244 -65.66 38.67 -59.91
N ALA E 245 -64.69 38.62 -60.83
CA ALA E 245 -63.38 39.20 -60.60
C ALA E 245 -63.26 40.62 -61.16
N GLY E 246 -64.39 41.23 -61.56
CA GLY E 246 -64.39 42.62 -62.03
C GLY E 246 -63.91 42.79 -63.48
N LYS E 247 -63.81 41.70 -64.23
CA LYS E 247 -63.32 41.76 -65.61
C LYS E 247 -64.49 41.81 -66.58
N ASP E 248 -64.23 42.28 -67.81
CA ASP E 248 -65.22 42.31 -68.88
C ASP E 248 -65.00 41.13 -69.82
N PRO E 249 -65.83 40.06 -69.74
CA PRO E 249 -65.62 38.87 -70.57
C PRO E 249 -65.82 39.05 -72.07
N ARG E 250 -66.46 40.15 -72.46
CA ARG E 250 -66.69 40.46 -73.86
C ARG E 250 -65.37 40.78 -74.56
N ARG E 251 -64.34 41.17 -73.78
CA ARG E 251 -63.03 41.51 -74.35
C ARG E 251 -62.03 40.36 -74.14
N MET E 252 -62.50 39.21 -73.68
CA MET E 252 -61.63 38.08 -73.39
C MET E 252 -61.88 36.99 -74.43
N PRO E 253 -60.83 36.40 -75.02
CA PRO E 253 -61.01 35.39 -76.05
C PRO E 253 -61.72 34.14 -75.54
N ARG E 254 -62.62 33.61 -76.36
CA ARG E 254 -63.25 32.32 -76.14
C ARG E 254 -62.98 31.48 -77.38
N MET E 255 -62.11 30.49 -77.22
CA MET E 255 -61.51 29.79 -78.32
C MET E 255 -61.97 28.34 -78.27
N ILE E 256 -62.18 27.76 -79.46
CA ILE E 256 -62.57 26.36 -79.52
C ILE E 256 -61.68 25.65 -80.53
N GLN E 257 -61.28 24.42 -80.18
CA GLN E 257 -60.50 23.56 -81.05
C GLN E 257 -61.41 22.42 -81.53
N VAL E 258 -61.59 22.30 -82.84
CA VAL E 258 -62.48 21.31 -83.40
C VAL E 258 -61.70 20.37 -84.30
N HIS E 259 -62.19 19.14 -84.38
CA HIS E 259 -61.63 18.11 -85.22
C HIS E 259 -62.61 17.84 -86.35
N VAL E 260 -62.13 17.91 -87.59
CA VAL E 260 -62.94 17.62 -88.74
C VAL E 260 -62.19 16.60 -89.60
N SER E 261 -62.94 15.98 -90.52
CA SER E 261 -62.35 15.16 -91.57
C SER E 261 -62.97 15.58 -92.90
N TRP E 262 -62.17 16.31 -93.68
CA TRP E 262 -62.52 16.61 -95.06
C TRP E 262 -61.68 15.73 -95.97
N ALA E 263 -62.31 15.25 -97.05
CA ALA E 263 -61.65 14.48 -98.09
C ALA E 263 -62.50 14.56 -99.35
N GLU E 264 -62.04 13.87 -100.41
CA GLU E 264 -62.65 14.01 -101.72
C GLU E 264 -64.04 13.37 -101.70
N THR E 265 -64.22 12.31 -100.88
CA THR E 265 -65.53 11.69 -100.70
C THR E 265 -65.82 11.54 -99.20
N ASP E 266 -67.11 11.40 -98.89
CA ASP E 266 -67.55 11.09 -97.54
C ASP E 266 -66.87 9.82 -97.04
N GLU E 267 -66.79 8.80 -97.92
CA GLU E 267 -66.25 7.51 -97.53
C GLU E 267 -64.80 7.68 -97.05
N GLN E 268 -63.99 8.47 -97.80
CA GLN E 268 -62.60 8.68 -97.43
C GLN E 268 -62.51 9.49 -96.13
N ALA E 269 -63.45 10.42 -95.93
CA ALA E 269 -63.44 11.25 -94.74
C ALA E 269 -63.66 10.40 -93.49
N ILE E 270 -64.58 9.44 -93.61
CA ILE E 270 -64.90 8.53 -92.52
C ILE E 270 -63.69 7.65 -92.23
N GLU E 271 -63.10 7.08 -93.29
CA GLU E 271 -61.97 6.18 -93.14
C GLU E 271 -60.79 6.89 -92.49
N ASN E 272 -60.55 8.14 -92.90
CA ASN E 272 -59.46 8.95 -92.37
C ASN E 272 -59.62 9.14 -90.86
N ALA E 273 -60.85 9.39 -90.40
CA ALA E 273 -61.09 9.61 -88.97
C ALA E 273 -60.79 8.33 -88.18
N LEU E 274 -61.29 7.18 -88.65
CA LEU E 274 -61.06 5.89 -87.99
C LEU E 274 -59.56 5.57 -87.90
N ARG E 275 -58.83 5.78 -88.99
CA ARG E 275 -57.45 5.36 -89.09
C ARG E 275 -56.55 6.31 -88.31
N GLU E 276 -56.80 7.61 -88.40
CA GLU E 276 -55.86 8.63 -87.94
C GLU E 276 -56.20 9.13 -86.53
N TRP E 277 -57.48 9.11 -86.15
CA TRP E 277 -57.91 9.83 -84.96
C TRP E 277 -58.97 9.05 -84.18
N PRO E 278 -58.72 7.76 -83.87
CA PRO E 278 -59.72 6.98 -83.14
C PRO E 278 -59.99 7.54 -81.74
N ASN E 279 -59.01 8.26 -81.19
CA ASN E 279 -59.16 8.92 -79.91
C ASN E 279 -60.31 9.93 -79.96
N GLY E 280 -60.61 10.45 -81.16
CA GLY E 280 -61.76 11.31 -81.37
C GLY E 280 -63.08 10.59 -81.11
N GLY E 281 -63.09 9.24 -81.19
CA GLY E 281 -64.30 8.48 -80.94
C GLY E 281 -64.33 7.87 -79.54
N MET E 282 -63.43 8.35 -78.67
CA MET E 282 -63.34 7.85 -77.31
C MET E 282 -63.95 8.88 -76.36
N ALA E 283 -65.27 8.79 -76.19
CA ALA E 283 -66.03 9.71 -75.35
C ALA E 283 -65.97 9.23 -73.90
N PHE E 284 -64.79 9.37 -73.31
CA PHE E 284 -64.53 8.96 -71.94
C PHE E 284 -63.25 9.63 -71.48
N PRO E 285 -63.00 9.75 -70.16
CA PRO E 285 -61.82 10.48 -69.67
C PRO E 285 -60.57 9.70 -70.05
N LYS E 286 -59.57 10.40 -70.61
CA LYS E 286 -58.40 9.75 -71.18
C LYS E 286 -57.11 10.14 -70.45
N GLY E 287 -57.22 10.90 -69.37
CA GLY E 287 -56.08 11.57 -68.78
C GLY E 287 -55.16 10.66 -67.96
N ASP E 288 -55.58 9.41 -67.71
CA ASP E 288 -54.81 8.46 -66.91
C ASP E 288 -54.09 7.42 -67.76
N ILE E 289 -54.37 7.37 -69.07
CA ILE E 289 -53.84 6.32 -69.93
C ILE E 289 -52.43 6.68 -70.39
N ARG E 290 -51.49 5.75 -70.16
CA ARG E 290 -50.07 6.07 -70.21
C ARG E 290 -49.46 5.91 -71.60
N ASN E 291 -49.85 4.89 -72.36
CA ASN E 291 -49.06 4.46 -73.50
C ASN E 291 -49.82 4.59 -74.82
N PRO E 292 -49.12 4.98 -75.91
CA PRO E 292 -49.71 4.87 -77.24
C PRO E 292 -50.31 3.50 -77.55
N GLU E 293 -49.65 2.44 -77.07
CA GLU E 293 -50.11 1.07 -77.29
C GLU E 293 -51.45 0.83 -76.59
N ASP E 294 -51.72 1.54 -75.49
CA ASP E 294 -52.99 1.40 -74.78
C ASP E 294 -54.11 1.98 -75.65
N PHE E 295 -53.94 3.21 -76.12
CA PHE E 295 -54.93 3.83 -77.00
C PHE E 295 -55.09 3.00 -78.27
N GLN E 296 -53.99 2.46 -78.77
CA GLN E 296 -54.02 1.66 -79.99
C GLN E 296 -54.94 0.45 -79.81
N ALA E 297 -54.85 -0.22 -78.66
CA ALA E 297 -55.69 -1.38 -78.41
C ALA E 297 -57.15 -0.93 -78.20
N MET E 298 -57.35 0.22 -77.56
CA MET E 298 -58.69 0.74 -77.34
C MET E 298 -59.32 1.16 -78.66
N ALA E 299 -58.50 1.61 -79.62
CA ALA E 299 -58.97 2.08 -80.92
C ALA E 299 -59.75 1.00 -81.65
N ARG E 300 -59.43 -0.28 -81.40
CA ARG E 300 -60.07 -1.39 -82.09
C ARG E 300 -61.57 -1.41 -81.81
N LEU E 301 -62.04 -0.72 -80.77
CA LEU E 301 -63.46 -0.66 -80.43
C LEU E 301 -64.18 0.48 -81.15
N VAL E 302 -63.44 1.45 -81.69
CA VAL E 302 -64.07 2.67 -82.16
C VAL E 302 -64.71 2.44 -83.53
N ARG E 303 -65.93 2.97 -83.69
CA ARG E 303 -66.70 2.88 -84.92
C ARG E 303 -67.16 4.29 -85.31
N PRO E 304 -67.59 4.51 -86.57
CA PRO E 304 -68.04 5.84 -87.01
C PRO E 304 -69.05 6.55 -86.11
N GLU E 305 -70.02 5.80 -85.57
CA GLU E 305 -71.04 6.37 -84.69
C GLU E 305 -70.42 7.17 -83.55
N HIS E 306 -69.27 6.72 -83.02
CA HIS E 306 -68.68 7.27 -81.81
C HIS E 306 -68.12 8.67 -82.02
N PHE E 307 -68.03 9.11 -83.27
CA PHE E 307 -67.48 10.42 -83.61
C PHE E 307 -68.56 11.52 -83.68
N GLN E 308 -69.85 11.19 -83.53
CA GLN E 308 -70.88 12.21 -83.73
C GLN E 308 -70.73 13.29 -82.66
N GLY E 309 -70.68 14.56 -83.12
CA GLY E 309 -70.50 15.71 -82.26
C GLY E 309 -69.04 15.97 -81.89
N ARG E 310 -68.12 15.10 -82.33
CA ARG E 310 -66.72 15.17 -81.93
C ARG E 310 -65.84 15.37 -83.17
N VAL E 311 -66.26 14.80 -84.32
CA VAL E 311 -65.52 14.91 -85.55
C VAL E 311 -66.52 14.94 -86.71
N LEU E 312 -66.57 16.07 -87.41
CA LEU E 312 -67.39 16.19 -88.59
C LEU E 312 -66.70 15.51 -89.77
N MET E 313 -67.39 14.55 -90.40
CA MET E 313 -66.79 13.74 -91.45
C MET E 313 -67.59 13.89 -92.72
N THR E 314 -67.15 14.76 -93.63
CA THR E 314 -67.85 14.96 -94.90
C THR E 314 -66.96 15.69 -95.90
N SER E 315 -67.22 15.44 -97.19
CA SER E 315 -66.56 16.12 -98.30
C SER E 315 -67.26 17.44 -98.62
N ASP E 316 -68.45 17.64 -98.04
CA ASP E 316 -69.28 18.80 -98.34
C ASP E 316 -68.77 20.01 -97.58
N LEU E 317 -68.13 20.94 -98.29
CA LEU E 317 -67.49 22.10 -97.67
C LEU E 317 -68.54 23.10 -97.19
N ASP E 318 -69.75 23.08 -97.76
CA ASP E 318 -70.82 23.91 -97.24
C ASP E 318 -71.14 23.49 -95.80
N ARG E 319 -71.10 22.19 -95.49
CA ARG E 319 -71.44 21.67 -94.18
C ARG E 319 -70.34 22.02 -93.18
N HIS E 320 -69.09 22.04 -93.64
CA HIS E 320 -67.97 22.52 -92.83
C HIS E 320 -68.22 23.98 -92.45
N GLY E 321 -68.62 24.79 -93.44
CA GLY E 321 -68.89 26.21 -93.22
C GLY E 321 -69.97 26.44 -92.17
N GLU E 322 -71.09 25.72 -92.28
CA GLU E 322 -72.23 25.87 -91.36
C GLU E 322 -71.83 25.43 -89.96
N PHE E 323 -71.08 24.33 -89.87
CA PHE E 323 -70.62 23.81 -88.59
C PHE E 323 -69.80 24.87 -87.86
N LEU E 324 -68.89 25.54 -88.58
CA LEU E 324 -68.01 26.54 -87.99
C LEU E 324 -68.79 27.79 -87.64
N GLN E 325 -69.68 28.23 -88.54
CA GLN E 325 -70.49 29.41 -88.33
C GLN E 325 -71.32 29.27 -87.06
N HIS E 326 -71.89 28.07 -86.84
CA HIS E 326 -72.69 27.78 -85.65
C HIS E 326 -71.88 28.07 -84.39
N LEU E 327 -70.59 27.72 -84.39
CA LEU E 327 -69.75 27.90 -83.21
C LEU E 327 -69.48 29.38 -82.98
N ILE E 328 -69.31 30.15 -84.07
CA ILE E 328 -69.17 31.60 -83.95
C ILE E 328 -70.42 32.17 -83.30
N ASP E 329 -71.58 31.69 -83.77
CA ASP E 329 -72.88 32.17 -83.32
C ASP E 329 -73.08 31.87 -81.83
N LEU E 330 -72.49 30.78 -81.32
CA LEU E 330 -72.58 30.45 -79.90
C LEU E 330 -71.78 31.43 -79.06
N GLY E 331 -70.79 32.09 -79.66
CA GLY E 331 -70.01 33.13 -78.99
C GLY E 331 -68.51 32.87 -78.97
N PHE E 332 -68.01 31.86 -79.73
CA PHE E 332 -66.59 31.62 -79.84
C PHE E 332 -66.00 32.69 -80.77
N THR E 333 -64.86 33.24 -80.36
CA THR E 333 -64.23 34.35 -81.03
C THR E 333 -63.06 33.87 -81.87
N GLU E 334 -62.62 32.63 -81.65
CA GLU E 334 -61.62 31.99 -82.49
C GLU E 334 -61.93 30.49 -82.58
N ILE E 335 -61.68 29.93 -83.76
CA ILE E 335 -61.80 28.49 -83.98
C ILE E 335 -60.49 27.99 -84.58
N TYR E 336 -59.96 26.91 -84.00
CA TYR E 336 -58.79 26.23 -84.50
C TYR E 336 -59.24 24.88 -85.05
N VAL E 337 -58.98 24.65 -86.34
CA VAL E 337 -59.49 23.48 -87.02
C VAL E 337 -58.35 22.49 -87.25
N HIS E 338 -58.58 21.26 -86.76
CA HIS E 338 -57.71 20.12 -87.00
C HIS E 338 -58.41 19.18 -87.99
N ASN E 339 -57.88 19.10 -89.21
CA ASN E 339 -58.27 18.08 -90.14
C ASN E 339 -57.52 16.79 -89.80
N VAL E 340 -58.25 15.69 -89.57
CA VAL E 340 -57.64 14.49 -89.05
C VAL E 340 -56.87 13.75 -90.16
N GLY E 341 -57.22 13.99 -91.43
CA GLY E 341 -56.61 13.26 -92.52
C GLY E 341 -55.17 13.71 -92.78
N ARG E 342 -54.42 12.85 -93.49
CA ARG E 342 -53.06 13.14 -93.91
C ARG E 342 -53.02 14.15 -95.06
N ASN E 343 -54.20 14.46 -95.62
CA ASN E 343 -54.36 15.35 -96.76
C ASN E 343 -54.40 16.81 -96.30
N GLN E 344 -53.34 17.25 -95.62
CA GLN E 344 -53.31 18.57 -94.99
C GLN E 344 -53.28 19.67 -96.04
N GLU E 345 -52.42 19.53 -97.04
CA GLU E 345 -52.28 20.56 -98.06
C GLU E 345 -53.62 20.77 -98.76
N GLU E 346 -54.30 19.66 -99.09
CA GLU E 346 -55.54 19.72 -99.86
C GLU E 346 -56.63 20.34 -99.00
N PHE E 347 -56.64 19.98 -97.71
CA PHE E 347 -57.59 20.52 -96.75
C PHE E 347 -57.40 22.03 -96.64
N ILE E 348 -56.15 22.47 -96.49
CA ILE E 348 -55.85 23.88 -96.34
C ILE E 348 -56.35 24.66 -97.56
N ARG E 349 -56.10 24.14 -98.77
CA ARG E 349 -56.49 24.86 -99.98
C ARG E 349 -58.01 24.88 -100.13
N ALA E 350 -58.66 23.77 -99.77
CA ALA E 350 -60.11 23.68 -99.85
C ALA E 350 -60.78 24.66 -98.89
N TYR E 351 -60.29 24.73 -97.65
CA TYR E 351 -60.83 25.66 -96.66
C TYR E 351 -60.57 27.10 -97.12
N GLY E 352 -59.37 27.35 -97.66
CA GLY E 352 -59.00 28.69 -98.10
C GLY E 352 -59.91 29.20 -99.21
N ARG E 353 -60.32 28.30 -100.11
CA ARG E 353 -61.14 28.62 -101.27
C ARG E 353 -62.62 28.70 -100.88
N ALA E 354 -63.12 27.77 -100.05
CA ALA E 354 -64.55 27.51 -99.97
C ALA E 354 -65.15 27.81 -98.59
N VAL E 355 -64.33 27.89 -97.53
CA VAL E 355 -64.85 28.00 -96.18
C VAL E 355 -64.52 29.35 -95.55
N ILE E 356 -63.22 29.67 -95.48
CA ILE E 356 -62.78 30.84 -94.74
C ILE E 356 -63.44 32.13 -95.25
N PRO E 357 -63.49 32.39 -96.58
CA PRO E 357 -64.10 33.63 -97.07
C PRO E 357 -65.56 33.84 -96.67
N HIS E 358 -66.29 32.75 -96.36
CA HIS E 358 -67.72 32.81 -96.10
C HIS E 358 -68.05 32.83 -94.59
N LEU E 359 -67.05 32.71 -93.72
CA LEU E 359 -67.29 32.81 -92.29
C LEU E 359 -67.51 34.27 -91.90
N ARG E 360 -68.54 34.52 -91.07
CA ARG E 360 -68.89 35.85 -90.64
C ARG E 360 -68.55 36.01 -89.16
N TRP E 361 -67.48 36.76 -88.88
CA TRP E 361 -67.05 37.06 -87.53
C TRP E 361 -67.62 38.39 -87.08
N PRO E 362 -68.06 38.57 -85.81
CA PRO E 362 -68.37 39.91 -85.30
C PRO E 362 -67.12 40.78 -85.40
N ALA E 363 -67.31 42.05 -85.77
CA ALA E 363 -66.22 42.96 -86.09
C ALA E 363 -65.31 43.23 -84.90
N ASP E 364 -65.88 43.27 -83.70
CA ASP E 364 -65.11 43.67 -82.53
C ASP E 364 -64.46 42.48 -81.80
N ALA E 365 -64.64 41.25 -82.31
CA ALA E 365 -64.38 40.05 -81.52
C ALA E 365 -62.94 40.04 -81.00
N PRO E 366 -62.73 39.78 -79.70
CA PRO E 366 -61.38 39.71 -79.13
C PRO E 366 -60.64 38.45 -79.59
N VAL E 367 -59.36 38.65 -79.86
CA VAL E 367 -58.49 37.61 -80.33
C VAL E 367 -57.37 37.43 -79.32
N ALA E 368 -56.83 36.22 -79.19
CA ALA E 368 -55.79 35.93 -78.21
C ALA E 368 -54.48 36.57 -78.62
N GLN E 369 -54.17 37.71 -77.99
CA GLN E 369 -52.93 38.45 -78.22
C GLN E 369 -52.77 39.48 -77.11
N ALA E 370 -51.54 39.92 -76.87
CA ALA E 370 -51.24 40.87 -75.80
C ALA E 370 -51.92 42.21 -76.05
N MET E 371 -52.49 42.84 -74.99
CA MET E 371 -52.77 44.28 -74.95
C MET E 371 -51.57 45.01 -75.57
N SER F 34 -10.76 25.21 -96.00
CA SER F 34 -11.98 26.01 -96.26
C SER F 34 -12.35 26.86 -95.02
N SER F 35 -12.57 28.16 -95.24
CA SER F 35 -12.61 29.16 -94.16
C SER F 35 -13.91 29.12 -93.38
N ARG F 36 -13.80 29.39 -92.08
CA ARG F 36 -14.91 29.22 -91.15
C ARG F 36 -14.50 29.63 -89.73
N LEU F 37 -15.51 29.84 -88.88
CA LEU F 37 -15.34 30.15 -87.47
C LEU F 37 -16.72 30.10 -86.83
N GLY F 38 -16.75 29.81 -85.53
CA GLY F 38 -17.98 29.80 -84.77
C GLY F 38 -18.26 31.14 -84.10
N TYR F 39 -19.55 31.51 -84.07
CA TYR F 39 -20.04 32.67 -83.34
C TYR F 39 -20.73 32.20 -82.07
N SER F 40 -20.36 32.84 -80.96
CA SER F 40 -20.93 32.53 -79.66
C SER F 40 -22.04 33.53 -79.36
N ALA F 41 -23.28 33.04 -79.23
CA ALA F 41 -24.44 33.87 -78.98
C ALA F 41 -24.71 33.98 -77.48
N SER F 42 -24.45 35.17 -76.94
CA SER F 42 -24.48 35.41 -75.50
C SER F 42 -25.89 35.82 -75.05
N PHE F 43 -26.68 34.82 -74.63
CA PHE F 43 -28.04 35.04 -74.16
C PHE F 43 -28.04 35.84 -72.86
N GLU F 44 -26.93 35.79 -72.12
CA GLU F 44 -26.83 36.55 -70.88
C GLU F 44 -26.92 38.05 -71.16
N GLN F 45 -26.48 38.48 -72.36
CA GLN F 45 -26.30 39.89 -72.63
C GLN F 45 -27.32 40.46 -73.61
N PHE F 46 -27.77 39.66 -74.59
CA PHE F 46 -28.41 40.22 -75.77
C PHE F 46 -29.81 39.67 -75.96
N HIS F 47 -30.71 40.58 -76.34
CA HIS F 47 -32.07 40.23 -76.66
C HIS F 47 -32.05 39.19 -77.77
N PRO F 48 -32.88 38.13 -77.68
CA PRO F 48 -32.91 37.10 -78.71
C PRO F 48 -33.15 37.59 -80.13
N SER F 49 -33.93 38.67 -80.30
CA SER F 49 -34.14 39.23 -81.63
C SER F 49 -32.84 39.77 -82.21
N ASP F 50 -32.02 40.40 -81.36
CA ASP F 50 -30.74 40.93 -81.79
C ASP F 50 -29.80 39.78 -82.13
N LEU F 51 -29.78 38.74 -81.29
CA LEU F 51 -28.95 37.57 -81.55
C LEU F 51 -29.33 36.94 -82.89
N LEU F 52 -30.62 36.90 -83.19
CA LEU F 52 -31.08 36.29 -84.43
C LEU F 52 -30.50 37.07 -85.62
N ARG F 53 -30.66 38.39 -85.60
CA ARG F 53 -30.18 39.24 -86.69
C ARG F 53 -28.65 39.12 -86.83
N TRP F 54 -27.94 39.09 -85.69
CA TRP F 54 -26.49 39.05 -85.73
C TRP F 54 -25.98 37.72 -86.26
N CYS F 55 -26.67 36.61 -85.94
CA CYS F 55 -26.28 35.31 -86.46
C CYS F 55 -26.47 35.29 -87.99
N GLN F 56 -27.55 35.91 -88.47
CA GLN F 56 -27.81 35.99 -89.90
C GLN F 56 -26.68 36.76 -90.59
N LEU F 57 -26.22 37.83 -89.94
CA LEU F 57 -25.10 38.61 -90.46
C LEU F 57 -23.81 37.80 -90.40
N ALA F 58 -23.59 37.11 -89.28
CA ALA F 58 -22.39 36.31 -89.10
C ALA F 58 -22.28 35.28 -90.23
N GLU F 59 -23.40 34.67 -90.61
CA GLU F 59 -23.41 33.74 -91.73
C GLU F 59 -22.91 34.43 -92.99
N GLN F 60 -23.43 35.63 -93.27
CA GLN F 60 -23.03 36.38 -94.45
C GLN F 60 -21.53 36.68 -94.40
N GLU F 61 -20.97 36.84 -93.19
CA GLU F 61 -19.61 37.29 -93.02
C GLU F 61 -18.61 36.13 -92.89
N GLY F 62 -19.07 34.88 -93.02
CA GLY F 62 -18.15 33.74 -93.10
C GLY F 62 -18.16 32.84 -91.85
N PHE F 63 -18.90 33.20 -90.80
CA PHE F 63 -19.07 32.28 -89.69
C PHE F 63 -19.95 31.12 -90.18
N ASP F 64 -19.69 29.90 -89.68
CA ASP F 64 -20.38 28.71 -90.17
C ASP F 64 -21.21 28.03 -89.08
N SER F 65 -21.10 28.44 -87.81
CA SER F 65 -21.80 27.78 -86.74
C SER F 65 -21.98 28.72 -85.55
N VAL F 66 -22.95 28.36 -84.70
CA VAL F 66 -23.35 29.16 -83.56
C VAL F 66 -23.37 28.29 -82.32
N LEU F 67 -22.83 28.84 -81.24
CA LEU F 67 -22.95 28.26 -79.91
C LEU F 67 -23.88 29.15 -79.11
N ALA F 68 -24.93 28.55 -78.55
CA ALA F 68 -25.96 29.29 -77.84
C ALA F 68 -26.04 28.82 -76.38
N ALA F 69 -25.79 29.76 -75.49
CA ALA F 69 -25.91 29.55 -74.05
C ALA F 69 -27.34 29.15 -73.66
N ASP F 70 -27.47 28.26 -72.67
CA ASP F 70 -28.76 27.86 -72.14
C ASP F 70 -28.87 28.34 -70.71
N HIS F 71 -29.32 29.59 -70.54
CA HIS F 71 -29.42 30.20 -69.23
C HIS F 71 -30.87 30.48 -68.88
N PHE F 72 -31.11 30.62 -67.57
CA PHE F 72 -32.31 31.25 -67.06
C PHE F 72 -31.99 32.66 -66.58
N HIS F 73 -30.79 32.85 -66.02
CA HIS F 73 -30.36 34.15 -65.51
C HIS F 73 -29.05 34.58 -66.15
N PRO F 74 -28.83 35.90 -66.32
CA PRO F 74 -27.51 36.42 -66.67
C PRO F 74 -26.62 36.35 -65.44
N TRP F 75 -25.31 36.48 -65.65
CA TRP F 75 -24.38 36.55 -64.53
C TRP F 75 -24.64 37.82 -63.71
N THR F 76 -24.93 38.94 -64.38
CA THR F 76 -25.17 40.21 -63.69
C THR F 76 -26.40 40.89 -64.27
N PRO F 77 -27.09 41.75 -63.49
CA PRO F 77 -28.17 42.58 -64.02
C PRO F 77 -27.76 43.44 -65.22
N GLU F 78 -26.50 43.91 -65.21
CA GLU F 78 -26.03 44.79 -66.28
C GLU F 78 -25.99 44.03 -67.61
N GLN F 79 -25.78 42.71 -67.57
CA GLN F 79 -25.84 41.92 -68.78
C GLN F 79 -27.28 41.90 -69.29
N GLY F 80 -28.23 41.53 -68.42
CA GLY F 80 -29.60 41.99 -68.55
C GLY F 80 -30.52 41.08 -69.37
N GLN F 81 -30.08 39.88 -69.79
CA GLN F 81 -30.95 39.03 -70.60
C GLN F 81 -30.81 37.55 -70.22
N SER F 82 -31.74 36.72 -70.73
CA SER F 82 -31.67 35.27 -70.71
C SER F 82 -32.88 34.68 -71.43
N GLY F 83 -32.83 34.68 -72.76
CA GLY F 83 -33.88 34.05 -73.54
C GLY F 83 -33.87 32.53 -73.38
N PHE F 84 -35.03 31.91 -73.63
CA PHE F 84 -35.17 30.47 -73.68
C PHE F 84 -34.59 29.97 -74.99
N VAL F 85 -33.43 29.31 -74.90
CA VAL F 85 -32.62 29.04 -76.07
C VAL F 85 -33.36 28.12 -77.04
N TRP F 86 -34.15 27.18 -76.53
CA TRP F 86 -34.73 26.15 -77.37
C TRP F 86 -35.69 26.75 -78.41
N ALA F 87 -36.44 27.78 -78.01
CA ALA F 87 -37.35 28.44 -78.94
C ALA F 87 -36.53 29.21 -79.98
N TRP F 88 -35.51 29.93 -79.52
CA TRP F 88 -34.68 30.72 -80.40
C TRP F 88 -34.02 29.85 -81.46
N LEU F 89 -33.59 28.63 -81.08
CA LEU F 89 -32.86 27.80 -82.01
C LEU F 89 -33.72 27.43 -83.21
N GLY F 90 -35.02 27.29 -83.00
CA GLY F 90 -35.93 27.04 -84.11
C GLY F 90 -35.92 28.18 -85.13
N ALA F 91 -35.87 29.42 -84.62
CA ALA F 91 -35.82 30.60 -85.46
C ALA F 91 -34.50 30.64 -86.24
N LEU F 92 -33.40 30.33 -85.55
CA LEU F 92 -32.09 30.28 -86.18
C LEU F 92 -32.10 29.24 -87.30
N GLY F 93 -32.58 28.05 -86.97
CA GLY F 93 -32.62 26.95 -87.90
C GLY F 93 -33.39 27.31 -89.18
N ALA F 94 -34.51 28.02 -89.00
CA ALA F 94 -35.41 28.25 -90.11
C ALA F 94 -34.97 29.42 -91.00
N THR F 95 -34.03 30.26 -90.54
CA THR F 95 -33.67 31.47 -91.27
C THR F 95 -32.19 31.50 -91.67
N THR F 96 -31.42 30.43 -91.41
CA THR F 96 -30.02 30.36 -91.79
C THR F 96 -29.71 28.92 -92.22
N ARG F 97 -28.47 28.70 -92.67
CA ARG F 97 -27.96 27.37 -92.94
C ARG F 97 -26.81 27.02 -92.00
N LEU F 98 -26.58 27.85 -90.98
CA LEU F 98 -25.55 27.65 -89.98
C LEU F 98 -25.76 26.33 -89.22
N ARG F 99 -24.66 25.72 -88.79
CA ARG F 99 -24.71 24.73 -87.75
C ARG F 99 -24.90 25.45 -86.41
N PHE F 100 -25.44 24.74 -85.42
CA PHE F 100 -25.66 25.38 -84.12
C PHE F 100 -25.78 24.32 -83.04
N GLY F 101 -25.47 24.73 -81.80
CA GLY F 101 -25.58 23.85 -80.66
C GLY F 101 -25.80 24.61 -79.37
N THR F 102 -26.28 23.91 -78.34
CA THR F 102 -26.38 24.44 -77.01
C THR F 102 -24.99 24.40 -76.37
N GLY F 103 -24.63 25.47 -75.68
CA GLY F 103 -23.31 25.54 -75.06
C GLY F 103 -23.37 26.07 -73.63
N VAL F 104 -23.90 25.31 -72.67
CA VAL F 104 -24.44 23.97 -72.82
C VAL F 104 -25.74 23.86 -72.02
N THR F 105 -26.52 22.81 -72.26
CA THR F 105 -27.71 22.51 -71.50
C THR F 105 -27.35 21.55 -70.38
N PRO F 106 -27.84 21.77 -69.13
CA PRO F 106 -27.72 20.77 -68.08
C PRO F 106 -28.93 19.85 -68.03
N PRO F 107 -28.82 18.61 -68.55
CA PRO F 107 -29.96 17.70 -68.62
C PRO F 107 -30.13 16.85 -67.38
N ILE F 108 -29.93 17.44 -66.20
CA ILE F 108 -29.77 16.66 -64.98
C ILE F 108 -30.94 16.89 -64.03
N GLY F 109 -32.06 17.40 -64.56
CA GLY F 109 -33.35 17.28 -63.88
C GLY F 109 -33.68 18.47 -62.97
N PHE F 110 -33.04 19.64 -63.15
CA PHE F 110 -33.43 20.84 -62.42
C PHE F 110 -34.38 21.61 -63.31
N ARG F 111 -33.85 22.51 -64.14
CA ARG F 111 -34.67 23.14 -65.16
C ARG F 111 -35.18 22.10 -66.17
N TYR F 112 -34.38 21.06 -66.48
CA TYR F 112 -34.68 20.20 -67.60
C TYR F 112 -34.49 18.71 -67.24
N HIS F 113 -35.54 17.92 -67.49
CA HIS F 113 -35.45 16.48 -67.39
C HIS F 113 -34.73 15.95 -68.64
N PRO F 114 -33.85 14.94 -68.53
CA PRO F 114 -33.09 14.48 -69.69
C PRO F 114 -33.95 14.00 -70.85
N ALA F 115 -35.13 13.43 -70.55
CA ALA F 115 -36.02 12.98 -71.62
C ALA F 115 -36.48 14.15 -72.49
N ILE F 116 -36.66 15.33 -71.88
CA ILE F 116 -37.13 16.50 -72.61
C ILE F 116 -35.99 17.06 -73.46
N VAL F 117 -34.78 17.09 -72.91
CA VAL F 117 -33.63 17.50 -73.69
C VAL F 117 -33.48 16.58 -74.90
N ALA F 118 -33.68 15.28 -74.70
CA ALA F 118 -33.54 14.33 -75.79
C ALA F 118 -34.56 14.66 -76.89
N GLN F 119 -35.80 14.93 -76.48
CA GLN F 119 -36.86 15.20 -77.44
C GLN F 119 -36.54 16.49 -78.19
N ALA F 120 -36.10 17.51 -77.47
CA ALA F 120 -35.80 18.81 -78.07
C ALA F 120 -34.69 18.66 -79.11
N ALA F 121 -33.63 17.91 -78.74
CA ALA F 121 -32.50 17.71 -79.62
C ALA F 121 -32.94 16.95 -80.88
N ALA F 122 -33.73 15.90 -80.68
CA ALA F 122 -34.20 15.10 -81.81
C ALA F 122 -35.07 15.94 -82.75
N THR F 123 -35.90 16.84 -82.19
CA THR F 123 -36.77 17.65 -83.01
C THR F 123 -35.93 18.61 -83.86
N LEU F 124 -34.95 19.28 -83.22
CA LEU F 124 -34.12 20.22 -83.94
C LEU F 124 -33.37 19.52 -85.07
N GLU F 125 -32.78 18.36 -84.78
CA GLU F 125 -32.02 17.66 -85.80
C GLU F 125 -32.96 17.14 -86.90
N ALA F 126 -34.18 16.73 -86.52
CA ALA F 126 -35.13 16.25 -87.51
C ALA F 126 -35.54 17.38 -88.46
N MET F 127 -35.67 18.60 -87.92
CA MET F 127 -36.08 19.76 -88.69
C MET F 127 -34.90 20.29 -89.52
N PHE F 128 -33.69 20.23 -88.96
CA PHE F 128 -32.51 20.83 -89.58
C PHE F 128 -31.39 19.79 -89.67
N PRO F 129 -31.55 18.73 -90.47
CA PRO F 129 -30.63 17.59 -90.43
C PRO F 129 -29.21 18.04 -90.80
N GLY F 130 -28.23 17.51 -90.07
CA GLY F 130 -26.83 17.79 -90.30
C GLY F 130 -26.35 19.07 -89.62
N ARG F 131 -27.22 19.73 -88.82
CA ARG F 131 -26.91 21.09 -88.38
C ARG F 131 -26.81 21.24 -86.87
N PHE F 132 -27.46 20.36 -86.10
CA PHE F 132 -27.55 20.56 -84.66
C PHE F 132 -26.52 19.67 -83.95
N TRP F 133 -25.92 20.20 -82.89
CA TRP F 133 -25.16 19.38 -81.97
C TRP F 133 -25.64 19.68 -80.55
N LEU F 134 -25.80 18.63 -79.75
CA LEU F 134 -26.36 18.73 -78.42
C LEU F 134 -25.22 18.89 -77.43
N GLY F 135 -24.99 20.12 -76.98
CA GLY F 135 -23.99 20.38 -75.96
C GLY F 135 -24.63 20.32 -74.57
N ILE F 136 -24.02 19.52 -73.69
CA ILE F 136 -24.53 19.31 -72.34
C ILE F 136 -23.41 19.50 -71.33
N GLY F 137 -23.79 19.77 -70.08
CA GLY F 137 -22.85 19.95 -68.99
C GLY F 137 -23.52 19.82 -67.62
N ALA F 138 -22.73 20.02 -66.56
CA ALA F 138 -23.14 19.73 -65.20
C ALA F 138 -23.94 20.87 -64.57
N GLY F 139 -23.98 22.03 -65.23
CA GLY F 139 -24.86 23.12 -64.87
C GLY F 139 -24.31 24.00 -63.75
N GLU F 140 -24.96 25.17 -63.58
CA GLU F 140 -24.61 26.11 -62.53
C GLU F 140 -25.84 26.49 -61.71
N ALA F 141 -25.61 26.76 -60.42
CA ALA F 141 -26.67 27.13 -59.52
C ALA F 141 -27.40 28.38 -60.01
N LEU F 142 -26.64 29.29 -60.64
CA LEU F 142 -27.20 30.52 -61.17
C LEU F 142 -28.52 30.25 -61.90
N ASN F 143 -28.57 29.18 -62.68
CA ASN F 143 -29.75 28.84 -63.46
C ASN F 143 -30.61 27.77 -62.77
N GLU F 144 -29.98 26.78 -62.12
CA GLU F 144 -30.72 25.61 -61.65
C GLU F 144 -31.40 25.86 -60.31
N HIS F 145 -30.94 26.85 -59.55
CA HIS F 145 -31.41 27.00 -58.17
C HIS F 145 -32.88 27.42 -58.11
N ILE F 146 -33.44 27.90 -59.22
CA ILE F 146 -34.78 28.43 -59.19
C ILE F 146 -35.81 27.36 -58.78
N VAL F 147 -35.50 26.08 -59.00
CA VAL F 147 -36.48 25.03 -58.72
C VAL F 147 -36.41 24.56 -57.26
N GLY F 148 -35.48 25.11 -56.48
CA GLY F 148 -35.49 24.91 -55.05
C GLY F 148 -35.11 23.51 -54.56
N ARG F 149 -34.12 22.88 -55.22
CA ARG F 149 -33.71 21.53 -54.84
C ARG F 149 -32.26 21.51 -54.39
N TYR F 150 -31.90 20.42 -53.68
CA TYR F 150 -30.55 20.15 -53.25
C TYR F 150 -29.60 20.27 -54.44
N TRP F 151 -28.53 21.04 -54.26
CA TRP F 151 -27.54 21.26 -55.30
C TRP F 151 -26.28 20.47 -54.98
N PRO F 152 -26.00 19.35 -55.69
CA PRO F 152 -24.86 18.49 -55.36
C PRO F 152 -23.53 19.15 -55.68
N GLU F 153 -22.47 18.66 -55.01
CA GLU F 153 -21.11 19.04 -55.37
C GLU F 153 -20.81 18.67 -56.82
N PRO F 154 -19.84 19.34 -57.47
CA PRO F 154 -19.47 19.04 -58.86
C PRO F 154 -19.31 17.56 -59.20
N ALA F 155 -18.58 16.80 -58.37
CA ALA F 155 -18.32 15.41 -58.70
C ALA F 155 -19.63 14.63 -58.74
N GLU F 156 -20.57 14.95 -57.85
CA GLU F 156 -21.86 14.27 -57.87
C GLU F 156 -22.65 14.70 -59.11
N ARG F 157 -22.57 15.96 -59.50
CA ARG F 157 -23.32 16.41 -60.67
C ARG F 157 -22.78 15.72 -61.93
N ILE F 158 -21.47 15.41 -61.94
CA ILE F 158 -20.87 14.66 -63.03
C ILE F 158 -21.55 13.29 -63.11
N ARG F 159 -21.76 12.63 -61.96
CA ARG F 159 -22.41 11.33 -61.96
C ARG F 159 -23.83 11.49 -62.51
N MET F 160 -24.50 12.61 -62.19
CA MET F 160 -25.83 12.85 -62.70
C MET F 160 -25.78 13.01 -64.22
N LEU F 161 -24.77 13.74 -64.70
CA LEU F 161 -24.63 14.01 -66.13
C LEU F 161 -24.41 12.69 -66.89
N ILE F 162 -23.60 11.80 -66.33
CA ILE F 162 -23.32 10.52 -66.95
C ILE F 162 -24.60 9.70 -67.06
N GLU F 163 -25.45 9.72 -66.03
CA GLU F 163 -26.71 8.99 -66.09
C GLU F 163 -27.62 9.67 -67.12
N ALA F 164 -27.62 10.99 -67.18
CA ALA F 164 -28.46 11.68 -68.16
C ALA F 164 -28.06 11.32 -69.58
N ILE F 165 -26.75 11.17 -69.82
CA ILE F 165 -26.25 10.77 -71.13
C ILE F 165 -26.85 9.42 -71.51
N GLU F 166 -26.89 8.50 -70.54
CA GLU F 166 -27.46 7.18 -70.74
C GLU F 166 -28.92 7.32 -71.17
N VAL F 167 -29.67 8.18 -70.49
CA VAL F 167 -31.09 8.36 -70.79
C VAL F 167 -31.23 8.90 -72.21
N ILE F 168 -30.45 9.93 -72.56
CA ILE F 168 -30.57 10.55 -73.87
C ILE F 168 -30.24 9.53 -74.96
N GLN F 169 -29.17 8.76 -74.75
CA GLN F 169 -28.74 7.79 -75.76
C GLN F 169 -29.77 6.69 -75.94
N LYS F 170 -30.37 6.22 -74.85
CA LYS F 170 -31.44 5.22 -74.96
C LYS F 170 -32.58 5.79 -75.79
N LEU F 171 -32.99 7.02 -75.51
CA LEU F 171 -34.11 7.60 -76.22
C LEU F 171 -33.75 7.80 -77.69
N PHE F 172 -32.48 8.12 -77.98
CA PHE F 172 -32.04 8.35 -79.34
C PHE F 172 -32.07 7.06 -80.18
N THR F 173 -32.20 5.87 -79.57
CA THR F 173 -32.32 4.63 -80.33
C THR F 173 -33.65 4.59 -81.09
N GLY F 174 -34.64 5.35 -80.64
CA GLY F 174 -35.95 5.37 -81.30
C GLY F 174 -36.86 4.22 -80.85
N LYS F 175 -36.44 3.46 -79.85
CA LYS F 175 -37.27 2.40 -79.30
C LYS F 175 -38.00 2.92 -78.07
N VAL F 176 -38.99 2.13 -77.63
CA VAL F 176 -39.62 2.30 -76.34
C VAL F 176 -38.61 1.89 -75.29
N ILE F 177 -38.24 2.81 -74.40
CA ILE F 177 -37.25 2.50 -73.40
C ILE F 177 -37.80 2.82 -72.00
N ARG F 178 -37.22 2.13 -71.02
CA ARG F 178 -37.47 2.33 -69.61
C ARG F 178 -36.10 2.52 -68.97
N HIS F 179 -36.05 3.31 -67.90
CA HIS F 179 -34.79 3.57 -67.22
C HIS F 179 -35.07 3.77 -65.74
N GLU F 180 -34.24 3.12 -64.91
CA GLU F 180 -34.26 3.36 -63.49
C GLU F 180 -32.82 3.38 -63.00
N GLY F 181 -32.35 4.55 -62.58
CA GLY F 181 -31.01 4.68 -62.02
C GLY F 181 -31.06 5.45 -60.70
N VAL F 182 -29.90 5.86 -60.23
CA VAL F 182 -29.80 6.58 -58.97
C VAL F 182 -30.58 7.89 -59.07
N TYR F 183 -30.51 8.58 -60.22
CA TYR F 183 -31.01 9.95 -60.30
C TYR F 183 -32.27 10.10 -61.13
N PHE F 184 -32.50 9.23 -62.13
CA PHE F 184 -33.61 9.44 -63.06
C PHE F 184 -34.45 8.18 -63.17
N LYS F 185 -35.76 8.39 -63.32
CA LYS F 185 -36.70 7.32 -63.60
C LYS F 185 -37.44 7.73 -64.87
N VAL F 186 -37.41 6.85 -65.87
CA VAL F 186 -38.13 7.06 -67.10
C VAL F 186 -39.05 5.86 -67.31
N GLU F 187 -40.35 6.15 -67.36
CA GLU F 187 -41.34 5.15 -67.71
C GLU F 187 -41.36 5.02 -69.24
N SER F 188 -41.99 3.95 -69.74
CA SER F 188 -42.04 3.66 -71.16
C SER F 188 -42.12 4.94 -71.98
N ALA F 189 -41.04 5.23 -72.71
CA ALA F 189 -40.91 6.45 -73.48
C ALA F 189 -40.22 6.19 -74.80
N LYS F 190 -40.71 6.86 -75.84
CA LYS F 190 -40.17 6.74 -77.17
C LYS F 190 -40.23 8.09 -77.88
N LEU F 191 -39.15 8.41 -78.61
CA LEU F 191 -39.11 9.56 -79.48
C LEU F 191 -39.64 9.16 -80.85
N TYR F 192 -40.87 9.59 -81.17
CA TYR F 192 -41.47 9.29 -82.46
C TYR F 192 -40.92 10.24 -83.54
N THR F 193 -40.56 11.47 -83.15
CA THR F 193 -40.00 12.43 -84.08
C THR F 193 -38.49 12.42 -83.92
N MET F 194 -37.81 11.87 -84.92
N MET F 194 -37.81 11.87 -84.92
CA MET F 194 -36.42 11.46 -84.84
CA MET F 194 -36.42 11.46 -84.84
C MET F 194 -35.77 11.75 -86.20
C MET F 194 -35.77 11.75 -86.19
N PRO F 195 -34.52 12.25 -86.25
CA PRO F 195 -33.80 12.29 -87.52
C PRO F 195 -33.36 10.87 -87.87
N ASP F 196 -32.94 10.65 -89.13
CA ASP F 196 -32.41 9.36 -89.53
C ASP F 196 -31.19 9.02 -88.68
N VAL F 197 -30.37 10.05 -88.39
CA VAL F 197 -29.16 9.89 -87.62
C VAL F 197 -29.17 10.91 -86.49
N PRO F 198 -28.89 10.48 -85.24
CA PRO F 198 -28.99 11.37 -84.08
C PRO F 198 -27.96 12.49 -84.16
N PRO F 199 -28.23 13.66 -83.53
CA PRO F 199 -27.23 14.71 -83.44
C PRO F 199 -26.14 14.21 -82.51
N PRO F 200 -24.89 14.69 -82.66
CA PRO F 200 -23.82 14.30 -81.75
C PRO F 200 -24.06 14.92 -80.38
N ILE F 201 -23.64 14.18 -79.35
CA ILE F 201 -23.62 14.68 -77.99
C ILE F 201 -22.22 15.18 -77.68
N ILE F 202 -22.16 16.47 -77.33
CA ILE F 202 -20.92 17.16 -76.99
C ILE F 202 -21.00 17.52 -75.52
N VAL F 203 -19.95 17.20 -74.75
CA VAL F 203 -19.93 17.58 -73.36
C VAL F 203 -19.04 18.82 -73.20
N GLY F 204 -19.60 19.84 -72.54
CA GLY F 204 -18.84 21.01 -72.12
C GLY F 204 -18.31 20.82 -70.71
N THR F 205 -16.98 20.77 -70.58
CA THR F 205 -16.35 20.53 -69.30
C THR F 205 -14.92 21.08 -69.34
N ALA F 206 -14.40 21.40 -68.15
CA ALA F 206 -13.02 21.77 -67.94
C ALA F 206 -12.35 20.80 -66.97
N GLY F 207 -13.03 19.69 -66.65
CA GLY F 207 -12.51 18.69 -65.72
C GLY F 207 -11.81 17.55 -66.47
N PRO F 208 -10.56 17.21 -66.11
CA PRO F 208 -9.88 16.05 -66.71
C PRO F 208 -10.69 14.76 -66.66
N TYR F 209 -11.34 14.48 -65.52
CA TYR F 209 -12.08 13.26 -65.37
C TYR F 209 -13.22 13.21 -66.40
N MET F 210 -14.02 14.26 -66.47
CA MET F 210 -15.19 14.27 -67.34
C MET F 210 -14.76 14.33 -68.82
N ALA F 211 -13.59 14.94 -69.09
CA ALA F 211 -13.07 14.96 -70.45
C ALA F 211 -12.82 13.54 -70.94
N LYS F 212 -12.23 12.70 -70.08
CA LYS F 212 -11.99 11.30 -70.40
C LYS F 212 -13.32 10.60 -70.65
N LYS F 213 -14.29 10.82 -69.76
CA LYS F 213 -15.59 10.19 -69.87
C LYS F 213 -16.29 10.64 -71.15
N THR F 214 -16.07 11.90 -71.54
CA THR F 214 -16.67 12.43 -72.75
C THR F 214 -16.19 11.63 -73.95
N GLY F 215 -14.88 11.37 -74.01
CA GLY F 215 -14.31 10.58 -75.08
C GLY F 215 -14.89 9.17 -75.09
N GLN F 216 -15.07 8.60 -73.91
CA GLN F 216 -15.59 7.24 -73.78
C GLN F 216 -17.04 7.14 -74.23
N LEU F 217 -17.89 8.09 -73.81
CA LEU F 217 -19.34 7.92 -73.83
C LEU F 217 -20.02 8.78 -74.88
N CYS F 218 -19.37 9.84 -75.35
CA CYS F 218 -20.03 10.85 -76.17
C CYS F 218 -19.27 11.03 -77.47
N ASP F 219 -19.64 12.07 -78.22
CA ASP F 219 -19.19 12.22 -79.60
C ASP F 219 -18.13 13.34 -79.73
N GLY F 220 -18.02 14.23 -78.75
CA GLY F 220 -17.07 15.32 -78.85
C GLY F 220 -16.96 16.14 -77.57
N LEU F 221 -15.95 17.02 -77.54
CA LEU F 221 -15.59 17.80 -76.37
C LEU F 221 -15.76 19.29 -76.68
N LEU F 222 -16.31 20.03 -75.72
CA LEU F 222 -16.34 21.48 -75.73
C LEU F 222 -15.72 21.94 -74.42
N THR F 223 -14.75 22.88 -74.50
CA THR F 223 -14.09 23.35 -73.30
C THR F 223 -13.91 24.86 -73.42
N PRO F 224 -13.76 25.60 -72.30
CA PRO F 224 -13.46 27.02 -72.35
C PRO F 224 -11.98 27.30 -72.59
N GLY F 225 -11.70 28.54 -73.00
CA GLY F 225 -10.36 29.06 -73.11
C GLY F 225 -9.60 28.89 -71.81
N ALA F 226 -8.34 28.46 -71.91
CA ALA F 226 -7.48 28.30 -70.74
C ALA F 226 -6.05 28.25 -71.24
N ASN F 227 -5.07 28.16 -70.34
CA ASN F 227 -3.67 28.10 -70.75
C ASN F 227 -3.40 26.79 -71.48
N ASP F 228 -2.25 26.76 -72.18
CA ASP F 228 -1.87 25.65 -73.03
C ASP F 228 -1.83 24.34 -72.26
N GLU F 229 -1.24 24.36 -71.06
CA GLU F 229 -1.07 23.16 -70.26
C GLU F 229 -2.42 22.50 -69.97
N LYS F 230 -3.42 23.31 -69.58
CA LYS F 230 -4.72 22.79 -69.20
C LYS F 230 -5.44 22.25 -70.43
N LEU F 231 -5.33 22.95 -71.56
CA LEU F 231 -5.99 22.52 -72.80
C LEU F 231 -5.40 21.20 -73.29
N ARG F 232 -4.07 21.07 -73.22
CA ARG F 232 -3.40 19.85 -73.65
C ARG F 232 -3.85 18.67 -72.79
N LEU F 233 -4.01 18.89 -71.49
CA LEU F 233 -4.43 17.84 -70.58
C LEU F 233 -5.84 17.38 -70.94
N LEU F 234 -6.75 18.33 -71.17
CA LEU F 234 -8.12 17.99 -71.50
C LEU F 234 -8.19 17.24 -72.83
N LEU F 235 -7.44 17.72 -73.83
CA LEU F 235 -7.40 17.02 -75.12
C LEU F 235 -6.89 15.61 -74.92
N SER F 236 -5.80 15.45 -74.16
CA SER F 236 -5.17 14.16 -73.96
C SER F 236 -6.13 13.20 -73.25
N ARG F 237 -6.83 13.69 -72.23
CA ARG F 237 -7.78 12.87 -71.48
C ARG F 237 -8.92 12.43 -72.39
N PHE F 238 -9.44 13.35 -73.20
CA PHE F 238 -10.49 13.04 -74.14
C PHE F 238 -10.04 11.97 -75.12
N GLU F 239 -8.82 12.09 -75.65
CA GLU F 239 -8.30 11.15 -76.62
C GLU F 239 -8.16 9.75 -76.00
N GLU F 240 -7.60 9.70 -74.78
CA GLU F 240 -7.39 8.46 -74.05
C GLU F 240 -8.73 7.75 -73.83
N GLY F 241 -9.75 8.52 -73.42
CA GLY F 241 -11.06 7.96 -73.17
C GLY F 241 -11.67 7.34 -74.43
N ALA F 242 -11.55 8.06 -75.54
CA ALA F 242 -12.04 7.58 -76.82
C ALA F 242 -11.31 6.31 -77.23
N ARG F 243 -9.98 6.31 -77.11
CA ARG F 243 -9.17 5.17 -77.54
C ARG F 243 -9.50 3.93 -76.70
N ALA F 244 -9.63 4.09 -75.39
CA ALA F 244 -9.94 2.96 -74.52
C ALA F 244 -11.32 2.40 -74.84
N ALA F 245 -12.22 3.19 -75.46
CA ALA F 245 -13.52 2.69 -75.85
C ALA F 245 -13.54 2.23 -77.32
N GLY F 246 -12.37 2.12 -77.97
CA GLY F 246 -12.29 1.60 -79.33
C GLY F 246 -12.65 2.63 -80.41
N LYS F 247 -12.74 3.92 -80.04
CA LYS F 247 -13.12 4.96 -80.99
C LYS F 247 -11.87 5.63 -81.54
N ASP F 248 -12.01 6.31 -82.69
CA ASP F 248 -10.94 7.08 -83.30
C ASP F 248 -11.13 8.56 -82.96
N PRO F 249 -10.33 9.13 -82.04
CA PRO F 249 -10.51 10.53 -81.62
C PRO F 249 -10.19 11.58 -82.68
N ARG F 250 -9.48 11.17 -83.74
CA ARG F 250 -9.15 12.07 -84.83
C ARG F 250 -10.40 12.47 -85.61
N ARG F 251 -11.47 11.66 -85.51
CA ARG F 251 -12.71 11.95 -86.21
C ARG F 251 -13.76 12.55 -85.26
N MET F 252 -13.37 12.89 -84.03
CA MET F 252 -14.30 13.41 -83.04
C MET F 252 -14.00 14.89 -82.82
N PRO F 253 -15.03 15.76 -82.81
CA PRO F 253 -14.80 17.20 -82.63
C PRO F 253 -14.16 17.54 -81.29
N ARG F 254 -13.22 18.48 -81.33
CA ARG F 254 -12.65 19.09 -80.15
C ARG F 254 -12.85 20.59 -80.28
N MET F 255 -13.77 21.12 -79.48
CA MET F 255 -14.31 22.46 -79.67
C MET F 255 -13.89 23.30 -78.48
N ILE F 256 -13.61 24.58 -78.73
CA ILE F 256 -13.27 25.50 -77.67
C ILE F 256 -14.09 26.77 -77.81
N GLN F 257 -14.56 27.28 -76.67
CA GLN F 257 -15.28 28.53 -76.59
C GLN F 257 -14.39 29.57 -75.94
N VAL F 258 -14.11 30.67 -76.66
CA VAL F 258 -13.23 31.71 -76.15
C VAL F 258 -13.99 33.02 -76.03
N HIS F 259 -13.53 33.84 -75.08
CA HIS F 259 -14.06 35.17 -74.87
C HIS F 259 -13.01 36.18 -75.30
N VAL F 260 -13.40 37.11 -76.17
CA VAL F 260 -12.51 38.17 -76.60
C VAL F 260 -13.22 39.50 -76.41
N SER F 261 -12.43 40.58 -76.45
CA SER F 261 -12.95 41.93 -76.51
C SER F 261 -12.23 42.66 -77.63
N TRP F 262 -12.93 42.86 -78.74
CA TRP F 262 -12.47 43.73 -79.80
C TRP F 262 -13.26 45.02 -79.75
N ALA F 263 -12.56 46.13 -80.01
CA ALA F 263 -13.16 47.44 -80.11
C ALA F 263 -12.22 48.35 -80.89
N GLU F 264 -12.61 49.61 -81.07
CA GLU F 264 -11.90 50.52 -81.94
C GLU F 264 -10.53 50.85 -81.34
N THR F 265 -10.44 50.87 -80.00
CA THR F 265 -9.18 51.07 -79.30
C THR F 265 -9.02 50.00 -78.22
N ASP F 266 -7.76 49.78 -77.82
CA ASP F 266 -7.45 48.91 -76.69
C ASP F 266 -8.21 49.36 -75.45
N GLU F 267 -8.25 50.67 -75.21
CA GLU F 267 -8.86 51.23 -74.02
C GLU F 267 -10.34 50.80 -73.96
N GLN F 268 -11.06 50.92 -75.09
CA GLN F 268 -12.47 50.56 -75.15
C GLN F 268 -12.64 49.05 -74.96
N ALA F 269 -11.69 48.26 -75.49
CA ALA F 269 -11.77 46.80 -75.39
C ALA F 269 -11.67 46.38 -73.93
N ILE F 270 -10.77 47.04 -73.19
CA ILE F 270 -10.58 46.75 -71.77
C ILE F 270 -11.84 47.14 -71.01
N GLU F 271 -12.37 48.34 -71.27
CA GLU F 271 -13.54 48.85 -70.56
C GLU F 271 -14.74 47.94 -70.81
N ASN F 272 -14.89 47.47 -72.05
CA ASN F 272 -16.00 46.59 -72.43
C ASN F 272 -15.96 45.31 -71.61
N ALA F 273 -14.77 44.73 -71.43
CA ALA F 273 -14.63 43.50 -70.68
C ALA F 273 -15.03 43.70 -69.22
N LEU F 274 -14.53 44.77 -68.59
CA LEU F 274 -14.86 45.08 -67.20
C LEU F 274 -16.36 45.27 -66.99
N ARG F 275 -17.00 46.01 -67.90
CA ARG F 275 -18.39 46.42 -67.73
C ARG F 275 -19.31 45.23 -68.04
N GLU F 276 -19.01 44.47 -69.09
CA GLU F 276 -19.94 43.50 -69.65
C GLU F 276 -19.70 42.09 -69.14
N TRP F 277 -18.47 41.75 -68.79
CA TRP F 277 -18.10 40.36 -68.58
C TRP F 277 -17.14 40.21 -67.40
N PRO F 278 -17.44 40.80 -66.23
CA PRO F 278 -16.54 40.69 -65.08
C PRO F 278 -16.35 39.24 -64.62
N ASN F 279 -17.35 38.40 -64.92
CA ASN F 279 -17.26 36.97 -64.60
C ASN F 279 -16.08 36.34 -65.33
N GLY F 280 -15.67 36.93 -66.46
CA GLY F 280 -14.49 36.51 -67.17
C GLY F 280 -13.21 36.72 -66.35
N GLY F 281 -13.24 37.63 -65.36
CA GLY F 281 -12.09 37.87 -64.52
C GLY F 281 -12.19 37.18 -63.16
N MET F 282 -13.14 36.23 -63.05
CA MET F 282 -13.36 35.50 -61.81
C MET F 282 -12.78 34.10 -61.97
N ALA F 283 -11.47 33.98 -61.66
CA ALA F 283 -10.76 32.72 -61.80
C ALA F 283 -10.96 31.92 -60.50
N PHE F 284 -12.19 31.41 -60.35
CA PHE F 284 -12.57 30.63 -59.19
C PHE F 284 -13.86 29.89 -59.53
N PRO F 285 -14.21 28.81 -58.80
CA PRO F 285 -15.38 28.00 -59.18
C PRO F 285 -16.65 28.82 -58.92
N LYS F 286 -17.56 28.84 -59.90
CA LYS F 286 -18.71 29.73 -59.88
C LYS F 286 -20.03 28.96 -59.83
N GLY F 287 -19.97 27.63 -59.72
CA GLY F 287 -21.13 26.80 -59.94
C GLY F 287 -22.12 26.78 -58.78
N ASP F 288 -21.76 27.35 -57.62
CA ASP F 288 -22.62 27.34 -56.45
C ASP F 288 -23.31 28.69 -56.21
N ILE F 289 -22.94 29.72 -56.98
CA ILE F 289 -23.44 31.07 -56.73
C ILE F 289 -24.80 31.25 -57.38
N ARG F 290 -25.78 31.69 -56.60
CA ARG F 290 -27.19 31.57 -56.99
C ARG F 290 -27.70 32.77 -57.77
N ASN F 291 -27.28 33.99 -57.42
CA ASN F 291 -28.00 35.18 -57.86
C ASN F 291 -27.15 36.09 -58.74
N PRO F 292 -27.74 36.73 -59.76
CA PRO F 292 -27.05 37.80 -60.49
C PRO F 292 -26.48 38.87 -59.57
N GLU F 293 -27.22 39.19 -58.50
CA GLU F 293 -26.78 40.22 -57.54
C GLU F 293 -25.51 39.77 -56.81
N ASP F 294 -25.29 38.45 -56.66
CA ASP F 294 -24.10 37.95 -56.00
C ASP F 294 -22.89 38.21 -56.91
N PHE F 295 -22.98 37.81 -58.18
CA PHE F 295 -21.92 38.07 -59.13
C PHE F 295 -21.68 39.57 -59.28
N GLN F 296 -22.77 40.35 -59.26
CA GLN F 296 -22.68 41.78 -59.42
C GLN F 296 -21.81 42.37 -58.31
N ALA F 297 -22.01 41.92 -57.07
CA ALA F 297 -21.22 42.42 -55.96
C ALA F 297 -19.78 41.95 -56.06
N MET F 298 -19.58 40.71 -56.53
CA MET F 298 -18.24 40.15 -56.70
C MET F 298 -17.49 40.90 -57.81
N ALA F 299 -18.23 41.37 -58.82
CA ALA F 299 -17.66 42.07 -59.96
C ALA F 299 -16.86 43.31 -59.53
N ARG F 300 -17.25 43.93 -58.41
CA ARG F 300 -16.61 45.15 -57.93
C ARG F 300 -15.13 44.89 -57.61
N LEU F 301 -14.72 43.64 -57.46
CA LEU F 301 -13.32 43.30 -57.18
C LEU F 301 -12.51 43.11 -58.47
N VAL F 302 -13.17 42.95 -59.62
CA VAL F 302 -12.46 42.51 -60.82
C VAL F 302 -11.71 43.70 -61.44
N ARG F 303 -10.47 43.44 -61.86
CA ARG F 303 -9.61 44.42 -62.50
C ARG F 303 -9.06 43.80 -63.79
N PRO F 304 -8.53 44.63 -64.74
CA PRO F 304 -8.00 44.11 -66.00
C PRO F 304 -7.04 42.92 -65.91
N GLU F 305 -6.13 42.95 -64.93
CA GLU F 305 -5.17 41.87 -64.72
C GLU F 305 -5.85 40.50 -64.67
N HIS F 306 -7.05 40.43 -64.08
CA HIS F 306 -7.70 39.16 -63.78
C HIS F 306 -8.20 38.45 -65.04
N PHE F 307 -8.18 39.15 -66.18
CA PHE F 307 -8.65 38.61 -67.44
C PHE F 307 -7.53 37.93 -68.25
N GLN F 308 -6.26 37.99 -67.81
CA GLN F 308 -5.20 37.47 -68.66
C GLN F 308 -5.37 35.97 -68.83
N GLY F 309 -5.34 35.53 -70.11
CA GLY F 309 -5.53 34.13 -70.48
C GLY F 309 -7.01 33.72 -70.55
N ARG F 310 -7.92 34.64 -70.20
CA ARG F 310 -9.34 34.32 -70.11
C ARG F 310 -10.13 35.17 -71.11
N VAL F 311 -9.65 36.41 -71.37
CA VAL F 311 -10.29 37.32 -72.31
C VAL F 311 -9.20 38.16 -72.97
N LEU F 312 -9.05 37.97 -74.28
CA LEU F 312 -8.13 38.77 -75.06
C LEU F 312 -8.76 40.14 -75.33
N MET F 313 -8.05 41.20 -74.94
CA MET F 313 -8.60 42.56 -75.00
C MET F 313 -7.69 43.42 -75.86
N THR F 314 -8.02 43.59 -77.15
CA THR F 314 -7.23 44.41 -78.04
C THR F 314 -8.02 44.76 -79.30
N SER F 315 -7.66 45.92 -79.89
CA SER F 315 -8.21 46.38 -81.16
C SER F 315 -7.45 45.77 -82.34
N ASP F 316 -6.30 45.14 -82.05
CA ASP F 316 -5.42 44.63 -83.08
C ASP F 316 -5.95 43.29 -83.57
N LEU F 317 -6.51 43.28 -84.79
CA LEU F 317 -7.16 42.09 -85.34
C LEU F 317 -6.13 41.04 -85.74
N ASP F 318 -4.89 41.45 -85.99
CA ASP F 318 -3.82 40.49 -86.24
C ASP F 318 -3.61 39.61 -85.00
N ARG F 319 -3.70 40.21 -83.79
CA ARG F 319 -3.47 39.49 -82.54
C ARG F 319 -4.63 38.55 -82.26
N HIS F 320 -5.86 38.94 -82.66
CA HIS F 320 -7.00 38.05 -82.61
C HIS F 320 -6.74 36.83 -83.48
N GLY F 321 -6.25 37.06 -84.70
CA GLY F 321 -5.95 35.99 -85.64
C GLY F 321 -4.94 34.99 -85.09
N GLU F 322 -3.84 35.49 -84.53
CA GLU F 322 -2.78 34.65 -83.99
C GLU F 322 -3.29 33.85 -82.78
N PHE F 323 -4.08 34.50 -81.92
CA PHE F 323 -4.64 33.84 -80.75
C PHE F 323 -5.49 32.64 -81.17
N LEU F 324 -6.32 32.82 -82.20
CA LEU F 324 -7.21 31.76 -82.67
C LEU F 324 -6.41 30.67 -83.38
N GLN F 325 -5.45 31.07 -84.21
CA GLN F 325 -4.63 30.13 -84.94
C GLN F 325 -3.88 29.20 -83.97
N HIS F 326 -3.37 29.76 -82.87
CA HIS F 326 -2.68 28.98 -81.85
C HIS F 326 -3.57 27.85 -81.34
N LEU F 327 -4.86 28.12 -81.16
CA LEU F 327 -5.79 27.13 -80.63
C LEU F 327 -6.02 26.03 -81.66
N ILE F 328 -6.09 26.39 -82.94
CA ILE F 328 -6.20 25.41 -84.00
C ILE F 328 -4.97 24.49 -83.96
N ASP F 329 -3.80 25.12 -83.80
CA ASP F 329 -2.53 24.41 -83.80
C ASP F 329 -2.44 23.43 -82.63
N LEU F 330 -3.10 23.73 -81.50
CA LEU F 330 -3.13 22.83 -80.36
C LEU F 330 -3.95 21.59 -80.66
N GLY F 331 -4.89 21.69 -81.62
CA GLY F 331 -5.67 20.54 -82.06
C GLY F 331 -7.18 20.76 -81.96
N PHE F 332 -7.64 21.99 -81.69
CA PHE F 332 -9.06 22.29 -81.68
C PHE F 332 -9.55 22.36 -83.12
N THR F 333 -10.70 21.74 -83.38
CA THR F 333 -11.24 21.59 -84.72
C THR F 333 -12.37 22.60 -84.94
N GLU F 334 -12.86 23.21 -83.86
CA GLU F 334 -13.81 24.31 -83.97
C GLU F 334 -13.54 25.31 -82.83
N ILE F 335 -13.73 26.59 -83.14
CA ILE F 335 -13.63 27.65 -82.16
C ILE F 335 -14.91 28.49 -82.24
N TYR F 336 -15.51 28.73 -81.07
CA TYR F 336 -16.67 29.61 -80.94
C TYR F 336 -16.22 30.86 -80.20
N VAL F 337 -16.38 32.01 -80.86
CA VAL F 337 -15.87 33.27 -80.32
C VAL F 337 -17.02 34.11 -79.78
N HIS F 338 -16.87 34.49 -78.51
CA HIS F 338 -17.76 35.43 -77.84
C HIS F 338 -17.04 36.75 -77.68
N ASN F 339 -17.48 37.78 -78.41
CA ASN F 339 -17.03 39.14 -78.17
C ASN F 339 -17.85 39.71 -77.02
N VAL F 340 -17.18 40.20 -75.98
CA VAL F 340 -17.88 40.58 -74.75
C VAL F 340 -18.57 41.93 -74.92
N GLY F 341 -18.12 42.75 -75.88
CA GLY F 341 -18.66 44.09 -76.05
C GLY F 341 -20.06 44.07 -76.65
N ARG F 342 -20.78 45.19 -76.48
CA ARG F 342 -22.10 45.38 -77.08
C ARG F 342 -22.01 45.63 -78.59
N ASN F 343 -20.78 45.83 -79.09
CA ASN F 343 -20.52 46.15 -80.49
C ASN F 343 -20.47 44.87 -81.34
N GLN F 344 -21.55 44.09 -81.33
CA GLN F 344 -21.58 42.77 -81.95
C GLN F 344 -21.49 42.89 -83.47
N GLU F 345 -22.29 43.79 -84.05
CA GLU F 345 -22.30 43.94 -85.50
C GLU F 345 -20.91 44.30 -86.00
N GLU F 346 -20.24 45.23 -85.31
CA GLU F 346 -18.95 45.75 -85.74
C GLU F 346 -17.91 44.65 -85.60
N PHE F 347 -18.01 43.88 -84.51
CA PHE F 347 -17.12 42.75 -84.26
C PHE F 347 -17.26 41.72 -85.38
N ILE F 348 -18.50 41.38 -85.72
CA ILE F 348 -18.77 40.38 -86.75
C ILE F 348 -18.15 40.81 -88.08
N ARG F 349 -18.32 42.10 -88.45
CA ARG F 349 -17.82 42.58 -89.73
C ARG F 349 -16.30 42.61 -89.72
N ALA F 350 -15.71 43.01 -88.58
CA ALA F 350 -14.27 43.09 -88.45
C ALA F 350 -13.64 41.69 -88.57
N TYR F 351 -14.22 40.70 -87.88
CA TYR F 351 -13.73 39.33 -87.95
C TYR F 351 -13.90 38.80 -89.38
N GLY F 352 -15.04 39.09 -90.01
CA GLY F 352 -15.33 38.61 -91.34
C GLY F 352 -14.32 39.12 -92.37
N ARG F 353 -13.88 40.38 -92.20
CA ARG F 353 -12.96 41.04 -93.10
C ARG F 353 -11.51 40.63 -92.82
N ALA F 354 -11.11 40.56 -91.54
CA ALA F 354 -9.70 40.60 -91.18
C ALA F 354 -9.20 39.32 -90.50
N VAL F 355 -10.10 38.48 -89.96
CA VAL F 355 -9.68 37.34 -89.17
C VAL F 355 -10.02 36.02 -89.85
N ILE F 356 -11.29 35.80 -90.16
CA ILE F 356 -11.75 34.51 -90.64
C ILE F 356 -11.01 34.08 -91.91
N PRO F 357 -10.84 34.94 -92.95
CA PRO F 357 -10.15 34.52 -94.17
C PRO F 357 -8.72 34.03 -93.95
N HIS F 358 -8.06 34.44 -92.86
CA HIS F 358 -6.65 34.15 -92.64
C HIS F 358 -6.43 32.96 -91.69
N LEU F 359 -7.50 32.39 -91.13
CA LEU F 359 -7.36 31.21 -90.29
C LEU F 359 -7.13 29.98 -91.17
N ARG F 360 -6.17 29.15 -90.76
CA ARG F 360 -5.80 27.96 -91.51
C ARG F 360 -6.25 26.72 -90.73
N TRP F 361 -7.32 26.08 -91.22
CA TRP F 361 -7.84 24.85 -90.63
C TRP F 361 -7.26 23.64 -91.35
N PRO F 362 -6.91 22.53 -90.67
CA PRO F 362 -6.60 21.28 -91.37
C PRO F 362 -7.82 20.86 -92.19
N ALA F 363 -7.58 20.35 -93.40
CA ALA F 363 -8.61 20.10 -94.39
C ALA F 363 -9.60 19.03 -93.91
N ASP F 364 -9.10 18.04 -93.16
CA ASP F 364 -9.96 16.91 -92.79
C ASP F 364 -10.67 17.10 -91.47
N ALA F 365 -10.51 18.25 -90.81
CA ALA F 365 -10.86 18.40 -89.40
C ALA F 365 -12.33 18.06 -89.18
N PRO F 366 -12.66 17.21 -88.18
CA PRO F 366 -14.06 16.87 -87.89
C PRO F 366 -14.80 18.03 -87.24
N VAL F 367 -16.05 18.17 -87.66
CA VAL F 367 -16.91 19.23 -87.20
C VAL F 367 -18.12 18.60 -86.52
N ALA F 368 -18.70 19.29 -85.53
CA ALA F 368 -19.82 18.74 -84.77
C ALA F 368 -21.09 18.72 -85.63
N GLN F 369 -21.39 17.52 -86.14
CA GLN F 369 -22.58 17.27 -86.95
C GLN F 369 -22.78 15.76 -87.06
N ALA F 370 -23.99 15.33 -87.43
CA ALA F 370 -24.39 13.92 -87.37
C ALA F 370 -23.39 13.01 -88.10
N SER G 34 7.08 -10.66 88.95
CA SER G 34 6.80 -9.28 88.49
C SER G 34 7.49 -9.00 87.17
N SER G 35 8.70 -9.60 86.88
CA SER G 35 9.44 -9.31 85.66
C SER G 35 8.84 -10.00 84.44
N ARG G 36 8.93 -9.31 83.30
CA ARG G 36 8.24 -9.71 82.08
C ARG G 36 8.57 -8.75 80.94
N LEU G 37 8.29 -9.20 79.72
CA LEU G 37 8.44 -8.41 78.51
C LEU G 37 7.81 -9.21 77.38
N GLY G 38 7.36 -8.50 76.33
CA GLY G 38 6.80 -9.14 75.16
C GLY G 38 7.85 -9.36 74.07
N TYR G 39 7.71 -10.50 73.37
CA TYR G 39 8.51 -10.80 72.19
C TYR G 39 7.65 -10.63 70.96
N SER G 40 8.20 -9.92 69.98
CA SER G 40 7.54 -9.65 68.73
C SER G 40 8.02 -10.66 67.69
N ALA G 41 7.09 -11.49 67.19
CA ALA G 41 7.39 -12.54 66.22
C ALA G 41 7.18 -12.01 64.81
N SER G 42 8.30 -11.82 64.09
CA SER G 42 8.30 -11.17 62.80
C SER G 42 8.11 -12.20 61.67
N PHE G 43 6.85 -12.40 61.28
CA PHE G 43 6.49 -13.34 60.22
C PHE G 43 7.03 -12.87 58.87
N GLU G 44 7.30 -11.57 58.75
CA GLU G 44 7.86 -11.05 57.51
C GLU G 44 9.24 -11.65 57.25
N GLN G 45 9.96 -11.99 58.33
CA GLN G 45 11.37 -12.33 58.21
C GLN G 45 11.66 -13.81 58.44
N PHE G 46 10.89 -14.48 59.31
CA PHE G 46 11.33 -15.74 59.87
C PHE G 46 10.34 -16.85 59.59
N HIS G 47 10.92 -18.01 59.25
CA HIS G 47 10.16 -19.22 59.04
C HIS G 47 9.35 -19.50 60.29
N PRO G 48 8.06 -19.89 60.17
CA PRO G 48 7.24 -20.16 61.35
C PRO G 48 7.81 -21.20 62.30
N SER G 49 8.54 -22.21 61.79
CA SER G 49 9.16 -23.20 62.65
C SER G 49 10.22 -22.56 63.55
N ASP G 50 10.98 -21.60 62.99
CA ASP G 50 11.99 -20.90 63.75
C ASP G 50 11.31 -20.01 64.81
N LEU G 51 10.26 -19.31 64.41
CA LEU G 51 9.52 -18.46 65.34
C LEU G 51 8.99 -19.30 66.49
N LEU G 52 8.51 -20.51 66.20
CA LEU G 52 7.97 -21.36 67.25
C LEU G 52 9.06 -21.69 68.27
N ARG G 53 10.22 -22.14 67.79
CA ARG G 53 11.33 -22.50 68.66
C ARG G 53 11.78 -21.30 69.48
N TRP G 54 11.85 -20.12 68.84
CA TRP G 54 12.35 -18.93 69.50
C TRP G 54 11.39 -18.44 70.57
N CYS G 55 10.08 -18.58 70.34
CA CYS G 55 9.09 -18.20 71.34
C CYS G 55 9.21 -19.12 72.55
N GLN G 56 9.45 -20.42 72.31
CA GLN G 56 9.64 -21.38 73.39
C GLN G 56 10.85 -20.99 74.23
N LEU G 57 11.91 -20.54 73.57
CA LEU G 57 13.11 -20.08 74.24
C LEU G 57 12.83 -18.79 75.00
N ALA G 58 12.12 -17.86 74.35
CA ALA G 58 11.79 -16.58 74.96
C ALA G 58 11.06 -16.81 76.28
N GLU G 59 10.14 -17.77 76.30
CA GLU G 59 9.43 -18.12 77.51
C GLU G 59 10.42 -18.53 78.61
N GLN G 60 11.37 -19.40 78.26
CA GLN G 60 12.37 -19.86 79.21
C GLN G 60 13.19 -18.66 79.73
N GLU G 61 13.37 -17.62 78.89
CA GLU G 61 14.26 -16.54 79.21
C GLU G 61 13.54 -15.35 79.87
N GLY G 62 12.23 -15.48 80.17
CA GLY G 62 11.53 -14.50 80.97
C GLY G 62 10.52 -13.64 80.18
N PHE G 63 10.43 -13.81 78.86
CA PHE G 63 9.37 -13.16 78.12
C PHE G 63 8.04 -13.83 78.49
N ASP G 64 6.95 -13.07 78.54
CA ASP G 64 5.68 -13.60 79.02
C ASP G 64 4.59 -13.56 77.95
N SER G 65 4.83 -12.92 76.79
CA SER G 65 3.81 -12.80 75.77
C SER G 65 4.45 -12.57 74.41
N VAL G 66 3.65 -12.85 73.38
CA VAL G 66 4.09 -12.80 72.00
C VAL G 66 3.10 -11.96 71.20
N LEU G 67 3.66 -11.09 70.34
CA LEU G 67 2.90 -10.38 69.35
C LEU G 67 3.26 -10.96 67.99
N ALA G 68 2.25 -11.40 67.24
CA ALA G 68 2.45 -12.07 65.97
C ALA G 68 1.79 -11.29 64.85
N ALA G 69 2.63 -10.85 63.90
CA ALA G 69 2.18 -10.16 62.69
C ALA G 69 1.23 -11.05 61.88
N ASP G 70 0.24 -10.43 61.24
CA ASP G 70 -0.68 -11.13 60.35
C ASP G 70 -0.47 -10.61 58.94
N HIS G 71 0.49 -11.20 58.22
CA HIS G 71 0.83 -10.76 56.89
C HIS G 71 0.51 -11.85 55.88
N PHE G 72 0.37 -11.42 54.62
CA PHE G 72 0.44 -12.30 53.47
C PHE G 72 1.78 -12.14 52.78
N HIS G 73 2.33 -10.92 52.78
CA HIS G 73 3.61 -10.64 52.14
C HIS G 73 4.57 -10.00 53.12
N PRO G 74 5.89 -10.23 52.96
CA PRO G 74 6.90 -9.46 53.67
C PRO G 74 6.99 -8.08 53.04
N TRP G 75 7.63 -7.13 53.73
CA TRP G 75 7.88 -5.82 53.15
C TRP G 75 8.83 -5.95 51.97
N THR G 76 9.85 -6.81 52.09
CA THR G 76 10.83 -6.97 51.02
C THR G 76 11.08 -8.45 50.77
N PRO G 77 11.54 -8.84 49.56
CA PRO G 77 11.99 -10.21 49.30
C PRO G 77 13.10 -10.68 50.23
N GLU G 78 13.98 -9.76 50.63
CA GLU G 78 15.12 -10.12 51.48
C GLU G 78 14.61 -10.57 52.86
N GLN G 79 13.46 -10.04 53.30
CA GLN G 79 12.87 -10.51 54.54
C GLN G 79 12.41 -11.96 54.36
N GLY G 80 11.60 -12.20 53.31
CA GLY G 80 11.52 -13.51 52.68
C GLY G 80 10.47 -14.45 53.25
N GLN G 81 9.58 -14.01 54.17
CA GLN G 81 8.59 -14.91 54.73
C GLN G 81 7.23 -14.24 54.91
N SER G 82 6.21 -15.07 55.17
CA SER G 82 4.89 -14.64 55.64
C SER G 82 4.02 -15.87 55.89
N GLY G 83 4.23 -16.51 57.05
CA GLY G 83 3.39 -17.61 57.45
C GLY G 83 1.97 -17.15 57.79
N PHE G 84 1.02 -18.09 57.69
CA PHE G 84 -0.36 -17.84 58.07
C PHE G 84 -0.44 -17.91 59.60
N VAL G 85 -0.64 -16.75 60.21
CA VAL G 85 -0.45 -16.60 61.65
C VAL G 85 -1.42 -17.48 62.42
N TRP G 86 -2.65 -17.64 61.92
CA TRP G 86 -3.69 -18.31 62.70
C TRP G 86 -3.33 -19.76 62.98
N ALA G 87 -2.72 -20.44 62.00
CA ALA G 87 -2.30 -21.81 62.20
C ALA G 87 -1.15 -21.86 63.21
N TRP G 88 -0.19 -20.97 63.04
CA TRP G 88 0.96 -20.93 63.91
C TRP G 88 0.54 -20.70 65.36
N LEU G 89 -0.47 -19.86 65.60
CA LEU G 89 -0.85 -19.51 66.96
C LEU G 89 -1.32 -20.75 67.71
N GLY G 90 -1.95 -21.69 67.01
CA GLY G 90 -2.36 -22.93 67.64
C GLY G 90 -1.15 -23.73 68.17
N ALA G 91 -0.07 -23.73 67.38
CA ALA G 91 1.15 -24.40 67.76
C ALA G 91 1.78 -23.71 68.98
N LEU G 92 1.79 -22.39 68.96
CA LEU G 92 2.31 -21.61 70.08
C LEU G 92 1.52 -21.93 71.35
N GLY G 93 0.18 -21.86 71.22
CA GLY G 93 -0.71 -22.10 72.33
C GLY G 93 -0.47 -23.48 72.96
N ALA G 94 -0.24 -24.49 72.13
CA ALA G 94 -0.20 -25.85 72.60
C ALA G 94 1.16 -26.22 73.19
N THR G 95 2.21 -25.42 72.94
CA THR G 95 3.57 -25.78 73.35
C THR G 95 4.18 -24.79 74.34
N THR G 96 3.44 -23.76 74.77
CA THR G 96 3.92 -22.78 75.73
C THR G 96 2.78 -22.39 76.65
N ARG G 97 3.09 -21.54 77.65
CA ARG G 97 2.09 -20.93 78.51
C ARG G 97 2.05 -19.42 78.31
N LEU G 98 2.76 -18.92 77.29
CA LEU G 98 2.80 -17.50 76.96
C LEU G 98 1.40 -16.98 76.62
N ARG G 99 1.18 -15.69 76.91
CA ARG G 99 0.08 -14.96 76.29
C ARG G 99 0.50 -14.62 74.86
N PHE G 100 -0.48 -14.38 73.99
CA PHE G 100 -0.16 -14.06 72.61
C PHE G 100 -1.33 -13.35 71.96
N GLY G 101 -1.01 -12.56 70.92
CA GLY G 101 -2.02 -11.84 70.17
C GLY G 101 -1.56 -11.56 68.75
N THR G 102 -2.55 -11.25 67.88
CA THR G 102 -2.27 -10.79 66.54
C THR G 102 -1.90 -9.32 66.61
N GLY G 103 -0.87 -8.93 65.87
CA GLY G 103 -0.42 -7.54 65.90
C GLY G 103 -0.14 -7.00 64.50
N VAL G 104 -1.18 -6.76 63.67
CA VAL G 104 -2.59 -6.96 63.97
C VAL G 104 -3.27 -7.58 62.76
N THR G 105 -4.50 -8.09 62.96
CA THR G 105 -5.32 -8.61 61.88
C THR G 105 -6.22 -7.50 61.37
N PRO G 106 -6.38 -7.33 60.04
CA PRO G 106 -7.40 -6.44 59.49
C PRO G 106 -8.70 -7.19 59.21
N PRO G 107 -9.72 -7.05 60.07
CA PRO G 107 -10.96 -7.79 59.90
C PRO G 107 -11.99 -7.09 59.03
N ILE G 108 -11.52 -6.48 57.93
CA ILE G 108 -12.36 -5.53 57.20
C ILE G 108 -12.72 -6.06 55.82
N GLY G 109 -12.58 -7.38 55.63
CA GLY G 109 -13.24 -8.06 54.53
C GLY G 109 -12.40 -8.17 53.26
N PHE G 110 -11.06 -8.03 53.34
CA PHE G 110 -10.21 -8.27 52.19
C PHE G 110 -9.72 -9.71 52.29
N ARG G 111 -8.59 -9.92 52.96
CA ARG G 111 -8.16 -11.27 53.29
C ARG G 111 -9.16 -11.94 54.24
N TYR G 112 -9.76 -11.17 55.16
CA TYR G 112 -10.52 -11.78 56.24
C TYR G 112 -11.85 -11.06 56.46
N HIS G 113 -12.94 -11.86 56.46
CA HIS G 113 -14.25 -11.38 56.84
C HIS G 113 -14.30 -11.29 58.37
N PRO G 114 -14.93 -10.27 58.97
CA PRO G 114 -14.93 -10.12 60.42
C PRO G 114 -15.51 -11.32 61.17
N ALA G 115 -16.50 -12.00 60.57
CA ALA G 115 -17.08 -13.16 61.22
C ALA G 115 -16.05 -14.28 61.39
N ILE G 116 -15.12 -14.40 60.43
CA ILE G 116 -14.11 -15.44 60.49
C ILE G 116 -13.05 -15.10 61.54
N VAL G 117 -12.67 -13.82 61.60
CA VAL G 117 -11.76 -13.39 62.64
C VAL G 117 -12.38 -13.65 64.01
N ALA G 118 -13.68 -13.39 64.15
CA ALA G 118 -14.34 -13.60 65.41
C ALA G 118 -14.26 -15.07 65.79
N GLN G 119 -14.53 -15.96 64.83
CA GLN G 119 -14.52 -17.38 65.11
C GLN G 119 -13.12 -17.84 65.50
N ALA G 120 -12.11 -17.35 64.76
CA ALA G 120 -10.74 -17.74 65.02
C ALA G 120 -10.32 -17.32 66.43
N ALA G 121 -10.67 -16.07 66.80
CA ALA G 121 -10.33 -15.54 68.10
C ALA G 121 -11.01 -16.35 69.20
N ALA G 122 -12.30 -16.65 69.01
CA ALA G 122 -13.04 -17.40 69.99
C ALA G 122 -12.46 -18.80 70.16
N THR G 123 -12.00 -19.42 69.06
CA THR G 123 -11.45 -20.76 69.14
C THR G 123 -10.15 -20.74 69.93
N LEU G 124 -9.28 -19.78 69.61
CA LEU G 124 -8.00 -19.68 70.30
C LEU G 124 -8.22 -19.47 71.80
N GLU G 125 -9.10 -18.55 72.17
CA GLU G 125 -9.35 -18.27 73.57
C GLU G 125 -10.01 -19.47 74.24
N ALA G 126 -10.89 -20.18 73.52
CA ALA G 126 -11.53 -21.36 74.09
C ALA G 126 -10.50 -22.45 74.37
N MET G 127 -9.50 -22.58 73.50
CA MET G 127 -8.46 -23.60 73.64
C MET G 127 -7.43 -23.18 74.69
N PHE G 128 -7.13 -21.87 74.76
CA PHE G 128 -6.08 -21.36 75.62
C PHE G 128 -6.63 -20.22 76.49
N PRO G 129 -7.56 -20.51 77.42
CA PRO G 129 -8.27 -19.44 78.12
C PRO G 129 -7.31 -18.58 78.94
N GLY G 130 -7.52 -17.26 78.89
CA GLY G 130 -6.72 -16.29 79.61
C GLY G 130 -5.47 -15.87 78.86
N ARG G 131 -5.28 -16.34 77.61
CA ARG G 131 -3.97 -16.20 76.97
C ARG G 131 -4.01 -15.41 75.67
N PHE G 132 -5.17 -15.32 75.00
CA PHE G 132 -5.20 -14.70 73.69
C PHE G 132 -5.75 -13.29 73.80
N TRP G 133 -5.20 -12.37 73.01
CA TRP G 133 -5.80 -11.07 72.79
C TRP G 133 -5.91 -10.81 71.29
N LEU G 134 -7.06 -10.29 70.86
CA LEU G 134 -7.34 -10.08 69.45
C LEU G 134 -6.92 -8.67 69.06
N GLY G 135 -5.76 -8.55 68.42
CA GLY G 135 -5.30 -7.29 67.91
C GLY G 135 -5.77 -7.08 66.47
N ILE G 136 -6.40 -5.93 66.22
CA ILE G 136 -6.98 -5.61 64.93
C ILE G 136 -6.54 -4.22 64.50
N GLY G 137 -6.61 -3.97 63.18
CA GLY G 137 -6.25 -2.69 62.61
C GLY G 137 -6.81 -2.52 61.20
N ALA G 138 -6.49 -1.38 60.58
CA ALA G 138 -7.10 -0.96 59.33
C ALA G 138 -6.42 -1.59 58.10
N GLY G 139 -5.28 -2.23 58.31
CA GLY G 139 -4.66 -3.05 57.28
C GLY G 139 -3.79 -2.24 56.32
N GLU G 140 -2.97 -2.96 55.55
CA GLU G 140 -2.11 -2.38 54.52
C GLU G 140 -2.32 -3.07 53.18
N ALA G 141 -2.18 -2.30 52.10
CA ALA G 141 -2.35 -2.80 50.76
C ALA G 141 -1.40 -3.96 50.50
N LEU G 142 -0.19 -3.88 51.08
CA LEU G 142 0.81 -4.92 50.91
C LEU G 142 0.17 -6.31 51.04
N ASN G 143 -0.72 -6.48 52.02
CA ASN G 143 -1.37 -7.76 52.26
C ASN G 143 -2.76 -7.85 51.63
N GLU G 144 -3.53 -6.75 51.65
CA GLU G 144 -4.94 -6.84 51.29
C GLU G 144 -5.15 -6.76 49.78
N HIS G 145 -4.18 -6.25 49.03
CA HIS G 145 -4.40 -5.96 47.62
C HIS G 145 -4.58 -7.22 46.79
N ILE G 146 -4.17 -8.39 47.35
CA ILE G 146 -4.15 -9.61 46.56
C ILE G 146 -5.57 -9.97 46.09
N VAL G 147 -6.62 -9.52 46.78
CA VAL G 147 -7.97 -9.93 46.43
C VAL G 147 -8.59 -9.01 45.37
N GLY G 148 -7.85 -7.98 44.94
CA GLY G 148 -8.23 -7.22 43.76
C GLY G 148 -9.46 -6.32 43.94
N ARG G 149 -9.58 -5.67 45.11
CA ARG G 149 -10.72 -4.82 45.41
C ARG G 149 -10.26 -3.37 45.65
N TYR G 150 -11.25 -2.46 45.55
CA TYR G 150 -11.05 -1.05 45.85
C TYR G 150 -10.44 -0.91 47.25
N TRP G 151 -9.36 -0.12 47.33
CA TRP G 151 -8.66 0.10 48.58
C TRP G 151 -8.97 1.50 49.09
N PRO G 152 -9.80 1.64 50.14
CA PRO G 152 -10.21 2.96 50.62
C PRO G 152 -9.07 3.73 51.29
N GLU G 153 -9.20 5.05 51.33
CA GLU G 153 -8.30 5.88 52.10
C GLU G 153 -8.35 5.49 53.58
N PRO G 154 -7.29 5.79 54.37
CA PRO G 154 -7.27 5.44 55.80
C PRO G 154 -8.53 5.79 56.59
N ALA G 155 -9.06 7.00 56.43
CA ALA G 155 -10.21 7.40 57.23
C ALA G 155 -11.40 6.50 56.93
N GLU G 156 -11.57 6.10 55.67
CA GLU G 156 -12.66 5.21 55.33
C GLU G 156 -12.40 3.81 55.91
N ARG G 157 -11.15 3.35 55.90
CA ARG G 157 -10.86 2.03 56.44
C ARG G 157 -11.12 2.01 57.95
N ILE G 158 -10.92 3.14 58.61
CA ILE G 158 -11.25 3.28 60.03
C ILE G 158 -12.75 3.03 60.22
N ARG G 159 -13.58 3.60 59.34
CA ARG G 159 -15.02 3.38 59.45
C ARG G 159 -15.32 1.90 59.25
N MET G 160 -14.58 1.24 58.35
CA MET G 160 -14.76 -0.19 58.13
C MET G 160 -14.38 -0.96 59.40
N LEU G 161 -13.27 -0.56 60.02
CA LEU G 161 -12.79 -1.22 61.22
C LEU G 161 -13.82 -1.12 62.35
N ILE G 162 -14.42 0.07 62.49
CA ILE G 162 -15.41 0.30 63.53
C ILE G 162 -16.62 -0.61 63.31
N GLU G 163 -17.04 -0.79 62.06
CA GLU G 163 -18.16 -1.68 61.78
C GLU G 163 -17.74 -3.13 62.06
N ALA G 164 -16.50 -3.49 61.72
CA ALA G 164 -16.02 -4.84 61.97
C ALA G 164 -16.03 -5.15 63.47
N ILE G 165 -15.65 -4.15 64.29
CA ILE G 165 -15.66 -4.31 65.73
C ILE G 165 -17.07 -4.66 66.20
N GLU G 166 -18.06 -3.97 65.65
CA GLU G 166 -19.46 -4.22 65.96
C GLU G 166 -19.80 -5.69 65.65
N VAL G 167 -19.38 -6.18 64.47
CA VAL G 167 -19.68 -7.53 64.06
C VAL G 167 -19.03 -8.52 65.04
N ILE G 168 -17.76 -8.29 65.37
CA ILE G 168 -17.04 -9.21 66.23
C ILE G 168 -17.71 -9.25 67.61
N GLN G 169 -18.05 -8.08 68.14
CA GLN G 169 -18.64 -7.99 69.46
C GLN G 169 -20.01 -8.68 69.51
N LYS G 170 -20.82 -8.50 68.47
CA LYS G 170 -22.09 -9.19 68.40
C LYS G 170 -21.87 -10.71 68.44
N LEU G 171 -20.91 -11.20 67.64
CA LEU G 171 -20.67 -12.63 67.59
C LEU G 171 -20.17 -13.14 68.93
N PHE G 172 -19.37 -12.31 69.63
CA PHE G 172 -18.81 -12.70 70.91
C PHE G 172 -19.88 -12.84 72.00
N THR G 173 -21.11 -12.34 71.79
CA THR G 173 -22.18 -12.53 72.77
C THR G 173 -22.59 -14.01 72.84
N GLY G 174 -22.30 -14.79 71.81
CA GLY G 174 -22.65 -16.21 71.78
C GLY G 174 -24.11 -16.46 71.36
N LYS G 175 -24.81 -15.41 70.92
CA LYS G 175 -26.16 -15.56 70.42
C LYS G 175 -26.13 -15.66 68.89
N VAL G 176 -27.27 -16.06 68.33
CA VAL G 176 -27.52 -15.96 66.90
C VAL G 176 -27.69 -14.49 66.59
N ILE G 177 -26.82 -13.94 65.72
CA ILE G 177 -26.90 -12.53 65.39
C ILE G 177 -27.00 -12.35 63.88
N ARG G 178 -27.54 -11.20 63.50
CA ARG G 178 -27.65 -10.72 62.14
C ARG G 178 -27.07 -9.32 62.13
N HIS G 179 -26.49 -8.91 60.99
CA HIS G 179 -25.90 -7.59 60.90
C HIS G 179 -26.03 -7.10 59.46
N GLU G 180 -26.45 -5.84 59.32
CA GLU G 180 -26.44 -5.19 58.02
C GLU G 180 -25.97 -3.75 58.20
N GLY G 181 -24.79 -3.44 57.70
CA GLY G 181 -24.26 -2.09 57.75
C GLY G 181 -23.76 -1.65 56.38
N VAL G 182 -23.03 -0.55 56.36
CA VAL G 182 -22.51 0.00 55.12
C VAL G 182 -21.56 -1.01 54.47
N TYR G 183 -20.73 -1.71 55.26
CA TYR G 183 -19.65 -2.50 54.70
C TYR G 183 -19.85 -4.01 54.81
N PHE G 184 -20.59 -4.49 55.82
CA PHE G 184 -20.66 -5.93 56.05
C PHE G 184 -22.12 -6.38 56.18
N LYS G 185 -22.38 -7.58 55.67
CA LYS G 185 -23.65 -8.25 55.83
C LYS G 185 -23.36 -9.59 56.47
N VAL G 186 -24.04 -9.86 57.57
CA VAL G 186 -23.91 -11.13 58.26
C VAL G 186 -25.32 -11.71 58.41
N GLU G 187 -25.53 -12.88 57.79
CA GLU G 187 -26.76 -13.63 57.99
C GLU G 187 -26.66 -14.37 59.32
N SER G 188 -27.80 -14.88 59.79
CA SER G 188 -27.88 -15.61 61.05
C SER G 188 -26.60 -16.41 61.31
N ALA G 189 -25.85 -15.96 62.33
CA ALA G 189 -24.56 -16.55 62.65
C ALA G 189 -24.37 -16.60 64.16
N LYS G 190 -23.79 -17.71 64.61
CA LYS G 190 -23.52 -17.92 66.01
C LYS G 190 -22.21 -18.65 66.19
N LEU G 191 -21.42 -18.21 67.19
CA LEU G 191 -20.22 -18.93 67.61
C LEU G 191 -20.60 -19.96 68.66
N TYR G 192 -20.64 -21.24 68.28
CA TYR G 192 -20.95 -22.33 69.18
C TYR G 192 -19.73 -22.68 70.03
N THR G 193 -18.52 -22.49 69.49
CA THR G 193 -17.28 -22.70 70.23
C THR G 193 -16.81 -21.33 70.73
N MET G 194 -16.92 -21.14 72.04
CA MET G 194 -16.79 -19.87 72.70
CA MET G 194 -16.78 -19.86 72.70
C MET G 194 -16.09 -20.10 74.04
N PRO G 195 -15.16 -19.22 74.48
CA PRO G 195 -14.68 -19.27 75.85
C PRO G 195 -15.77 -18.77 76.79
N ASP G 196 -15.63 -19.02 78.10
CA ASP G 196 -16.55 -18.48 79.08
C ASP G 196 -16.55 -16.95 79.00
N VAL G 197 -15.36 -16.37 78.79
CA VAL G 197 -15.20 -14.94 78.71
C VAL G 197 -14.42 -14.61 77.44
N PRO G 198 -14.90 -13.63 76.62
CA PRO G 198 -14.26 -13.34 75.34
C PRO G 198 -12.85 -12.81 75.50
N PRO G 199 -11.97 -12.99 74.50
CA PRO G 199 -10.65 -12.37 74.55
C PRO G 199 -10.85 -10.87 74.38
N PRO G 200 -9.93 -10.05 74.91
CA PRO G 200 -10.02 -8.60 74.73
C PRO G 200 -9.73 -8.24 73.27
N ILE G 201 -10.40 -7.18 72.81
CA ILE G 201 -10.13 -6.61 71.51
C ILE G 201 -9.20 -5.41 71.70
N ILE G 202 -8.04 -5.51 71.05
CA ILE G 202 -7.01 -4.49 71.09
C ILE G 202 -6.91 -3.88 69.69
N VAL G 203 -6.94 -2.54 69.60
CA VAL G 203 -6.76 -1.90 68.31
C VAL G 203 -5.33 -1.40 68.18
N GLY G 204 -4.67 -1.78 67.08
CA GLY G 204 -3.38 -1.22 66.70
C GLY G 204 -3.56 -0.02 65.79
N THR G 205 -3.14 1.16 66.27
CA THR G 205 -3.31 2.40 65.53
C THR G 205 -2.29 3.42 66.02
N ALA G 206 -1.97 4.38 65.14
CA ALA G 206 -1.16 5.54 65.46
C ALA G 206 -1.97 6.82 65.23
N GLY G 207 -3.28 6.70 64.98
CA GLY G 207 -4.13 7.85 64.74
C GLY G 207 -4.83 8.32 66.02
N PRO G 208 -4.74 9.62 66.36
CA PRO G 208 -5.50 10.16 67.50
C PRO G 208 -6.98 9.83 67.50
N TYR G 209 -7.62 9.95 66.34
CA TYR G 209 -9.06 9.70 66.25
C TYR G 209 -9.35 8.25 66.65
N MET G 210 -8.65 7.30 66.03
CA MET G 210 -8.95 5.88 66.26
C MET G 210 -8.52 5.47 67.68
N ALA G 211 -7.51 6.14 68.24
CA ALA G 211 -7.10 5.88 69.61
C ALA G 211 -8.26 6.18 70.56
N LYS G 212 -8.94 7.31 70.34
CA LYS G 212 -10.11 7.68 71.13
C LYS G 212 -11.19 6.63 70.99
N LYS G 213 -11.46 6.23 69.74
CA LYS G 213 -12.49 5.25 69.45
C LYS G 213 -12.14 3.91 70.10
N THR G 214 -10.84 3.58 70.16
CA THR G 214 -10.40 2.34 70.76
C THR G 214 -10.81 2.32 72.22
N GLY G 215 -10.57 3.44 72.92
CA GLY G 215 -10.95 3.55 74.31
C GLY G 215 -12.45 3.40 74.50
N GLN G 216 -13.21 4.00 73.58
CA GLN G 216 -14.66 3.98 73.65
C GLN G 216 -15.21 2.57 73.43
N LEU G 217 -14.70 1.85 72.41
CA LEU G 217 -15.38 0.70 71.84
C LEU G 217 -14.69 -0.61 72.19
N CYS G 218 -13.41 -0.57 72.56
CA CYS G 218 -12.61 -1.78 72.67
C CYS G 218 -11.98 -1.86 74.06
N ASP G 219 -11.05 -2.80 74.24
CA ASP G 219 -10.55 -3.16 75.55
C ASP G 219 -9.14 -2.63 75.79
N GLY G 220 -8.40 -2.26 74.73
CA GLY G 220 -7.03 -1.81 74.90
C GLY G 220 -6.42 -1.27 73.61
N LEU G 221 -5.26 -0.65 73.76
CA LEU G 221 -4.57 0.05 72.69
C LEU G 221 -3.21 -0.59 72.43
N LEU G 222 -2.87 -0.74 71.15
CA LEU G 222 -1.54 -1.12 70.71
C LEU G 222 -1.07 -0.05 69.73
N THR G 223 0.14 0.48 69.94
CA THR G 223 0.66 1.52 69.07
C THR G 223 2.12 1.23 68.79
N PRO G 224 2.70 1.75 67.68
CA PRO G 224 4.13 1.61 67.43
C PRO G 224 4.95 2.64 68.18
N GLY G 225 6.26 2.36 68.27
CA GLY G 225 7.23 3.31 68.79
C GLY G 225 7.16 4.62 68.03
N ALA G 226 7.23 5.73 68.77
CA ALA G 226 7.22 7.06 68.21
C ALA G 226 7.74 8.01 69.30
N ASN G 227 7.87 9.30 69.00
CA ASN G 227 8.41 10.23 69.97
C ASN G 227 7.43 10.41 71.13
N ASP G 228 7.91 10.99 72.23
CA ASP G 228 7.16 11.13 73.46
C ASP G 228 5.85 11.89 73.24
N GLU G 229 5.92 12.99 72.49
CA GLU G 229 4.75 13.85 72.28
C GLU G 229 3.62 13.05 71.62
N LYS G 230 3.96 12.24 70.60
CA LYS G 230 2.94 11.51 69.86
C LYS G 230 2.34 10.41 70.74
N LEU G 231 3.19 9.73 71.53
CA LEU G 231 2.73 8.66 72.41
C LEU G 231 1.81 9.22 73.48
N ARG G 232 2.17 10.36 74.06
CA ARG G 232 1.34 10.99 75.09
C ARG G 232 -0.03 11.36 74.53
N LEU G 233 -0.06 11.85 73.29
CA LEU G 233 -1.32 12.23 72.66
C LEU G 233 -2.21 11.00 72.48
N LEU G 234 -1.63 9.91 71.97
CA LEU G 234 -2.38 8.68 71.75
C LEU G 234 -2.91 8.12 73.08
N LEU G 235 -2.06 8.10 74.11
CA LEU G 235 -2.50 7.65 75.42
C LEU G 235 -3.66 8.53 75.92
N SER G 236 -3.51 9.85 75.79
CA SER G 236 -4.51 10.78 76.29
C SER G 236 -5.84 10.58 75.55
N ARG G 237 -5.78 10.42 74.23
CA ARG G 237 -6.98 10.20 73.42
C ARG G 237 -7.68 8.91 73.83
N PHE G 238 -6.90 7.86 74.03
CA PHE G 238 -7.42 6.58 74.46
C PHE G 238 -8.13 6.72 75.81
N GLU G 239 -7.50 7.42 76.74
CA GLU G 239 -8.06 7.59 78.08
C GLU G 239 -9.37 8.36 78.02
N GLU G 240 -9.39 9.45 77.24
CA GLU G 240 -10.56 10.31 77.07
C GLU G 240 -11.73 9.48 76.52
N GLY G 241 -11.43 8.65 75.50
CA GLY G 241 -12.46 7.85 74.88
C GLY G 241 -13.07 6.85 75.87
N ALA G 242 -12.22 6.20 76.66
CA ALA G 242 -12.66 5.26 77.67
C ALA G 242 -13.51 5.97 78.72
N ARG G 243 -13.04 7.12 79.20
CA ARG G 243 -13.74 7.85 80.26
C ARG G 243 -15.12 8.30 79.79
N ALA G 244 -15.20 8.84 78.56
CA ALA G 244 -16.48 9.30 78.03
C ALA G 244 -17.47 8.13 77.88
N ALA G 245 -16.96 6.89 77.77
CA ALA G 245 -17.84 5.73 77.68
C ALA G 245 -18.06 5.07 79.05
N GLY G 246 -17.66 5.73 80.15
CA GLY G 246 -17.90 5.22 81.49
C GLY G 246 -16.92 4.13 81.94
N LYS G 247 -15.81 3.94 81.21
CA LYS G 247 -14.86 2.89 81.53
C LYS G 247 -13.71 3.48 82.34
N ASP G 248 -12.99 2.60 83.06
CA ASP G 248 -11.81 2.98 83.81
C ASP G 248 -10.55 2.64 83.02
N PRO G 249 -9.86 3.64 82.39
CA PRO G 249 -8.69 3.36 81.56
C PRO G 249 -7.46 2.82 82.27
N ARG G 250 -7.45 2.98 83.61
CA ARG G 250 -6.34 2.47 84.40
C ARG G 250 -6.31 0.95 84.40
N ARG G 251 -7.45 0.31 84.09
CA ARG G 251 -7.54 -1.14 84.06
C ARG G 251 -7.50 -1.67 82.63
N MET G 252 -7.22 -0.80 81.65
CA MET G 252 -7.22 -1.19 80.24
C MET G 252 -5.78 -1.20 79.74
N PRO G 253 -5.33 -2.26 79.03
CA PRO G 253 -3.97 -2.33 78.54
C PRO G 253 -3.60 -1.22 77.57
N ARG G 254 -2.39 -0.68 77.73
CA ARG G 254 -1.78 0.24 76.78
C ARG G 254 -0.46 -0.37 76.36
N MET G 255 -0.41 -0.83 75.12
CA MET G 255 0.65 -1.70 74.65
C MET G 255 1.42 -0.96 73.55
N ILE G 256 2.73 -1.17 73.51
CA ILE G 256 3.55 -0.57 72.48
C ILE G 256 4.44 -1.63 71.85
N GLN G 257 4.59 -1.55 70.53
CA GLN G 257 5.47 -2.43 69.78
C GLN G 257 6.66 -1.61 69.28
N VAL G 258 7.87 -2.03 69.69
CA VAL G 258 9.07 -1.31 69.33
C VAL G 258 9.98 -2.19 68.50
N HIS G 259 10.79 -1.53 67.66
CA HIS G 259 11.79 -2.21 66.85
C HIS G 259 13.16 -1.80 67.36
N VAL G 260 13.99 -2.79 67.66
CA VAL G 260 15.36 -2.54 68.10
C VAL G 260 16.30 -3.36 67.22
N SER G 261 17.59 -3.00 67.28
CA SER G 261 18.65 -3.81 66.71
C SER G 261 19.74 -3.95 67.75
N TRP G 262 19.82 -5.15 68.34
CA TRP G 262 20.94 -5.52 69.18
C TRP G 262 21.84 -6.47 68.41
N ALA G 263 23.15 -6.30 68.60
CA ALA G 263 24.16 -7.18 68.04
C ALA G 263 25.44 -7.02 68.85
N GLU G 264 26.50 -7.73 68.46
CA GLU G 264 27.72 -7.80 69.24
C GLU G 264 28.43 -6.44 69.22
N THR G 265 28.31 -5.71 68.11
CA THR G 265 28.83 -4.36 68.00
C THR G 265 27.75 -3.42 67.47
N ASP G 266 27.93 -2.13 67.72
CA ASP G 266 27.09 -1.08 67.16
C ASP G 266 27.06 -1.19 65.64
N GLU G 267 28.22 -1.43 65.03
CA GLU G 267 28.35 -1.47 63.58
C GLU G 267 27.43 -2.57 63.02
N GLN G 268 27.44 -3.76 63.64
CA GLN G 268 26.61 -4.87 63.18
C GLN G 268 25.12 -4.54 63.40
N ALA G 269 24.81 -3.83 64.49
CA ALA G 269 23.43 -3.49 64.81
C ALA G 269 22.86 -2.57 63.73
N ILE G 270 23.68 -1.61 63.29
CA ILE G 270 23.30 -0.67 62.25
C ILE G 270 23.10 -1.42 60.93
N GLU G 271 24.05 -2.29 60.58
CA GLU G 271 24.01 -3.03 59.33
C GLU G 271 22.76 -3.91 59.29
N ASN G 272 22.44 -4.55 60.42
CA ASN G 272 21.29 -5.43 60.52
C ASN G 272 20.01 -4.67 60.23
N ALA G 273 19.89 -3.45 60.75
CA ALA G 273 18.70 -2.65 60.55
C ALA G 273 18.53 -2.29 59.07
N LEU G 274 19.61 -1.83 58.41
CA LEU G 274 19.58 -1.48 57.00
C LEU G 274 19.17 -2.66 56.12
N ARG G 275 19.75 -3.83 56.40
CA ARG G 275 19.59 -4.99 55.55
C ARG G 275 18.20 -5.61 55.76
N GLU G 276 17.76 -5.70 57.01
CA GLU G 276 16.62 -6.52 57.38
C GLU G 276 15.32 -5.71 57.47
N TRP G 277 15.42 -4.43 57.80
CA TRP G 277 14.24 -3.66 58.19
C TRP G 277 14.30 -2.24 57.66
N PRO G 278 14.56 -2.04 56.34
CA PRO G 278 14.64 -0.70 55.80
C PRO G 278 13.32 0.06 55.92
N ASN G 279 12.21 -0.69 56.00
CA ASN G 279 10.90 -0.10 56.19
C ASN G 279 10.84 0.66 57.52
N GLY G 280 11.70 0.28 58.47
CA GLY G 280 11.85 1.01 59.72
C GLY G 280 12.40 2.42 59.50
N GLY G 281 13.08 2.66 58.38
CA GLY G 281 13.61 3.98 58.08
C GLY G 281 12.74 4.75 57.09
N MET G 282 11.51 4.27 56.89
CA MET G 282 10.57 4.90 55.97
C MET G 282 9.52 5.64 56.78
N ALA G 283 9.84 6.89 57.13
CA ALA G 283 8.98 7.74 57.94
C ALA G 283 7.94 8.42 57.03
N PHE G 284 7.01 7.61 56.53
CA PHE G 284 5.98 8.08 55.62
C PHE G 284 4.89 7.02 55.58
N PRO G 285 3.65 7.37 55.14
CA PRO G 285 2.54 6.41 55.17
C PRO G 285 2.80 5.33 54.13
N LYS G 286 2.63 4.06 54.53
CA LYS G 286 3.03 2.93 53.72
C LYS G 286 1.84 2.05 53.32
N GLY G 287 0.62 2.48 53.68
CA GLY G 287 -0.54 1.60 53.62
C GLY G 287 -1.10 1.40 52.21
N ASP G 288 -0.60 2.13 51.21
CA ASP G 288 -1.09 2.05 49.85
C ASP G 288 -0.14 1.24 48.94
N ILE G 289 1.05 0.91 49.42
CA ILE G 289 2.07 0.29 48.58
C ILE G 289 1.84 -1.21 48.50
N ARG G 290 1.77 -1.73 47.28
CA ARG G 290 1.21 -3.06 47.04
C ARG G 290 2.23 -4.20 47.12
N ASN G 291 3.45 -3.97 46.63
CA ASN G 291 4.35 -5.09 46.35
C ASN G 291 5.63 -5.05 47.18
N PRO G 292 6.14 -6.22 47.61
CA PRO G 292 7.47 -6.29 48.19
C PRO G 292 8.55 -5.64 47.33
N GLU G 293 8.42 -5.78 46.00
CA GLU G 293 9.39 -5.19 45.08
C GLU G 293 9.35 -3.66 45.14
N ASP G 294 8.19 -3.08 45.50
CA ASP G 294 8.08 -1.63 45.61
C ASP G 294 8.89 -1.16 46.82
N PHE G 295 8.67 -1.77 47.98
CA PHE G 295 9.43 -1.45 49.18
C PHE G 295 10.91 -1.71 48.96
N GLN G 296 11.23 -2.78 48.23
CA GLN G 296 12.60 -3.16 47.98
C GLN G 296 13.32 -2.03 47.23
N ALA G 297 12.65 -1.45 46.23
CA ALA G 297 13.27 -0.36 45.47
C ALA G 297 13.37 0.89 46.33
N MET G 298 12.36 1.13 47.19
CA MET G 298 12.36 2.29 48.07
C MET G 298 13.47 2.14 49.12
N ALA G 299 13.78 0.90 49.52
CA ALA G 299 14.78 0.61 50.53
C ALA G 299 16.15 1.17 50.16
N ARG G 300 16.43 1.24 48.86
CA ARG G 300 17.74 1.68 48.36
C ARG G 300 18.02 3.12 48.78
N LEU G 301 16.99 3.88 49.20
CA LEU G 301 17.16 5.25 49.64
C LEU G 301 17.45 5.33 51.15
N VAL G 302 17.21 4.26 51.91
CA VAL G 302 17.23 4.37 53.35
C VAL G 302 18.68 4.37 53.85
N ARG G 303 18.95 5.25 54.83
CA ARG G 303 20.25 5.38 55.46
C ARG G 303 20.07 5.33 56.97
N PRO G 304 21.15 5.09 57.75
CA PRO G 304 21.05 5.02 59.21
C PRO G 304 20.29 6.17 59.89
N GLU G 305 20.51 7.41 59.43
CA GLU G 305 19.84 8.59 59.99
C GLU G 305 18.33 8.39 60.08
N HIS G 306 17.74 7.72 59.09
CA HIS G 306 16.29 7.65 58.93
C HIS G 306 15.63 6.79 60.01
N PHE G 307 16.45 6.05 60.78
CA PHE G 307 15.95 5.17 61.83
C PHE G 307 15.85 5.85 63.19
N GLN G 308 16.30 7.10 63.34
CA GLN G 308 16.33 7.70 64.66
C GLN G 308 14.91 7.84 65.20
N GLY G 309 14.69 7.34 66.42
CA GLY G 309 13.39 7.35 67.08
C GLY G 309 12.47 6.19 66.62
N ARG G 310 12.94 5.38 65.67
CA ARG G 310 12.11 4.34 65.08
C ARG G 310 12.73 2.97 65.33
N VAL G 311 14.08 2.91 65.38
CA VAL G 311 14.81 1.67 65.63
C VAL G 311 16.06 2.03 66.43
N LEU G 312 16.12 1.54 67.67
CA LEU G 312 17.30 1.70 68.49
C LEU G 312 18.37 0.71 68.04
N MET G 313 19.55 1.21 67.70
CA MET G 313 20.61 0.40 67.11
C MET G 313 21.85 0.50 67.99
N THR G 314 22.05 -0.47 68.88
CA THR G 314 23.24 -0.47 69.74
C THR G 314 23.44 -1.85 70.37
N SER G 315 24.71 -2.13 70.69
CA SER G 315 25.12 -3.34 71.39
C SER G 315 24.99 -3.15 72.90
N ASP G 316 24.79 -1.90 73.34
CA ASP G 316 24.78 -1.57 74.75
C ASP G 316 23.42 -1.92 75.34
N LEU G 317 23.39 -2.99 76.14
CA LEU G 317 22.13 -3.52 76.68
C LEU G 317 21.58 -2.61 77.79
N ASP G 318 22.44 -1.80 78.41
CA ASP G 318 21.97 -0.82 79.36
C ASP G 318 21.06 0.20 78.65
N ARG G 319 21.40 0.58 77.41
CA ARG G 319 20.66 1.57 76.66
C ARG G 319 19.32 0.99 76.21
N HIS G 320 19.30 -0.32 75.90
CA HIS G 320 18.06 -1.02 75.62
C HIS G 320 17.15 -0.95 76.84
N GLY G 321 17.72 -1.21 78.03
CA GLY G 321 16.98 -1.17 79.27
C GLY G 321 16.34 0.19 79.53
N GLU G 322 17.12 1.27 79.38
CA GLU G 322 16.65 2.63 79.63
C GLU G 322 15.56 3.01 78.63
N PHE G 323 15.75 2.63 77.36
CA PHE G 323 14.77 2.92 76.32
C PHE G 323 13.42 2.30 76.68
N LEU G 324 13.43 1.05 77.14
CA LEU G 324 12.20 0.33 77.46
C LEU G 324 11.58 0.91 78.74
N GLN G 325 12.41 1.18 79.75
CA GLN G 325 11.95 1.72 81.02
C GLN G 325 11.23 3.05 80.80
N HIS G 326 11.77 3.90 79.91
CA HIS G 326 11.17 5.17 79.58
C HIS G 326 9.72 4.98 79.11
N LEU G 327 9.48 3.94 78.31
CA LEU G 327 8.16 3.69 77.76
C LEU G 327 7.21 3.24 78.86
N ILE G 328 7.69 2.43 79.80
CA ILE G 328 6.90 2.06 80.97
C ILE G 328 6.49 3.32 81.73
N ASP G 329 7.46 4.21 81.92
CA ASP G 329 7.28 5.44 82.68
C ASP G 329 6.25 6.34 82.02
N LEU G 330 6.13 6.29 80.68
CA LEU G 330 5.13 7.07 79.96
C LEU G 330 3.72 6.55 80.23
N GLY G 331 3.61 5.28 80.61
CA GLY G 331 2.34 4.68 80.99
C GLY G 331 1.97 3.42 80.19
N PHE G 332 2.91 2.89 79.39
CA PHE G 332 2.67 1.64 78.68
C PHE G 332 2.77 0.48 79.66
N THR G 333 1.81 -0.44 79.57
CA THR G 333 1.68 -1.53 80.52
C THR G 333 2.22 -2.82 79.91
N GLU G 334 2.46 -2.83 78.60
CA GLU G 334 3.15 -3.94 77.94
C GLU G 334 4.00 -3.39 76.80
N ILE G 335 5.17 -4.01 76.61
CA ILE G 335 6.04 -3.69 75.49
C ILE G 335 6.35 -4.98 74.75
N TYR G 336 6.19 -4.95 73.42
CA TYR G 336 6.56 -6.06 72.54
C TYR G 336 7.77 -5.62 71.73
N VAL G 337 8.87 -6.37 71.87
CA VAL G 337 10.14 -5.99 71.26
C VAL G 337 10.42 -6.87 70.05
N HIS G 338 10.65 -6.20 68.91
CA HIS G 338 11.10 -6.81 67.69
C HIS G 338 12.57 -6.46 67.47
N ASN G 339 13.45 -7.46 67.61
CA ASN G 339 14.83 -7.31 67.18
C ASN G 339 14.89 -7.54 65.68
N VAL G 340 15.45 -6.59 64.94
CA VAL G 340 15.39 -6.63 63.48
C VAL G 340 16.40 -7.63 62.93
N GLY G 341 17.44 -7.96 63.69
CA GLY G 341 18.50 -8.82 63.19
C GLY G 341 18.07 -10.28 63.11
N ARG G 342 18.81 -11.06 62.31
CA ARG G 342 18.60 -12.51 62.19
C ARG G 342 19.07 -13.25 63.43
N ASN G 343 19.77 -12.55 64.34
CA ASN G 343 20.35 -13.10 65.55
C ASN G 343 19.30 -13.18 66.67
N GLN G 344 18.19 -13.88 66.41
CA GLN G 344 17.05 -13.89 67.32
C GLN G 344 17.40 -14.63 68.62
N GLU G 345 18.03 -15.79 68.50
CA GLU G 345 18.36 -16.58 69.67
C GLU G 345 19.27 -15.77 70.61
N GLU G 346 20.26 -15.09 70.02
CA GLU G 346 21.28 -14.38 70.79
C GLU G 346 20.61 -13.18 71.46
N PHE G 347 19.72 -12.51 70.72
CA PHE G 347 18.96 -11.38 71.22
C PHE G 347 18.12 -11.81 72.43
N ILE G 348 17.41 -12.93 72.28
CA ILE G 348 16.53 -13.42 73.33
C ILE G 348 17.33 -13.69 74.60
N ARG G 349 18.51 -14.34 74.46
CA ARG G 349 19.31 -14.69 75.63
C ARG G 349 19.90 -13.44 76.27
N ALA G 350 20.32 -12.47 75.45
CA ALA G 350 20.89 -11.23 75.93
C ALA G 350 19.85 -10.43 76.72
N TYR G 351 18.63 -10.31 76.18
CA TYR G 351 17.56 -9.61 76.86
C TYR G 351 17.18 -10.34 78.16
N GLY G 352 17.15 -11.68 78.10
CA GLY G 352 16.78 -12.48 79.26
C GLY G 352 17.76 -12.28 80.42
N ARG G 353 19.04 -12.15 80.09
CA ARG G 353 20.13 -12.02 81.07
C ARG G 353 20.22 -10.58 81.57
N ALA G 354 20.13 -9.58 80.68
CA ALA G 354 20.62 -8.24 80.99
C ALA G 354 19.52 -7.17 81.01
N VAL G 355 18.35 -7.42 80.41
CA VAL G 355 17.34 -6.38 80.26
C VAL G 355 16.10 -6.69 81.08
N ILE G 356 15.48 -7.85 80.86
CA ILE G 356 14.18 -8.15 81.44
C ILE G 356 14.24 -8.08 82.97
N PRO G 357 15.24 -8.70 83.66
CA PRO G 357 15.27 -8.64 85.13
C PRO G 357 15.29 -7.24 85.73
N HIS G 358 15.77 -6.24 84.97
CA HIS G 358 15.99 -4.89 85.48
C HIS G 358 14.86 -3.93 85.12
N LEU G 359 13.86 -4.38 84.34
CA LEU G 359 12.71 -3.54 84.05
C LEU G 359 11.79 -3.49 85.27
N ARG G 360 11.31 -2.28 85.60
CA ARG G 360 10.45 -2.06 86.75
C ARG G 360 9.04 -1.74 86.27
N TRP G 361 8.13 -2.72 86.40
CA TRP G 361 6.74 -2.56 86.04
C TRP G 361 5.93 -2.14 87.26
N PRO G 362 4.92 -1.25 87.15
CA PRO G 362 3.98 -1.03 88.26
C PRO G 362 3.28 -2.35 88.57
N ALA G 363 3.07 -2.62 89.87
CA ALA G 363 2.61 -3.92 90.34
C ALA G 363 1.20 -4.24 89.83
N ASP G 364 0.35 -3.20 89.70
CA ASP G 364 -1.03 -3.46 89.36
C ASP G 364 -1.32 -3.41 87.88
N ALA G 365 -0.29 -3.23 87.04
CA ALA G 365 -0.48 -2.84 85.64
C ALA G 365 -1.38 -3.86 84.92
N PRO G 366 -2.42 -3.41 84.20
CA PRO G 366 -3.27 -4.32 83.43
C PRO G 366 -2.55 -4.88 82.20
N VAL G 367 -2.82 -6.15 81.96
CA VAL G 367 -2.21 -6.88 80.87
C VAL G 367 -3.34 -7.37 79.95
N ALA G 368 -3.04 -7.52 78.66
CA ALA G 368 -4.06 -7.92 77.69
C ALA G 368 -4.42 -9.39 77.89
N GLN G 369 -5.56 -9.61 78.54
CA GLN G 369 -6.12 -10.93 78.79
C GLN G 369 -7.57 -10.77 79.25
N ALA G 370 -8.37 -11.84 79.17
CA ALA G 370 -9.81 -11.79 79.35
C ALA G 370 -10.21 -11.06 80.65
N SER H 34 3.24 -50.68 59.59
CA SER H 34 2.32 -50.95 58.45
C SER H 34 0.87 -50.85 58.88
N SER H 35 0.52 -51.09 60.16
CA SER H 35 -0.84 -50.87 60.67
C SER H 35 -1.14 -49.38 60.86
N ARG H 36 -2.40 -49.02 60.61
CA ARG H 36 -2.79 -47.62 60.55
C ARG H 36 -4.29 -47.48 60.29
N LEU H 37 -4.81 -46.30 60.59
CA LEU H 37 -6.20 -45.92 60.31
C LEU H 37 -6.30 -44.42 60.57
N GLY H 38 -7.26 -43.78 59.92
CA GLY H 38 -7.52 -42.37 60.15
C GLY H 38 -8.61 -42.13 61.19
N TYR H 39 -8.43 -41.08 61.99
CA TYR H 39 -9.41 -40.59 62.93
C TYR H 39 -10.05 -39.32 62.36
N SER H 40 -11.38 -39.30 62.41
CA SER H 40 -12.15 -38.17 61.92
C SER H 40 -12.52 -37.29 63.11
N ALA H 41 -12.02 -36.04 63.11
CA ALA H 41 -12.26 -35.09 64.19
C ALA H 41 -13.48 -34.23 63.87
N SER H 42 -14.56 -34.47 64.60
CA SER H 42 -15.86 -33.86 64.33
C SER H 42 -16.00 -32.53 65.07
N PHE H 43 -15.64 -31.44 64.38
CA PHE H 43 -15.71 -30.10 64.94
C PHE H 43 -17.16 -29.69 65.18
N GLU H 44 -18.10 -30.33 64.48
CA GLU H 44 -19.51 -30.02 64.69
C GLU H 44 -19.92 -30.38 66.11
N GLN H 45 -19.26 -31.40 66.70
CA GLN H 45 -19.74 -31.99 67.94
C GLN H 45 -18.87 -31.66 69.16
N PHE H 46 -17.54 -31.52 68.95
CA PHE H 46 -16.61 -31.61 70.07
C PHE H 46 -15.77 -30.35 70.21
N HIS H 47 -15.60 -29.94 71.46
CA HIS H 47 -14.74 -28.82 71.80
C HIS H 47 -13.35 -29.09 71.25
N PRO H 48 -12.69 -28.10 70.64
CA PRO H 48 -11.35 -28.31 70.09
C PRO H 48 -10.32 -28.83 71.08
N SER H 49 -10.42 -28.46 72.36
CA SER H 49 -9.51 -28.97 73.37
C SER H 49 -9.69 -30.48 73.54
N ASP H 50 -10.94 -30.96 73.49
CA ASP H 50 -11.22 -32.38 73.59
C ASP H 50 -10.68 -33.10 72.35
N LEU H 51 -10.91 -32.52 71.16
CA LEU H 51 -10.43 -33.11 69.94
C LEU H 51 -8.90 -33.23 69.99
N LEU H 52 -8.22 -32.22 70.55
CA LEU H 52 -6.77 -32.25 70.61
C LEU H 52 -6.32 -33.43 71.46
N ARG H 53 -6.89 -33.57 72.67
CA ARG H 53 -6.52 -34.64 73.57
C ARG H 53 -6.82 -36.01 72.93
N TRP H 54 -7.97 -36.13 72.25
CA TRP H 54 -8.36 -37.40 71.68
C TRP H 54 -7.46 -37.79 70.52
N CYS H 55 -7.01 -36.82 69.71
CA CYS H 55 -6.10 -37.10 68.63
C CYS H 55 -4.76 -37.59 69.18
N GLN H 56 -4.31 -37.00 70.29
CA GLN H 56 -3.07 -37.42 70.94
C GLN H 56 -3.19 -38.87 71.40
N LEU H 57 -4.37 -39.22 71.93
CA LEU H 57 -4.64 -40.58 72.36
C LEU H 57 -4.71 -41.51 71.14
N ALA H 58 -5.40 -41.06 70.09
CA ALA H 58 -5.54 -41.84 68.87
C ALA H 58 -4.16 -42.22 68.32
N GLU H 59 -3.23 -41.28 68.36
CA GLU H 59 -1.87 -41.55 67.92
C GLU H 59 -1.27 -42.68 68.75
N GLN H 60 -1.43 -42.61 70.08
CA GLN H 60 -0.91 -43.65 70.96
C GLN H 60 -1.54 -45.00 70.62
N GLU H 61 -2.79 -44.99 70.15
CA GLU H 61 -3.56 -46.21 69.96
C GLU H 61 -3.44 -46.76 68.54
N GLY H 62 -2.61 -46.15 67.67
CA GLY H 62 -2.30 -46.72 66.37
C GLY H 62 -2.91 -45.98 65.19
N PHE H 63 -3.73 -44.93 65.42
CA PHE H 63 -4.19 -44.11 64.32
C PHE H 63 -3.00 -43.30 63.81
N ASP H 64 -2.94 -43.04 62.50
CA ASP H 64 -1.80 -42.37 61.90
C ASP H 64 -2.16 -41.03 61.27
N SER H 65 -3.44 -40.67 61.16
CA SER H 65 -3.84 -39.45 60.48
CA SER H 65 -3.84 -39.45 60.48
C SER H 65 -5.20 -38.98 60.98
N VAL H 66 -5.45 -37.68 60.74
CA VAL H 66 -6.64 -37.01 61.21
C VAL H 66 -7.29 -36.28 60.05
N LEU H 67 -8.62 -36.39 59.97
CA LEU H 67 -9.42 -35.59 59.07
C LEU H 67 -10.20 -34.61 59.92
N ALA H 68 -10.06 -33.30 59.62
CA ALA H 68 -10.68 -32.25 60.40
C ALA H 68 -11.66 -31.46 59.54
N ALA H 69 -12.92 -31.48 59.97
CA ALA H 69 -13.98 -30.71 59.33
C ALA H 69 -13.68 -29.20 59.41
N ASP H 70 -14.07 -28.46 58.38
CA ASP H 70 -13.92 -27.02 58.34
C ASP H 70 -15.30 -26.38 58.32
N HIS H 71 -15.87 -26.19 59.51
CA HIS H 71 -17.21 -25.64 59.63
C HIS H 71 -17.16 -24.30 60.33
N PHE H 72 -18.24 -23.53 60.13
CA PHE H 72 -18.57 -22.39 60.97
C PHE H 72 -19.71 -22.77 61.91
N HIS H 73 -20.64 -23.61 61.44
CA HIS H 73 -21.78 -24.02 62.23
C HIS H 73 -21.86 -25.54 62.29
N PRO H 74 -22.39 -26.10 63.40
CA PRO H 74 -22.76 -27.51 63.47
C PRO H 74 -24.02 -27.71 62.65
N TRP H 75 -24.33 -28.98 62.33
CA TRP H 75 -25.58 -29.30 61.67
C TRP H 75 -26.75 -28.97 62.59
N THR H 76 -26.61 -29.27 63.89
CA THR H 76 -27.67 -29.03 64.85
C THR H 76 -27.12 -28.37 66.10
N PRO H 77 -27.95 -27.62 66.86
CA PRO H 77 -27.54 -27.11 68.18
C PRO H 77 -27.07 -28.20 69.15
N GLU H 78 -27.69 -29.39 69.06
CA GLU H 78 -27.35 -30.48 69.97
C GLU H 78 -25.91 -30.94 69.74
N GLN H 79 -25.41 -30.80 68.51
CA GLN H 79 -24.02 -31.11 68.24
C GLN H 79 -23.13 -30.09 68.96
N GLY H 80 -23.40 -28.80 68.73
CA GLY H 80 -23.07 -27.76 69.68
C GLY H 80 -21.68 -27.13 69.52
N GLN H 81 -20.92 -27.43 68.46
CA GLN H 81 -19.59 -26.85 68.31
C GLN H 81 -19.28 -26.49 66.85
N SER H 82 -18.19 -25.71 66.67
CA SER H 82 -17.56 -25.46 65.38
C SER H 82 -16.32 -24.59 65.58
N GLY H 83 -15.23 -25.22 66.01
CA GLY H 83 -13.96 -24.51 66.11
C GLY H 83 -13.41 -24.14 64.75
N PHE H 84 -12.54 -23.11 64.74
CA PHE H 84 -11.81 -22.71 63.55
C PHE H 84 -10.67 -23.69 63.32
N VAL H 85 -10.81 -24.52 62.30
CA VAL H 85 -9.96 -25.68 62.12
C VAL H 85 -8.50 -25.26 61.93
N TRP H 86 -8.26 -24.14 61.24
CA TRP H 86 -6.89 -23.80 60.85
C TRP H 86 -6.02 -23.55 62.08
N ALA H 87 -6.58 -22.93 63.12
CA ALA H 87 -5.83 -22.69 64.34
C ALA H 87 -5.57 -24.02 65.05
N TRP H 88 -6.60 -24.86 65.13
CA TRP H 88 -6.48 -26.13 65.80
C TRP H 88 -5.40 -27.00 65.14
N LEU H 89 -5.30 -26.96 63.81
CA LEU H 89 -4.37 -27.84 63.11
C LEU H 89 -2.93 -27.52 63.53
N GLY H 90 -2.63 -26.26 63.83
CA GLY H 90 -1.32 -25.91 64.33
C GLY H 90 -0.99 -26.60 65.65
N ALA H 91 -2.00 -26.68 66.53
CA ALA H 91 -1.84 -27.35 67.81
C ALA H 91 -1.63 -28.85 67.61
N LEU H 92 -2.40 -29.44 66.70
CA LEU H 92 -2.26 -30.85 66.37
C LEU H 92 -0.86 -31.11 65.85
N GLY H 93 -0.44 -30.30 64.88
CA GLY H 93 0.86 -30.44 64.25
C GLY H 93 1.98 -30.39 65.28
N ALA H 94 1.88 -29.50 66.26
CA ALA H 94 2.98 -29.25 67.17
C ALA H 94 3.04 -30.26 68.30
N THR H 95 1.98 -31.06 68.53
CA THR H 95 1.93 -31.97 69.67
C THR H 95 1.81 -33.43 69.27
N THR H 96 1.84 -33.75 67.97
CA THR H 96 1.76 -35.12 67.49
C THR H 96 2.66 -35.27 66.27
N ARG H 97 2.76 -36.49 65.76
CA ARG H 97 3.44 -36.79 64.49
C ARG H 97 2.43 -37.29 63.45
N LEU H 98 1.13 -37.21 63.76
CA LEU H 98 0.06 -37.59 62.87
C LEU H 98 0.08 -36.78 61.57
N ARG H 99 -0.33 -37.40 60.46
CA ARG H 99 -0.72 -36.69 59.27
C ARG H 99 -2.11 -36.10 59.51
N PHE H 100 -2.47 -35.06 58.77
CA PHE H 100 -3.76 -34.45 58.94
C PHE H 100 -4.17 -33.67 57.70
N GLY H 101 -5.48 -33.47 57.54
CA GLY H 101 -6.00 -32.69 56.43
C GLY H 101 -7.37 -32.11 56.76
N THR H 102 -7.76 -31.09 55.98
CA THR H 102 -9.08 -30.51 56.05
C THR H 102 -10.03 -31.43 55.28
N GLY H 103 -11.21 -31.67 55.86
CA GLY H 103 -12.17 -32.55 55.22
C GLY H 103 -13.59 -31.98 55.23
N VAL H 104 -13.89 -30.92 54.48
CA VAL H 104 -12.98 -30.24 53.56
C VAL H 104 -13.18 -28.73 53.70
N THR H 105 -12.25 -27.94 53.15
CA THR H 105 -12.37 -26.50 53.10
C THR H 105 -13.01 -26.10 51.77
N PRO H 106 -13.97 -25.16 51.75
CA PRO H 106 -14.45 -24.58 50.50
C PRO H 106 -13.69 -23.30 50.14
N PRO H 107 -12.73 -23.38 49.19
CA PRO H 107 -11.90 -22.22 48.87
C PRO H 107 -12.50 -21.34 47.78
N ILE H 108 -13.80 -21.12 47.85
CA ILE H 108 -14.51 -20.54 46.71
C ILE H 108 -15.03 -19.14 47.03
N GLY H 109 -14.47 -18.50 48.06
CA GLY H 109 -14.58 -17.07 48.23
C GLY H 109 -15.76 -16.62 49.09
N PHE H 110 -16.33 -17.50 49.92
CA PHE H 110 -17.36 -17.09 50.86
C PHE H 110 -16.67 -16.84 52.18
N ARG H 111 -16.55 -17.85 53.04
CA ARG H 111 -15.73 -17.73 54.23
C ARG H 111 -14.26 -17.53 53.86
N TYR H 112 -13.79 -18.15 52.76
CA TYR H 112 -12.37 -18.20 52.48
C TYR H 112 -12.07 -17.88 51.01
N HIS H 113 -11.16 -16.92 50.81
CA HIS H 113 -10.61 -16.66 49.49
C HIS H 113 -9.57 -17.73 49.17
N PRO H 114 -9.48 -18.23 47.93
CA PRO H 114 -8.55 -19.31 47.63
C PRO H 114 -7.10 -18.98 47.93
N ALA H 115 -6.71 -17.71 47.79
CA ALA H 115 -5.33 -17.33 48.07
C ALA H 115 -5.01 -17.55 49.55
N ILE H 116 -5.99 -17.36 50.43
CA ILE H 116 -5.77 -17.51 51.87
C ILE H 116 -5.68 -18.99 52.22
N VAL H 117 -6.53 -19.82 51.61
CA VAL H 117 -6.42 -21.25 51.81
C VAL H 117 -5.05 -21.73 51.35
N ALA H 118 -4.58 -21.20 50.21
CA ALA H 118 -3.28 -21.62 49.71
C ALA H 118 -2.19 -21.27 50.73
N GLN H 119 -2.24 -20.07 51.29
CA GLN H 119 -1.24 -19.63 52.23
C GLN H 119 -1.29 -20.49 53.48
N ALA H 120 -2.51 -20.78 53.97
CA ALA H 120 -2.65 -21.58 55.17
C ALA H 120 -2.09 -22.98 54.97
N ALA H 121 -2.39 -23.57 53.82
CA ALA H 121 -1.92 -24.91 53.48
C ALA H 121 -0.40 -24.93 53.38
N ALA H 122 0.16 -23.93 52.71
CA ALA H 122 1.61 -23.85 52.56
C ALA H 122 2.28 -23.69 53.91
N THR H 123 1.68 -22.92 54.82
CA THR H 123 2.27 -22.71 56.14
C THR H 123 2.27 -24.02 56.92
N LEU H 124 1.14 -24.72 56.92
CA LEU H 124 1.03 -25.97 57.65
C LEU H 124 2.05 -26.97 57.14
N GLU H 125 2.15 -27.12 55.81
CA GLU H 125 3.09 -28.09 55.25
C GLU H 125 4.54 -27.65 55.52
N ALA H 126 4.80 -26.33 55.50
CA ALA H 126 6.13 -25.84 55.77
C ALA H 126 6.54 -26.13 57.21
N MET H 127 5.57 -26.03 58.14
CA MET H 127 5.83 -26.28 59.55
C MET H 127 5.90 -27.77 59.85
N PHE H 128 5.08 -28.56 59.15
CA PHE H 128 4.95 -29.99 59.43
C PHE H 128 5.15 -30.79 58.15
N PRO H 129 6.36 -30.77 57.55
CA PRO H 129 6.56 -31.32 56.21
C PRO H 129 6.24 -32.80 56.18
N GLY H 130 5.56 -33.21 55.10
CA GLY H 130 5.18 -34.60 54.89
C GLY H 130 3.87 -34.97 55.59
N ARG H 131 3.17 -34.02 56.21
CA ARG H 131 2.09 -34.37 57.13
C ARG H 131 0.74 -33.80 56.69
N PHE H 132 0.70 -32.72 55.92
CA PHE H 132 -0.56 -32.06 55.63
C PHE H 132 -1.08 -32.44 54.25
N TRP H 133 -2.39 -32.61 54.13
CA TRP H 133 -3.05 -32.68 52.82
C TRP H 133 -4.21 -31.71 52.77
N LEU H 134 -4.35 -30.98 51.65
CA LEU H 134 -5.36 -29.95 51.54
C LEU H 134 -6.62 -30.55 50.91
N GLY H 135 -7.61 -30.81 51.75
CA GLY H 135 -8.90 -31.27 51.27
C GLY H 135 -9.83 -30.09 51.02
N ILE H 136 -10.41 -30.05 49.81
CA ILE H 136 -11.27 -28.96 49.39
C ILE H 136 -12.56 -29.51 48.78
N GLY H 137 -13.60 -28.67 48.77
CA GLY H 137 -14.90 -29.04 48.22
C GLY H 137 -15.74 -27.79 47.90
N ALA H 138 -16.95 -28.01 47.40
CA ALA H 138 -17.82 -26.97 46.86
C ALA H 138 -18.62 -26.26 47.95
N GLY H 139 -18.59 -26.78 49.17
CA GLY H 139 -19.11 -26.08 50.34
C GLY H 139 -20.61 -26.25 50.53
N GLU H 140 -21.09 -25.88 51.73
CA GLU H 140 -22.49 -25.91 52.08
C GLU H 140 -22.93 -24.56 52.62
N ALA H 141 -24.20 -24.23 52.36
CA ALA H 141 -24.78 -22.97 52.79
C ALA H 141 -24.70 -22.85 54.31
N LEU H 142 -24.84 -23.99 55.02
CA LEU H 142 -24.77 -24.02 56.46
C LEU H 142 -23.62 -23.14 56.98
N ASN H 143 -22.47 -23.21 56.31
CA ASN H 143 -21.29 -22.48 56.73
C ASN H 143 -21.10 -21.19 55.91
N GLU H 144 -21.39 -21.23 54.61
CA GLU H 144 -21.00 -20.12 53.74
C GLU H 144 -22.03 -18.98 53.78
N HIS H 145 -23.26 -19.25 54.22
CA HIS H 145 -24.32 -18.26 54.09
C HIS H 145 -24.10 -17.04 54.99
N ILE H 146 -23.22 -17.16 55.98
CA ILE H 146 -23.04 -16.10 56.96
C ILE H 146 -22.57 -14.80 56.30
N VAL H 147 -21.91 -14.88 55.13
CA VAL H 147 -21.35 -13.68 54.51
C VAL H 147 -22.38 -12.99 53.62
N GLY H 148 -23.57 -13.55 53.48
CA GLY H 148 -24.68 -12.86 52.85
C GLY H 148 -24.55 -12.68 51.34
N ARG H 149 -24.05 -13.70 50.63
CA ARG H 149 -23.85 -13.59 49.19
C ARG H 149 -24.69 -14.61 48.43
N TYR H 150 -24.88 -14.35 47.13
CA TYR H 150 -25.53 -15.27 46.22
C TYR H 150 -24.92 -16.66 46.33
N TRP H 151 -25.77 -17.67 46.52
CA TRP H 151 -25.32 -19.05 46.67
C TRP H 151 -25.66 -19.82 45.40
N PRO H 152 -24.66 -20.13 44.55
CA PRO H 152 -24.93 -20.80 43.28
C PRO H 152 -25.38 -22.24 43.45
N GLU H 153 -26.05 -22.76 42.41
CA GLU H 153 -26.37 -24.18 42.33
C GLU H 153 -25.09 -25.00 42.36
N PRO H 154 -25.16 -26.28 42.77
CA PRO H 154 -24.00 -27.16 42.80
C PRO H 154 -23.12 -27.14 41.56
N ALA H 155 -23.70 -27.23 40.36
CA ALA H 155 -22.87 -27.31 39.15
C ALA H 155 -22.04 -26.02 38.99
N GLU H 156 -22.64 -24.88 39.35
CA GLU H 156 -21.89 -23.63 39.28
C GLU H 156 -20.80 -23.61 40.35
N ARG H 157 -21.06 -24.14 41.54
CA ARG H 157 -20.05 -24.14 42.58
C ARG H 157 -18.88 -25.02 42.19
N ILE H 158 -19.14 -26.09 41.43
CA ILE H 158 -18.10 -26.94 40.89
C ILE H 158 -17.19 -26.09 39.99
N ARG H 159 -17.78 -25.24 39.14
CA ARG H 159 -16.97 -24.39 38.28
C ARG H 159 -16.13 -23.45 39.14
N MET H 160 -16.69 -22.98 40.26
CA MET H 160 -15.93 -22.11 41.15
C MET H 160 -14.77 -22.88 41.76
N LEU H 161 -15.03 -24.12 42.16
CA LEU H 161 -14.02 -24.95 42.79
C LEU H 161 -12.86 -25.20 41.82
N ILE H 162 -13.18 -25.45 40.56
CA ILE H 162 -12.16 -25.71 39.55
C ILE H 162 -11.28 -24.48 39.37
N GLU H 163 -11.87 -23.29 39.37
CA GLU H 163 -11.07 -22.08 39.26
C GLU H 163 -10.23 -21.89 40.53
N ALA H 164 -10.79 -22.21 41.70
CA ALA H 164 -10.04 -22.07 42.93
C ALA H 164 -8.82 -22.99 42.93
N ILE H 165 -8.98 -24.19 42.39
CA ILE H 165 -7.87 -25.15 42.27
C ILE H 165 -6.74 -24.51 41.46
N GLU H 166 -7.11 -23.85 40.37
CA GLU H 166 -6.15 -23.17 39.51
C GLU H 166 -5.39 -22.14 40.33
N VAL H 167 -6.10 -21.34 41.14
CA VAL H 167 -5.47 -20.30 41.93
C VAL H 167 -4.51 -20.93 42.92
N ILE H 168 -4.95 -21.98 43.62
CA ILE H 168 -4.11 -22.59 44.63
C ILE H 168 -2.84 -23.16 43.99
N GLN H 169 -3.00 -23.85 42.85
CA GLN H 169 -1.88 -24.48 42.18
C GLN H 169 -0.88 -23.42 41.70
N LYS H 170 -1.38 -22.31 41.15
CA LYS H 170 -0.49 -21.23 40.73
C LYS H 170 0.32 -20.73 41.93
N LEU H 171 -0.35 -20.49 43.06
CA LEU H 171 0.33 -19.96 44.22
C LEU H 171 1.36 -20.97 44.74
N PHE H 172 1.04 -22.26 44.64
CA PHE H 172 1.93 -23.31 45.12
C PHE H 172 3.21 -23.40 44.30
N THR H 173 3.29 -22.77 43.11
CA THR H 173 4.54 -22.75 42.35
C THR H 173 5.61 -21.92 43.05
N GLY H 174 5.22 -21.02 43.96
CA GLY H 174 6.17 -20.19 44.68
C GLY H 174 6.60 -18.96 43.88
N LYS H 175 5.97 -18.71 42.74
CA LYS H 175 6.28 -17.52 41.95
C LYS H 175 5.27 -16.42 42.29
N VAL H 176 5.58 -15.21 41.83
CA VAL H 176 4.63 -14.12 41.79
C VAL H 176 3.62 -14.43 40.70
N ILE H 177 2.36 -14.55 41.07
CA ILE H 177 1.33 -14.88 40.09
C ILE H 177 0.21 -13.85 40.12
N ARG H 178 -0.47 -13.77 38.97
CA ARG H 178 -1.67 -12.96 38.78
C ARG H 178 -2.73 -13.91 38.22
N HIS H 179 -3.99 -13.64 38.53
CA HIS H 179 -5.07 -14.47 38.04
C HIS H 179 -6.30 -13.60 37.82
N GLU H 180 -6.96 -13.80 36.69
CA GLU H 180 -8.25 -13.19 36.43
C GLU H 180 -9.13 -14.21 35.73
N GLY H 181 -10.16 -14.68 36.43
CA GLY H 181 -11.12 -15.61 35.85
C GLY H 181 -12.54 -15.13 36.10
N VAL H 182 -13.51 -16.02 35.86
CA VAL H 182 -14.90 -15.66 36.04
C VAL H 182 -15.16 -15.31 37.50
N TYR H 183 -14.56 -16.04 38.46
CA TYR H 183 -14.96 -15.93 39.85
C TYR H 183 -13.92 -15.25 40.74
N PHE H 184 -12.63 -15.30 40.40
CA PHE H 184 -11.61 -14.81 41.31
C PHE H 184 -10.66 -13.87 40.57
N LYS H 185 -10.21 -12.85 41.30
CA LYS H 185 -9.18 -11.94 40.83
C LYS H 185 -8.08 -11.98 41.88
N VAL H 186 -6.86 -12.28 41.43
CA VAL H 186 -5.69 -12.24 42.30
C VAL H 186 -4.69 -11.28 41.68
N GLU H 187 -4.36 -10.23 42.42
CA GLU H 187 -3.28 -9.33 42.05
C GLU H 187 -1.96 -9.97 42.45
N SER H 188 -0.85 -9.43 41.93
CA SER H 188 0.48 -9.95 42.17
C SER H 188 0.59 -10.53 43.58
N ALA H 189 0.74 -11.85 43.66
CA ALA H 189 0.75 -12.56 44.93
C ALA H 189 1.75 -13.71 44.87
N LYS H 190 2.48 -13.88 45.97
CA LYS H 190 3.46 -14.93 46.11
C LYS H 190 3.45 -15.47 47.52
N LEU H 191 3.57 -16.80 47.64
CA LEU H 191 3.76 -17.47 48.91
C LEU H 191 5.25 -17.52 49.22
N TYR H 192 5.71 -16.68 50.15
CA TYR H 192 7.11 -16.66 50.52
C TYR H 192 7.44 -17.81 51.48
N THR H 193 6.47 -18.22 52.30
CA THR H 193 6.62 -19.33 53.21
C THR H 193 6.01 -20.57 52.55
N MET H 194 6.90 -21.48 52.15
CA MET H 194 6.58 -22.56 51.24
CA MET H 194 6.58 -22.56 51.24
C MET H 194 7.33 -23.81 51.70
N PRO H 195 6.73 -25.01 51.68
CA PRO H 195 7.51 -26.23 51.85
CA PRO H 195 7.51 -26.23 51.85
C PRO H 195 8.32 -26.49 50.58
N ASP H 196 9.31 -27.38 50.66
CA ASP H 196 10.08 -27.77 49.49
C ASP H 196 9.15 -28.36 48.45
N VAL H 197 8.16 -29.14 48.90
CA VAL H 197 7.20 -29.78 48.03
C VAL H 197 5.80 -29.47 48.54
N PRO H 198 4.87 -29.05 47.64
CA PRO H 198 3.54 -28.64 48.07
C PRO H 198 2.75 -29.80 48.65
N PRO H 199 1.78 -29.53 49.56
CA PRO H 199 0.88 -30.58 50.02
C PRO H 199 -0.02 -30.97 48.87
N PRO H 200 -0.50 -32.23 48.84
CA PRO H 200 -1.39 -32.67 47.76
C PRO H 200 -2.76 -32.01 47.95
N ILE H 201 -3.42 -31.74 46.81
CA ILE H 201 -4.78 -31.25 46.82
C ILE H 201 -5.73 -32.42 46.60
N ILE H 202 -6.61 -32.59 47.58
CA ILE H 202 -7.59 -33.67 47.61
C ILE H 202 -8.96 -33.03 47.47
N VAL H 203 -9.79 -33.56 46.54
CA VAL H 203 -11.15 -33.05 46.44
C VAL H 203 -12.10 -34.01 47.15
N GLY H 204 -12.94 -33.45 48.03
CA GLY H 204 -14.04 -34.16 48.64
C GLY H 204 -15.32 -34.00 47.80
N THR H 205 -15.83 -35.09 47.24
CA THR H 205 -17.02 -35.07 46.43
C THR H 205 -17.67 -36.46 46.42
N ALA H 206 -18.98 -36.48 46.14
CA ALA H 206 -19.72 -37.71 45.90
C ALA H 206 -20.33 -37.70 44.49
N GLY H 207 -19.92 -36.74 43.66
CA GLY H 207 -20.44 -36.63 42.30
C GLY H 207 -19.53 -37.34 41.29
N PRO H 208 -20.07 -38.22 40.43
CA PRO H 208 -19.28 -38.84 39.36
C PRO H 208 -18.51 -37.84 38.49
N TYR H 209 -19.16 -36.74 38.12
CA TYR H 209 -18.52 -35.76 37.26
C TYR H 209 -17.28 -35.20 37.95
N MET H 210 -17.43 -34.73 39.21
CA MET H 210 -16.34 -34.07 39.88
C MET H 210 -15.25 -35.08 40.25
N ALA H 211 -15.63 -36.34 40.46
CA ALA H 211 -14.65 -37.38 40.75
C ALA H 211 -13.71 -37.52 39.56
N LYS H 212 -14.25 -37.54 38.34
CA LYS H 212 -13.43 -37.60 37.13
C LYS H 212 -12.51 -36.37 37.06
N LYS H 213 -13.07 -35.19 37.31
CA LYS H 213 -12.30 -33.95 37.25
C LYS H 213 -11.21 -33.97 38.32
N THR H 214 -11.48 -34.58 39.47
CA THR H 214 -10.51 -34.66 40.53
C THR H 214 -9.28 -35.43 40.05
N GLY H 215 -9.53 -36.56 39.37
CA GLY H 215 -8.46 -37.35 38.81
C GLY H 215 -7.65 -36.57 37.78
N GLN H 216 -8.36 -35.80 36.97
CA GLN H 216 -7.72 -35.01 35.93
C GLN H 216 -6.86 -33.87 36.52
N LEU H 217 -7.36 -33.15 37.52
CA LEU H 217 -6.82 -31.85 37.91
C LEU H 217 -6.06 -31.85 39.24
N CYS H 218 -6.34 -32.86 40.09
CA CYS H 218 -5.88 -32.83 41.47
C CYS H 218 -5.03 -34.05 41.78
N ASP H 219 -4.72 -34.24 43.07
CA ASP H 219 -3.79 -35.28 43.47
C ASP H 219 -4.49 -36.49 44.09
N GLY H 220 -5.76 -36.35 44.52
CA GLY H 220 -6.44 -37.45 45.15
C GLY H 220 -7.92 -37.17 45.42
N LEU H 221 -8.63 -38.22 45.84
CA LEU H 221 -10.06 -38.21 46.03
C LEU H 221 -10.40 -38.49 47.48
N LEU H 222 -11.36 -37.74 48.02
CA LEU H 222 -11.98 -38.02 49.30
C LEU H 222 -13.49 -38.11 49.06
N THR H 223 -14.11 -39.19 49.54
CA THR H 223 -15.54 -39.34 49.35
C THR H 223 -16.13 -39.87 50.65
N PRO H 224 -17.45 -39.66 50.90
CA PRO H 224 -18.10 -40.24 52.06
C PRO H 224 -18.51 -41.69 51.84
N GLY H 225 -18.79 -42.37 52.95
CA GLY H 225 -19.35 -43.70 53.00
C GLY H 225 -20.63 -43.73 52.22
N ALA H 226 -20.77 -44.80 51.42
CA ALA H 226 -21.95 -45.02 50.60
C ALA H 226 -21.92 -46.49 50.21
N ASN H 227 -22.94 -46.95 49.49
CA ASN H 227 -23.01 -48.34 49.10
C ASN H 227 -21.90 -48.65 48.11
N ASP H 228 -21.63 -49.96 47.93
CA ASP H 228 -20.49 -50.40 47.14
C ASP H 228 -20.59 -49.91 45.70
N GLU H 229 -21.80 -49.97 45.13
CA GLU H 229 -21.99 -49.58 43.73
C GLU H 229 -21.58 -48.13 43.51
N LYS H 230 -21.97 -47.23 44.41
CA LYS H 230 -21.68 -45.82 44.26
C LYS H 230 -20.18 -45.57 44.43
N LEU H 231 -19.55 -46.25 45.40
CA LEU H 231 -18.12 -46.09 45.65
C LEU H 231 -17.32 -46.58 44.44
N ARG H 232 -17.71 -47.71 43.87
CA ARG H 232 -17.02 -48.27 42.71
C ARG H 232 -17.11 -47.29 41.51
N LEU H 233 -18.27 -46.65 41.35
CA LEU H 233 -18.46 -45.70 40.27
C LEU H 233 -17.52 -44.50 40.46
N LEU H 234 -17.48 -43.96 41.68
CA LEU H 234 -16.64 -42.81 41.97
C LEU H 234 -15.17 -43.16 41.77
N LEU H 235 -14.73 -44.32 42.26
CA LEU H 235 -13.36 -44.76 42.06
C LEU H 235 -13.06 -44.86 40.57
N SER H 236 -13.97 -45.48 39.81
CA SER H 236 -13.76 -45.71 38.38
C SER H 236 -13.65 -44.37 37.65
N ARG H 237 -14.53 -43.43 37.98
CA ARG H 237 -14.52 -42.11 37.35
C ARG H 237 -13.19 -41.39 37.64
N PHE H 238 -12.77 -41.44 38.91
CA PHE H 238 -11.50 -40.85 39.32
C PHE H 238 -10.35 -41.44 38.53
N GLU H 239 -10.33 -42.77 38.40
CA GLU H 239 -9.23 -43.45 37.73
C GLU H 239 -9.19 -43.05 36.24
N GLU H 240 -10.36 -43.04 35.61
CA GLU H 240 -10.50 -42.68 34.20
C GLU H 240 -9.99 -41.25 33.97
N GLY H 241 -10.37 -40.33 34.85
CA GLY H 241 -9.95 -38.93 34.75
C GLY H 241 -8.43 -38.78 34.84
N ALA H 242 -7.82 -39.51 35.78
CA ALA H 242 -6.38 -39.49 35.94
C ALA H 242 -5.70 -40.07 34.70
N ARG H 243 -6.21 -41.21 34.20
CA ARG H 243 -5.59 -41.87 33.06
C ARG H 243 -5.68 -41.00 31.80
N ALA H 244 -6.84 -40.39 31.57
CA ALA H 244 -7.00 -39.53 30.40
C ALA H 244 -6.08 -38.32 30.47
N ALA H 245 -5.63 -37.93 31.66
CA ALA H 245 -4.69 -36.82 31.81
C ALA H 245 -3.24 -37.30 31.86
N GLY H 246 -2.98 -38.59 31.58
CA GLY H 246 -1.63 -39.13 31.52
C GLY H 246 -1.04 -39.43 32.90
N LYS H 247 -1.86 -39.45 33.95
CA LYS H 247 -1.38 -39.70 35.30
C LYS H 247 -1.56 -41.17 35.65
N ASP H 248 -0.83 -41.62 36.69
CA ASP H 248 -0.94 -42.98 37.18
C ASP H 248 -1.80 -42.98 38.44
N PRO H 249 -3.08 -43.45 38.37
CA PRO H 249 -3.98 -43.41 39.53
C PRO H 249 -3.61 -44.36 40.67
N ARG H 250 -2.73 -45.34 40.38
CA ARG H 250 -2.27 -46.25 41.41
C ARG H 250 -1.42 -45.54 42.44
N ARG H 251 -0.85 -44.37 42.10
CA ARG H 251 -0.02 -43.61 43.01
C ARG H 251 -0.79 -42.43 43.61
N MET H 252 -2.11 -42.35 43.37
CA MET H 252 -2.90 -41.23 43.84
C MET H 252 -3.80 -41.70 44.96
N PRO H 253 -3.88 -40.99 46.11
CA PRO H 253 -4.71 -41.42 47.24
C PRO H 253 -6.19 -41.48 46.87
N ARG H 254 -6.86 -42.53 47.36
CA ARG H 254 -8.30 -42.66 47.31
C ARG H 254 -8.78 -42.85 48.74
N MET H 255 -9.42 -41.80 49.27
CA MET H 255 -9.68 -41.69 50.69
C MET H 255 -11.19 -41.74 50.88
N ILE H 256 -11.60 -42.38 51.98
CA ILE H 256 -13.02 -42.42 52.30
C ILE H 256 -13.17 -42.02 53.76
N GLN H 257 -14.22 -41.23 54.02
CA GLN H 257 -14.62 -40.87 55.37
C GLN H 257 -15.90 -41.62 55.71
N VAL H 258 -15.86 -42.43 56.76
CA VAL H 258 -17.00 -43.25 57.15
C VAL H 258 -17.49 -42.77 58.51
N HIS H 259 -18.80 -42.93 58.69
CA HIS H 259 -19.45 -42.63 59.95
C HIS H 259 -19.88 -43.97 60.54
N VAL H 260 -19.47 -44.22 61.79
CA VAL H 260 -19.84 -45.42 62.48
C VAL H 260 -20.40 -45.00 63.83
N SER H 261 -21.09 -45.96 64.46
CA SER H 261 -21.51 -45.82 65.84
C SER H 261 -21.12 -47.11 66.55
N TRP H 262 -20.05 -47.02 67.36
CA TRP H 262 -19.70 -48.08 68.28
C TRP H 262 -20.11 -47.65 69.68
N ALA H 263 -20.61 -48.62 70.45
CA ALA H 263 -20.95 -48.43 71.84
C ALA H 263 -21.01 -49.79 72.51
N GLU H 264 -21.36 -49.81 73.81
CA GLU H 264 -21.25 -51.03 74.60
C GLU H 264 -22.32 -52.03 74.15
N THR H 265 -23.48 -51.51 73.68
CA THR H 265 -24.54 -52.34 73.13
C THR H 265 -24.97 -51.75 71.79
N ASP H 266 -25.60 -52.62 70.97
CA ASP H 266 -26.24 -52.20 69.73
C ASP H 266 -27.26 -51.10 70.00
N GLU H 267 -28.04 -51.25 71.08
CA GLU H 267 -29.10 -50.30 71.38
C GLU H 267 -28.51 -48.90 71.59
N GLN H 268 -27.40 -48.81 72.34
CA GLN H 268 -26.75 -47.52 72.59
C GLN H 268 -26.17 -46.96 71.29
N ALA H 269 -25.65 -47.85 70.43
CA ALA H 269 -25.05 -47.41 69.17
C ALA H 269 -26.11 -46.74 68.29
N ILE H 270 -27.31 -47.34 68.26
CA ILE H 270 -28.40 -46.82 67.48
C ILE H 270 -28.84 -45.47 68.04
N GLU H 271 -29.00 -45.39 69.38
CA GLU H 271 -29.47 -44.18 70.03
C GLU H 271 -28.48 -43.04 69.78
N ASN H 272 -27.18 -43.35 69.85
CA ASN H 272 -26.13 -42.36 69.66
C ASN H 272 -26.22 -41.74 68.25
N ALA H 273 -26.48 -42.58 67.23
CA ALA H 273 -26.58 -42.09 65.88
C ALA H 273 -27.77 -41.13 65.72
N LEU H 274 -28.95 -41.51 66.25
CA LEU H 274 -30.13 -40.67 66.19
C LEU H 274 -29.92 -39.32 66.85
N ARG H 275 -29.31 -39.34 68.04
CA ARG H 275 -29.22 -38.14 68.86
C ARG H 275 -28.14 -37.21 68.31
N GLU H 276 -27.00 -37.78 67.89
CA GLU H 276 -25.81 -37.01 67.62
C GLU H 276 -25.65 -36.66 66.13
N TRP H 277 -26.18 -37.52 65.24
CA TRP H 277 -25.83 -37.41 63.83
C TRP H 277 -27.05 -37.70 62.95
N PRO H 278 -28.19 -37.03 63.18
CA PRO H 278 -29.38 -37.26 62.36
C PRO H 278 -29.15 -36.90 60.89
N ASN H 279 -28.23 -35.99 60.65
CA ASN H 279 -27.86 -35.60 59.30
C ASN H 279 -27.31 -36.81 58.51
N GLY H 280 -26.77 -37.81 59.25
CA GLY H 280 -26.35 -39.05 58.65
C GLY H 280 -27.53 -39.83 58.06
N GLY H 281 -28.75 -39.58 58.53
CA GLY H 281 -29.93 -40.25 58.04
C GLY H 281 -30.71 -39.39 57.03
N MET H 282 -30.09 -38.33 56.54
CA MET H 282 -30.72 -37.42 55.60
C MET H 282 -30.15 -37.68 54.21
N ALA H 283 -30.77 -38.64 53.51
CA ALA H 283 -30.35 -39.05 52.18
C ALA H 283 -30.98 -38.12 51.15
N PHE H 284 -30.51 -36.88 51.13
CA PHE H 284 -31.01 -35.87 50.22
C PHE H 284 -29.99 -34.72 50.19
N PRO H 285 -30.00 -33.85 49.17
CA PRO H 285 -28.99 -32.80 49.04
C PRO H 285 -29.21 -31.78 50.16
N LYS H 286 -28.12 -31.42 50.85
CA LYS H 286 -28.18 -30.61 52.05
C LYS H 286 -27.47 -29.27 51.90
N GLY H 287 -26.99 -28.98 50.68
CA GLY H 287 -26.05 -27.89 50.47
C GLY H 287 -26.70 -26.49 50.48
N ASP H 288 -28.05 -26.42 50.46
CA ASP H 288 -28.74 -25.15 50.41
C ASP H 288 -29.32 -24.73 51.78
N ILE H 289 -29.27 -25.63 52.77
CA ILE H 289 -29.93 -25.39 54.05
C ILE H 289 -29.01 -24.55 54.95
N ARG H 290 -29.56 -23.44 55.46
CA ARG H 290 -28.73 -22.37 56.01
C ARG H 290 -28.46 -22.54 57.50
N ASN H 291 -29.44 -23.00 58.27
CA ASN H 291 -29.39 -22.85 59.73
C ASN H 291 -29.33 -24.18 60.46
N PRO H 292 -28.58 -24.26 61.58
CA PRO H 292 -28.68 -25.43 62.46
C PRO H 292 -30.12 -25.75 62.89
N GLU H 293 -30.93 -24.70 63.10
CA GLU H 293 -32.32 -24.86 63.48
C GLU H 293 -33.13 -25.55 62.38
N ASP H 294 -32.72 -25.38 61.11
CA ASP H 294 -33.40 -26.02 59.99
C ASP H 294 -33.15 -27.53 60.05
N PHE H 295 -31.88 -27.93 60.16
CA PHE H 295 -31.53 -29.34 60.28
C PHE H 295 -32.16 -29.92 61.52
N GLN H 296 -32.19 -29.15 62.61
CA GLN H 296 -32.76 -29.61 63.86
C GLN H 296 -34.22 -30.02 63.67
N ALA H 297 -34.98 -29.19 62.95
CA ALA H 297 -36.39 -29.49 62.72
C ALA H 297 -36.52 -30.70 61.77
N MET H 298 -35.62 -30.80 60.79
CA MET H 298 -35.64 -31.91 59.85
C MET H 298 -35.27 -33.20 60.57
N ALA H 299 -34.42 -33.12 61.59
CA ALA H 299 -33.96 -34.29 62.35
C ALA H 299 -35.13 -35.07 62.94
N ARG H 300 -36.23 -34.38 63.27
CA ARG H 300 -37.38 -35.01 63.90
C ARG H 300 -37.97 -36.10 63.00
N LEU H 301 -37.65 -36.11 61.70
CA LEU H 301 -38.14 -37.10 60.77
C LEU H 301 -37.23 -38.33 60.70
N VAL H 302 -36.00 -38.24 61.21
CA VAL H 302 -35.03 -39.29 60.97
C VAL H 302 -35.29 -40.47 61.89
N ARG H 303 -35.20 -41.68 61.31
CA ARG H 303 -35.39 -42.93 62.04
C ARG H 303 -34.18 -43.83 61.72
N PRO H 304 -33.97 -44.91 62.53
CA PRO H 304 -32.84 -45.81 62.29
C PRO H 304 -32.67 -46.34 60.87
N GLU H 305 -33.79 -46.68 60.20
CA GLU H 305 -33.76 -47.21 58.84
C GLU H 305 -32.95 -46.30 57.91
N HIS H 306 -33.02 -44.97 58.12
CA HIS H 306 -32.49 -43.99 57.19
C HIS H 306 -30.95 -43.99 57.19
N PHE H 307 -30.33 -44.67 58.16
CA PHE H 307 -28.89 -44.72 58.28
C PHE H 307 -28.25 -45.90 57.54
N GLN H 308 -29.05 -46.80 56.95
CA GLN H 308 -28.45 -48.01 56.37
C GLN H 308 -27.56 -47.60 55.20
N GLY H 309 -26.31 -48.11 55.21
CA GLY H 309 -25.31 -47.79 54.21
C GLY H 309 -24.59 -46.46 54.45
N ARG H 310 -24.99 -45.74 55.50
CA ARG H 310 -24.48 -44.40 55.77
C ARG H 310 -23.77 -44.40 57.14
N VAL H 311 -24.27 -45.22 58.09
CA VAL H 311 -23.72 -45.30 59.43
C VAL H 311 -23.85 -46.74 59.92
N LEU H 312 -22.70 -47.37 60.15
CA LEU H 312 -22.65 -48.69 60.75
C LEU H 312 -22.90 -48.58 62.26
N MET H 313 -23.92 -49.29 62.75
CA MET H 313 -24.35 -49.14 64.14
C MET H 313 -24.27 -50.51 64.81
N THR H 314 -23.17 -50.79 65.54
CA THR H 314 -23.04 -52.05 66.23
C THR H 314 -21.92 -51.99 67.27
N SER H 315 -22.08 -52.81 68.33
CA SER H 315 -21.09 -52.97 69.37
C SER H 315 -20.05 -54.02 68.98
N ASP H 316 -20.32 -54.76 67.91
CA ASP H 316 -19.49 -55.87 67.50
C ASP H 316 -18.28 -55.34 66.73
N LEU H 317 -17.10 -55.38 67.38
CA LEU H 317 -15.90 -54.80 66.80
C LEU H 317 -15.36 -55.64 65.65
N ASP H 318 -15.71 -56.93 65.61
CA ASP H 318 -15.36 -57.75 64.47
C ASP H 318 -16.02 -57.20 63.21
N ARG H 319 -17.28 -56.73 63.33
CA ARG H 319 -18.05 -56.25 62.19
C ARG H 319 -17.49 -54.91 61.73
N HIS H 320 -17.00 -54.08 62.67
CA HIS H 320 -16.31 -52.85 62.33
C HIS H 320 -15.07 -53.19 61.50
N GLY H 321 -14.31 -54.20 61.95
CA GLY H 321 -13.09 -54.62 61.26
C GLY H 321 -13.36 -55.05 59.82
N GLU H 322 -14.38 -55.90 59.63
CA GLU H 322 -14.74 -56.42 58.32
C GLU H 322 -15.22 -55.30 57.41
N PHE H 323 -16.01 -54.39 57.95
CA PHE H 323 -16.55 -53.26 57.20
C PHE H 323 -15.39 -52.43 56.64
N LEU H 324 -14.37 -52.17 57.47
CA LEU H 324 -13.24 -51.34 57.06
C LEU H 324 -12.37 -52.10 56.06
N GLN H 325 -12.12 -53.38 56.33
CA GLN H 325 -11.31 -54.21 55.44
C GLN H 325 -11.91 -54.25 54.02
N HIS H 326 -13.24 -54.38 53.96
CA HIS H 326 -13.98 -54.38 52.69
C HIS H 326 -13.67 -53.11 51.90
N LEU H 327 -13.59 -51.97 52.57
CA LEU H 327 -13.34 -50.71 51.89
C LEU H 327 -11.91 -50.66 51.35
N ILE H 328 -10.95 -51.22 52.10
CA ILE H 328 -9.60 -51.34 51.61
C ILE H 328 -9.59 -52.15 50.32
N ASP H 329 -10.32 -53.28 50.38
CA ASP H 329 -10.37 -54.24 49.29
C ASP H 329 -11.01 -53.60 48.04
N LEU H 330 -11.94 -52.63 48.21
CA LEU H 330 -12.53 -51.92 47.09
C LEU H 330 -11.51 -51.03 46.40
N GLY H 331 -10.46 -50.62 47.13
CA GLY H 331 -9.39 -49.83 46.56
C GLY H 331 -9.14 -48.52 47.31
N PHE H 332 -9.76 -48.29 48.46
CA PHE H 332 -9.47 -47.12 49.26
C PHE H 332 -8.13 -47.33 49.99
N THR H 333 -7.29 -46.29 49.94
CA THR H 333 -5.92 -46.35 50.44
C THR H 333 -5.83 -45.68 51.80
N GLU H 334 -6.87 -44.92 52.17
CA GLU H 334 -7.00 -44.38 53.52
C GLU H 334 -8.47 -44.35 53.90
N ILE H 335 -8.71 -44.62 55.19
CA ILE H 335 -10.05 -44.53 55.76
C ILE H 335 -9.97 -43.64 56.99
N TYR H 336 -10.88 -42.67 57.07
CA TYR H 336 -11.04 -41.80 58.22
C TYR H 336 -12.35 -42.16 58.88
N VAL H 337 -12.29 -42.55 60.16
CA VAL H 337 -13.45 -43.05 60.88
C VAL H 337 -13.95 -41.98 61.85
N HIS H 338 -15.23 -41.64 61.70
CA HIS H 338 -15.97 -40.77 62.59
C HIS H 338 -16.93 -41.63 63.38
N ASN H 339 -16.65 -41.78 64.68
CA ASN H 339 -17.61 -42.37 65.59
C ASN H 339 -18.58 -41.27 66.00
N VAL H 340 -19.89 -41.51 65.82
CA VAL H 340 -20.86 -40.44 65.99
C VAL H 340 -21.14 -40.20 67.48
N GLY H 341 -20.85 -41.20 68.34
CA GLY H 341 -21.16 -41.08 69.75
C GLY H 341 -20.21 -40.13 70.47
N ARG H 342 -20.65 -39.67 71.66
CA ARG H 342 -19.83 -38.83 72.52
C ARG H 342 -18.73 -39.62 73.20
N ASN H 343 -18.77 -40.96 73.07
CA ASN H 343 -17.84 -41.89 73.71
C ASN H 343 -16.56 -42.02 72.88
N GLN H 344 -15.89 -40.90 72.63
CA GLN H 344 -14.74 -40.85 71.72
C GLN H 344 -13.55 -41.61 72.31
N GLU H 345 -13.26 -41.37 73.59
CA GLU H 345 -12.11 -42.01 74.21
C GLU H 345 -12.27 -43.55 74.15
N GLU H 346 -13.48 -44.02 74.46
CA GLU H 346 -13.75 -45.46 74.56
C GLU H 346 -13.66 -46.06 73.15
N PHE H 347 -14.19 -45.33 72.16
CA PHE H 347 -14.14 -45.74 70.77
C PHE H 347 -12.69 -45.88 70.31
N ILE H 348 -11.88 -44.87 70.63
CA ILE H 348 -10.48 -44.86 70.21
C ILE H 348 -9.75 -46.07 70.80
N ARG H 349 -9.98 -46.37 72.09
CA ARG H 349 -9.29 -47.47 72.74
C ARG H 349 -9.75 -48.80 72.19
N ALA H 350 -11.07 -48.92 71.92
CA ALA H 350 -11.63 -50.14 71.38
C ALA H 350 -11.07 -50.43 69.97
N TYR H 351 -11.02 -49.41 69.12
CA TYR H 351 -10.46 -49.57 67.78
C TYR H 351 -8.98 -49.91 67.87
N GLY H 352 -8.26 -49.25 68.78
CA GLY H 352 -6.82 -49.47 68.94
C GLY H 352 -6.51 -50.91 69.34
N ARG H 353 -7.37 -51.49 70.19
CA ARG H 353 -7.19 -52.83 70.72
C ARG H 353 -7.67 -53.89 69.72
N ALA H 354 -8.82 -53.67 69.06
CA ALA H 354 -9.54 -54.76 68.41
C ALA H 354 -9.63 -54.63 66.88
N VAL H 355 -9.42 -53.43 66.33
CA VAL H 355 -9.68 -53.20 64.92
C VAL H 355 -8.38 -52.91 64.16
N ILE H 356 -7.65 -51.87 64.59
CA ILE H 356 -6.52 -51.39 63.82
C ILE H 356 -5.46 -52.46 63.61
N PRO H 357 -5.04 -53.23 64.64
CA PRO H 357 -4.02 -54.27 64.44
C PRO H 357 -4.35 -55.31 63.37
N HIS H 358 -5.65 -55.53 63.08
CA HIS H 358 -6.08 -56.60 62.18
C HIS H 358 -6.35 -56.10 60.75
N LEU H 359 -6.26 -54.78 60.50
CA LEU H 359 -6.48 -54.26 59.16
C LEU H 359 -5.24 -54.53 58.29
N ARG H 360 -5.48 -55.01 57.07
CA ARG H 360 -4.42 -55.37 56.14
C ARG H 360 -4.40 -54.38 54.98
N TRP H 361 -3.39 -53.50 54.99
CA TRP H 361 -3.20 -52.51 53.93
C TRP H 361 -2.23 -53.04 52.90
N PRO H 362 -2.43 -52.79 51.58
CA PRO H 362 -1.39 -53.10 50.59
C PRO H 362 -0.13 -52.32 50.95
N ALA H 363 1.04 -52.95 50.77
CA ALA H 363 2.32 -52.40 51.15
C ALA H 363 2.63 -51.12 50.36
N ASP H 364 2.19 -51.05 49.10
CA ASP H 364 2.56 -49.94 48.25
C ASP H 364 1.59 -48.74 48.35
N ALA H 365 0.53 -48.85 49.15
CA ALA H 365 -0.63 -47.99 48.99
C ALA H 365 -0.23 -46.53 49.14
N PRO H 366 -0.64 -45.64 48.20
CA PRO H 366 -0.34 -44.22 48.32
C PRO H 366 -1.17 -43.58 49.43
N VAL H 367 -0.50 -42.68 50.14
CA VAL H 367 -1.07 -41.98 51.27
C VAL H 367 -1.01 -40.49 50.93
N ALA H 368 -1.98 -39.71 51.43
CA ALA H 368 -2.02 -38.29 51.14
C ALA H 368 -0.89 -37.60 51.95
N GLN H 369 0.19 -37.28 51.21
CA GLN H 369 1.34 -36.55 51.70
C GLN H 369 2.15 -36.10 50.49
N ALA H 370 3.01 -35.10 50.68
CA ALA H 370 3.85 -34.56 49.62
C ALA H 370 4.63 -35.67 48.89
N SER I 34 -76.08 -16.85 53.53
CA SER I 34 -75.22 -16.86 54.74
C SER I 34 -74.27 -18.03 54.71
N SER I 35 -74.60 -19.21 54.11
CA SER I 35 -73.66 -20.31 53.98
C SER I 35 -72.62 -20.04 52.88
N ARG I 36 -71.39 -20.52 53.13
CA ARG I 36 -70.25 -20.22 52.29
C ARG I 36 -69.01 -20.93 52.80
N LEU I 37 -68.02 -21.03 51.90
CA LEU I 37 -66.71 -21.59 52.20
C LEU I 37 -65.82 -21.28 51.01
N GLY I 38 -64.52 -21.20 51.27
CA GLY I 38 -63.55 -20.99 50.22
C GLY I 38 -62.98 -22.31 49.69
N TYR I 39 -62.73 -22.33 48.37
CA TYR I 39 -62.05 -23.43 47.71
C TYR I 39 -60.63 -23.00 47.38
N SER I 40 -59.69 -23.88 47.73
CA SER I 40 -58.29 -23.64 47.48
C SER I 40 -57.89 -24.37 46.19
N ALA I 41 -57.47 -23.59 45.18
CA ALA I 41 -57.10 -24.14 43.88
C ALA I 41 -55.60 -24.40 43.83
N SER I 42 -55.23 -25.68 43.85
CA SER I 42 -53.86 -26.12 44.00
C SER I 42 -53.17 -26.23 42.63
N PHE I 43 -52.50 -25.13 42.22
CA PHE I 43 -51.79 -25.08 40.95
C PHE I 43 -50.60 -26.03 40.95
N GLU I 44 -50.10 -26.39 42.13
CA GLU I 44 -49.00 -27.33 42.20
C GLU I 44 -49.41 -28.69 41.64
N GLN I 45 -50.70 -29.03 41.75
CA GLN I 45 -51.16 -30.39 41.48
C GLN I 45 -51.98 -30.51 40.20
N PHE I 46 -52.75 -29.47 39.84
CA PHE I 46 -53.84 -29.65 38.90
C PHE I 46 -53.68 -28.73 37.69
N HIS I 47 -53.96 -29.30 36.53
CA HIS I 47 -53.96 -28.57 35.28
C HIS I 47 -54.93 -27.40 35.40
N PRO I 48 -54.57 -26.21 34.93
CA PRO I 48 -55.44 -25.05 35.03
C PRO I 48 -56.83 -25.24 34.44
N SER I 49 -56.96 -26.03 33.36
CA SER I 49 -58.27 -26.30 32.77
C SER I 49 -59.15 -27.07 33.77
N ASP I 50 -58.56 -28.00 34.50
CA ASP I 50 -59.29 -28.79 35.49
C ASP I 50 -59.70 -27.88 36.65
N LEU I 51 -58.77 -27.02 37.10
CA LEU I 51 -59.07 -26.10 38.17
C LEU I 51 -60.23 -25.18 37.78
N LEU I 52 -60.26 -24.75 36.51
CA LEU I 52 -61.32 -23.87 36.06
C LEU I 52 -62.67 -24.57 36.19
N ARG I 53 -62.76 -25.79 35.67
CA ARG I 53 -64.00 -26.55 35.71
C ARG I 53 -64.43 -26.81 37.16
N TRP I 54 -63.47 -27.15 38.01
CA TRP I 54 -63.78 -27.48 39.40
C TRP I 54 -64.25 -26.25 40.19
N CYS I 55 -63.69 -25.07 39.89
CA CYS I 55 -64.14 -23.85 40.54
C CYS I 55 -65.57 -23.54 40.13
N GLN I 56 -65.91 -23.77 38.86
CA GLN I 56 -67.26 -23.56 38.37
C GLN I 56 -68.24 -24.49 39.11
N LEU I 57 -67.80 -25.72 39.35
CA LEU I 57 -68.61 -26.68 40.10
C LEU I 57 -68.72 -26.24 41.56
N ALA I 58 -67.59 -25.82 42.15
CA ALA I 58 -67.56 -25.39 43.53
C ALA I 58 -68.57 -24.27 43.76
N GLU I 59 -68.67 -23.34 42.80
CA GLU I 59 -69.64 -22.27 42.87
C GLU I 59 -71.06 -22.85 42.94
N GLN I 60 -71.36 -23.82 42.07
CA GLN I 60 -72.68 -24.45 42.07
C GLN I 60 -72.95 -25.12 43.41
N GLU I 61 -71.90 -25.61 44.08
CA GLU I 61 -72.06 -26.42 45.28
C GLU I 61 -71.98 -25.59 46.56
N GLY I 62 -71.89 -24.26 46.46
CA GLY I 62 -72.02 -23.39 47.63
C GLY I 62 -70.72 -22.74 48.07
N PHE I 63 -69.57 -23.05 47.44
CA PHE I 63 -68.37 -22.30 47.70
C PHE I 63 -68.54 -20.90 47.12
N ASP I 64 -67.97 -19.89 47.79
CA ASP I 64 -68.21 -18.50 47.40
C ASP I 64 -66.92 -17.78 46.97
N SER I 65 -65.75 -18.41 47.16
CA SER I 65 -64.49 -17.76 46.83
CA SER I 65 -64.50 -17.77 46.83
C SER I 65 -63.42 -18.81 46.58
N VAL I 66 -62.36 -18.36 45.91
CA VAL I 66 -61.26 -19.19 45.49
C VAL I 66 -59.95 -18.54 45.92
N LEU I 67 -59.06 -19.37 46.44
CA LEU I 67 -57.68 -18.98 46.70
C LEU I 67 -56.82 -19.73 45.70
N ALA I 68 -56.00 -18.99 44.96
CA ALA I 68 -55.20 -19.56 43.89
C ALA I 68 -53.72 -19.32 44.16
N ALA I 69 -52.99 -20.43 44.27
CA ALA I 69 -51.55 -20.42 44.42
C ALA I 69 -50.85 -19.71 43.26
N ASP I 70 -49.76 -19.01 43.55
CA ASP I 70 -48.95 -18.37 42.53
C ASP I 70 -47.57 -19.03 42.57
N HIS I 71 -47.44 -20.13 41.83
CA HIS I 71 -46.20 -20.89 41.79
C HIS I 71 -45.60 -20.85 40.39
N PHE I 72 -44.31 -21.13 40.33
CA PHE I 72 -43.62 -21.49 39.11
C PHE I 72 -43.36 -23.00 39.12
N HIS I 73 -43.09 -23.57 40.29
CA HIS I 73 -42.81 -24.99 40.42
C HIS I 73 -43.75 -25.65 41.44
N PRO I 74 -44.09 -26.94 41.25
CA PRO I 74 -44.74 -27.73 42.28
C PRO I 74 -43.71 -28.07 43.34
N TRP I 75 -44.18 -28.50 44.51
CA TRP I 75 -43.28 -29.00 45.55
C TRP I 75 -42.57 -30.25 45.07
N THR I 76 -43.29 -31.14 44.37
CA THR I 76 -42.71 -32.39 43.91
C THR I 76 -43.11 -32.63 42.46
N PRO I 77 -42.30 -33.40 41.68
CA PRO I 77 -42.71 -33.83 40.34
C PRO I 77 -44.04 -34.57 40.30
N GLU I 78 -44.34 -35.34 41.36
CA GLU I 78 -45.56 -36.13 41.40
C GLU I 78 -46.78 -35.22 41.43
N GLN I 79 -46.64 -34.01 42.00
CA GLN I 79 -47.72 -33.05 41.98
C GLN I 79 -47.93 -32.59 40.54
N GLY I 80 -46.86 -32.13 39.88
CA GLY I 80 -46.77 -32.19 38.43
C GLY I 80 -47.28 -30.96 37.69
N GLN I 81 -47.65 -29.86 38.37
CA GLN I 81 -48.17 -28.69 37.67
C GLN I 81 -47.66 -27.38 38.27
N SER I 82 -47.87 -26.28 37.52
CA SER I 82 -47.73 -24.91 38.01
C SER I 82 -48.13 -23.93 36.92
N GLY I 83 -49.43 -23.73 36.74
CA GLY I 83 -49.92 -22.75 35.79
C GLY I 83 -49.62 -21.32 36.23
N PHE I 84 -49.59 -20.40 35.26
CA PHE I 84 -49.44 -18.99 35.53
C PHE I 84 -50.79 -18.44 35.99
N VAL I 85 -50.87 -18.13 37.27
CA VAL I 85 -52.14 -17.87 37.92
C VAL I 85 -52.82 -16.66 37.31
N TRP I 86 -52.06 -15.64 36.91
CA TRP I 86 -52.66 -14.37 36.50
C TRP I 86 -53.53 -14.54 35.27
N ALA I 87 -53.11 -15.41 34.33
CA ALA I 87 -53.91 -15.65 33.15
C ALA I 87 -55.17 -16.41 33.53
N TRP I 88 -54.98 -17.45 34.37
CA TRP I 88 -56.11 -18.27 34.80
C TRP I 88 -57.18 -17.43 35.50
N LEU I 89 -56.77 -16.44 36.30
CA LEU I 89 -57.73 -15.68 37.08
C LEU I 89 -58.68 -14.92 36.16
N GLY I 90 -58.21 -14.49 35.00
CA GLY I 90 -59.09 -13.86 34.03
C GLY I 90 -60.21 -14.79 33.57
N ALA I 91 -59.86 -16.07 33.35
CA ALA I 91 -60.82 -17.08 32.96
C ALA I 91 -61.82 -17.32 34.07
N LEU I 92 -61.33 -17.41 35.31
CA LEU I 92 -62.19 -17.60 36.47
C LEU I 92 -63.17 -16.44 36.58
N GLY I 93 -62.64 -15.23 36.50
CA GLY I 93 -63.45 -14.03 36.62
C GLY I 93 -64.57 -13.99 35.59
N ALA I 94 -64.26 -14.41 34.36
CA ALA I 94 -65.20 -14.24 33.27
C ALA I 94 -66.26 -15.34 33.24
N THR I 95 -66.05 -16.45 33.96
CA THR I 95 -66.96 -17.59 33.86
C THR I 95 -67.64 -17.94 35.19
N THR I 96 -67.42 -17.15 36.25
CA THR I 96 -68.06 -17.37 37.54
C THR I 96 -68.40 -16.02 38.15
N ARG I 97 -69.08 -16.05 39.32
CA ARG I 97 -69.32 -14.86 40.12
C ARG I 97 -68.58 -14.95 41.47
N LEU I 98 -67.72 -15.96 41.61
CA LEU I 98 -66.94 -16.17 42.83
C LEU I 98 -66.03 -14.97 43.10
N ARG I 99 -65.75 -14.75 44.39
CA ARG I 99 -64.60 -13.94 44.77
C ARG I 99 -63.35 -14.80 44.58
N PHE I 100 -62.19 -14.15 44.41
CA PHE I 100 -60.97 -14.91 44.23
C PHE I 100 -59.77 -14.03 44.57
N GLY I 101 -58.67 -14.69 44.95
CA GLY I 101 -57.45 -14.00 45.26
C GLY I 101 -56.23 -14.88 45.03
N THR I 102 -55.06 -14.24 44.94
CA THR I 102 -53.80 -14.95 44.92
C THR I 102 -53.45 -15.36 46.35
N GLY I 103 -52.96 -16.57 46.52
CA GLY I 103 -52.64 -17.07 47.85
C GLY I 103 -51.29 -17.79 47.88
N VAL I 104 -50.16 -17.08 47.74
CA VAL I 104 -50.06 -15.63 47.58
C VAL I 104 -49.00 -15.32 46.52
N THR I 105 -48.99 -14.08 46.03
CA THR I 105 -47.98 -13.60 45.12
C THR I 105 -46.84 -12.96 45.90
N PRO I 106 -45.56 -13.22 45.58
CA PRO I 106 -44.45 -12.46 46.14
C PRO I 106 -44.07 -11.28 45.25
N PRO I 107 -44.46 -10.05 45.62
CA PRO I 107 -44.21 -8.89 44.78
C PRO I 107 -42.86 -8.22 45.08
N ILE I 108 -41.83 -9.03 45.30
CA ILE I 108 -40.58 -8.52 45.85
C ILE I 108 -39.45 -8.58 44.84
N GLY I 109 -39.79 -8.70 43.56
CA GLY I 109 -38.86 -8.38 42.49
C GLY I 109 -38.05 -9.57 42.00
N PHE I 110 -38.47 -10.82 42.26
CA PHE I 110 -37.80 -11.98 41.69
C PHE I 110 -38.57 -12.34 40.42
N ARG I 111 -39.59 -13.19 40.55
CA ARG I 111 -40.49 -13.42 39.43
C ARG I 111 -41.26 -12.16 39.07
N TYR I 112 -41.61 -11.32 40.07
CA TYR I 112 -42.55 -10.23 39.86
C TYR I 112 -42.08 -8.92 40.47
N HIS I 113 -42.03 -7.86 39.67
CA HIS I 113 -41.80 -6.51 40.15
C HIS I 113 -43.11 -6.00 40.77
N PRO I 114 -43.07 -5.27 41.92
CA PRO I 114 -44.30 -4.85 42.57
C PRO I 114 -45.21 -3.99 41.69
N ALA I 115 -44.63 -3.19 40.78
CA ALA I 115 -45.44 -2.36 39.91
C ALA I 115 -46.31 -3.23 39.01
N ILE I 116 -45.80 -4.40 38.60
CA ILE I 116 -46.56 -5.27 37.70
C ILE I 116 -47.67 -5.96 38.48
N VAL I 117 -47.38 -6.39 39.70
CA VAL I 117 -48.42 -6.96 40.55
C VAL I 117 -49.53 -5.93 40.77
N ALA I 118 -49.14 -4.68 40.98
CA ALA I 118 -50.14 -3.63 41.19
C ALA I 118 -51.04 -3.50 39.96
N GLN I 119 -50.43 -3.51 38.78
CA GLN I 119 -51.17 -3.34 37.54
C GLN I 119 -52.11 -4.52 37.34
N ALA I 120 -51.61 -5.74 37.61
CA ALA I 120 -52.40 -6.94 37.42
C ALA I 120 -53.61 -6.93 38.33
N ALA I 121 -53.38 -6.55 39.61
CA ALA I 121 -54.45 -6.50 40.59
C ALA I 121 -55.50 -5.47 40.19
N ALA I 122 -55.04 -4.30 39.76
CA ALA I 122 -55.94 -3.24 39.36
C ALA I 122 -56.78 -3.67 38.15
N THR I 123 -56.17 -4.40 37.21
CA THR I 123 -56.88 -4.83 36.02
C THR I 123 -57.98 -5.84 36.41
N LEU I 124 -57.62 -6.80 37.25
CA LEU I 124 -58.57 -7.83 37.66
C LEU I 124 -59.75 -7.17 38.37
N GLU I 125 -59.47 -6.26 39.31
CA GLU I 125 -60.55 -5.63 40.06
C GLU I 125 -61.36 -4.73 39.14
N ALA I 126 -60.72 -4.08 38.17
CA ALA I 126 -61.45 -3.23 37.23
C ALA I 126 -62.41 -4.07 36.38
N MET I 127 -61.99 -5.28 36.00
CA MET I 127 -62.79 -6.17 35.18
C MET I 127 -63.88 -6.85 36.02
N PHE I 128 -63.56 -7.17 37.27
CA PHE I 128 -64.46 -7.95 38.13
C PHE I 128 -64.65 -7.23 39.46
N PRO I 129 -65.28 -6.04 39.47
CA PRO I 129 -65.31 -5.22 40.68
C PRO I 129 -66.00 -5.93 41.83
N GLY I 130 -65.41 -5.81 43.03
CA GLY I 130 -65.96 -6.40 44.24
C GLY I 130 -65.51 -7.84 44.44
N ARG I 131 -64.63 -8.38 43.57
CA ARG I 131 -64.42 -9.83 43.55
C ARG I 131 -62.98 -10.23 43.81
N PHE I 132 -62.01 -9.34 43.57
CA PHE I 132 -60.61 -9.74 43.67
C PHE I 132 -60.03 -9.26 44.99
N TRP I 133 -59.18 -10.09 45.60
CA TRP I 133 -58.33 -9.65 46.69
C TRP I 133 -56.90 -10.03 46.38
N LEU I 134 -55.98 -9.09 46.64
CA LEU I 134 -54.57 -9.26 46.30
C LEU I 134 -53.85 -9.86 47.50
N GLY I 135 -53.59 -11.17 47.44
CA GLY I 135 -52.82 -11.83 48.47
C GLY I 135 -51.34 -11.83 48.11
N ILE I 136 -50.51 -11.36 49.05
CA ILE I 136 -49.09 -11.23 48.86
C ILE I 136 -48.34 -11.84 50.03
N GLY I 137 -47.07 -12.20 49.80
CA GLY I 137 -46.20 -12.79 50.78
C GLY I 137 -44.73 -12.69 50.43
N ALA I 138 -43.88 -13.25 51.30
CA ALA I 138 -42.44 -13.08 51.22
C ALA I 138 -41.78 -14.06 50.24
N GLY I 139 -42.56 -15.05 49.78
CA GLY I 139 -42.13 -15.94 48.72
C GLY I 139 -41.25 -17.09 49.19
N GLU I 140 -41.08 -18.08 48.30
CA GLU I 140 -40.23 -19.24 48.55
C GLU I 140 -39.23 -19.42 47.42
N ALA I 141 -38.05 -19.94 47.78
CA ALA I 141 -36.98 -20.16 46.83
C ALA I 141 -37.45 -21.11 45.72
N LEU I 142 -38.30 -22.07 46.08
CA LEU I 142 -38.84 -23.01 45.12
C LEU I 142 -39.26 -22.32 43.83
N ASN I 143 -39.90 -21.15 43.95
CA ASN I 143 -40.38 -20.40 42.80
C ASN I 143 -39.44 -19.27 42.39
N GLU I 144 -38.82 -18.58 43.36
CA GLU I 144 -38.10 -17.36 43.06
C GLU I 144 -36.67 -17.62 42.58
N HIS I 145 -36.13 -18.82 42.86
CA HIS I 145 -34.71 -19.05 42.61
C HIS I 145 -34.40 -19.08 41.12
N ILE I 146 -35.42 -19.23 40.27
CA ILE I 146 -35.18 -19.39 38.84
C ILE I 146 -34.46 -18.18 38.25
N VAL I 147 -34.59 -16.99 38.85
CA VAL I 147 -34.01 -15.80 38.26
C VAL I 147 -32.56 -15.60 38.70
N GLY I 148 -32.04 -16.48 39.56
CA GLY I 148 -30.62 -16.54 39.81
C GLY I 148 -30.06 -15.36 40.61
N ARG I 149 -30.80 -14.92 41.64
CA ARG I 149 -30.41 -13.80 42.46
C ARG I 149 -30.22 -14.22 43.92
N TYR I 150 -29.54 -13.36 44.67
CA TYR I 150 -29.37 -13.51 46.11
C TYR I 150 -30.73 -13.70 46.77
N TRP I 151 -30.86 -14.74 47.60
CA TRP I 151 -32.09 -15.03 48.30
C TRP I 151 -31.94 -14.65 49.77
N PRO I 152 -32.56 -13.53 50.23
CA PRO I 152 -32.38 -13.07 51.59
C PRO I 152 -33.06 -13.97 52.62
N GLU I 153 -32.58 -13.89 53.86
CA GLU I 153 -33.26 -14.54 54.98
C GLU I 153 -34.67 -14.01 55.13
N PRO I 154 -35.59 -14.78 55.76
CA PRO I 154 -36.98 -14.34 55.95
C PRO I 154 -37.15 -12.90 56.47
N ALA I 155 -36.41 -12.51 57.49
CA ALA I 155 -36.63 -11.18 58.07
C ALA I 155 -36.31 -10.11 57.04
N GLU I 156 -35.30 -10.32 56.21
CA GLU I 156 -34.98 -9.36 55.16
C GLU I 156 -36.07 -9.36 54.09
N ARG I 157 -36.61 -10.53 53.75
CA ARG I 157 -37.65 -10.58 52.74
C ARG I 157 -38.91 -9.85 53.24
N ILE I 158 -39.14 -9.88 54.55
CA ILE I 158 -40.25 -9.14 55.15
C ILE I 158 -40.04 -7.65 54.87
N ARG I 159 -38.80 -7.16 55.04
CA ARG I 159 -38.53 -5.76 54.76
C ARG I 159 -38.79 -5.46 53.29
N MET I 160 -38.47 -6.41 52.41
CA MET I 160 -38.73 -6.23 50.99
C MET I 160 -40.25 -6.16 50.76
N LEU I 161 -41.00 -7.03 51.43
CA LEU I 161 -42.44 -7.10 51.26
C LEU I 161 -43.08 -5.77 51.69
N ILE I 162 -42.60 -5.22 52.81
CA ILE I 162 -43.14 -3.97 53.33
C ILE I 162 -42.89 -2.84 52.32
N GLU I 163 -41.72 -2.82 51.69
CA GLU I 163 -41.46 -1.80 50.68
C GLU I 163 -42.34 -2.03 49.46
N ALA I 164 -42.56 -3.30 49.08
CA ALA I 164 -43.42 -3.60 47.94
C ALA I 164 -44.84 -3.11 48.20
N ILE I 165 -45.33 -3.27 49.44
CA ILE I 165 -46.65 -2.79 49.81
C ILE I 165 -46.74 -1.31 49.57
N GLU I 166 -45.70 -0.57 49.93
CA GLU I 166 -45.64 0.87 49.73
C GLU I 166 -45.79 1.17 48.24
N VAL I 167 -45.07 0.43 47.39
CA VAL I 167 -45.12 0.66 45.96
C VAL I 167 -46.53 0.41 45.44
N ILE I 168 -47.12 -0.71 45.85
CA ILE I 168 -48.44 -1.08 45.36
C ILE I 168 -49.46 -0.02 45.78
N GLN I 169 -49.39 0.41 47.03
CA GLN I 169 -50.36 1.38 47.56
C GLN I 169 -50.21 2.73 46.85
N LYS I 170 -48.97 3.16 46.60
CA LYS I 170 -48.77 4.40 45.86
C LYS I 170 -49.43 4.29 44.48
N LEU I 171 -49.20 3.16 43.79
CA LEU I 171 -49.75 3.01 42.46
C LEU I 171 -51.27 2.97 42.51
N PHE I 172 -51.82 2.38 43.57
CA PHE I 172 -53.27 2.26 43.73
C PHE I 172 -53.94 3.63 43.93
N THR I 173 -53.19 4.70 44.24
CA THR I 173 -53.79 6.03 44.36
C THR I 173 -54.26 6.54 42.99
N GLY I 174 -53.71 5.99 41.89
CA GLY I 174 -54.10 6.42 40.56
C GLY I 174 -53.37 7.66 40.08
N LYS I 175 -52.39 8.13 40.85
CA LYS I 175 -51.58 9.28 40.46
C LYS I 175 -50.29 8.79 39.82
N VAL I 176 -49.59 9.72 39.19
CA VAL I 176 -48.22 9.52 38.75
C VAL I 176 -47.35 9.49 39.99
N ILE I 177 -46.67 8.39 40.23
CA ILE I 177 -45.84 8.26 41.41
C ILE I 177 -44.41 7.87 41.04
N ARG I 178 -43.49 8.21 41.94
CA ARG I 178 -42.09 7.86 41.88
C ARG I 178 -41.76 7.22 43.23
N HIS I 179 -40.80 6.29 43.25
CA HIS I 179 -40.42 5.62 44.47
C HIS I 179 -38.93 5.29 44.39
N GLU I 180 -38.22 5.56 45.49
CA GLU I 180 -36.85 5.11 45.62
C GLU I 180 -36.64 4.63 47.06
N GLY I 181 -36.45 3.33 47.24
CA GLY I 181 -36.17 2.76 48.55
C GLY I 181 -34.96 1.84 48.48
N VAL I 182 -34.76 1.06 49.54
CA VAL I 182 -33.63 0.16 49.60
C VAL I 182 -33.72 -0.87 48.48
N TYR I 183 -34.93 -1.37 48.16
CA TYR I 183 -35.05 -2.53 47.28
C TYR I 183 -35.64 -2.20 45.92
N PHE I 184 -36.47 -1.16 45.79
CA PHE I 184 -37.18 -0.93 44.54
C PHE I 184 -37.00 0.52 44.09
N LYS I 185 -36.88 0.69 42.78
CA LYS I 185 -36.88 2.00 42.15
C LYS I 185 -38.02 2.00 41.14
N VAL I 186 -38.92 2.97 41.27
CA VAL I 186 -40.00 3.15 40.33
C VAL I 186 -39.91 4.55 39.78
N GLU I 187 -39.72 4.65 38.46
CA GLU I 187 -39.77 5.91 37.75
C GLU I 187 -41.22 6.28 37.52
N SER I 188 -41.47 7.55 37.15
CA SER I 188 -42.81 8.04 36.94
C SER I 188 -43.73 6.97 36.37
N ALA I 189 -44.70 6.54 37.18
CA ALA I 189 -45.59 5.46 36.80
C ALA I 189 -46.98 5.73 37.33
N LYS I 190 -47.97 5.38 36.51
CA LYS I 190 -49.37 5.54 36.86
C LYS I 190 -50.19 4.39 36.29
N LEU I 191 -51.13 3.90 37.08
CA LEU I 191 -52.13 2.93 36.65
C LEU I 191 -53.32 3.68 36.04
N TYR I 192 -53.42 3.63 34.71
CA TYR I 192 -54.52 4.29 34.01
C TYR I 192 -55.79 3.44 34.09
N THR I 193 -55.64 2.11 34.14
CA THR I 193 -56.76 1.19 34.25
C THR I 193 -56.91 0.80 35.71
N MET I 194 -57.97 1.31 36.33
CA MET I 194 -58.14 1.31 37.78
CA MET I 194 -58.13 1.31 37.78
C MET I 194 -59.60 1.04 38.10
N PRO I 195 -59.94 0.24 39.13
CA PRO I 195 -61.32 0.20 39.61
C PRO I 195 -61.61 1.48 40.36
N ASP I 196 -62.90 1.76 40.61
CA ASP I 196 -63.27 2.93 41.42
C ASP I 196 -62.65 2.79 42.81
N VAL I 197 -62.63 1.57 43.34
CA VAL I 197 -62.07 1.31 44.65
C VAL I 197 -61.08 0.16 44.55
N PRO I 198 -59.86 0.30 45.12
CA PRO I 198 -58.81 -0.70 44.97
C PRO I 198 -59.20 -2.03 45.63
N PRO I 199 -58.65 -3.16 45.15
CA PRO I 199 -58.88 -4.44 45.81
C PRO I 199 -58.14 -4.38 47.14
N PRO I 200 -58.59 -5.15 48.14
CA PRO I 200 -57.89 -5.20 49.42
C PRO I 200 -56.56 -5.93 49.24
N ILE I 201 -55.58 -5.50 50.04
CA ILE I 201 -54.29 -6.18 50.12
C ILE I 201 -54.33 -7.08 51.34
N ILE I 202 -54.13 -8.37 51.10
CA ILE I 202 -54.11 -9.40 52.11
C ILE I 202 -52.70 -9.95 52.18
N VAL I 203 -52.12 -10.03 53.37
CA VAL I 203 -50.81 -10.61 53.53
C VAL I 203 -50.95 -12.04 54.03
N GLY I 204 -50.31 -12.98 53.32
CA GLY I 204 -50.17 -14.35 53.77
C GLY I 204 -48.87 -14.53 54.54
N THR I 205 -48.98 -14.84 55.83
CA THR I 205 -47.82 -14.96 56.70
C THR I 205 -48.17 -15.83 57.88
N ALA I 206 -47.12 -16.45 58.43
CA ALA I 206 -47.21 -17.19 59.68
C ALA I 206 -46.27 -16.57 60.71
N GLY I 207 -45.70 -15.39 60.42
CA GLY I 207 -44.82 -14.70 61.34
C GLY I 207 -45.57 -13.67 62.19
N PRO I 208 -45.44 -13.71 63.53
CA PRO I 208 -46.03 -12.69 64.41
C PRO I 208 -45.70 -11.26 64.01
N TYR I 209 -44.44 -11.00 63.67
CA TYR I 209 -44.03 -9.64 63.35
C TYR I 209 -44.80 -9.16 62.11
N MET I 210 -44.80 -9.95 61.03
CA MET I 210 -45.46 -9.53 59.80
C MET I 210 -46.98 -9.47 59.96
N ALA I 211 -47.53 -10.31 60.85
CA ALA I 211 -48.96 -10.26 61.13
C ALA I 211 -49.33 -8.89 61.69
N LYS I 212 -48.52 -8.37 62.61
CA LYS I 212 -48.74 -7.05 63.17
C LYS I 212 -48.68 -5.99 62.08
N LYS I 213 -47.64 -6.09 61.24
CA LYS I 213 -47.44 -5.14 60.15
C LYS I 213 -48.60 -5.21 59.17
N THR I 214 -49.16 -6.41 58.96
CA THR I 214 -50.27 -6.59 58.06
C THR I 214 -51.46 -5.77 58.56
N GLY I 215 -51.73 -5.85 59.86
CA GLY I 215 -52.81 -5.07 60.44
C GLY I 215 -52.59 -3.58 60.27
N GLN I 216 -51.34 -3.16 60.46
CA GLN I 216 -50.99 -1.75 60.37
C GLN I 216 -51.13 -1.21 58.95
N LEU I 217 -50.65 -1.97 57.95
CA LEU I 217 -50.39 -1.43 56.63
C LEU I 217 -51.38 -1.94 55.59
N CYS I 218 -52.07 -3.04 55.84
CA CYS I 218 -52.85 -3.72 54.82
C CYS I 218 -54.27 -3.91 55.31
N ASP I 219 -55.05 -4.71 54.57
CA ASP I 219 -56.50 -4.77 54.76
C ASP I 219 -56.93 -6.06 55.43
N GLY I 220 -56.09 -7.10 55.42
CA GLY I 220 -56.51 -8.39 55.96
C GLY I 220 -55.34 -9.37 56.05
N LEU I 221 -55.59 -10.46 56.79
CA LEU I 221 -54.59 -11.46 57.08
C LEU I 221 -55.02 -12.81 56.48
N LEU I 222 -54.05 -13.52 55.89
CA LEU I 222 -54.20 -14.89 55.48
C LEU I 222 -53.09 -15.71 56.13
N THR I 223 -53.44 -16.81 56.79
CA THR I 223 -52.44 -17.63 57.46
C THR I 223 -52.76 -19.09 57.20
N PRO I 224 -51.78 -20.01 57.32
CA PRO I 224 -52.05 -21.44 57.22
C PRO I 224 -52.58 -22.02 58.52
N GLY I 225 -53.17 -23.22 58.38
CA GLY I 225 -53.59 -24.04 59.51
C GLY I 225 -52.43 -24.27 60.46
N ALA I 226 -52.71 -24.16 61.75
CA ALA I 226 -51.72 -24.40 62.80
C ALA I 226 -52.48 -24.60 64.10
N ASN I 227 -51.78 -24.91 65.18
CA ASN I 227 -52.43 -25.14 66.46
C ASN I 227 -53.04 -23.84 66.98
N ASP I 228 -53.91 -23.97 67.96
CA ASP I 228 -54.70 -22.87 68.51
C ASP I 228 -53.79 -21.75 69.04
N GLU I 229 -52.72 -22.10 69.75
CA GLU I 229 -51.83 -21.11 70.33
C GLU I 229 -51.22 -20.22 69.23
N LYS I 230 -50.79 -20.81 68.13
CA LYS I 230 -50.13 -20.07 67.07
C LYS I 230 -51.14 -19.18 66.35
N LEU I 231 -52.36 -19.70 66.14
CA LEU I 231 -53.40 -18.93 65.46
C LEU I 231 -53.81 -17.74 66.30
N ARG I 232 -53.96 -17.94 67.61
CA ARG I 232 -54.35 -16.85 68.50
C ARG I 232 -53.29 -15.76 68.49
N LEU I 233 -52.00 -16.14 68.45
CA LEU I 233 -50.93 -15.17 68.46
C LEU I 233 -51.01 -14.32 67.18
N LEU I 234 -51.18 -14.99 66.02
CA LEU I 234 -51.23 -14.28 64.76
C LEU I 234 -52.44 -13.34 64.72
N LEU I 235 -53.61 -13.84 65.14
CA LEU I 235 -54.80 -13.00 65.19
C LEU I 235 -54.55 -11.79 66.09
N SER I 236 -53.97 -12.02 67.27
CA SER I 236 -53.79 -10.96 68.25
C SER I 236 -52.83 -9.91 67.71
N ARG I 237 -51.74 -10.36 67.07
CA ARG I 237 -50.77 -9.43 66.50
C ARG I 237 -51.41 -8.59 65.42
N PHE I 238 -52.18 -9.23 64.55
CA PHE I 238 -52.89 -8.54 63.49
C PHE I 238 -53.82 -7.48 64.06
N GLU I 239 -54.58 -7.84 65.08
CA GLU I 239 -55.57 -6.94 65.66
C GLU I 239 -54.87 -5.74 66.29
N GLU I 240 -53.78 -6.00 67.03
CA GLU I 240 -53.04 -4.95 67.70
C GLU I 240 -52.45 -4.00 66.69
N GLY I 241 -51.92 -4.51 65.59
CA GLY I 241 -51.35 -3.68 64.54
C GLY I 241 -52.40 -2.75 63.94
N ALA I 242 -53.59 -3.29 63.66
CA ALA I 242 -54.68 -2.52 63.12
C ALA I 242 -55.12 -1.43 64.11
N ARG I 243 -55.27 -1.81 65.39
CA ARG I 243 -55.71 -0.87 66.40
C ARG I 243 -54.72 0.27 66.59
N ALA I 244 -53.44 -0.04 66.65
CA ALA I 244 -52.41 0.98 66.83
C ALA I 244 -52.39 1.94 65.63
N ALA I 245 -52.88 1.50 64.46
CA ALA I 245 -52.95 2.39 63.29
C ALA I 245 -54.33 3.05 63.16
N GLY I 246 -55.18 2.96 64.19
CA GLY I 246 -56.46 3.65 64.21
C GLY I 246 -57.55 2.93 63.39
N LYS I 247 -57.32 1.67 63.00
CA LYS I 247 -58.28 0.93 62.20
C LYS I 247 -59.14 0.06 63.12
N ASP I 248 -60.31 -0.38 62.60
CA ASP I 248 -61.21 -1.27 63.33
C ASP I 248 -61.01 -2.70 62.81
N PRO I 249 -60.31 -3.58 63.56
CA PRO I 249 -60.01 -4.93 63.08
C PRO I 249 -61.20 -5.87 62.96
N ARG I 250 -62.32 -5.49 63.56
CA ARG I 250 -63.54 -6.29 63.49
C ARG I 250 -64.10 -6.26 62.06
N ARG I 251 -63.73 -5.24 61.27
CA ARG I 251 -64.20 -5.12 59.89
C ARG I 251 -63.12 -5.58 58.90
N MET I 252 -62.02 -6.17 59.38
CA MET I 252 -60.92 -6.58 58.53
C MET I 252 -60.89 -8.10 58.45
N PRO I 253 -60.78 -8.69 57.25
CA PRO I 253 -60.79 -10.14 57.10
C PRO I 253 -59.63 -10.84 57.81
N ARG I 254 -59.94 -11.96 58.44
CA ARG I 254 -58.96 -12.88 59.00
C ARG I 254 -59.21 -14.24 58.35
N MET I 255 -58.31 -14.63 57.47
CA MET I 255 -58.53 -15.74 56.55
C MET I 255 -57.53 -16.84 56.90
N ILE I 256 -57.97 -18.09 56.78
CA ILE I 256 -57.09 -19.22 57.01
C ILE I 256 -57.21 -20.20 55.85
N GLN I 257 -56.07 -20.75 55.45
CA GLN I 257 -55.98 -21.78 54.42
C GLN I 257 -55.63 -23.10 55.09
N VAL I 258 -56.49 -24.11 54.93
CA VAL I 258 -56.30 -25.39 55.57
C VAL I 258 -56.18 -26.49 54.50
N HIS I 259 -55.45 -27.53 54.85
CA HIS I 259 -55.26 -28.70 54.01
C HIS I 259 -55.97 -29.88 54.65
N VAL I 260 -56.86 -30.52 53.89
CA VAL I 260 -57.57 -31.70 54.36
C VAL I 260 -57.38 -32.81 53.34
N SER I 261 -57.70 -34.03 53.77
CA SER I 261 -57.80 -35.18 52.88
C SER I 261 -59.11 -35.88 53.18
N TRP I 262 -60.10 -35.69 52.29
CA TRP I 262 -61.32 -36.48 52.32
C TRP I 262 -61.25 -37.51 51.21
N ALA I 263 -61.76 -38.69 51.52
CA ALA I 263 -61.89 -39.79 50.56
C ALA I 263 -62.94 -40.76 51.07
N GLU I 264 -63.18 -41.83 50.32
CA GLU I 264 -64.29 -42.73 50.60
C GLU I 264 -64.00 -43.51 51.89
N THR I 265 -62.71 -43.77 52.18
CA THR I 265 -62.30 -44.39 53.42
C THR I 265 -61.15 -43.59 54.03
N ASP I 266 -60.97 -43.77 55.34
CA ASP I 266 -59.86 -43.22 56.07
C ASP I 266 -58.54 -43.65 55.42
N GLU I 267 -58.46 -44.93 55.04
CA GLU I 267 -57.23 -45.48 54.49
C GLU I 267 -56.84 -44.72 53.22
N GLN I 268 -57.82 -44.46 52.33
CA GLN I 268 -57.54 -43.74 51.09
C GLN I 268 -57.16 -42.30 51.39
N ALA I 269 -57.77 -41.70 52.43
CA ALA I 269 -57.49 -40.32 52.79
C ALA I 269 -56.03 -40.17 53.23
N ILE I 270 -55.56 -41.15 54.01
CA ILE I 270 -54.19 -41.17 54.49
C ILE I 270 -53.24 -41.33 53.30
N GLU I 271 -53.54 -42.29 52.42
CA GLU I 271 -52.68 -42.57 51.28
C GLU I 271 -52.57 -41.35 50.37
N ASN I 272 -53.70 -40.66 50.16
CA ASN I 272 -53.74 -39.48 49.31
C ASN I 272 -52.82 -38.39 49.85
N ALA I 273 -52.81 -38.19 51.19
CA ALA I 273 -51.98 -37.17 51.79
C ALA I 273 -50.49 -37.49 51.57
N LEU I 274 -50.08 -38.75 51.82
CA LEU I 274 -48.70 -39.17 51.65
C LEU I 274 -48.22 -38.98 50.20
N ARG I 275 -49.07 -39.38 49.25
CA ARG I 275 -48.67 -39.41 47.85
C ARG I 275 -48.66 -37.99 47.27
N GLU I 276 -49.67 -37.18 47.61
CA GLU I 276 -49.92 -35.93 46.93
C GLU I 276 -49.33 -34.73 47.64
N TRP I 277 -49.18 -34.80 48.97
CA TRP I 277 -48.89 -33.60 49.74
C TRP I 277 -47.92 -33.91 50.88
N PRO I 278 -46.78 -34.57 50.60
CA PRO I 278 -45.82 -34.87 51.66
C PRO I 278 -45.26 -33.63 52.33
N ASN I 279 -45.26 -32.51 51.59
CA ASN I 279 -44.82 -31.23 52.13
C ASN I 279 -45.69 -30.82 53.32
N GLY I 280 -46.93 -31.32 53.35
CA GLY I 280 -47.82 -31.12 54.48
C GLY I 280 -47.28 -31.79 55.76
N GLY I 281 -46.41 -32.80 55.62
CA GLY I 281 -45.83 -33.48 56.77
C GLY I 281 -44.42 -33.00 57.09
N MET I 282 -44.03 -31.87 56.48
CA MET I 282 -42.70 -31.30 56.69
C MET I 282 -42.83 -30.08 57.61
N ALA I 283 -42.77 -30.36 58.92
CA ALA I 283 -42.92 -29.32 59.93
C ALA I 283 -41.56 -28.66 60.18
N PHE I 284 -41.12 -27.89 59.19
CA PHE I 284 -39.84 -27.20 59.23
C PHE I 284 -39.85 -26.11 58.17
N PRO I 285 -38.99 -25.09 58.26
CA PRO I 285 -39.04 -23.97 57.33
C PRO I 285 -38.59 -24.46 55.95
N LYS I 286 -39.37 -24.10 54.91
CA LYS I 286 -39.18 -24.68 53.58
C LYS I 286 -38.79 -23.61 52.55
N GLY I 287 -38.57 -22.38 52.99
CA GLY I 287 -38.49 -21.24 52.09
C GLY I 287 -37.15 -21.12 51.34
N ASP I 288 -36.16 -21.94 51.72
CA ASP I 288 -34.84 -21.89 51.10
C ASP I 288 -34.61 -23.03 50.11
N ILE I 289 -35.52 -24.01 50.04
CA ILE I 289 -35.30 -25.20 49.25
C ILE I 289 -35.70 -24.92 47.80
N ARG I 290 -34.78 -25.21 46.86
CA ARG I 290 -34.87 -24.68 45.52
C ARG I 290 -35.66 -25.57 44.56
N ASN I 291 -35.52 -26.90 44.66
CA ASN I 291 -35.93 -27.77 43.59
C ASN I 291 -37.05 -28.73 44.00
N PRO I 292 -38.00 -29.02 43.09
CA PRO I 292 -38.94 -30.11 43.32
C PRO I 292 -38.27 -31.43 43.69
N GLU I 293 -37.12 -31.71 43.08
CA GLU I 293 -36.36 -32.94 43.36
C GLU I 293 -35.86 -32.96 44.81
N ASP I 294 -35.63 -31.78 45.42
CA ASP I 294 -35.18 -31.71 46.79
C ASP I 294 -36.32 -32.14 47.71
N PHE I 295 -37.50 -31.55 47.53
CA PHE I 295 -38.66 -31.92 48.31
C PHE I 295 -39.00 -33.39 48.08
N GLN I 296 -38.85 -33.84 46.84
CA GLN I 296 -39.16 -35.22 46.48
C GLN I 296 -38.32 -36.18 47.31
N ALA I 297 -37.02 -35.88 47.46
CA ALA I 297 -36.14 -36.73 48.24
C ALA I 297 -36.49 -36.65 49.73
N MET I 298 -36.86 -35.45 50.19
CA MET I 298 -37.24 -35.25 51.58
C MET I 298 -38.55 -35.99 51.87
N ALA I 299 -39.44 -36.08 50.88
CA ALA I 299 -40.74 -36.71 51.03
C ALA I 299 -40.62 -38.17 51.47
N ARG I 300 -39.52 -38.83 51.11
CA ARG I 300 -39.33 -40.24 51.41
C ARG I 300 -39.29 -40.47 52.93
N LEU I 301 -39.07 -39.41 53.71
CA LEU I 301 -39.03 -39.51 55.17
C LEU I 301 -40.41 -39.31 55.79
N VAL I 302 -41.39 -38.79 55.04
CA VAL I 302 -42.63 -38.38 55.65
C VAL I 302 -43.52 -39.61 55.89
N ARG I 303 -44.15 -39.63 57.08
CA ARG I 303 -45.04 -40.69 57.50
C ARG I 303 -46.35 -40.05 57.98
N PRO I 304 -47.46 -40.83 58.08
CA PRO I 304 -48.75 -40.27 58.53
C PRO I 304 -48.71 -39.43 59.80
N GLU I 305 -47.94 -39.84 60.81
CA GLU I 305 -47.82 -39.12 62.07
C GLU I 305 -47.50 -37.64 61.84
N HIS I 306 -46.67 -37.34 60.82
CA HIS I 306 -46.12 -36.00 60.63
C HIS I 306 -47.19 -35.00 60.18
N PHE I 307 -48.37 -35.49 59.80
CA PHE I 307 -49.46 -34.65 59.33
C PHE I 307 -50.39 -34.17 60.44
N GLN I 308 -50.22 -34.63 61.70
CA GLN I 308 -51.18 -34.28 62.72
C GLN I 308 -51.17 -32.77 62.96
N GLY I 309 -52.37 -32.16 62.92
CA GLY I 309 -52.54 -30.73 63.07
C GLY I 309 -52.29 -29.93 61.79
N ARG I 310 -51.86 -30.62 60.72
CA ARG I 310 -51.45 -29.95 59.49
C ARG I 310 -52.34 -30.39 58.33
N VAL I 311 -52.82 -31.64 58.38
CA VAL I 311 -53.71 -32.19 57.36
C VAL I 311 -54.67 -33.14 58.05
N LEU I 312 -55.96 -32.80 58.04
CA LEU I 312 -56.98 -33.68 58.56
C LEU I 312 -57.28 -34.77 57.54
N MET I 313 -57.16 -36.03 57.96
CA MET I 313 -57.25 -37.17 57.05
C MET I 313 -58.37 -38.09 57.54
N THR I 314 -59.57 -37.95 56.96
CA THR I 314 -60.69 -38.81 57.35
C THR I 314 -61.80 -38.71 56.31
N SER I 315 -62.58 -39.80 56.23
CA SER I 315 -63.76 -39.88 55.39
C SER I 315 -64.99 -39.30 56.10
N ASP I 316 -64.86 -39.05 57.41
CA ASP I 316 -65.98 -38.63 58.23
C ASP I 316 -66.21 -37.13 58.02
N LEU I 317 -67.29 -36.78 57.31
CA LEU I 317 -67.56 -35.39 56.96
C LEU I 317 -68.03 -34.59 58.17
N ASP I 318 -68.56 -35.26 59.20
CA ASP I 318 -68.87 -34.58 60.44
C ASP I 318 -67.60 -34.00 61.06
N ARG I 319 -66.48 -34.74 60.99
CA ARG I 319 -65.23 -34.33 61.59
C ARG I 319 -64.63 -33.15 60.81
N HIS I 320 -64.83 -33.15 59.48
CA HIS I 320 -64.46 -32.01 58.65
C HIS I 320 -65.22 -30.78 59.11
N GLY I 321 -66.53 -30.94 59.34
CA GLY I 321 -67.39 -29.85 59.77
C GLY I 321 -66.92 -29.24 61.10
N GLU I 322 -66.64 -30.09 62.09
CA GLU I 322 -66.23 -29.65 63.42
C GLU I 322 -64.87 -28.94 63.35
N PHE I 323 -63.95 -29.50 62.54
CA PHE I 323 -62.63 -28.92 62.38
C PHE I 323 -62.75 -27.48 61.85
N LEU I 324 -63.61 -27.27 60.85
CA LEU I 324 -63.77 -25.96 60.24
C LEU I 324 -64.49 -25.02 61.19
N GLN I 325 -65.53 -25.51 61.85
CA GLN I 325 -66.31 -24.70 62.79
C GLN I 325 -65.40 -24.16 63.90
N HIS I 326 -64.48 -25.00 64.41
CA HIS I 326 -63.55 -24.61 65.45
C HIS I 326 -62.75 -23.36 65.02
N LEU I 327 -62.36 -23.32 63.74
CA LEU I 327 -61.55 -22.22 63.24
C LEU I 327 -62.38 -20.94 63.16
N ILE I 328 -63.66 -21.07 62.78
CA ILE I 328 -64.56 -19.93 62.80
C ILE I 328 -64.66 -19.39 64.22
N ASP I 329 -64.81 -20.32 65.18
CA ASP I 329 -64.99 -19.98 66.58
C ASP I 329 -63.77 -19.24 67.13
N LEU I 330 -62.57 -19.54 66.61
CA LEU I 330 -61.37 -18.84 67.04
C LEU I 330 -61.37 -17.39 66.56
N GLY I 331 -62.11 -17.10 65.48
CA GLY I 331 -62.23 -15.75 64.98
C GLY I 331 -61.88 -15.57 63.50
N PHE I 332 -61.67 -16.67 62.76
CA PHE I 332 -61.45 -16.58 61.33
C PHE I 332 -62.78 -16.30 60.63
N THR I 333 -62.74 -15.39 59.67
CA THR I 333 -63.93 -14.90 58.98
C THR I 333 -64.05 -15.55 57.59
N GLU I 334 -62.96 -16.18 57.12
CA GLU I 334 -62.98 -16.95 55.90
C GLU I 334 -62.06 -18.16 56.03
N ILE I 335 -62.46 -19.29 55.44
CA ILE I 335 -61.64 -20.48 55.37
C ILE I 335 -61.55 -20.93 53.91
N TYR I 336 -60.33 -21.19 53.45
CA TYR I 336 -60.06 -21.75 52.13
C TYR I 336 -59.57 -23.17 52.34
N VAL I 337 -60.29 -24.14 51.75
CA VAL I 337 -60.00 -25.54 51.96
C VAL I 337 -59.34 -26.13 50.73
N HIS I 338 -58.17 -26.74 50.96
CA HIS I 338 -57.45 -27.51 49.97
C HIS I 338 -57.59 -29.00 50.32
N ASN I 339 -58.33 -29.74 49.49
CA ASN I 339 -58.32 -31.19 49.55
C ASN I 339 -57.10 -31.70 48.80
N VAL I 340 -56.26 -32.51 49.46
CA VAL I 340 -54.98 -32.89 48.89
C VAL I 340 -55.16 -33.97 47.82
N GLY I 341 -56.27 -34.70 47.86
CA GLY I 341 -56.49 -35.82 46.94
C GLY I 341 -56.79 -35.35 45.52
N ARG I 342 -56.61 -36.25 44.56
CA ARG I 342 -56.96 -36.01 43.17
C ARG I 342 -58.47 -36.06 42.94
N ASN I 343 -59.22 -36.47 43.97
CA ASN I 343 -60.68 -36.61 43.92
C ASN I 343 -61.37 -35.27 44.19
N GLN I 344 -61.05 -34.25 43.37
CA GLN I 344 -61.51 -32.89 43.61
C GLN I 344 -63.03 -32.78 43.42
N GLU I 345 -63.53 -33.34 42.34
CA GLU I 345 -64.95 -33.24 42.05
C GLU I 345 -65.76 -33.86 43.19
N GLU I 346 -65.32 -35.04 43.67
CA GLU I 346 -66.04 -35.79 44.67
C GLU I 346 -66.00 -35.03 46.00
N PHE I 347 -64.83 -34.44 46.29
CA PHE I 347 -64.63 -33.63 47.48
C PHE I 347 -65.58 -32.45 47.47
N ILE I 348 -65.64 -31.75 46.33
CA ILE I 348 -66.47 -30.57 46.20
C ILE I 348 -67.93 -30.92 46.46
N ARG I 349 -68.40 -32.04 45.88
CA ARG I 349 -69.80 -32.43 46.01
C ARG I 349 -70.10 -32.86 47.45
N ALA I 350 -69.16 -33.56 48.07
CA ALA I 350 -69.32 -34.02 49.44
C ALA I 350 -69.39 -32.84 50.41
N TYR I 351 -68.50 -31.86 50.25
CA TYR I 351 -68.52 -30.67 51.08
C TYR I 351 -69.81 -29.87 50.85
N GLY I 352 -70.23 -29.78 49.58
CA GLY I 352 -71.42 -29.03 49.23
C GLY I 352 -72.68 -29.60 49.89
N ARG I 353 -72.73 -30.93 49.98
CA ARG I 353 -73.88 -31.65 50.51
C ARG I 353 -73.83 -31.67 52.05
N ALA I 354 -72.65 -31.92 52.65
CA ALA I 354 -72.59 -32.36 54.03
C ALA I 354 -71.87 -31.40 54.97
N VAL I 355 -71.09 -30.45 54.44
CA VAL I 355 -70.26 -29.58 55.28
C VAL I 355 -70.72 -28.14 55.22
N ILE I 356 -70.76 -27.56 54.02
CA ILE I 356 -70.98 -26.13 53.87
C ILE I 356 -72.31 -25.70 54.50
N PRO I 357 -73.45 -26.40 54.25
CA PRO I 357 -74.73 -25.97 54.82
C PRO I 357 -74.74 -25.90 56.35
N HIS I 358 -73.87 -26.65 57.03
CA HIS I 358 -73.90 -26.78 58.50
C HIS I 358 -72.88 -25.87 59.18
N LEU I 359 -72.03 -25.15 58.43
CA LEU I 359 -71.12 -24.19 59.03
C LEU I 359 -71.88 -22.95 59.46
N ARG I 360 -71.58 -22.46 60.67
CA ARG I 360 -72.24 -21.30 61.24
C ARG I 360 -71.28 -20.13 61.28
N TRP I 361 -71.49 -19.16 60.37
CA TRP I 361 -70.70 -17.96 60.29
C TRP I 361 -71.37 -16.85 61.07
N PRO I 362 -70.63 -15.96 61.79
CA PRO I 362 -71.23 -14.75 62.33
C PRO I 362 -71.81 -13.92 61.18
N ALA I 363 -72.97 -13.31 61.43
CA ALA I 363 -73.76 -12.63 60.40
C ALA I 363 -73.01 -11.45 59.80
N ASP I 364 -72.22 -10.74 60.61
CA ASP I 364 -71.59 -9.52 60.11
C ASP I 364 -70.21 -9.73 59.53
N ALA I 365 -69.73 -10.98 59.48
CA ALA I 365 -68.30 -11.25 59.37
C ALA I 365 -67.74 -10.61 58.10
N PRO I 366 -66.61 -9.87 58.21
CA PRO I 366 -65.99 -9.24 57.04
C PRO I 366 -65.33 -10.26 56.12
N VAL I 367 -65.48 -10.00 54.85
CA VAL I 367 -65.00 -10.86 53.79
C VAL I 367 -64.04 -10.04 52.93
N ALA I 368 -63.03 -10.69 52.35
CA ALA I 368 -62.02 -10.00 51.56
C ALA I 368 -62.62 -9.51 50.24
N GLN I 369 -62.95 -8.22 50.20
CA GLN I 369 -63.48 -7.56 49.01
C GLN I 369 -63.38 -6.05 49.21
N ALA I 370 -63.39 -5.29 48.10
CA ALA I 370 -63.24 -3.84 48.15
C ALA I 370 -64.40 -3.18 48.91
N MET I 371 -64.08 -2.17 49.73
CA MET I 371 -65.05 -1.29 50.41
C MET I 371 -66.42 -1.26 49.66
N SER J 34 -61.73 -19.06 2.77
CA SER J 34 -62.59 -18.96 3.98
C SER J 34 -62.32 -17.63 4.72
N SER J 35 -63.40 -16.88 5.00
CA SER J 35 -63.31 -15.46 5.36
C SER J 35 -62.87 -15.26 6.80
N ARG J 36 -62.11 -14.19 7.02
CA ARG J 36 -61.45 -13.95 8.29
C ARG J 36 -60.69 -12.62 8.26
N LEU J 37 -60.36 -12.13 9.46
CA LEU J 37 -59.56 -10.93 9.67
C LEU J 37 -59.24 -10.86 11.15
N GLY J 38 -58.14 -10.20 11.48
CA GLY J 38 -57.76 -9.98 12.86
C GLY J 38 -58.25 -8.64 13.39
N TYR J 39 -58.63 -8.64 14.67
CA TYR J 39 -58.99 -7.44 15.40
C TYR J 39 -57.86 -7.10 16.35
N SER J 40 -57.47 -5.82 16.32
CA SER J 40 -56.41 -5.32 17.17
C SER J 40 -57.04 -4.65 18.40
N ALA J 41 -56.77 -5.21 19.58
CA ALA J 41 -57.31 -4.70 20.84
C ALA J 41 -56.35 -3.69 21.47
N SER J 42 -56.74 -2.41 21.44
CA SER J 42 -55.90 -1.30 21.82
C SER J 42 -56.05 -1.02 23.34
N PHE J 43 -55.17 -1.64 24.13
CA PHE J 43 -55.17 -1.47 25.57
C PHE J 43 -54.80 -0.05 25.96
N GLU J 44 -54.11 0.66 25.07
CA GLU J 44 -53.74 2.04 25.35
C GLU J 44 -55.00 2.90 25.49
N GLN J 45 -56.07 2.52 24.78
CA GLN J 45 -57.22 3.40 24.63
C GLN J 45 -58.46 2.93 25.42
N PHE J 46 -58.64 1.61 25.55
CA PHE J 46 -59.96 1.07 25.90
C PHE J 46 -59.89 0.24 27.17
N HIS J 47 -60.90 0.44 28.00
CA HIS J 47 -61.06 -0.34 29.22
C HIS J 47 -61.10 -1.81 28.86
N PRO J 48 -60.41 -2.69 29.60
CA PRO J 48 -60.42 -4.12 29.29
C PRO J 48 -61.80 -4.76 29.21
N SER J 49 -62.77 -4.28 30.00
CA SER J 49 -64.13 -4.80 29.92
C SER J 49 -64.74 -4.50 28.56
N ASP J 50 -64.48 -3.30 28.02
CA ASP J 50 -64.98 -2.92 26.71
C ASP J 50 -64.30 -3.76 25.63
N LEU J 51 -62.99 -3.95 25.75
CA LEU J 51 -62.25 -4.77 24.80
C LEU J 51 -62.81 -6.19 24.79
N LEU J 52 -63.15 -6.71 25.96
CA LEU J 52 -63.67 -8.07 26.04
C LEU J 52 -64.98 -8.17 25.26
N ARG J 53 -65.91 -7.23 25.52
CA ARG J 53 -67.21 -7.24 24.85
C ARG J 53 -67.03 -7.06 23.33
N TRP J 54 -66.11 -6.19 22.93
CA TRP J 54 -65.92 -5.91 21.51
C TRP J 54 -65.30 -7.10 20.78
N CYS J 55 -64.41 -7.83 21.44
CA CYS J 55 -63.83 -9.03 20.85
C CYS J 55 -64.92 -10.08 20.66
N GLN J 56 -65.83 -10.20 21.63
CA GLN J 56 -66.94 -11.14 21.52
C GLN J 56 -67.81 -10.79 20.32
N LEU J 57 -68.03 -9.48 20.11
CA LEU J 57 -68.80 -9.02 18.97
C LEU J 57 -68.02 -9.27 17.68
N ALA J 58 -66.72 -8.98 17.69
CA ALA J 58 -65.89 -9.16 16.52
C ALA J 58 -65.96 -10.61 16.05
N GLU J 59 -65.96 -11.56 16.99
CA GLU J 59 -66.09 -12.97 16.66
C GLU J 59 -67.41 -13.20 15.92
N GLN J 60 -68.50 -12.65 16.44
CA GLN J 60 -69.81 -12.79 15.80
C GLN J 60 -69.78 -12.21 14.40
N GLU J 61 -68.96 -11.17 14.17
CA GLU J 61 -68.98 -10.43 12.93
C GLU J 61 -67.96 -10.94 11.93
N GLY J 62 -67.24 -12.03 12.23
CA GLY J 62 -66.39 -12.70 11.25
C GLY J 62 -64.89 -12.52 11.49
N PHE J 63 -64.49 -11.73 12.50
CA PHE J 63 -63.08 -11.70 12.87
C PHE J 63 -62.73 -13.04 13.51
N ASP J 64 -61.50 -13.53 13.32
CA ASP J 64 -61.12 -14.86 13.77
C ASP J 64 -59.97 -14.83 14.79
N SER J 65 -59.35 -13.67 15.02
CA SER J 65 -58.22 -13.58 15.92
CA SER J 65 -58.22 -13.58 15.92
C SER J 65 -58.06 -12.17 16.45
N VAL J 66 -57.32 -12.08 17.57
CA VAL J 66 -57.13 -10.83 18.30
C VAL J 66 -55.65 -10.64 18.55
N LEU J 67 -55.19 -9.41 18.34
CA LEU J 67 -53.87 -8.97 18.74
C LEU J 67 -54.04 -8.02 19.91
N ALA J 68 -53.37 -8.33 21.02
CA ALA J 68 -53.51 -7.57 22.26
C ALA J 68 -52.17 -6.95 22.66
N ALA J 69 -52.16 -5.62 22.71
CA ALA J 69 -51.01 -4.85 23.16
C ALA J 69 -50.65 -5.21 24.60
N ASP J 70 -49.33 -5.21 24.90
CA ASP J 70 -48.84 -5.44 26.24
C ASP J 70 -48.17 -4.16 26.72
N HIS J 71 -48.97 -3.26 27.30
CA HIS J 71 -48.48 -1.98 27.76
C HIS J 71 -48.62 -1.88 29.28
N PHE J 72 -47.84 -0.97 29.85
CA PHE J 72 -48.07 -0.45 31.18
C PHE J 72 -48.68 0.95 31.09
N HIS J 73 -48.26 1.73 30.08
CA HIS J 73 -48.75 3.08 29.90
C HIS J 73 -49.33 3.27 28.50
N PRO J 74 -50.35 4.15 28.36
CA PRO J 74 -50.79 4.60 27.04
C PRO J 74 -49.76 5.57 26.49
N TRP J 75 -49.83 5.84 25.18
CA TRP J 75 -48.97 6.84 24.57
C TRP J 75 -49.30 8.22 25.14
N THR J 76 -50.59 8.50 25.32
CA THR J 76 -51.01 9.81 25.83
C THR J 76 -52.05 9.61 26.94
N PRO J 77 -52.20 10.59 27.85
CA PRO J 77 -53.29 10.58 28.84
C PRO J 77 -54.68 10.50 28.20
N GLU J 78 -54.85 11.13 27.03
CA GLU J 78 -56.14 11.16 26.37
C GLU J 78 -56.55 9.75 25.93
N GLN J 79 -55.57 8.88 25.64
CA GLN J 79 -55.87 7.49 25.33
C GLN J 79 -56.42 6.81 26.58
N GLY J 80 -55.67 6.91 27.69
CA GLY J 80 -56.26 6.84 29.02
C GLY J 80 -56.31 5.44 29.63
N GLN J 81 -55.73 4.40 29.01
CA GLN J 81 -55.81 3.06 29.58
C GLN J 81 -54.50 2.28 29.43
N SER J 82 -54.39 1.16 30.15
CA SER J 82 -53.36 0.15 29.97
C SER J 82 -53.60 -1.03 30.90
N GLY J 83 -54.53 -1.90 30.53
CA GLY J 83 -54.78 -3.11 31.30
C GLY J 83 -53.62 -4.09 31.21
N PHE J 84 -53.52 -4.96 32.23
CA PHE J 84 -52.57 -6.05 32.24
C PHE J 84 -53.05 -7.15 31.31
N VAL J 85 -52.38 -7.30 30.17
CA VAL J 85 -52.90 -8.09 29.08
C VAL J 85 -53.05 -9.56 29.48
N TRP J 86 -52.13 -10.07 30.30
CA TRP J 86 -52.09 -11.50 30.57
C TRP J 86 -53.36 -11.96 31.28
N ALA J 87 -53.89 -11.13 32.19
CA ALA J 87 -55.11 -11.48 32.89
C ALA J 87 -56.28 -11.43 31.91
N TRP J 88 -56.33 -10.38 31.11
CA TRP J 88 -57.40 -10.20 30.14
C TRP J 88 -57.45 -11.38 29.16
N LEU J 89 -56.30 -11.91 28.75
CA LEU J 89 -56.27 -12.96 27.75
C LEU J 89 -56.98 -14.21 28.27
N GLY J 90 -56.89 -14.47 29.57
CA GLY J 90 -57.63 -15.58 30.16
C GLY J 90 -59.14 -15.43 29.98
N ALA J 91 -59.62 -14.19 30.14
CA ALA J 91 -61.04 -13.88 29.98
C ALA J 91 -61.44 -14.07 28.52
N LEU J 92 -60.60 -13.59 27.60
CA LEU J 92 -60.86 -13.75 26.18
C LEU J 92 -60.93 -15.23 25.83
N GLY J 93 -59.92 -15.98 26.28
CA GLY J 93 -59.83 -17.41 26.00
C GLY J 93 -61.07 -18.15 26.47
N ALA J 94 -61.60 -17.78 27.65
CA ALA J 94 -62.65 -18.54 28.27
C ALA J 94 -64.02 -18.18 27.71
N THR J 95 -64.17 -17.06 26.99
CA THR J 95 -65.48 -16.59 26.54
C THR J 95 -65.60 -16.51 25.02
N THR J 96 -64.57 -16.92 24.26
CA THR J 96 -64.62 -16.91 22.80
C THR J 96 -63.89 -18.15 22.28
N ARG J 97 -63.91 -18.33 20.96
CA ARG J 97 -63.11 -19.35 20.29
C ARG J 97 -62.05 -18.71 19.39
N LEU J 98 -61.88 -17.39 19.49
CA LEU J 98 -60.89 -16.64 18.73
C LEU J 98 -59.48 -17.13 19.03
N ARG J 99 -58.60 -17.03 18.03
CA ARG J 99 -57.17 -17.08 18.26
C ARG J 99 -56.75 -15.73 18.81
N PHE J 100 -55.62 -15.69 19.52
CA PHE J 100 -55.17 -14.44 20.10
C PHE J 100 -53.67 -14.50 20.38
N GLY J 101 -53.06 -13.32 20.42
CA GLY J 101 -51.64 -13.23 20.75
C GLY J 101 -51.30 -11.85 21.33
N THR J 102 -50.14 -11.80 21.99
CA THR J 102 -49.58 -10.55 22.47
C THR J 102 -48.93 -9.84 21.29
N GLY J 103 -49.15 -8.53 21.19
CA GLY J 103 -48.59 -7.78 20.08
C GLY J 103 -47.95 -6.47 20.53
N VAL J 104 -46.81 -6.48 21.24
CA VAL J 104 -46.05 -7.68 21.62
C VAL J 104 -45.58 -7.52 23.06
N THR J 105 -45.12 -8.63 23.66
CA THR J 105 -44.52 -8.61 24.98
C THR J 105 -43.02 -8.46 24.86
N PRO J 106 -42.35 -7.60 25.65
CA PRO J 106 -40.89 -7.57 25.71
C PRO J 106 -40.37 -8.48 26.82
N PRO J 107 -39.84 -9.67 26.47
CA PRO J 107 -39.41 -10.63 27.49
C PRO J 107 -37.96 -10.46 27.89
N ILE J 108 -37.53 -9.20 28.05
CA ILE J 108 -36.10 -8.90 28.14
C ILE J 108 -35.74 -8.39 29.53
N GLY J 109 -36.60 -8.65 30.52
CA GLY J 109 -36.21 -8.56 31.91
C GLY J 109 -36.46 -7.19 32.56
N PHE J 110 -37.32 -6.34 31.97
CA PHE J 110 -37.68 -5.09 32.63
C PHE J 110 -38.98 -5.35 33.39
N ARG J 111 -40.12 -5.14 32.74
CA ARG J 111 -41.38 -5.57 33.30
C ARG J 111 -41.44 -7.08 33.46
N TYR J 112 -40.82 -7.84 32.54
CA TYR J 112 -41.04 -9.28 32.48
C TYR J 112 -39.73 -10.05 32.27
N HIS J 113 -39.47 -11.02 33.15
CA HIS J 113 -38.38 -11.97 32.99
C HIS J 113 -38.81 -13.00 31.94
N PRO J 114 -37.91 -13.44 31.03
CA PRO J 114 -38.31 -14.37 29.98
C PRO J 114 -38.89 -15.68 30.48
N ALA J 115 -38.43 -16.16 31.65
CA ALA J 115 -38.97 -17.39 32.19
C ALA J 115 -40.45 -17.25 32.52
N ILE J 116 -40.88 -16.05 32.95
CA ILE J 116 -42.26 -15.82 33.32
C ILE J 116 -43.12 -15.72 32.06
N VAL J 117 -42.61 -15.05 31.03
CA VAL J 117 -43.31 -15.00 29.76
C VAL J 117 -43.50 -16.42 29.23
N ALA J 118 -42.46 -17.25 29.36
CA ALA J 118 -42.56 -18.63 28.88
C ALA J 118 -43.68 -19.36 29.61
N GLN J 119 -43.73 -19.19 30.94
CA GLN J 119 -44.73 -19.88 31.73
C GLN J 119 -46.13 -19.39 31.36
N ALA J 120 -46.28 -18.06 31.19
CA ALA J 120 -47.56 -17.48 30.86
C ALA J 120 -48.06 -18.00 29.51
N ALA J 121 -47.15 -18.04 28.53
CA ALA J 121 -47.49 -18.51 27.20
C ALA J 121 -47.90 -19.98 27.25
N ALA J 122 -47.13 -20.79 27.97
CA ALA J 122 -47.43 -22.21 28.08
C ALA J 122 -48.78 -22.43 28.75
N THR J 123 -49.12 -21.61 29.77
CA THR J 123 -50.38 -21.77 30.47
C THR J 123 -51.54 -21.46 29.53
N LEU J 124 -51.43 -20.34 28.81
CA LEU J 124 -52.49 -19.93 27.90
C LEU J 124 -52.71 -21.01 26.84
N GLU J 125 -51.64 -21.51 26.24
CA GLU J 125 -51.78 -22.52 25.20
C GLU J 125 -52.31 -23.82 25.79
N ALA J 126 -51.90 -24.15 27.03
CA ALA J 126 -52.40 -25.37 27.66
C ALA J 126 -53.90 -25.26 27.92
N MET J 127 -54.38 -24.06 28.27
CA MET J 127 -55.79 -23.84 28.55
C MET J 127 -56.60 -23.72 27.26
N PHE J 128 -56.00 -23.13 26.23
CA PHE J 128 -56.71 -22.83 24.98
C PHE J 128 -55.92 -23.39 23.80
N PRO J 129 -55.77 -24.72 23.68
CA PRO J 129 -54.84 -25.29 22.70
C PRO J 129 -55.25 -24.91 21.27
N GLY J 130 -54.24 -24.56 20.46
CA GLY J 130 -54.44 -24.19 19.08
C GLY J 130 -54.79 -22.71 18.90
N ARG J 131 -54.78 -21.91 19.99
CA ARG J 131 -55.37 -20.58 19.91
C ARG J 131 -54.38 -19.47 20.20
N PHE J 132 -53.30 -19.73 20.95
CA PHE J 132 -52.43 -18.67 21.39
C PHE J 132 -51.19 -18.60 20.52
N TRP J 133 -50.73 -17.37 20.24
CA TRP J 133 -49.40 -17.17 19.67
C TRP J 133 -48.67 -16.13 20.51
N LEU J 134 -47.39 -16.41 20.80
CA LEU J 134 -46.59 -15.57 21.67
C LEU J 134 -45.85 -14.55 20.83
N GLY J 135 -46.38 -13.32 20.82
CA GLY J 135 -45.71 -12.23 20.13
C GLY J 135 -44.77 -11.49 21.08
N ILE J 136 -43.52 -11.34 20.66
CA ILE J 136 -42.48 -10.71 21.47
C ILE J 136 -41.74 -9.65 20.66
N GLY J 137 -41.11 -8.71 21.38
CA GLY J 137 -40.34 -7.64 20.76
C GLY J 137 -39.37 -6.99 21.75
N ALA J 138 -38.64 -5.98 21.27
CA ALA J 138 -37.54 -5.36 21.99
C ALA J 138 -38.01 -4.29 22.97
N GLY J 139 -39.28 -3.92 22.91
CA GLY J 139 -39.90 -3.09 23.95
C GLY J 139 -39.65 -1.60 23.76
N GLU J 140 -40.43 -0.79 24.51
CA GLU J 140 -40.31 0.65 24.51
C GLU J 140 -40.17 1.18 25.93
N ALA J 141 -39.42 2.28 26.06
CA ALA J 141 -39.16 2.90 27.34
C ALA J 141 -40.48 3.30 28.00
N LEU J 142 -41.46 3.71 27.18
CA LEU J 142 -42.76 4.10 27.69
C LEU J 142 -43.26 3.12 28.75
N ASN J 143 -43.07 1.83 28.52
CA ASN J 143 -43.52 0.79 29.44
C ASN J 143 -42.40 0.29 30.35
N GLU J 144 -41.18 0.15 29.83
CA GLU J 144 -40.13 -0.54 30.58
C GLU J 144 -39.43 0.38 31.58
N HIS J 145 -39.52 1.69 31.42
CA HIS J 145 -38.71 2.61 32.22
C HIS J 145 -39.16 2.60 33.69
N ILE J 146 -40.35 2.08 33.98
CA ILE J 146 -40.88 2.18 35.32
C ILE J 146 -40.00 1.45 36.33
N VAL J 147 -39.22 0.45 35.89
CA VAL J 147 -38.43 -0.33 36.84
C VAL J 147 -37.07 0.32 37.11
N GLY J 148 -36.78 1.44 36.47
CA GLY J 148 -35.65 2.28 36.84
C GLY J 148 -34.29 1.70 36.46
N ARG J 149 -34.17 1.05 35.28
CA ARG J 149 -32.94 0.43 34.88
C ARG J 149 -32.39 1.04 33.59
N TYR J 150 -31.09 0.81 33.36
CA TYR J 150 -30.42 1.20 32.13
C TYR J 150 -31.22 0.72 30.92
N TRP J 151 -31.48 1.64 29.99
CA TRP J 151 -32.23 1.33 28.78
C TRP J 151 -31.29 1.28 27.59
N PRO J 152 -30.97 0.09 27.07
CA PRO J 152 -29.99 -0.04 25.98
C PRO J 152 -30.51 0.52 24.66
N GLU J 153 -29.59 0.87 23.77
CA GLU J 153 -29.92 1.21 22.40
C GLU J 153 -30.63 0.04 21.72
N PRO J 154 -31.42 0.31 20.66
CA PRO J 154 -32.14 -0.75 19.93
C PRO J 154 -31.31 -1.98 19.58
N ALA J 155 -30.10 -1.79 19.03
CA ALA J 155 -29.32 -2.95 18.59
C ALA J 155 -28.98 -3.84 19.78
N GLU J 156 -28.70 -3.23 20.94
CA GLU J 156 -28.41 -4.02 22.12
C GLU J 156 -29.67 -4.73 22.60
N ARG J 157 -30.84 -4.08 22.53
CA ARG J 157 -32.05 -4.72 22.98
C ARG J 157 -32.39 -5.92 22.10
N ILE J 158 -32.02 -5.84 20.81
CA ILE J 158 -32.18 -6.96 19.90
C ILE J 158 -31.36 -8.15 20.42
N ARG J 159 -30.13 -7.90 20.87
CA ARG J 159 -29.31 -8.98 21.40
C ARG J 159 -29.99 -9.56 22.66
N MET J 160 -30.62 -8.70 23.45
CA MET J 160 -31.34 -9.18 24.63
C MET J 160 -32.51 -10.06 24.20
N LEU J 161 -33.23 -9.63 23.17
CA LEU J 161 -34.39 -10.36 22.68
C LEU J 161 -33.98 -11.75 22.20
N ILE J 162 -32.86 -11.82 21.49
CA ILE J 162 -32.37 -13.08 20.95
C ILE J 162 -32.03 -14.04 22.09
N GLU J 163 -31.44 -13.53 23.16
CA GLU J 163 -31.13 -14.38 24.31
C GLU J 163 -32.44 -14.81 25.00
N ALA J 164 -33.42 -13.90 25.08
CA ALA J 164 -34.68 -14.25 25.70
C ALA J 164 -35.37 -15.37 24.92
N ILE J 165 -35.28 -15.34 23.58
CA ILE J 165 -35.86 -16.38 22.74
C ILE J 165 -35.25 -17.72 23.12
N GLU J 166 -33.94 -17.74 23.33
CA GLU J 166 -33.22 -18.95 23.72
C GLU J 166 -33.82 -19.47 25.03
N VAL J 167 -34.03 -18.58 26.01
CA VAL J 167 -34.57 -18.99 27.30
C VAL J 167 -35.96 -19.57 27.12
N ILE J 168 -36.81 -18.89 26.35
CA ILE J 168 -38.19 -19.34 26.18
C ILE J 168 -38.20 -20.71 25.51
N GLN J 169 -37.38 -20.89 24.48
CA GLN J 169 -37.36 -22.13 23.72
CA GLN J 169 -37.36 -22.13 23.72
C GLN J 169 -36.85 -23.28 24.59
N LYS J 170 -35.82 -23.03 25.41
CA LYS J 170 -35.33 -24.06 26.33
C LYS J 170 -36.47 -24.48 27.27
N LEU J 171 -37.19 -23.52 27.82
CA LEU J 171 -38.25 -23.83 28.77
C LEU J 171 -39.38 -24.59 28.06
N PHE J 172 -39.62 -24.25 26.80
CA PHE J 172 -40.68 -24.91 26.02
C PHE J 172 -40.37 -26.39 25.74
N THR J 173 -39.12 -26.84 25.93
CA THR J 173 -38.81 -28.26 25.76
C THR J 173 -39.48 -29.11 26.83
N GLY J 174 -39.84 -28.50 27.97
CA GLY J 174 -40.46 -29.24 29.07
C GLY J 174 -39.47 -29.97 29.96
N LYS J 175 -38.18 -29.75 29.74
CA LYS J 175 -37.16 -30.34 30.61
C LYS J 175 -36.73 -29.32 31.65
N VAL J 176 -35.99 -29.83 32.65
CA VAL J 176 -35.27 -29.01 33.59
C VAL J 176 -34.11 -28.37 32.83
N ILE J 177 -34.08 -27.04 32.77
CA ILE J 177 -33.03 -26.36 32.04
C ILE J 177 -32.36 -25.33 32.94
N ARG J 178 -31.11 -25.01 32.56
CA ARG J 178 -30.29 -23.98 33.16
C ARG J 178 -29.83 -23.09 32.03
N HIS J 179 -29.59 -21.82 32.30
CA HIS J 179 -29.13 -20.88 31.30
C HIS J 179 -28.26 -19.83 31.96
N GLU J 180 -27.13 -19.53 31.34
CA GLU J 180 -26.30 -18.41 31.75
C GLU J 180 -25.77 -17.73 30.49
N GLY J 181 -26.24 -16.51 30.22
CA GLY J 181 -25.77 -15.73 29.09
C GLY J 181 -25.39 -14.33 29.55
N VAL J 182 -25.20 -13.43 28.59
CA VAL J 182 -24.82 -12.07 28.90
C VAL J 182 -25.91 -11.40 29.73
N TYR J 183 -27.19 -11.64 29.43
CA TYR J 183 -28.27 -10.85 30.01
C TYR J 183 -29.12 -11.60 31.01
N PHE J 184 -29.24 -12.92 30.91
CA PHE J 184 -30.17 -13.66 31.76
C PHE J 184 -29.48 -14.84 32.41
N LYS J 185 -29.88 -15.11 33.66
CA LYS J 185 -29.44 -16.27 34.39
C LYS J 185 -30.70 -17.01 34.83
N VAL J 186 -30.80 -18.28 34.46
CA VAL J 186 -31.89 -19.13 34.87
C VAL J 186 -31.30 -20.34 35.59
N GLU J 187 -31.68 -20.49 36.85
CA GLU J 187 -31.34 -21.67 37.63
C GLU J 187 -32.32 -22.77 37.25
N SER J 188 -32.00 -24.01 37.63
CA SER J 188 -32.81 -25.18 37.32
C SER J 188 -34.29 -24.84 37.31
N ALA J 189 -34.89 -24.88 36.12
CA ALA J 189 -36.27 -24.48 35.93
C ALA J 189 -36.95 -25.36 34.90
N LYS J 190 -38.22 -25.68 35.16
CA LYS J 190 -39.01 -26.52 34.28
C LYS J 190 -40.46 -26.03 34.26
N LEU J 191 -41.07 -26.03 33.08
CA LEU J 191 -42.49 -25.79 32.93
C LEU J 191 -43.23 -27.12 33.06
N TYR J 192 -43.90 -27.31 34.20
CA TYR J 192 -44.68 -28.51 34.43
C TYR J 192 -46.04 -28.41 33.73
N THR J 193 -46.57 -27.19 33.58
CA THR J 193 -47.83 -26.98 32.88
C THR J 193 -47.52 -26.54 31.47
N MET J 194 -47.77 -27.43 30.52
CA MET J 194 -47.29 -27.34 29.15
CA MET J 194 -47.28 -27.34 29.16
C MET J 194 -48.38 -27.86 28.22
N PRO J 195 -48.62 -27.24 27.05
CA PRO J 195 -49.45 -27.89 26.03
C PRO J 195 -48.66 -29.03 25.39
N ASP J 196 -49.35 -29.94 24.68
CA ASP J 196 -48.63 -31.00 23.97
C ASP J 196 -47.66 -30.38 22.96
N VAL J 197 -48.09 -29.29 22.33
CA VAL J 197 -47.28 -28.61 21.34
C VAL J 197 -47.19 -27.14 21.71
N PRO J 198 -45.97 -26.55 21.71
CA PRO J 198 -45.79 -25.17 22.17
C PRO J 198 -46.50 -24.18 21.26
N PRO J 199 -46.90 -23.00 21.79
CA PRO J 199 -47.46 -21.96 20.93
C PRO J 199 -46.32 -21.44 20.08
N PRO J 200 -46.62 -20.91 18.87
CA PRO J 200 -45.57 -20.35 18.02
C PRO J 200 -45.05 -19.07 18.64
N ILE J 201 -43.75 -18.82 18.42
CA ILE J 201 -43.13 -17.56 18.81
C ILE J 201 -43.08 -16.67 17.58
N ILE J 202 -43.72 -15.51 17.71
CA ILE J 202 -43.82 -14.51 16.67
C ILE J 202 -43.03 -13.30 17.12
N VAL J 203 -42.14 -12.79 16.28
CA VAL J 203 -41.41 -11.57 16.64
C VAL J 203 -42.05 -10.39 15.94
N GLY J 204 -42.36 -9.36 16.71
CA GLY J 204 -42.79 -8.06 16.18
C GLY J 204 -41.60 -7.13 16.00
N THR J 205 -41.31 -6.78 14.74
CA THR J 205 -40.15 -5.96 14.43
C THR J 205 -40.39 -5.26 13.09
N ALA J 206 -39.70 -4.13 12.93
CA ALA J 206 -39.63 -3.38 11.68
C ALA J 206 -38.18 -3.29 11.22
N GLY J 207 -37.27 -4.02 11.85
CA GLY J 207 -35.86 -4.00 11.50
C GLY J 207 -35.50 -5.15 10.55
N PRO J 208 -34.84 -4.87 9.41
CA PRO J 208 -34.37 -5.92 8.52
C PRO J 208 -33.55 -7.01 9.21
N TYR J 209 -32.64 -6.60 10.11
CA TYR J 209 -31.76 -7.56 10.75
C TYR J 209 -32.61 -8.53 11.57
N MET J 210 -33.50 -8.01 12.43
CA MET J 210 -34.28 -8.85 13.32
C MET J 210 -35.30 -9.68 12.55
N ALA J 211 -35.76 -9.16 11.40
CA ALA J 211 -36.68 -9.92 10.55
C ALA J 211 -36.01 -11.19 10.08
N LYS J 212 -34.75 -11.09 9.65
CA LYS J 212 -33.97 -12.25 9.23
C LYS J 212 -33.83 -13.23 10.40
N LYS J 213 -33.47 -12.71 11.56
CA LYS J 213 -33.28 -13.53 12.76
C LYS J 213 -34.59 -14.22 13.14
N THR J 214 -35.72 -13.52 12.93
CA THR J 214 -37.02 -14.08 13.24
C THR J 214 -37.25 -15.34 12.41
N GLY J 215 -36.94 -15.25 11.11
CA GLY J 215 -37.07 -16.40 10.23
C GLY J 215 -36.18 -17.56 10.68
N GLN J 216 -34.96 -17.21 11.11
CA GLN J 216 -33.99 -18.21 11.53
C GLN J 216 -34.42 -18.91 12.81
N LEU J 217 -34.90 -18.15 13.81
CA LEU J 217 -34.95 -18.62 15.19
C LEU J 217 -36.38 -18.86 15.65
N CYS J 218 -37.37 -18.27 14.99
CA CYS J 218 -38.73 -18.25 15.50
C CYS J 218 -39.69 -18.82 14.46
N ASP J 219 -40.99 -18.66 14.70
CA ASP J 219 -42.01 -19.35 13.92
C ASP J 219 -42.74 -18.42 12.96
N GLY J 220 -42.66 -17.10 13.18
CA GLY J 220 -43.39 -16.17 12.33
C GLY J 220 -43.03 -14.72 12.62
N LEU J 221 -43.49 -13.84 11.72
CA LEU J 221 -43.17 -12.43 11.73
C LEU J 221 -44.44 -11.62 11.94
N LEU J 222 -44.33 -10.58 12.77
CA LEU J 222 -45.34 -9.55 12.91
C LEU J 222 -44.68 -8.20 12.66
N THR J 223 -45.25 -7.38 11.80
CA THR J 223 -44.66 -6.08 11.50
C THR J 223 -45.79 -5.05 11.45
N PRO J 224 -45.50 -3.75 11.65
CA PRO J 224 -46.50 -2.71 11.47
C PRO J 224 -46.66 -2.31 10.00
N GLY J 225 -47.78 -1.64 9.73
CA GLY J 225 -48.05 -1.02 8.45
C GLY J 225 -46.93 -0.07 8.09
N ALA J 226 -46.53 -0.12 6.81
CA ALA J 226 -45.49 0.73 6.29
C ALA J 226 -45.65 0.68 4.77
N ASN J 227 -44.82 1.46 4.06
CA ASN J 227 -44.90 1.51 2.61
C ASN J 227 -44.46 0.15 2.04
N ASP J 228 -44.78 -0.05 0.76
CA ASP J 228 -44.55 -1.31 0.08
C ASP J 228 -43.09 -1.72 0.11
N GLU J 229 -42.19 -0.77 -0.13
CA GLU J 229 -40.76 -1.06 -0.19
C GLU J 229 -40.28 -1.66 1.13
N LYS J 230 -40.70 -1.08 2.27
CA LYS J 230 -40.25 -1.53 3.56
C LYS J 230 -40.82 -2.92 3.87
N LEU J 231 -42.10 -3.14 3.53
CA LEU J 231 -42.75 -4.40 3.80
C LEU J 231 -42.10 -5.53 2.98
N ARG J 232 -41.80 -5.24 1.72
CA ARG J 232 -41.16 -6.23 0.85
C ARG J 232 -39.79 -6.63 1.40
N LEU J 233 -39.05 -5.65 1.92
CA LEU J 233 -37.73 -5.92 2.45
C LEU J 233 -37.85 -6.83 3.68
N LEU J 234 -38.78 -6.52 4.57
CA LEU J 234 -38.95 -7.30 5.78
C LEU J 234 -39.38 -8.73 5.44
N LEU J 235 -40.33 -8.88 4.50
CA LEU J 235 -40.74 -10.20 4.08
C LEU J 235 -39.54 -10.97 3.51
N SER J 236 -38.76 -10.31 2.65
CA SER J 236 -37.63 -10.95 2.00
C SER J 236 -36.59 -11.41 3.04
N ARG J 237 -36.30 -10.54 4.00
CA ARG J 237 -35.33 -10.85 5.05
C ARG J 237 -35.79 -12.04 5.87
N PHE J 238 -37.08 -12.04 6.23
CA PHE J 238 -37.66 -13.13 6.98
C PHE J 238 -37.53 -14.45 6.20
N GLU J 239 -37.85 -14.41 4.91
CA GLU J 239 -37.78 -15.61 4.08
C GLU J 239 -36.36 -16.15 4.00
N GLU J 240 -35.39 -15.24 3.78
CA GLU J 240 -33.98 -15.59 3.68
C GLU J 240 -33.50 -16.27 4.96
N GLY J 241 -33.89 -15.69 6.10
CA GLY J 241 -33.50 -16.23 7.38
C GLY J 241 -34.01 -17.65 7.61
N ALA J 242 -35.29 -17.85 7.26
CA ALA J 242 -35.92 -19.16 7.37
C ALA J 242 -35.23 -20.16 6.46
N ARG J 243 -34.97 -19.77 5.20
CA ARG J 243 -34.37 -20.67 4.23
C ARG J 243 -32.96 -21.08 4.66
N ALA J 244 -32.15 -20.12 5.12
CA ALA J 244 -30.80 -20.42 5.55
C ALA J 244 -30.80 -21.36 6.76
N ALA J 245 -31.90 -21.41 7.53
CA ALA J 245 -32.00 -22.33 8.64
C ALA J 245 -32.71 -23.64 8.27
N GLY J 246 -32.94 -23.88 6.97
CA GLY J 246 -33.53 -25.13 6.50
C GLY J 246 -35.05 -25.19 6.65
N LYS J 247 -35.71 -24.06 6.92
CA LYS J 247 -37.15 -24.03 7.14
C LYS J 247 -37.85 -23.63 5.85
N ASP J 248 -39.14 -23.93 5.75
CA ASP J 248 -39.98 -23.52 4.64
C ASP J 248 -40.80 -22.30 5.03
N PRO J 249 -40.45 -21.08 4.57
CA PRO J 249 -41.18 -19.86 4.95
C PRO J 249 -42.61 -19.74 4.46
N ARG J 250 -42.97 -20.56 3.48
CA ARG J 250 -44.31 -20.60 2.93
C ARG J 250 -45.30 -21.14 3.97
N ARG J 251 -44.80 -21.89 4.95
CA ARG J 251 -45.65 -22.47 6.00
C ARG J 251 -45.53 -21.67 7.30
N MET J 252 -44.86 -20.51 7.27
CA MET J 252 -44.64 -19.70 8.46
C MET J 252 -45.49 -18.43 8.35
N PRO J 253 -46.23 -18.04 9.40
CA PRO J 253 -47.06 -16.84 9.36
C PRO J 253 -46.26 -15.56 9.10
N ARG J 254 -46.83 -14.70 8.26
CA ARG J 254 -46.35 -13.34 8.05
C ARG J 254 -47.52 -12.42 8.34
N MET J 255 -47.44 -11.72 9.46
CA MET J 255 -48.57 -11.01 10.04
C MET J 255 -48.26 -9.52 10.00
N ILE J 256 -49.29 -8.71 9.76
CA ILE J 256 -49.13 -7.27 9.77
C ILE J 256 -50.23 -6.67 10.64
N GLN J 257 -49.86 -5.65 11.42
CA GLN J 257 -50.78 -4.87 12.21
C GLN J 257 -50.92 -3.50 11.57
N VAL J 258 -52.14 -3.13 11.19
CA VAL J 258 -52.39 -1.87 10.52
C VAL J 258 -53.30 -1.00 11.39
N HIS J 259 -53.12 0.31 11.24
CA HIS J 259 -53.95 1.29 11.90
C HIS J 259 -54.81 1.96 10.83
N VAL J 260 -56.13 1.96 11.06
CA VAL J 260 -57.05 2.62 10.16
C VAL J 260 -57.92 3.55 11.00
N SER J 261 -58.59 4.46 10.30
CA SER J 261 -59.65 5.28 10.87
C SER J 261 -60.85 5.22 9.93
N TRP J 262 -61.85 4.44 10.36
CA TRP J 262 -63.15 4.48 9.71
C TRP J 262 -64.11 5.27 10.58
N ALA J 263 -64.97 6.04 9.92
CA ALA J 263 -66.04 6.78 10.56
C ALA J 263 -67.09 7.12 9.50
N GLU J 264 -68.14 7.84 9.91
CA GLU J 264 -69.30 8.05 9.06
C GLU J 264 -68.92 8.98 7.91
N THR J 265 -67.98 9.91 8.15
CA THR J 265 -67.46 10.80 7.11
C THR J 265 -65.92 10.77 7.17
N ASP J 266 -65.32 11.16 6.04
CA ASP J 266 -63.88 11.35 5.95
C ASP J 266 -63.41 12.34 7.02
N GLU J 267 -64.17 13.42 7.21
CA GLU J 267 -63.78 14.48 8.14
C GLU J 267 -63.66 13.89 9.55
N GLN J 268 -64.63 13.07 9.97
CA GLN J 268 -64.61 12.46 11.30
C GLN J 268 -63.46 11.46 11.40
N ALA J 269 -63.15 10.76 10.30
CA ALA J 269 -62.08 9.77 10.31
C ALA J 269 -60.74 10.45 10.56
N ILE J 270 -60.55 11.62 9.93
CA ILE J 270 -59.33 12.39 10.08
C ILE J 270 -59.23 12.90 11.52
N GLU J 271 -60.33 13.46 12.04
CA GLU J 271 -60.35 14.03 13.37
C GLU J 271 -60.05 12.95 14.41
N ASN J 272 -60.63 11.76 14.22
CA ASN J 272 -60.43 10.65 15.14
C ASN J 272 -58.95 10.27 15.23
N ALA J 273 -58.26 10.25 14.08
CA ALA J 273 -56.86 9.89 14.06
C ALA J 273 -56.03 10.91 14.84
N LEU J 274 -56.26 12.21 14.60
CA LEU J 274 -55.53 13.28 15.29
C LEU J 274 -55.73 13.22 16.79
N ARG J 275 -56.98 13.01 17.23
CA ARG J 275 -57.33 13.10 18.63
C ARG J 275 -56.85 11.86 19.38
N GLU J 276 -57.03 10.68 18.78
CA GLU J 276 -56.87 9.41 19.48
C GLU J 276 -55.49 8.79 19.30
N TRP J 277 -54.85 9.07 18.16
CA TRP J 277 -53.67 8.30 17.77
C TRP J 277 -52.61 9.19 17.13
N PRO J 278 -52.23 10.31 17.76
CA PRO J 278 -51.23 11.21 17.17
C PRO J 278 -49.88 10.52 17.02
N ASN J 279 -49.63 9.51 17.84
CA ASN J 279 -48.41 8.71 17.74
C ASN J 279 -48.31 8.04 16.37
N GLY J 280 -49.47 7.80 15.74
CA GLY J 280 -49.52 7.30 14.37
C GLY J 280 -48.92 8.28 13.37
N GLY J 281 -48.87 9.57 13.70
CA GLY J 281 -48.31 10.57 12.83
C GLY J 281 -46.88 10.95 13.23
N MET J 282 -46.26 10.15 14.09
CA MET J 282 -44.90 10.38 14.55
C MET J 282 -43.98 9.41 13.84
N ALA J 283 -43.51 9.82 12.65
CA ALA J 283 -42.65 9.00 11.82
C ALA J 283 -41.20 9.21 12.26
N PHE J 284 -40.89 8.67 13.44
CA PHE J 284 -39.58 8.80 14.05
C PHE J 284 -39.48 7.75 15.14
N PRO J 285 -38.25 7.37 15.58
CA PRO J 285 -38.10 6.30 16.57
C PRO J 285 -38.64 6.80 17.91
N LYS J 286 -39.46 5.97 18.57
CA LYS J 286 -40.20 6.37 19.75
C LYS J 286 -39.80 5.55 20.98
N GLY J 287 -38.78 4.69 20.85
CA GLY J 287 -38.49 3.67 21.84
C GLY J 287 -37.82 4.19 23.10
N ASP J 288 -37.35 5.44 23.09
CA ASP J 288 -36.63 6.03 24.21
C ASP J 288 -37.49 6.97 25.05
N ILE J 289 -38.70 7.31 24.57
CA ILE J 289 -39.52 8.31 25.22
C ILE J 289 -40.29 7.68 26.39
N ARG J 290 -40.16 8.29 27.57
CA ARG J 290 -40.53 7.62 28.80
C ARG J 290 -41.99 7.84 29.21
N ASN J 291 -42.53 9.04 28.99
CA ASN J 291 -43.77 9.44 29.66
C ASN J 291 -44.90 9.69 28.68
N PRO J 292 -46.15 9.34 29.03
CA PRO J 292 -47.32 9.78 28.26
C PRO J 292 -47.35 11.29 28.04
N GLU J 293 -46.91 12.07 29.04
CA GLU J 293 -46.87 13.51 28.95
C GLU J 293 -45.89 13.98 27.86
N ASP J 294 -44.84 13.18 27.59
CA ASP J 294 -43.87 13.53 26.55
C ASP J 294 -44.54 13.41 25.19
N PHE J 295 -45.17 12.26 24.93
CA PHE J 295 -45.89 12.06 23.68
C PHE J 295 -47.00 13.09 23.53
N GLN J 296 -47.67 13.41 24.65
CA GLN J 296 -48.77 14.36 24.63
C GLN J 296 -48.29 15.71 24.11
N ALA J 297 -47.12 16.16 24.59
CA ALA J 297 -46.59 17.44 24.15
C ALA J 297 -46.14 17.36 22.69
N MET J 298 -45.58 16.21 22.28
CA MET J 298 -45.14 16.02 20.91
C MET J 298 -46.35 15.98 19.97
N ALA J 299 -47.49 15.48 20.46
CA ALA J 299 -48.70 15.35 19.66
C ALA J 299 -49.16 16.69 19.10
N ARG J 300 -48.85 17.79 19.80
CA ARG J 300 -49.28 19.12 19.39
C ARG J 300 -48.70 19.48 18.02
N LEU J 301 -47.66 18.78 17.57
CA LEU J 301 -47.05 19.04 16.27
C LEU J 301 -47.72 18.24 15.15
N VAL J 302 -48.49 17.21 15.49
CA VAL J 302 -48.94 16.27 14.46
C VAL J 302 -50.10 16.86 13.67
N ARG J 303 -50.05 16.68 12.34
CA ARG J 303 -51.08 17.14 11.42
C ARG J 303 -51.49 15.97 10.52
N PRO J 304 -52.65 16.05 9.83
CA PRO J 304 -53.11 14.95 8.98
C PRO J 304 -52.09 14.39 7.98
N GLU J 305 -51.27 15.26 7.35
CA GLU J 305 -50.26 14.85 6.39
C GLU J 305 -49.38 13.74 6.96
N HIS J 306 -49.06 13.81 8.27
CA HIS J 306 -48.05 12.96 8.89
C HIS J 306 -48.51 11.51 8.99
N PHE J 307 -49.80 11.25 8.73
CA PHE J 307 -50.37 9.91 8.82
C PHE J 307 -50.31 9.14 7.49
N GLN J 308 -49.86 9.76 6.39
CA GLN J 308 -49.92 9.07 5.11
C GLN J 308 -49.02 7.85 5.13
N GLY J 309 -49.60 6.69 4.74
CA GLY J 309 -48.91 5.40 4.74
C GLY J 309 -48.90 4.73 6.11
N ARG J 310 -49.44 5.41 7.13
CA ARG J 310 -49.35 4.91 8.50
C ARG J 310 -50.76 4.68 9.06
N VAL J 311 -51.74 5.50 8.61
CA VAL J 311 -53.12 5.38 9.04
C VAL J 311 -54.02 5.76 7.87
N LEU J 312 -54.79 4.78 7.39
CA LEU J 312 -55.78 5.03 6.36
C LEU J 312 -57.00 5.70 6.99
N MET J 313 -57.38 6.86 6.47
CA MET J 313 -58.43 7.67 7.06
C MET J 313 -59.51 7.90 6.02
N THR J 314 -60.58 7.10 6.04
CA THR J 314 -61.69 7.28 5.11
C THR J 314 -62.93 6.52 5.59
N SER J 315 -64.10 7.03 5.18
CA SER J 315 -65.39 6.40 5.42
C SER J 315 -65.70 5.35 4.36
N ASP J 316 -64.92 5.35 3.28
CA ASP J 316 -65.19 4.51 2.13
C ASP J 316 -64.68 3.09 2.42
N LEU J 317 -65.62 2.17 2.67
CA LEU J 317 -65.27 0.82 3.08
C LEU J 317 -64.70 0.02 1.91
N ASP J 318 -65.00 0.41 0.67
CA ASP J 318 -64.34 -0.20 -0.48
C ASP J 318 -62.83 0.04 -0.43
N ARG J 319 -62.41 1.23 0.01
CA ARG J 319 -60.99 1.60 0.06
C ARG J 319 -60.30 0.84 1.18
N HIS J 320 -61.02 0.59 2.28
CA HIS J 320 -60.51 -0.26 3.34
C HIS J 320 -60.27 -1.67 2.78
N GLY J 321 -61.22 -2.19 2.02
CA GLY J 321 -61.12 -3.50 1.41
C GLY J 321 -59.90 -3.64 0.51
N GLU J 322 -59.69 -2.66 -0.38
CA GLU J 322 -58.59 -2.67 -1.32
C GLU J 322 -57.25 -2.57 -0.59
N PHE J 323 -57.20 -1.72 0.42
CA PHE J 323 -55.99 -1.54 1.21
C PHE J 323 -55.57 -2.86 1.85
N LEU J 324 -56.54 -3.60 2.41
CA LEU J 324 -56.26 -4.86 3.09
C LEU J 324 -55.90 -5.93 2.06
N GLN J 325 -56.63 -5.98 0.95
CA GLN J 325 -56.39 -6.96 -0.10
C GLN J 325 -54.97 -6.82 -0.63
N HIS J 326 -54.50 -5.58 -0.83
CA HIS J 326 -53.15 -5.30 -1.31
C HIS J 326 -52.12 -5.96 -0.37
N LEU J 327 -52.36 -5.94 0.94
CA LEU J 327 -51.42 -6.49 1.90
C LEU J 327 -51.41 -8.01 1.80
N ILE J 328 -52.57 -8.62 1.57
CA ILE J 328 -52.64 -10.06 1.33
C ILE J 328 -51.81 -10.40 0.10
N ASP J 329 -51.99 -9.61 -0.95
CA ASP J 329 -51.33 -9.83 -2.23
C ASP J 329 -49.81 -9.72 -2.08
N LEU J 330 -49.31 -8.89 -1.15
CA LEU J 330 -47.88 -8.76 -0.90
C LEU J 330 -47.32 -10.03 -0.26
N GLY J 331 -48.19 -10.80 0.41
CA GLY J 331 -47.81 -12.07 1.00
C GLY J 331 -48.08 -12.15 2.50
N PHE J 332 -48.81 -11.18 3.09
CA PHE J 332 -49.20 -11.28 4.48
C PHE J 332 -50.35 -12.29 4.60
N THR J 333 -50.23 -13.17 5.59
CA THR J 333 -51.14 -14.28 5.78
C THR J 333 -52.13 -13.98 6.87
N GLU J 334 -51.86 -12.93 7.68
CA GLU J 334 -52.83 -12.42 8.64
C GLU J 334 -52.68 -10.91 8.73
N ILE J 335 -53.82 -10.24 8.92
CA ILE J 335 -53.86 -8.81 9.15
C ILE J 335 -54.66 -8.56 10.42
N TYR J 336 -54.08 -7.74 11.32
CA TYR J 336 -54.74 -7.29 12.53
C TYR J 336 -55.04 -5.81 12.37
N VAL J 337 -56.32 -5.45 12.44
CA VAL J 337 -56.76 -4.08 12.17
C VAL J 337 -57.10 -3.38 13.48
N HIS J 338 -56.45 -2.24 13.69
CA HIS J 338 -56.71 -1.31 14.76
C HIS J 338 -57.42 -0.10 14.19
N ASN J 339 -58.71 0.05 14.49
CA ASN J 339 -59.42 1.29 14.22
C ASN J 339 -59.09 2.27 15.34
N VAL J 340 -58.61 3.47 14.97
CA VAL J 340 -58.09 4.40 15.96
C VAL J 340 -59.23 5.11 16.71
N GLY J 341 -60.43 5.15 16.10
CA GLY J 341 -61.54 5.88 16.67
C GLY J 341 -62.13 5.15 17.88
N ARG J 342 -62.88 5.90 18.71
CA ARG J 342 -63.61 5.35 19.83
C ARG J 342 -64.83 4.54 19.39
N ASN J 343 -65.17 4.63 18.09
CA ASN J 343 -66.33 4.00 17.51
C ASN J 343 -66.05 2.53 17.16
N GLN J 344 -65.65 1.74 18.16
CA GLN J 344 -65.18 0.38 17.95
C GLN J 344 -66.33 -0.52 17.50
N GLU J 345 -67.46 -0.44 18.19
CA GLU J 345 -68.60 -1.28 17.87
C GLU J 345 -69.03 -1.05 16.42
N GLU J 346 -69.10 0.23 16.02
CA GLU J 346 -69.60 0.61 14.71
C GLU J 346 -68.60 0.14 13.65
N PHE J 347 -67.31 0.28 13.95
CA PHE J 347 -66.25 -0.18 13.08
C PHE J 347 -66.34 -1.68 12.86
N ILE J 348 -66.52 -2.43 13.95
CA ILE J 348 -66.58 -3.88 13.90
C ILE J 348 -67.75 -4.31 13.00
N ARG J 349 -68.91 -3.67 13.17
CA ARG J 349 -70.10 -4.06 12.40
C ARG J 349 -69.93 -3.69 10.92
N ALA J 350 -69.32 -2.53 10.67
CA ALA J 350 -69.08 -2.07 9.31
C ALA J 350 -68.13 -3.01 8.57
N TYR J 351 -67.03 -3.40 9.23
CA TYR J 351 -66.08 -4.32 8.64
C TYR J 351 -66.72 -5.69 8.42
N GLY J 352 -67.54 -6.13 9.40
CA GLY J 352 -68.19 -7.42 9.31
C GLY J 352 -69.14 -7.51 8.12
N ARG J 353 -69.83 -6.40 7.83
CA ARG J 353 -70.82 -6.33 6.77
C ARG J 353 -70.14 -6.12 5.41
N ALA J 354 -69.12 -5.24 5.33
CA ALA J 354 -68.72 -4.67 4.05
C ALA J 354 -67.29 -5.01 3.65
N VAL J 355 -66.44 -5.47 4.57
CA VAL J 355 -65.03 -5.66 4.28
C VAL J 355 -64.65 -7.14 4.35
N ILE J 356 -64.89 -7.78 5.49
CA ILE J 356 -64.39 -9.13 5.73
C ILE J 356 -64.90 -10.11 4.68
N PRO J 357 -66.22 -10.14 4.34
CA PRO J 357 -66.70 -11.09 3.33
C PRO J 357 -66.03 -11.00 1.97
N HIS J 358 -65.46 -9.85 1.62
CA HIS J 358 -64.91 -9.60 0.28
C HIS J 358 -63.39 -9.79 0.23
N LEU J 359 -62.73 -10.06 1.35
CA LEU J 359 -61.30 -10.32 1.35
C LEU J 359 -61.03 -11.73 0.83
N ARG J 360 -60.04 -11.85 -0.06
CA ARG J 360 -59.68 -13.12 -0.67
C ARG J 360 -58.34 -13.59 -0.12
N TRP J 361 -58.38 -14.59 0.75
CA TRP J 361 -57.19 -15.20 1.32
C TRP J 361 -56.81 -16.43 0.51
N PRO J 362 -55.50 -16.71 0.27
CA PRO J 362 -55.11 -18.02 -0.28
C PRO J 362 -55.58 -19.12 0.66
N ALA J 363 -56.05 -20.24 0.10
CA ALA J 363 -56.69 -21.30 0.88
C ALA J 363 -55.69 -21.97 1.84
N ASP J 364 -54.44 -22.06 1.45
CA ASP J 364 -53.45 -22.80 2.22
C ASP J 364 -52.71 -21.92 3.24
N ALA J 365 -53.03 -20.63 3.32
CA ALA J 365 -52.21 -19.66 4.00
C ALA J 365 -51.98 -20.07 5.46
N PRO J 366 -50.71 -20.08 5.94
CA PRO J 366 -50.43 -20.42 7.33
C PRO J 366 -50.88 -19.31 8.28
N VAL J 367 -51.41 -19.76 9.40
CA VAL J 367 -51.95 -18.90 10.42
C VAL J 367 -51.17 -19.18 11.71
N ALA J 368 -51.03 -18.16 12.57
CA ALA J 368 -50.26 -18.30 13.79
C ALA J 368 -51.04 -19.16 14.80
N GLN J 369 -50.63 -20.43 14.88
CA GLN J 369 -51.18 -21.41 15.81
C GLN J 369 -50.24 -22.60 15.86
N ALA J 370 -50.32 -23.38 16.94
CA ALA J 370 -49.43 -24.52 17.14
C ALA J 370 -49.70 -25.60 16.07
N MET J 371 -48.61 -26.22 15.51
CA MET J 371 -48.72 -27.48 14.78
C MET J 371 -49.54 -28.42 15.69
N SER K 34 -24.16 51.86 30.72
CA SER K 34 -23.07 51.54 29.74
C SER K 34 -23.47 50.32 28.90
N SER K 35 -23.31 50.44 27.57
CA SER K 35 -23.87 49.54 26.58
C SER K 35 -23.12 48.21 26.51
N ARG K 36 -23.88 47.15 26.25
CA ARG K 36 -23.39 45.79 26.32
C ARG K 36 -24.49 44.80 25.92
N LEU K 37 -24.06 43.57 25.61
CA LEU K 37 -24.94 42.46 25.29
C LEU K 37 -24.08 41.21 25.23
N GLY K 38 -24.70 40.06 25.49
CA GLY K 38 -24.02 38.78 25.38
C GLY K 38 -24.20 38.14 24.01
N TYR K 39 -23.13 37.47 23.54
CA TYR K 39 -23.16 36.69 22.33
C TYR K 39 -23.16 35.21 22.70
N SER K 40 -24.08 34.47 22.09
CA SER K 40 -24.23 33.05 22.34
C SER K 40 -23.50 32.30 21.23
N ALA K 41 -22.46 31.54 21.62
CA ALA K 41 -21.65 30.79 20.69
C ALA K 41 -22.19 29.37 20.54
N SER K 42 -22.78 29.09 19.38
CA SER K 42 -23.50 27.85 19.12
C SER K 42 -22.54 26.77 18.59
N PHE K 43 -22.01 25.96 19.50
CA PHE K 43 -21.09 24.89 19.17
C PHE K 43 -21.80 23.80 18.37
N GLU K 44 -23.14 23.72 18.49
CA GLU K 44 -23.89 22.74 17.73
C GLU K 44 -23.76 23.02 16.23
N GLN K 45 -23.57 24.29 15.86
CA GLN K 45 -23.67 24.69 14.46
C GLN K 45 -22.33 25.06 13.82
N PHE K 46 -21.41 25.62 14.60
CA PHE K 46 -20.29 26.36 14.01
C PHE K 46 -18.95 25.78 14.44
N HIS K 47 -18.05 25.71 13.46
CA HIS K 47 -16.68 25.30 13.68
C HIS K 47 -16.07 26.20 14.75
N PRO K 48 -15.33 25.64 15.73
CA PRO K 48 -14.72 26.45 16.77
C PRO K 48 -13.84 27.59 16.28
N SER K 49 -13.15 27.41 15.14
CA SER K 49 -12.32 28.48 14.59
C SER K 49 -13.19 29.65 14.16
N ASP K 50 -14.38 29.38 13.58
CA ASP K 50 -15.29 30.43 13.19
C ASP K 50 -15.85 31.13 14.42
N LEU K 51 -16.22 30.35 15.44
CA LEU K 51 -16.73 30.93 16.68
C LEU K 51 -15.69 31.85 17.29
N LEU K 52 -14.41 31.46 17.23
CA LEU K 52 -13.36 32.27 17.81
C LEU K 52 -13.29 33.61 17.11
N ARG K 53 -13.25 33.60 15.77
CA ARG K 53 -13.17 34.83 14.98
C ARG K 53 -14.40 35.70 15.23
N TRP K 54 -15.59 35.09 15.31
CA TRP K 54 -16.82 35.84 15.48
C TRP K 54 -16.90 36.48 16.86
N CYS K 55 -16.40 35.80 17.90
CA CYS K 55 -16.37 36.37 19.23
C CYS K 55 -15.42 37.57 19.26
N GLN K 56 -14.29 37.48 18.55
CA GLN K 56 -13.36 38.60 18.46
C GLN K 56 -14.04 39.80 17.81
N LEU K 57 -14.85 39.53 16.77
CA LEU K 57 -15.58 40.58 16.09
C LEU K 57 -16.67 41.13 17.02
N ALA K 58 -17.38 40.24 17.71
CA ALA K 58 -18.45 40.64 18.60
C ALA K 58 -17.92 41.62 19.65
N GLU K 59 -16.71 41.35 20.16
CA GLU K 59 -16.09 42.26 21.12
C GLU K 59 -15.91 43.63 20.49
N GLN K 60 -15.40 43.68 19.25
CA GLN K 60 -15.21 44.95 18.56
C GLN K 60 -16.54 45.68 18.39
N GLU K 61 -17.63 44.91 18.25
CA GLU K 61 -18.93 45.48 17.91
C GLU K 61 -19.78 45.79 19.14
N GLY K 62 -19.23 45.61 20.36
CA GLY K 62 -19.91 46.08 21.56
C GLY K 62 -20.47 44.96 22.44
N PHE K 63 -20.39 43.69 22.02
CA PHE K 63 -20.75 42.60 22.90
C PHE K 63 -19.68 42.51 23.98
N ASP K 64 -20.07 42.13 25.21
CA ASP K 64 -19.15 42.16 26.35
C ASP K 64 -18.94 40.78 26.95
N SER K 65 -19.70 39.76 26.53
CA SER K 65 -19.60 38.44 27.11
CA SER K 65 -19.60 38.44 27.11
C SER K 65 -20.10 37.39 26.14
N VAL K 66 -19.67 36.14 26.40
CA VAL K 66 -19.96 35.00 25.55
C VAL K 66 -20.52 33.88 26.40
N LEU K 67 -21.57 33.24 25.88
CA LEU K 67 -22.10 32.03 26.43
C LEU K 67 -21.75 30.90 25.45
N ALA K 68 -21.09 29.85 25.95
CA ALA K 68 -20.62 28.77 25.11
C ALA K 68 -21.26 27.46 25.54
N ALA K 69 -21.99 26.85 24.62
CA ALA K 69 -22.61 25.55 24.79
C ALA K 69 -21.55 24.47 25.07
N ASP K 70 -21.90 23.50 25.93
CA ASP K 70 -21.02 22.38 26.23
C ASP K 70 -21.69 21.12 25.72
N HIS K 71 -21.47 20.80 24.44
CA HIS K 71 -22.10 19.65 23.81
C HIS K 71 -21.03 18.65 23.40
N PHE K 72 -21.49 17.41 23.22
CA PHE K 72 -20.75 16.40 22.48
C PHE K 72 -21.37 16.22 21.09
N HIS K 73 -22.69 16.37 20.99
CA HIS K 73 -23.40 16.21 19.73
C HIS K 73 -24.24 17.44 19.43
N PRO K 74 -24.43 17.77 18.14
CA PRO K 74 -25.43 18.76 17.73
C PRO K 74 -26.81 18.13 17.86
N TRP K 75 -27.85 18.97 17.84
CA TRP K 75 -29.21 18.46 17.83
C TRP K 75 -29.47 17.69 16.55
N THR K 76 -28.97 18.20 15.42
CA THR K 76 -29.20 17.57 14.13
C THR K 76 -27.88 17.49 13.35
N PRO K 77 -27.76 16.53 12.41
CA PRO K 77 -26.60 16.50 11.50
C PRO K 77 -26.42 17.78 10.70
N GLU K 78 -27.53 18.43 10.34
CA GLU K 78 -27.47 19.64 9.52
C GLU K 78 -26.78 20.76 10.30
N GLN K 79 -26.89 20.76 11.63
CA GLN K 79 -26.17 21.72 12.45
C GLN K 79 -24.66 21.44 12.33
N GLY K 80 -24.27 20.19 12.60
CA GLY K 80 -23.06 19.62 12.05
C GLY K 80 -21.79 19.83 12.87
N GLN K 81 -21.87 20.35 14.12
CA GLN K 81 -20.66 20.56 14.91
C GLN K 81 -20.88 20.21 16.38
N SER K 82 -19.76 20.15 17.14
CA SER K 82 -19.73 20.10 18.59
C SER K 82 -18.29 20.08 19.07
N GLY K 83 -17.66 21.26 19.10
CA GLY K 83 -16.33 21.36 19.65
C GLY K 83 -16.29 21.14 21.15
N PHE K 84 -15.13 20.74 21.66
CA PHE K 84 -14.89 20.62 23.09
C PHE K 84 -14.69 22.01 23.67
N VAL K 85 -15.68 22.48 24.42
CA VAL K 85 -15.76 23.88 24.78
C VAL K 85 -14.57 24.29 25.64
N TRP K 86 -14.10 23.40 26.52
CA TRP K 86 -13.09 23.78 27.50
C TRP K 86 -11.79 24.21 26.83
N ALA K 87 -11.42 23.54 25.74
CA ALA K 87 -10.21 23.93 25.01
C ALA K 87 -10.44 25.27 24.33
N TRP K 88 -11.59 25.43 23.69
CA TRP K 88 -11.91 26.65 22.98
C TRP K 88 -11.88 27.86 23.93
N LEU K 89 -12.36 27.68 25.17
CA LEU K 89 -12.47 28.81 26.09
C LEU K 89 -11.08 29.38 26.39
N GLY K 90 -10.06 28.53 26.41
CA GLY K 90 -8.70 29.03 26.61
C GLY K 90 -8.28 29.97 25.48
N ALA K 91 -8.66 29.62 24.25
CA ALA K 91 -8.35 30.45 23.09
C ALA K 91 -9.10 31.77 23.17
N LEU K 92 -10.37 31.71 23.57
CA LEU K 92 -11.19 32.91 23.74
C LEU K 92 -10.54 33.82 24.78
N GLY K 93 -10.21 33.23 25.93
CA GLY K 93 -9.63 33.96 27.03
C GLY K 93 -8.35 34.68 26.62
N ALA K 94 -7.52 34.01 25.81
CA ALA K 94 -6.20 34.53 25.51
C ALA K 94 -6.22 35.57 24.40
N THR K 95 -7.32 35.69 23.64
CA THR K 95 -7.34 36.57 22.47
C THR K 95 -8.41 37.67 22.57
N THR K 96 -9.12 37.76 23.71
CA THR K 96 -10.13 38.80 23.91
C THR K 96 -10.08 39.25 25.36
N ARG K 97 -10.89 40.26 25.70
CA ARG K 97 -11.11 40.68 27.08
C ARG K 97 -12.57 40.43 27.51
N LEU K 98 -13.33 39.70 26.69
CA LEU K 98 -14.71 39.37 26.97
C LEU K 98 -14.82 38.53 28.26
N ARG K 99 -15.95 38.68 28.94
CA ARG K 99 -16.37 37.68 29.92
C ARG K 99 -16.93 36.49 29.17
N PHE K 100 -16.93 35.32 29.80
CA PHE K 100 -17.44 34.13 29.14
C PHE K 100 -17.82 33.08 30.17
N GLY K 101 -18.74 32.20 29.77
CA GLY K 101 -19.16 31.10 30.61
C GLY K 101 -19.69 29.93 29.80
N THR K 102 -19.75 28.76 30.45
CA THR K 102 -20.37 27.59 29.89
C THR K 102 -21.87 27.74 30.04
N GLY K 103 -22.62 27.38 28.99
CA GLY K 103 -24.06 27.52 29.04
C GLY K 103 -24.78 26.29 28.49
N VAL K 104 -24.75 25.15 29.18
CA VAL K 104 -24.12 24.93 30.47
C VAL K 104 -23.40 23.59 30.46
N THR K 105 -22.54 23.35 31.45
CA THR K 105 -21.87 22.08 31.65
C THR K 105 -22.69 21.23 32.61
N PRO K 106 -22.91 19.92 32.34
CA PRO K 106 -23.48 19.02 33.32
C PRO K 106 -22.40 18.31 34.13
N PRO K 107 -22.16 18.76 35.39
CA PRO K 107 -21.07 18.19 36.19
C PRO K 107 -21.49 16.99 37.01
N ILE K 108 -22.30 16.11 36.41
CA ILE K 108 -23.00 15.10 37.19
C ILE K 108 -22.49 13.70 36.85
N GLY K 109 -21.29 13.61 36.26
CA GLY K 109 -20.53 12.37 36.25
C GLY K 109 -20.77 11.49 35.03
N PHE K 110 -21.31 12.04 33.93
CA PHE K 110 -21.43 11.27 32.69
C PHE K 110 -20.22 11.62 31.85
N ARG K 111 -20.31 12.66 31.03
CA ARG K 111 -19.14 13.16 30.34
C ARG K 111 -18.12 13.72 31.33
N TYR K 112 -18.59 14.32 32.43
CA TYR K 112 -17.70 15.09 33.30
C TYR K 112 -17.95 14.79 34.77
N HIS K 113 -16.88 14.44 35.49
CA HIS K 113 -16.90 14.31 36.94
C HIS K 113 -16.85 15.72 37.54
N PRO K 114 -17.60 16.02 38.62
CA PRO K 114 -17.63 17.37 39.16
C PRO K 114 -16.26 17.90 39.58
N ALA K 115 -15.36 17.01 40.03
CA ALA K 115 -14.03 17.45 40.41
C ALA K 115 -13.27 18.03 39.22
N ILE K 116 -13.50 17.49 38.02
CA ILE K 116 -12.81 17.93 36.83
C ILE K 116 -13.38 19.27 36.37
N VAL K 117 -14.70 19.41 36.44
CA VAL K 117 -15.32 20.69 36.13
C VAL K 117 -14.77 21.76 37.08
N ALA K 118 -14.62 21.42 38.36
CA ALA K 118 -14.12 22.37 39.33
C ALA K 118 -12.71 22.82 38.93
N GLN K 119 -11.87 21.85 38.56
CA GLN K 119 -10.49 22.16 38.21
C GLN K 119 -10.45 23.04 36.96
N ALA K 120 -11.28 22.70 35.97
CA ALA K 120 -11.30 23.45 34.72
C ALA K 120 -11.73 24.88 34.97
N ALA K 121 -12.77 25.06 35.79
CA ALA K 121 -13.29 26.39 36.10
C ALA K 121 -12.22 27.19 36.85
N ALA K 122 -11.57 26.57 37.83
CA ALA K 122 -10.55 27.26 38.58
C ALA K 122 -9.39 27.67 37.69
N THR K 123 -9.02 26.83 36.72
CA THR K 123 -7.91 27.14 35.84
C THR K 123 -8.26 28.34 34.96
N LEU K 124 -9.47 28.32 34.39
CA LEU K 124 -9.89 29.41 33.52
C LEU K 124 -9.91 30.73 34.30
N GLU K 125 -10.48 30.71 35.50
CA GLU K 125 -10.57 31.95 36.29
C GLU K 125 -9.18 32.37 36.73
N ALA K 126 -8.30 31.41 37.04
CA ALA K 126 -6.94 31.75 37.44
C ALA K 126 -6.19 32.43 36.30
N MET K 127 -6.43 31.98 35.06
CA MET K 127 -5.76 32.52 33.88
C MET K 127 -6.39 33.84 33.47
N PHE K 128 -7.72 33.96 33.63
CA PHE K 128 -8.46 35.12 33.15
C PHE K 128 -9.31 35.70 34.28
N PRO K 129 -8.68 36.25 35.34
CA PRO K 129 -9.44 36.62 36.55
C PRO K 129 -10.48 37.68 36.24
N GLY K 130 -11.67 37.52 36.82
CA GLY K 130 -12.77 38.44 36.65
C GLY K 130 -13.62 38.15 35.42
N ARG K 131 -13.33 37.07 34.67
CA ARG K 131 -13.90 36.92 33.34
C ARG K 131 -14.75 35.67 33.18
N PHE K 132 -14.54 34.63 34.00
CA PHE K 132 -15.22 33.36 33.78
C PHE K 132 -16.39 33.22 34.74
N TRP K 133 -17.49 32.65 34.25
CA TRP K 133 -18.56 32.19 35.12
C TRP K 133 -18.90 30.75 34.76
N LEU K 134 -19.08 29.92 35.80
CA LEU K 134 -19.30 28.49 35.61
C LEU K 134 -20.79 28.22 35.54
N GLY K 135 -21.30 28.03 34.33
CA GLY K 135 -22.68 27.67 34.13
C GLY K 135 -22.84 26.15 34.11
N ILE K 136 -23.76 25.64 34.95
CA ILE K 136 -23.99 24.22 35.10
C ILE K 136 -25.48 23.91 35.01
N GLY K 137 -25.78 22.65 34.68
CA GLY K 137 -27.16 22.18 34.56
C GLY K 137 -27.24 20.65 34.62
N ALA K 138 -28.46 20.14 34.48
CA ALA K 138 -28.77 18.74 34.72
C ALA K 138 -28.49 17.86 33.50
N GLY K 139 -28.23 18.49 32.36
CA GLY K 139 -27.71 17.78 31.19
C GLY K 139 -28.80 17.14 30.34
N GLU K 140 -28.42 16.74 29.12
CA GLU K 140 -29.33 16.08 28.19
C GLU K 140 -28.72 14.77 27.70
N ALA K 141 -29.57 13.79 27.43
CA ALA K 141 -29.14 12.49 26.96
C ALA K 141 -28.37 12.63 25.65
N LEU K 142 -28.77 13.60 24.82
CA LEU K 142 -28.09 13.83 23.55
C LEU K 142 -26.56 13.79 23.72
N ASN K 143 -26.05 14.38 24.81
CA ASN K 143 -24.62 14.44 25.04
C ASN K 143 -24.17 13.37 26.03
N GLU K 144 -24.96 13.07 27.07
CA GLU K 144 -24.48 12.24 28.16
C GLU K 144 -24.61 10.74 27.85
N HIS K 145 -25.45 10.36 26.88
CA HIS K 145 -25.75 8.96 26.68
C HIS K 145 -24.55 8.19 26.14
N ILE K 146 -23.54 8.89 25.62
CA ILE K 146 -22.44 8.22 24.95
C ILE K 146 -21.69 7.30 25.92
N VAL K 147 -21.74 7.57 27.24
CA VAL K 147 -20.96 6.78 28.18
C VAL K 147 -21.71 5.53 28.63
N GLY K 148 -22.95 5.34 28.15
CA GLY K 148 -23.64 4.07 28.29
C GLY K 148 -24.11 3.76 29.72
N ARG K 149 -24.60 4.77 30.44
CA ARG K 149 -25.05 4.60 31.82
C ARG K 149 -26.54 4.92 31.94
N TYR K 150 -27.11 4.45 33.06
CA TYR K 150 -28.48 4.74 33.44
C TYR K 150 -28.71 6.25 33.42
N TRP K 151 -29.78 6.67 32.74
CA TRP K 151 -30.12 8.08 32.64
C TRP K 151 -31.32 8.39 33.53
N PRO K 152 -31.12 9.07 34.67
CA PRO K 152 -32.20 9.32 35.62
C PRO K 152 -33.22 10.31 35.09
N GLU K 153 -34.43 10.23 35.67
CA GLU K 153 -35.45 11.24 35.40
C GLU K 153 -34.95 12.63 35.82
N PRO K 154 -35.51 13.72 35.26
CA PRO K 154 -35.11 15.08 35.63
C PRO K 154 -34.99 15.35 37.14
N ALA K 155 -35.97 14.95 37.93
CA ALA K 155 -35.94 15.27 39.35
C ALA K 155 -34.72 14.61 40.02
N GLU K 156 -34.37 13.39 39.58
CA GLU K 156 -33.21 12.73 40.14
C GLU K 156 -31.93 13.43 39.67
N ARG K 157 -31.89 13.90 38.42
CA ARG K 157 -30.70 14.57 37.94
C ARG K 157 -30.49 15.89 38.69
N ILE K 158 -31.59 16.53 39.11
CA ILE K 158 -31.50 17.72 39.94
C ILE K 158 -30.79 17.38 41.25
N ARG K 159 -31.14 16.23 41.85
CA ARG K 159 -30.48 15.81 43.08
C ARG K 159 -28.99 15.61 42.81
N MET K 160 -28.65 15.08 41.63
CA MET K 160 -27.26 14.87 41.28
C MET K 160 -26.56 16.23 41.16
N LEU K 161 -27.23 17.19 40.52
CA LEU K 161 -26.67 18.51 40.30
C LEU K 161 -26.38 19.20 41.64
N ILE K 162 -27.31 19.06 42.60
CA ILE K 162 -27.15 19.68 43.90
C ILE K 162 -25.94 19.09 44.61
N GLU K 163 -25.73 17.78 44.50
CA GLU K 163 -24.56 17.16 45.12
C GLU K 163 -23.29 17.63 44.39
N ALA K 164 -23.35 17.76 43.06
CA ALA K 164 -22.19 18.21 42.31
C ALA K 164 -21.80 19.63 42.74
N ILE K 165 -22.79 20.49 42.99
CA ILE K 165 -22.54 21.85 43.46
C ILE K 165 -21.73 21.80 44.76
N GLU K 166 -22.13 20.90 45.66
CA GLU K 166 -21.44 20.72 46.92
C GLU K 166 -19.97 20.36 46.66
N VAL K 167 -19.73 19.43 45.73
CA VAL K 167 -18.37 19.00 45.42
C VAL K 167 -17.56 20.17 44.89
N ILE K 168 -18.14 20.92 43.95
CA ILE K 168 -17.42 22.02 43.33
C ILE K 168 -17.07 23.07 44.38
N GLN K 169 -18.04 23.40 45.25
CA GLN K 169 -17.85 24.43 46.25
C GLN K 169 -16.78 24.00 47.25
N LYS K 170 -16.78 22.74 47.67
CA LYS K 170 -15.75 22.24 48.57
C LYS K 170 -14.38 22.42 47.91
N LEU K 171 -14.25 22.03 46.64
CA LEU K 171 -12.96 22.11 45.97
C LEU K 171 -12.53 23.57 45.84
N PHE K 172 -13.50 24.47 45.63
CA PHE K 172 -13.19 25.88 45.46
C PHE K 172 -12.67 26.52 46.76
N THR K 173 -12.78 25.86 47.93
CA THR K 173 -12.21 26.39 49.16
C THR K 173 -10.68 26.37 49.10
N GLY K 174 -10.09 25.53 48.24
CA GLY K 174 -8.64 25.44 48.12
C GLY K 174 -8.01 24.53 49.18
N LYS K 175 -8.84 23.83 49.97
CA LYS K 175 -8.32 22.87 50.93
C LYS K 175 -8.34 21.48 50.33
N VAL K 176 -7.68 20.56 51.03
CA VAL K 176 -7.80 19.14 50.79
C VAL K 176 -9.18 18.72 51.27
N ILE K 177 -10.00 18.20 50.37
CA ILE K 177 -11.35 17.81 50.75
C ILE K 177 -11.60 16.36 50.36
N ARG K 178 -12.55 15.76 51.09
CA ARG K 178 -13.07 14.42 50.85
C ARG K 178 -14.58 14.57 50.78
N HIS K 179 -15.23 13.71 50.00
CA HIS K 179 -16.67 13.78 49.84
C HIS K 179 -17.20 12.37 49.59
N GLU K 180 -18.28 12.04 50.29
CA GLU K 180 -19.00 10.82 50.04
C GLU K 180 -20.49 11.10 50.14
N GLY K 181 -21.18 11.05 49.01
CA GLY K 181 -22.63 11.24 48.99
C GLY K 181 -23.30 10.13 48.19
N VAL K 182 -24.57 10.33 47.88
CA VAL K 182 -25.33 9.33 47.16
C VAL K 182 -24.71 9.10 45.78
N TYR K 183 -24.23 10.15 45.10
CA TYR K 183 -23.85 10.04 43.70
C TYR K 183 -22.34 10.14 43.47
N PHE K 184 -21.59 10.83 44.32
CA PHE K 184 -20.18 11.10 44.03
C PHE K 184 -19.31 10.72 45.21
N LYS K 185 -18.13 10.19 44.89
CA LYS K 185 -17.11 9.91 45.87
C LYS K 185 -15.86 10.65 45.43
N VAL K 186 -15.32 11.48 46.31
CA VAL K 186 -14.09 12.20 46.07
C VAL K 186 -13.12 11.84 47.18
N GLU K 187 -12.00 11.23 46.79
CA GLU K 187 -10.89 11.01 47.70
C GLU K 187 -10.10 12.31 47.84
N SER K 188 -9.24 12.36 48.85
CA SER K 188 -8.44 13.54 49.16
C SER K 188 -8.04 14.28 47.89
N ALA K 189 -8.61 15.47 47.70
CA ALA K 189 -8.43 16.25 46.49
C ALA K 189 -8.34 17.73 46.84
N LYS K 190 -7.41 18.40 46.14
CA LYS K 190 -7.20 19.81 46.34
C LYS K 190 -6.89 20.48 45.00
N LEU K 191 -7.46 21.67 44.79
CA LEU K 191 -7.12 22.52 43.67
C LEU K 191 -5.93 23.41 44.06
N TYR K 192 -4.75 23.08 43.53
CA TYR K 192 -3.54 23.86 43.79
C TYR K 192 -3.53 25.12 42.93
N THR K 193 -4.11 25.05 41.73
CA THR K 193 -4.18 26.18 40.82
C THR K 193 -5.57 26.80 40.97
N MET K 194 -5.58 27.98 41.57
CA MET K 194 -6.80 28.60 42.09
CA MET K 194 -6.80 28.60 42.09
C MET K 194 -6.72 30.10 41.83
N PRO K 195 -7.82 30.78 41.44
CA PRO K 195 -7.82 32.25 41.47
C PRO K 195 -7.91 32.72 42.92
N ASP K 196 -7.63 33.99 43.17
CA ASP K 196 -7.81 34.57 44.50
C ASP K 196 -9.26 34.41 44.94
N VAL K 197 -10.17 34.61 43.99
CA VAL K 197 -11.60 34.54 44.26
C VAL K 197 -12.23 33.62 43.24
N PRO K 198 -13.08 32.65 43.67
CA PRO K 198 -13.65 31.66 42.77
C PRO K 198 -14.58 32.30 41.75
N PRO K 199 -14.75 31.70 40.55
CA PRO K 199 -15.74 32.17 39.60
C PRO K 199 -17.12 31.88 40.19
N PRO K 200 -18.13 32.66 39.82
CA PRO K 200 -19.49 32.40 40.30
C PRO K 200 -20.04 31.13 39.64
N ILE K 201 -20.88 30.43 40.39
CA ILE K 201 -21.61 29.28 39.89
C ILE K 201 -23.00 29.75 39.50
N ILE K 202 -23.32 29.55 38.21
CA ILE K 202 -24.59 29.92 37.63
C ILE K 202 -25.31 28.64 37.23
N VAL K 203 -26.57 28.49 37.62
CA VAL K 203 -27.33 27.31 37.22
C VAL K 203 -28.24 27.68 36.06
N GLY K 204 -28.17 26.89 35.00
CA GLY K 204 -29.10 26.96 33.88
C GLY K 204 -30.27 26.00 34.09
N THR K 205 -31.47 26.54 34.25
CA THR K 205 -32.65 25.75 34.53
C THR K 205 -33.89 26.53 34.10
N ALA K 206 -34.95 25.77 33.81
CA ALA K 206 -36.28 26.29 33.54
C ALA K 206 -37.27 25.73 34.55
N GLY K 207 -36.77 25.04 35.59
CA GLY K 207 -37.63 24.46 36.62
C GLY K 207 -37.78 25.39 37.82
N PRO K 208 -39.02 25.68 38.27
CA PRO K 208 -39.24 26.47 39.48
C PRO K 208 -38.48 25.97 40.71
N TYR K 209 -38.48 24.66 40.92
CA TYR K 209 -37.82 24.08 42.08
C TYR K 209 -36.33 24.41 42.03
N MET K 210 -35.67 24.12 40.91
CA MET K 210 -34.23 24.30 40.83
C MET K 210 -33.86 25.79 40.82
N ALA K 211 -34.77 26.64 40.32
CA ALA K 211 -34.54 28.07 40.35
C ALA K 211 -34.42 28.54 41.80
N LYS K 212 -35.31 28.05 42.67
CA LYS K 212 -35.26 28.38 44.09
C LYS K 212 -33.94 27.90 44.68
N LYS K 213 -33.56 26.65 44.37
CA LYS K 213 -32.35 26.06 44.89
C LYS K 213 -31.12 26.84 44.40
N THR K 214 -31.21 27.36 43.17
CA THR K 214 -30.11 28.14 42.60
C THR K 214 -29.87 29.38 43.46
N GLY K 215 -30.97 30.06 43.82
CA GLY K 215 -30.87 31.22 44.68
C GLY K 215 -30.26 30.87 46.03
N GLN K 216 -30.66 29.72 46.58
CA GLN K 216 -30.19 29.28 47.87
C GLN K 216 -28.70 28.94 47.86
N LEU K 217 -28.24 28.20 46.83
CA LEU K 217 -26.98 27.48 46.91
C LEU K 217 -25.91 28.09 46.01
N CYS K 218 -26.31 28.89 45.00
CA CYS K 218 -25.40 29.32 43.97
C CYS K 218 -25.39 30.84 43.86
N ASP K 219 -24.76 31.36 42.81
CA ASP K 219 -24.48 32.78 42.70
C ASP K 219 -25.40 33.48 41.69
N GLY K 220 -26.05 32.73 40.79
CA GLY K 220 -26.88 33.37 39.79
C GLY K 220 -27.67 32.35 38.96
N LEU K 221 -28.60 32.88 38.17
CA LEU K 221 -29.56 32.09 37.39
C LEU K 221 -29.34 32.36 35.90
N LEU K 222 -29.40 31.29 35.11
CA LEU K 222 -29.48 31.36 33.66
C LEU K 222 -30.71 30.56 33.23
N THR K 223 -31.56 31.16 32.40
CA THR K 223 -32.76 30.48 31.94
C THR K 223 -32.94 30.75 30.46
N PRO K 224 -33.68 29.90 29.72
CA PRO K 224 -33.99 30.17 28.32
C PRO K 224 -35.16 31.12 28.16
N GLY K 225 -35.28 31.68 26.96
CA GLY K 225 -36.42 32.48 26.55
C GLY K 225 -37.71 31.69 26.74
N ALA K 226 -38.73 32.35 27.28
CA ALA K 226 -40.04 31.75 27.49
C ALA K 226 -41.03 32.90 27.68
N ASN K 227 -42.31 32.59 27.83
CA ASN K 227 -43.31 33.63 27.98
C ASN K 227 -43.12 34.35 29.32
N ASP K 228 -43.76 35.52 29.45
CA ASP K 228 -43.58 36.40 30.60
C ASP K 228 -43.94 35.68 31.90
N GLU K 229 -45.04 34.94 31.91
CA GLU K 229 -45.52 34.27 33.11
C GLU K 229 -44.45 33.31 33.66
N LYS K 230 -43.83 32.53 32.77
CA LYS K 230 -42.86 31.52 33.18
C LYS K 230 -41.58 32.21 33.69
N LEU K 231 -41.15 33.28 33.01
CA LEU K 231 -39.95 34.01 33.40
C LEU K 231 -40.15 34.67 34.77
N ARG K 232 -41.31 35.26 35.00
CA ARG K 232 -41.61 35.90 36.27
C ARG K 232 -41.58 34.88 37.41
N LEU K 233 -42.10 33.67 37.16
CA LEU K 233 -42.12 32.64 38.16
C LEU K 233 -40.70 32.23 38.53
N LEU K 234 -39.86 32.01 37.50
CA LEU K 234 -38.48 31.60 37.74
C LEU K 234 -37.72 32.69 38.49
N LEU K 235 -37.89 33.96 38.09
CA LEU K 235 -37.25 35.04 38.80
C LEU K 235 -37.69 35.07 40.26
N SER K 236 -39.01 34.94 40.49
CA SER K 236 -39.57 35.00 41.83
C SER K 236 -39.03 33.86 42.70
N ARG K 237 -38.97 32.65 42.13
CA ARG K 237 -38.46 31.49 42.86
C ARG K 237 -37.00 31.69 43.23
N PHE K 238 -36.21 32.18 42.28
CA PHE K 238 -34.81 32.46 42.51
C PHE K 238 -34.64 33.47 43.64
N GLU K 239 -35.44 34.54 43.63
CA GLU K 239 -35.34 35.59 44.63
C GLU K 239 -35.68 35.04 46.01
N GLU K 240 -36.77 34.26 46.09
CA GLU K 240 -37.24 33.65 47.34
C GLU K 240 -36.14 32.77 47.93
N GLY K 241 -35.52 31.94 47.08
CA GLY K 241 -34.47 31.04 47.51
C GLY K 241 -33.27 31.79 48.09
N ALA K 242 -32.86 32.86 47.42
CA ALA K 242 -31.76 33.69 47.87
C ALA K 242 -32.11 34.35 49.20
N ARG K 243 -33.32 34.91 49.30
CA ARG K 243 -33.72 35.62 50.51
C ARG K 243 -33.78 34.68 51.71
N ALA K 244 -34.34 33.48 51.53
CA ALA K 244 -34.44 32.52 52.62
C ALA K 244 -33.04 32.09 53.08
N ALA K 245 -32.02 32.21 52.22
CA ALA K 245 -30.67 31.87 52.62
C ALA K 245 -29.87 33.11 53.08
N GLY K 246 -30.54 34.24 53.31
CA GLY K 246 -29.90 35.44 53.82
C GLY K 246 -29.12 36.24 52.77
N LYS K 247 -29.32 35.95 51.49
CA LYS K 247 -28.58 36.62 50.43
C LYS K 247 -29.44 37.77 49.87
N ASP K 248 -28.77 38.73 49.21
CA ASP K 248 -29.43 39.84 48.52
C ASP K 248 -29.53 39.53 47.03
N PRO K 249 -30.72 39.14 46.50
CA PRO K 249 -30.85 38.78 45.09
C PRO K 249 -30.66 39.91 44.08
N ARG K 250 -30.72 41.14 44.56
CA ARG K 250 -30.53 42.32 43.72
C ARG K 250 -29.08 42.38 43.23
N ARG K 251 -28.15 41.73 43.95
CA ARG K 251 -26.74 41.73 43.58
C ARG K 251 -26.34 40.41 42.90
N MET K 252 -27.32 39.57 42.57
CA MET K 252 -27.04 38.26 41.97
C MET K 252 -27.51 38.29 40.52
N PRO K 253 -26.68 37.83 39.56
CA PRO K 253 -27.06 37.86 38.14
C PRO K 253 -28.30 37.04 37.83
N ARG K 254 -29.16 37.60 36.97
CA ARG K 254 -30.28 36.90 36.40
C ARG K 254 -30.13 36.99 34.89
N MET K 255 -29.78 35.86 34.27
CA MET K 255 -29.31 35.82 32.90
C MET K 255 -30.32 35.05 32.08
N ILE K 256 -30.51 35.50 30.83
CA ILE K 256 -31.40 34.78 29.93
C ILE K 256 -30.69 34.56 28.60
N GLN K 257 -30.91 33.38 28.03
CA GLN K 257 -30.39 33.02 26.72
C GLN K 257 -31.55 32.95 25.74
N VAL K 258 -31.50 33.77 24.68
CA VAL K 258 -32.59 33.85 23.72
C VAL K 258 -32.09 33.44 22.34
N HIS K 259 -33.02 32.91 21.55
CA HIS K 259 -32.76 32.52 20.18
C HIS K 259 -33.53 33.47 19.27
N VAL K 260 -32.81 34.07 18.32
CA VAL K 260 -33.42 34.97 17.35
C VAL K 260 -32.99 34.51 15.96
N SER K 261 -33.71 35.01 14.95
CA SER K 261 -33.31 34.87 13.56
C SER K 261 -33.41 36.23 12.90
N TRP K 262 -32.25 36.85 12.68
CA TRP K 262 -32.16 38.05 11.86
C TRP K 262 -31.58 37.67 10.50
N ALA K 263 -32.13 38.30 9.47
CA ALA K 263 -31.64 38.15 8.11
C ALA K 263 -32.09 39.35 7.30
N GLU K 264 -31.75 39.36 6.01
CA GLU K 264 -31.96 40.53 5.17
C GLU K 264 -33.47 40.72 4.93
N THR K 265 -34.21 39.61 4.89
CA THR K 265 -35.66 39.64 4.78
C THR K 265 -36.28 38.73 5.85
N ASP K 266 -37.55 39.00 6.16
CA ASP K 266 -38.35 38.15 7.03
C ASP K 266 -38.36 36.71 6.50
N GLU K 267 -38.51 36.56 5.18
CA GLU K 267 -38.62 35.24 4.58
C GLU K 267 -37.35 34.43 4.88
N GLN K 268 -36.17 35.04 4.72
CA GLN K 268 -34.91 34.36 4.98
C GLN K 268 -34.78 34.04 6.47
N ALA K 269 -35.28 34.95 7.34
CA ALA K 269 -35.18 34.74 8.78
C ALA K 269 -35.98 33.51 9.19
N ILE K 270 -37.17 33.36 8.59
CA ILE K 270 -38.03 32.23 8.87
C ILE K 270 -37.36 30.94 8.38
N GLU K 271 -36.84 30.97 7.14
CA GLU K 271 -36.23 29.80 6.54
C GLU K 271 -35.02 29.35 7.37
N ASN K 272 -34.22 30.32 7.84
CA ASN K 272 -33.04 30.04 8.63
C ASN K 272 -33.41 29.30 9.91
N ALA K 273 -34.50 29.71 10.56
CA ALA K 273 -34.92 29.08 11.80
C ALA K 273 -35.32 27.62 11.55
N LEU K 274 -36.13 27.38 10.51
CA LEU K 274 -36.57 26.03 10.16
C LEU K 274 -35.40 25.11 9.87
N ARG K 275 -34.43 25.60 9.08
CA ARG K 275 -33.35 24.78 8.56
C ARG K 275 -32.33 24.52 9.67
N GLU K 276 -32.01 25.55 10.45
CA GLU K 276 -30.86 25.51 11.35
C GLU K 276 -31.23 25.11 12.78
N TRP K 277 -32.46 25.42 13.21
CA TRP K 277 -32.80 25.34 14.62
C TRP K 277 -34.21 24.80 14.82
N PRO K 278 -34.58 23.67 14.20
CA PRO K 278 -35.93 23.13 14.36
C PRO K 278 -36.23 22.75 15.81
N ASN K 279 -35.18 22.46 16.58
CA ASN K 279 -35.32 22.17 18.00
C ASN K 279 -35.92 23.35 18.75
N GLY K 280 -35.74 24.55 18.19
CA GLY K 280 -36.39 25.75 18.72
C GLY K 280 -37.91 25.69 18.59
N GLY K 281 -38.43 24.87 17.67
CA GLY K 281 -39.87 24.72 17.51
C GLY K 281 -40.42 23.47 18.19
N MET K 282 -39.60 22.85 19.05
CA MET K 282 -39.99 21.64 19.76
C MET K 282 -40.31 21.99 21.21
N ALA K 283 -41.58 22.38 21.43
CA ALA K 283 -42.05 22.79 22.75
C ALA K 283 -42.45 21.55 23.54
N PHE K 284 -41.43 20.77 23.93
CA PHE K 284 -41.64 19.54 24.67
C PHE K 284 -40.32 19.14 25.31
N PRO K 285 -40.30 18.28 26.35
CA PRO K 285 -39.06 17.96 27.05
C PRO K 285 -38.17 17.14 26.12
N LYS K 286 -36.90 17.52 26.03
CA LYS K 286 -35.98 16.96 25.05
C LYS K 286 -34.82 16.20 25.69
N GLY K 287 -34.84 16.06 27.02
CA GLY K 287 -33.68 15.62 27.77
C GLY K 287 -33.40 14.12 27.69
N ASP K 288 -34.34 13.33 27.14
CA ASP K 288 -34.20 11.89 27.05
C ASP K 288 -33.81 11.41 25.65
N ILE K 289 -33.84 12.30 24.66
CA ILE K 289 -33.63 11.90 23.27
C ILE K 289 -32.12 11.81 22.98
N ARG K 290 -31.69 10.67 22.46
CA ARG K 290 -30.29 10.28 22.46
C ARG K 290 -29.52 10.75 21.23
N ASN K 291 -30.16 10.72 20.04
CA ASN K 291 -29.38 10.81 18.81
C ASN K 291 -29.74 12.05 17.99
N PRO K 292 -28.74 12.67 17.32
CA PRO K 292 -29.04 13.70 16.32
C PRO K 292 -30.06 13.25 15.28
N GLU K 293 -29.99 11.98 14.88
CA GLU K 293 -30.92 11.42 13.90
C GLU K 293 -32.36 11.41 14.44
N ASP K 294 -32.53 11.32 15.76
CA ASP K 294 -33.86 11.33 16.35
C ASP K 294 -34.46 12.73 16.20
N PHE K 295 -33.71 13.76 16.61
CA PHE K 295 -34.15 15.13 16.46
C PHE K 295 -34.39 15.46 14.99
N GLN K 296 -33.50 14.94 14.13
CA GLN K 296 -33.60 15.20 12.70
C GLN K 296 -34.95 14.71 12.16
N ALA K 297 -35.37 13.51 12.59
CA ALA K 297 -36.64 12.97 12.13
C ALA K 297 -37.81 13.77 12.73
N MET K 298 -37.66 14.21 13.98
CA MET K 298 -38.70 15.00 14.63
C MET K 298 -38.81 16.37 13.97
N ALA K 299 -37.69 16.89 13.46
CA ALA K 299 -37.65 18.21 12.83
C ALA K 299 -38.59 18.31 11.64
N ARG K 300 -38.85 17.19 10.97
CA ARG K 300 -39.71 17.17 9.79
C ARG K 300 -41.12 17.63 10.12
N LEU K 301 -41.51 17.62 11.40
CA LEU K 301 -42.82 18.05 11.84
C LEU K 301 -42.86 19.55 12.13
N VAL K 302 -41.71 20.21 12.29
CA VAL K 302 -41.70 21.56 12.79
C VAL K 302 -42.10 22.54 11.68
N ARG K 303 -42.93 23.51 12.03
CA ARG K 303 -43.41 24.56 11.13
C ARG K 303 -43.20 25.91 11.80
N PRO K 304 -43.23 27.03 11.03
CA PRO K 304 -43.02 28.36 11.61
C PRO K 304 -43.83 28.70 12.87
N GLU K 305 -45.11 28.30 12.90
CA GLU K 305 -45.98 28.54 14.05
C GLU K 305 -45.32 28.10 15.37
N HIS K 306 -44.57 26.98 15.33
CA HIS K 306 -44.08 26.34 16.55
C HIS K 306 -42.99 27.16 17.23
N PHE K 307 -42.47 28.19 16.55
CA PHE K 307 -41.40 29.03 17.06
C PHE K 307 -41.93 30.26 17.83
N GLN K 308 -43.24 30.51 17.86
CA GLN K 308 -43.71 31.74 18.47
C GLN K 308 -43.40 31.76 19.96
N GLY K 309 -42.75 32.85 20.40
CA GLY K 309 -42.31 33.02 21.78
C GLY K 309 -40.99 32.31 22.10
N ARG K 310 -40.43 31.61 21.10
CA ARG K 310 -39.24 30.80 21.32
C ARG K 310 -38.09 31.31 20.43
N VAL K 311 -38.45 31.83 19.24
CA VAL K 311 -37.47 32.35 18.29
C VAL K 311 -38.12 33.52 17.56
N LEU K 312 -37.56 34.71 17.78
CA LEU K 312 -38.02 35.89 17.04
C LEU K 312 -37.42 35.87 15.64
N MET K 313 -38.27 35.95 14.63
CA MET K 313 -37.86 35.79 13.24
C MET K 313 -38.25 37.05 12.47
N THR K 314 -37.32 37.99 12.30
CA THR K 314 -37.60 39.20 11.54
C THR K 314 -36.30 39.91 11.17
N SER K 315 -36.37 40.66 10.06
CA SER K 315 -35.29 41.51 9.57
C SER K 315 -35.32 42.88 10.26
N ASP K 316 -36.41 43.17 10.96
CA ASP K 316 -36.62 44.47 11.58
C ASP K 316 -35.83 44.57 12.88
N LEU K 317 -34.74 45.32 12.86
CA LEU K 317 -33.83 45.42 14.01
C LEU K 317 -34.45 46.22 15.15
N ASP K 318 -35.43 47.08 14.85
CA ASP K 318 -36.17 47.77 15.90
C ASP K 318 -36.91 46.74 16.76
N ARG K 319 -37.46 45.69 16.14
CA ARG K 319 -38.25 44.69 16.85
C ARG K 319 -37.33 43.81 17.69
N HIS K 320 -36.10 43.57 17.21
CA HIS K 320 -35.08 42.90 18.00
C HIS K 320 -34.78 43.71 19.25
N GLY K 321 -34.62 45.03 19.08
CA GLY K 321 -34.33 45.93 20.18
C GLY K 321 -35.41 45.89 21.26
N GLU K 322 -36.69 45.98 20.84
CA GLU K 322 -37.81 45.99 21.76
C GLU K 322 -37.92 44.66 22.50
N PHE K 323 -37.71 43.56 21.78
CA PHE K 323 -37.77 42.23 22.35
C PHE K 323 -36.75 42.10 23.49
N LEU K 324 -35.53 42.58 23.26
CA LEU K 324 -34.46 42.49 24.25
C LEU K 324 -34.73 43.43 25.42
N GLN K 325 -35.16 44.66 25.11
CA GLN K 325 -35.45 45.66 26.13
C GLN K 325 -36.51 45.13 27.09
N HIS K 326 -37.56 44.47 26.56
CA HIS K 326 -38.62 43.90 27.37
C HIS K 326 -38.04 42.95 28.43
N LEU K 327 -37.02 42.16 28.04
CA LEU K 327 -36.44 41.20 28.95
C LEU K 327 -35.64 41.90 30.05
N ILE K 328 -34.97 42.99 29.70
CA ILE K 328 -34.28 43.81 30.70
C ILE K 328 -35.31 44.33 31.70
N ASP K 329 -36.43 44.81 31.17
CA ASP K 329 -37.48 45.42 31.98
C ASP K 329 -38.08 44.40 32.94
N LEU K 330 -38.10 43.11 32.56
CA LEU K 330 -38.60 42.06 33.45
C LEU K 330 -37.65 41.84 34.63
N GLY K 331 -36.38 42.21 34.46
CA GLY K 331 -35.40 42.13 35.55
C GLY K 331 -34.17 41.29 35.20
N PHE K 332 -34.00 40.89 33.93
CA PHE K 332 -32.80 40.18 33.52
C PHE K 332 -31.65 41.19 33.41
N THR K 333 -30.49 40.79 33.94
CA THR K 333 -29.34 41.67 34.08
C THR K 333 -28.32 41.36 32.99
N GLU K 334 -28.48 40.21 32.32
CA GLU K 334 -27.67 39.88 31.15
C GLU K 334 -28.53 39.10 30.17
N ILE K 335 -28.31 39.36 28.88
CA ILE K 335 -28.96 38.60 27.82
C ILE K 335 -27.87 38.08 26.88
N TYR K 336 -27.95 36.77 26.57
CA TYR K 336 -27.08 36.13 25.60
C TYR K 336 -27.91 35.79 24.38
N VAL K 337 -27.52 36.34 23.22
CA VAL K 337 -28.31 36.20 22.02
C VAL K 337 -27.64 35.20 21.07
N HIS K 338 -28.44 34.21 20.69
CA HIS K 338 -28.09 33.23 19.67
C HIS K 338 -28.89 33.54 18.40
N ASN K 339 -28.20 34.01 17.36
CA ASN K 339 -28.79 34.09 16.04
C ASN K 339 -28.71 32.73 15.39
N VAL K 340 -29.84 32.19 14.94
CA VAL K 340 -29.89 30.81 14.48
C VAL K 340 -29.29 30.67 13.09
N GLY K 341 -29.23 31.77 12.32
CA GLY K 341 -28.76 31.71 10.95
C GLY K 341 -27.25 31.54 10.86
N ARG K 342 -26.78 31.09 9.69
CA ARG K 342 -25.36 30.94 9.39
C ARG K 342 -24.70 32.30 9.18
N ASN K 343 -25.51 33.36 9.08
CA ASN K 343 -25.05 34.72 8.81
C ASN K 343 -24.59 35.41 10.10
N GLN K 344 -23.62 34.81 10.80
CA GLN K 344 -23.19 35.25 12.12
C GLN K 344 -22.48 36.60 12.02
N GLU K 345 -21.58 36.75 11.07
CA GLU K 345 -20.82 37.99 10.94
C GLU K 345 -21.79 39.16 10.71
N GLU K 346 -22.78 38.95 9.82
CA GLU K 346 -23.70 40.00 9.41
C GLU K 346 -24.60 40.35 10.60
N PHE K 347 -25.01 39.32 11.34
CA PHE K 347 -25.83 39.49 12.53
C PHE K 347 -25.08 40.32 13.57
N ILE K 348 -23.82 39.98 13.81
CA ILE K 348 -23.00 40.67 14.79
C ILE K 348 -22.89 42.14 14.43
N ARG K 349 -22.64 42.45 13.15
CA ARG K 349 -22.44 43.83 12.73
C ARG K 349 -23.76 44.60 12.82
N ALA K 350 -24.87 43.94 12.46
CA ALA K 350 -26.18 44.57 12.51
C ALA K 350 -26.58 44.90 13.95
N TYR K 351 -26.37 43.96 14.88
CA TYR K 351 -26.67 44.20 16.28
C TYR K 351 -25.75 45.28 16.83
N GLY K 352 -24.48 45.27 16.44
CA GLY K 352 -23.51 46.25 16.92
C GLY K 352 -23.89 47.67 16.53
N ARG K 353 -24.42 47.81 15.30
CA ARG K 353 -24.79 49.10 14.73
C ARG K 353 -26.14 49.57 15.25
N ALA K 354 -27.14 48.67 15.34
CA ALA K 354 -28.54 49.09 15.41
C ALA K 354 -29.23 48.69 16.72
N VAL K 355 -28.69 47.72 17.46
CA VAL K 355 -29.40 47.18 18.62
C VAL K 355 -28.68 47.51 19.92
N ILE K 356 -27.41 47.12 20.04
CA ILE K 356 -26.69 47.24 21.29
C ILE K 356 -26.65 48.68 21.80
N PRO K 357 -26.32 49.69 20.97
CA PRO K 357 -26.27 51.07 21.46
C PRO K 357 -27.58 51.59 22.06
N HIS K 358 -28.73 51.01 21.68
CA HIS K 358 -30.05 51.50 22.08
C HIS K 358 -30.64 50.73 23.26
N LEU K 359 -29.97 49.67 23.74
CA LEU K 359 -30.44 48.95 24.92
C LEU K 359 -30.13 49.77 26.17
N ARG K 360 -31.12 49.85 27.07
CA ARG K 360 -30.97 50.61 28.30
C ARG K 360 -30.90 49.65 29.48
N TRP K 361 -29.69 49.51 30.04
CA TRP K 361 -29.45 48.67 31.21
C TRP K 361 -29.53 49.51 32.48
N PRO K 362 -30.10 49.01 33.60
CA PRO K 362 -29.96 49.69 34.88
C PRO K 362 -28.47 49.81 35.22
N ALA K 363 -28.09 50.94 35.79
CA ALA K 363 -26.69 51.29 36.04
C ALA K 363 -26.05 50.32 37.04
N ASP K 364 -26.83 49.82 38.01
CA ASP K 364 -26.24 49.01 39.06
C ASP K 364 -26.22 47.52 38.76
N ALA K 365 -26.71 47.11 37.56
CA ALA K 365 -27.12 45.73 37.36
C ALA K 365 -25.92 44.79 37.58
N PRO K 366 -26.10 43.70 38.39
CA PRO K 366 -25.02 42.74 38.61
C PRO K 366 -24.77 41.88 37.38
N VAL K 367 -23.50 41.62 37.16
CA VAL K 367 -23.04 40.85 36.02
C VAL K 367 -22.31 39.61 36.56
N ALA K 368 -22.35 38.51 35.81
CA ALA K 368 -21.74 37.27 36.24
C ALA K 368 -20.22 37.38 36.18
N GLN K 369 -19.61 37.59 37.35
CA GLN K 369 -18.16 37.67 37.51
C GLN K 369 -17.83 37.58 39.00
N ALA K 370 -16.59 37.20 39.32
CA ALA K 370 -16.16 36.99 40.69
C ALA K 370 -16.27 38.27 41.53
N MET K 371 -16.76 38.12 42.78
CA MET K 371 -16.81 39.17 43.82
C MET K 371 -15.74 40.28 43.54
N SER L 34 17.80 21.68 10.43
CA SER L 34 17.03 22.91 10.84
C SER L 34 16.69 22.86 12.35
N SER L 35 17.03 23.94 13.05
CA SER L 35 17.19 23.91 14.53
C SER L 35 15.86 23.94 15.26
N ARG L 36 15.82 23.22 16.39
CA ARG L 36 14.59 22.97 17.11
C ARG L 36 14.86 22.20 18.39
N LEU L 37 13.88 22.21 19.30
CA LEU L 37 13.88 21.44 20.53
C LEU L 37 12.50 21.59 21.16
N GLY L 38 12.11 20.62 21.96
CA GLY L 38 10.85 20.69 22.69
C GLY L 38 11.03 21.25 24.10
N TYR L 39 10.03 22.04 24.54
CA TYR L 39 9.95 22.56 25.88
C TYR L 39 8.88 21.78 26.63
N SER L 40 9.25 21.33 27.83
CA SER L 40 8.34 20.59 28.69
C SER L 40 7.72 21.55 29.70
N ALA L 41 6.39 21.70 29.64
CA ALA L 41 5.65 22.63 30.48
C ALA L 41 5.13 21.90 31.73
N SER L 42 5.74 22.20 32.87
CA SER L 42 5.52 21.48 34.11
C SER L 42 4.36 22.08 34.89
N PHE L 43 3.15 21.54 34.67
CA PHE L 43 1.95 21.99 35.34
C PHE L 43 2.01 21.70 36.83
N GLU L 44 2.84 20.72 37.23
CA GLU L 44 2.96 20.41 38.64
C GLU L 44 3.56 21.60 39.39
N GLN L 45 4.38 22.41 38.69
CA GLN L 45 5.19 23.42 39.37
C GLN L 45 4.72 24.84 39.12
N PHE L 46 4.19 25.13 37.93
CA PHE L 46 4.10 26.51 37.46
C PHE L 46 2.66 26.88 37.14
N HIS L 47 2.32 28.10 37.56
CA HIS L 47 1.03 28.69 37.26
C HIS L 47 0.83 28.67 35.75
N PRO L 48 -0.37 28.31 35.24
CA PRO L 48 -0.61 28.29 33.81
C PRO L 48 -0.32 29.59 33.08
N SER L 49 -0.53 30.73 33.74
CA SER L 49 -0.22 32.03 33.11
C SER L 49 1.28 32.15 32.87
N ASP L 50 2.10 31.67 33.82
CA ASP L 50 3.54 31.71 33.67
C ASP L 50 3.97 30.75 32.55
N LEU L 51 3.38 29.56 32.52
CA LEU L 51 3.68 28.59 31.47
C LEU L 51 3.36 29.18 30.10
N LEU L 52 2.26 29.92 30.01
CA LEU L 52 1.86 30.50 28.73
C LEU L 52 2.93 31.48 28.26
N ARG L 53 3.35 32.40 29.15
CA ARG L 53 4.34 33.40 28.80
C ARG L 53 5.66 32.72 28.44
N TRP L 54 6.05 31.69 29.18
CA TRP L 54 7.34 31.03 28.96
C TRP L 54 7.35 30.26 27.64
N CYS L 55 6.21 29.67 27.26
CA CYS L 55 6.12 28.98 25.98
C CYS L 55 6.26 30.00 24.84
N GLN L 56 5.66 31.17 25.01
CA GLN L 56 5.77 32.23 24.02
C GLN L 56 7.22 32.66 23.85
N LEU L 57 7.95 32.73 24.96
CA LEU L 57 9.36 33.07 24.94
C LEU L 57 10.16 31.93 24.31
N ALA L 58 9.83 30.69 24.68
CA ALA L 58 10.52 29.53 24.15
C ALA L 58 10.44 29.52 22.63
N GLU L 59 9.27 29.86 22.09
CA GLU L 59 9.10 29.96 20.64
C GLU L 59 10.08 30.98 20.06
N GLN L 60 10.18 32.14 20.68
CA GLN L 60 11.09 33.18 20.22
C GLN L 60 12.53 32.68 20.27
N GLU L 61 12.85 31.79 21.22
CA GLU L 61 14.21 31.37 21.47
C GLU L 61 14.59 30.10 20.70
N GLY L 62 13.69 29.58 19.85
CA GLY L 62 14.04 28.47 18.96
C GLY L 62 13.40 27.13 19.33
N PHE L 63 12.68 27.03 20.44
CA PHE L 63 11.91 25.82 20.71
C PHE L 63 10.75 25.77 19.72
N ASP L 64 10.35 24.57 19.29
CA ASP L 64 9.34 24.42 18.24
C ASP L 64 8.09 23.67 18.73
N SER L 65 8.11 23.10 19.94
CA SER L 65 7.00 22.32 20.43
CA SER L 65 7.00 22.32 20.43
C SER L 65 7.00 22.25 21.95
N VAL L 66 5.82 21.93 22.48
CA VAL L 66 5.58 21.91 23.91
C VAL L 66 4.95 20.58 24.29
N LEU L 67 5.44 20.02 25.39
CA LEU L 67 4.83 18.85 26.03
C LEU L 67 4.22 19.35 27.34
N ALA L 68 2.93 19.08 27.51
CA ALA L 68 2.16 19.59 28.65
C ALA L 68 1.62 18.42 29.45
N ALA L 69 2.04 18.36 30.71
CA ALA L 69 1.56 17.37 31.67
C ALA L 69 0.06 17.53 31.88
N ASP L 70 -0.64 16.41 32.09
CA ASP L 70 -2.06 16.39 32.38
C ASP L 70 -2.25 15.85 33.79
N HIS L 71 -2.18 16.77 34.77
CA HIS L 71 -2.27 16.39 36.17
C HIS L 71 -3.52 17.01 36.78
N PHE L 72 -3.94 16.41 37.90
CA PHE L 72 -4.85 17.04 38.83
C PHE L 72 -4.07 17.52 40.05
N HIS L 73 -3.04 16.78 40.45
CA HIS L 73 -2.24 17.12 41.62
C HIS L 73 -0.76 17.22 41.24
N PRO L 74 0.02 18.08 41.92
CA PRO L 74 1.47 18.05 41.84
C PRO L 74 1.98 16.84 42.60
N TRP L 75 3.24 16.47 42.38
CA TRP L 75 3.86 15.42 43.17
C TRP L 75 3.98 15.86 44.62
N THR L 76 4.32 17.13 44.85
CA THR L 76 4.52 17.65 46.20
C THR L 76 3.82 19.00 46.35
N PRO L 77 3.45 19.40 47.59
CA PRO L 77 2.97 20.76 47.84
C PRO L 77 3.95 21.85 47.44
N GLU L 78 5.25 21.58 47.56
CA GLU L 78 6.27 22.56 47.25
C GLU L 78 6.26 22.86 45.75
N GLN L 79 5.85 21.89 44.92
CA GLN L 79 5.69 22.15 43.49
C GLN L 79 4.51 23.12 43.30
N GLY L 80 3.36 22.76 43.85
CA GLY L 80 2.34 23.73 44.22
C GLY L 80 1.31 24.06 43.14
N GLN L 81 1.27 23.36 42.00
CA GLN L 81 0.30 23.68 40.96
C GLN L 81 -0.27 22.42 40.29
N SER L 82 -1.36 22.63 39.50
CA SER L 82 -1.89 21.64 38.56
C SER L 82 -3.06 22.25 37.79
N GLY L 83 -2.76 23.06 36.78
CA GLY L 83 -3.79 23.58 35.91
C GLY L 83 -4.43 22.49 35.06
N PHE L 84 -5.66 22.74 34.61
CA PHE L 84 -6.37 21.88 33.68
C PHE L 84 -5.80 22.10 32.29
N VAL L 85 -5.06 21.11 31.80
CA VAL L 85 -4.21 21.29 30.63
C VAL L 85 -5.06 21.62 29.40
N TRP L 86 -6.25 21.03 29.28
CA TRP L 86 -7.03 21.15 28.05
C TRP L 86 -7.41 22.60 27.78
N ALA L 87 -7.74 23.36 28.83
CA ALA L 87 -8.09 24.76 28.65
C ALA L 87 -6.85 25.54 28.26
N TRP L 88 -5.74 25.28 28.94
CA TRP L 88 -4.49 25.98 28.68
C TRP L 88 -4.04 25.76 27.24
N LEU L 89 -4.24 24.56 26.70
CA LEU L 89 -3.75 24.26 25.36
C LEU L 89 -4.43 25.16 24.33
N GLY L 90 -5.69 25.52 24.56
CA GLY L 90 -6.37 26.45 23.67
C GLY L 90 -5.68 27.81 23.63
N ALA L 91 -5.23 28.28 24.81
CA ALA L 91 -4.52 29.53 24.91
C ALA L 91 -3.18 29.46 24.19
N LEU L 92 -2.47 28.34 24.37
CA LEU L 92 -1.21 28.13 23.70
C LEU L 92 -1.40 28.16 22.19
N GLY L 93 -2.39 27.39 21.73
CA GLY L 93 -2.69 27.27 20.31
C GLY L 93 -2.98 28.64 19.69
N ALA L 94 -3.71 29.49 20.41
CA ALA L 94 -4.19 30.72 19.83
C ALA L 94 -3.14 31.83 19.86
N THR L 95 -2.05 31.67 20.64
CA THR L 95 -1.08 32.75 20.81
C THR L 95 0.33 32.37 20.33
N THR L 96 0.51 31.18 19.76
CA THR L 96 1.81 30.75 19.26
C THR L 96 1.59 29.95 17.97
N ARG L 97 2.69 29.54 17.33
CA ARG L 97 2.65 28.62 16.20
C ARG L 97 3.34 27.29 16.56
N LEU L 98 3.66 27.10 17.84
CA LEU L 98 4.29 25.90 18.35
C LEU L 98 3.39 24.68 18.13
N ARG L 99 4.02 23.52 17.93
CA ARG L 99 3.34 22.26 18.10
C ARG L 99 3.21 21.98 19.59
N PHE L 100 2.24 21.14 19.96
CA PHE L 100 2.04 20.86 21.38
C PHE L 100 1.28 19.55 21.55
N GLY L 101 1.47 18.92 22.70
CA GLY L 101 0.79 17.68 23.01
C GLY L 101 0.66 17.46 24.51
N THR L 102 -0.25 16.56 24.89
CA THR L 102 -0.37 16.11 26.25
C THR L 102 0.71 15.09 26.52
N GLY L 103 1.37 15.19 27.68
CA GLY L 103 2.44 14.27 28.01
C GLY L 103 2.34 13.74 29.44
N VAL L 104 1.36 12.89 29.76
CA VAL L 104 0.36 12.35 28.86
C VAL L 104 -1.01 12.37 29.57
N THR L 105 -2.08 12.18 28.80
CA THR L 105 -3.43 12.03 29.33
C THR L 105 -3.71 10.55 29.53
N PRO L 106 -4.31 10.14 30.67
CA PRO L 106 -4.82 8.78 30.82
C PRO L 106 -6.29 8.69 30.42
N PRO L 107 -6.59 8.15 29.22
CA PRO L 107 -7.97 8.12 28.73
C PRO L 107 -8.71 6.86 29.14
N ILE L 108 -8.53 6.42 30.39
CA ILE L 108 -8.95 5.10 30.79
C ILE L 108 -10.09 5.16 31.80
N GLY L 109 -10.78 6.30 31.86
CA GLY L 109 -12.09 6.37 32.46
C GLY L 109 -12.08 6.73 33.95
N PHE L 110 -11.00 7.32 34.48
CA PHE L 110 -11.02 7.81 35.85
C PHE L 110 -11.38 9.30 35.79
N ARG L 111 -10.40 10.17 35.67
CA ARG L 111 -10.66 11.57 35.40
C ARG L 111 -11.32 11.74 34.03
N TYR L 112 -10.96 10.90 33.04
CA TYR L 112 -11.35 11.16 31.66
C TYR L 112 -11.85 9.89 30.97
N HIS L 113 -13.05 9.97 30.41
CA HIS L 113 -13.59 8.95 29.54
C HIS L 113 -12.93 9.07 28.17
N PRO L 114 -12.57 7.95 27.50
CA PRO L 114 -11.86 8.05 26.24
C PRO L 114 -12.60 8.84 25.16
N ALA L 115 -13.93 8.79 25.17
CA ALA L 115 -14.70 9.55 24.18
C ALA L 115 -14.47 11.05 24.32
N ILE L 116 -14.27 11.52 25.56
CA ILE L 116 -14.08 12.94 25.81
C ILE L 116 -12.67 13.35 25.40
N VAL L 117 -11.68 12.50 25.69
CA VAL L 117 -10.34 12.78 25.22
C VAL L 117 -10.34 12.84 23.69
N ALA L 118 -11.07 11.95 23.04
CA ALA L 118 -11.12 11.95 21.59
C ALA L 118 -11.68 13.27 21.08
N GLN L 119 -12.76 13.75 21.71
CA GLN L 119 -13.39 14.97 21.27
C GLN L 119 -12.47 16.15 21.49
N ALA L 120 -11.79 16.18 22.65
CA ALA L 120 -10.89 17.27 22.97
C ALA L 120 -9.74 17.33 21.96
N ALA L 121 -9.18 16.16 21.64
CA ALA L 121 -8.09 16.08 20.70
C ALA L 121 -8.52 16.54 19.31
N ALA L 122 -9.69 16.08 18.88
CA ALA L 122 -10.20 16.46 17.57
C ALA L 122 -10.45 17.97 17.51
N THR L 123 -10.94 18.57 18.61
CA THR L 123 -11.23 19.99 18.61
C THR L 123 -9.92 20.78 18.48
N LEU L 124 -8.91 20.39 19.28
CA LEU L 124 -7.63 21.10 19.24
C LEU L 124 -7.03 21.01 17.84
N GLU L 125 -7.02 19.82 17.24
CA GLU L 125 -6.44 19.67 15.92
C GLU L 125 -7.27 20.41 14.88
N ALA L 126 -8.59 20.44 15.04
CA ALA L 126 -9.44 21.17 14.11
C ALA L 126 -9.15 22.67 14.17
N MET L 127 -8.87 23.19 15.38
CA MET L 127 -8.59 24.60 15.59
C MET L 127 -7.16 24.93 15.14
N PHE L 128 -6.22 24.01 15.38
CA PHE L 128 -4.81 24.26 15.14
C PHE L 128 -4.22 23.15 14.27
N PRO L 129 -4.64 23.03 12.99
CA PRO L 129 -4.28 21.84 12.20
C PRO L 129 -2.78 21.74 12.03
N GLY L 130 -2.26 20.51 12.14
CA GLY L 130 -0.85 20.23 11.97
C GLY L 130 -0.05 20.42 13.27
N ARG L 131 -0.70 20.75 14.39
CA ARG L 131 0.03 21.25 15.55
C ARG L 131 -0.14 20.37 16.79
N PHE L 132 -1.23 19.60 16.90
CA PHE L 132 -1.51 18.89 18.13
C PHE L 132 -1.12 17.43 17.97
N TRP L 133 -0.57 16.84 19.04
CA TRP L 133 -0.42 15.40 19.13
C TRP L 133 -0.99 14.91 20.46
N LEU L 134 -1.74 13.81 20.40
CA LEU L 134 -2.45 13.28 21.56
C LEU L 134 -1.56 12.26 22.25
N GLY L 135 -0.93 12.67 23.33
CA GLY L 135 -0.12 11.77 24.14
C GLY L 135 -0.95 11.14 25.25
N ILE L 136 -0.91 9.81 25.33
CA ILE L 136 -1.71 9.06 26.27
C ILE L 136 -0.83 8.04 27.01
N GLY L 137 -1.32 7.62 28.19
CA GLY L 137 -0.60 6.64 29.00
C GLY L 137 -1.56 6.02 30.03
N ALA L 138 -1.03 5.13 30.85
CA ALA L 138 -1.78 4.31 31.78
C ALA L 138 -2.14 5.04 33.08
N GLY L 139 -1.51 6.21 33.32
CA GLY L 139 -1.94 7.08 34.39
C GLY L 139 -1.34 6.75 35.75
N GLU L 140 -1.48 7.67 36.70
CA GLU L 140 -0.99 7.51 38.06
C GLU L 140 -2.10 7.79 39.07
N ALA L 141 -2.03 7.07 40.20
CA ALA L 141 -3.02 7.21 41.25
C ALA L 141 -3.05 8.65 41.76
N LEU L 142 -1.90 9.31 41.79
CA LEU L 142 -1.79 10.68 42.23
C LEU L 142 -2.92 11.53 41.66
N ASN L 143 -3.25 11.33 40.38
CA ASN L 143 -4.28 12.11 39.71
C ASN L 143 -5.62 11.35 39.66
N GLU L 144 -5.59 10.03 39.45
CA GLU L 144 -6.81 9.31 39.14
C GLU L 144 -7.59 8.93 40.40
N HIS L 145 -6.93 8.91 41.57
CA HIS L 145 -7.56 8.38 42.76
C HIS L 145 -8.72 9.24 43.24
N ILE L 146 -8.80 10.49 42.77
CA ILE L 146 -9.78 11.42 43.29
C ILE L 146 -11.20 10.92 43.05
N VAL L 147 -11.42 10.06 42.03
CA VAL L 147 -12.77 9.63 41.70
C VAL L 147 -13.19 8.40 42.51
N GLY L 148 -12.30 7.89 43.35
CA GLY L 148 -12.66 6.88 44.32
C GLY L 148 -12.95 5.50 43.76
N ARG L 149 -12.19 5.06 42.73
CA ARG L 149 -12.45 3.76 42.11
C ARG L 149 -11.27 2.81 42.27
N TYR L 150 -11.55 1.53 42.05
CA TYR L 150 -10.54 0.48 42.04
C TYR L 150 -9.41 0.87 41.10
N TRP L 151 -8.17 0.80 41.59
CA TRP L 151 -7.00 1.14 40.82
C TRP L 151 -6.24 -0.13 40.41
N PRO L 152 -6.32 -0.53 39.13
CA PRO L 152 -5.72 -1.79 38.70
C PRO L 152 -4.20 -1.74 38.70
N GLU L 153 -3.57 -2.91 38.77
CA GLU L 153 -2.13 -3.04 38.58
C GLU L 153 -1.75 -2.54 37.19
N PRO L 154 -0.47 -2.12 36.99
CA PRO L 154 0.00 -1.65 35.69
C PRO L 154 -0.39 -2.48 34.47
N ALA L 155 -0.22 -3.81 34.55
CA ALA L 155 -0.50 -4.65 33.38
C ALA L 155 -1.99 -4.55 33.00
N GLU L 156 -2.86 -4.47 34.01
CA GLU L 156 -4.27 -4.33 33.72
C GLU L 156 -4.56 -2.94 33.14
N ARG L 157 -3.88 -1.90 33.63
CA ARG L 157 -4.13 -0.56 33.11
C ARG L 157 -3.68 -0.48 31.64
N ILE L 158 -2.65 -1.24 31.27
CA ILE L 158 -2.23 -1.34 29.88
C ILE L 158 -3.38 -1.90 29.03
N ARG L 159 -4.07 -2.94 29.53
CA ARG L 159 -5.18 -3.49 28.81
C ARG L 159 -6.28 -2.43 28.66
N MET L 160 -6.46 -1.59 29.70
CA MET L 160 -7.44 -0.54 29.63
C MET L 160 -7.03 0.48 28.56
N LEU L 161 -5.74 0.81 28.53
CA LEU L 161 -5.22 1.79 27.59
C LEU L 161 -5.43 1.32 26.15
N ILE L 162 -5.20 0.03 25.91
CA ILE L 162 -5.35 -0.55 24.59
C ILE L 162 -6.81 -0.45 24.13
N GLU L 163 -7.75 -0.68 25.05
CA GLU L 163 -9.16 -0.56 24.71
C GLU L 163 -9.50 0.91 24.47
N ALA L 164 -8.93 1.82 25.26
CA ALA L 164 -9.19 3.23 25.07
C ALA L 164 -8.71 3.69 23.69
N ILE L 165 -7.56 3.16 23.24
CA ILE L 165 -7.03 3.48 21.92
C ILE L 165 -8.05 3.09 20.86
N GLU L 166 -8.66 1.93 21.02
CA GLU L 166 -9.68 1.44 20.12
C GLU L 166 -10.82 2.46 20.05
N VAL L 167 -11.28 2.93 21.22
CA VAL L 167 -12.37 3.87 21.26
C VAL L 167 -11.99 5.16 20.54
N ILE L 168 -10.80 5.68 20.84
CA ILE L 168 -10.37 6.94 20.26
C ILE L 168 -10.29 6.81 18.74
N GLN L 169 -9.70 5.72 18.27
N GLN L 169 -9.70 5.71 18.27
CA GLN L 169 -9.50 5.50 16.84
CA GLN L 169 -9.51 5.51 16.84
C GLN L 169 -10.82 5.36 16.12
C GLN L 169 -10.84 5.37 16.12
N LYS L 170 -11.79 4.65 16.72
CA LYS L 170 -13.11 4.54 16.12
C LYS L 170 -13.71 5.94 15.98
N LEU L 171 -13.64 6.75 17.04
CA LEU L 171 -14.25 8.06 17.00
C LEU L 171 -13.55 8.95 15.97
N PHE L 172 -12.24 8.76 15.81
CA PHE L 172 -11.46 9.55 14.86
C PHE L 172 -11.82 9.25 13.40
N THR L 173 -12.55 8.14 13.12
CA THR L 173 -12.99 7.86 11.76
C THR L 173 -14.04 8.88 11.31
N GLY L 174 -14.71 9.55 12.25
CA GLY L 174 -15.74 10.53 11.89
C GLY L 174 -17.11 9.91 11.60
N LYS L 175 -17.25 8.62 11.84
CA LYS L 175 -18.53 7.94 11.65
C LYS L 175 -19.22 7.83 13.02
N VAL L 176 -20.51 7.48 12.96
CA VAL L 176 -21.26 7.06 14.13
C VAL L 176 -20.74 5.70 14.54
N ILE L 177 -20.23 5.58 15.76
CA ILE L 177 -19.68 4.32 16.22
C ILE L 177 -20.31 3.92 17.55
N ARG L 178 -20.26 2.62 17.82
CA ARG L 178 -20.67 1.99 19.06
C ARG L 178 -19.51 1.12 19.51
N HIS L 179 -19.35 0.94 20.81
CA HIS L 179 -18.29 0.12 21.34
C HIS L 179 -18.75 -0.54 22.64
N GLU L 180 -18.46 -1.82 22.77
CA GLU L 180 -18.67 -2.55 23.99
C GLU L 180 -17.47 -3.48 24.21
N GLY L 181 -16.69 -3.18 25.23
CA GLY L 181 -15.56 -4.03 25.59
C GLY L 181 -15.56 -4.32 27.09
N VAL L 182 -14.45 -4.85 27.58
CA VAL L 182 -14.34 -5.17 28.98
C VAL L 182 -14.47 -3.91 29.84
N TYR L 183 -13.89 -2.79 29.40
CA TYR L 183 -13.75 -1.62 30.27
C TYR L 183 -14.65 -0.46 29.87
N PHE L 184 -15.01 -0.30 28.59
CA PHE L 184 -15.72 0.88 28.14
C PHE L 184 -16.96 0.49 27.35
N LYS L 185 -18.03 1.27 27.54
CA LYS L 185 -19.23 1.17 26.73
C LYS L 185 -19.45 2.55 26.12
N VAL L 186 -19.58 2.57 24.80
CA VAL L 186 -19.87 3.79 24.07
C VAL L 186 -21.13 3.54 23.26
N GLU L 187 -22.18 4.31 23.55
CA GLU L 187 -23.39 4.33 22.75
C GLU L 187 -23.13 5.16 21.50
N SER L 188 -24.04 5.05 20.52
CA SER L 188 -23.94 5.78 19.27
C SER L 188 -23.32 7.15 19.47
N ALA L 189 -22.10 7.33 18.95
CA ALA L 189 -21.34 8.55 19.14
C ALA L 189 -20.58 8.90 17.87
N LYS L 190 -20.53 10.20 17.59
CA LYS L 190 -19.81 10.70 16.43
C LYS L 190 -19.17 12.04 16.75
N LEU L 191 -17.93 12.23 16.28
CA LEU L 191 -17.26 13.52 16.35
C LEU L 191 -17.63 14.34 15.11
N TYR L 192 -18.50 15.34 15.28
CA TYR L 192 -18.90 16.20 14.17
C TYR L 192 -17.83 17.26 13.90
N THR L 193 -17.09 17.67 14.93
CA THR L 193 -16.03 18.66 14.77
C THR L 193 -14.71 17.89 14.70
N MET L 194 -14.13 17.90 13.50
CA MET L 194 -13.06 16.98 13.11
CA MET L 194 -13.06 16.99 13.12
C MET L 194 -12.07 17.74 12.23
N PRO L 195 -10.76 17.55 12.39
CA PRO L 195 -9.80 18.04 11.38
C PRO L 195 -9.91 17.16 10.13
N ASP L 196 -9.35 17.63 9.02
CA ASP L 196 -9.31 16.82 7.80
C ASP L 196 -8.54 15.53 8.07
N VAL L 197 -7.49 15.63 8.87
CA VAL L 197 -6.66 14.49 9.22
C VAL L 197 -6.50 14.45 10.73
N PRO L 198 -6.70 13.28 11.39
CA PRO L 198 -6.66 13.18 12.84
C PRO L 198 -5.29 13.51 13.39
N PRO L 199 -5.19 14.00 14.65
CA PRO L 199 -3.89 14.20 15.27
C PRO L 199 -3.30 12.82 15.53
N PRO L 200 -1.97 12.69 15.58
CA PRO L 200 -1.35 11.45 15.92
C PRO L 200 -1.59 11.05 17.36
N ILE L 201 -1.75 9.76 17.60
CA ILE L 201 -1.81 9.20 18.93
C ILE L 201 -0.42 8.70 19.31
N ILE L 202 0.11 9.29 20.39
CA ILE L 202 1.43 9.00 20.89
C ILE L 202 1.26 8.31 22.24
N VAL L 203 1.90 7.17 22.44
CA VAL L 203 1.83 6.52 23.73
C VAL L 203 3.11 6.80 24.50
N GLY L 204 2.92 7.26 25.76
CA GLY L 204 4.02 7.39 26.71
C GLY L 204 4.19 6.10 27.52
N THR L 205 5.31 5.39 27.34
CA THR L 205 5.58 4.15 28.02
C THR L 205 7.09 3.91 28.06
N ALA L 206 7.52 3.10 29.05
CA ALA L 206 8.88 2.61 29.18
C ALA L 206 8.90 1.08 29.13
N GLY L 207 7.76 0.46 28.76
CA GLY L 207 7.67 -0.99 28.70
C GLY L 207 7.92 -1.50 27.30
N PRO L 208 8.83 -2.48 27.09
CA PRO L 208 9.02 -3.09 25.77
C PRO L 208 7.74 -3.61 25.15
N TYR L 209 6.86 -4.25 25.94
CA TYR L 209 5.63 -4.81 25.41
C TYR L 209 4.78 -3.67 24.83
N MET L 210 4.55 -2.61 25.61
CA MET L 210 3.65 -1.55 25.19
C MET L 210 4.26 -0.75 24.06
N ALA L 211 5.60 -0.67 24.02
CA ALA L 211 6.28 0.03 22.94
C ALA L 211 5.96 -0.67 21.62
N LYS L 212 6.01 -2.01 21.59
CA LYS L 212 5.66 -2.77 20.40
C LYS L 212 4.20 -2.51 20.03
N LYS L 213 3.30 -2.55 21.02
CA LYS L 213 1.89 -2.32 20.77
C LYS L 213 1.67 -0.90 20.23
N THR L 214 2.46 0.05 20.71
CA THR L 214 2.35 1.43 20.27
C THR L 214 2.63 1.51 18.78
N GLY L 215 3.69 0.83 18.33
CA GLY L 215 4.01 0.78 16.91
C GLY L 215 2.90 0.14 16.10
N GLN L 216 2.30 -0.92 16.64
CA GLN L 216 1.25 -1.64 15.95
C GLN L 216 -0.02 -0.79 15.83
N LEU L 217 -0.42 -0.10 16.90
CA LEU L 217 -1.78 0.43 17.03
C LEU L 217 -1.83 1.95 16.91
N CYS L 218 -0.70 2.64 17.13
CA CYS L 218 -0.69 4.07 17.27
C CYS L 218 0.31 4.69 16.30
N ASP L 219 0.62 5.97 16.47
CA ASP L 219 1.35 6.74 15.48
C ASP L 219 2.77 7.05 15.95
N GLY L 220 3.05 6.97 17.25
CA GLY L 220 4.35 7.41 17.76
C GLY L 220 4.59 7.02 19.20
N LEU L 221 5.85 7.13 19.60
CA LEU L 221 6.32 6.72 20.92
C LEU L 221 6.86 7.91 21.69
N LEU L 222 6.51 7.99 22.96
CA LEU L 222 7.08 8.93 23.90
C LEU L 222 7.60 8.13 25.09
N THR L 223 8.87 8.34 25.47
CA THR L 223 9.45 7.57 26.55
C THR L 223 10.29 8.50 27.42
N PRO L 224 10.53 8.15 28.70
CA PRO L 224 11.41 8.96 29.55
C PRO L 224 12.88 8.65 29.31
N GLY L 225 13.72 9.56 29.81
CA GLY L 225 15.17 9.32 29.84
C GLY L 225 15.51 8.01 30.55
N ALA L 226 16.45 7.25 30.00
CA ALA L 226 16.90 6.00 30.59
C ALA L 226 18.24 5.62 29.96
N ASN L 227 18.86 4.51 30.35
CA ASN L 227 20.17 4.17 29.82
C ASN L 227 20.03 3.76 28.35
N ASP L 228 21.17 3.73 27.64
CA ASP L 228 21.21 3.49 26.21
C ASP L 228 20.56 2.16 25.83
N GLU L 229 20.86 1.10 26.61
CA GLU L 229 20.38 -0.23 26.31
C GLU L 229 18.85 -0.24 26.31
N LYS L 230 18.22 0.39 27.31
CA LYS L 230 16.79 0.37 27.45
C LYS L 230 16.14 1.19 26.33
N LEU L 231 16.73 2.34 25.98
CA LEU L 231 16.19 3.20 24.94
C LEU L 231 16.23 2.49 23.58
N ARG L 232 17.36 1.82 23.31
CA ARG L 232 17.52 1.11 22.04
C ARG L 232 16.47 -0.01 21.92
N LEU L 233 16.20 -0.69 23.03
CA LEU L 233 15.24 -1.79 23.03
C LEU L 233 13.85 -1.23 22.74
N LEU L 234 13.47 -0.14 23.41
CA LEU L 234 12.16 0.46 23.21
C LEU L 234 11.99 0.94 21.76
N LEU L 235 13.01 1.59 21.21
CA LEU L 235 12.94 2.01 19.83
C LEU L 235 12.76 0.81 18.91
N SER L 236 13.56 -0.25 19.14
CA SER L 236 13.52 -1.43 18.30
C SER L 236 12.14 -2.11 18.37
N ARG L 237 11.58 -2.22 19.57
CA ARG L 237 10.27 -2.83 19.79
C ARG L 237 9.19 -2.04 19.05
N PHE L 238 9.24 -0.72 19.18
CA PHE L 238 8.32 0.15 18.49
C PHE L 238 8.39 -0.06 16.98
N GLU L 239 9.62 -0.10 16.44
CA GLU L 239 9.79 -0.25 15.00
C GLU L 239 9.24 -1.59 14.53
N GLU L 240 9.55 -2.66 15.27
CA GLU L 240 9.12 -4.01 14.96
C GLU L 240 7.61 -4.09 14.93
N GLY L 241 6.96 -3.48 15.92
CA GLY L 241 5.50 -3.46 16.02
C GLY L 241 4.88 -2.78 14.81
N ALA L 242 5.44 -1.65 14.40
CA ALA L 242 4.96 -0.92 13.24
C ALA L 242 5.12 -1.76 11.97
N ARG L 243 6.32 -2.36 11.81
CA ARG L 243 6.61 -3.14 10.61
C ARG L 243 5.70 -4.35 10.50
N ALA L 244 5.49 -5.07 11.61
CA ALA L 244 4.64 -6.25 11.60
C ALA L 244 3.19 -5.86 11.26
N ALA L 245 2.80 -4.60 11.49
CA ALA L 245 1.45 -4.16 11.12
C ALA L 245 1.41 -3.52 9.72
N GLY L 246 2.50 -3.63 8.95
CA GLY L 246 2.53 -3.12 7.59
C GLY L 246 2.78 -1.60 7.50
N LYS L 247 3.19 -0.96 8.61
CA LYS L 247 3.38 0.48 8.61
C LYS L 247 4.85 0.81 8.40
N ASP L 248 5.14 2.09 8.05
CA ASP L 248 6.49 2.55 7.83
C ASP L 248 6.99 3.33 9.06
N PRO L 249 7.85 2.73 9.91
CA PRO L 249 8.32 3.40 11.12
C PRO L 249 9.25 4.59 10.92
N ARG L 250 9.79 4.73 9.70
CA ARG L 250 10.66 5.83 9.39
C ARG L 250 9.88 7.15 9.39
N ARG L 251 8.54 7.08 9.23
CA ARG L 251 7.72 8.28 9.24
C ARG L 251 7.05 8.49 10.61
N MET L 252 7.36 7.67 11.61
CA MET L 252 6.66 7.72 12.87
C MET L 252 7.57 8.29 13.97
N PRO L 253 7.07 9.30 14.72
CA PRO L 253 7.90 9.98 15.72
C PRO L 253 8.36 9.09 16.85
N ARG L 254 9.58 9.30 17.28
CA ARG L 254 10.14 8.66 18.47
C ARG L 254 10.63 9.79 19.38
N MET L 255 9.91 10.00 20.47
CA MET L 255 10.03 11.20 21.29
C MET L 255 10.53 10.80 22.66
N ILE L 256 11.37 11.65 23.26
CA ILE L 256 11.86 11.40 24.60
C ILE L 256 11.67 12.66 25.46
N GLN L 257 11.28 12.44 26.72
CA GLN L 257 11.13 13.51 27.69
C GLN L 257 12.23 13.38 28.74
N VAL L 258 13.06 14.43 28.86
CA VAL L 258 14.16 14.39 29.81
C VAL L 258 13.99 15.50 30.85
N HIS L 259 14.54 15.25 32.03
CA HIS L 259 14.56 16.22 33.11
C HIS L 259 16.01 16.67 33.32
N VAL L 260 16.22 17.97 33.31
CA VAL L 260 17.54 18.54 33.55
C VAL L 260 17.41 19.60 34.64
N SER L 261 18.56 19.99 35.20
CA SER L 261 18.66 21.13 36.08
C SER L 261 19.83 21.97 35.61
N TRP L 262 19.53 23.09 34.97
CA TRP L 262 20.51 24.10 34.66
C TRP L 262 20.34 25.27 35.64
N ALA L 263 21.47 25.82 36.06
CA ALA L 263 21.50 27.00 36.91
C ALA L 263 22.87 27.63 36.78
N GLU L 264 23.09 28.73 37.54
CA GLU L 264 24.26 29.57 37.45
CA GLU L 264 24.28 29.55 37.38
C GLU L 264 25.50 28.77 37.89
N THR L 265 25.31 27.90 38.90
CA THR L 265 26.37 27.03 39.41
C THR L 265 25.82 25.61 39.50
N ASP L 266 26.74 24.64 39.52
CA ASP L 266 26.41 23.24 39.78
C ASP L 266 25.66 23.11 41.10
N GLU L 267 26.13 23.84 42.14
CA GLU L 267 25.53 23.74 43.46
C GLU L 267 24.07 24.14 43.42
N GLN L 268 23.73 25.23 42.71
CA GLN L 268 22.35 25.69 42.59
CA GLN L 268 22.35 25.69 42.59
C GLN L 268 21.53 24.68 41.79
N ALA L 269 22.15 24.04 40.78
CA ALA L 269 21.45 23.07 39.95
C ALA L 269 21.04 21.87 40.77
N ILE L 270 21.94 21.43 41.66
CA ILE L 270 21.68 20.32 42.56
C ILE L 270 20.57 20.69 43.53
N GLU L 271 20.66 21.88 44.13
CA GLU L 271 19.68 22.33 45.12
C GLU L 271 18.31 22.40 44.48
N ASN L 272 18.24 22.92 43.25
CA ASN L 272 16.99 23.06 42.52
C ASN L 272 16.32 21.70 42.33
N ALA L 273 17.11 20.69 41.98
CA ALA L 273 16.57 19.35 41.75
C ALA L 273 16.00 18.78 43.05
N LEU L 274 16.73 18.89 44.17
CA LEU L 274 16.26 18.40 45.47
C LEU L 274 14.96 19.06 45.89
N ARG L 275 14.88 20.39 45.72
CA ARG L 275 13.78 21.16 46.25
C ARG L 275 12.54 20.97 45.36
N GLU L 276 12.74 20.98 44.05
CA GLU L 276 11.65 21.11 43.09
C GLU L 276 11.20 19.77 42.54
N TRP L 277 12.08 18.78 42.48
CA TRP L 277 11.82 17.57 41.73
C TRP L 277 12.37 16.34 42.41
N PRO L 278 12.09 16.14 43.72
CA PRO L 278 12.63 14.98 44.43
C PRO L 278 12.12 13.66 43.84
N ASN L 279 10.95 13.71 43.19
CA ASN L 279 10.39 12.56 42.51
C ASN L 279 11.34 12.06 41.43
N GLY L 280 12.16 12.95 40.90
CA GLY L 280 13.22 12.59 39.95
C GLY L 280 14.27 11.67 40.58
N GLY L 281 14.40 11.67 41.91
CA GLY L 281 15.37 10.83 42.59
C GLY L 281 14.71 9.59 43.21
N MET L 282 13.46 9.32 42.80
CA MET L 282 12.72 8.18 43.31
C MET L 282 12.69 7.09 42.25
N ALA L 283 13.72 6.25 42.25
CA ALA L 283 13.88 5.17 41.28
C ALA L 283 13.10 3.95 41.78
N PHE L 284 11.77 4.07 41.71
CA PHE L 284 10.85 3.03 42.14
C PHE L 284 9.49 3.34 41.55
N PRO L 285 8.57 2.36 41.45
CA PRO L 285 7.28 2.59 40.80
C PRO L 285 6.45 3.55 41.66
N LYS L 286 5.88 4.57 41.02
CA LYS L 286 5.21 5.65 41.73
C LYS L 286 3.72 5.73 41.41
N GLY L 287 3.21 4.76 40.63
CA GLY L 287 1.88 4.87 40.06
C GLY L 287 0.75 4.54 41.05
N ASP L 288 1.07 4.05 42.26
CA ASP L 288 0.08 3.70 43.25
C ASP L 288 -0.06 4.74 44.36
N ILE L 289 0.85 5.72 44.41
CA ILE L 289 0.90 6.67 45.52
C ILE L 289 -0.11 7.79 45.30
N ARG L 290 -0.97 8.02 46.30
CA ARG L 290 -2.19 8.79 46.10
C ARG L 290 -2.00 10.30 46.32
N ASN L 291 -1.20 10.70 47.31
CA ASN L 291 -1.27 12.07 47.81
C ASN L 291 0.06 12.82 47.62
N PRO L 292 0.00 14.13 47.32
CA PRO L 292 1.19 14.98 47.37
C PRO L 292 1.95 14.86 48.69
N GLU L 293 1.21 14.74 49.80
CA GLU L 293 1.83 14.62 51.12
C GLU L 293 2.63 13.32 51.25
N ASP L 294 2.24 12.28 50.50
CA ASP L 294 2.97 11.02 50.54
C ASP L 294 4.33 11.21 49.87
N PHE L 295 4.34 11.76 48.66
CA PHE L 295 5.59 12.03 47.97
C PHE L 295 6.46 13.00 48.79
N GLN L 296 5.80 13.99 49.42
CA GLN L 296 6.51 14.98 50.21
C GLN L 296 7.29 14.30 51.33
N ALA L 297 6.67 13.33 52.01
CA ALA L 297 7.35 12.64 53.09
C ALA L 297 8.47 11.74 52.53
N MET L 298 8.23 11.12 51.37
CA MET L 298 9.23 10.28 50.73
C MET L 298 10.41 11.12 50.26
N ALA L 299 10.16 12.38 49.88
CA ALA L 299 11.19 13.28 49.37
C ALA L 299 12.31 13.49 50.38
N ARG L 300 11.99 13.40 51.67
CA ARG L 300 12.95 13.65 52.73
C ARG L 300 14.11 12.65 52.65
N LEU L 301 13.93 11.52 51.95
CA LEU L 301 14.98 10.51 51.80
C LEU L 301 15.87 10.79 50.59
N VAL L 302 15.46 11.66 49.67
CA VAL L 302 16.16 11.80 48.41
C VAL L 302 17.43 12.64 48.61
N ARG L 303 18.52 12.18 47.98
CA ARG L 303 19.81 12.84 48.01
C ARG L 303 20.32 12.99 46.58
N PRO L 304 21.31 13.88 46.31
CA PRO L 304 21.83 14.07 44.95
C PRO L 304 22.19 12.81 44.17
N GLU L 305 22.81 11.82 44.84
CA GLU L 305 23.20 10.57 44.19
C GLU L 305 22.04 9.93 43.45
N HIS L 306 20.81 10.04 44.00
CA HIS L 306 19.65 9.31 43.49
C HIS L 306 19.19 9.82 42.13
N PHE L 307 19.72 10.97 41.69
CA PHE L 307 19.34 11.59 40.43
C PHE L 307 20.22 11.15 39.26
N GLN L 308 21.28 10.35 39.49
CA GLN L 308 22.19 10.05 38.40
C GLN L 308 21.47 9.26 37.31
N GLY L 309 21.58 9.73 36.07
CA GLY L 309 20.92 9.13 34.91
C GLY L 309 19.44 9.51 34.78
N ARG L 310 18.92 10.31 35.73
CA ARG L 310 17.51 10.65 35.77
C ARG L 310 17.32 12.16 35.63
N VAL L 311 18.29 12.94 36.15
CA VAL L 311 18.28 14.39 36.06
C VAL L 311 19.72 14.85 35.94
N LEU L 312 20.05 15.45 34.80
CA LEU L 312 21.36 16.06 34.58
C LEU L 312 21.41 17.39 35.34
N MET L 313 22.41 17.53 36.23
CA MET L 313 22.48 18.68 37.11
C MET L 313 23.82 19.36 36.90
N THR L 314 23.84 20.41 36.07
CA THR L 314 25.07 21.13 35.82
C THR L 314 24.77 22.49 35.18
N SER L 315 25.69 23.43 35.44
CA SER L 315 25.67 24.76 34.85
C SER L 315 26.34 24.75 33.47
N ASP L 316 27.03 23.66 33.14
CA ASP L 316 27.80 23.57 31.92
C ASP L 316 26.87 23.26 30.75
N LEU L 317 26.63 24.26 29.90
CA LEU L 317 25.69 24.13 28.80
C LEU L 317 26.24 23.24 27.69
N ASP L 318 27.57 23.10 27.61
CA ASP L 318 28.16 22.17 26.67
C ASP L 318 27.72 20.75 27.01
N ARG L 319 27.63 20.41 28.32
CA ARG L 319 27.27 19.07 28.76
C ARG L 319 25.79 18.81 28.48
N HIS L 320 24.96 19.85 28.59
CA HIS L 320 23.56 19.76 28.20
C HIS L 320 23.47 19.42 26.72
N GLY L 321 24.27 20.12 25.90
CA GLY L 321 24.29 19.91 24.46
C GLY L 321 24.64 18.48 24.09
N GLU L 322 25.72 17.94 24.69
CA GLU L 322 26.20 16.60 24.40
C GLU L 322 25.17 15.56 24.82
N PHE L 323 24.55 15.78 26.00
CA PHE L 323 23.55 14.86 26.51
C PHE L 323 22.39 14.75 25.52
N LEU L 324 21.93 15.89 24.99
CA LEU L 324 20.80 15.91 24.06
C LEU L 324 21.20 15.31 22.71
N GLN L 325 22.39 15.67 22.22
CA GLN L 325 22.88 15.18 20.93
C GLN L 325 22.96 13.65 20.95
N HIS L 326 23.42 13.08 22.08
CA HIS L 326 23.50 11.64 22.23
C HIS L 326 22.15 10.97 21.99
N LEU L 327 21.08 11.60 22.49
CA LEU L 327 19.75 11.04 22.36
C LEU L 327 19.27 11.12 20.91
N ILE L 328 19.63 12.19 20.20
CA ILE L 328 19.31 12.29 18.78
C ILE L 328 20.02 11.14 18.05
N ASP L 329 21.29 10.92 18.40
CA ASP L 329 22.12 9.91 17.77
C ASP L 329 21.54 8.51 17.98
N LEU L 330 20.87 8.28 19.12
CA LEU L 330 20.24 7.00 19.39
C LEU L 330 19.04 6.76 18.48
N GLY L 331 18.44 7.84 17.98
CA GLY L 331 17.35 7.74 17.02
C GLY L 331 16.07 8.47 17.44
N PHE L 332 16.15 9.29 18.49
CA PHE L 332 15.00 10.11 18.90
C PHE L 332 14.87 11.27 17.94
N THR L 333 13.64 11.53 17.51
CA THR L 333 13.35 12.52 16.50
C THR L 333 12.83 13.79 17.14
N GLU L 334 12.44 13.72 18.42
CA GLU L 334 12.09 14.88 19.21
C GLU L 334 12.53 14.68 20.65
N ILE L 335 12.98 15.77 21.28
CA ILE L 335 13.30 15.77 22.69
C ILE L 335 12.53 16.91 23.35
N TYR L 336 11.87 16.60 24.48
CA TYR L 336 11.18 17.58 25.29
C TYR L 336 11.96 17.72 26.59
N VAL L 337 12.41 18.95 26.86
CA VAL L 337 13.29 19.19 28.01
C VAL L 337 12.50 19.89 29.10
N HIS L 338 12.53 19.28 30.28
CA HIS L 338 12.01 19.87 31.51
C HIS L 338 13.16 20.31 32.39
N ASN L 339 13.34 21.63 32.52
CA ASN L 339 14.24 22.17 33.53
C ASN L 339 13.51 22.20 34.86
N VAL L 340 14.10 21.57 35.89
CA VAL L 340 13.39 21.39 37.14
C VAL L 340 13.37 22.68 37.96
N GLY L 341 14.30 23.60 37.71
CA GLY L 341 14.39 24.83 38.49
C GLY L 341 13.28 25.81 38.19
N ARG L 342 13.07 26.75 39.12
CA ARG L 342 12.11 27.84 38.96
C ARG L 342 12.61 28.89 37.97
N ASN L 343 13.89 28.78 37.57
CA ASN L 343 14.55 29.72 36.69
C ASN L 343 14.24 29.40 35.23
N GLN L 344 12.95 29.36 34.87
CA GLN L 344 12.50 28.92 33.56
C GLN L 344 12.94 29.90 32.49
N GLU L 345 12.74 31.18 32.71
CA GLU L 345 13.07 32.19 31.72
C GLU L 345 14.57 32.10 31.39
N GLU L 346 15.40 31.98 32.43
CA GLU L 346 16.85 32.00 32.27
C GLU L 346 17.27 30.72 31.55
N PHE L 347 16.65 29.61 31.88
CA PHE L 347 16.91 28.33 31.25
C PHE L 347 16.58 28.41 29.75
N ILE L 348 15.41 28.97 29.43
CA ILE L 348 14.96 29.08 28.05
C ILE L 348 15.97 29.91 27.24
N ARG L 349 16.43 31.03 27.81
CA ARG L 349 17.34 31.91 27.09
C ARG L 349 18.70 31.26 26.93
N ALA L 350 19.15 30.55 27.96
CA ALA L 350 20.44 29.87 27.94
C ALA L 350 20.44 28.76 26.88
N TYR L 351 19.36 27.96 26.83
CA TYR L 351 19.25 26.91 25.83
C TYR L 351 19.16 27.54 24.43
N GLY L 352 18.41 28.63 24.30
CA GLY L 352 18.23 29.28 23.02
C GLY L 352 19.55 29.80 22.45
N ARG L 353 20.42 30.29 23.33
CA ARG L 353 21.70 30.88 22.96
C ARG L 353 22.75 29.79 22.74
N ALA L 354 22.81 28.78 23.60
CA ALA L 354 24.01 27.94 23.71
C ALA L 354 23.77 26.47 23.35
N VAL L 355 22.52 26.00 23.31
CA VAL L 355 22.25 24.59 23.10
C VAL L 355 21.55 24.34 21.77
N ILE L 356 20.40 24.97 21.56
CA ILE L 356 19.54 24.66 20.43
C ILE L 356 20.27 24.86 19.11
N PRO L 357 20.98 25.99 18.87
CA PRO L 357 21.68 26.19 17.60
C PRO L 357 22.70 25.12 17.23
N HIS L 358 23.24 24.39 18.23
CA HIS L 358 24.33 23.44 18.03
C HIS L 358 23.82 22.00 17.94
N LEU L 359 22.53 21.75 18.14
CA LEU L 359 21.99 20.41 17.99
C LEU L 359 21.84 20.10 16.49
N ARG L 360 22.26 18.88 16.12
CA ARG L 360 22.22 18.43 14.74
C ARG L 360 21.14 17.35 14.60
N TRP L 361 20.02 17.72 13.98
CA TRP L 361 18.92 16.82 13.70
C TRP L 361 19.05 16.22 12.31
N PRO L 362 18.70 14.94 12.09
CA PRO L 362 18.55 14.42 10.72
C PRO L 362 17.51 15.24 9.97
N ALA L 363 17.77 15.53 8.69
CA ALA L 363 17.02 16.52 7.93
C ALA L 363 15.55 16.10 7.74
N ASP L 364 15.34 14.80 7.56
CA ASP L 364 13.98 14.35 7.23
C ASP L 364 13.16 13.94 8.44
N ALA L 365 13.70 14.10 9.66
CA ALA L 365 13.22 13.36 10.82
C ALA L 365 11.74 13.62 11.04
N PRO L 366 10.91 12.58 11.24
CA PRO L 366 9.48 12.79 11.48
C PRO L 366 9.19 13.38 12.85
N VAL L 367 8.21 14.26 12.84
CA VAL L 367 7.83 15.06 13.97
C VAL L 367 6.36 14.75 14.24
N ALA L 368 5.94 14.82 15.50
CA ALA L 368 4.57 14.48 15.90
C ALA L 368 3.61 15.53 15.39
N GLN L 369 2.94 15.21 14.28
CA GLN L 369 1.94 16.03 13.64
C GLN L 369 1.21 15.13 12.62
N ALA L 370 0.00 15.55 12.23
CA ALA L 370 -0.85 14.79 11.35
C ALA L 370 -0.21 14.57 9.97
N MET L 371 -0.35 13.33 9.44
CA MET L 371 0.09 12.96 8.08
C MET L 371 0.11 14.20 7.12
N SER M 34 62.14 -11.55 64.84
CA SER M 34 62.52 -10.25 64.24
C SER M 34 63.86 -10.34 63.52
N SER M 35 64.79 -11.25 63.91
CA SER M 35 66.08 -11.39 63.25
C SER M 35 65.98 -12.10 61.90
N ARG M 36 66.82 -11.66 60.96
CA ARG M 36 66.71 -12.09 59.57
C ARG M 36 67.83 -11.46 58.74
N LEU M 37 68.07 -12.06 57.58
CA LEU M 37 69.00 -11.56 56.57
C LEU M 37 68.78 -12.37 55.30
N GLY M 38 69.10 -11.78 54.16
CA GLY M 38 69.01 -12.48 52.89
C GLY M 38 70.33 -13.14 52.48
N TYR M 39 70.21 -14.31 51.86
CA TYR M 39 71.32 -15.03 51.26
C TYR M 39 71.24 -14.88 49.74
N SER M 40 72.37 -14.51 49.15
CA SER M 40 72.47 -14.35 47.71
C SER M 40 73.06 -15.63 47.11
N ALA M 41 72.27 -16.29 46.26
CA ALA M 41 72.67 -17.53 45.63
C ALA M 41 73.30 -17.25 44.27
N SER M 42 74.63 -17.45 44.20
CA SER M 42 75.42 -17.07 43.04
C SER M 42 75.48 -18.21 42.02
N PHE M 43 74.55 -18.18 41.06
CA PHE M 43 74.47 -19.19 40.01
C PHE M 43 75.68 -19.13 39.10
N GLU M 44 76.35 -17.98 39.05
CA GLU M 44 77.54 -17.86 38.23
C GLU M 44 78.64 -18.78 38.74
N GLN M 45 78.64 -19.07 40.05
CA GLN M 45 79.77 -19.73 40.68
C GLN M 45 79.48 -21.18 41.11
N PHE M 46 78.24 -21.47 41.52
CA PHE M 46 77.97 -22.67 42.29
C PHE M 46 76.95 -23.57 41.62
N HIS M 47 77.24 -24.87 41.66
CA HIS M 47 76.35 -25.88 41.16
C HIS M 47 75.01 -25.74 41.86
N PRO M 48 73.88 -25.83 41.13
CA PRO M 48 72.57 -25.69 41.75
C PRO M 48 72.29 -26.63 42.92
N SER M 49 72.86 -27.85 42.89
CA SER M 49 72.68 -28.78 44.00
C SER M 49 73.34 -28.24 45.27
N ASP M 50 74.51 -27.61 45.12
CA ASP M 50 75.21 -27.02 46.25
C ASP M 50 74.41 -25.83 46.77
N LEU M 51 73.91 -24.98 45.86
CA LEU M 51 73.12 -23.83 46.26
C LEU M 51 71.89 -24.30 47.04
N LEU M 52 71.27 -25.40 46.61
CA LEU M 52 70.08 -25.89 47.29
C LEU M 52 70.42 -26.27 48.73
N ARG M 53 71.49 -27.05 48.92
CA ARG M 53 71.89 -27.50 50.24
C ARG M 53 72.26 -26.30 51.11
N TRP M 54 72.96 -25.31 50.54
CA TRP M 54 73.42 -24.17 51.31
C TRP M 54 72.25 -23.28 51.74
N CYS M 55 71.23 -23.15 50.88
CA CYS M 55 70.05 -22.37 51.24
C CYS M 55 69.32 -23.06 52.39
N GLN M 56 69.25 -24.40 52.36
CA GLN M 56 68.62 -25.15 53.44
C GLN M 56 69.35 -24.89 54.76
N LEU M 57 70.69 -24.84 54.68
CA LEU M 57 71.49 -24.56 55.85
C LEU M 57 71.29 -23.11 56.30
N ALA M 58 71.28 -22.19 55.34
CA ALA M 58 71.10 -20.78 55.63
C ALA M 58 69.80 -20.57 56.41
N GLU M 59 68.73 -21.28 56.02
CA GLU M 59 67.47 -21.20 56.73
C GLU M 59 67.66 -21.62 58.19
N GLN M 60 68.36 -22.75 58.41
CA GLN M 60 68.63 -23.21 59.76
C GLN M 60 69.41 -22.16 60.56
N GLU M 61 70.25 -21.39 59.88
CA GLU M 61 71.19 -20.48 60.53
C GLU M 61 70.60 -19.06 60.67
N GLY M 62 69.35 -18.84 60.28
CA GLY M 62 68.67 -17.58 60.56
C GLY M 62 68.42 -16.69 59.34
N PHE M 63 68.92 -17.08 58.15
CA PHE M 63 68.57 -16.34 56.95
C PHE M 63 67.10 -16.60 56.64
N ASP M 64 66.39 -15.60 56.10
CA ASP M 64 64.95 -15.72 55.86
C ASP M 64 64.58 -15.63 54.38
N SER M 65 65.52 -15.30 53.48
CA SER M 65 65.19 -15.11 52.08
C SER M 65 66.42 -15.30 51.20
N VAL M 66 66.15 -15.57 49.92
CA VAL M 66 67.18 -15.90 48.94
C VAL M 66 66.99 -15.01 47.72
N LEU M 67 68.10 -14.49 47.21
CA LEU M 67 68.16 -13.83 45.93
C LEU M 67 68.90 -14.72 44.97
N ALA M 68 68.27 -15.05 43.84
CA ALA M 68 68.82 -15.97 42.88
C ALA M 68 69.03 -15.29 41.53
N ALA M 69 70.30 -15.25 41.11
CA ALA M 69 70.69 -14.73 39.81
C ALA M 69 70.01 -15.50 38.67
N ASP M 70 69.67 -14.80 37.59
CA ASP M 70 69.10 -15.42 36.40
C ASP M 70 70.07 -15.24 35.25
N HIS M 71 71.03 -16.17 35.14
CA HIS M 71 72.06 -16.08 34.12
C HIS M 71 71.93 -17.26 33.17
N PHE M 72 72.52 -17.08 31.98
CA PHE M 72 72.85 -18.18 31.09
C PHE M 72 74.34 -18.47 31.17
N HIS M 73 75.17 -17.43 31.35
CA HIS M 73 76.60 -17.58 31.42
C HIS M 73 77.15 -16.97 32.71
N PRO M 74 78.25 -17.53 33.25
CA PRO M 74 78.99 -16.87 34.32
C PRO M 74 79.76 -15.70 33.73
N TRP M 75 80.24 -14.80 34.59
CA TRP M 75 81.11 -13.72 34.15
C TRP M 75 82.40 -14.28 33.59
N THR M 76 82.95 -15.30 34.27
CA THR M 76 84.23 -15.89 33.85
C THR M 76 84.12 -17.41 33.87
N PRO M 77 84.95 -18.11 33.06
CA PRO M 77 85.04 -19.57 33.15
C PRO M 77 85.41 -20.09 34.54
N GLU M 78 86.22 -19.33 35.28
CA GLU M 78 86.67 -19.75 36.60
C GLU M 78 85.48 -19.80 37.56
N GLN M 79 84.47 -18.97 37.34
CA GLN M 79 83.26 -19.04 38.14
C GLN M 79 82.53 -20.35 37.84
N GLY M 80 82.29 -20.60 36.55
CA GLY M 80 82.12 -21.97 36.06
C GLY M 80 80.70 -22.51 36.07
N GLN M 81 79.68 -21.72 36.39
CA GLN M 81 78.31 -22.26 36.43
C GLN M 81 77.28 -21.26 35.86
N SER M 82 76.07 -21.76 35.63
CA SER M 82 74.87 -20.97 35.34
C SER M 82 73.67 -21.89 35.19
N GLY M 83 73.11 -22.32 36.33
CA GLY M 83 71.88 -23.09 36.31
C GLY M 83 70.69 -22.25 35.84
N PHE M 84 69.66 -22.94 35.34
CA PHE M 84 68.40 -22.34 34.99
C PHE M 84 67.61 -22.08 36.28
N VAL M 85 67.51 -20.80 36.63
CA VAL M 85 67.05 -20.42 37.96
C VAL M 85 65.62 -20.89 38.21
N TRP M 86 64.78 -20.84 37.17
CA TRP M 86 63.35 -21.07 37.38
C TRP M 86 63.09 -22.49 37.87
N ALA M 87 63.85 -23.47 37.38
CA ALA M 87 63.69 -24.84 37.83
C ALA M 87 64.17 -24.97 39.27
N TRP M 88 65.33 -24.37 39.55
CA TRP M 88 65.91 -24.44 40.88
C TRP M 88 64.96 -23.84 41.93
N LEU M 89 64.26 -22.76 41.57
CA LEU M 89 63.42 -22.08 42.54
C LEU M 89 62.30 -23.00 43.02
N GLY M 90 61.82 -23.87 42.15
CA GLY M 90 60.82 -24.84 42.56
C GLY M 90 61.33 -25.79 43.65
N ALA M 91 62.60 -26.20 43.51
CA ALA M 91 63.23 -27.06 44.49
C ALA M 91 63.40 -26.32 45.83
N LEU M 92 63.82 -25.05 45.74
CA LEU M 92 63.97 -24.23 46.94
C LEU M 92 62.63 -24.09 47.64
N GLY M 93 61.60 -23.74 46.86
CA GLY M 93 60.27 -23.53 47.38
C GLY M 93 59.76 -24.77 48.11
N ALA M 94 60.03 -25.95 47.56
CA ALA M 94 59.42 -27.16 48.07
C ALA M 94 60.17 -27.73 49.27
N THR M 95 61.41 -27.26 49.55
CA THR M 95 62.23 -27.85 50.60
C THR M 95 62.58 -26.85 51.71
N THR M 96 62.07 -25.61 51.64
CA THR M 96 62.32 -24.60 52.66
C THR M 96 61.06 -23.77 52.86
N ARG M 97 61.10 -22.85 53.83
CA ARG M 97 60.06 -21.85 54.02
C ARG M 97 60.60 -20.44 53.74
N LEU M 98 61.80 -20.35 53.19
CA LEU M 98 62.42 -19.10 52.79
C LEU M 98 61.59 -18.34 51.78
N ARG M 99 61.62 -17.01 51.84
CA ARG M 99 61.21 -16.16 50.75
C ARG M 99 62.31 -16.19 49.69
N PHE M 100 61.98 -15.88 48.45
CA PHE M 100 62.97 -15.90 47.39
C PHE M 100 62.54 -15.05 46.21
N GLY M 101 63.51 -14.59 45.43
CA GLY M 101 63.24 -13.80 44.23
C GLY M 101 64.37 -13.92 43.21
N THR M 102 64.06 -13.56 41.96
CA THR M 102 65.03 -13.46 40.91
C THR M 102 65.78 -12.13 41.07
N GLY M 103 67.10 -12.18 40.90
CA GLY M 103 67.89 -10.98 41.07
C GLY M 103 68.92 -10.80 39.96
N VAL M 104 68.52 -10.49 38.71
CA VAL M 104 67.15 -10.27 38.29
C VAL M 104 66.94 -10.95 36.94
N THR M 105 65.67 -11.10 36.53
CA THR M 105 65.32 -11.62 35.22
C THR M 105 65.14 -10.46 34.24
N PRO M 106 65.67 -10.53 33.01
CA PRO M 106 65.37 -9.56 31.97
C PRO M 106 64.19 -10.02 31.11
N PRO M 107 62.97 -9.47 31.34
CA PRO M 107 61.79 -9.95 30.63
C PRO M 107 61.54 -9.22 29.32
N ILE M 108 62.62 -8.97 28.55
CA ILE M 108 62.52 -8.04 27.44
C ILE M 108 62.69 -8.76 26.11
N GLY M 109 62.48 -10.07 26.10
CA GLY M 109 62.22 -10.79 24.86
C GLY M 109 63.47 -11.37 24.20
N PHE M 110 64.59 -11.52 24.91
CA PHE M 110 65.76 -12.19 24.36
C PHE M 110 65.69 -13.64 24.81
N ARG M 111 66.27 -13.96 25.96
CA ARG M 111 66.08 -15.28 26.54
C ARG M 111 64.61 -15.50 26.92
N TYR M 112 63.91 -14.44 27.35
CA TYR M 112 62.59 -14.61 27.95
C TYR M 112 61.60 -13.57 27.42
N HIS M 113 60.46 -14.07 26.94
CA HIS M 113 59.32 -13.25 26.59
C HIS M 113 58.61 -12.85 27.89
N PRO M 114 58.13 -11.59 28.02
CA PRO M 114 57.53 -11.16 29.28
C PRO M 114 56.34 -12.00 29.73
N ALA M 115 55.57 -12.53 28.76
CA ALA M 115 54.43 -13.36 29.12
C ALA M 115 54.88 -14.63 29.85
N ILE M 116 56.05 -15.17 29.48
CA ILE M 116 56.54 -16.39 30.09
C ILE M 116 57.07 -16.09 31.50
N VAL M 117 57.75 -14.97 31.66
CA VAL M 117 58.19 -14.57 32.98
C VAL M 117 56.97 -14.39 33.88
N ALA M 118 55.90 -13.79 33.35
CA ALA M 118 54.70 -13.58 34.12
C ALA M 118 54.13 -14.92 34.59
N GLN M 119 54.09 -15.89 33.69
CA GLN M 119 53.52 -17.20 34.00
C GLN M 119 54.37 -17.89 35.05
N ALA M 120 55.70 -17.81 34.89
CA ALA M 120 56.61 -18.45 35.83
C ALA M 120 56.44 -17.85 37.22
N ALA M 121 56.36 -16.52 37.29
CA ALA M 121 56.20 -15.82 38.55
C ALA M 121 54.89 -16.20 39.21
N ALA M 122 53.82 -16.22 38.43
CA ALA M 122 52.50 -16.56 38.96
C ALA M 122 52.49 -17.99 39.48
N THR M 123 53.18 -18.91 38.79
CA THR M 123 53.20 -20.30 39.22
C THR M 123 53.93 -20.42 40.55
N LEU M 124 55.10 -19.77 40.66
CA LEU M 124 55.88 -19.83 41.88
C LEU M 124 55.07 -19.28 43.05
N GLU M 125 54.44 -18.12 42.86
CA GLU M 125 53.68 -17.51 43.95
C GLU M 125 52.45 -18.38 44.27
N ALA M 126 51.84 -18.99 43.26
CA ALA M 126 50.68 -19.83 43.49
C ALA M 126 51.06 -21.06 44.32
N MET M 127 52.27 -21.60 44.06
CA MET M 127 52.74 -22.79 44.76
C MET M 127 53.25 -22.43 46.15
N PHE M 128 53.87 -21.24 46.28
CA PHE M 128 54.52 -20.85 47.53
C PHE M 128 54.00 -19.47 47.94
N PRO M 129 52.71 -19.34 48.30
CA PRO M 129 52.12 -18.01 48.49
C PRO M 129 52.82 -17.26 49.62
N GLY M 130 53.03 -15.96 49.38
CA GLY M 130 53.66 -15.07 50.35
C GLY M 130 55.19 -15.12 50.29
N ARG M 131 55.78 -15.85 49.34
CA ARG M 131 57.20 -16.15 49.40
C ARG M 131 57.98 -15.61 48.21
N PHE M 132 57.36 -15.39 47.06
CA PHE M 132 58.11 -15.04 45.85
C PHE M 132 58.03 -13.55 45.59
N TRP M 133 59.14 -12.96 45.13
CA TRP M 133 59.13 -11.62 44.55
C TRP M 133 59.82 -11.64 43.19
N LEU M 134 59.23 -10.95 42.20
CA LEU M 134 59.72 -10.98 40.84
C LEU M 134 60.69 -9.81 40.64
N GLY M 135 61.98 -10.11 40.66
CA GLY M 135 62.99 -9.11 40.36
C GLY M 135 63.33 -9.11 38.87
N ILE M 136 63.26 -7.91 38.26
CA ILE M 136 63.49 -7.74 36.83
C ILE M 136 64.47 -6.61 36.59
N GLY M 137 65.10 -6.63 35.40
CA GLY M 137 66.06 -5.61 34.99
C GLY M 137 66.25 -5.60 33.48
N ALA M 138 67.10 -4.69 32.98
CA ALA M 138 67.24 -4.42 31.56
C ALA M 138 68.21 -5.38 30.87
N GLY M 139 68.90 -6.21 31.65
CA GLY M 139 69.64 -7.34 31.12
C GLY M 139 71.05 -6.97 30.66
N GLU M 140 71.88 -8.01 30.46
CA GLU M 140 73.23 -7.88 29.97
C GLU M 140 73.45 -8.79 28.76
N ALA M 141 74.31 -8.30 27.86
CA ALA M 141 74.62 -9.05 26.65
C ALA M 141 75.19 -10.42 27.01
N LEU M 142 75.95 -10.50 28.09
CA LEU M 142 76.55 -11.75 28.55
C LEU M 142 75.54 -12.91 28.45
N ASN M 143 74.29 -12.64 28.85
CA ASN M 143 73.27 -13.68 28.84
C ASN M 143 72.37 -13.58 27.60
N GLU M 144 72.03 -12.37 27.15
CA GLU M 144 71.00 -12.22 26.14
C GLU M 144 71.54 -12.42 24.71
N HIS M 145 72.86 -12.30 24.52
CA HIS M 145 73.41 -12.28 23.17
C HIS M 145 73.27 -13.63 22.47
N ILE M 146 73.00 -14.69 23.23
CA ILE M 146 72.98 -16.02 22.66
C ILE M 146 71.92 -16.15 21.57
N VAL M 147 70.86 -15.34 21.61
CA VAL M 147 69.76 -15.50 20.65
C VAL M 147 70.03 -14.70 19.37
N GLY M 148 71.14 -13.96 19.30
CA GLY M 148 71.61 -13.39 18.06
C GLY M 148 70.77 -12.24 17.52
N ARG M 149 70.30 -11.36 18.41
CA ARG M 149 69.46 -10.23 18.00
C ARG M 149 70.11 -8.89 18.32
N TYR M 150 69.61 -7.84 17.67
CA TYR M 150 70.04 -6.48 17.91
C TYR M 150 69.98 -6.17 19.40
N TRP M 151 71.09 -5.65 19.94
CA TRP M 151 71.19 -5.33 21.36
C TRP M 151 71.13 -3.82 21.54
N PRO M 152 70.00 -3.27 22.02
CA PRO M 152 69.83 -1.81 22.12
C PRO M 152 70.72 -1.20 23.20
N GLU M 153 70.97 0.10 23.05
CA GLU M 153 71.63 0.86 24.09
C GLU M 153 70.81 0.82 25.38
N PRO M 154 71.44 1.05 26.55
CA PRO M 154 70.74 1.04 27.84
C PRO M 154 69.43 1.83 27.87
N ALA M 155 69.41 3.06 27.34
CA ALA M 155 68.19 3.86 27.44
C ALA M 155 67.03 3.20 26.69
N GLU M 156 67.35 2.57 25.55
CA GLU M 156 66.32 1.87 24.80
C GLU M 156 65.88 0.61 25.56
N ARG M 157 66.80 -0.09 26.21
CA ARG M 157 66.42 -1.29 26.94
C ARG M 157 65.52 -0.92 28.11
N ILE M 158 65.72 0.27 28.69
CA ILE M 158 64.85 0.76 29.75
C ILE M 158 63.43 0.88 29.20
N ARG M 159 63.28 1.42 27.98
CA ARG M 159 61.96 1.53 27.38
C ARG M 159 61.36 0.14 27.19
N MET M 160 62.19 -0.84 26.83
CA MET M 160 61.71 -2.20 26.67
C MET M 160 61.24 -2.74 28.02
N LEU M 161 62.01 -2.47 29.07
CA LEU M 161 61.69 -2.96 30.40
C LEU M 161 60.35 -2.40 30.86
N ILE M 162 60.12 -1.11 30.60
CA ILE M 162 58.90 -0.44 31.01
C ILE M 162 57.70 -1.09 30.30
N GLU M 163 57.84 -1.42 29.01
CA GLU M 163 56.76 -2.07 28.30
C GLU M 163 56.55 -3.48 28.85
N ALA M 164 57.65 -4.18 29.18
CA ALA M 164 57.52 -5.53 29.73
C ALA M 164 56.77 -5.50 31.05
N ILE M 165 57.02 -4.48 31.88
CA ILE M 165 56.33 -4.32 33.14
C ILE M 165 54.82 -4.24 32.90
N GLU M 166 54.44 -3.47 31.87
CA GLU M 166 53.05 -3.32 31.49
C GLU M 166 52.46 -4.69 31.17
N VAL M 167 53.18 -5.49 30.38
CA VAL M 167 52.70 -6.80 29.96
C VAL M 167 52.50 -7.68 31.20
N ILE M 168 53.50 -7.70 32.08
CA ILE M 168 53.43 -8.57 33.25
C ILE M 168 52.25 -8.16 34.14
N GLN M 169 52.09 -6.85 34.36
CA GLN M 169 51.03 -6.33 35.22
C GLN M 169 49.65 -6.68 34.63
N LYS M 170 49.48 -6.53 33.32
CA LYS M 170 48.23 -6.90 32.68
C LYS M 170 47.94 -8.38 32.91
N LEU M 171 48.94 -9.24 32.71
CA LEU M 171 48.72 -10.68 32.86
C LEU M 171 48.38 -11.00 34.31
N PHE M 172 49.00 -10.27 35.26
CA PHE M 172 48.76 -10.51 36.67
C PHE M 172 47.34 -10.16 37.09
N THR M 173 46.56 -9.44 36.28
CA THR M 173 45.16 -9.16 36.61
C THR M 173 44.32 -10.44 36.56
N GLY M 174 44.79 -11.48 35.85
CA GLY M 174 44.06 -12.73 35.77
C GLY M 174 42.97 -12.71 34.69
N LYS M 175 42.91 -11.64 33.88
CA LYS M 175 41.96 -11.59 32.79
C LYS M 175 42.64 -12.01 31.50
N VAL M 176 41.81 -12.23 30.47
CA VAL M 176 42.28 -12.39 29.11
C VAL M 176 42.75 -11.01 28.65
N ILE M 177 44.02 -10.91 28.27
CA ILE M 177 44.54 -9.62 27.84
C ILE M 177 45.19 -9.75 26.47
N ARG M 178 45.22 -8.61 25.78
CA ARG M 178 45.90 -8.43 24.52
C ARG M 178 46.82 -7.22 24.70
N HIS M 179 47.94 -7.21 23.99
CA HIS M 179 48.88 -6.10 24.09
C HIS M 179 49.56 -5.92 22.75
N GLU M 180 49.66 -4.66 22.32
CA GLU M 180 50.46 -4.31 21.16
C GLU M 180 51.18 -3.01 21.47
N GLY M 181 52.51 -3.07 21.61
CA GLY M 181 53.33 -1.89 21.82
C GLY M 181 54.50 -1.88 20.85
N VAL M 182 55.46 -1.00 21.12
CA VAL M 182 56.62 -0.87 20.25
C VAL M 182 57.39 -2.19 20.22
N TYR M 183 57.52 -2.87 21.38
CA TYR M 183 58.45 -3.99 21.48
C TYR M 183 57.76 -5.36 21.58
N PHE M 184 56.54 -5.43 22.13
CA PHE M 184 55.94 -6.73 22.40
C PHE M 184 54.53 -6.80 21.82
N LYS M 185 54.20 -7.99 21.32
CA LYS M 185 52.85 -8.30 20.87
C LYS M 185 52.40 -9.52 21.66
N VAL M 186 51.26 -9.38 22.34
CA VAL M 186 50.67 -10.48 23.07
C VAL M 186 49.26 -10.68 22.54
N GLU M 187 49.01 -11.87 21.98
CA GLU M 187 47.67 -12.27 21.58
C GLU M 187 46.93 -12.73 22.84
N SER M 188 45.60 -12.86 22.71
CA SER M 188 44.74 -13.25 23.81
C SER M 188 45.44 -14.25 24.73
N ALA M 189 45.74 -13.79 25.96
CA ALA M 189 46.49 -14.57 26.91
C ALA M 189 45.96 -14.33 28.31
N LYS M 190 45.90 -15.42 29.08
CA LYS M 190 45.43 -15.37 30.45
C LYS M 190 46.23 -16.37 31.28
N LEU M 191 46.58 -15.94 32.50
CA LEU M 191 47.20 -16.81 33.49
C LEU M 191 46.09 -17.49 34.29
N TYR M 192 45.84 -18.78 34.02
CA TYR M 192 44.81 -19.54 34.72
C TYR M 192 45.32 -19.99 36.09
N THR M 193 46.63 -20.23 36.21
CA THR M 193 47.25 -20.61 37.48
C THR M 193 47.85 -19.34 38.09
N MET M 194 47.20 -18.88 39.16
CA MET M 194 47.36 -17.53 39.67
CA MET M 194 47.36 -17.54 39.68
C MET M 194 47.27 -17.60 41.19
N PRO M 195 48.13 -16.87 41.95
CA PRO M 195 47.89 -16.73 43.39
C PRO M 195 46.71 -15.79 43.60
N ASP M 196 46.17 -15.77 44.83
CA ASP M 196 45.10 -14.86 45.17
C ASP M 196 45.60 -13.43 44.98
N VAL M 197 46.85 -13.18 45.34
CA VAL M 197 47.45 -11.86 45.24
C VAL M 197 48.78 -11.99 44.50
N PRO M 198 49.06 -11.13 43.50
CA PRO M 198 50.27 -11.26 42.68
C PRO M 198 51.53 -11.03 43.50
N PRO M 199 52.68 -11.63 43.10
CA PRO M 199 53.94 -11.31 43.73
C PRO M 199 54.31 -9.88 43.35
N PRO M 200 55.07 -9.18 44.19
CA PRO M 200 55.48 -7.79 43.89
C PRO M 200 56.53 -7.83 42.77
N ILE M 201 56.50 -6.77 41.95
CA ILE M 201 57.52 -6.57 40.94
C ILE M 201 58.56 -5.59 41.48
N ILE M 202 59.80 -6.10 41.51
CA ILE M 202 60.95 -5.38 42.02
C ILE M 202 61.88 -5.11 40.84
N VAL M 203 62.33 -3.87 40.67
CA VAL M 203 63.28 -3.55 39.63
C VAL M 203 64.68 -3.47 40.21
N GLY M 204 65.62 -4.20 39.59
CA GLY M 204 67.03 -4.08 39.90
C GLY M 204 67.70 -3.05 38.97
N THR M 205 68.20 -1.96 39.55
CA THR M 205 68.84 -0.91 38.79
C THR M 205 69.80 -0.13 39.71
N ALA M 206 70.79 0.51 39.09
CA ALA M 206 71.70 1.45 39.73
C ALA M 206 71.60 2.83 39.08
N GLY M 207 70.59 3.03 38.23
CA GLY M 207 70.40 4.31 37.55
C GLY M 207 69.41 5.21 38.28
N PRO M 208 69.75 6.47 38.57
CA PRO M 208 68.80 7.41 39.16
C PRO M 208 67.47 7.51 38.43
N TYR M 209 67.51 7.57 37.09
CA TYR M 209 66.30 7.73 36.30
C TYR M 209 65.40 6.51 36.55
N MET M 210 65.94 5.29 36.40
CA MET M 210 65.12 4.10 36.47
C MET M 210 64.65 3.86 37.91
N ALA M 211 65.45 4.32 38.90
CA ALA M 211 65.05 4.22 40.30
C ALA M 211 63.76 5.00 40.53
N LYS M 212 63.69 6.22 39.98
CA LYS M 212 62.48 7.03 40.07
C LYS M 212 61.32 6.31 39.40
N LYS M 213 61.55 5.79 38.20
CA LYS M 213 60.52 5.08 37.46
C LYS M 213 60.04 3.84 38.23
N THR M 214 60.96 3.18 38.94
CA THR M 214 60.64 2.01 39.70
C THR M 214 59.61 2.37 40.78
N GLY M 215 59.86 3.49 41.46
CA GLY M 215 58.93 3.98 42.46
C GLY M 215 57.56 4.29 41.86
N GLN M 216 57.57 4.89 40.68
CA GLN M 216 56.35 5.26 40.01
C GLN M 216 55.55 4.01 39.55
N LEU M 217 56.20 3.01 38.99
CA LEU M 217 55.53 1.97 38.19
C LEU M 217 55.46 0.60 38.87
N CYS M 218 56.36 0.37 39.85
CA CYS M 218 56.56 -0.96 40.39
C CYS M 218 56.31 -0.98 41.90
N ASP M 219 56.70 -2.10 42.53
CA ASP M 219 56.38 -2.28 43.95
C ASP M 219 57.61 -2.10 44.84
N GLY M 220 58.83 -2.15 44.27
CA GLY M 220 60.00 -2.02 45.10
C GLY M 220 61.29 -1.93 44.29
N LEU M 221 62.38 -1.63 45.01
CA LEU M 221 63.68 -1.37 44.41
C LEU M 221 64.69 -2.38 44.91
N LEU M 222 65.52 -2.88 43.98
CA LEU M 222 66.70 -3.67 44.30
C LEU M 222 67.89 -2.97 43.65
N THR M 223 68.93 -2.72 44.45
CA THR M 223 70.11 -2.07 43.91
C THR M 223 71.34 -2.79 44.44
N PRO M 224 72.50 -2.71 43.74
CA PRO M 224 73.74 -3.28 44.26
C PRO M 224 74.41 -2.36 45.27
N GLY M 225 75.34 -2.95 46.02
CA GLY M 225 76.25 -2.27 46.92
C GLY M 225 77.00 -1.20 46.15
N ALA M 226 77.10 -0.04 46.79
CA ALA M 226 77.82 1.11 46.27
C ALA M 226 78.05 2.01 47.48
N ASN M 227 78.77 3.12 47.27
CA ASN M 227 79.05 4.03 48.36
C ASN M 227 77.74 4.69 48.83
N ASP M 228 77.81 5.28 50.03
CA ASP M 228 76.64 5.85 50.70
C ASP M 228 75.98 6.92 49.84
N GLU M 229 76.77 7.79 49.20
CA GLU M 229 76.23 8.89 48.41
C GLU M 229 75.35 8.35 47.28
N LYS M 230 75.81 7.31 46.59
CA LYS M 230 75.07 6.77 45.46
C LYS M 230 73.79 6.07 45.95
N LEU M 231 73.87 5.34 47.07
CA LEU M 231 72.73 4.63 47.63
C LEU M 231 71.66 5.63 48.08
N ARG M 232 72.08 6.72 48.73
CA ARG M 232 71.14 7.74 49.17
C ARG M 232 70.40 8.36 47.97
N LEU M 233 71.12 8.59 46.87
CA LEU M 233 70.53 9.18 45.69
C LEU M 233 69.46 8.24 45.13
N LEU M 234 69.81 6.95 45.01
CA LEU M 234 68.88 5.98 44.46
C LEU M 234 67.65 5.85 45.35
N LEU M 235 67.83 5.77 46.67
CA LEU M 235 66.70 5.73 47.58
C LEU M 235 65.83 6.96 47.41
N SER M 236 66.45 8.14 47.35
CA SER M 236 65.71 9.39 47.26
C SER M 236 64.90 9.44 45.95
N ARG M 237 65.51 9.02 44.85
CA ARG M 237 64.84 9.01 43.56
C ARG M 237 63.63 8.07 43.58
N PHE M 238 63.84 6.88 44.16
CA PHE M 238 62.77 5.90 44.30
C PHE M 238 61.62 6.48 45.10
N GLU M 239 61.93 7.14 46.22
CA GLU M 239 60.90 7.67 47.11
C GLU M 239 60.10 8.76 46.40
N GLU M 240 60.82 9.65 45.71
CA GLU M 240 60.21 10.75 44.96
C GLU M 240 59.26 10.21 43.90
N GLY M 241 59.69 9.19 43.17
CA GLY M 241 58.88 8.56 42.12
C GLY M 241 57.58 7.98 42.67
N ALA M 242 57.69 7.28 43.79
CA ALA M 242 56.53 6.70 44.46
C ALA M 242 55.57 7.82 44.91
N ARG M 243 56.13 8.86 45.54
CA ARG M 243 55.30 9.93 46.07
C ARG M 243 54.57 10.68 44.96
N ALA M 244 55.27 10.98 43.86
CA ALA M 244 54.67 11.68 42.75
C ALA M 244 53.55 10.84 42.11
N ALA M 245 53.58 9.51 42.29
CA ALA M 245 52.51 8.66 41.77
C ALA M 245 51.44 8.37 42.83
N GLY M 246 51.47 9.08 43.96
CA GLY M 246 50.44 8.95 44.98
C GLY M 246 50.64 7.72 45.89
N LYS M 247 51.80 7.07 45.83
CA LYS M 247 52.04 5.86 46.62
C LYS M 247 52.77 6.21 47.90
N ASP M 248 52.74 5.29 48.88
CA ASP M 248 53.45 5.47 50.13
C ASP M 248 54.75 4.65 50.11
N PRO M 249 55.93 5.28 49.91
CA PRO M 249 57.19 4.55 49.82
C PRO M 249 57.66 3.86 51.10
N ARG M 250 57.07 4.25 52.24
CA ARG M 250 57.42 3.64 53.50
C ARG M 250 56.96 2.19 53.55
N ARG M 251 55.96 1.83 52.72
CA ARG M 251 55.43 0.47 52.68
C ARG M 251 55.99 -0.31 51.48
N MET M 252 56.97 0.25 50.78
CA MET M 252 57.52 -0.38 49.59
C MET M 252 58.92 -0.88 49.89
N PRO M 253 59.26 -2.14 49.55
CA PRO M 253 60.60 -2.67 49.84
C PRO M 253 61.71 -1.89 49.14
N ARG M 254 62.80 -1.67 49.87
CA ARG M 254 64.03 -1.13 49.35
C ARG M 254 65.13 -2.13 49.70
N MET M 255 65.61 -2.83 48.66
CA MET M 255 66.42 -4.01 48.84
C MET M 255 67.79 -3.70 48.27
N ILE M 256 68.82 -4.24 48.94
CA ILE M 256 70.18 -4.07 48.43
C ILE M 256 70.83 -5.45 48.42
N GLN M 257 71.60 -5.68 47.34
CA GLN M 257 72.43 -6.86 47.22
C GLN M 257 73.88 -6.44 47.39
N VAL M 258 74.57 -7.01 48.39
CA VAL M 258 75.93 -6.65 48.70
C VAL M 258 76.81 -7.86 48.42
N HIS M 259 78.04 -7.55 48.02
CA HIS M 259 79.07 -8.55 47.83
C HIS M 259 80.09 -8.35 48.95
N VAL M 260 80.35 -9.45 49.67
CA VAL M 260 81.33 -9.42 50.72
C VAL M 260 82.30 -10.57 50.47
N SER M 261 83.43 -10.49 51.16
CA SER M 261 84.37 -11.60 51.23
C SER M 261 84.72 -11.78 52.70
N TRP M 262 84.16 -12.85 53.30
CA TRP M 262 84.59 -13.30 54.61
C TRP M 262 85.44 -14.55 54.43
N ALA M 263 86.50 -14.64 55.24
CA ALA M 263 87.37 -15.79 55.28
C ALA M 263 88.11 -15.78 56.62
N GLU M 264 88.99 -16.75 56.80
CA GLU M 264 89.60 -16.96 58.11
C GLU M 264 90.60 -15.82 58.38
N THR M 265 91.21 -15.28 57.32
CA THR M 265 92.08 -14.11 57.42
C THR M 265 91.66 -13.07 56.38
N ASP M 266 92.05 -11.82 56.63
CA ASP M 266 91.89 -10.73 55.68
C ASP M 266 92.56 -11.09 54.36
N GLU M 267 93.76 -11.68 54.44
CA GLU M 267 94.52 -12.00 53.25
C GLU M 267 93.73 -12.96 52.34
N GLN M 268 93.12 -13.99 52.93
N GLN M 268 93.12 -13.99 52.93
CA GLN M 268 92.34 -14.96 52.18
CA GLN M 268 92.33 -14.96 52.18
C GLN M 268 91.09 -14.27 51.60
C GLN M 268 91.09 -14.27 51.60
N ALA M 269 90.50 -13.34 52.36
CA ALA M 269 89.30 -12.64 51.91
C ALA M 269 89.59 -11.83 50.65
N ILE M 270 90.76 -11.18 50.64
CA ILE M 270 91.18 -10.38 49.50
C ILE M 270 91.42 -11.30 48.29
N GLU M 271 92.15 -12.41 48.51
CA GLU M 271 92.48 -13.33 47.45
C GLU M 271 91.21 -13.91 46.82
N ASN M 272 90.23 -14.25 47.68
CA ASN M 272 88.98 -14.83 47.23
C ASN M 272 88.25 -13.87 46.30
N ALA M 273 88.24 -12.58 46.63
CA ALA M 273 87.56 -11.59 45.81
C ALA M 273 88.21 -11.50 44.42
N LEU M 274 89.55 -11.41 44.38
CA LEU M 274 90.28 -11.33 43.11
C LEU M 274 90.01 -12.53 42.22
N ARG M 275 90.05 -13.73 42.82
CA ARG M 275 90.00 -14.96 42.05
C ARG M 275 88.57 -15.23 41.58
N GLU M 276 87.58 -14.99 42.46
CA GLU M 276 86.22 -15.46 42.24
C GLU M 276 85.32 -14.39 41.62
N TRP M 277 85.61 -13.10 41.87
CA TRP M 277 84.66 -12.06 41.57
C TRP M 277 85.35 -10.80 41.03
N PRO M 278 86.23 -10.93 40.03
CA PRO M 278 86.93 -9.76 39.48
C PRO M 278 85.98 -8.74 38.87
N ASN M 279 84.81 -9.20 38.43
CA ASN M 279 83.78 -8.33 37.90
C ASN M 279 83.33 -7.31 38.97
N GLY M 280 83.48 -7.69 40.26
CA GLY M 280 83.23 -6.78 41.35
C GLY M 280 84.19 -5.59 41.36
N GLY M 281 85.37 -5.73 40.73
CA GLY M 281 86.32 -4.65 40.65
C GLY M 281 86.29 -3.91 39.30
N MET M 282 85.22 -4.14 38.53
CA MET M 282 85.08 -3.53 37.22
C MET M 282 84.04 -2.40 37.32
N ALA M 283 84.52 -1.21 37.71
CA ALA M 283 83.66 -0.05 37.88
C ALA M 283 83.49 0.64 36.53
N PHE M 284 82.74 -0.01 35.64
CA PHE M 284 82.48 0.50 34.31
C PHE M 284 81.29 -0.26 33.73
N PRO M 285 80.61 0.26 32.70
CA PRO M 285 79.40 -0.40 32.19
C PRO M 285 79.79 -1.73 31.53
N LYS M 286 79.05 -2.78 31.88
CA LYS M 286 79.40 -4.14 31.48
C LYS M 286 78.33 -4.78 30.59
N GLY M 287 77.32 -4.00 30.21
CA GLY M 287 76.10 -4.55 29.63
C GLY M 287 76.24 -4.99 28.17
N ASP M 288 77.34 -4.61 27.51
CA ASP M 288 77.54 -4.91 26.10
C ASP M 288 78.52 -6.08 25.88
N ILE M 289 79.18 -6.56 26.95
CA ILE M 289 80.23 -7.55 26.82
C ILE M 289 79.61 -8.95 26.73
N ARG M 290 79.97 -9.69 25.68
CA ARG M 290 79.21 -10.86 25.28
C ARG M 290 79.69 -12.15 25.94
N ASN M 291 81.00 -12.31 26.12
CA ASN M 291 81.57 -13.63 26.40
C ASN M 291 82.24 -13.70 27.76
N PRO M 292 82.13 -14.84 28.47
CA PRO M 292 82.95 -15.08 29.67
C PRO M 292 84.44 -14.86 29.42
N GLU M 293 84.91 -15.23 28.23
CA GLU M 293 86.31 -15.08 27.87
C GLU M 293 86.70 -13.60 27.80
N ASP M 294 85.74 -12.71 27.48
CA ASP M 294 86.02 -11.29 27.42
C ASP M 294 86.26 -10.77 28.85
N PHE M 295 85.33 -11.08 29.77
CA PHE M 295 85.51 -10.68 31.15
C PHE M 295 86.77 -11.29 31.73
N GLN M 296 87.07 -12.54 31.35
CA GLN M 296 88.23 -13.25 31.85
C GLN M 296 89.50 -12.46 31.50
N ALA M 297 89.59 -11.97 30.26
CA ALA M 297 90.76 -11.21 29.85
C ALA M 297 90.79 -9.85 30.56
N MET M 298 89.63 -9.25 30.77
CA MET M 298 89.54 -7.97 31.46
C MET M 298 89.91 -8.13 32.94
N ALA M 299 89.63 -9.31 33.51
CA ALA M 299 89.90 -9.60 34.92
C ALA M 299 91.39 -9.43 35.24
N ARG M 300 92.27 -9.67 34.26
CA ARG M 300 93.70 -9.59 34.47
C ARG M 300 94.13 -8.19 34.91
N LEU M 301 93.28 -7.18 34.70
CA LEU M 301 93.58 -5.81 35.07
C LEU M 301 93.14 -5.50 36.51
N VAL M 302 92.28 -6.34 37.11
CA VAL M 302 91.67 -5.98 38.36
C VAL M 302 92.64 -6.19 39.52
N ARG M 303 92.67 -5.22 40.44
CA ARG M 303 93.51 -5.24 41.62
C ARG M 303 92.64 -4.95 42.84
N PRO M 304 93.12 -5.27 44.07
CA PRO M 304 92.32 -5.06 45.29
C PRO M 304 91.69 -3.67 45.44
N GLU M 305 92.43 -2.60 45.08
CA GLU M 305 91.95 -1.23 45.17
C GLU M 305 90.58 -1.07 44.49
N HIS M 306 90.36 -1.79 43.38
CA HIS M 306 89.19 -1.57 42.53
C HIS M 306 87.90 -2.05 43.20
N PHE M 307 88.00 -2.77 44.32
CA PHE M 307 86.86 -3.30 45.03
C PHE M 307 86.35 -2.37 46.13
N GLN M 308 87.01 -1.24 46.39
CA GLN M 308 86.60 -0.41 47.52
C GLN M 308 85.20 0.14 47.26
N GLY M 309 84.31 -0.04 48.25
CA GLY M 309 82.91 0.37 48.16
C GLY M 309 82.03 -0.65 47.41
N ARG M 310 82.64 -1.72 46.89
CA ARG M 310 81.94 -2.68 46.05
C ARG M 310 81.95 -4.06 46.71
N VAL M 311 83.04 -4.37 47.45
CA VAL M 311 83.21 -5.65 48.12
C VAL M 311 83.97 -5.43 49.42
N LEU M 312 83.29 -5.70 50.54
CA LEU M 312 83.91 -5.69 51.85
C LEU M 312 84.74 -6.95 52.03
N MET M 313 86.03 -6.78 52.33
CA MET M 313 86.98 -7.89 52.39
C MET M 313 87.61 -7.91 53.79
N THR M 314 87.08 -8.74 54.68
CA THR M 314 87.64 -8.85 56.02
C THR M 314 87.15 -10.12 56.72
N SER M 315 87.99 -10.63 57.64
CA SER M 315 87.67 -11.75 58.50
C SER M 315 86.92 -11.29 59.74
N ASP M 316 86.88 -9.98 59.97
CA ASP M 316 86.33 -9.43 61.20
C ASP M 316 84.80 -9.37 61.07
N LEU M 317 84.12 -10.27 61.78
CA LEU M 317 82.68 -10.41 61.66
C LEU M 317 81.95 -9.24 62.33
N ASP M 318 82.61 -8.56 63.28
CA ASP M 318 82.03 -7.34 63.84
C ASP M 318 81.88 -6.29 62.74
N ARG M 319 82.85 -6.20 61.82
CA ARG M 319 82.85 -5.19 60.77
C ARG M 319 81.78 -5.53 59.74
N HIS M 320 81.55 -6.84 59.49
CA HIS M 320 80.45 -7.27 58.64
C HIS M 320 79.13 -6.81 59.26
N GLY M 321 78.98 -7.00 60.58
CA GLY M 321 77.78 -6.62 61.31
C GLY M 321 77.48 -5.13 61.18
N GLU M 322 78.50 -4.30 61.40
CA GLU M 322 78.37 -2.85 61.36
C GLU M 322 78.04 -2.39 59.94
N PHE M 323 78.69 -2.99 58.95
CA PHE M 323 78.46 -2.66 57.55
C PHE M 323 77.00 -2.90 57.20
N LEU M 324 76.43 -4.03 57.63
CA LEU M 324 75.05 -4.38 57.31
C LEU M 324 74.09 -3.48 58.09
N GLN M 325 74.37 -3.24 59.37
CA GLN M 325 73.53 -2.38 60.19
C GLN M 325 73.43 -0.97 59.58
N HIS M 326 74.55 -0.46 59.10
CA HIS M 326 74.62 0.86 58.46
C HIS M 326 73.64 0.90 57.29
N LEU M 327 73.52 -0.17 56.51
CA LEU M 327 72.64 -0.19 55.36
C LEU M 327 71.18 -0.18 55.80
N ILE M 328 70.87 -0.88 56.89
CA ILE M 328 69.53 -0.82 57.46
C ILE M 328 69.20 0.62 57.83
N ASP M 329 70.17 1.27 58.49
CA ASP M 329 70.02 2.62 59.00
C ASP M 329 69.81 3.61 57.85
N LEU M 330 70.40 3.35 56.65
CA LEU M 330 70.19 4.18 55.48
C LEU M 330 68.76 4.11 54.99
N GLY M 331 68.08 2.99 55.28
CA GLY M 331 66.70 2.81 54.89
C GLY M 331 66.46 1.56 54.05
N PHE M 332 67.42 0.67 53.90
CA PHE M 332 67.19 -0.59 53.22
C PHE M 332 66.44 -1.52 54.17
N THR M 333 65.40 -2.18 53.63
CA THR M 333 64.48 -2.99 54.40
C THR M 333 64.81 -4.47 54.24
N GLU M 334 65.64 -4.79 53.23
CA GLU M 334 66.19 -6.12 53.07
C GLU M 334 67.59 -6.02 52.50
N ILE M 335 68.45 -6.93 52.98
CA ILE M 335 69.81 -7.04 52.47
C ILE M 335 70.03 -8.50 52.08
N TYR M 336 70.56 -8.69 50.86
CA TYR M 336 70.94 -9.99 50.35
C TYR M 336 72.46 -10.00 50.26
N VAL M 337 73.09 -10.95 50.96
CA VAL M 337 74.54 -11.01 51.06
C VAL M 337 75.08 -12.12 50.20
N HIS M 338 75.98 -11.75 49.30
CA HIS M 338 76.75 -12.65 48.46
C HIS M 338 78.18 -12.68 48.98
N ASN M 339 78.56 -13.81 49.59
CA ASN M 339 79.96 -14.05 49.90
C ASN M 339 80.64 -14.56 48.64
N VAL M 340 81.72 -13.90 48.22
CA VAL M 340 82.33 -14.19 46.93
C VAL M 340 83.16 -15.47 47.00
N GLY M 341 83.58 -15.87 48.22
CA GLY M 341 84.45 -17.03 48.36
C GLY M 341 83.69 -18.34 48.14
N ARG M 342 84.46 -19.40 47.87
CA ARG M 342 83.93 -20.76 47.72
C ARG M 342 83.53 -21.34 49.08
N ASN M 343 83.89 -20.66 50.17
CA ASN M 343 83.65 -21.11 51.54
C ASN M 343 82.23 -20.74 51.99
N GLN M 344 81.22 -21.20 51.25
CA GLN M 344 79.85 -20.80 51.48
C GLN M 344 79.33 -21.34 52.80
N GLU M 345 79.57 -22.62 53.07
CA GLU M 345 79.07 -23.24 54.28
C GLU M 345 79.62 -22.49 55.51
N GLU M 346 80.92 -22.19 55.47
CA GLU M 346 81.62 -21.59 56.61
C GLU M 346 81.09 -20.16 56.80
N PHE M 347 80.88 -19.46 55.68
CA PHE M 347 80.34 -18.12 55.70
C PHE M 347 78.95 -18.12 56.34
N ILE M 348 78.10 -19.05 55.91
CA ILE M 348 76.74 -19.14 56.40
C ILE M 348 76.75 -19.36 57.92
N ARG M 349 77.61 -20.26 58.41
CA ARG M 349 77.63 -20.57 59.83
C ARG M 349 78.18 -19.40 60.63
N ALA M 350 79.19 -18.72 60.08
CA ALA M 350 79.78 -17.57 60.74
C ALA M 350 78.77 -16.42 60.87
N TYR M 351 78.04 -16.15 59.79
CA TYR M 351 77.01 -15.11 59.82
C TYR M 351 75.89 -15.50 60.79
N GLY M 352 75.51 -16.78 60.77
CA GLY M 352 74.44 -17.26 61.63
C GLY M 352 74.78 -17.11 63.12
N ARG M 353 76.05 -17.31 63.47
CA ARG M 353 76.52 -17.26 64.84
C ARG M 353 76.78 -15.81 65.27
N ALA M 354 77.40 -14.99 64.41
CA ALA M 354 78.04 -13.75 64.85
C ALA M 354 77.40 -12.49 64.28
N VAL M 355 76.61 -12.58 63.21
CA VAL M 355 76.13 -11.37 62.53
C VAL M 355 74.61 -11.26 62.67
N ILE M 356 73.89 -12.28 62.20
CA ILE M 356 72.44 -12.18 62.08
C ILE M 356 71.77 -11.88 63.41
N PRO M 357 72.11 -12.56 64.53
CA PRO M 357 71.47 -12.28 65.81
C PRO M 357 71.59 -10.82 66.30
N HIS M 358 72.61 -10.08 65.83
CA HIS M 358 72.86 -8.73 66.31
C HIS M 358 72.28 -7.64 65.39
N LEU M 359 71.71 -8.01 64.24
CA LEU M 359 71.14 -7.01 63.35
C LEU M 359 69.78 -6.53 63.87
N ARG M 360 69.57 -5.22 63.87
CA ARG M 360 68.36 -4.60 64.39
C ARG M 360 67.54 -4.03 63.24
N TRP M 361 66.44 -4.72 62.92
CA TRP M 361 65.51 -4.29 61.86
C TRP M 361 64.38 -3.48 62.46
N PRO M 362 63.89 -2.40 61.80
CA PRO M 362 62.66 -1.74 62.24
C PRO M 362 61.53 -2.77 62.23
N ALA M 363 60.65 -2.69 63.25
CA ALA M 363 59.52 -3.59 63.40
C ALA M 363 58.55 -3.49 62.23
N ASP M 364 58.40 -2.31 61.65
CA ASP M 364 57.47 -2.01 60.61
C ASP M 364 57.90 -2.43 59.19
N ALA M 365 59.18 -2.76 59.05
CA ALA M 365 59.85 -2.67 57.76
C ALA M 365 59.14 -3.52 56.72
N PRO M 366 58.81 -2.97 55.53
CA PRO M 366 58.20 -3.77 54.47
C PRO M 366 59.21 -4.73 53.85
N VAL M 367 58.69 -5.91 53.56
CA VAL M 367 59.48 -6.99 52.98
C VAL M 367 58.83 -7.32 51.64
N ALA M 368 59.66 -7.79 50.68
CA ALA M 368 59.13 -8.13 49.37
C ALA M 368 58.33 -9.46 49.49
N GLN M 369 57.00 -9.28 49.48
CA GLN M 369 56.03 -10.34 49.50
C GLN M 369 54.67 -9.73 49.09
N ALA M 370 53.74 -10.58 48.67
CA ALA M 370 52.44 -10.18 48.19
C ALA M 370 51.74 -9.19 49.13
N SER N 34 59.52 -56.36 37.33
CA SER N 34 59.49 -55.43 38.49
C SER N 34 58.48 -54.29 38.23
N SER N 35 57.58 -54.08 39.20
CA SER N 35 56.30 -53.37 38.97
C SER N 35 56.50 -51.86 38.93
N ARG N 36 55.70 -51.21 38.08
CA ARG N 36 55.86 -49.80 37.78
C ARG N 36 54.78 -49.33 36.80
N LEU N 37 54.62 -48.00 36.72
CA LEU N 37 53.72 -47.34 35.79
C LEU N 37 53.99 -45.85 35.89
N GLY N 38 53.70 -45.13 34.80
CA GLY N 38 53.85 -43.69 34.78
C GLY N 38 52.54 -42.97 35.14
N TYR N 39 52.68 -41.85 35.86
CA TYR N 39 51.58 -40.97 36.16
C TYR N 39 51.69 -39.72 35.29
N SER N 40 50.57 -39.37 34.67
CA SER N 40 50.50 -38.20 33.81
C SER N 40 49.93 -37.03 34.62
N ALA N 41 50.74 -35.97 34.78
CA ALA N 41 50.36 -34.79 35.56
C ALA N 41 49.76 -33.74 34.63
N SER N 42 48.44 -33.55 34.76
CA SER N 42 47.66 -32.72 33.86
C SER N 42 47.63 -31.27 34.34
N PHE N 43 48.58 -30.47 33.85
CA PHE N 43 48.69 -29.06 34.20
C PHE N 43 47.49 -28.26 33.68
N GLU N 44 46.82 -28.79 32.66
CA GLU N 44 45.66 -28.11 32.13
C GLU N 44 44.55 -28.06 33.19
N GLN N 45 44.52 -29.06 34.08
CA GLN N 45 43.38 -29.25 34.97
C GLN N 45 43.67 -28.90 36.43
N PHE N 46 44.90 -29.13 36.90
CA PHE N 46 45.16 -29.21 38.32
C PHE N 46 46.19 -28.19 38.76
N HIS N 47 45.89 -27.57 39.90
CA HIS N 47 46.79 -26.65 40.56
C HIS N 47 48.12 -27.35 40.80
N PRO N 48 49.26 -26.70 40.53
CA PRO N 48 50.56 -27.34 40.72
C PRO N 48 50.82 -27.89 42.11
N SER N 49 50.26 -27.25 43.15
CA SER N 49 50.41 -27.76 44.52
C SER N 49 49.72 -29.12 44.67
N ASP N 50 48.55 -29.27 44.04
CA ASP N 50 47.83 -30.53 44.08
C ASP N 50 48.61 -31.60 43.31
N LEU N 51 49.12 -31.23 42.12
CA LEU N 51 49.91 -32.16 41.34
C LEU N 51 51.12 -32.64 42.13
N LEU N 52 51.75 -31.73 42.88
CA LEU N 52 52.92 -32.09 43.65
C LEU N 52 52.55 -33.16 44.69
N ARG N 53 51.49 -32.92 45.46
CA ARG N 53 51.06 -33.84 46.48
C ARG N 53 50.67 -35.19 45.87
N TRP N 54 49.98 -35.16 44.73
CA TRP N 54 49.51 -36.38 44.11
C TRP N 54 50.66 -37.22 43.56
N CYS N 55 51.71 -36.56 43.03
CA CYS N 55 52.87 -37.27 42.54
C CYS N 55 53.59 -37.95 43.71
N GLN N 56 53.65 -37.27 44.86
CA GLN N 56 54.26 -37.85 46.05
C GLN N 56 53.50 -39.10 46.48
N LEU N 57 52.17 -39.04 46.38
CA LEU N 57 51.33 -40.17 46.71
C LEU N 57 51.52 -41.29 45.68
N ALA N 58 51.56 -40.90 44.39
CA ALA N 58 51.73 -41.87 43.32
C ALA N 58 53.01 -42.68 43.52
N GLU N 59 54.07 -42.01 43.96
CA GLU N 59 55.32 -42.68 44.26
C GLU N 59 55.10 -43.74 45.35
N GLN N 60 54.39 -43.37 46.43
CA GLN N 60 54.11 -44.30 47.51
C GLN N 60 53.31 -45.48 46.98
N GLU N 61 52.47 -45.27 45.95
CA GLU N 61 51.53 -46.27 45.50
C GLU N 61 52.09 -47.11 44.34
N GLY N 62 53.36 -46.91 43.96
CA GLY N 62 54.02 -47.81 43.01
C GLY N 62 54.26 -47.19 41.63
N PHE N 63 53.80 -45.96 41.38
CA PHE N 63 54.18 -45.28 40.15
C PHE N 63 55.66 -44.92 40.25
N ASP N 64 56.39 -44.97 39.12
CA ASP N 64 57.83 -44.76 39.13
C ASP N 64 58.26 -43.53 38.33
N SER N 65 57.35 -42.89 37.59
CA SER N 65 57.72 -41.76 36.76
C SER N 65 56.50 -40.88 36.48
N VAL N 66 56.80 -39.64 36.09
CA VAL N 66 55.80 -38.61 35.86
C VAL N 66 56.03 -37.98 34.49
N LEU N 67 54.92 -37.79 33.78
CA LEU N 67 54.92 -37.02 32.56
C LEU N 67 54.17 -35.72 32.85
N ALA N 68 54.82 -34.58 32.57
CA ALA N 68 54.28 -33.28 32.89
C ALA N 68 54.09 -32.45 31.62
N ALA N 69 52.85 -32.08 31.37
CA ALA N 69 52.48 -31.20 30.27
C ALA N 69 53.17 -29.84 30.38
N ASP N 70 53.56 -29.27 29.23
CA ASP N 70 54.13 -27.93 29.19
C ASP N 70 53.18 -27.02 28.44
N HIS N 71 52.22 -26.45 29.17
CA HIS N 71 51.21 -25.59 28.59
C HIS N 71 51.35 -24.17 29.12
N PHE N 72 50.78 -23.23 28.36
CA PHE N 72 50.48 -21.89 28.83
C PHE N 72 48.98 -21.78 29.10
N HIS N 73 48.17 -22.47 28.29
CA HIS N 73 46.71 -22.42 28.45
C HIS N 73 46.14 -23.83 28.59
N PRO N 74 45.03 -23.98 29.33
CA PRO N 74 44.26 -25.23 29.31
C PRO N 74 43.50 -25.30 27.99
N TRP N 75 42.99 -26.49 27.66
CA TRP N 75 42.12 -26.63 26.50
C TRP N 75 40.84 -25.85 26.71
N THR N 76 40.28 -25.90 27.93
CA THR N 76 39.03 -25.22 28.22
C THR N 76 39.13 -24.46 29.53
N PRO N 77 38.33 -23.40 29.73
CA PRO N 77 38.24 -22.74 31.04
C PRO N 77 37.86 -23.67 32.18
N GLU N 78 37.03 -24.67 31.90
CA GLU N 78 36.55 -25.58 32.92
C GLU N 78 37.73 -26.42 33.46
N GLN N 79 38.74 -26.67 32.63
CA GLN N 79 39.94 -27.34 33.10
C GLN N 79 40.67 -26.43 34.08
N GLY N 80 40.96 -25.19 33.64
CA GLY N 80 41.12 -24.08 34.57
C GLY N 80 42.55 -23.83 35.05
N GLN N 81 43.58 -24.53 34.53
CA GLN N 81 44.94 -24.33 35.02
C GLN N 81 45.96 -24.37 33.89
N SER N 82 47.19 -23.94 34.20
CA SER N 82 48.38 -24.11 33.37
C SER N 82 49.60 -23.55 34.10
N GLY N 83 50.13 -24.33 35.04
CA GLY N 83 51.35 -23.94 35.73
C GLY N 83 52.55 -23.99 34.79
N PHE N 84 53.59 -23.21 35.15
CA PHE N 84 54.85 -23.24 34.45
C PHE N 84 55.61 -24.48 34.87
N VAL N 85 55.72 -25.45 33.96
CA VAL N 85 56.14 -26.79 34.30
C VAL N 85 57.58 -26.79 34.86
N TRP N 86 58.44 -25.93 34.31
CA TRP N 86 59.85 -25.99 34.63
C TRP N 86 60.10 -25.72 36.12
N ALA N 87 59.35 -24.79 36.70
CA ALA N 87 59.48 -24.49 38.12
C ALA N 87 58.98 -25.68 38.93
N TRP N 88 57.82 -26.21 38.55
CA TRP N 88 57.22 -27.32 39.26
C TRP N 88 58.16 -28.53 39.27
N LEU N 89 58.87 -28.78 38.17
CA LEU N 89 59.70 -29.97 38.08
C LEU N 89 60.81 -29.93 39.14
N GLY N 90 61.29 -28.74 39.48
CA GLY N 90 62.27 -28.62 40.54
C GLY N 90 61.73 -29.11 41.88
N ALA N 91 60.46 -28.76 42.15
CA ALA N 91 59.79 -29.18 43.37
C ALA N 91 59.61 -30.70 43.39
N LEU N 92 59.20 -31.26 42.25
CA LEU N 92 59.03 -32.70 42.11
C LEU N 92 60.37 -33.40 42.37
N GLY N 93 61.41 -32.90 41.70
CA GLY N 93 62.72 -33.48 41.81
C GLY N 93 63.21 -33.52 43.26
N ALA N 94 62.95 -32.44 44.01
CA ALA N 94 63.52 -32.28 45.32
C ALA N 94 62.74 -33.04 46.39
N THR N 95 61.51 -33.48 46.10
CA THR N 95 60.66 -34.10 47.12
C THR N 95 60.28 -35.55 46.79
N THR N 96 60.80 -36.13 45.69
CA THR N 96 60.54 -37.50 45.32
C THR N 96 61.80 -38.11 44.74
N ARG N 97 61.74 -39.41 44.43
CA ARG N 97 62.80 -40.10 43.70
C ARG N 97 62.30 -40.57 42.32
N LEU N 98 61.10 -40.12 41.93
CA LEU N 98 60.49 -40.46 40.65
C LEU N 98 61.37 -39.97 39.49
N ARG N 99 61.30 -40.70 38.36
CA ARG N 99 61.74 -40.15 37.09
C ARG N 99 60.65 -39.20 36.60
N PHE N 100 61.02 -38.26 35.72
CA PHE N 100 60.04 -37.32 35.22
C PHE N 100 60.52 -36.70 33.91
N GLY N 101 59.56 -36.25 33.10
CA GLY N 101 59.87 -35.60 31.85
C GLY N 101 58.76 -34.65 31.42
N THR N 102 59.11 -33.75 30.49
CA THR N 102 58.14 -32.88 29.85
C THR N 102 57.42 -33.68 28.77
N GLY N 103 56.10 -33.51 28.70
CA GLY N 103 55.33 -34.25 27.72
C GLY N 103 54.31 -33.37 27.00
N VAL N 104 54.75 -32.46 26.12
CA VAL N 104 56.13 -32.22 25.73
C VAL N 104 56.36 -30.70 25.64
N THR N 105 57.63 -30.29 25.59
CA THR N 105 58.00 -28.89 25.39
C THR N 105 58.21 -28.66 23.90
N PRO N 106 57.69 -27.54 23.33
CA PRO N 106 58.04 -27.15 21.97
C PRO N 106 59.23 -26.19 21.97
N PRO N 107 60.45 -26.67 21.63
CA PRO N 107 61.64 -25.84 21.68
C PRO N 107 61.90 -25.09 20.39
N ILE N 108 60.84 -24.55 19.77
CA ILE N 108 60.94 -24.07 18.41
C ILE N 108 60.78 -22.56 18.33
N GLY N 109 60.96 -21.88 19.46
CA GLY N 109 61.24 -20.45 19.45
C GLY N 109 59.99 -19.57 19.58
N PHE N 110 58.87 -20.10 20.06
CA PHE N 110 57.70 -19.27 20.33
C PHE N 110 57.75 -18.91 21.81
N ARG N 111 57.16 -19.73 22.66
CA ARG N 111 57.34 -19.57 24.09
C ARG N 111 58.80 -19.79 24.48
N TYR N 112 59.50 -20.71 23.81
CA TYR N 112 60.80 -21.16 24.28
C TYR N 112 61.81 -21.23 23.16
N HIS N 113 62.96 -20.55 23.35
CA HIS N 113 64.10 -20.69 22.46
C HIS N 113 64.80 -22.01 22.78
N PRO N 114 65.29 -22.76 21.79
CA PRO N 114 65.90 -24.07 22.06
C PRO N 114 67.07 -24.01 23.03
N ALA N 115 67.83 -22.91 23.02
CA ALA N 115 68.96 -22.80 23.94
C ALA N 115 68.49 -22.79 25.39
N ILE N 116 67.31 -22.21 25.64
CA ILE N 116 66.78 -22.11 27.00
C ILE N 116 66.27 -23.48 27.45
N VAL N 117 65.59 -24.19 26.55
CA VAL N 117 65.16 -25.54 26.85
C VAL N 117 66.38 -26.41 27.18
N ALA N 118 67.45 -26.24 26.42
CA ALA N 118 68.65 -27.03 26.65
C ALA N 118 69.18 -26.76 28.05
N GLN N 119 69.24 -25.48 28.43
CA GLN N 119 69.79 -25.10 29.72
C GLN N 119 68.90 -25.67 30.84
N ALA N 120 67.57 -25.56 30.66
CA ALA N 120 66.65 -26.04 31.67
C ALA N 120 66.80 -27.55 31.88
N ALA N 121 66.89 -28.28 30.76
CA ALA N 121 67.03 -29.72 30.80
C ALA N 121 68.34 -30.11 31.48
N ALA N 122 69.42 -29.42 31.12
CA ALA N 122 70.71 -29.72 31.71
C ALA N 122 70.70 -29.45 33.21
N THR N 123 70.01 -28.39 33.65
CA THR N 123 69.97 -28.05 35.05
C THR N 123 69.21 -29.15 35.82
N LEU N 124 68.05 -29.56 35.29
CA LEU N 124 67.26 -30.57 35.95
C LEU N 124 68.04 -31.87 36.08
N GLU N 125 68.70 -32.30 35.00
CA GLU N 125 69.44 -33.54 35.03
C GLU N 125 70.66 -33.40 35.95
N ALA N 126 71.28 -32.21 35.98
CA ALA N 126 72.43 -32.00 36.86
C ALA N 126 72.01 -32.09 38.32
N MET N 127 70.80 -31.60 38.65
CA MET N 127 70.29 -31.59 40.01
C MET N 127 69.77 -32.99 40.39
N PHE N 128 69.17 -33.69 39.42
CA PHE N 128 68.51 -34.97 39.68
C PHE N 128 69.03 -36.02 38.70
N PRO N 129 70.32 -36.41 38.79
CA PRO N 129 70.93 -37.25 37.75
C PRO N 129 70.22 -38.60 37.67
N GLY N 130 69.99 -39.06 36.43
CA GLY N 130 69.37 -40.33 36.15
C GLY N 130 67.84 -40.25 36.14
N ARG N 131 67.25 -39.04 36.27
CA ARG N 131 65.83 -38.95 36.55
C ARG N 131 65.04 -38.19 35.48
N PHE N 132 65.70 -37.30 34.73
CA PHE N 132 64.96 -36.43 33.83
C PHE N 132 65.06 -36.96 32.40
N TRP N 133 63.96 -36.84 31.66
CA TRP N 133 63.99 -37.02 30.21
C TRP N 133 63.33 -35.83 29.54
N LEU N 134 63.96 -35.33 28.46
CA LEU N 134 63.51 -34.13 27.79
C LEU N 134 62.57 -34.52 26.67
N GLY N 135 61.26 -34.37 26.91
CA GLY N 135 60.28 -34.62 25.88
C GLY N 135 59.97 -33.33 25.11
N ILE N 136 60.06 -33.41 23.79
CA ILE N 136 59.87 -32.27 22.91
C ILE N 136 58.90 -32.62 21.80
N GLY N 137 58.29 -31.59 21.20
CA GLY N 137 57.35 -31.74 20.11
C GLY N 137 57.15 -30.45 19.34
N ALA N 138 56.27 -30.51 18.34
CA ALA N 138 56.11 -29.43 17.36
C ALA N 138 55.17 -28.32 17.87
N GLY N 139 54.49 -28.56 18.98
CA GLY N 139 53.75 -27.52 19.68
C GLY N 139 52.35 -27.31 19.11
N GLU N 140 51.52 -26.59 19.90
CA GLU N 140 50.17 -26.22 19.49
C GLU N 140 49.96 -24.72 19.64
N ALA N 141 49.12 -24.18 18.75
CA ALA N 141 48.83 -22.76 18.74
C ALA N 141 48.23 -22.35 20.08
N LEU N 142 47.46 -23.23 20.71
CA LEU N 142 46.84 -22.95 22.00
C LEU N 142 47.84 -22.28 22.94
N ASN N 143 49.09 -22.76 22.94
CA ASN N 143 50.11 -22.23 23.83
C ASN N 143 51.03 -21.24 23.12
N GLU N 144 51.37 -21.48 21.85
CA GLU N 144 52.42 -20.71 21.20
C GLU N 144 51.90 -19.40 20.62
N HIS N 145 50.59 -19.26 20.41
CA HIS N 145 50.07 -18.12 19.69
C HIS N 145 50.22 -16.82 20.48
N ILE N 146 50.48 -16.92 21.79
CA ILE N 146 50.49 -15.74 22.63
C ILE N 146 51.57 -14.76 22.19
N VAL N 147 52.64 -15.22 21.52
CA VAL N 147 53.75 -14.35 21.18
C VAL N 147 53.51 -13.64 19.84
N GLY N 148 52.40 -13.95 19.16
CA GLY N 148 51.95 -13.15 18.03
C GLY N 148 52.81 -13.29 16.77
N ARG N 149 53.25 -14.50 16.47
CA ARG N 149 54.10 -14.77 15.31
C ARG N 149 53.41 -15.75 14.36
N TYR N 150 53.93 -15.76 13.13
CA TYR N 150 53.49 -16.67 12.09
C TYR N 150 53.52 -18.11 12.62
N TRP N 151 52.42 -18.83 12.44
CA TRP N 151 52.30 -20.21 12.89
C TRP N 151 52.37 -21.15 11.68
N PRO N 152 53.51 -21.85 11.47
CA PRO N 152 53.68 -22.69 10.29
C PRO N 152 52.80 -23.93 10.31
N GLU N 153 52.54 -24.49 9.13
CA GLU N 153 51.87 -25.77 9.02
C GLU N 153 52.70 -26.85 9.74
N PRO N 154 52.06 -27.97 10.16
CA PRO N 154 52.77 -29.06 10.83
C PRO N 154 54.09 -29.50 10.19
N ALA N 155 54.12 -29.69 8.86
CA ALA N 155 55.33 -30.20 8.24
C ALA N 155 56.48 -29.21 8.41
N GLU N 156 56.17 -27.90 8.35
CA GLU N 156 57.21 -26.91 8.56
C GLU N 156 57.64 -26.90 10.03
N ARG N 157 56.71 -27.09 10.97
CA ARG N 157 57.09 -27.08 12.37
C ARG N 157 58.00 -28.28 12.67
N ILE N 158 57.80 -29.39 11.96
CA ILE N 158 58.67 -30.55 12.08
C ILE N 158 60.09 -30.14 11.69
N ARG N 159 60.24 -29.38 10.60
CA ARG N 159 61.56 -28.93 10.18
C ARG N 159 62.16 -28.04 11.27
N MET N 160 61.33 -27.23 11.93
CA MET N 160 61.81 -26.39 13.01
C MET N 160 62.28 -27.26 14.17
N LEU N 161 61.51 -28.30 14.48
CA LEU N 161 61.83 -29.20 15.59
C LEU N 161 63.17 -29.89 15.34
N ILE N 162 63.40 -30.32 14.10
CA ILE N 162 64.62 -31.01 13.74
C ILE N 162 65.82 -30.07 13.95
N GLU N 163 65.68 -28.79 13.58
CA GLU N 163 66.75 -27.84 13.77
C GLU N 163 66.94 -27.60 15.28
N ALA N 164 65.84 -27.53 16.04
CA ALA N 164 65.95 -27.31 17.47
C ALA N 164 66.71 -28.46 18.14
N ILE N 165 66.47 -29.70 17.68
CA ILE N 165 67.16 -30.86 18.20
C ILE N 165 68.67 -30.67 18.01
N GLU N 166 69.07 -30.19 16.83
CA GLU N 166 70.46 -29.93 16.52
C GLU N 166 71.03 -28.94 17.55
N VAL N 167 70.30 -27.87 17.83
CA VAL N 167 70.76 -26.85 18.75
C VAL N 167 70.93 -27.45 20.14
N ILE N 168 69.94 -28.21 20.60
CA ILE N 168 69.99 -28.76 21.94
C ILE N 168 71.17 -29.72 22.06
N GLN N 169 71.37 -30.57 21.03
CA GLN N 169 72.43 -31.56 21.06
C GLN N 169 73.80 -30.88 21.06
N LYS N 170 73.98 -29.83 20.27
CA LYS N 170 75.22 -29.09 20.27
C LYS N 170 75.50 -28.54 21.68
N LEU N 171 74.48 -27.94 22.30
CA LEU N 171 74.68 -27.35 23.62
C LEU N 171 74.99 -28.44 24.64
N PHE N 172 74.39 -29.62 24.47
CA PHE N 172 74.61 -30.73 25.40
C PHE N 172 76.04 -31.27 25.33
N THR N 173 76.85 -30.92 24.31
CA THR N 173 78.25 -31.34 24.26
C THR N 173 79.06 -30.64 25.36
N GLY N 174 78.57 -29.51 25.88
CA GLY N 174 79.29 -28.79 26.92
C GLY N 174 80.40 -27.88 26.38
N LYS N 175 80.49 -27.73 25.06
CA LYS N 175 81.45 -26.82 24.46
C LYS N 175 80.76 -25.50 24.14
N VAL N 176 81.59 -24.51 23.83
CA VAL N 176 81.14 -23.26 23.24
C VAL N 176 80.70 -23.57 21.82
N ILE N 177 79.43 -23.31 21.51
CA ILE N 177 78.93 -23.61 20.18
C ILE N 177 78.28 -22.37 19.58
N ARG N 178 78.25 -22.37 18.25
CA ARG N 178 77.59 -21.37 17.42
C ARG N 178 76.68 -22.14 16.47
N HIS N 179 75.57 -21.54 16.05
CA HIS N 179 74.64 -22.19 15.15
C HIS N 179 73.97 -21.13 14.29
N GLU N 180 73.87 -21.41 12.98
CA GLU N 180 73.09 -20.58 12.09
C GLU N 180 72.36 -21.52 11.12
N GLY N 181 71.04 -21.59 11.24
CA GLY N 181 70.23 -22.38 10.33
C GLY N 181 69.06 -21.55 9.81
N VAL N 182 68.10 -22.23 9.18
CA VAL N 182 66.95 -21.54 8.62
C VAL N 182 66.15 -20.85 9.73
N TYR N 183 66.03 -21.48 10.91
CA TYR N 183 65.09 -21.01 11.91
C TYR N 183 65.75 -20.40 13.15
N PHE N 184 66.97 -20.83 13.50
CA PHE N 184 67.56 -20.41 14.76
C PHE N 184 68.97 -19.87 14.53
N LYS N 185 69.32 -18.86 15.32
CA LYS N 185 70.66 -18.33 15.37
C LYS N 185 71.11 -18.38 16.81
N VAL N 186 72.25 -19.03 17.05
CA VAL N 186 72.84 -19.08 18.37
C VAL N 186 74.25 -18.52 18.29
N GLU N 187 74.49 -17.43 19.02
CA GLU N 187 75.83 -16.89 19.16
C GLU N 187 76.56 -17.71 20.23
N SER N 188 77.88 -17.55 20.30
CA SER N 188 78.73 -18.29 21.22
C SER N 188 78.01 -18.57 22.53
N ALA N 189 77.69 -19.86 22.76
CA ALA N 189 76.92 -20.27 23.92
C ALA N 189 77.45 -21.60 24.45
N LYS N 190 77.47 -21.70 25.77
CA LYS N 190 77.93 -22.90 26.45
C LYS N 190 77.11 -23.12 27.71
N LEU N 191 76.77 -24.40 27.96
CA LEU N 191 76.14 -24.82 29.20
C LEU N 191 77.23 -25.16 30.21
N TYR N 192 77.45 -24.27 31.18
CA TYR N 192 78.45 -24.49 32.22
C TYR N 192 77.91 -25.44 33.29
N THR N 193 76.59 -25.43 33.51
CA THR N 193 75.95 -26.35 34.43
C THR N 193 75.39 -27.52 33.64
N MET N 194 76.05 -28.68 33.79
CA MET N 194 75.84 -29.83 32.93
CA MET N 194 75.84 -29.83 32.94
C MET N 194 75.90 -31.09 33.79
N PRO N 195 75.05 -32.11 33.54
CA PRO N 195 75.27 -33.42 34.17
C PRO N 195 76.47 -34.10 33.49
N ASP N 196 77.00 -35.14 34.12
CA ASP N 196 78.08 -35.92 33.51
C ASP N 196 77.58 -36.49 32.17
N VAL N 197 76.32 -36.94 32.15
CA VAL N 197 75.73 -37.53 30.97
C VAL N 197 74.40 -36.83 30.69
N PRO N 198 74.14 -36.43 29.42
CA PRO N 198 72.95 -35.63 29.11
C PRO N 198 71.67 -36.44 29.31
N PRO N 199 70.54 -35.78 29.59
CA PRO N 199 69.26 -36.49 29.65
C PRO N 199 68.91 -36.91 28.24
N PRO N 200 68.13 -38.00 28.08
CA PRO N 200 67.71 -38.42 26.75
C PRO N 200 66.71 -37.43 26.18
N ILE N 201 66.75 -37.29 24.85
CA ILE N 201 65.77 -36.51 24.13
C ILE N 201 64.72 -37.45 23.58
N ILE N 202 63.47 -37.22 23.99
CA ILE N 202 62.32 -37.99 23.59
C ILE N 202 61.42 -37.10 22.73
N VAL N 203 61.02 -37.57 21.55
CA VAL N 203 60.11 -36.80 20.74
C VAL N 203 58.69 -37.34 20.91
N GLY N 204 57.75 -36.43 21.22
CA GLY N 204 56.33 -36.73 21.22
C GLY N 204 55.71 -36.41 19.86
N THR N 205 55.24 -37.44 19.16
CA THR N 205 54.68 -37.29 17.83
C THR N 205 53.73 -38.44 17.56
N ALA N 206 52.79 -38.19 16.64
CA ALA N 206 51.90 -39.20 16.09
C ALA N 206 52.09 -39.31 14.58
N GLY N 207 53.12 -38.65 14.04
CA GLY N 207 53.40 -38.67 12.61
C GLY N 207 54.41 -39.75 12.24
N PRO N 208 54.10 -40.63 11.26
CA PRO N 208 55.07 -41.61 10.78
C PRO N 208 56.43 -41.02 10.39
N TYR N 209 56.42 -39.88 9.70
CA TYR N 209 57.65 -39.27 9.24
C TYR N 209 58.52 -38.92 10.46
N MET N 210 57.95 -38.19 11.42
CA MET N 210 58.71 -37.71 12.55
C MET N 210 59.12 -38.87 13.47
N ALA N 211 58.31 -39.93 13.49
CA ALA N 211 58.66 -41.11 14.28
C ALA N 211 59.97 -41.71 13.76
N LYS N 212 60.10 -41.80 12.43
CA LYS N 212 61.34 -42.28 11.81
C LYS N 212 62.50 -41.38 12.19
N LYS N 213 62.29 -40.07 12.07
CA LYS N 213 63.32 -39.09 12.38
C LYS N 213 63.72 -39.18 13.85
N THR N 214 62.75 -39.47 14.72
CA THR N 214 63.01 -39.59 16.14
C THR N 214 64.00 -40.72 16.38
N GLY N 215 63.77 -41.85 15.72
CA GLY N 215 64.69 -42.98 15.83
C GLY N 215 66.09 -42.62 15.34
N GLN N 216 66.14 -41.86 14.25
CA GLN N 216 67.40 -41.47 13.65
C GLN N 216 68.18 -40.50 14.54
N LEU N 217 67.51 -39.50 15.11
CA LEU N 217 68.17 -38.31 15.65
C LEU N 217 68.13 -38.25 17.17
N CYS N 218 67.21 -38.98 17.79
CA CYS N 218 66.93 -38.80 19.21
C CYS N 218 67.06 -40.13 19.94
N ASP N 219 66.62 -40.17 21.20
CA ASP N 219 66.88 -41.29 22.08
C ASP N 219 65.65 -42.15 22.32
N GLY N 220 64.44 -41.62 22.03
CA GLY N 220 63.24 -42.38 22.31
C GLY N 220 61.99 -41.70 21.76
N LEU N 221 60.88 -42.45 21.78
CA LEU N 221 59.61 -42.03 21.20
C LEU N 221 58.55 -41.95 22.30
N LEU N 222 57.74 -40.90 22.23
CA LEU N 222 56.53 -40.75 23.02
C LEU N 222 55.38 -40.52 22.06
N THR N 223 54.28 -41.28 22.20
CA THR N 223 53.16 -41.13 21.30
C THR N 223 51.87 -41.22 22.12
N PRO N 224 50.74 -40.67 21.64
CA PRO N 224 49.46 -40.83 22.32
C PRO N 224 48.80 -42.16 22.00
N GLY N 225 47.82 -42.51 22.84
CA GLY N 225 46.96 -43.66 22.61
C GLY N 225 46.29 -43.56 21.24
N ALA N 226 46.25 -44.69 20.52
CA ALA N 226 45.60 -44.77 19.22
C ALA N 226 45.35 -46.26 18.95
N ASN N 227 44.71 -46.57 17.83
CA ASN N 227 44.41 -47.96 17.51
C ASN N 227 45.72 -48.73 17.22
N ASP N 228 45.62 -50.05 17.21
CA ASP N 228 46.76 -50.94 17.07
C ASP N 228 47.53 -50.66 15.79
N GLU N 229 46.81 -50.48 14.68
CA GLU N 229 47.45 -50.29 13.38
C GLU N 229 48.35 -49.04 13.40
N LYS N 230 47.87 -47.96 13.99
CA LYS N 230 48.61 -46.69 13.99
C LYS N 230 49.83 -46.83 14.91
N LEU N 231 49.68 -47.49 16.06
CA LEU N 231 50.77 -47.66 17.00
C LEU N 231 51.87 -48.53 16.39
N ARG N 232 51.48 -49.61 15.71
CA ARG N 232 52.43 -50.49 15.07
C ARG N 232 53.24 -49.76 14.00
N LEU N 233 52.57 -48.87 13.26
CA LEU N 233 53.23 -48.12 12.21
C LEU N 233 54.28 -47.19 12.84
N LEU N 234 53.89 -46.47 13.90
CA LEU N 234 54.80 -45.54 14.55
C LEU N 234 56.00 -46.29 15.14
N LEU N 235 55.74 -47.42 15.81
CA LEU N 235 56.83 -48.23 16.35
C LEU N 235 57.77 -48.67 15.23
N SER N 236 57.20 -49.16 14.12
CA SER N 236 57.99 -49.68 13.02
C SER N 236 58.85 -48.57 12.40
N ARG N 237 58.26 -47.38 12.21
CA ARG N 237 58.97 -46.25 11.65
C ARG N 237 60.14 -45.84 12.55
N PHE N 238 59.87 -45.78 13.85
CA PHE N 238 60.88 -45.45 14.84
C PHE N 238 62.03 -46.45 14.77
N GLU N 239 61.71 -47.75 14.70
CA GLU N 239 62.72 -48.78 14.68
C GLU N 239 63.58 -48.67 13.41
N GLU N 240 62.93 -48.47 12.26
CA GLU N 240 63.59 -48.34 10.97
C GLU N 240 64.58 -47.16 11.01
N GLY N 241 64.13 -46.03 11.57
CA GLY N 241 64.96 -44.84 11.64
C GLY N 241 66.20 -45.07 12.48
N ALA N 242 66.02 -45.73 13.63
CA ALA N 242 67.13 -46.06 14.52
C ALA N 242 68.11 -47.00 13.82
N ARG N 243 67.59 -48.04 13.16
CA ARG N 243 68.44 -49.03 12.52
C ARG N 243 69.25 -48.41 11.39
N ALA N 244 68.62 -47.57 10.57
CA ALA N 244 69.32 -46.94 9.46
C ALA N 244 70.42 -46.01 9.99
N ALA N 245 70.32 -45.53 11.23
CA ALA N 245 71.36 -44.70 11.81
C ALA N 245 72.35 -45.52 12.65
N GLY N 246 72.31 -46.86 12.55
CA GLY N 246 73.27 -47.71 13.24
C GLY N 246 72.96 -47.92 14.73
N LYS N 247 71.78 -47.55 15.20
CA LYS N 247 71.41 -47.65 16.61
C LYS N 247 70.63 -48.94 16.84
N ASP N 248 70.59 -49.39 18.10
CA ASP N 248 69.82 -50.57 18.50
C ASP N 248 68.50 -50.13 19.13
N PRO N 249 67.35 -50.22 18.42
CA PRO N 249 66.08 -49.74 18.95
C PRO N 249 65.51 -50.52 20.14
N ARG N 250 66.06 -51.72 20.38
CA ARG N 250 65.61 -52.52 21.51
C ARG N 250 66.05 -51.88 22.82
N ARG N 251 67.06 -51.00 22.79
CA ARG N 251 67.55 -50.33 23.98
C ARG N 251 67.03 -48.89 24.07
N MET N 252 66.09 -48.51 23.18
CA MET N 252 65.59 -47.15 23.13
C MET N 252 64.14 -47.15 23.64
N PRO N 253 63.78 -46.23 24.55
CA PRO N 253 62.41 -46.20 25.10
C PRO N 253 61.35 -45.95 24.03
N ARG N 254 60.24 -46.68 24.16
CA ARG N 254 59.04 -46.45 23.39
C ARG N 254 57.90 -46.23 24.38
N MET N 255 57.45 -44.98 24.46
CA MET N 255 56.60 -44.53 25.54
C MET N 255 55.25 -44.15 24.97
N ILE N 256 54.19 -44.41 25.72
CA ILE N 256 52.85 -44.03 25.29
C ILE N 256 52.14 -43.32 26.43
N GLN N 257 51.39 -42.27 26.07
CA GLN N 257 50.56 -41.53 27.00
C GLN N 257 49.09 -41.82 26.70
N VAL N 258 48.38 -42.36 27.70
CA VAL N 258 46.99 -42.73 27.51
C VAL N 258 46.11 -41.92 28.47
N HIS N 259 44.86 -41.72 28.04
CA HIS N 259 43.85 -41.03 28.83
C HIS N 259 42.80 -42.06 29.23
N VAL N 260 42.52 -42.15 30.52
CA VAL N 260 41.49 -43.04 31.03
C VAL N 260 40.54 -42.23 31.92
N SER N 261 39.39 -42.82 32.20
CA SER N 261 38.47 -42.31 33.19
C SER N 261 38.05 -43.47 34.09
N TRP N 262 38.61 -43.48 35.30
CA TRP N 262 38.15 -44.38 36.35
C TRP N 262 37.33 -43.59 37.35
N ALA N 263 36.26 -44.23 37.83
CA ALA N 263 35.42 -43.67 38.88
C ALA N 263 34.65 -44.82 39.54
N GLU N 264 33.80 -44.49 40.51
CA GLU N 264 33.15 -45.50 41.33
C GLU N 264 32.13 -46.27 40.48
N THR N 265 31.52 -45.60 39.49
CA THR N 265 30.62 -46.24 38.55
C THR N 265 31.02 -45.85 37.13
N ASP N 266 30.59 -46.68 36.17
CA ASP N 266 30.74 -46.39 34.75
C ASP N 266 30.11 -45.04 34.42
N GLU N 267 28.93 -44.76 34.99
CA GLU N 267 28.21 -43.54 34.69
C GLU N 267 29.05 -42.32 35.07
N GLN N 268 29.67 -42.35 36.25
CA GLN N 268 30.51 -41.24 36.71
C GLN N 268 31.75 -41.12 35.82
N ALA N 269 32.29 -42.26 35.37
CA ALA N 269 33.49 -42.26 34.53
C ALA N 269 33.20 -41.56 33.21
N ILE N 270 32.02 -41.83 32.65
CA ILE N 270 31.60 -41.22 31.40
C ILE N 270 31.41 -39.72 31.61
N GLU N 271 30.72 -39.34 32.67
CA GLU N 271 30.42 -37.94 32.96
C GLU N 271 31.73 -37.15 33.13
N ASN N 272 32.69 -37.75 33.85
CA ASN N 272 33.97 -37.12 34.11
C ASN N 272 34.69 -36.81 32.80
N ALA N 273 34.66 -37.75 31.84
CA ALA N 273 35.34 -37.56 30.58
C ALA N 273 34.71 -36.40 29.80
N LEU N 274 33.38 -36.36 29.71
CA LEU N 274 32.67 -35.29 29.02
C LEU N 274 32.97 -33.92 29.61
N ARG N 275 32.95 -33.83 30.94
CA ARG N 275 33.06 -32.55 31.63
C ARG N 275 34.52 -32.05 31.60
N GLU N 276 35.47 -32.96 31.83
CA GLU N 276 36.84 -32.58 32.10
C GLU N 276 37.74 -32.62 30.87
N TRP N 277 37.42 -33.48 29.89
CA TRP N 277 38.36 -33.77 28.83
C TRP N 277 37.65 -33.95 27.50
N PRO N 278 36.79 -32.99 27.09
CA PRO N 278 36.07 -33.11 25.82
C PRO N 278 37.03 -33.13 24.62
N ASN N 279 38.22 -32.55 24.80
CA ASN N 279 39.24 -32.57 23.77
C ASN N 279 39.65 -34.01 23.45
N GLY N 280 39.47 -34.92 24.41
CA GLY N 280 39.67 -36.34 24.19
C GLY N 280 38.70 -36.91 23.17
N GLY N 281 37.55 -36.26 22.96
CA GLY N 281 36.57 -36.72 21.98
C GLY N 281 36.64 -35.94 20.67
N MET N 282 37.73 -35.18 20.49
CA MET N 282 37.92 -34.37 19.29
C MET N 282 38.95 -35.07 18.41
N ALA N 283 38.46 -35.98 17.56
CA ALA N 283 39.32 -36.76 16.68
C ALA N 283 39.58 -35.96 15.40
N PHE N 284 40.38 -34.90 15.55
CA PHE N 284 40.72 -34.02 14.44
C PHE N 284 41.94 -33.21 14.84
N PRO N 285 42.68 -32.61 13.89
CA PRO N 285 43.92 -31.89 14.22
C PRO N 285 43.56 -30.63 15.01
N LYS N 286 44.27 -30.40 16.12
CA LYS N 286 43.91 -29.36 17.08
C LYS N 286 45.01 -28.28 17.18
N GLY N 287 46.06 -28.40 16.37
CA GLY N 287 47.27 -27.62 16.56
C GLY N 287 47.16 -26.16 16.10
N ASP N 288 46.07 -25.79 15.41
CA ASP N 288 45.89 -24.44 14.92
C ASP N 288 44.92 -23.61 15.77
N ILE N 289 44.24 -24.24 16.72
CA ILE N 289 43.18 -23.58 17.48
C ILE N 289 43.80 -22.80 18.64
N ARG N 290 43.45 -21.51 18.73
CA ARG N 290 44.22 -20.57 19.54
C ARG N 290 43.73 -20.46 20.97
N ASN N 291 42.41 -20.51 21.20
CA ASN N 291 41.85 -20.05 22.46
C ASN N 291 41.14 -21.17 23.23
N PRO N 292 41.25 -21.19 24.57
CA PRO N 292 40.40 -22.07 25.39
C PRO N 292 38.92 -21.93 25.07
N GLU N 293 38.47 -20.70 24.78
CA GLU N 293 37.07 -20.45 24.45
C GLU N 293 36.67 -21.15 23.14
N ASP N 294 37.64 -21.35 22.22
CA ASP N 294 37.36 -22.04 20.98
C ASP N 294 37.06 -23.52 21.27
N PHE N 295 37.96 -24.18 22.01
CA PHE N 295 37.75 -25.56 22.38
C PHE N 295 36.48 -25.71 23.21
N GLN N 296 36.22 -24.74 24.08
CA GLN N 296 35.04 -24.76 24.94
C GLN N 296 33.78 -24.83 24.08
N ALA N 297 33.72 -24.02 23.02
CA ALA N 297 32.54 -24.01 22.16
C ALA N 297 32.46 -25.32 21.37
N MET N 298 33.62 -25.85 20.95
CA MET N 298 33.67 -27.11 20.21
C MET N 298 33.24 -28.26 21.11
N ALA N 299 33.53 -28.16 22.42
CA ALA N 299 33.22 -29.21 23.38
C ALA N 299 31.73 -29.54 23.41
N ARG N 300 30.89 -28.54 23.11
CA ARG N 300 29.44 -28.71 23.18
C ARG N 300 28.97 -29.78 22.19
N LEU N 301 29.80 -30.14 21.20
CA LEU N 301 29.46 -31.15 20.22
C LEU N 301 29.85 -32.56 20.67
N VAL N 302 30.71 -32.66 21.70
CA VAL N 302 31.30 -33.96 22.01
C VAL N 302 30.30 -34.81 22.78
N ARG N 303 30.24 -36.10 22.41
CA ARG N 303 29.37 -37.09 23.03
C ARG N 303 30.21 -38.32 23.38
N PRO N 304 29.72 -39.22 24.26
CA PRO N 304 30.49 -40.40 24.66
C PRO N 304 31.09 -41.23 23.53
N GLU N 305 30.34 -41.42 22.44
CA GLU N 305 30.81 -42.21 21.29
C GLU N 305 32.19 -41.73 20.81
N HIS N 306 32.43 -40.41 20.87
CA HIS N 306 33.61 -39.81 20.25
C HIS N 306 34.90 -40.17 20.98
N PHE N 307 34.78 -40.75 22.18
CA PHE N 307 35.92 -41.13 22.99
C PHE N 307 36.43 -42.55 22.73
N GLN N 308 35.75 -43.35 21.90
CA GLN N 308 36.12 -44.75 21.77
C GLN N 308 37.53 -44.85 21.18
N GLY N 309 38.40 -45.62 21.86
CA GLY N 309 39.79 -45.79 21.47
C GLY N 309 40.70 -44.63 21.91
N ARG N 310 40.13 -43.60 22.53
CA ARG N 310 40.87 -42.40 22.90
C ARG N 310 40.84 -42.22 24.42
N VAL N 311 39.75 -42.65 25.08
CA VAL N 311 39.61 -42.56 26.52
C VAL N 311 38.80 -43.75 26.99
N LEU N 312 39.44 -44.62 27.77
CA LEU N 312 38.75 -45.76 28.38
C LEU N 312 37.96 -45.26 29.57
N MET N 313 36.65 -45.55 29.57
CA MET N 313 35.74 -45.02 30.58
C MET N 313 35.05 -46.19 31.28
N THR N 314 35.57 -46.60 32.44
CA THR N 314 34.95 -47.68 33.19
C THR N 314 35.47 -47.70 34.63
N SER N 315 34.63 -48.24 35.52
CA SER N 315 34.97 -48.45 36.92
C SER N 315 35.70 -49.78 37.11
N ASP N 316 35.69 -50.62 36.07
CA ASP N 316 36.23 -51.97 36.15
C ASP N 316 37.75 -51.91 36.01
N LEU N 317 38.46 -52.12 37.13
CA LEU N 317 39.90 -51.98 37.17
C LEU N 317 40.59 -53.15 36.45
N ASP N 318 39.91 -54.29 36.31
CA ASP N 318 40.43 -55.37 35.50
C ASP N 318 40.59 -54.93 34.05
N ARG N 319 39.63 -54.14 33.55
CA ARG N 319 39.61 -53.69 32.16
C ARG N 319 40.72 -52.65 31.94
N HIS N 320 40.97 -51.83 32.96
CA HIS N 320 42.11 -50.91 32.93
C HIS N 320 43.41 -51.72 32.79
N GLY N 321 43.53 -52.78 33.59
CA GLY N 321 44.71 -53.64 33.58
C GLY N 321 44.97 -54.24 32.20
N GLU N 322 43.92 -54.81 31.58
CA GLU N 322 44.03 -55.45 30.28
C GLU N 322 44.39 -54.43 29.20
N PHE N 323 43.77 -53.26 29.27
CA PHE N 323 44.04 -52.20 28.32
C PHE N 323 45.53 -51.82 28.34
N LEU N 324 46.10 -51.70 29.54
CA LEU N 324 47.49 -51.29 29.70
C LEU N 324 48.42 -52.44 29.28
N GLN N 325 48.08 -53.67 29.68
CA GLN N 325 48.87 -54.84 29.35
C GLN N 325 49.00 -54.99 27.84
N HIS N 326 47.89 -54.76 27.11
CA HIS N 326 47.87 -54.84 25.66
C HIS N 326 48.95 -53.92 25.06
N LEU N 327 49.11 -52.72 25.63
CA LEU N 327 50.05 -51.75 25.11
C LEU N 327 51.48 -52.21 25.37
N ILE N 328 51.72 -52.83 26.53
CA ILE N 328 53.02 -53.42 26.82
C ILE N 328 53.33 -54.48 25.76
N ASP N 329 52.32 -55.32 25.48
CA ASP N 329 52.46 -56.43 24.56
C ASP N 329 52.78 -55.94 23.15
N LEU N 330 52.29 -54.74 22.76
CA LEU N 330 52.60 -54.16 21.46
C LEU N 330 54.06 -53.75 21.37
N GLY N 331 54.70 -53.50 22.52
CA GLY N 331 56.12 -53.19 22.56
C GLY N 331 56.44 -51.85 23.25
N PHE N 332 55.45 -51.22 23.91
CA PHE N 332 55.70 -50.01 24.67
C PHE N 332 56.40 -50.39 25.98
N THR N 333 57.44 -49.62 26.32
CA THR N 333 58.31 -49.92 27.45
C THR N 333 57.95 -49.04 28.63
N GLU N 334 57.17 -47.97 28.39
CA GLU N 334 56.62 -47.15 29.46
C GLU N 334 55.23 -46.66 29.06
N ILE N 335 54.35 -46.59 30.06
CA ILE N 335 53.03 -46.04 29.86
C ILE N 335 52.81 -44.96 30.92
N TYR N 336 52.33 -43.78 30.46
CA TYR N 336 51.96 -42.68 31.33
C TYR N 336 50.44 -42.56 31.28
N VAL N 337 49.79 -42.68 32.45
CA VAL N 337 48.35 -42.71 32.52
C VAL N 337 47.82 -41.39 33.07
N HIS N 338 46.93 -40.78 32.29
CA HIS N 338 46.18 -39.59 32.70
C HIS N 338 44.74 -40.00 32.98
N ASN N 339 44.36 -39.96 34.26
CA ASN N 339 42.96 -40.08 34.64
C ASN N 339 42.30 -38.71 34.46
N VAL N 340 41.21 -38.65 33.68
CA VAL N 340 40.64 -37.37 33.30
C VAL N 340 39.84 -36.77 34.45
N GLY N 341 39.39 -37.61 35.39
CA GLY N 341 38.52 -37.13 36.47
C GLY N 341 39.29 -36.31 37.50
N ARG N 342 38.55 -35.53 38.29
CA ARG N 342 39.11 -34.75 39.39
C ARG N 342 39.48 -35.64 40.57
N ASN N 343 39.08 -36.92 40.53
CA ASN N 343 39.29 -37.88 41.59
C ASN N 343 40.70 -38.51 41.50
N GLN N 344 41.74 -37.66 41.53
CA GLN N 344 43.10 -38.09 41.28
C GLN N 344 43.59 -38.99 42.41
N GLU N 345 43.36 -38.57 43.65
CA GLU N 345 43.84 -39.35 44.79
C GLU N 345 43.25 -40.75 44.76
N GLU N 346 41.96 -40.85 44.47
CA GLU N 346 41.23 -42.11 44.52
C GLU N 346 41.72 -43.00 43.37
N PHE N 347 41.96 -42.37 42.20
CA PHE N 347 42.47 -43.07 41.04
C PHE N 347 43.85 -43.65 41.35
N ILE N 348 44.72 -42.83 41.95
CA ILE N 348 46.07 -43.26 42.27
C ILE N 348 46.04 -44.47 43.20
N ARG N 349 45.18 -44.44 44.23
CA ARG N 349 45.12 -45.52 45.21
C ARG N 349 44.54 -46.78 44.58
N ALA N 350 43.54 -46.61 43.71
CA ALA N 350 42.90 -47.72 43.03
C ALA N 350 43.89 -48.42 42.10
N TYR N 351 44.65 -47.64 41.31
CA TYR N 351 45.64 -48.20 40.42
C TYR N 351 46.75 -48.89 41.24
N GLY N 352 47.15 -48.26 42.34
CA GLY N 352 48.21 -48.80 43.18
C GLY N 352 47.86 -50.16 43.76
N ARG N 353 46.58 -50.33 44.13
CA ARG N 353 46.08 -51.54 44.76
C ARG N 353 45.78 -52.62 43.70
N ALA N 354 45.16 -52.25 42.57
CA ALA N 354 44.48 -53.23 41.73
C ALA N 354 45.09 -53.37 40.33
N VAL N 355 45.90 -52.40 39.87
CA VAL N 355 46.36 -52.40 38.49
C VAL N 355 47.88 -52.60 38.41
N ILE N 356 48.64 -51.73 39.07
CA ILE N 356 50.09 -51.72 38.92
C ILE N 356 50.71 -53.07 39.29
N PRO N 357 50.34 -53.70 40.43
CA PRO N 357 50.95 -54.99 40.80
C PRO N 357 50.77 -56.10 39.77
N HIS N 358 49.73 -56.02 38.92
CA HIS N 358 49.39 -57.09 37.98
C HIS N 358 49.91 -56.83 36.56
N LEU N 359 50.53 -55.68 36.31
CA LEU N 359 51.14 -55.43 35.00
C LEU N 359 52.44 -56.21 34.88
N ARG N 360 52.63 -56.86 33.72
CA ARG N 360 53.81 -57.66 33.46
C ARG N 360 54.69 -56.96 32.44
N TRP N 361 55.81 -56.40 32.90
CA TRP N 361 56.78 -55.74 32.05
C TRP N 361 57.89 -56.73 31.67
N PRO N 362 58.41 -56.71 30.42
CA PRO N 362 59.63 -57.46 30.11
C PRO N 362 60.76 -56.96 31.02
N ALA N 363 61.60 -57.89 31.49
CA ALA N 363 62.60 -57.62 32.51
C ALA N 363 63.66 -56.63 31.99
N ASP N 364 63.97 -56.68 30.70
CA ASP N 364 65.06 -55.87 30.18
C ASP N 364 64.63 -54.51 29.67
N ALA N 365 63.33 -54.16 29.77
CA ALA N 365 62.77 -53.09 28.99
C ALA N 365 63.51 -51.78 29.27
N PRO N 366 63.94 -51.03 28.22
CA PRO N 366 64.59 -49.74 28.41
C PRO N 366 63.62 -48.66 28.89
N VAL N 367 64.12 -47.84 29.80
CA VAL N 367 63.35 -46.78 30.41
C VAL N 367 64.02 -45.45 30.08
N ALA N 368 63.25 -44.37 29.99
CA ALA N 368 63.78 -43.07 29.61
C ALA N 368 64.61 -42.49 30.76
N GLN N 369 65.93 -42.61 30.62
CA GLN N 369 66.89 -42.08 31.57
C GLN N 369 68.27 -42.09 30.93
N ALA N 370 69.19 -41.26 31.45
CA ALA N 370 70.52 -41.12 30.89
C ALA N 370 71.31 -42.43 30.96
N MET N 371 72.05 -42.76 29.86
CA MET N 371 73.12 -43.76 29.89
C MET N 371 73.97 -43.48 31.14
N SER O 34 6.55 -4.66 -3.73
CA SER O 34 7.04 -5.27 -5.01
C SER O 34 7.98 -6.47 -4.70
N SER O 35 7.67 -7.62 -5.30
CA SER O 35 8.15 -8.92 -4.79
C SER O 35 9.60 -9.19 -5.23
N ARG O 36 10.35 -9.84 -4.36
CA ARG O 36 11.78 -9.99 -4.52
C ARG O 36 12.38 -10.84 -3.39
N LEU O 37 13.60 -11.32 -3.62
CA LEU O 37 14.38 -12.07 -2.65
C LEU O 37 15.77 -12.27 -3.25
N GLY O 38 16.77 -12.42 -2.38
CA GLY O 38 18.12 -12.68 -2.81
C GLY O 38 18.43 -14.18 -2.85
N TYR O 39 19.22 -14.58 -3.86
CA TYR O 39 19.73 -15.93 -3.99
C TYR O 39 21.21 -15.91 -3.61
N SER O 40 21.57 -16.86 -2.75
CA SER O 40 22.93 -17.02 -2.29
C SER O 40 23.62 -18.09 -3.13
N ALA O 41 24.67 -17.68 -3.85
CA ALA O 41 25.39 -18.57 -4.76
C ALA O 41 26.59 -19.17 -4.05
N SER O 42 26.49 -20.47 -3.74
CA SER O 42 27.45 -21.16 -2.89
C SER O 42 28.60 -21.73 -3.73
N PHE O 43 29.68 -20.94 -3.85
CA PHE O 43 30.86 -21.34 -4.60
C PHE O 43 31.57 -22.51 -3.93
N GLU O 44 31.34 -22.69 -2.62
CA GLU O 44 31.94 -23.80 -1.92
C GLU O 44 31.43 -25.13 -2.47
N GLN O 45 30.19 -25.13 -2.98
CA GLN O 45 29.50 -26.37 -3.30
C GLN O 45 29.34 -26.62 -4.80
N PHE O 46 29.17 -25.55 -5.59
CA PHE O 46 28.63 -25.70 -6.93
C PHE O 46 29.57 -25.17 -7.99
N HIS O 47 29.67 -25.93 -9.08
CA HIS O 47 30.44 -25.53 -10.24
C HIS O 47 29.93 -24.18 -10.72
N PRO O 48 30.81 -23.23 -11.07
CA PRO O 48 30.39 -21.92 -11.52
C PRO O 48 29.43 -21.92 -12.70
N SER O 49 29.55 -22.90 -13.61
CA SER O 49 28.62 -23.01 -14.73
C SER O 49 27.21 -23.31 -14.24
N ASP O 50 27.10 -24.17 -13.22
CA ASP O 50 25.79 -24.48 -12.64
C ASP O 50 25.23 -23.25 -11.94
N LEU O 51 26.08 -22.55 -11.18
CA LEU O 51 25.65 -21.35 -10.49
C LEU O 51 25.13 -20.33 -11.50
N LEU O 52 25.79 -20.21 -12.64
CA LEU O 52 25.37 -19.25 -13.65
C LEU O 52 23.96 -19.59 -14.13
N ARG O 53 23.73 -20.85 -14.51
CA ARG O 53 22.44 -21.29 -15.00
C ARG O 53 21.36 -21.10 -13.94
N TRP O 54 21.69 -21.42 -12.68
CA TRP O 54 20.70 -21.33 -11.61
C TRP O 54 20.34 -19.89 -11.28
N CYS O 55 21.31 -18.96 -11.38
CA CYS O 55 21.02 -17.56 -11.18
C CYS O 55 20.09 -17.05 -12.28
N GLN O 56 20.29 -17.51 -13.51
CA GLN O 56 19.44 -17.14 -14.62
C GLN O 56 18.01 -17.61 -14.36
N LEU O 57 17.88 -18.82 -13.81
CA LEU O 57 16.58 -19.36 -13.47
C LEU O 57 15.98 -18.58 -12.31
N ALA O 58 16.80 -18.28 -11.30
CA ALA O 58 16.34 -17.55 -10.14
C ALA O 58 15.73 -16.21 -10.55
N GLU O 59 16.36 -15.55 -11.52
CA GLU O 59 15.84 -14.30 -12.05
C GLU O 59 14.45 -14.52 -12.63
N GLN O 60 14.28 -15.58 -13.44
CA GLN O 60 12.99 -15.89 -14.02
C GLN O 60 11.96 -16.13 -12.92
N GLU O 61 12.38 -16.67 -11.77
CA GLU O 61 11.47 -17.12 -10.74
C GLU O 61 11.21 -16.05 -9.68
N GLY O 62 11.75 -14.84 -9.86
CA GLY O 62 11.40 -13.71 -8.99
C GLY O 62 12.51 -13.27 -8.04
N PHE O 63 13.64 -13.97 -7.98
CA PHE O 63 14.78 -13.47 -7.24
C PHE O 63 15.33 -12.26 -7.97
N ASP O 64 15.85 -11.26 -7.24
CA ASP O 64 16.26 -9.99 -7.84
C ASP O 64 17.75 -9.71 -7.64
N SER O 65 18.45 -10.51 -6.83
CA SER O 65 19.84 -10.25 -6.53
CA SER O 65 19.84 -10.25 -6.53
C SER O 65 20.54 -11.53 -6.08
N VAL O 66 21.88 -11.50 -6.18
CA VAL O 66 22.73 -12.63 -5.90
C VAL O 66 23.82 -12.20 -4.95
N LEU O 67 24.07 -13.06 -3.97
CA LEU O 67 25.23 -12.93 -3.08
C LEU O 67 26.18 -14.07 -3.43
N ALA O 68 27.43 -13.71 -3.74
CA ALA O 68 28.41 -14.66 -4.22
C ALA O 68 29.60 -14.70 -3.26
N ALA O 69 29.83 -15.89 -2.69
CA ALA O 69 30.96 -16.15 -1.81
C ALA O 69 32.28 -15.94 -2.57
N ASP O 70 33.30 -15.43 -1.86
CA ASP O 70 34.63 -15.24 -2.42
C ASP O 70 35.57 -16.17 -1.67
N HIS O 71 35.68 -17.41 -2.16
CA HIS O 71 36.50 -18.41 -1.50
C HIS O 71 37.63 -18.83 -2.43
N PHE O 72 38.66 -19.41 -1.81
CA PHE O 72 39.67 -20.20 -2.50
C PHE O 72 39.40 -21.68 -2.24
N HIS O 73 38.93 -22.01 -1.04
CA HIS O 73 38.67 -23.39 -0.66
C HIS O 73 37.24 -23.57 -0.18
N PRO O 74 36.63 -24.74 -0.39
CA PRO O 74 35.37 -25.09 0.27
C PRO O 74 35.65 -25.39 1.74
N TRP O 75 34.61 -25.42 2.56
CA TRP O 75 34.75 -25.84 3.94
C TRP O 75 35.17 -27.31 4.00
N THR O 76 34.60 -28.15 3.13
CA THR O 76 34.89 -29.58 3.13
C THR O 76 35.12 -30.07 1.70
N PRO O 77 35.88 -31.17 1.51
CA PRO O 77 35.99 -31.82 0.20
C PRO O 77 34.64 -32.22 -0.39
N GLU O 78 33.70 -32.62 0.45
CA GLU O 78 32.39 -33.07 -0.01
C GLU O 78 31.64 -31.91 -0.69
N GLN O 79 31.90 -30.67 -0.25
CA GLN O 79 31.32 -29.52 -0.92
C GLN O 79 31.92 -29.39 -2.31
N GLY O 80 33.25 -29.37 -2.39
CA GLY O 80 33.98 -29.78 -3.58
C GLY O 80 34.26 -28.69 -4.60
N GLN O 81 33.99 -27.40 -4.32
CA GLN O 81 34.25 -26.35 -5.30
C GLN O 81 34.81 -25.08 -4.66
N SER O 82 35.30 -24.16 -5.53
CA SER O 82 35.62 -22.77 -5.16
C SER O 82 36.08 -22.01 -6.39
N GLY O 83 35.13 -21.59 -7.22
CA GLY O 83 35.45 -20.77 -8.37
C GLY O 83 35.93 -19.37 -7.97
N PHE O 84 36.68 -18.74 -8.88
CA PHE O 84 37.14 -17.38 -8.70
C PHE O 84 35.97 -16.43 -8.99
N VAL O 85 35.45 -15.81 -7.94
CA VAL O 85 34.16 -15.14 -8.02
C VAL O 85 34.21 -13.98 -9.01
N TRP O 86 35.34 -13.27 -9.07
CA TRP O 86 35.41 -12.04 -9.84
C TRP O 86 35.16 -12.30 -11.33
N ALA O 87 35.69 -13.42 -11.85
CA ALA O 87 35.47 -13.76 -13.24
C ALA O 87 34.00 -14.13 -13.46
N TRP O 88 33.45 -14.94 -12.55
CA TRP O 88 32.09 -15.38 -12.66
C TRP O 88 31.12 -14.21 -12.67
N LEU O 89 31.41 -13.16 -11.87
CA LEU O 89 30.49 -12.04 -11.74
C LEU O 89 30.32 -11.33 -13.09
N GLY O 90 31.38 -11.31 -13.90
CA GLY O 90 31.27 -10.74 -15.23
C GLY O 90 30.26 -11.50 -16.11
N ALA O 91 30.27 -12.83 -15.98
CA ALA O 91 29.33 -13.67 -16.72
C ALA O 91 27.91 -13.42 -16.24
N LEU O 92 27.74 -13.32 -14.92
CA LEU O 92 26.43 -13.04 -14.34
C LEU O 92 25.92 -11.70 -14.85
N GLY O 93 26.78 -10.69 -14.75
CA GLY O 93 26.44 -9.34 -15.16
C GLY O 93 25.98 -9.29 -16.61
N ALA O 94 26.65 -10.05 -17.48
CA ALA O 94 26.42 -9.92 -18.91
C ALA O 94 25.20 -10.73 -19.37
N THR O 95 24.68 -11.65 -18.54
CA THR O 95 23.60 -12.54 -18.98
C THR O 95 22.33 -12.41 -18.15
N THR O 96 22.29 -11.47 -17.18
CA THR O 96 21.10 -11.25 -16.37
C THR O 96 20.96 -9.75 -16.12
N ARG O 97 19.88 -9.36 -15.43
CA ARG O 97 19.69 -7.99 -14.96
C ARG O 97 19.69 -7.95 -13.43
N LEU O 98 20.04 -9.07 -12.79
CA LEU O 98 20.12 -9.18 -11.34
C LEU O 98 21.13 -8.20 -10.77
N ARG O 99 20.87 -7.72 -9.55
CA ARG O 99 21.90 -7.12 -8.73
C ARG O 99 22.75 -8.24 -8.16
N PHE O 100 24.00 -7.92 -7.79
CA PHE O 100 24.89 -8.95 -7.27
C PHE O 100 26.00 -8.30 -6.46
N GLY O 101 26.54 -9.09 -5.52
CA GLY O 101 27.64 -8.63 -4.69
C GLY O 101 28.48 -9.77 -4.16
N THR O 102 29.69 -9.45 -3.72
CA THR O 102 30.55 -10.39 -3.03
C THR O 102 30.07 -10.51 -1.60
N GLY O 103 30.01 -11.74 -1.08
CA GLY O 103 29.53 -11.95 0.28
C GLY O 103 30.42 -12.93 1.05
N VAL O 104 31.64 -12.55 1.42
CA VAL O 104 32.26 -11.26 1.19
C VAL O 104 33.71 -11.45 0.74
N THR O 105 34.33 -10.38 0.24
CA THR O 105 35.74 -10.37 -0.11
C THR O 105 36.53 -9.84 1.08
N PRO O 106 37.66 -10.46 1.46
CA PRO O 106 38.57 -9.87 2.44
C PRO O 106 39.65 -9.03 1.75
N PRO O 107 39.53 -7.70 1.75
CA PRO O 107 40.48 -6.85 1.03
C PRO O 107 41.67 -6.44 1.88
N ILE O 108 42.21 -7.39 2.65
CA ILE O 108 43.16 -7.04 3.71
C ILE O 108 44.54 -7.59 3.41
N GLY O 109 44.80 -7.92 2.14
CA GLY O 109 46.16 -8.06 1.65
C GLY O 109 46.70 -9.49 1.73
N PHE O 110 45.85 -10.52 1.85
CA PHE O 110 46.33 -11.90 1.79
C PHE O 110 46.15 -12.37 0.36
N ARG O 111 45.01 -12.93 0.02
CA ARG O 111 44.67 -13.20 -1.36
C ARG O 111 44.58 -11.90 -2.17
N TYR O 112 44.09 -10.81 -1.55
CA TYR O 112 43.73 -9.62 -2.32
C TYR O 112 44.22 -8.34 -1.64
N HIS O 113 44.96 -7.52 -2.41
CA HIS O 113 45.32 -6.19 -1.99
C HIS O 113 44.12 -5.27 -2.17
N PRO O 114 43.84 -4.33 -1.23
CA PRO O 114 42.65 -3.50 -1.31
C PRO O 114 42.56 -2.68 -2.60
N ALA O 115 43.70 -2.28 -3.17
CA ALA O 115 43.68 -1.52 -4.41
C ALA O 115 43.10 -2.36 -5.55
N ILE O 116 43.35 -3.66 -5.53
CA ILE O 116 42.87 -4.55 -6.60
C ILE O 116 41.36 -4.78 -6.42
N VAL O 117 40.92 -4.97 -5.17
CA VAL O 117 39.50 -5.08 -4.92
C VAL O 117 38.79 -3.81 -5.39
N ALA O 118 39.40 -2.65 -5.13
CA ALA O 118 38.79 -1.40 -5.54
C ALA O 118 38.62 -1.36 -7.05
N GLN O 119 39.67 -1.77 -7.78
CA GLN O 119 39.66 -1.73 -9.23
C GLN O 119 38.59 -2.69 -9.75
N ALA O 120 38.53 -3.90 -9.17
CA ALA O 120 37.58 -4.90 -9.61
C ALA O 120 36.15 -4.40 -9.41
N ALA O 121 35.89 -3.80 -8.24
CA ALA O 121 34.57 -3.30 -7.93
C ALA O 121 34.18 -2.18 -8.88
N ALA O 122 35.11 -1.27 -9.14
CA ALA O 122 34.84 -0.16 -10.03
C ALA O 122 34.56 -0.66 -11.44
N THR O 123 35.28 -1.71 -11.88
CA THR O 123 35.08 -2.23 -13.23
C THR O 123 33.68 -2.84 -13.34
N LEU O 124 33.31 -3.65 -12.35
CA LEU O 124 32.01 -4.31 -12.39
C LEU O 124 30.90 -3.26 -12.41
N GLU O 125 30.99 -2.24 -11.55
CA GLU O 125 29.95 -1.23 -11.50
C GLU O 125 29.96 -0.41 -12.79
N ALA O 126 31.13 -0.16 -13.36
CA ALA O 126 31.20 0.59 -14.62
C ALA O 126 30.53 -0.19 -15.75
N MET O 127 30.68 -1.51 -15.75
CA MET O 127 30.11 -2.38 -16.78
C MET O 127 28.61 -2.59 -16.53
N PHE O 128 28.20 -2.68 -15.26
CA PHE O 128 26.84 -3.00 -14.90
C PHE O 128 26.30 -1.96 -13.92
N PRO O 129 26.11 -0.70 -14.35
CA PRO O 129 25.81 0.37 -13.39
C PRO O 129 24.50 0.11 -12.68
N GLY O 130 24.49 0.39 -11.36
CA GLY O 130 23.31 0.22 -10.53
C GLY O 130 23.15 -1.21 -10.00
N ARG O 131 24.11 -2.11 -10.27
CA ARG O 131 23.86 -3.53 -10.04
C ARG O 131 24.82 -4.17 -9.04
N PHE O 132 26.02 -3.60 -8.86
CA PHE O 132 27.03 -4.27 -8.05
C PHE O 132 27.08 -3.63 -6.66
N TRP O 133 27.27 -4.47 -5.64
CA TRP O 133 27.62 -3.99 -4.32
C TRP O 133 28.84 -4.73 -3.81
N LEU O 134 29.77 -4.00 -3.21
CA LEU O 134 31.05 -4.54 -2.78
C LEU O 134 30.92 -4.97 -1.33
N GLY O 135 30.76 -6.27 -1.10
CA GLY O 135 30.72 -6.82 0.23
C GLY O 135 32.11 -7.25 0.68
N ILE O 136 32.52 -6.76 1.87
CA ILE O 136 33.85 -7.01 2.39
C ILE O 136 33.75 -7.49 3.83
N GLY O 137 34.82 -8.17 4.28
CA GLY O 137 34.88 -8.69 5.65
C GLY O 137 36.32 -9.00 6.04
N ALA O 138 36.49 -9.51 7.27
CA ALA O 138 37.78 -9.73 7.87
C ALA O 138 38.43 -11.04 7.44
N GLY O 139 37.67 -11.91 6.75
CA GLY O 139 38.24 -13.08 6.10
C GLY O 139 38.45 -14.26 7.05
N GLU O 140 38.70 -15.43 6.44
CA GLU O 140 38.95 -16.66 7.16
C GLU O 140 40.25 -17.32 6.69
N ALA O 141 40.91 -17.99 7.64
CA ALA O 141 42.17 -18.66 7.36
C ALA O 141 41.99 -19.69 6.26
N LEU O 142 40.81 -20.34 6.23
CA LEU O 142 40.52 -21.34 5.22
C LEU O 142 40.96 -20.87 3.83
N ASN O 143 40.73 -19.59 3.51
CA ASN O 143 41.07 -19.05 2.21
C ASN O 143 42.40 -18.28 2.25
N GLU O 144 42.68 -17.54 3.33
CA GLU O 144 43.80 -16.62 3.31
C GLU O 144 45.12 -17.30 3.64
N HIS O 145 45.09 -18.48 4.27
CA HIS O 145 46.32 -19.08 4.78
C HIS O 145 47.26 -19.52 3.66
N ILE O 146 46.73 -19.62 2.42
CA ILE O 146 47.53 -20.17 1.34
C ILE O 146 48.76 -19.32 1.07
N VAL O 147 48.74 -18.03 1.41
CA VAL O 147 49.87 -17.16 1.07
C VAL O 147 50.95 -17.19 2.16
N GLY O 148 50.72 -17.94 3.23
CA GLY O 148 51.77 -18.26 4.18
C GLY O 148 52.22 -17.08 5.06
N ARG O 149 51.26 -16.26 5.50
CA ARG O 149 51.56 -15.09 6.30
C ARG O 149 50.91 -15.19 7.69
N TYR O 150 51.44 -14.38 8.60
CA TYR O 150 50.90 -14.25 9.95
C TYR O 150 49.40 -13.93 9.86
N TRP O 151 48.60 -14.69 10.61
CA TRP O 151 47.15 -14.52 10.63
C TRP O 151 46.74 -13.86 11.93
N PRO O 152 46.36 -12.58 11.91
CA PRO O 152 46.03 -11.85 13.14
C PRO O 152 44.75 -12.31 13.79
N GLU O 153 44.62 -12.07 15.10
CA GLU O 153 43.35 -12.27 15.79
C GLU O 153 42.25 -11.41 15.16
N PRO O 154 40.96 -11.80 15.32
CA PRO O 154 39.84 -11.04 14.75
C PRO O 154 39.89 -9.52 14.96
N ALA O 155 40.16 -9.07 16.19
CA ALA O 155 40.13 -7.63 16.46
C ALA O 155 41.20 -6.91 15.63
N GLU O 156 42.36 -7.54 15.44
CA GLU O 156 43.39 -6.94 14.61
C GLU O 156 42.96 -6.95 13.14
N ARG O 157 42.30 -8.02 12.68
CA ARG O 157 41.87 -8.06 11.30
C ARG O 157 40.82 -6.97 11.04
N ILE O 158 40.01 -6.64 12.05
CA ILE O 158 39.06 -5.55 11.95
C ILE O 158 39.83 -4.25 11.68
N ARG O 159 40.93 -4.03 12.39
CA ARG O 159 41.72 -2.82 12.17
C ARG O 159 42.26 -2.82 10.74
N MET O 160 42.63 -4.00 10.23
CA MET O 160 43.11 -4.09 8.86
C MET O 160 41.97 -3.74 7.90
N LEU O 161 40.76 -4.24 8.18
CA LEU O 161 39.61 -4.01 7.33
C LEU O 161 39.28 -2.52 7.26
N ILE O 162 39.37 -1.83 8.40
CA ILE O 162 39.08 -0.42 8.47
C ILE O 162 40.08 0.37 7.62
N GLU O 163 41.35 -0.03 7.65
CA GLU O 163 42.35 0.64 6.82
C GLU O 163 42.08 0.33 5.35
N ALA O 164 41.67 -0.91 5.03
CA ALA O 164 41.38 -1.26 3.66
C ALA O 164 40.22 -0.42 3.12
N ILE O 165 39.21 -0.17 3.96
CA ILE O 165 38.08 0.66 3.58
C ILE O 165 38.58 2.04 3.17
N GLU O 166 39.51 2.58 3.94
CA GLU O 166 40.11 3.87 3.65
C GLU O 166 40.75 3.85 2.26
N VAL O 167 41.52 2.79 1.96
CA VAL O 167 42.19 2.68 0.68
C VAL O 167 41.16 2.63 -0.44
N ILE O 168 40.12 1.80 -0.28
CA ILE O 168 39.14 1.63 -1.34
C ILE O 168 38.42 2.96 -1.58
N GLN O 169 38.04 3.65 -0.50
CA GLN O 169 37.31 4.90 -0.63
CA GLN O 169 37.30 4.90 -0.61
C GLN O 169 38.15 5.97 -1.29
N LYS O 170 39.44 6.05 -0.94
CA LYS O 170 40.32 7.01 -1.60
C LYS O 170 40.35 6.72 -3.10
N LEU O 171 40.50 5.44 -3.47
CA LEU O 171 40.59 5.10 -4.88
C LEU O 171 39.28 5.42 -5.60
N PHE O 172 38.16 5.23 -4.89
CA PHE O 172 36.84 5.48 -5.47
C PHE O 172 36.60 6.97 -5.74
N THR O 173 37.43 7.89 -5.20
CA THR O 173 37.28 9.30 -5.52
C THR O 173 37.64 9.58 -6.97
N GLY O 174 38.42 8.69 -7.62
CA GLY O 174 38.82 8.88 -9.00
C GLY O 174 40.02 9.81 -9.16
N LYS O 175 40.65 10.21 -8.06
CA LYS O 175 41.85 11.02 -8.13
C LYS O 175 43.07 10.12 -7.98
N VAL O 176 44.23 10.70 -8.28
CA VAL O 176 45.51 10.10 -7.96
C VAL O 176 45.68 10.18 -6.44
N ILE O 177 45.82 9.03 -5.79
CA ILE O 177 45.93 9.01 -4.35
C ILE O 177 47.19 8.24 -3.93
N ARG O 178 47.65 8.55 -2.72
CA ARG O 178 48.74 7.90 -2.03
C ARG O 178 48.21 7.52 -0.66
N HIS O 179 48.74 6.45 -0.07
CA HIS O 179 48.31 6.01 1.24
C HIS O 179 49.48 5.32 1.94
N GLU O 180 49.67 5.66 3.22
CA GLU O 180 50.62 4.97 4.06
C GLU O 180 49.99 4.80 5.44
N GLY O 181 49.69 3.57 5.81
CA GLY O 181 49.16 3.26 7.13
C GLY O 181 49.92 2.11 7.76
N VAL O 182 49.37 1.59 8.86
CA VAL O 182 50.00 0.48 9.55
C VAL O 182 50.11 -0.74 8.64
N TYR O 183 49.09 -1.01 7.81
CA TYR O 183 49.01 -2.29 7.11
C TYR O 183 49.23 -2.16 5.61
N PHE O 184 48.92 -1.01 4.99
CA PHE O 184 48.95 -0.93 3.54
C PHE O 184 49.74 0.29 3.09
N LYS O 185 50.45 0.13 1.97
CA LYS O 185 51.15 1.21 1.32
C LYS O 185 50.66 1.25 -0.12
N VAL O 186 50.17 2.42 -0.53
CA VAL O 186 49.74 2.63 -1.90
C VAL O 186 50.52 3.80 -2.46
N GLU O 187 51.30 3.55 -3.50
CA GLU O 187 51.96 4.59 -4.27
C GLU O 187 50.94 5.21 -5.22
N SER O 188 51.29 6.38 -5.79
CA SER O 188 50.41 7.10 -6.69
C SER O 188 49.57 6.15 -7.54
N ALA O 189 48.26 6.14 -7.27
CA ALA O 189 47.35 5.22 -7.93
C ALA O 189 46.02 5.92 -8.20
N LYS O 190 45.45 5.59 -9.36
CA LYS O 190 44.17 6.15 -9.78
C LYS O 190 43.37 5.11 -10.55
N LEU O 191 42.07 5.05 -10.28
CA LEU O 191 41.14 4.25 -11.06
C LEU O 191 40.64 5.08 -12.25
N TYR O 192 41.14 4.78 -13.44
CA TYR O 192 40.71 5.47 -14.65
C TYR O 192 39.36 4.94 -15.13
N THR O 193 39.08 3.65 -14.88
CA THR O 193 37.82 3.05 -15.25
C THR O 193 36.92 3.05 -14.01
N MET O 194 35.90 3.90 -14.06
CA MET O 194 35.11 4.29 -12.90
CA MET O 194 35.12 4.29 -12.90
C MET O 194 33.66 4.43 -13.35
N PRO O 195 32.66 3.98 -12.54
CA PRO O 195 31.27 4.37 -12.82
C PRO O 195 31.09 5.84 -12.43
N ASP O 196 30.00 6.47 -12.89
CA ASP O 196 29.69 7.83 -12.49
C ASP O 196 29.53 7.90 -10.97
N VAL O 197 28.93 6.86 -10.40
CA VAL O 197 28.73 6.78 -8.96
C VAL O 197 29.28 5.44 -8.46
N PRO O 198 30.07 5.45 -7.37
CA PRO O 198 30.73 4.23 -6.90
C PRO O 198 29.72 3.20 -6.41
N PRO O 199 30.05 1.90 -6.44
CA PRO O 199 29.17 0.88 -5.87
C PRO O 199 29.21 1.07 -4.36
N PRO O 200 28.15 0.67 -3.64
CA PRO O 200 28.16 0.73 -2.21
C PRO O 200 29.14 -0.26 -1.61
N ILE O 201 29.76 0.11 -0.50
CA ILE O 201 30.58 -0.78 0.29
C ILE O 201 29.73 -1.30 1.45
N ILE O 202 29.58 -2.62 1.48
CA ILE O 202 28.81 -3.34 2.45
C ILE O 202 29.77 -4.15 3.31
N VAL O 203 29.68 -4.04 4.63
CA VAL O 203 30.53 -4.84 5.49
C VAL O 203 29.72 -6.02 6.02
N GLY O 204 30.29 -7.23 5.86
CA GLY O 204 29.77 -8.44 6.48
C GLY O 204 30.40 -8.65 7.87
N THR O 205 29.59 -8.56 8.93
CA THR O 205 30.07 -8.70 10.29
C THR O 205 28.91 -9.11 11.20
N ALA O 206 29.24 -9.75 12.32
CA ALA O 206 28.32 -10.07 13.40
C ALA O 206 28.75 -9.39 14.69
N GLY O 207 29.73 -8.49 14.62
CA GLY O 207 30.23 -7.79 15.80
C GLY O 207 29.54 -6.45 16.00
N PRO O 208 29.00 -6.16 17.20
CA PRO O 208 28.43 -4.83 17.49
C PRO O 208 29.36 -3.67 17.17
N TYR O 209 30.63 -3.80 17.54
CA TYR O 209 31.59 -2.73 17.32
C TYR O 209 31.70 -2.45 15.81
N MET O 210 31.93 -3.49 15.00
CA MET O 210 32.18 -3.29 13.58
C MET O 210 30.88 -2.85 12.88
N ALA O 211 29.72 -3.27 13.42
CA ALA O 211 28.45 -2.85 12.86
C ALA O 211 28.32 -1.33 12.98
N LYS O 212 28.68 -0.76 14.13
CA LYS O 212 28.67 0.67 14.33
C LYS O 212 29.63 1.35 13.35
N LYS O 213 30.85 0.81 13.22
CA LYS O 213 31.85 1.34 12.32
C LYS O 213 31.35 1.28 10.88
N THR O 214 30.61 0.22 10.54
CA THR O 214 30.08 0.06 9.19
C THR O 214 29.14 1.22 8.90
N GLY O 215 28.27 1.56 9.83
CA GLY O 215 27.36 2.69 9.66
C GLY O 215 28.13 4.00 9.49
N GLN O 216 29.19 4.16 10.26
CA GLN O 216 30.01 5.36 10.23
C GLN O 216 30.75 5.51 8.90
N LEU O 217 31.35 4.42 8.40
CA LEU O 217 32.37 4.49 7.36
C LEU O 217 31.88 3.96 6.03
N CYS O 218 30.83 3.16 5.99
CA CYS O 218 30.45 2.43 4.79
C CYS O 218 28.98 2.70 4.46
N ASP O 219 28.42 1.94 3.54
CA ASP O 219 27.12 2.23 2.95
C ASP O 219 26.04 1.27 3.44
N GLY O 220 26.41 0.11 3.98
CA GLY O 220 25.43 -0.89 4.34
C GLY O 220 26.00 -2.04 5.14
N LEU O 221 25.09 -2.82 5.73
CA LEU O 221 25.44 -3.92 6.61
C LEU O 221 24.96 -5.23 6.02
N LEU O 222 25.81 -6.26 6.12
CA LEU O 222 25.47 -7.64 5.82
C LEU O 222 25.81 -8.47 7.05
N THR O 223 24.87 -9.27 7.54
CA THR O 223 25.10 -10.06 8.73
C THR O 223 24.51 -11.45 8.51
N PRO O 224 24.99 -12.49 9.24
CA PRO O 224 24.39 -13.82 9.15
C PRO O 224 23.16 -13.95 10.04
N GLY O 225 22.37 -15.00 9.75
CA GLY O 225 21.26 -15.38 10.60
C GLY O 225 21.70 -15.56 12.06
N ALA O 226 20.90 -15.06 13.00
CA ALA O 226 21.18 -15.18 14.42
C ALA O 226 19.90 -14.89 15.19
N ASN O 227 19.92 -14.97 16.52
CA ASN O 227 18.69 -14.78 17.29
C ASN O 227 18.27 -13.31 17.21
N ASP O 228 17.01 -13.05 17.59
CA ASP O 228 16.40 -11.73 17.46
C ASP O 228 17.19 -10.67 18.22
N GLU O 229 17.63 -10.99 19.45
CA GLU O 229 18.32 -10.04 20.28
C GLU O 229 19.60 -9.54 19.59
N LYS O 230 20.37 -10.47 19.01
CA LYS O 230 21.64 -10.13 18.40
C LYS O 230 21.41 -9.30 17.13
N LEU O 231 20.39 -9.66 16.33
CA LEU O 231 20.10 -8.95 15.10
C LEU O 231 19.65 -7.52 15.39
N ARG O 232 18.79 -7.36 16.41
CA ARG O 232 18.31 -6.04 16.78
C ARG O 232 19.48 -5.14 17.22
N LEU O 233 20.42 -5.73 17.96
CA LEU O 233 21.56 -4.97 18.45
C LEU O 233 22.41 -4.51 17.28
N LEU O 234 22.70 -5.41 16.34
CA LEU O 234 23.52 -5.09 15.18
C LEU O 234 22.85 -4.00 14.35
N LEU O 235 21.55 -4.12 14.10
CA LEU O 235 20.84 -3.09 13.36
C LEU O 235 20.97 -1.74 14.08
N SER O 236 20.72 -1.76 15.40
CA SER O 236 20.73 -0.53 16.19
C SER O 236 22.13 0.11 16.17
N ARG O 237 23.18 -0.69 16.31
CA ARG O 237 24.55 -0.20 16.30
C ARG O 237 24.89 0.43 14.96
N PHE O 238 24.49 -0.25 13.88
CA PHE O 238 24.69 0.27 12.54
C PHE O 238 24.00 1.63 12.37
N GLU O 239 22.75 1.73 12.83
CA GLU O 239 21.99 2.96 12.69
C GLU O 239 22.65 4.10 13.46
N GLU O 240 23.06 3.81 14.70
CA GLU O 240 23.70 4.77 15.59
C GLU O 240 24.98 5.29 14.96
N GLY O 241 25.78 4.39 14.39
CA GLY O 241 27.03 4.76 13.73
C GLY O 241 26.81 5.71 12.57
N ALA O 242 25.79 5.40 11.75
CA ALA O 242 25.44 6.24 10.62
C ALA O 242 25.00 7.62 11.10
N ARG O 243 24.12 7.65 12.12
CA ARG O 243 23.57 8.90 12.60
C ARG O 243 24.67 9.78 13.20
N ALA O 244 25.57 9.20 13.99
CA ALA O 244 26.63 9.97 14.61
C ALA O 244 27.58 10.53 13.54
N ALA O 245 27.62 9.94 12.35
CA ALA O 245 28.43 10.49 11.27
C ALA O 245 27.64 11.41 10.34
N GLY O 246 26.41 11.78 10.72
CA GLY O 246 25.62 12.73 9.96
C GLY O 246 24.90 12.10 8.75
N LYS O 247 24.86 10.76 8.68
CA LYS O 247 24.25 10.08 7.54
C LYS O 247 22.82 9.66 7.87
N ASP O 248 22.02 9.34 6.82
CA ASP O 248 20.65 8.93 7.00
C ASP O 248 20.53 7.40 6.85
N PRO O 249 20.39 6.66 7.99
CA PRO O 249 20.36 5.21 7.93
C PRO O 249 19.13 4.59 7.29
N ARG O 250 18.07 5.40 7.12
CA ARG O 250 16.84 4.93 6.51
C ARG O 250 17.08 4.61 5.04
N ARG O 251 18.13 5.20 4.42
CA ARG O 251 18.41 4.95 3.03
C ARG O 251 19.58 3.96 2.88
N MET O 252 20.05 3.34 3.96
CA MET O 252 21.19 2.45 3.90
C MET O 252 20.74 1.00 4.09
N PRO O 253 21.20 0.08 3.20
CA PRO O 253 20.76 -1.31 3.23
C PRO O 253 21.15 -2.05 4.49
N ARG O 254 20.26 -2.88 4.97
CA ARG O 254 20.53 -3.82 6.07
C ARG O 254 20.18 -5.22 5.57
N MET O 255 21.22 -6.01 5.33
CA MET O 255 21.11 -7.24 4.56
C MET O 255 21.43 -8.42 5.48
N ILE O 256 20.74 -9.53 5.28
CA ILE O 256 21.02 -10.73 6.06
C ILE O 256 21.16 -11.92 5.12
N GLN O 257 22.13 -12.80 5.44
CA GLN O 257 22.34 -14.04 4.71
C GLN O 257 21.92 -15.21 5.61
N VAL O 258 20.95 -16.00 5.12
CA VAL O 258 20.46 -17.12 5.90
C VAL O 258 20.70 -18.43 5.14
N HIS O 259 20.84 -19.51 5.91
CA HIS O 259 21.02 -20.85 5.39
C HIS O 259 19.77 -21.65 5.70
N VAL O 260 19.19 -22.26 4.67
CA VAL O 260 18.01 -23.09 4.84
C VAL O 260 18.27 -24.43 4.16
N SER O 261 17.44 -25.42 4.50
CA SER O 261 17.40 -26.68 3.80
C SER O 261 15.94 -26.99 3.49
N TRP O 262 15.57 -26.82 2.22
CA TRP O 262 14.29 -27.28 1.71
C TRP O 262 14.52 -28.55 0.90
N ALA O 263 13.59 -29.50 1.05
CA ALA O 263 13.59 -30.72 0.28
C ALA O 263 12.18 -31.32 0.32
N GLU O 264 12.02 -32.49 -0.30
CA GLU O 264 10.71 -33.08 -0.49
C GLU O 264 10.13 -33.53 0.84
N THR O 265 11.00 -33.97 1.76
CA THR O 265 10.60 -34.33 3.12
C THR O 265 11.53 -33.64 4.11
N ASP O 266 11.07 -33.51 5.35
CA ASP O 266 11.87 -33.03 6.47
C ASP O 266 13.12 -33.89 6.60
N GLU O 267 12.98 -35.21 6.47
CA GLU O 267 14.09 -36.12 6.66
C GLU O 267 15.20 -35.81 5.64
N GLN O 268 14.83 -35.59 4.37
CA GLN O 268 15.81 -35.27 3.33
C GLN O 268 16.44 -33.91 3.61
N ALA O 269 15.66 -32.96 4.15
CA ALA O 269 16.17 -31.63 4.44
C ALA O 269 17.25 -31.70 5.50
N ILE O 270 17.02 -32.53 6.52
CA ILE O 270 17.98 -32.74 7.59
C ILE O 270 19.23 -33.41 7.03
N GLU O 271 19.08 -34.44 6.22
CA GLU O 271 20.20 -35.20 5.66
C GLU O 271 21.05 -34.28 4.80
N ASN O 272 20.40 -33.43 4.00
CA ASN O 272 21.09 -32.49 3.12
C ASN O 272 21.97 -31.55 3.93
N ALA O 273 21.46 -31.05 5.05
CA ALA O 273 22.23 -30.14 5.89
C ALA O 273 23.46 -30.83 6.47
N LEU O 274 23.31 -32.04 6.99
CA LEU O 274 24.42 -32.82 7.57
C LEU O 274 25.51 -33.07 6.53
N ARG O 275 25.10 -33.46 5.32
CA ARG O 275 26.04 -33.90 4.30
C ARG O 275 26.74 -32.70 3.67
N GLU O 276 25.98 -31.64 3.40
CA GLU O 276 26.44 -30.54 2.55
C GLU O 276 26.98 -29.37 3.35
N TRP O 277 26.51 -29.17 4.57
CA TRP O 277 26.76 -27.91 5.27
C TRP O 277 26.97 -28.16 6.77
N PRO O 278 27.85 -29.11 7.15
CA PRO O 278 28.07 -29.39 8.57
C PRO O 278 28.62 -28.18 9.32
N ASN O 279 29.31 -27.29 8.58
CA ASN O 279 29.83 -26.06 9.14
C ASN O 279 28.70 -25.20 9.70
N GLY O 280 27.49 -25.38 9.16
CA GLY O 280 26.29 -24.73 9.69
C GLY O 280 25.97 -25.19 11.11
N GLY O 281 26.44 -26.37 11.52
CA GLY O 281 26.20 -26.88 12.86
C GLY O 281 27.39 -26.69 13.78
N MET O 282 28.34 -25.84 13.35
CA MET O 282 29.54 -25.57 14.14
C MET O 282 29.40 -24.19 14.76
N ALA O 283 28.78 -24.17 15.96
CA ALA O 283 28.53 -22.92 16.67
C ALA O 283 29.77 -22.55 17.48
N PHE O 284 30.81 -22.14 16.77
CA PHE O 284 32.09 -21.78 17.37
C PHE O 284 32.89 -21.00 16.33
N PRO O 285 33.90 -20.21 16.73
CA PRO O 285 34.61 -19.34 15.77
C PRO O 285 35.43 -20.23 14.83
N LYS O 286 35.34 -19.96 13.53
CA LYS O 286 35.91 -20.85 12.52
C LYS O 286 37.01 -20.18 11.70
N GLY O 287 37.36 -18.94 12.07
CA GLY O 287 38.21 -18.11 11.22
C GLY O 287 39.69 -18.48 11.25
N ASP O 288 40.10 -19.39 12.14
CA ASP O 288 41.50 -19.78 12.28
C ASP O 288 41.80 -21.14 11.64
N ILE O 289 40.76 -21.88 11.21
CA ILE O 289 40.93 -23.24 10.74
C ILE O 289 41.34 -23.23 9.27
N ARG O 290 42.44 -23.92 8.95
CA ARG O 290 43.14 -23.72 7.70
C ARG O 290 42.65 -24.60 6.55
N ASN O 291 42.30 -25.86 6.83
CA ASN O 291 42.16 -26.85 5.78
C ASN O 291 40.74 -27.39 5.66
N PRO O 292 40.26 -27.68 4.43
CA PRO O 292 39.02 -28.43 4.26
C PRO O 292 39.00 -29.74 5.04
N GLU O 293 40.15 -30.42 5.12
CA GLU O 293 40.28 -31.67 5.84
C GLU O 293 40.04 -31.46 7.35
N ASP O 294 40.34 -30.27 7.87
CA ASP O 294 40.12 -29.99 9.29
C ASP O 294 38.61 -29.92 9.55
N PHE O 295 37.89 -29.13 8.76
CA PHE O 295 36.45 -29.04 8.89
C PHE O 295 35.81 -30.40 8.66
N GLN O 296 36.35 -31.15 7.70
CA GLN O 296 35.80 -32.46 7.37
C GLN O 296 35.84 -33.37 8.59
N ALA O 297 36.96 -33.36 9.33
CA ALA O 297 37.08 -34.19 10.51
C ALA O 297 36.15 -33.69 11.62
N MET O 298 36.01 -32.36 11.73
CA MET O 298 35.14 -31.77 12.73
C MET O 298 33.68 -32.09 12.41
N ALA O 299 33.35 -32.19 11.12
CA ALA O 299 31.99 -32.45 10.66
C ALA O 299 31.42 -33.75 11.24
N ARG O 300 32.30 -34.73 11.51
CA ARG O 300 31.88 -36.03 11.98
C ARG O 300 31.17 -35.91 13.34
N LEU O 301 31.34 -34.79 14.05
CA LEU O 301 30.70 -34.57 15.33
C LEU O 301 29.33 -33.92 15.18
N VAL O 302 29.01 -33.37 14.02
CA VAL O 302 27.81 -32.54 13.90
C VAL O 302 26.58 -33.43 13.80
N ARG O 303 25.53 -33.03 14.52
CA ARG O 303 24.26 -33.72 14.56
C ARG O 303 23.14 -32.72 14.30
N PRO O 304 21.91 -33.16 13.93
CA PRO O 304 20.81 -32.23 13.64
C PRO O 304 20.56 -31.12 14.68
N GLU O 305 20.66 -31.46 15.98
CA GLU O 305 20.43 -30.51 17.06
C GLU O 305 21.28 -29.25 16.87
N HIS O 306 22.51 -29.41 16.35
CA HIS O 306 23.48 -28.31 16.32
C HIS O 306 23.10 -27.22 15.32
N PHE O 307 22.11 -27.50 14.46
CA PHE O 307 21.68 -26.57 13.43
C PHE O 307 20.54 -25.66 13.89
N GLN O 308 19.98 -25.85 15.10
CA GLN O 308 18.81 -25.06 15.47
C GLN O 308 19.19 -23.58 15.55
N GLY O 309 18.39 -22.75 14.87
CA GLY O 309 18.62 -21.31 14.79
C GLY O 309 19.66 -20.91 13.74
N ARG O 310 20.28 -21.90 13.08
CA ARG O 310 21.38 -21.64 12.17
C ARG O 310 21.02 -22.10 10.75
N VAL O 311 20.21 -23.18 10.66
CA VAL O 311 19.76 -23.71 9.39
C VAL O 311 18.35 -24.25 9.61
N LEU O 312 17.39 -23.62 8.93
CA LEU O 312 16.01 -24.09 8.95
C LEU O 312 15.89 -25.30 8.03
N MET O 313 15.41 -26.42 8.58
CA MET O 313 15.40 -27.68 7.87
C MET O 313 13.96 -28.19 7.85
N THR O 314 13.24 -27.94 6.74
CA THR O 314 11.87 -28.39 6.61
C THR O 314 11.44 -28.33 5.16
N SER O 315 10.48 -29.22 4.83
CA SER O 315 9.84 -29.27 3.53
C SER O 315 8.67 -28.29 3.47
N ASP O 316 8.27 -27.76 4.62
CA ASP O 316 7.09 -26.92 4.73
C ASP O 316 7.46 -25.51 4.29
N LEU O 317 6.98 -25.12 3.09
CA LEU O 317 7.32 -23.84 2.49
C LEU O 317 6.62 -22.69 3.22
N ASP O 318 5.52 -22.95 3.92
CA ASP O 318 4.89 -21.94 4.74
C ASP O 318 5.84 -21.52 5.86
N ARG O 319 6.60 -22.47 6.43
CA ARG O 319 7.51 -22.18 7.53
C ARG O 319 8.72 -21.38 7.03
N HIS O 320 9.15 -21.66 5.79
CA HIS O 320 10.17 -20.87 5.15
C HIS O 320 9.68 -19.42 5.01
N GLY O 321 8.44 -19.25 4.56
CA GLY O 321 7.83 -17.94 4.38
C GLY O 321 7.81 -17.13 5.68
N GLU O 322 7.36 -17.76 6.77
CA GLU O 322 7.25 -17.09 8.06
C GLU O 322 8.63 -16.71 8.59
N PHE O 323 9.59 -17.62 8.42
CA PHE O 323 10.95 -17.38 8.87
C PHE O 323 11.52 -16.13 8.20
N LEU O 324 11.30 -16.00 6.88
CA LEU O 324 11.84 -14.88 6.12
C LEU O 324 11.08 -13.59 6.47
N GLN O 325 9.76 -13.68 6.57
CA GLN O 325 8.93 -12.54 6.89
C GLN O 325 9.35 -11.93 8.25
N HIS O 326 9.65 -12.80 9.23
CA HIS O 326 10.09 -12.36 10.54
C HIS O 326 11.32 -11.47 10.42
N LEU O 327 12.24 -11.83 9.52
CA LEU O 327 13.48 -11.09 9.37
C LEU O 327 13.21 -9.72 8.74
N ILE O 328 12.27 -9.67 7.79
CA ILE O 328 11.85 -8.38 7.23
C ILE O 328 11.30 -7.50 8.35
N ASP O 329 10.47 -8.11 9.19
CA ASP O 329 9.79 -7.40 10.27
C ASP O 329 10.82 -6.85 11.28
N LEU O 330 11.96 -7.53 11.46
CA LEU O 330 13.03 -7.04 12.33
C LEU O 330 13.68 -5.80 11.77
N GLY O 331 13.62 -5.61 10.44
CA GLY O 331 14.13 -4.41 9.80
C GLY O 331 15.15 -4.68 8.70
N PHE O 332 15.33 -5.94 8.29
CA PHE O 332 16.20 -6.26 7.17
C PHE O 332 15.52 -5.89 5.87
N THR O 333 16.28 -5.25 4.98
CA THR O 333 15.74 -4.71 3.74
C THR O 333 16.08 -5.63 2.59
N GLU O 334 17.02 -6.57 2.80
CA GLU O 334 17.30 -7.63 1.83
C GLU O 334 17.63 -8.92 2.57
N ILE O 335 17.20 -10.04 1.99
CA ILE O 335 17.57 -11.36 2.50
C ILE O 335 18.15 -12.16 1.35
N TYR O 336 19.32 -12.79 1.59
CA TYR O 336 19.96 -13.70 0.66
C TYR O 336 19.84 -15.10 1.23
N VAL O 337 19.20 -15.98 0.46
CA VAL O 337 18.90 -17.33 0.94
C VAL O 337 19.83 -18.33 0.27
N HIS O 338 20.52 -19.09 1.11
CA HIS O 338 21.34 -20.22 0.69
C HIS O 338 20.62 -21.52 1.06
N ASN O 339 20.13 -22.24 0.06
CA ASN O 339 19.66 -23.60 0.27
C ASN O 339 20.87 -24.53 0.25
N VAL O 340 21.02 -25.32 1.32
CA VAL O 340 22.24 -26.10 1.49
C VAL O 340 22.22 -27.34 0.60
N GLY O 341 21.06 -27.79 0.16
CA GLY O 341 20.95 -29.00 -0.63
C GLY O 341 21.46 -28.83 -2.06
N ARG O 342 21.76 -29.95 -2.71
CA ARG O 342 22.16 -29.99 -4.11
C ARG O 342 20.98 -29.74 -5.03
N ASN O 343 19.75 -29.74 -4.48
CA ASN O 343 18.52 -29.58 -5.22
C ASN O 343 18.23 -28.09 -5.47
N GLN O 344 19.17 -27.39 -6.12
CA GLN O 344 19.10 -25.95 -6.28
C GLN O 344 17.95 -25.56 -7.20
N GLU O 345 17.82 -26.25 -8.33
CA GLU O 345 16.79 -25.91 -9.29
C GLU O 345 15.42 -26.04 -8.64
N GLU O 346 15.22 -27.13 -7.88
CA GLU O 346 13.91 -27.45 -7.30
C GLU O 346 13.61 -26.42 -6.20
N PHE O 347 14.64 -26.05 -5.44
CA PHE O 347 14.52 -25.05 -4.39
C PHE O 347 14.10 -23.72 -5.01
N ILE O 348 14.77 -23.32 -6.09
CA ILE O 348 14.49 -22.06 -6.74
C ILE O 348 13.05 -22.02 -7.21
N ARG O 349 12.56 -23.10 -7.82
CA ARG O 349 11.21 -23.14 -8.36
C ARG O 349 10.18 -23.14 -7.23
N ALA O 350 10.48 -23.86 -6.16
CA ALA O 350 9.59 -23.94 -5.00
C ALA O 350 9.46 -22.57 -4.33
N TYR O 351 10.59 -21.87 -4.14
CA TYR O 351 10.55 -20.54 -3.55
C TYR O 351 9.82 -19.58 -4.48
N GLY O 352 10.06 -19.69 -5.78
CA GLY O 352 9.44 -18.81 -6.77
C GLY O 352 7.91 -18.94 -6.77
N ARG O 353 7.42 -20.17 -6.57
CA ARG O 353 6.00 -20.48 -6.60
C ARG O 353 5.34 -20.12 -5.25
N ALA O 354 5.99 -20.47 -4.12
CA ALA O 354 5.29 -20.57 -2.85
C ALA O 354 5.77 -19.59 -1.79
N VAL O 355 6.96 -18.97 -1.96
CA VAL O 355 7.52 -18.14 -0.92
C VAL O 355 7.60 -16.68 -1.35
N ILE O 356 8.29 -16.42 -2.46
CA ILE O 356 8.60 -15.05 -2.87
C ILE O 356 7.33 -14.22 -3.06
N PRO O 357 6.28 -14.70 -3.76
CA PRO O 357 5.07 -13.91 -3.95
C PRO O 357 4.39 -13.45 -2.66
N HIS O 358 4.60 -14.16 -1.55
CA HIS O 358 3.88 -13.91 -0.30
C HIS O 358 4.71 -13.09 0.69
N LEU O 359 5.97 -12.76 0.37
CA LEU O 359 6.77 -11.90 1.23
C LEU O 359 6.31 -10.46 1.06
N ARG O 360 6.16 -9.76 2.19
CA ARG O 360 5.72 -8.36 2.22
C ARG O 360 6.90 -7.47 2.61
N TRP O 361 7.43 -6.74 1.62
CA TRP O 361 8.52 -5.80 1.83
C TRP O 361 7.97 -4.39 2.07
N PRO O 362 8.57 -3.57 2.95
CA PRO O 362 8.24 -2.14 2.99
C PRO O 362 8.53 -1.50 1.63
N ALA O 363 7.64 -0.60 1.20
CA ALA O 363 7.61 -0.11 -0.17
C ALA O 363 8.89 0.69 -0.51
N ASP O 364 9.41 1.43 0.47
CA ASP O 364 10.54 2.31 0.15
C ASP O 364 11.90 1.69 0.40
N ALA O 365 11.93 0.40 0.79
CA ALA O 365 13.09 -0.16 1.48
C ALA O 365 14.35 0.00 0.64
N PRO O 366 15.46 0.50 1.22
CA PRO O 366 16.71 0.64 0.47
C PRO O 366 17.35 -0.71 0.17
N VAL O 367 17.89 -0.76 -1.04
CA VAL O 367 18.47 -1.95 -1.60
C VAL O 367 19.93 -1.59 -1.94
N ALA O 368 20.83 -2.57 -1.87
CA ALA O 368 22.25 -2.35 -2.09
C ALA O 368 22.50 -2.08 -3.57
N GLN O 369 22.67 -0.79 -3.90
CA GLN O 369 22.97 -0.31 -5.23
C GLN O 369 23.41 1.15 -5.11
N ALA O 370 24.13 1.65 -6.12
CA ALA O 370 24.66 3.01 -6.12
C ALA O 370 23.54 4.05 -6.08
N MET O 371 23.72 5.11 -5.25
CA MET O 371 22.66 6.02 -4.82
C MET O 371 21.59 6.20 -5.94
N SER P 34 38.71 -21.72 -41.96
CA SER P 34 40.20 -21.62 -41.96
C SER P 34 40.63 -20.18 -41.76
N SER P 35 39.84 -19.14 -42.21
CA SER P 35 40.18 -17.75 -41.99
C SER P 35 39.94 -17.31 -40.54
N ARG P 36 40.81 -16.41 -40.06
CA ARG P 36 40.86 -16.06 -38.66
C ARG P 36 41.91 -14.97 -38.44
N LEU P 37 41.79 -14.31 -37.28
CA LEU P 37 42.73 -13.31 -36.81
C LEU P 37 42.35 -12.97 -35.37
N GLY P 38 43.34 -12.53 -34.60
CA GLY P 38 43.11 -12.11 -33.23
C GLY P 38 42.86 -10.60 -33.13
N TYR P 39 41.94 -10.24 -32.21
CA TYR P 39 41.68 -8.86 -31.86
C TYR P 39 42.30 -8.56 -30.51
N SER P 40 43.03 -7.45 -30.46
CA SER P 40 43.69 -7.01 -29.25
C SER P 40 42.82 -5.97 -28.56
N ALA P 41 42.36 -6.29 -27.34
CA ALA P 41 41.48 -5.42 -26.57
C ALA P 41 42.31 -4.54 -25.64
N SER P 42 42.36 -3.24 -25.97
CA SER P 42 43.22 -2.29 -25.31
C SER P 42 42.52 -1.66 -24.10
N PHE P 43 42.72 -2.26 -22.93
CA PHE P 43 42.13 -1.79 -21.69
C PHE P 43 42.71 -0.43 -21.30
N GLU P 44 43.90 -0.11 -21.80
CA GLU P 44 44.50 1.19 -21.51
C GLU P 44 43.65 2.31 -22.09
N GLN P 45 42.93 2.03 -23.19
CA GLN P 45 42.28 3.09 -23.95
C GLN P 45 40.75 3.08 -23.83
N PHE P 46 40.14 1.90 -23.69
CA PHE P 46 38.72 1.76 -23.97
C PHE P 46 37.96 1.24 -22.76
N HIS P 47 36.79 1.83 -22.55
CA HIS P 47 35.87 1.41 -21.51
C HIS P 47 35.54 -0.06 -21.73
N PRO P 48 35.52 -0.88 -20.65
CA PRO P 48 35.23 -2.31 -20.80
C PRO P 48 33.92 -2.63 -21.51
N SER P 49 32.89 -1.78 -21.34
CA SER P 49 31.63 -2.00 -22.03
C SER P 49 31.80 -1.88 -23.54
N ASP P 50 32.62 -0.92 -23.98
CA ASP P 50 32.90 -0.75 -25.40
C ASP P 50 33.70 -1.93 -25.92
N LEU P 51 34.70 -2.37 -25.15
CA LEU P 51 35.51 -3.52 -25.55
C LEU P 51 34.62 -4.75 -25.70
N LEU P 52 33.64 -4.91 -24.81
CA LEU P 52 32.76 -6.07 -24.88
C LEU P 52 31.98 -6.05 -26.19
N ARG P 53 31.36 -4.90 -26.51
CA ARG P 53 30.57 -4.77 -27.73
C ARG P 53 31.45 -5.00 -28.97
N TRP P 54 32.68 -4.45 -28.95
CA TRP P 54 33.55 -4.54 -30.10
C TRP P 54 34.05 -5.96 -30.32
N CYS P 55 34.29 -6.72 -29.24
CA CYS P 55 34.69 -8.11 -29.37
C CYS P 55 33.54 -8.92 -29.98
N GLN P 56 32.30 -8.62 -29.59
CA GLN P 56 31.14 -9.29 -30.14
C GLN P 56 31.04 -9.02 -31.64
N LEU P 57 31.34 -7.79 -32.04
CA LEU P 57 31.34 -7.42 -33.44
C LEU P 57 32.50 -8.12 -34.17
N ALA P 58 33.68 -8.12 -33.54
CA ALA P 58 34.85 -8.75 -34.13
C ALA P 58 34.56 -10.20 -34.45
N GLU P 59 33.86 -10.90 -33.54
CA GLU P 59 33.47 -12.28 -33.78
C GLU P 59 32.62 -12.38 -35.04
N GLN P 60 31.63 -11.48 -35.19
CA GLN P 60 30.77 -11.48 -36.36
C GLN P 60 31.60 -11.26 -37.63
N GLU P 61 32.70 -10.49 -37.51
CA GLU P 61 33.46 -10.06 -38.67
C GLU P 61 34.63 -10.99 -38.99
N GLY P 62 34.77 -12.12 -38.27
CA GLY P 62 35.73 -13.15 -38.64
C GLY P 62 36.95 -13.26 -37.71
N PHE P 63 37.07 -12.37 -36.70
CA PHE P 63 38.10 -12.57 -35.69
C PHE P 63 37.71 -13.78 -34.85
N ASP P 64 38.68 -14.55 -34.37
CA ASP P 64 38.41 -15.80 -33.67
C ASP P 64 38.92 -15.79 -32.23
N SER P 65 39.68 -14.77 -31.82
CA SER P 65 40.26 -14.76 -30.49
CA SER P 65 40.28 -14.75 -30.49
C SER P 65 40.58 -13.32 -30.07
N VAL P 66 40.73 -13.15 -28.76
CA VAL P 66 40.93 -11.86 -28.13
C VAL P 66 42.13 -11.95 -27.21
N LEU P 67 42.98 -10.92 -27.28
CA LEU P 67 44.05 -10.72 -26.32
C LEU P 67 43.66 -9.51 -25.48
N ALA P 68 43.65 -9.70 -24.15
CA ALA P 68 43.21 -8.67 -23.23
C ALA P 68 44.35 -8.30 -22.29
N ALA P 69 44.74 -7.03 -22.34
CA ALA P 69 45.74 -6.46 -21.45
C ALA P 69 45.28 -6.56 -19.99
N ASP P 70 46.24 -6.78 -19.09
CA ASP P 70 45.98 -6.82 -17.65
C ASP P 70 46.70 -5.64 -17.01
N HIS P 71 46.04 -4.48 -16.99
CA HIS P 71 46.64 -3.26 -16.46
C HIS P 71 45.88 -2.80 -15.23
N PHE P 72 46.56 -1.98 -14.43
CA PHE P 72 45.92 -1.13 -13.44
C PHE P 72 45.88 0.31 -13.94
N HIS P 73 46.91 0.72 -14.68
CA HIS P 73 46.99 2.07 -15.20
C HIS P 73 47.18 2.07 -16.71
N PRO P 74 46.67 3.11 -17.41
CA PRO P 74 47.01 3.34 -18.81
C PRO P 74 48.43 3.88 -18.86
N TRP P 75 49.04 3.86 -20.05
CA TRP P 75 50.34 4.48 -20.24
C TRP P 75 50.23 5.98 -20.05
N THR P 76 49.15 6.59 -20.54
CA THR P 76 48.96 8.03 -20.46
C THR P 76 47.54 8.34 -20.00
N PRO P 77 47.31 9.51 -19.36
CA PRO P 77 45.95 9.97 -19.07
C PRO P 77 45.04 10.05 -20.29
N GLU P 78 45.62 10.41 -21.44
CA GLU P 78 44.83 10.58 -22.66
C GLU P 78 44.24 9.24 -23.10
N GLN P 79 44.93 8.14 -22.79
CA GLN P 79 44.39 6.81 -23.07
C GLN P 79 43.16 6.58 -22.19
N GLY P 80 43.33 6.77 -20.87
CA GLY P 80 42.22 7.12 -20.00
C GLY P 80 41.47 5.95 -19.37
N GLN P 81 41.93 4.69 -19.52
CA GLN P 81 41.20 3.57 -18.95
C GLN P 81 42.14 2.51 -18.35
N SER P 82 41.56 1.56 -17.58
CA SER P 82 42.20 0.33 -17.16
C SER P 82 41.23 -0.53 -16.37
N GLY P 83 40.32 -1.23 -17.06
CA GLY P 83 39.41 -2.13 -16.40
C GLY P 83 40.12 -3.35 -15.83
N PHE P 84 39.48 -3.97 -14.83
CA PHE P 84 39.96 -5.22 -14.25
C PHE P 84 39.62 -6.36 -15.19
N VAL P 85 40.65 -6.90 -15.85
CA VAL P 85 40.46 -7.78 -16.98
C VAL P 85 39.72 -9.05 -16.56
N TRP P 86 39.97 -9.57 -15.36
CA TRP P 86 39.45 -10.86 -14.97
C TRP P 86 37.93 -10.86 -14.93
N ALA P 87 37.33 -9.76 -14.47
CA ALA P 87 35.87 -9.65 -14.45
C ALA P 87 35.35 -9.57 -15.88
N TRP P 88 35.98 -8.74 -16.70
CA TRP P 88 35.56 -8.56 -18.07
C TRP P 88 35.61 -9.89 -18.84
N LEU P 89 36.61 -10.73 -18.57
CA LEU P 89 36.76 -11.97 -19.34
C LEU P 89 35.56 -12.88 -19.13
N GLY P 90 34.96 -12.84 -17.94
CA GLY P 90 33.75 -13.61 -17.70
C GLY P 90 32.60 -13.18 -18.62
N ALA P 91 32.49 -11.86 -18.82
CA ALA P 91 31.47 -11.30 -19.69
C ALA P 91 31.72 -11.71 -21.13
N LEU P 92 32.98 -11.65 -21.56
CA LEU P 92 33.37 -12.06 -22.90
C LEU P 92 33.03 -13.53 -23.11
N GLY P 93 33.44 -14.37 -22.15
CA GLY P 93 33.21 -15.79 -22.22
C GLY P 93 31.73 -16.12 -22.36
N ALA P 94 30.88 -15.39 -21.64
CA ALA P 94 29.47 -15.76 -21.57
C ALA P 94 28.68 -15.25 -22.77
N THR P 95 29.22 -14.30 -23.55
CA THR P 95 28.47 -13.67 -24.63
C THR P 95 29.07 -13.91 -26.02
N THR P 96 30.15 -14.70 -26.12
CA THR P 96 30.78 -15.00 -27.40
C THR P 96 31.24 -16.45 -27.39
N ARG P 97 31.78 -16.91 -28.53
CA ARG P 97 32.44 -18.21 -28.62
C ARG P 97 33.93 -18.03 -28.92
N LEU P 98 34.42 -16.80 -28.87
CA LEU P 98 35.82 -16.47 -29.11
C LEU P 98 36.73 -17.19 -28.11
N ARG P 99 37.95 -17.50 -28.56
CA ARG P 99 39.04 -17.80 -27.65
C ARG P 99 39.54 -16.48 -27.07
N PHE P 100 40.17 -16.54 -25.90
CA PHE P 100 40.67 -15.32 -25.30
C PHE P 100 41.77 -15.64 -24.29
N GLY P 101 42.64 -14.65 -24.06
CA GLY P 101 43.71 -14.80 -23.09
C GLY P 101 44.15 -13.45 -22.54
N THR P 102 44.85 -13.49 -21.41
CA THR P 102 45.49 -12.33 -20.83
C THR P 102 46.78 -12.08 -21.59
N GLY P 103 47.05 -10.81 -21.91
CA GLY P 103 48.24 -10.47 -22.67
C GLY P 103 48.97 -9.27 -22.08
N VAL P 104 49.61 -9.38 -20.90
CA VAL P 104 49.72 -10.59 -20.10
C VAL P 104 49.51 -10.23 -18.63
N THR P 105 49.30 -11.23 -17.78
CA THR P 105 49.22 -11.06 -16.35
C THR P 105 50.60 -11.28 -15.73
N PRO P 106 51.06 -10.43 -14.79
CA PRO P 106 52.26 -10.71 -14.02
C PRO P 106 51.93 -11.44 -12.72
N PRO P 107 52.16 -12.76 -12.65
CA PRO P 107 51.77 -13.54 -11.47
C PRO P 107 52.85 -13.61 -10.41
N ILE P 108 53.54 -12.49 -10.17
CA ILE P 108 54.77 -12.52 -9.40
C ILE P 108 54.62 -11.79 -8.07
N GLY P 109 53.38 -11.61 -7.62
CA GLY P 109 53.11 -11.31 -6.23
C GLY P 109 53.02 -9.81 -5.92
N PHE P 110 52.82 -8.93 -6.92
CA PHE P 110 52.61 -7.51 -6.65
C PHE P 110 51.10 -7.30 -6.62
N ARG P 111 50.50 -6.99 -7.77
CA ARG P 111 49.05 -6.98 -7.86
C ARG P 111 48.48 -8.38 -7.62
N TYR P 112 49.17 -9.43 -8.05
CA TYR P 112 48.59 -10.76 -8.09
C TYR P 112 49.53 -11.83 -7.54
N HIS P 113 49.04 -12.61 -6.56
CA HIS P 113 49.75 -13.78 -6.09
C HIS P 113 49.55 -14.91 -7.09
N PRO P 114 50.57 -15.73 -7.39
CA PRO P 114 50.43 -16.77 -8.42
C PRO P 114 49.30 -17.75 -8.15
N ALA P 115 49.02 -18.03 -6.88
CA ALA P 115 47.94 -18.96 -6.56
C ALA P 115 46.59 -18.41 -7.03
N ILE P 116 46.42 -17.08 -6.99
CA ILE P 116 45.16 -16.46 -7.38
C ILE P 116 45.03 -16.47 -8.89
N VAL P 117 46.13 -16.19 -9.59
CA VAL P 117 46.12 -16.29 -11.04
C VAL P 117 45.77 -17.72 -11.46
N ALA P 118 46.32 -18.71 -10.75
CA ALA P 118 46.04 -20.09 -11.09
C ALA P 118 44.54 -20.36 -10.94
N GLN P 119 43.96 -19.90 -9.84
CA GLN P 119 42.55 -20.13 -9.58
C GLN P 119 41.70 -19.45 -10.63
N ALA P 120 42.05 -18.21 -10.99
CA ALA P 120 41.29 -17.44 -11.95
C ALA P 120 41.32 -18.15 -13.31
N ALA P 121 42.51 -18.61 -13.71
CA ALA P 121 42.67 -19.30 -14.99
C ALA P 121 41.86 -20.58 -15.01
N ALA P 122 41.94 -21.35 -13.92
CA ALA P 122 41.21 -22.59 -13.84
C ALA P 122 39.70 -22.35 -13.91
N THR P 123 39.22 -21.27 -13.29
CA THR P 123 37.80 -20.98 -13.28
C THR P 123 37.35 -20.63 -14.70
N LEU P 124 38.10 -19.76 -15.38
CA LEU P 124 37.74 -19.35 -16.72
C LEU P 124 37.69 -20.56 -17.65
N GLU P 125 38.72 -21.42 -17.58
CA GLU P 125 38.76 -22.57 -18.45
C GLU P 125 37.65 -23.56 -18.08
N ALA P 126 37.34 -23.68 -16.79
CA ALA P 126 36.27 -24.57 -16.37
C ALA P 126 34.93 -24.10 -16.90
N MET P 127 34.72 -22.78 -16.95
CA MET P 127 33.47 -22.20 -17.42
C MET P 127 33.41 -22.22 -18.95
N PHE P 128 34.56 -22.01 -19.61
CA PHE P 128 34.61 -21.87 -21.05
C PHE P 128 35.65 -22.82 -21.63
N PRO P 129 35.43 -24.15 -21.54
CA PRO P 129 36.49 -25.11 -21.87
C PRO P 129 36.91 -24.98 -23.33
N GLY P 130 38.23 -25.05 -23.56
CA GLY P 130 38.79 -24.98 -24.90
C GLY P 130 39.03 -23.54 -25.36
N ARG P 131 38.78 -22.53 -24.49
CA ARG P 131 38.72 -21.16 -24.98
C ARG P 131 39.76 -20.23 -24.34
N PHE P 132 40.25 -20.56 -23.14
CA PHE P 132 41.11 -19.63 -22.43
C PHE P 132 42.57 -20.04 -22.58
N TRP P 133 43.45 -19.06 -22.71
CA TRP P 133 44.88 -19.29 -22.56
C TRP P 133 45.44 -18.27 -21.58
N LEU P 134 46.32 -18.74 -20.68
CA LEU P 134 46.85 -17.94 -19.60
C LEU P 134 48.16 -17.31 -20.07
N GLY P 135 48.10 -16.04 -20.45
CA GLY P 135 49.30 -15.31 -20.81
C GLY P 135 49.89 -14.60 -19.59
N ILE P 136 51.19 -14.84 -19.35
CA ILE P 136 51.88 -14.29 -18.20
C ILE P 136 53.19 -13.63 -18.65
N GLY P 137 53.71 -12.73 -17.79
CA GLY P 137 54.94 -12.01 -18.04
C GLY P 137 55.52 -11.41 -16.76
N ALA P 138 56.64 -10.70 -16.90
CA ALA P 138 57.43 -10.23 -15.78
C ALA P 138 56.91 -8.90 -15.21
N GLY P 139 55.98 -8.26 -15.92
CA GLY P 139 55.26 -7.11 -15.40
C GLY P 139 56.00 -5.80 -15.58
N GLU P 140 55.27 -4.69 -15.39
CA GLU P 140 55.82 -3.35 -15.47
C GLU P 140 55.45 -2.55 -14.22
N ALA P 141 56.37 -1.64 -13.85
CA ALA P 141 56.17 -0.81 -12.67
C ALA P 141 54.90 0.01 -12.79
N LEU P 142 54.57 0.42 -14.02
CA LEU P 142 53.37 1.21 -14.27
C LEU P 142 52.16 0.63 -13.50
N ASN P 143 52.04 -0.71 -13.48
CA ASN P 143 50.93 -1.36 -12.83
C ASN P 143 51.31 -1.88 -11.43
N GLU P 144 52.54 -2.40 -11.27
CA GLU P 144 52.86 -3.12 -10.04
C GLU P 144 53.29 -2.19 -8.92
N HIS P 145 53.68 -0.95 -9.23
CA HIS P 145 54.26 -0.08 -8.21
C HIS P 145 53.23 0.35 -7.16
N ILE P 146 51.94 0.18 -7.46
CA ILE P 146 50.91 0.67 -6.56
C ILE P 146 50.99 0.01 -5.19
N VAL P 147 51.56 -1.20 -5.09
CA VAL P 147 51.58 -1.90 -3.82
C VAL P 147 52.79 -1.51 -2.97
N GLY P 148 53.66 -0.65 -3.50
CA GLY P 148 54.69 -0.02 -2.69
C GLY P 148 55.83 -0.94 -2.26
N ARG P 149 56.26 -1.84 -3.15
CA ARG P 149 57.29 -2.83 -2.82
C ARG P 149 58.52 -2.64 -3.72
N TYR P 150 59.63 -3.24 -3.26
CA TYR P 150 60.86 -3.30 -4.01
C TYR P 150 60.59 -3.85 -5.41
N TRP P 151 61.07 -3.13 -6.43
CA TRP P 151 60.88 -3.53 -7.82
C TRP P 151 62.19 -4.06 -8.38
N PRO P 152 62.32 -5.39 -8.55
CA PRO P 152 63.58 -5.97 -9.01
C PRO P 152 63.90 -5.65 -10.46
N GLU P 153 65.19 -5.74 -10.80
CA GLU P 153 65.62 -5.63 -12.19
C GLU P 153 64.97 -6.73 -13.02
N PRO P 154 64.85 -6.54 -14.36
CA PRO P 154 64.27 -7.55 -15.25
C PRO P 154 64.74 -8.99 -15.03
N ALA P 155 66.07 -9.20 -14.92
CA ALA P 155 66.57 -10.57 -14.81
C ALA P 155 66.04 -11.22 -13.53
N GLU P 156 65.93 -10.45 -12.44
CA GLU P 156 65.40 -10.99 -11.20
C GLU P 156 63.91 -11.27 -11.36
N ARG P 157 63.17 -10.41 -12.06
CA ARG P 157 61.74 -10.64 -12.23
C ARG P 157 61.51 -11.90 -13.05
N ILE P 158 62.42 -12.21 -13.99
CA ILE P 158 62.36 -13.43 -14.75
C ILE P 158 62.44 -14.62 -13.79
N ARG P 159 63.35 -14.56 -12.82
CA ARG P 159 63.47 -15.64 -11.85
C ARG P 159 62.17 -15.76 -11.06
N MET P 160 61.52 -14.63 -10.76
CA MET P 160 60.26 -14.66 -10.06
C MET P 160 59.20 -15.33 -10.93
N LEU P 161 59.20 -14.99 -12.22
CA LEU P 161 58.21 -15.53 -13.14
C LEU P 161 58.35 -17.05 -13.25
N ILE P 162 59.60 -17.53 -13.30
CA ILE P 162 59.86 -18.96 -13.41
C ILE P 162 59.33 -19.68 -12.16
N GLU P 163 59.51 -19.09 -10.98
CA GLU P 163 58.98 -19.69 -9.77
C GLU P 163 57.45 -19.65 -9.78
N ALA P 164 56.87 -18.56 -10.28
CA ALA P 164 55.42 -18.46 -10.36
C ALA P 164 54.85 -19.55 -11.27
N ILE P 165 55.54 -19.83 -12.38
CA ILE P 165 55.13 -20.88 -13.29
C ILE P 165 55.04 -22.22 -12.54
N GLU P 166 56.04 -22.47 -11.71
CA GLU P 166 56.09 -23.68 -10.89
C GLU P 166 54.85 -23.75 -10.01
N VAL P 167 54.51 -22.63 -9.35
CA VAL P 167 53.36 -22.59 -8.47
C VAL P 167 52.08 -22.88 -9.25
N ILE P 168 51.92 -22.23 -10.40
CA ILE P 168 50.71 -22.38 -11.18
C ILE P 168 50.57 -23.83 -11.64
N GLN P 169 51.68 -24.42 -12.12
CA GLN P 169 51.65 -25.78 -12.64
CA GLN P 169 51.64 -25.77 -12.64
C GLN P 169 51.32 -26.78 -11.53
N LYS P 170 51.89 -26.58 -10.34
CA LYS P 170 51.57 -27.45 -9.21
C LYS P 170 50.07 -27.38 -8.93
N LEU P 171 49.51 -26.17 -8.88
CA LEU P 171 48.11 -26.01 -8.56
C LEU P 171 47.23 -26.65 -9.64
N PHE P 172 47.69 -26.56 -10.90
CA PHE P 172 46.94 -27.11 -12.02
C PHE P 172 46.87 -28.64 -11.98
N THR P 173 47.69 -29.32 -11.15
CA THR P 173 47.59 -30.77 -11.03
C THR P 173 46.29 -31.17 -10.33
N GLY P 174 45.68 -30.26 -9.57
CA GLY P 174 44.43 -30.55 -8.88
C GLY P 174 44.65 -31.29 -7.55
N LYS P 175 45.91 -31.41 -7.11
CA LYS P 175 46.19 -31.99 -5.81
C LYS P 175 46.36 -30.88 -4.78
N VAL P 176 46.38 -31.30 -3.51
CA VAL P 176 46.81 -30.44 -2.42
C VAL P 176 48.32 -30.27 -2.55
N ILE P 177 48.78 -29.04 -2.71
CA ILE P 177 50.19 -28.80 -2.89
C ILE P 177 50.68 -27.77 -1.87
N ARG P 178 51.98 -27.85 -1.61
CA ARG P 178 52.73 -26.92 -0.77
C ARG P 178 53.92 -26.47 -1.59
N HIS P 179 54.38 -25.24 -1.36
CA HIS P 179 55.51 -24.69 -2.10
C HIS P 179 56.26 -23.74 -1.19
N GLU P 180 57.59 -23.86 -1.20
CA GLU P 180 58.44 -22.89 -0.54
C GLU P 180 59.65 -22.66 -1.45
N GLY P 181 59.77 -21.47 -2.02
CA GLY P 181 60.91 -21.10 -2.83
C GLY P 181 61.47 -19.76 -2.39
N VAL P 182 62.34 -19.19 -3.23
CA VAL P 182 62.95 -17.91 -2.90
C VAL P 182 61.88 -16.83 -2.78
N TYR P 183 60.85 -16.84 -3.64
CA TYR P 183 59.93 -15.71 -3.76
C TYR P 183 58.53 -15.98 -3.22
N PHE P 184 58.07 -17.24 -3.25
CA PHE P 184 56.68 -17.51 -2.90
C PHE P 184 56.61 -18.63 -1.86
N LYS P 185 55.64 -18.49 -0.97
CA LYS P 185 55.29 -19.54 -0.02
C LYS P 185 53.81 -19.84 -0.22
N VAL P 186 53.50 -21.11 -0.46
CA VAL P 186 52.13 -21.55 -0.60
C VAL P 186 51.90 -22.66 0.42
N GLU P 187 50.97 -22.42 1.34
CA GLU P 187 50.54 -23.43 2.29
C GLU P 187 49.54 -24.34 1.59
N SER P 188 49.24 -25.48 2.20
CA SER P 188 48.34 -26.48 1.63
C SER P 188 47.21 -25.81 0.84
N ALA P 189 47.25 -25.99 -0.48
CA ALA P 189 46.32 -25.35 -1.39
C ALA P 189 45.94 -26.30 -2.51
N LYS P 190 44.66 -26.26 -2.88
CA LYS P 190 44.13 -27.08 -3.95
C LYS P 190 43.07 -26.31 -4.72
N LEU P 191 43.10 -26.46 -6.05
CA LEU P 191 42.04 -25.96 -6.91
C LEU P 191 40.96 -27.01 -7.04
N TYR P 192 39.82 -26.79 -6.36
CA TYR P 192 38.70 -27.71 -6.42
C TYR P 192 37.90 -27.51 -7.71
N THR P 193 37.88 -26.28 -8.24
CA THR P 193 37.19 -25.97 -9.48
C THR P 193 38.22 -25.96 -10.60
N MET P 194 38.14 -26.99 -11.45
CA MET P 194 39.19 -27.32 -12.41
CA MET P 194 39.19 -27.34 -12.39
C MET P 194 38.54 -27.75 -13.72
N PRO P 195 39.08 -27.35 -14.89
CA PRO P 195 38.65 -27.99 -16.16
C PRO P 195 39.22 -29.40 -16.22
N ASP P 196 38.70 -30.23 -17.13
CA ASP P 196 39.25 -31.55 -17.35
C ASP P 196 40.72 -31.45 -17.75
N VAL P 197 41.02 -30.44 -18.57
CA VAL P 197 42.37 -30.22 -19.05
C VAL P 197 42.74 -28.75 -18.81
N PRO P 198 43.93 -28.46 -18.25
CA PRO P 198 44.31 -27.11 -17.89
C PRO P 198 44.44 -26.22 -19.13
N PRO P 199 44.25 -24.89 -18.98
CA PRO P 199 44.50 -23.97 -20.09
C PRO P 199 46.00 -23.93 -20.30
N PRO P 200 46.46 -23.64 -21.54
CA PRO P 200 47.89 -23.52 -21.80
C PRO P 200 48.44 -22.27 -21.12
N ILE P 201 49.70 -22.37 -20.70
CA ILE P 201 50.43 -21.23 -20.18
C ILE P 201 51.30 -20.68 -21.31
N ILE P 202 51.06 -19.41 -21.63
CA ILE P 202 51.75 -18.68 -22.67
C ILE P 202 52.59 -17.59 -22.00
N VAL P 203 53.87 -17.50 -22.34
CA VAL P 203 54.69 -16.42 -21.79
C VAL P 203 54.84 -15.31 -22.83
N GLY P 204 54.54 -14.08 -22.41
CA GLY P 204 54.81 -12.89 -23.20
C GLY P 204 56.17 -12.32 -22.84
N THR P 205 57.09 -12.35 -23.82
CA THR P 205 58.46 -11.88 -23.60
C THR P 205 59.07 -11.48 -24.94
N ALA P 206 60.07 -10.59 -24.86
CA ALA P 206 60.91 -10.21 -25.98
C ALA P 206 62.37 -10.56 -25.68
N GLY P 207 62.62 -11.29 -24.59
CA GLY P 207 63.98 -11.68 -24.21
C GLY P 207 64.36 -13.06 -24.75
N PRO P 208 65.51 -13.20 -25.43
CA PRO P 208 65.98 -14.51 -25.88
C PRO P 208 66.03 -15.57 -24.76
N TYR P 209 66.53 -15.17 -23.59
CA TYR P 209 66.67 -16.13 -22.50
C TYR P 209 65.29 -16.67 -22.11
N MET P 210 64.32 -15.77 -21.88
CA MET P 210 63.02 -16.20 -21.39
C MET P 210 62.26 -16.94 -22.49
N ALA P 211 62.53 -16.61 -23.76
CA ALA P 211 61.91 -17.31 -24.88
C ALA P 211 62.31 -18.78 -24.83
N LYS P 212 63.59 -19.05 -24.59
CA LYS P 212 64.07 -20.42 -24.45
C LYS P 212 63.37 -21.11 -23.29
N LYS P 213 63.31 -20.43 -22.14
CA LYS P 213 62.68 -20.97 -20.95
C LYS P 213 61.21 -21.25 -21.21
N THR P 214 60.57 -20.40 -22.00
CA THR P 214 59.16 -20.56 -22.32
C THR P 214 58.95 -21.89 -23.03
N GLY P 215 59.81 -22.17 -24.01
CA GLY P 215 59.75 -23.43 -24.74
C GLY P 215 59.94 -24.62 -23.80
N GLN P 216 60.88 -24.47 -22.86
CA GLN P 216 61.20 -25.54 -21.92
C GLN P 216 60.05 -25.82 -20.97
N LEU P 217 59.44 -24.76 -20.41
CA LEU P 217 58.63 -24.88 -19.20
C LEU P 217 57.13 -24.69 -19.48
N CYS P 218 56.79 -24.05 -20.60
CA CYS P 218 55.42 -23.62 -20.83
C CYS P 218 54.91 -24.18 -22.15
N ASP P 219 53.76 -23.67 -22.61
CA ASP P 219 53.03 -24.27 -23.71
C ASP P 219 53.13 -23.44 -24.98
N GLY P 220 53.50 -22.16 -24.87
CA GLY P 220 53.56 -21.32 -26.07
C GLY P 220 54.17 -19.95 -25.78
N LEU P 221 54.44 -19.23 -26.86
CA LEU P 221 55.14 -17.96 -26.83
C LEU P 221 54.24 -16.84 -27.36
N LEU P 222 54.27 -15.69 -26.68
CA LEU P 222 53.67 -14.47 -27.15
C LEU P 222 54.76 -13.40 -27.16
N THR P 223 54.92 -12.69 -28.27
CA THR P 223 55.94 -11.66 -28.36
C THR P 223 55.37 -10.45 -29.09
N PRO P 224 55.94 -9.24 -28.90
CA PRO P 224 55.51 -8.06 -29.64
C PRO P 224 56.13 -8.00 -31.03
N GLY P 225 55.51 -7.16 -31.88
CA GLY P 225 56.03 -6.83 -33.19
C GLY P 225 57.46 -6.31 -33.08
N ALA P 226 58.33 -6.76 -33.99
CA ALA P 226 59.71 -6.31 -34.04
C ALA P 226 60.26 -6.67 -35.41
N ASN P 227 61.50 -6.31 -35.70
CA ASN P 227 62.08 -6.61 -37.01
C ASN P 227 62.27 -8.12 -37.15
N ASP P 228 62.50 -8.54 -38.40
CA ASP P 228 62.58 -9.95 -38.76
C ASP P 228 63.68 -10.66 -37.96
N GLU P 229 64.85 -10.03 -37.83
CA GLU P 229 65.99 -10.64 -37.16
C GLU P 229 65.63 -11.00 -35.71
N LYS P 230 64.98 -10.06 -35.00
CA LYS P 230 64.66 -10.26 -33.61
C LYS P 230 63.61 -11.35 -33.45
N LEU P 231 62.60 -11.36 -34.33
CA LEU P 231 61.53 -12.35 -34.27
C LEU P 231 62.08 -13.75 -34.54
N ARG P 232 62.98 -13.87 -35.52
CA ARG P 232 63.58 -15.15 -35.85
C ARG P 232 64.38 -15.69 -34.65
N LEU P 233 65.09 -14.80 -33.96
CA LEU P 233 65.89 -15.20 -32.80
C LEU P 233 64.97 -15.73 -31.71
N LEU P 234 63.89 -15.01 -31.42
CA LEU P 234 62.96 -15.43 -30.37
C LEU P 234 62.31 -16.76 -30.73
N LEU P 235 61.87 -16.92 -31.99
CA LEU P 235 61.30 -18.19 -32.43
C LEU P 235 62.33 -19.31 -32.26
N SER P 236 63.57 -19.07 -32.68
CA SER P 236 64.61 -20.08 -32.64
C SER P 236 64.91 -20.49 -31.19
N ARG P 237 64.98 -19.50 -30.29
CA ARG P 237 65.24 -19.77 -28.89
C ARG P 237 64.12 -20.61 -28.28
N PHE P 238 62.88 -20.23 -28.59
CA PHE P 238 61.71 -20.97 -28.14
C PHE P 238 61.76 -22.41 -28.62
N GLU P 239 62.08 -22.62 -29.90
CA GLU P 239 62.13 -23.95 -30.47
C GLU P 239 63.20 -24.80 -29.79
N GLU P 240 64.39 -24.21 -29.60
CA GLU P 240 65.52 -24.89 -28.97
C GLU P 240 65.14 -25.34 -27.57
N GLY P 241 64.49 -24.44 -26.81
CA GLY P 241 64.09 -24.74 -25.45
C GLY P 241 63.11 -25.91 -25.39
N ALA P 242 62.13 -25.90 -26.30
CA ALA P 242 61.16 -26.96 -26.38
C ALA P 242 61.83 -28.28 -26.74
N ARG P 243 62.73 -28.25 -27.73
CA ARG P 243 63.38 -29.47 -28.19
C ARG P 243 64.25 -30.08 -27.10
N ALA P 244 65.02 -29.24 -26.39
CA ALA P 244 65.87 -29.74 -25.32
C ALA P 244 65.04 -30.35 -24.19
N ALA P 245 63.77 -29.97 -24.06
CA ALA P 245 62.89 -30.57 -23.06
C ALA P 245 62.06 -31.72 -23.63
N GLY P 246 62.37 -32.20 -24.84
CA GLY P 246 61.69 -33.35 -25.42
C GLY P 246 60.33 -33.02 -26.04
N LYS P 247 60.00 -31.75 -26.22
CA LYS P 247 58.71 -31.34 -26.75
C LYS P 247 58.81 -31.09 -28.25
N ASP P 248 57.66 -31.11 -28.94
CA ASP P 248 57.60 -30.81 -30.36
C ASP P 248 57.10 -29.38 -30.56
N PRO P 249 57.99 -28.41 -30.90
CA PRO P 249 57.59 -27.01 -31.04
C PRO P 249 56.64 -26.69 -32.19
N ARG P 250 56.52 -27.62 -33.14
CA ARG P 250 55.62 -27.45 -34.27
C ARG P 250 54.16 -27.49 -33.80
N ARG P 251 53.90 -28.09 -32.64
CA ARG P 251 52.55 -28.19 -32.11
C ARG P 251 52.32 -27.16 -30.99
N MET P 252 53.26 -26.22 -30.80
CA MET P 252 53.16 -25.24 -29.73
C MET P 252 52.88 -23.87 -30.36
N PRO P 253 51.91 -23.10 -29.84
CA PRO P 253 51.59 -21.80 -30.41
C PRO P 253 52.74 -20.81 -30.35
N ARG P 254 52.92 -20.06 -31.45
CA ARG P 254 53.82 -18.93 -31.51
C ARG P 254 53.00 -17.71 -31.92
N MET P 255 52.79 -16.82 -30.97
CA MET P 255 51.80 -15.77 -31.09
C MET P 255 52.52 -14.44 -31.11
N ILE P 256 51.99 -13.49 -31.89
CA ILE P 256 52.58 -12.16 -31.94
C ILE P 256 51.45 -11.13 -31.79
N GLN P 257 51.76 -10.07 -31.02
CA GLN P 257 50.86 -8.95 -30.84
C GLN P 257 51.43 -7.74 -31.58
N VAL P 258 50.66 -7.20 -32.53
CA VAL P 258 51.13 -6.08 -33.33
C VAL P 258 50.22 -4.88 -33.11
N HIS P 259 50.79 -3.69 -33.28
CA HIS P 259 50.08 -2.43 -33.20
C HIS P 259 50.03 -1.82 -34.58
N VAL P 260 48.82 -1.48 -35.03
CA VAL P 260 48.63 -0.83 -36.31
C VAL P 260 47.79 0.42 -36.10
N SER P 261 47.80 1.28 -37.12
CA SER P 261 46.89 2.42 -37.18
C SER P 261 46.28 2.43 -38.57
N TRP P 262 45.01 2.03 -38.64
CA TRP P 262 44.20 2.19 -39.83
C TRP P 262 43.23 3.35 -39.63
N ALA P 263 43.04 4.12 -40.69
CA ALA P 263 42.07 5.21 -40.71
C ALA P 263 41.74 5.53 -42.17
N GLU P 264 40.88 6.52 -42.37
CA GLU P 264 40.35 6.83 -43.69
C GLU P 264 41.47 7.39 -44.58
N THR P 265 42.43 8.10 -43.97
CA THR P 265 43.59 8.60 -44.67
C THR P 265 44.86 8.26 -43.90
N ASP P 266 45.99 8.25 -44.61
CA ASP P 266 47.30 8.09 -44.00
C ASP P 266 47.51 9.15 -42.92
N GLU P 267 47.11 10.39 -43.21
CA GLU P 267 47.34 11.51 -42.29
C GLU P 267 46.64 11.23 -40.96
N GLN P 268 45.38 10.75 -41.01
CA GLN P 268 44.63 10.46 -39.79
C GLN P 268 45.26 9.28 -39.06
N ALA P 269 45.80 8.30 -39.80
CA ALA P 269 46.41 7.12 -39.20
C ALA P 269 47.65 7.53 -38.38
N ILE P 270 48.42 8.46 -38.94
CA ILE P 270 49.62 8.97 -38.28
C ILE P 270 49.21 9.74 -37.02
N GLU P 271 48.21 10.62 -37.15
CA GLU P 271 47.77 11.46 -36.04
C GLU P 271 47.25 10.58 -34.90
N ASN P 272 46.50 9.52 -35.25
CA ASN P 272 45.95 8.61 -34.26
C ASN P 272 47.05 7.95 -33.45
N ALA P 273 48.13 7.53 -34.11
CA ALA P 273 49.23 6.88 -33.42
C ALA P 273 49.90 7.83 -32.43
N LEU P 274 50.18 9.08 -32.86
CA LEU P 274 50.80 10.09 -32.00
C LEU P 274 49.96 10.38 -30.75
N ARG P 275 48.64 10.53 -30.97
CA ARG P 275 47.75 11.00 -29.92
C ARG P 275 47.46 9.84 -28.93
N GLU P 276 47.24 8.63 -29.47
CA GLU P 276 46.69 7.54 -28.70
C GLU P 276 47.76 6.61 -28.15
N TRP P 277 48.91 6.49 -28.84
CA TRP P 277 49.83 5.40 -28.55
C TRP P 277 51.28 5.88 -28.67
N PRO P 278 51.66 7.00 -28.02
CA PRO P 278 53.03 7.49 -28.11
C PRO P 278 54.05 6.51 -27.54
N ASN P 279 53.59 5.65 -26.62
CA ASN P 279 54.44 4.61 -26.05
C ASN P 279 54.92 3.66 -27.15
N GLY P 280 54.15 3.56 -28.25
CA GLY P 280 54.56 2.80 -29.42
C GLY P 280 55.80 3.38 -30.08
N GLY P 281 56.09 4.68 -29.85
CA GLY P 281 57.27 5.30 -30.43
C GLY P 281 58.42 5.41 -29.42
N MET P 282 58.30 4.68 -28.31
CA MET P 282 59.32 4.72 -27.27
C MET P 282 60.13 3.43 -27.33
N ALA P 283 61.18 3.43 -28.17
CA ALA P 283 62.02 2.27 -28.38
C ALA P 283 63.10 2.22 -27.29
N PHE P 284 62.67 1.92 -26.07
CA PHE P 284 63.55 1.88 -24.92
C PHE P 284 62.84 1.11 -23.80
N PRO P 285 63.57 0.59 -22.80
CA PRO P 285 62.94 -0.25 -21.76
C PRO P 285 62.02 0.63 -20.91
N LYS P 286 60.79 0.15 -20.68
CA LYS P 286 59.74 0.95 -20.07
C LYS P 286 59.29 0.38 -18.71
N GLY P 287 59.94 -0.69 -18.26
CA GLY P 287 59.43 -1.49 -17.17
C GLY P 287 59.61 -0.87 -15.78
N ASP P 288 60.40 0.22 -15.68
CA ASP P 288 60.68 0.86 -14.40
C ASP P 288 59.86 2.14 -14.20
N ILE P 289 59.16 2.61 -15.24
CA ILE P 289 58.49 3.90 -15.18
C ILE P 289 57.12 3.74 -14.49
N ARG P 290 56.89 4.56 -13.48
CA ARG P 290 55.81 4.30 -12.52
C ARG P 290 54.48 4.93 -12.91
N ASN P 291 54.49 6.13 -13.48
CA ASN P 291 53.27 6.94 -13.54
C ASN P 291 52.83 7.21 -14.98
N PRO P 292 51.51 7.23 -15.25
CA PRO P 292 51.00 7.73 -16.52
C PRO P 292 51.53 9.12 -16.88
N GLU P 293 51.69 9.98 -15.87
CA GLU P 293 52.20 11.33 -16.06
C GLU P 293 53.65 11.30 -16.55
N ASP P 294 54.41 10.26 -16.20
CA ASP P 294 55.79 10.14 -16.65
C ASP P 294 55.80 9.85 -18.15
N PHE P 295 55.04 8.85 -18.58
CA PHE P 295 54.93 8.53 -20.00
C PHE P 295 54.39 9.73 -20.77
N GLN P 296 53.42 10.42 -20.17
CA GLN P 296 52.79 11.57 -20.80
C GLN P 296 53.84 12.64 -21.12
N ALA P 297 54.74 12.90 -20.18
CA ALA P 297 55.79 13.90 -20.41
C ALA P 297 56.79 13.39 -21.44
N MET P 298 57.09 12.08 -21.42
CA MET P 298 58.00 11.50 -22.38
C MET P 298 57.39 11.52 -23.79
N ALA P 299 56.07 11.42 -23.87
CA ALA P 299 55.34 11.39 -25.14
C ALA P 299 55.59 12.65 -25.96
N ARG P 300 55.88 13.78 -25.30
CA ARG P 300 56.09 15.05 -25.97
C ARG P 300 57.29 14.98 -26.90
N LEU P 301 58.16 13.99 -26.73
CA LEU P 301 59.34 13.81 -27.58
C LEU P 301 59.04 12.95 -28.81
N VAL P 302 57.93 12.21 -28.80
CA VAL P 302 57.71 11.20 -29.82
C VAL P 302 57.24 11.87 -31.12
N ARG P 303 57.81 11.40 -32.23
CA ARG P 303 57.49 11.88 -33.57
C ARG P 303 57.18 10.68 -34.45
N PRO P 304 56.52 10.88 -35.63
CA PRO P 304 56.18 9.75 -36.51
C PRO P 304 57.31 8.77 -36.83
N GLU P 305 58.54 9.28 -37.06
CA GLU P 305 59.69 8.46 -37.36
C GLU P 305 59.86 7.33 -36.34
N HIS P 306 59.57 7.60 -35.06
CA HIS P 306 59.88 6.68 -33.98
C HIS P 306 59.01 5.43 -33.99
N PHE P 307 57.95 5.45 -34.81
CA PHE P 307 57.02 4.33 -34.90
C PHE P 307 57.41 3.30 -35.96
N GLN P 308 58.44 3.56 -36.78
CA GLN P 308 58.71 2.64 -37.88
C GLN P 308 59.15 1.30 -37.32
N GLY P 309 58.50 0.26 -37.85
CA GLY P 309 58.69 -1.13 -37.42
C GLY P 309 57.92 -1.50 -36.16
N ARG P 310 57.22 -0.53 -35.56
CA ARG P 310 56.56 -0.72 -34.27
C ARG P 310 55.05 -0.51 -34.43
N VAL P 311 54.64 0.39 -35.33
CA VAL P 311 53.25 0.69 -35.60
C VAL P 311 53.11 1.02 -37.09
N LEU P 312 52.40 0.16 -37.82
CA LEU P 312 52.10 0.40 -39.21
C LEU P 312 50.97 1.43 -39.31
N MET P 313 51.24 2.53 -40.04
CA MET P 313 50.32 3.65 -40.09
C MET P 313 49.93 3.90 -41.54
N THR P 314 48.77 3.37 -41.97
CA THR P 314 48.31 3.56 -43.34
C THR P 314 46.84 3.22 -43.46
N SER P 315 46.18 3.86 -44.44
CA SER P 315 44.80 3.61 -44.81
C SER P 315 44.70 2.44 -45.79
N ASP P 316 45.85 2.03 -46.35
CA ASP P 316 45.90 1.03 -47.40
C ASP P 316 45.78 -0.36 -46.76
N LEU P 317 44.61 -0.99 -46.93
CA LEU P 317 44.34 -2.27 -46.30
C LEU P 317 45.11 -3.41 -46.96
N ASP P 318 45.53 -3.23 -48.21
CA ASP P 318 46.41 -4.21 -48.84
C ASP P 318 47.73 -4.29 -48.07
N ARG P 319 48.25 -3.14 -47.60
CA ARG P 319 49.52 -3.10 -46.90
C ARG P 319 49.39 -3.74 -45.52
N HIS P 320 48.22 -3.58 -44.89
CA HIS P 320 47.92 -4.27 -43.65
C HIS P 320 47.98 -5.78 -43.88
N GLY P 321 47.35 -6.23 -44.96
CA GLY P 321 47.32 -7.64 -45.32
C GLY P 321 48.71 -8.23 -45.49
N GLU P 322 49.57 -7.54 -46.25
CA GLU P 322 50.93 -8.01 -46.54
C GLU P 322 51.76 -8.04 -45.26
N PHE P 323 51.60 -7.02 -44.41
CA PHE P 323 52.32 -6.95 -43.16
C PHE P 323 52.01 -8.17 -42.30
N LEU P 324 50.72 -8.54 -42.22
CA LEU P 324 50.28 -9.65 -41.39
C LEU P 324 50.73 -10.97 -42.01
N GLN P 325 50.57 -11.09 -43.33
CA GLN P 325 50.95 -12.31 -44.05
C GLN P 325 52.44 -12.61 -43.84
N HIS P 326 53.29 -11.57 -43.87
CA HIS P 326 54.71 -11.72 -43.65
C HIS P 326 54.98 -12.40 -42.30
N LEU P 327 54.21 -12.03 -41.27
CA LEU P 327 54.42 -12.57 -39.94
C LEU P 327 54.00 -14.04 -39.90
N ILE P 328 52.93 -14.39 -40.60
CA ILE P 328 52.55 -15.79 -40.73
C ILE P 328 53.69 -16.58 -41.37
N ASP P 329 54.25 -16.01 -42.44
CA ASP P 329 55.31 -16.64 -43.21
C ASP P 329 56.56 -16.86 -42.34
N LEU P 330 56.81 -15.98 -41.36
CA LEU P 330 57.94 -16.15 -40.45
C LEU P 330 57.74 -17.34 -39.53
N GLY P 331 56.48 -17.73 -39.30
CA GLY P 331 56.15 -18.92 -38.51
C GLY P 331 55.22 -18.63 -37.33
N PHE P 332 54.64 -17.42 -37.26
CA PHE P 332 53.66 -17.12 -36.22
C PHE P 332 52.34 -17.80 -36.58
N THR P 333 51.73 -18.42 -35.58
CA THR P 333 50.54 -19.24 -35.77
C THR P 333 49.30 -18.47 -35.34
N GLU P 334 49.49 -17.37 -34.60
CA GLU P 334 48.40 -16.46 -34.28
C GLU P 334 48.94 -15.03 -34.26
N ILE P 335 48.10 -14.10 -34.71
CA ILE P 335 48.40 -12.68 -34.66
C ILE P 335 47.24 -11.97 -33.97
N TYR P 336 47.57 -11.13 -32.98
CA TYR P 336 46.60 -10.29 -32.29
C TYR P 336 46.88 -8.85 -32.71
N VAL P 337 45.86 -8.20 -33.29
CA VAL P 337 46.03 -6.88 -33.86
C VAL P 337 45.37 -5.84 -32.95
N HIS P 338 46.17 -4.85 -32.55
CA HIS P 338 45.71 -3.68 -31.84
C HIS P 338 45.73 -2.49 -32.80
N ASN P 339 44.55 -2.00 -33.16
CA ASN P 339 44.42 -0.72 -33.84
C ASN P 339 44.48 0.39 -32.80
N VAL P 340 45.39 1.34 -32.97
CA VAL P 340 45.65 2.32 -31.94
C VAL P 340 44.56 3.40 -31.94
N GLY P 341 43.85 3.57 -33.04
CA GLY P 341 42.86 4.64 -33.16
C GLY P 341 41.60 4.33 -32.35
N ARG P 342 40.83 5.39 -32.08
CA ARG P 342 39.54 5.28 -31.40
C ARG P 342 38.47 4.70 -32.32
N ASN P 343 38.78 4.57 -33.61
CA ASN P 343 37.87 4.09 -34.64
C ASN P 343 37.83 2.56 -34.67
N GLN P 344 37.51 1.93 -33.53
CA GLN P 344 37.60 0.49 -33.38
C GLN P 344 36.56 -0.22 -34.25
N GLU P 345 35.32 0.26 -34.22
CA GLU P 345 34.26 -0.38 -34.97
C GLU P 345 34.61 -0.38 -36.47
N GLU P 346 35.11 0.76 -36.96
CA GLU P 346 35.38 0.94 -38.38
C GLU P 346 36.57 0.05 -38.77
N PHE P 347 37.56 -0.02 -37.87
CA PHE P 347 38.73 -0.87 -38.08
C PHE P 347 38.30 -2.33 -38.19
N ILE P 348 37.44 -2.76 -37.25
CA ILE P 348 36.99 -4.15 -37.22
C ILE P 348 36.28 -4.49 -38.53
N ARG P 349 35.41 -3.60 -39.01
CA ARG P 349 34.63 -3.88 -40.22
C ARG P 349 35.55 -3.89 -41.45
N ALA P 350 36.53 -2.98 -41.47
CA ALA P 350 37.46 -2.88 -42.58
C ALA P 350 38.33 -4.14 -42.66
N TYR P 351 38.85 -4.60 -41.51
CA TYR P 351 39.65 -5.82 -41.48
C TYR P 351 38.79 -7.02 -41.86
N GLY P 352 37.55 -7.06 -41.38
CA GLY P 352 36.65 -8.17 -41.66
C GLY P 352 36.36 -8.31 -43.16
N ARG P 353 36.24 -7.17 -43.84
CA ARG P 353 35.90 -7.11 -45.25
C ARG P 353 37.14 -7.35 -46.13
N ALA P 354 38.29 -6.74 -45.77
CA ALA P 354 39.39 -6.58 -46.73
C ALA P 354 40.67 -7.32 -46.34
N VAL P 355 40.83 -7.72 -45.07
CA VAL P 355 42.09 -8.27 -44.61
C VAL P 355 41.95 -9.75 -44.25
N ILE P 356 41.05 -10.05 -43.32
CA ILE P 356 40.97 -11.40 -42.74
C ILE P 356 40.71 -12.46 -43.82
N PRO P 357 39.76 -12.26 -44.76
CA PRO P 357 39.50 -13.28 -45.79
C PRO P 357 40.72 -13.65 -46.65
N HIS P 358 41.70 -12.73 -46.77
CA HIS P 358 42.84 -12.90 -47.68
C HIS P 358 44.10 -13.42 -46.96
N LEU P 359 44.06 -13.56 -45.64
CA LEU P 359 45.19 -14.13 -44.93
C LEU P 359 45.23 -15.64 -45.13
N ARG P 360 46.42 -16.17 -45.42
CA ARG P 360 46.62 -17.59 -45.67
C ARG P 360 47.38 -18.21 -44.50
N TRP P 361 46.65 -18.99 -43.69
CA TRP P 361 47.23 -19.70 -42.56
C TRP P 361 47.57 -21.12 -42.98
N PRO P 362 48.70 -21.72 -42.54
CA PRO P 362 48.92 -23.16 -42.71
C PRO P 362 47.79 -23.92 -42.01
N ALA P 363 47.31 -25.00 -42.65
CA ALA P 363 46.11 -25.71 -42.24
C ALA P 363 46.29 -26.34 -40.85
N ASP P 364 47.50 -26.79 -40.52
CA ASP P 364 47.70 -27.53 -39.28
C ASP P 364 48.10 -26.65 -38.11
N ALA P 365 48.16 -25.32 -38.29
CA ALA P 365 48.84 -24.45 -37.36
C ALA P 365 48.25 -24.60 -35.96
N PRO P 366 49.08 -24.79 -34.91
CA PRO P 366 48.58 -24.87 -33.54
C PRO P 366 48.10 -23.52 -33.01
N VAL P 367 47.01 -23.58 -32.28
CA VAL P 367 46.37 -22.41 -31.73
C VAL P 367 46.36 -22.55 -30.20
N ALA P 368 46.40 -21.42 -29.48
CA ALA P 368 46.47 -21.45 -28.03
C ALA P 368 45.13 -21.89 -27.44
N GLN P 369 45.07 -23.17 -27.05
CA GLN P 369 43.89 -23.75 -26.42
C GLN P 369 44.30 -25.09 -25.81
N ALA P 370 43.51 -25.58 -24.84
CA ALA P 370 43.82 -26.81 -24.13
C ALA P 370 43.83 -28.02 -25.07
N MET P 371 44.83 -28.93 -24.90
CA MET P 371 44.87 -30.23 -25.55
C MET P 371 43.48 -30.85 -25.42
N SER Q 34 83.77 43.32 -8.14
CA SER Q 34 84.84 42.29 -8.14
C SER Q 34 84.30 40.96 -8.71
N SER Q 35 85.03 40.41 -9.69
CA SER Q 35 84.51 39.41 -10.61
C SER Q 35 84.42 38.02 -9.97
N ARG Q 36 83.40 37.28 -10.40
CA ARG Q 36 83.26 35.90 -9.96
C ARG Q 36 82.24 35.14 -10.76
N LEU Q 37 82.31 33.81 -10.66
CA LEU Q 37 81.37 32.87 -11.27
C LEU Q 37 81.73 31.49 -10.77
N GLY Q 38 80.74 30.61 -10.73
CA GLY Q 38 80.96 29.22 -10.35
C GLY Q 38 81.22 28.32 -11.56
N TYR Q 39 82.11 27.35 -11.36
CA TYR Q 39 82.39 26.31 -12.34
C TYR Q 39 81.74 25.01 -11.85
N SER Q 40 81.01 24.37 -12.77
CA SER Q 40 80.33 23.13 -12.49
C SER Q 40 81.21 21.98 -12.99
N ALA Q 41 81.66 21.13 -12.06
CA ALA Q 41 82.54 20.01 -12.37
C ALA Q 41 81.72 18.75 -12.61
N SER Q 42 81.67 18.33 -13.88
CA SER Q 42 80.79 17.26 -14.33
C SER Q 42 81.49 15.91 -14.20
N PHE Q 43 81.28 15.24 -13.06
CA PHE Q 43 81.86 13.94 -12.79
C PHE Q 43 81.29 12.88 -13.74
N GLU Q 44 80.11 13.13 -14.29
CA GLU Q 44 79.51 12.19 -15.23
C GLU Q 44 80.39 12.07 -16.48
N GLN Q 45 81.11 13.14 -16.82
CA GLN Q 45 81.76 13.22 -18.12
C GLN Q 45 83.29 13.11 -18.04
N PHE Q 46 83.90 13.63 -16.96
CA PHE Q 46 85.32 13.92 -16.98
C PHE Q 46 86.07 13.19 -15.87
N HIS Q 47 87.24 12.68 -16.25
CA HIS Q 47 88.14 12.03 -15.33
C HIS Q 47 88.46 13.00 -14.20
N PRO Q 48 88.47 12.55 -12.93
CA PRO Q 48 88.74 13.45 -11.81
C PRO Q 48 90.06 14.21 -11.89
N SER Q 49 91.09 13.61 -12.49
CA SER Q 49 92.37 14.31 -12.66
C SER Q 49 92.20 15.50 -13.59
N ASP Q 50 91.39 15.35 -14.64
CA ASP Q 50 91.13 16.45 -15.56
C ASP Q 50 90.33 17.54 -14.86
N LEU Q 51 89.32 17.14 -14.09
CA LEU Q 51 88.51 18.09 -13.34
C LEU Q 51 89.39 18.88 -12.39
N LEU Q 52 90.36 18.21 -11.76
CA LEU Q 52 91.23 18.89 -10.80
C LEU Q 52 92.03 19.98 -11.52
N ARG Q 53 92.66 19.64 -12.65
CA ARG Q 53 93.46 20.59 -13.41
C ARG Q 53 92.59 21.74 -13.90
N TRP Q 54 91.38 21.44 -14.37
CA TRP Q 54 90.50 22.47 -14.94
C TRP Q 54 90.01 23.42 -13.85
N CYS Q 55 89.76 22.92 -12.64
CA CYS Q 55 89.36 23.78 -11.54
C CYS Q 55 90.51 24.73 -11.18
N GLN Q 56 91.74 24.22 -11.21
CA GLN Q 56 92.91 25.04 -10.93
C GLN Q 56 93.02 26.16 -11.96
N LEU Q 57 92.72 25.84 -13.23
CA LEU Q 57 92.74 26.82 -14.29
C LEU Q 57 91.59 27.81 -14.11
N ALA Q 58 90.41 27.29 -13.78
CA ALA Q 58 89.23 28.12 -13.59
C ALA Q 58 89.51 29.19 -12.53
N GLU Q 59 90.21 28.80 -11.45
CA GLU Q 59 90.59 29.74 -10.42
C GLU Q 59 91.45 30.85 -11.02
N GLN Q 60 92.44 30.49 -11.83
CA GLN Q 60 93.30 31.47 -12.47
C GLN Q 60 92.49 32.41 -13.35
N GLU Q 61 91.40 31.89 -13.94
CA GLU Q 61 90.66 32.64 -14.94
C GLU Q 61 89.49 33.42 -14.34
N GLY Q 62 89.34 33.43 -13.01
CA GLY Q 62 88.38 34.31 -12.36
C GLY Q 62 87.16 33.59 -11.77
N PHE Q 63 87.03 32.26 -11.96
CA PHE Q 63 85.99 31.52 -11.25
C PHE Q 63 86.38 31.46 -9.78
N ASP Q 64 85.39 31.48 -8.88
CA ASP Q 64 85.65 31.56 -7.45
C ASP Q 64 85.14 30.35 -6.66
N SER Q 65 84.37 29.46 -7.32
CA SER Q 65 83.77 28.33 -6.61
CA SER Q 65 83.76 28.33 -6.62
C SER Q 65 83.45 27.21 -7.59
N VAL Q 66 83.29 26.01 -7.03
CA VAL Q 66 83.08 24.80 -7.79
C VAL Q 66 81.87 24.06 -7.21
N LEU Q 67 81.03 23.58 -8.14
CA LEU Q 67 79.95 22.67 -7.79
C LEU Q 67 80.33 21.31 -8.36
N ALA Q 68 80.32 20.29 -7.47
CA ALA Q 68 80.76 18.96 -7.84
C ALA Q 68 79.62 17.97 -7.66
N ALA Q 69 79.24 17.33 -8.77
CA ALA Q 69 78.23 16.29 -8.79
C ALA Q 69 78.66 15.11 -7.91
N ASP Q 70 77.68 14.47 -7.24
CA ASP Q 70 77.94 13.28 -6.45
C ASP Q 70 77.22 12.12 -7.09
N HIS Q 71 77.89 11.46 -8.04
CA HIS Q 71 77.29 10.36 -8.78
C HIS Q 71 78.04 9.08 -8.49
N PHE Q 72 77.36 7.96 -8.77
CA PHE Q 72 78.00 6.67 -8.93
C PHE Q 72 78.05 6.32 -10.41
N HIS Q 73 77.03 6.72 -11.18
CA HIS Q 73 76.96 6.43 -12.60
C HIS Q 73 76.79 7.70 -13.42
N PRO Q 74 77.32 7.74 -14.65
CA PRO Q 74 76.97 8.79 -15.60
C PRO Q 74 75.57 8.54 -16.11
N TRP Q 75 74.96 9.56 -16.74
CA TRP Q 75 73.67 9.40 -17.38
C TRP Q 75 73.79 8.42 -18.54
N THR Q 76 74.88 8.51 -19.31
CA THR Q 76 75.07 7.65 -20.48
C THR Q 76 76.49 7.09 -20.47
N PRO Q 77 76.72 5.93 -21.12
CA PRO Q 77 78.08 5.42 -21.33
C PRO Q 77 78.99 6.40 -22.05
N GLU Q 78 78.44 7.18 -22.97
CA GLU Q 78 79.24 8.11 -23.77
C GLU Q 78 79.82 9.20 -22.87
N GLN Q 79 79.13 9.53 -21.76
CA GLN Q 79 79.66 10.48 -20.81
C GLN Q 79 80.88 9.85 -20.11
N GLY Q 80 80.70 8.64 -19.57
CA GLY Q 80 81.81 7.71 -19.40
C GLY Q 80 82.55 7.82 -18.06
N GLN Q 81 82.09 8.61 -17.08
CA GLN Q 81 82.80 8.74 -15.82
C GLN Q 81 81.86 8.82 -14.61
N SER Q 82 82.43 8.67 -13.41
CA SER Q 82 81.78 8.98 -12.14
C SER Q 82 82.75 8.78 -10.98
N GLY Q 83 83.64 9.74 -10.76
CA GLY Q 83 84.56 9.67 -9.65
C GLY Q 83 83.83 9.85 -8.31
N PHE Q 84 84.47 9.35 -7.24
CA PHE Q 84 83.97 9.52 -5.88
C PHE Q 84 84.30 10.93 -5.42
N VAL Q 85 83.26 11.76 -5.33
CA VAL Q 85 83.45 13.19 -5.19
C VAL Q 85 84.17 13.53 -3.89
N TRP Q 86 83.89 12.78 -2.81
CA TRP Q 86 84.40 13.16 -1.50
C TRP Q 86 85.92 13.12 -1.45
N ALA Q 87 86.53 12.15 -2.13
CA ALA Q 87 87.99 12.08 -2.18
C ALA Q 87 88.52 13.24 -3.01
N TRP Q 88 87.90 13.48 -4.15
CA TRP Q 88 88.33 14.53 -5.05
C TRP Q 88 88.30 15.89 -4.36
N LEU Q 89 87.28 16.13 -3.51
CA LEU Q 89 87.13 17.44 -2.90
C LEU Q 89 88.33 17.76 -2.00
N GLY Q 90 88.91 16.74 -1.38
CA GLY Q 90 90.10 16.94 -0.58
C GLY Q 90 91.26 17.46 -1.43
N ALA Q 91 91.40 16.92 -2.65
CA ALA Q 91 92.44 17.34 -3.58
C ALA Q 91 92.19 18.78 -4.02
N LEU Q 92 90.94 19.12 -4.31
CA LEU Q 92 90.58 20.47 -4.69
C LEU Q 92 90.92 21.43 -3.57
N GLY Q 93 90.48 21.08 -2.36
CA GLY Q 93 90.69 21.90 -1.18
C GLY Q 93 92.18 22.20 -0.97
N ALA Q 94 93.02 21.19 -1.18
CA ALA Q 94 94.42 21.31 -0.82
C ALA Q 94 95.24 22.03 -1.89
N THR Q 95 94.70 22.19 -3.11
CA THR Q 95 95.49 22.76 -4.22
C THR Q 95 94.89 24.05 -4.78
N THR Q 96 93.81 24.57 -4.19
CA THR Q 96 93.20 25.82 -4.64
C THR Q 96 92.72 26.59 -3.42
N ARG Q 97 92.19 27.80 -3.66
CA ARG Q 97 91.53 28.59 -2.62
C ARG Q 97 90.04 28.77 -2.95
N LEU Q 98 89.56 28.05 -3.97
CA LEU Q 98 88.17 28.08 -4.39
C LEU Q 98 87.25 27.61 -3.27
N ARG Q 99 86.03 28.16 -3.25
CA ARG Q 99 84.94 27.55 -2.51
C ARG Q 99 84.43 26.38 -3.31
N PHE Q 100 83.78 25.43 -2.64
CA PHE Q 100 83.27 24.25 -3.34
C PHE Q 100 82.16 23.60 -2.54
N GLY Q 101 81.30 22.88 -3.25
CA GLY Q 101 80.21 22.15 -2.62
C GLY Q 101 79.77 20.96 -3.46
N THR Q 102 79.05 20.04 -2.82
CA THR Q 102 78.41 18.93 -3.50
C THR Q 102 77.14 19.44 -4.14
N GLY Q 103 76.89 19.02 -5.38
CA GLY Q 103 75.70 19.49 -6.08
C GLY Q 103 74.98 18.35 -6.80
N VAL Q 104 74.31 17.43 -6.07
CA VAL Q 104 74.19 17.41 -4.62
C VAL Q 104 74.36 15.96 -4.13
N THR Q 105 74.56 15.80 -2.82
CA THR Q 105 74.64 14.49 -2.19
C THR Q 105 73.25 14.10 -1.69
N PRO Q 106 72.80 12.85 -1.90
CA PRO Q 106 71.59 12.35 -1.25
C PRO Q 106 71.90 11.65 0.06
N PRO Q 107 71.68 12.31 1.22
CA PRO Q 107 72.05 11.72 2.51
C PRO Q 107 70.96 10.87 3.12
N ILE Q 108 70.28 10.06 2.30
CA ILE Q 108 69.03 9.44 2.71
C ILE Q 108 69.18 7.92 2.83
N GLY Q 109 70.43 7.44 2.93
CA GLY Q 109 70.69 6.11 3.43
C GLY Q 109 70.78 5.03 2.33
N PHE Q 110 70.99 5.40 1.05
CA PHE Q 110 71.21 4.41 0.02
C PHE Q 110 72.72 4.26 -0.13
N ARG Q 111 73.34 5.06 -0.99
CA ARG Q 111 74.78 5.13 -1.03
C ARG Q 111 75.35 5.68 0.27
N TYR Q 112 74.64 6.61 0.92
CA TYR Q 112 75.22 7.36 2.03
C TYR Q 112 74.27 7.48 3.22
N HIS Q 113 74.74 7.09 4.40
CA HIS Q 113 74.02 7.32 5.64
C HIS Q 113 74.20 8.77 6.04
N PRO Q 114 73.17 9.47 6.57
CA PRO Q 114 73.31 10.89 6.89
C PRO Q 114 74.43 11.19 7.89
N ALA Q 115 74.70 10.27 8.82
CA ALA Q 115 75.77 10.48 9.79
C ALA Q 115 77.12 10.59 9.08
N ILE Q 116 77.31 9.83 7.99
CA ILE Q 116 78.56 9.82 7.27
C ILE Q 116 78.70 11.11 6.46
N VAL Q 117 77.62 11.55 5.83
CA VAL Q 117 77.63 12.82 5.14
C VAL Q 117 77.98 13.94 6.13
N ALA Q 118 77.41 13.88 7.33
CA ALA Q 118 77.69 14.90 8.33
C ALA Q 118 79.19 14.92 8.64
N GLN Q 119 79.77 13.74 8.86
CA GLN Q 119 81.17 13.64 9.20
C GLN Q 119 82.04 14.15 8.06
N ALA Q 120 81.69 13.78 6.82
CA ALA Q 120 82.47 14.19 5.65
C ALA Q 120 82.45 15.70 5.52
N ALA Q 121 81.25 16.30 5.68
CA ALA Q 121 81.10 17.74 5.55
C ALA Q 121 81.91 18.45 6.64
N ALA Q 122 81.82 17.94 7.86
CA ALA Q 122 82.53 18.54 8.97
C ALA Q 122 84.04 18.48 8.74
N THR Q 123 84.52 17.37 8.19
CA THR Q 123 85.95 17.20 7.95
C THR Q 123 86.42 18.20 6.90
N LEU Q 124 85.68 18.31 5.80
CA LEU Q 124 86.07 19.22 4.73
C LEU Q 124 86.11 20.66 5.26
N GLU Q 125 85.07 21.06 6.00
CA GLU Q 125 85.03 22.42 6.50
C GLU Q 125 86.13 22.64 7.55
N ALA Q 126 86.43 21.61 8.35
CA ALA Q 126 87.48 21.73 9.35
C ALA Q 126 88.84 21.92 8.68
N MET Q 127 89.05 21.24 7.55
CA MET Q 127 90.31 21.32 6.82
C MET Q 127 90.39 22.60 6.00
N PHE Q 128 89.25 23.05 5.46
CA PHE Q 128 89.21 24.20 4.55
C PHE Q 128 88.18 25.20 5.03
N PRO Q 129 88.38 25.84 6.20
CA PRO Q 129 87.34 26.65 6.81
C PRO Q 129 86.94 27.81 5.89
N GLY Q 130 85.62 28.06 5.82
CA GLY Q 130 85.08 29.14 5.02
C GLY Q 130 84.86 28.74 3.55
N ARG Q 131 85.09 27.48 3.18
CA ARG Q 131 85.18 27.14 1.76
C ARG Q 131 84.15 26.11 1.33
N PHE Q 132 83.63 25.27 2.24
CA PHE Q 132 82.77 24.18 1.84
C PHE Q 132 81.32 24.54 2.09
N TRP Q 133 80.44 24.13 1.17
CA TRP Q 133 79.01 24.14 1.43
C TRP Q 133 78.44 22.76 1.10
N LEU Q 134 77.55 22.28 1.97
CA LEU Q 134 77.01 20.93 1.86
C LEU Q 134 75.70 21.00 1.07
N GLY Q 135 75.77 20.63 -0.21
CA GLY Q 135 74.59 20.55 -1.03
C GLY Q 135 73.98 19.15 -0.98
N ILE Q 136 72.68 19.08 -0.67
CA ILE Q 136 71.97 17.82 -0.51
C ILE Q 136 70.67 17.85 -1.33
N GLY Q 137 70.17 16.64 -1.63
CA GLY Q 137 68.93 16.49 -2.37
C GLY Q 137 68.36 15.08 -2.20
N ALA Q 138 67.23 14.81 -2.87
CA ALA Q 138 66.44 13.60 -2.68
C ALA Q 138 66.98 12.42 -3.50
N GLY Q 139 67.92 12.68 -4.41
CA GLY Q 139 68.64 11.62 -5.08
C GLY Q 139 67.91 11.05 -6.30
N GLU Q 140 68.65 10.30 -7.11
CA GLU Q 140 68.12 9.63 -8.30
C GLU Q 140 68.47 8.15 -8.28
N ALA Q 141 67.57 7.34 -8.85
CA ALA Q 141 67.75 5.91 -8.90
C ALA Q 141 69.03 5.55 -9.64
N LEU Q 142 69.38 6.37 -10.66
CA LEU Q 142 70.58 6.13 -11.44
C LEU Q 142 71.78 5.80 -10.52
N ASN Q 143 71.89 6.50 -9.39
CA ASN Q 143 72.99 6.30 -8.47
C ASN Q 143 72.59 5.42 -7.29
N GLU Q 144 71.37 5.56 -6.77
CA GLU Q 144 71.03 4.93 -5.50
C GLU Q 144 70.60 3.45 -5.69
N HIS Q 145 70.21 3.06 -6.90
CA HIS Q 145 69.61 1.74 -7.10
C HIS Q 145 70.61 0.61 -6.89
N ILE Q 146 71.91 0.93 -6.89
CA ILE Q 146 72.94 -0.10 -6.85
C ILE Q 146 72.85 -0.89 -5.55
N VAL Q 147 72.28 -0.33 -4.47
CA VAL Q 147 72.27 -1.03 -3.19
C VAL Q 147 71.03 -1.93 -3.07
N GLY Q 148 70.17 -1.95 -4.08
CA GLY Q 148 69.13 -2.96 -4.19
C GLY Q 148 67.99 -2.81 -3.18
N ARG Q 149 67.57 -1.57 -2.90
CA ARG Q 149 66.53 -1.32 -1.92
C ARG Q 149 65.31 -0.65 -2.56
N TYR Q 150 64.19 -0.72 -1.83
CA TYR Q 150 62.96 -0.04 -2.20
C TYR Q 150 63.26 1.44 -2.47
N TRP Q 151 62.80 1.92 -3.64
CA TRP Q 151 63.00 3.29 -4.05
C TRP Q 151 61.69 4.05 -3.92
N PRO Q 152 61.54 4.92 -2.90
CA PRO Q 152 60.27 5.62 -2.68
C PRO Q 152 59.98 6.66 -3.75
N GLU Q 153 58.70 7.00 -3.87
CA GLU Q 153 58.26 8.11 -4.71
C GLU Q 153 58.91 9.40 -4.23
N PRO Q 154 59.04 10.42 -5.11
CA PRO Q 154 59.62 11.71 -4.74
C PRO Q 154 59.13 12.31 -3.41
N ALA Q 155 57.81 12.33 -3.19
CA ALA Q 155 57.30 12.98 -1.99
C ALA Q 155 57.82 12.27 -0.74
N GLU Q 156 57.92 10.93 -0.81
CA GLU Q 156 58.44 10.19 0.33
C GLU Q 156 59.93 10.47 0.50
N ARG Q 157 60.68 10.59 -0.60
CA ARG Q 157 62.10 10.85 -0.48
C ARG Q 157 62.34 12.23 0.14
N ILE Q 158 61.44 13.18 -0.13
CA ILE Q 158 61.50 14.49 0.50
C ILE Q 158 61.41 14.32 2.03
N ARG Q 159 60.49 13.47 2.49
CA ARG Q 159 60.34 13.24 3.92
C ARG Q 159 61.64 12.63 4.45
N MET Q 160 62.29 11.77 3.66
CA MET Q 160 63.55 11.17 4.09
C MET Q 160 64.61 12.25 4.20
N LEU Q 161 64.64 13.17 3.22
CA LEU Q 161 65.63 14.23 3.18
C LEU Q 161 65.47 15.13 4.42
N ILE Q 162 64.23 15.44 4.78
CA ILE Q 162 63.95 16.29 5.92
C ILE Q 162 64.46 15.63 7.20
N GLU Q 163 64.27 14.32 7.34
CA GLU Q 163 64.77 13.62 8.50
C GLU Q 163 66.30 13.59 8.48
N ALA Q 164 66.91 13.43 7.30
CA ALA Q 164 68.35 13.43 7.19
C ALA Q 164 68.92 14.78 7.63
N ILE Q 165 68.25 15.87 7.27
CA ILE Q 165 68.67 17.20 7.67
C ILE Q 165 68.72 17.28 9.20
N GLU Q 166 67.70 16.73 9.86
CA GLU Q 166 67.64 16.68 11.31
C GLU Q 166 68.87 15.97 11.86
N VAL Q 167 69.22 14.82 11.27
CA VAL Q 167 70.35 14.04 11.74
C VAL Q 167 71.63 14.85 11.57
N ILE Q 168 71.82 15.47 10.40
CA ILE Q 168 73.04 16.21 10.14
C ILE Q 168 73.16 17.37 11.13
N GLN Q 169 72.06 18.09 11.34
CA GLN Q 169 72.08 19.26 12.22
C GLN Q 169 72.37 18.85 13.66
N LYS Q 170 71.78 17.75 14.12
CA LYS Q 170 72.08 17.26 15.46
C LYS Q 170 73.58 16.97 15.58
N LEU Q 171 74.15 16.29 14.58
CA LEU Q 171 75.56 15.92 14.65
C LEU Q 171 76.43 17.18 14.62
N PHE Q 172 75.99 18.20 13.87
CA PHE Q 172 76.74 19.45 13.75
C PHE Q 172 76.78 20.22 15.08
N THR Q 173 75.94 19.89 16.07
CA THR Q 173 76.01 20.55 17.37
C THR Q 173 77.30 20.17 18.10
N GLY Q 174 77.93 19.04 17.74
CA GLY Q 174 79.15 18.61 18.40
C GLY Q 174 78.92 17.88 19.72
N LYS Q 175 77.65 17.58 20.05
CA LYS Q 175 77.34 16.81 21.23
C LYS Q 175 77.16 15.34 20.85
N VAL Q 176 77.13 14.50 21.89
CA VAL Q 176 76.69 13.12 21.74
C VAL Q 176 75.19 13.14 21.50
N ILE Q 177 74.77 12.62 20.36
CA ILE Q 177 73.34 12.63 20.04
C ILE Q 177 72.86 11.23 19.72
N ARG Q 178 71.55 11.04 19.90
CA ARG Q 178 70.81 9.86 19.55
C ARG Q 178 69.64 10.32 18.68
N HIS Q 179 69.21 9.47 17.77
CA HIS Q 179 68.11 9.81 16.88
C HIS Q 179 67.34 8.54 16.54
N GLU Q 180 66.01 8.62 16.63
CA GLU Q 180 65.16 7.56 16.16
C GLU Q 180 63.95 8.18 15.48
N GLY Q 181 63.87 8.03 14.15
CA GLY Q 181 62.74 8.53 13.39
C GLY Q 181 62.20 7.43 12.47
N VAL Q 182 61.35 7.83 11.53
CA VAL Q 182 60.75 6.87 10.63
C VAL Q 182 61.83 6.19 9.79
N TYR Q 183 62.87 6.92 9.36
CA TYR Q 183 63.79 6.40 8.35
C TYR Q 183 65.18 6.10 8.90
N PHE Q 184 65.63 6.80 9.96
CA PHE Q 184 67.02 6.66 10.40
C PHE Q 184 67.07 6.39 11.89
N LYS Q 185 68.04 5.54 12.28
CA LYS Q 185 68.35 5.28 13.66
C LYS Q 185 69.83 5.60 13.84
N VAL Q 186 70.12 6.45 14.81
CA VAL Q 186 71.48 6.81 15.14
C VAL Q 186 71.67 6.53 16.62
N GLU Q 187 72.59 5.61 16.94
CA GLU Q 187 72.99 5.38 18.31
C GLU Q 187 73.99 6.45 18.73
N SER Q 188 74.25 6.55 20.03
CA SER Q 188 75.14 7.56 20.58
C SER Q 188 76.29 7.86 19.62
N ALA Q 189 76.28 9.07 19.06
CA ALA Q 189 77.25 9.47 18.06
C ALA Q 189 77.62 10.94 18.24
N LYS Q 190 78.91 11.22 18.04
CA LYS Q 190 79.44 12.57 18.14
C LYS Q 190 80.51 12.80 17.08
N LEU Q 191 80.49 13.98 16.47
CA LEU Q 191 81.55 14.44 15.60
C LEU Q 191 82.62 15.14 16.44
N TYR Q 192 83.76 14.47 16.66
CA TYR Q 192 84.86 15.04 17.41
C TYR Q 192 85.65 16.01 16.51
N THR Q 193 85.68 15.75 15.19
CA THR Q 193 86.40 16.62 14.27
C THR Q 193 85.39 17.56 13.60
N MET Q 194 85.47 18.83 13.99
CA MET Q 194 84.43 19.81 13.74
CA MET Q 194 84.43 19.81 13.74
C MET Q 194 85.10 21.15 13.41
N PRO Q 195 84.58 21.94 12.45
CA PRO Q 195 85.02 23.34 12.33
C PRO Q 195 84.42 24.15 13.48
N ASP Q 196 84.95 25.35 13.74
CA ASP Q 196 84.37 26.23 14.74
C ASP Q 196 82.92 26.54 14.38
N VAL Q 197 82.67 26.72 13.08
CA VAL Q 197 81.33 27.02 12.59
C VAL Q 197 80.99 26.05 11.48
N PRO Q 198 79.79 25.43 11.50
CA PRO Q 198 79.43 24.40 10.53
C PRO Q 198 79.33 24.95 9.12
N PRO Q 199 79.54 24.13 8.09
CA PRO Q 199 79.33 24.57 6.71
C PRO Q 199 77.84 24.74 6.53
N PRO Q 200 77.40 25.62 5.61
CA PRO Q 200 75.98 25.79 5.36
C PRO Q 200 75.42 24.55 4.67
N ILE Q 201 74.16 24.25 4.96
CA ILE Q 201 73.41 23.20 4.30
C ILE Q 201 72.55 23.84 3.21
N ILE Q 202 72.80 23.43 1.97
CA ILE Q 202 72.14 23.93 0.78
C ILE Q 202 71.30 22.80 0.22
N VAL Q 203 70.02 23.06 -0.06
CA VAL Q 203 69.19 22.03 -0.67
C VAL Q 203 69.07 22.31 -2.17
N GLY Q 204 69.35 21.28 -2.97
CA GLY Q 204 69.09 21.31 -4.41
C GLY Q 204 67.70 20.75 -4.71
N THR Q 205 66.80 21.60 -5.22
CA THR Q 205 65.44 21.20 -5.52
C THR Q 205 64.86 22.14 -6.58
N ALA Q 206 63.84 21.66 -7.29
CA ALA Q 206 63.03 22.45 -8.22
C ALA Q 206 61.57 22.45 -7.78
N GLY Q 207 61.29 21.93 -6.58
CA GLY Q 207 59.93 21.84 -6.08
C GLY Q 207 59.57 23.03 -5.20
N PRO Q 208 58.44 23.72 -5.45
CA PRO Q 208 57.98 24.80 -4.56
C PRO Q 208 57.90 24.41 -3.10
N TYR Q 209 57.38 23.20 -2.81
CA TYR Q 209 57.20 22.79 -1.42
C TYR Q 209 58.58 22.72 -0.76
N MET Q 210 59.54 22.02 -1.39
CA MET Q 210 60.83 21.80 -0.75
C MET Q 210 61.63 23.10 -0.70
N ALA Q 211 61.39 24.01 -1.65
CA ALA Q 211 62.05 25.31 -1.64
C ALA Q 211 61.66 26.06 -0.37
N LYS Q 212 60.37 26.03 -0.02
CA LYS Q 212 59.90 26.66 1.21
C LYS Q 212 60.56 26.01 2.42
N LYS Q 213 60.59 24.68 2.44
CA LYS Q 213 61.18 23.94 3.55
C LYS Q 213 62.67 24.26 3.65
N THR Q 214 63.33 24.47 2.51
CA THR Q 214 64.75 24.78 2.49
C THR Q 214 64.98 26.09 3.25
N GLY Q 215 64.15 27.09 2.96
CA GLY Q 215 64.24 28.37 3.65
C GLY Q 215 64.01 28.20 5.16
N GLN Q 216 63.06 27.36 5.51
CA GLN Q 216 62.71 27.14 6.90
C GLN Q 216 63.84 26.43 7.67
N LEU Q 217 64.43 25.38 7.07
CA LEU Q 217 65.21 24.40 7.82
C LEU Q 217 66.71 24.50 7.52
N CYS Q 218 67.07 25.10 6.38
CA CYS Q 218 68.45 25.03 5.91
C CYS Q 218 68.98 26.45 5.69
N ASP Q 219 70.14 26.55 5.04
CA ASP Q 219 70.88 27.80 4.97
C ASP Q 219 70.81 28.43 3.58
N GLY Q 220 70.42 27.68 2.55
CA GLY Q 220 70.42 28.22 1.20
C GLY Q 220 69.79 27.27 0.19
N LEU Q 221 69.54 27.80 -1.02
CA LEU Q 221 68.83 27.12 -2.08
C LEU Q 221 69.75 26.94 -3.29
N LEU Q 222 69.70 25.77 -3.89
CA LEU Q 222 70.32 25.49 -5.18
C LEU Q 222 69.23 24.93 -6.10
N THR Q 223 69.09 25.50 -7.29
CA THR Q 223 68.06 25.06 -8.21
C THR Q 223 68.63 25.02 -9.62
N PRO Q 224 68.05 24.23 -10.54
CA PRO Q 224 68.49 24.21 -11.94
C PRO Q 224 67.90 25.36 -12.74
N GLY Q 225 68.54 25.61 -13.90
CA GLY Q 225 68.02 26.55 -14.88
C GLY Q 225 66.58 26.24 -15.25
N ALA Q 226 65.73 27.26 -15.34
CA ALA Q 226 64.34 27.11 -15.75
C ALA Q 226 63.82 28.47 -16.20
N ASN Q 227 62.58 28.56 -16.67
CA ASN Q 227 62.04 29.83 -17.12
C ASN Q 227 61.87 30.78 -15.93
N ASP Q 228 61.68 32.07 -16.23
CA ASP Q 228 61.60 33.13 -15.25
C ASP Q 228 60.50 32.86 -14.21
N GLU Q 229 59.33 32.45 -14.68
CA GLU Q 229 58.19 32.24 -13.81
C GLU Q 229 58.51 31.20 -12.74
N LYS Q 230 59.14 30.10 -13.14
CA LYS Q 230 59.43 29.00 -12.22
C LYS Q 230 60.49 29.43 -11.22
N LEU Q 231 61.51 30.16 -11.68
CA LEU Q 231 62.59 30.62 -10.82
C LEU Q 231 62.06 31.61 -9.78
N ARG Q 232 61.20 32.52 -10.21
CA ARG Q 232 60.61 33.51 -9.31
C ARG Q 232 59.78 32.81 -8.22
N LEU Q 233 59.06 31.76 -8.60
CA LEU Q 233 58.23 31.03 -7.65
C LEU Q 233 59.12 30.37 -6.60
N LEU Q 234 60.19 29.71 -7.05
CA LEU Q 234 61.10 29.03 -6.14
C LEU Q 234 61.76 30.03 -5.20
N LEU Q 235 62.23 31.16 -5.73
CA LEU Q 235 62.82 32.18 -4.89
C LEU Q 235 61.81 32.67 -3.86
N SER Q 236 60.58 32.94 -4.29
CA SER Q 236 59.54 33.46 -3.41
C SER Q 236 59.22 32.45 -2.30
N ARG Q 237 59.11 31.17 -2.65
CA ARG Q 237 58.82 30.12 -1.69
C ARG Q 237 59.94 30.01 -0.66
N PHE Q 238 61.17 30.05 -1.13
CA PHE Q 238 62.34 30.00 -0.26
C PHE Q 238 62.32 31.18 0.71
N GLU Q 239 62.03 32.38 0.21
CA GLU Q 239 62.02 33.58 1.04
C GLU Q 239 60.93 33.49 2.11
N GLU Q 240 59.73 33.04 1.71
CA GLU Q 240 58.59 32.89 2.60
C GLU Q 240 58.93 31.92 3.73
N GLY Q 241 59.56 30.79 3.37
CA GLY Q 241 59.93 29.79 4.35
C GLY Q 241 60.92 30.34 5.38
N ALA Q 242 61.92 31.07 4.90
CA ALA Q 242 62.92 31.68 5.76
C ALA Q 242 62.26 32.71 6.68
N ARG Q 243 61.40 33.56 6.13
CA ARG Q 243 60.77 34.61 6.90
C ARG Q 243 59.89 34.04 8.00
N ALA Q 244 59.09 33.01 7.67
CA ALA Q 244 58.21 32.39 8.65
C ALA Q 244 59.03 31.74 9.77
N ALA Q 245 60.30 31.40 9.53
CA ALA Q 245 61.16 30.84 10.55
C ALA Q 245 62.03 31.91 11.24
N GLY Q 246 61.74 33.19 11.00
CA GLY Q 246 62.43 34.29 11.68
C GLY Q 246 63.80 34.61 11.08
N LYS Q 247 64.11 34.08 9.89
CA LYS Q 247 65.42 34.30 9.28
C LYS Q 247 65.34 35.44 8.28
N ASP Q 248 66.50 36.02 7.95
CA ASP Q 248 66.61 37.05 6.93
C ASP Q 248 67.10 36.44 5.62
N PRO Q 249 66.21 36.24 4.61
CA PRO Q 249 66.61 35.58 3.36
C PRO Q 249 67.57 36.36 2.47
N ARG Q 250 67.72 37.67 2.75
CA ARG Q 250 68.65 38.50 2.01
C ARG Q 250 70.10 38.08 2.29
N ARG Q 251 70.34 37.39 3.42
CA ARG Q 251 71.68 36.96 3.79
C ARG Q 251 71.87 35.46 3.51
N MET Q 252 70.91 34.83 2.82
CA MET Q 252 70.97 33.40 2.56
C MET Q 252 71.23 33.20 1.06
N PRO Q 253 72.17 32.31 0.70
CA PRO Q 253 72.50 32.10 -0.72
C PRO Q 253 71.34 31.56 -1.53
N ARG Q 254 71.18 32.09 -2.74
CA ARG Q 254 70.26 31.55 -3.73
C ARG Q 254 71.07 31.24 -4.97
N MET Q 255 71.27 29.95 -5.23
CA MET Q 255 72.26 29.48 -6.18
C MET Q 255 71.53 28.79 -7.32
N ILE Q 256 72.06 28.94 -8.54
CA ILE Q 256 71.48 28.27 -9.68
C ILE Q 256 72.59 27.56 -10.46
N GLN Q 257 72.27 26.37 -10.95
CA GLN Q 257 73.18 25.58 -11.76
C GLN Q 257 72.62 25.53 -13.19
N VAL Q 258 73.41 26.03 -14.15
CA VAL Q 258 72.96 26.11 -15.53
C VAL Q 258 73.88 25.26 -16.40
N HIS Q 259 73.29 24.78 -17.50
CA HIS Q 259 74.02 24.02 -18.51
C HIS Q 259 74.10 24.87 -19.77
N VAL Q 260 75.30 25.06 -20.28
CA VAL Q 260 75.51 25.80 -21.52
C VAL Q 260 76.34 24.93 -22.47
N SER Q 261 76.34 25.32 -23.74
CA SER Q 261 77.24 24.76 -24.72
C SER Q 261 77.87 25.92 -25.48
N TRP Q 262 79.14 26.19 -25.16
CA TRP Q 262 79.94 27.10 -25.94
C TRP Q 262 80.92 26.29 -26.78
N ALA Q 263 81.13 26.76 -28.02
CA ALA Q 263 82.10 26.19 -28.93
C ALA Q 263 82.44 27.24 -29.97
N GLU Q 264 83.32 26.88 -30.91
CA GLU Q 264 83.87 27.85 -31.85
C GLU Q 264 82.76 28.30 -32.82
N THR Q 265 81.82 27.41 -33.12
CA THR Q 265 80.66 27.74 -33.94
C THR Q 265 79.39 27.27 -33.24
N ASP Q 266 78.26 27.88 -33.65
CA ASP Q 266 76.94 27.45 -33.21
C ASP Q 266 76.74 25.97 -33.52
N GLU Q 267 77.15 25.54 -34.72
CA GLU Q 267 76.93 24.19 -35.18
C GLU Q 267 77.59 23.20 -34.20
N GLN Q 268 78.84 23.48 -33.79
CA GLN Q 268 79.56 22.62 -32.88
C GLN Q 268 78.92 22.64 -31.50
N ALA Q 269 78.39 23.80 -31.09
CA ALA Q 269 77.77 23.93 -29.78
C ALA Q 269 76.52 23.05 -29.70
N ILE Q 270 75.75 23.03 -30.79
CA ILE Q 270 74.55 22.21 -30.87
C ILE Q 270 74.93 20.74 -30.82
N GLU Q 271 75.93 20.35 -31.63
CA GLU Q 271 76.35 18.95 -31.72
C GLU Q 271 76.85 18.47 -30.38
N ASN Q 272 77.61 19.32 -29.67
CA ASN Q 272 78.17 18.97 -28.37
C ASN Q 272 77.05 18.66 -27.38
N ALA Q 273 75.97 19.45 -27.39
CA ALA Q 273 74.86 19.23 -26.47
C ALA Q 273 74.19 17.89 -26.75
N LEU Q 274 73.89 17.59 -28.03
CA LEU Q 274 73.26 16.34 -28.42
C LEU Q 274 74.10 15.12 -27.99
N ARG Q 275 75.40 15.20 -28.24
CA ARG Q 275 76.30 14.06 -28.06
C ARG Q 275 76.58 13.84 -26.57
N GLU Q 276 76.82 14.93 -25.83
CA GLU Q 276 77.37 14.85 -24.49
C GLU Q 276 76.29 14.90 -23.41
N TRP Q 277 75.16 15.56 -23.69
CA TRP Q 277 74.23 15.90 -22.61
C TRP Q 277 72.78 15.77 -23.09
N PRO Q 278 72.39 14.63 -23.70
CA PRO Q 278 71.02 14.46 -24.17
C PRO Q 278 70.00 14.52 -23.03
N ASN Q 279 70.46 14.19 -21.82
CA ASN Q 279 69.61 14.27 -20.63
C ASN Q 279 69.15 15.71 -20.41
N GLY Q 280 69.91 16.68 -20.91
CA GLY Q 280 69.52 18.08 -20.88
C GLY Q 280 68.28 18.34 -21.73
N GLY Q 281 67.99 17.47 -22.70
CA GLY Q 281 66.81 17.63 -23.54
C GLY Q 281 65.66 16.73 -23.10
N MET Q 282 65.77 16.16 -21.90
CA MET Q 282 64.75 15.27 -21.37
C MET Q 282 63.94 16.02 -20.32
N ALA Q 283 62.90 16.74 -20.79
CA ALA Q 283 62.06 17.55 -19.92
C ALA Q 283 60.96 16.65 -19.33
N PHE Q 284 61.38 15.77 -18.42
CA PHE Q 284 60.49 14.83 -17.77
C PHE Q 284 61.19 14.28 -16.53
N PRO Q 285 60.45 13.72 -15.55
CA PRO Q 285 61.09 13.28 -14.29
C PRO Q 285 61.99 12.09 -14.57
N LYS Q 286 63.23 12.15 -14.05
CA LYS Q 286 64.26 11.18 -14.40
C LYS Q 286 64.72 10.36 -13.19
N GLY Q 287 64.06 10.55 -12.05
CA GLY Q 287 64.56 10.05 -10.77
C GLY Q 287 64.33 8.55 -10.56
N ASP Q 288 63.56 7.89 -11.44
CA ASP Q 288 63.27 6.46 -11.29
C ASP Q 288 64.09 5.60 -12.25
N ILE Q 289 64.80 6.21 -13.20
CA ILE Q 289 65.49 5.47 -14.25
C ILE Q 289 66.84 4.98 -13.74
N ARG Q 290 67.07 3.67 -13.86
CA ARG Q 290 68.14 3.01 -13.12
C ARG Q 290 69.49 3.00 -13.85
N ASN Q 291 69.48 2.83 -15.17
CA ASN Q 291 70.70 2.44 -15.88
C ASN Q 291 71.16 3.51 -16.87
N PRO Q 292 72.47 3.70 -17.02
CA PRO Q 292 73.00 4.51 -18.12
C PRO Q 292 72.48 4.06 -19.49
N GLU Q 293 72.31 2.76 -19.68
CA GLU Q 293 71.82 2.20 -20.93
C GLU Q 293 70.36 2.63 -21.18
N ASP Q 294 69.59 2.90 -20.11
CA ASP Q 294 68.22 3.36 -20.27
C ASP Q 294 68.22 4.78 -20.84
N PHE Q 295 68.98 5.67 -20.21
CA PHE Q 295 69.10 7.04 -20.71
C PHE Q 295 69.66 7.04 -22.12
N GLN Q 296 70.62 6.16 -22.38
CA GLN Q 296 71.25 6.07 -23.67
C GLN Q 296 70.21 5.79 -24.76
N ALA Q 297 69.30 4.86 -24.49
CA ALA Q 297 68.27 4.52 -25.46
C ALA Q 297 67.27 5.67 -25.60
N MET Q 298 66.97 6.35 -24.48
CA MET Q 298 66.05 7.48 -24.51
C MET Q 298 66.66 8.65 -25.27
N ALA Q 299 68.00 8.77 -25.22
CA ALA Q 299 68.72 9.86 -25.87
C ALA Q 299 68.44 9.89 -27.38
N ARG Q 300 68.17 8.73 -27.98
CA ARG Q 300 67.95 8.64 -29.42
C ARG Q 300 66.75 9.48 -29.85
N LEU Q 301 65.87 9.86 -28.91
CA LEU Q 301 64.71 10.68 -29.21
C LEU Q 301 65.01 12.18 -29.13
N VAL Q 302 66.13 12.56 -28.51
CA VAL Q 302 66.36 13.97 -28.21
C VAL Q 302 66.82 14.71 -29.46
N ARG Q 303 66.26 15.91 -29.66
CA ARG Q 303 66.59 16.79 -30.76
C ARG Q 303 66.89 18.18 -30.22
N PRO Q 304 67.55 19.06 -31.01
CA PRO Q 304 67.89 20.41 -30.53
C PRO Q 304 66.77 21.20 -29.87
N GLU Q 305 65.53 21.11 -30.43
CA GLU Q 305 64.39 21.83 -29.89
C GLU Q 305 64.22 21.57 -28.39
N HIS Q 306 64.51 20.34 -27.94
CA HIS Q 306 64.19 19.91 -26.58
C HIS Q 306 65.07 20.58 -25.54
N PHE Q 307 66.13 21.27 -25.98
CA PHE Q 307 67.06 21.93 -25.07
C PHE Q 307 66.67 23.39 -24.78
N GLN Q 308 65.64 23.94 -25.42
CA GLN Q 308 65.37 25.36 -25.24
C GLN Q 308 64.99 25.64 -23.79
N GLY Q 309 65.68 26.63 -23.19
CA GLY Q 309 65.51 27.00 -21.80
C GLY Q 309 66.27 26.11 -20.81
N ARG Q 310 66.95 25.07 -21.33
CA ARG Q 310 67.59 24.08 -20.49
C ARG Q 310 69.10 24.07 -20.77
N VAL Q 311 69.50 24.36 -22.02
CA VAL Q 311 70.88 24.42 -22.43
C VAL Q 311 71.02 25.51 -23.49
N LEU Q 312 71.76 26.57 -23.16
CA LEU Q 312 72.06 27.61 -24.11
C LEU Q 312 73.18 27.14 -25.03
N MET Q 313 72.92 27.16 -26.36
CA MET Q 313 73.83 26.60 -27.33
C MET Q 313 74.23 27.68 -28.32
N THR Q 314 75.40 28.32 -28.10
CA THR Q 314 75.86 29.35 -29.03
C THR Q 314 77.35 29.63 -28.78
N SER Q 315 78.02 30.10 -29.86
CA SER Q 315 79.40 30.53 -29.81
C SER Q 315 79.50 31.99 -29.38
N ASP Q 316 78.36 32.69 -29.34
CA ASP Q 316 78.34 34.11 -29.07
C ASP Q 316 78.44 34.33 -27.55
N LEU Q 317 79.62 34.79 -27.10
CA LEU Q 317 79.90 34.94 -25.69
C LEU Q 317 79.13 36.12 -25.09
N ASP Q 318 78.73 37.08 -25.91
CA ASP Q 318 77.86 38.15 -25.44
C ASP Q 318 76.53 37.57 -24.97
N ARG Q 319 76.00 36.56 -25.67
CA ARG Q 319 74.71 35.96 -25.34
C ARG Q 319 74.83 35.14 -24.06
N HIS Q 320 76.00 34.50 -23.85
CA HIS Q 320 76.28 33.83 -22.60
C HIS Q 320 76.24 34.83 -21.45
N GLY Q 321 76.89 35.99 -21.66
CA GLY Q 321 76.94 37.04 -20.65
C GLY Q 321 75.54 37.53 -20.26
N GLU Q 322 74.69 37.81 -21.25
CA GLU Q 322 73.35 38.31 -21.02
C GLU Q 322 72.50 37.27 -20.30
N PHE Q 323 72.63 36.01 -20.71
CA PHE Q 323 71.89 34.92 -20.09
C PHE Q 323 72.21 34.85 -18.60
N LEU Q 324 73.49 34.95 -18.25
CA LEU Q 324 73.91 34.84 -16.85
C LEU Q 324 73.50 36.09 -16.08
N GLN Q 325 73.67 37.27 -16.68
CA GLN Q 325 73.31 38.53 -16.05
C GLN Q 325 71.83 38.52 -15.69
N HIS Q 326 70.98 38.03 -16.58
CA HIS Q 326 69.55 37.94 -16.36
C HIS Q 326 69.25 37.17 -15.07
N LEU Q 327 69.99 36.10 -14.82
CA LEU Q 327 69.77 35.27 -13.65
C LEU Q 327 70.20 36.02 -12.38
N ILE Q 328 71.28 36.79 -12.46
CA ILE Q 328 71.68 37.63 -11.34
C ILE Q 328 70.56 38.63 -11.04
N ASP Q 329 70.01 39.22 -12.10
CA ASP Q 329 68.97 40.23 -11.99
C ASP Q 329 67.72 39.67 -11.33
N LEU Q 330 67.45 38.37 -11.54
CA LEU Q 330 66.29 37.72 -10.92
C LEU Q 330 66.50 37.58 -9.40
N GLY Q 331 67.76 37.58 -8.95
CA GLY Q 331 68.08 37.53 -7.53
C GLY Q 331 68.98 36.36 -7.12
N PHE Q 332 69.54 35.63 -8.11
CA PHE Q 332 70.49 34.57 -7.79
C PHE Q 332 71.83 35.21 -7.40
N THR Q 333 72.43 34.68 -6.33
CA THR Q 333 73.62 35.27 -5.74
C THR Q 333 74.85 34.48 -6.16
N GLU Q 334 74.65 33.27 -6.69
CA GLU Q 334 75.72 32.50 -7.29
C GLU Q 334 75.17 31.71 -8.48
N ILE Q 335 76.00 31.58 -9.51
CA ILE Q 335 75.69 30.77 -10.66
C ILE Q 335 76.85 29.80 -10.89
N TYR Q 336 76.50 28.52 -11.07
CA TYR Q 336 77.46 27.47 -11.39
C TYR Q 336 77.20 27.04 -12.84
N VAL Q 337 78.22 27.19 -13.68
CA VAL Q 337 78.06 26.95 -15.11
C VAL Q 337 78.72 25.63 -15.49
N HIS Q 338 77.93 24.77 -16.12
CA HIS Q 338 78.38 23.53 -16.71
C HIS Q 338 78.37 23.69 -18.23
N ASN Q 339 79.57 23.72 -18.82
CA ASN Q 339 79.69 23.61 -20.26
C ASN Q 339 79.62 22.14 -20.64
N VAL Q 340 78.70 21.78 -21.55
CA VAL Q 340 78.44 20.38 -21.82
C VAL Q 340 79.52 19.78 -22.72
N GLY Q 341 80.26 20.62 -23.46
CA GLY Q 341 81.24 20.13 -24.40
C GLY Q 341 82.49 19.61 -23.70
N ARG Q 342 83.26 18.80 -24.45
CA ARG Q 342 84.54 18.28 -23.96
C ARG Q 342 85.63 19.36 -23.97
N ASN Q 343 85.32 20.52 -24.56
CA ASN Q 343 86.25 21.64 -24.70
C ASN Q 343 86.27 22.49 -23.42
N GLN Q 344 86.59 21.87 -22.29
CA GLN Q 344 86.51 22.51 -20.99
C GLN Q 344 87.55 23.63 -20.86
N GLU Q 345 88.78 23.33 -21.23
CA GLU Q 345 89.85 24.30 -21.10
C GLU Q 345 89.52 25.57 -21.91
N GLU Q 346 89.02 25.37 -23.14
CA GLU Q 346 88.76 26.46 -24.05
C GLU Q 346 87.58 27.29 -23.53
N PHE Q 347 86.58 26.58 -22.99
CA PHE Q 347 85.41 27.21 -22.39
C PHE Q 347 85.84 28.09 -21.21
N ILE Q 348 86.69 27.54 -20.34
CA ILE Q 348 87.15 28.24 -19.15
C ILE Q 348 87.86 29.53 -19.56
N ARG Q 349 88.74 29.45 -20.56
CA ARG Q 349 89.52 30.61 -20.99
C ARG Q 349 88.62 31.66 -21.65
N ALA Q 350 87.66 31.19 -22.43
CA ALA Q 350 86.73 32.08 -23.12
C ALA Q 350 85.85 32.83 -22.12
N TYR Q 351 85.32 32.12 -21.11
CA TYR Q 351 84.52 32.75 -20.08
C TYR Q 351 85.37 33.73 -19.27
N GLY Q 352 86.61 33.33 -18.96
CA GLY Q 352 87.51 34.17 -18.18
C GLY Q 352 87.83 35.50 -18.87
N ARG Q 353 87.95 35.46 -20.21
CA ARG Q 353 88.30 36.60 -21.02
C ARG Q 353 87.06 37.47 -21.29
N ALA Q 354 85.91 36.85 -21.62
CA ALA Q 354 84.84 37.57 -22.29
C ALA Q 354 83.55 37.66 -21.47
N VAL Q 355 83.37 36.83 -20.45
CA VAL Q 355 82.10 36.76 -19.74
C VAL Q 355 82.24 37.24 -18.29
N ILE Q 356 83.13 36.61 -17.52
CA ILE Q 356 83.20 36.86 -16.10
C ILE Q 356 83.48 38.34 -15.80
N PRO Q 357 84.44 39.02 -16.46
CA PRO Q 357 84.71 40.43 -16.16
C PRO Q 357 83.50 41.36 -16.35
N HIS Q 358 82.52 40.98 -17.18
CA HIS Q 358 81.39 41.85 -17.49
C HIS Q 358 80.14 41.54 -16.65
N LEU Q 359 80.17 40.50 -15.82
CA LEU Q 359 79.04 40.21 -14.96
C LEU Q 359 79.04 41.19 -13.78
N ARG Q 360 77.85 41.72 -13.49
CA ARG Q 360 77.66 42.71 -12.43
C ARG Q 360 76.89 42.06 -11.28
N TRP Q 361 77.59 41.76 -10.20
CA TRP Q 361 77.02 41.19 -9.01
C TRP Q 361 76.70 42.30 -8.00
N PRO Q 362 75.59 42.23 -7.24
CA PRO Q 362 75.42 43.12 -6.09
C PRO Q 362 76.60 42.94 -5.14
N ALA Q 363 77.13 44.04 -4.58
CA ALA Q 363 78.32 43.96 -3.73
C ALA Q 363 78.01 43.24 -2.42
N ASP Q 364 76.77 43.33 -1.95
CA ASP Q 364 76.38 42.76 -0.67
C ASP Q 364 75.89 41.32 -0.76
N ALA Q 365 75.88 40.71 -1.96
CA ALA Q 365 75.27 39.43 -2.18
C ALA Q 365 75.90 38.38 -1.25
N PRO Q 366 75.09 37.57 -0.55
CA PRO Q 366 75.62 36.44 0.22
C PRO Q 366 76.12 35.32 -0.70
N VAL Q 367 77.20 34.73 -0.23
CA VAL Q 367 77.81 33.58 -0.90
C VAL Q 367 77.75 32.39 0.04
N ALA Q 368 77.67 31.18 -0.51
CA ALA Q 368 77.57 29.96 0.29
C ALA Q 368 78.88 29.67 1.00
N GLN Q 369 78.92 30.02 2.29
CA GLN Q 369 80.06 29.79 3.16
C GLN Q 369 79.61 29.98 4.60
N ALA Q 370 80.36 29.41 5.55
CA ALA Q 370 80.02 29.48 6.96
C ALA Q 370 80.07 30.93 7.47
N MET Q 371 79.11 31.34 8.32
CA MET Q 371 79.26 32.48 9.22
C MET Q 371 80.68 32.43 9.83
N SER R 34 117.30 0.16 0.11
CA SER R 34 116.92 1.60 -0.07
C SER R 34 115.92 2.04 1.02
N SER R 35 116.22 3.14 1.70
CA SER R 35 115.66 3.48 3.01
C SER R 35 114.22 4.00 2.92
N ARG R 36 113.44 3.63 3.93
CA ARG R 36 112.00 3.87 3.94
C ARG R 36 111.39 3.38 5.26
N LEU R 37 110.17 3.86 5.52
CA LEU R 37 109.36 3.46 6.66
C LEU R 37 107.97 4.06 6.47
N GLY R 38 106.97 3.42 7.06
CA GLY R 38 105.62 3.93 7.02
C GLY R 38 105.28 4.77 8.25
N TYR R 39 104.49 5.83 8.01
CA TYR R 39 103.95 6.67 9.07
C TYR R 39 102.48 6.35 9.25
N SER R 40 102.10 6.14 10.51
CA SER R 40 100.73 5.84 10.86
C SER R 40 100.04 7.14 11.29
N ALA R 41 99.01 7.54 10.54
CA ALA R 41 98.28 8.77 10.80
C ALA R 41 97.06 8.48 11.68
N SER R 42 97.13 8.91 12.95
CA SER R 42 96.16 8.57 13.97
C SER R 42 95.00 9.58 13.99
N PHE R 43 93.94 9.26 13.24
CA PHE R 43 92.75 10.10 13.15
C PHE R 43 92.03 10.16 14.48
N GLU R 44 92.24 9.15 15.33
CA GLU R 44 91.62 9.17 16.64
C GLU R 44 92.11 10.36 17.47
N GLN R 45 93.35 10.79 17.21
CA GLN R 45 94.02 11.74 18.09
C GLN R 45 94.18 13.14 17.47
N PHE R 46 94.37 13.23 16.15
CA PHE R 46 94.92 14.44 15.56
C PHE R 46 93.98 15.02 14.52
N HIS R 47 93.87 16.35 14.55
CA HIS R 47 93.11 17.09 13.58
C HIS R 47 93.65 16.77 12.19
N PRO R 48 92.78 16.54 11.19
CA PRO R 48 93.22 16.22 9.84
C PRO R 48 94.20 17.23 9.22
N SER R 49 94.06 18.52 9.55
CA SER R 49 94.98 19.52 9.03
C SER R 49 96.40 19.28 9.56
N ASP R 50 96.50 18.89 10.83
CA ASP R 50 97.78 18.60 11.44
C ASP R 50 98.38 17.33 10.82
N LEU R 51 97.53 16.31 10.62
CA LEU R 51 97.99 15.07 10.00
C LEU R 51 98.53 15.36 8.60
N LEU R 52 97.87 16.26 7.87
CA LEU R 52 98.30 16.57 6.52
C LEU R 52 99.70 17.17 6.55
N ARG R 53 99.91 18.17 7.40
CA ARG R 53 101.20 18.84 7.50
C ARG R 53 102.28 17.85 7.94
N TRP R 54 101.96 16.98 8.90
CA TRP R 54 102.92 16.04 9.43
C TRP R 54 103.31 14.98 8.40
N CYS R 55 102.36 14.54 7.56
CA CYS R 55 102.66 13.60 6.50
C CYS R 55 103.59 14.22 5.49
N GLN R 56 103.38 15.52 5.18
CA GLN R 56 104.25 16.24 4.27
C GLN R 56 105.67 16.28 4.82
N LEU R 57 105.79 16.49 6.14
CA LEU R 57 107.08 16.52 6.79
C LEU R 57 107.69 15.10 6.79
N ALA R 58 106.87 14.10 7.09
CA ALA R 58 107.33 12.72 7.12
C ALA R 58 107.95 12.34 5.78
N GLU R 59 107.34 12.78 4.69
CA GLU R 59 107.89 12.54 3.36
C GLU R 59 109.28 13.15 3.26
N GLN R 60 109.44 14.39 3.71
CA GLN R 60 110.73 15.07 3.66
C GLN R 60 111.76 14.30 4.49
N GLU R 61 111.30 13.63 5.55
CA GLU R 61 112.20 13.01 6.51
C GLU R 61 112.49 11.54 6.19
N GLY R 62 111.97 11.02 5.07
CA GLY R 62 112.34 9.70 4.60
C GLY R 62 111.24 8.64 4.74
N PHE R 63 110.09 8.98 5.33
CA PHE R 63 108.96 8.06 5.31
C PHE R 63 108.43 8.01 3.87
N ASP R 64 107.95 6.84 3.44
CA ASP R 64 107.57 6.65 2.05
C ASP R 64 106.07 6.32 1.89
N SER R 65 105.35 6.08 3.00
CA SER R 65 103.95 5.71 2.91
CA SER R 65 103.96 5.68 2.93
C SER R 65 103.24 6.06 4.22
N VAL R 66 101.91 6.12 4.11
CA VAL R 66 101.04 6.51 5.21
C VAL R 66 99.93 5.47 5.35
N LEU R 67 99.66 5.11 6.60
CA LEU R 67 98.50 4.30 6.95
C LEU R 67 97.54 5.23 7.69
N ALA R 68 96.30 5.29 7.22
CA ALA R 68 95.31 6.23 7.75
C ALA R 68 94.11 5.47 8.28
N ALA R 69 93.87 5.61 9.58
CA ALA R 69 92.71 5.02 10.25
C ALA R 69 91.40 5.53 9.64
N ASP R 70 90.39 4.65 9.58
CA ASP R 70 89.06 5.01 9.12
C ASP R 70 88.11 4.86 10.30
N HIS R 71 88.00 5.91 11.09
CA HIS R 71 87.15 5.90 12.27
C HIS R 71 86.02 6.90 12.12
N PHE R 72 84.97 6.68 12.91
CA PHE R 72 83.97 7.68 13.19
C PHE R 72 84.19 8.24 14.60
N HIS R 73 84.65 7.41 15.53
CA HIS R 73 84.89 7.84 16.89
C HIS R 73 86.33 7.53 17.32
N PRO R 74 86.92 8.36 18.21
CA PRO R 74 88.17 8.00 18.88
C PRO R 74 87.87 6.94 19.92
N TRP R 75 88.92 6.27 20.41
CA TRP R 75 88.76 5.33 21.50
C TRP R 75 88.32 6.06 22.77
N THR R 76 88.88 7.24 23.01
CA THR R 76 88.54 8.01 24.21
C THR R 76 88.28 9.47 23.83
N PRO R 77 87.51 10.22 24.65
CA PRO R 77 87.36 11.66 24.45
C PRO R 77 88.69 12.41 24.48
N GLU R 78 89.64 11.94 25.30
CA GLU R 78 90.92 12.61 25.45
C GLU R 78 91.69 12.56 24.13
N GLN R 79 91.47 11.51 23.33
CA GLN R 79 92.11 11.44 22.02
C GLN R 79 91.51 12.53 21.12
N GLY R 80 90.17 12.57 21.04
CA GLY R 80 89.47 13.81 20.74
C GLY R 80 89.22 14.07 19.24
N GLN R 81 89.51 13.13 18.33
CA GLN R 81 89.30 13.39 16.91
C GLN R 81 88.74 12.15 16.18
N SER R 82 88.27 12.36 14.94
CA SER R 82 87.95 11.31 13.98
C SER R 82 87.52 11.92 12.65
N GLY R 83 88.49 12.37 11.86
CA GLY R 83 88.19 12.92 10.55
C GLY R 83 87.73 11.83 9.58
N PHE R 84 87.01 12.27 8.55
CA PHE R 84 86.59 11.39 7.46
C PHE R 84 87.77 11.16 6.55
N VAL R 85 88.31 9.94 6.59
CA VAL R 85 89.59 9.65 5.99
C VAL R 85 89.55 9.84 4.48
N TRP R 86 88.43 9.51 3.84
CA TRP R 86 88.39 9.49 2.38
C TRP R 86 88.62 10.89 1.81
N ALA R 87 88.09 11.93 2.46
CA ALA R 87 88.32 13.29 2.00
C ALA R 87 89.78 13.67 2.20
N TRP R 88 90.31 13.34 3.39
CA TRP R 88 91.69 13.66 3.71
C TRP R 88 92.65 13.02 2.72
N LEU R 89 92.37 11.79 2.28
CA LEU R 89 93.30 11.07 1.42
C LEU R 89 93.47 11.81 0.09
N GLY R 90 92.43 12.48 -0.38
CA GLY R 90 92.56 13.29 -1.59
C GLY R 90 93.57 14.43 -1.42
N ALA R 91 93.55 15.04 -0.24
CA ALA R 91 94.48 16.11 0.09
C ALA R 91 95.90 15.58 0.17
N LEU R 92 96.06 14.41 0.80
CA LEU R 92 97.37 13.76 0.90
C LEU R 92 97.90 13.46 -0.49
N GLY R 93 97.05 12.84 -1.31
CA GLY R 93 97.43 12.46 -2.66
C GLY R 93 97.90 13.66 -3.47
N ALA R 94 97.22 14.79 -3.32
CA ALA R 94 97.46 15.92 -4.19
C ALA R 94 98.67 16.75 -3.75
N THR R 95 99.16 16.56 -2.50
CA THR R 95 100.22 17.41 -1.97
C THR R 95 101.49 16.64 -1.61
N THR R 96 101.54 15.32 -1.89
CA THR R 96 102.73 14.51 -1.61
C THR R 96 102.88 13.50 -2.74
N ARG R 97 103.97 12.73 -2.68
CA ARG R 97 104.20 11.59 -3.57
C ARG R 97 104.21 10.28 -2.78
N LEU R 98 103.83 10.33 -1.50
CA LEU R 98 103.76 9.16 -0.64
C LEU R 98 102.76 8.15 -1.17
N ARG R 99 103.02 6.87 -0.87
CA ARG R 99 101.99 5.85 -0.95
C ARG R 99 101.11 6.00 0.28
N PHE R 100 99.87 5.51 0.19
CA PHE R 100 98.97 5.64 1.33
C PHE R 100 97.84 4.62 1.21
N GLY R 101 97.28 4.26 2.37
CA GLY R 101 96.18 3.32 2.41
C GLY R 101 95.30 3.55 3.64
N THR R 102 94.09 2.98 3.59
CA THR R 102 93.22 2.93 4.74
C THR R 102 93.68 1.79 5.64
N GLY R 103 93.71 2.03 6.95
CA GLY R 103 94.17 1.02 7.88
C GLY R 103 93.26 0.89 9.09
N VAL R 104 92.04 0.36 8.96
CA VAL R 104 91.46 -0.16 7.73
C VAL R 104 90.00 0.30 7.64
N THR R 105 89.41 0.17 6.44
CA THR R 105 87.99 0.44 6.23
C THR R 105 87.21 -0.85 6.40
N PRO R 106 86.06 -0.84 7.11
CA PRO R 106 85.15 -1.98 7.11
C PRO R 106 84.08 -1.86 6.03
N PRO R 107 84.22 -2.58 4.90
CA PRO R 107 83.29 -2.44 3.78
C PRO R 107 82.08 -3.37 3.88
N ILE R 108 81.54 -3.52 5.08
CA ILE R 108 80.59 -4.58 5.36
C ILE R 108 79.20 -4.02 5.64
N GLY R 109 78.95 -2.78 5.23
CA GLY R 109 77.59 -2.28 5.07
C GLY R 109 77.03 -1.59 6.31
N PHE R 110 77.86 -1.14 7.26
CA PHE R 110 77.38 -0.36 8.38
C PHE R 110 77.56 1.11 8.00
N ARG R 111 78.71 1.68 8.32
CA ARG R 111 79.06 2.99 7.80
C ARG R 111 79.18 2.98 6.28
N TYR R 112 79.67 1.87 5.70
CA TYR R 112 80.05 1.88 4.29
C TYR R 112 79.55 0.64 3.55
N HIS R 113 78.85 0.84 2.44
CA HIS R 113 78.48 -0.20 1.53
C HIS R 113 79.70 -0.58 0.69
N PRO R 114 79.96 -1.88 0.40
CA PRO R 114 81.15 -2.26 -0.33
C PRO R 114 81.27 -1.62 -1.70
N ALA R 115 80.15 -1.36 -2.37
CA ALA R 115 80.20 -0.73 -3.69
C ALA R 115 80.78 0.67 -3.59
N ILE R 116 80.53 1.38 -2.48
CA ILE R 116 81.02 2.74 -2.30
C ILE R 116 82.51 2.70 -1.99
N VAL R 117 82.94 1.75 -1.17
CA VAL R 117 84.37 1.58 -0.91
C VAL R 117 85.09 1.29 -2.23
N ALA R 118 84.49 0.45 -3.07
CA ALA R 118 85.11 0.11 -4.34
C ALA R 118 85.29 1.37 -5.18
N GLN R 119 84.24 2.20 -5.24
CA GLN R 119 84.29 3.40 -6.06
C GLN R 119 85.34 4.36 -5.52
N ALA R 120 85.38 4.51 -4.19
CA ALA R 120 86.32 5.43 -3.57
C ALA R 120 87.75 5.00 -3.85
N ALA R 121 88.01 3.69 -3.72
CA ALA R 121 89.34 3.15 -3.95
C ALA R 121 89.75 3.36 -5.41
N ALA R 122 88.82 3.06 -6.32
CA ALA R 122 89.12 3.21 -7.74
C ALA R 122 89.41 4.68 -8.08
N THR R 123 88.68 5.62 -7.45
CA THR R 123 88.89 7.03 -7.74
C THR R 123 90.28 7.46 -7.26
N LEU R 124 90.64 7.06 -6.04
CA LEU R 124 91.92 7.44 -5.48
C LEU R 124 93.06 6.90 -6.35
N GLU R 125 92.96 5.62 -6.74
CA GLU R 125 94.01 5.03 -7.55
C GLU R 125 94.03 5.65 -8.94
N ALA R 126 92.86 6.01 -9.48
CA ALA R 126 92.82 6.65 -10.78
C ALA R 126 93.50 8.03 -10.74
N MET R 127 93.33 8.74 -9.62
CA MET R 127 93.92 10.07 -9.45
C MET R 127 95.40 9.98 -9.11
N PHE R 128 95.79 8.96 -8.35
CA PHE R 128 97.15 8.83 -7.85
C PHE R 128 97.69 7.44 -8.18
N PRO R 129 97.89 7.11 -9.47
CA PRO R 129 98.20 5.72 -9.85
C PRO R 129 99.51 5.27 -9.22
N GLY R 130 99.51 4.03 -8.74
CA GLY R 130 100.69 3.42 -8.13
C GLY R 130 100.82 3.73 -6.64
N ARG R 131 99.84 4.46 -6.04
CA ARG R 131 100.08 5.03 -4.73
C ARG R 131 99.10 4.56 -3.67
N PHE R 132 97.91 4.09 -4.05
CA PHE R 132 96.89 3.77 -3.07
C PHE R 132 96.84 2.27 -2.85
N TRP R 133 96.63 1.86 -1.60
CA TRP R 133 96.28 0.49 -1.29
C TRP R 133 95.04 0.48 -0.41
N LEU R 134 94.10 -0.41 -0.73
CA LEU R 134 92.81 -0.47 -0.06
C LEU R 134 92.91 -1.44 1.10
N GLY R 135 93.05 -0.91 2.32
CA GLY R 135 93.07 -1.73 3.51
C GLY R 135 91.68 -1.88 4.08
N ILE R 136 91.26 -3.13 4.29
CA ILE R 136 89.92 -3.45 4.76
C ILE R 136 90.00 -4.42 5.95
N GLY R 137 88.92 -4.44 6.74
CA GLY R 137 88.82 -5.31 7.90
C GLY R 137 87.37 -5.46 8.36
N ALA R 138 87.19 -6.21 9.45
CA ALA R 138 85.88 -6.63 9.93
C ALA R 138 85.21 -5.55 10.78
N GLY R 139 85.97 -4.52 11.18
CA GLY R 139 85.38 -3.36 11.80
C GLY R 139 85.18 -3.53 13.31
N GLU R 140 84.92 -2.39 13.98
CA GLU R 140 84.65 -2.35 15.42
C GLU R 140 83.35 -1.61 15.69
N ALA R 141 82.67 -2.05 16.76
CA ALA R 141 81.41 -1.45 17.15
C ALA R 141 81.57 0.04 17.43
N LEU R 142 82.74 0.42 17.96
CA LEU R 142 83.03 1.80 18.27
C LEU R 142 82.61 2.72 17.12
N ASN R 143 82.86 2.29 15.88
CA ASN R 143 82.53 3.10 14.72
C ASN R 143 81.22 2.67 14.06
N GLU R 144 80.93 1.36 14.02
CA GLU R 144 79.82 0.87 13.20
C GLU R 144 78.48 0.97 13.94
N HIS R 145 78.48 1.07 15.27
CA HIS R 145 77.25 0.98 16.03
C HIS R 145 76.33 2.18 15.79
N ILE R 146 76.85 3.26 15.22
CA ILE R 146 76.08 4.48 15.08
C ILE R 146 74.84 4.26 14.20
N VAL R 147 74.87 3.26 13.30
CA VAL R 147 73.78 3.08 12.37
C VAL R 147 72.68 2.18 12.96
N GLY R 148 72.88 1.68 14.18
CA GLY R 148 71.81 1.05 14.95
C GLY R 148 71.38 -0.32 14.43
N ARG R 149 72.34 -1.14 13.99
CA ARG R 149 72.03 -2.45 13.44
C ARG R 149 72.67 -3.56 14.28
N TYR R 150 72.16 -4.77 14.08
CA TYR R 150 72.70 -5.97 14.68
C TYR R 150 74.19 -6.06 14.41
N TRP R 151 74.98 -6.29 15.47
CA TRP R 151 76.43 -6.40 15.36
C TRP R 151 76.85 -7.86 15.51
N PRO R 152 77.24 -8.52 14.41
CA PRO R 152 77.56 -9.95 14.45
C PRO R 152 78.85 -10.24 15.20
N GLU R 153 78.97 -11.47 15.69
CA GLU R 153 80.23 -11.94 16.25
C GLU R 153 81.34 -11.88 15.21
N PRO R 154 82.62 -11.82 15.64
CA PRO R 154 83.75 -11.75 14.70
C PRO R 154 83.71 -12.76 13.55
N ALA R 155 83.42 -14.03 13.82
CA ALA R 155 83.47 -15.03 12.75
C ALA R 155 82.41 -14.70 11.69
N GLU R 156 81.26 -14.21 12.10
CA GLU R 156 80.24 -13.82 11.13
C GLU R 156 80.69 -12.58 10.35
N ARG R 157 81.34 -11.63 11.02
CA ARG R 157 81.79 -10.43 10.32
C ARG R 157 82.84 -10.80 9.28
N ILE R 158 83.65 -11.83 9.56
CA ILE R 158 84.62 -12.34 8.61
C ILE R 158 83.89 -12.81 7.35
N ARG R 159 82.76 -13.53 7.52
CA ARG R 159 82.00 -13.98 6.37
C ARG R 159 81.48 -12.78 5.60
N MET R 160 81.10 -11.70 6.31
CA MET R 160 80.64 -10.50 5.64
C MET R 160 81.79 -9.89 4.85
N LEU R 161 82.98 -9.85 5.45
CA LEU R 161 84.14 -9.26 4.81
C LEU R 161 84.49 -10.01 3.52
N ILE R 162 84.41 -11.34 3.56
CA ILE R 162 84.72 -12.16 2.41
C ILE R 162 83.74 -11.87 1.28
N GLU R 163 82.46 -11.68 1.60
CA GLU R 163 81.49 -11.35 0.57
C GLU R 163 81.77 -9.93 0.04
N ALA R 164 82.14 -9.01 0.92
CA ALA R 164 82.45 -7.65 0.49
C ALA R 164 83.63 -7.64 -0.49
N ILE R 165 84.63 -8.49 -0.23
CA ILE R 165 85.78 -8.60 -1.12
C ILE R 165 85.31 -9.01 -2.51
N GLU R 166 84.38 -9.97 -2.56
CA GLU R 166 83.79 -10.42 -3.81
C GLU R 166 83.16 -9.25 -4.55
N VAL R 167 82.39 -8.42 -3.84
CA VAL R 167 81.71 -7.29 -4.44
C VAL R 167 82.75 -6.31 -5.00
N ILE R 168 83.78 -6.00 -4.21
CA ILE R 168 84.76 -5.02 -4.62
C ILE R 168 85.50 -5.53 -5.87
N GLN R 169 85.87 -6.81 -5.86
N GLN R 169 85.86 -6.82 -5.86
CA GLN R 169 86.63 -7.39 -6.96
CA GLN R 169 86.64 -7.40 -6.94
C GLN R 169 85.80 -7.42 -8.24
C GLN R 169 85.80 -7.40 -8.22
N LYS R 170 84.51 -7.75 -8.13
CA LYS R 170 83.64 -7.72 -9.30
C LYS R 170 83.62 -6.30 -9.88
N LEU R 171 83.45 -5.30 -9.00
CA LEU R 171 83.35 -3.93 -9.48
C LEU R 171 84.69 -3.50 -10.11
N PHE R 172 85.80 -3.99 -9.57
CA PHE R 172 87.12 -3.65 -10.07
C PHE R 172 87.38 -4.22 -11.48
N THR R 173 86.56 -5.16 -11.97
CA THR R 173 86.72 -5.66 -13.34
C THR R 173 86.36 -4.58 -14.36
N GLY R 174 85.57 -3.57 -13.95
CA GLY R 174 85.16 -2.51 -14.86
C GLY R 174 83.98 -2.87 -15.74
N LYS R 175 83.34 -4.02 -15.48
CA LYS R 175 82.15 -4.40 -16.21
C LYS R 175 80.92 -4.01 -15.39
N VAL R 176 79.76 -4.08 -16.06
CA VAL R 176 78.48 -4.02 -15.39
C VAL R 176 78.30 -5.33 -14.63
N ILE R 177 78.15 -5.26 -13.31
CA ILE R 177 78.02 -6.46 -12.52
C ILE R 177 76.76 -6.39 -11.66
N ARG R 178 76.28 -7.59 -11.30
CA ARG R 178 75.19 -7.81 -10.38
C ARG R 178 75.69 -8.76 -9.31
N HIS R 179 75.16 -8.65 -8.10
CA HIS R 179 75.59 -9.51 -7.01
C HIS R 179 74.40 -9.75 -6.09
N GLU R 180 74.21 -11.01 -5.69
CA GLU R 180 73.25 -11.34 -4.66
C GLU R 180 73.87 -12.42 -3.77
N GLY R 181 74.18 -12.07 -2.53
CA GLY R 181 74.69 -13.03 -1.57
C GLY R 181 73.92 -12.94 -0.26
N VAL R 182 74.47 -13.57 0.78
CA VAL R 182 73.81 -13.58 2.07
C VAL R 182 73.69 -12.15 2.61
N TYR R 183 74.72 -11.31 2.41
CA TYR R 183 74.78 -10.03 3.11
C TYR R 183 74.56 -8.82 2.20
N PHE R 184 74.90 -8.91 0.91
CA PHE R 184 74.87 -7.73 0.06
C PHE R 184 74.08 -8.02 -1.23
N LYS R 185 73.37 -7.00 -1.70
CA LYS R 185 72.68 -7.04 -2.97
C LYS R 185 73.17 -5.84 -3.76
N VAL R 186 73.68 -6.10 -4.97
CA VAL R 186 74.13 -5.05 -5.85
C VAL R 186 73.38 -5.21 -7.16
N GLU R 187 72.61 -4.17 -7.52
CA GLU R 187 71.97 -4.10 -8.81
C GLU R 187 72.99 -3.64 -9.84
N SER R 188 72.65 -3.79 -11.13
CA SER R 188 73.53 -3.43 -12.23
C SER R 188 74.37 -2.22 -11.88
N ALA R 189 75.69 -2.43 -11.74
CA ALA R 189 76.60 -1.39 -11.30
C ALA R 189 77.93 -1.55 -12.01
N LYS R 190 78.52 -0.40 -12.35
CA LYS R 190 79.80 -0.36 -13.03
C LYS R 190 80.61 0.84 -12.55
N LEU R 191 81.91 0.63 -12.35
CA LEU R 191 82.85 1.72 -12.10
C LEU R 191 83.36 2.24 -13.44
N TYR R 192 82.88 3.41 -13.85
CA TYR R 192 83.33 4.05 -15.08
C TYR R 192 84.69 4.74 -14.86
N THR R 193 84.95 5.21 -13.63
CA THR R 193 86.21 5.86 -13.31
C THR R 193 87.10 4.84 -12.62
N MET R 194 88.15 4.42 -13.35
CA MET R 194 88.93 3.24 -13.03
CA MET R 194 88.93 3.24 -13.06
C MET R 194 90.40 3.53 -13.36
N PRO R 195 91.36 3.09 -12.54
CA PRO R 195 92.76 3.09 -12.97
C PRO R 195 92.97 1.99 -14.00
N ASP R 196 94.09 2.04 -14.73
CA ASP R 196 94.43 0.97 -15.65
C ASP R 196 94.56 -0.36 -14.90
N VAL R 197 95.12 -0.28 -13.69
CA VAL R 197 95.31 -1.45 -12.85
C VAL R 197 94.75 -1.15 -11.47
N PRO R 198 93.93 -2.04 -10.90
CA PRO R 198 93.27 -1.80 -9.61
C PRO R 198 94.27 -1.66 -8.48
N PRO R 199 93.93 -0.92 -7.40
CA PRO R 199 94.80 -0.85 -6.24
C PRO R 199 94.75 -2.23 -5.58
N PRO R 200 95.81 -2.62 -4.86
CA PRO R 200 95.80 -3.85 -4.12
C PRO R 200 94.81 -3.80 -2.97
N ILE R 201 94.20 -4.95 -2.69
CA ILE R 201 93.35 -5.11 -1.52
C ILE R 201 94.20 -5.76 -0.43
N ILE R 202 94.30 -5.06 0.69
CA ILE R 202 95.05 -5.48 1.85
C ILE R 202 94.07 -5.74 2.98
N VAL R 203 94.15 -6.89 3.62
CA VAL R 203 93.28 -7.17 4.74
C VAL R 203 94.05 -6.96 6.04
N GLY R 204 93.48 -6.15 6.94
CA GLY R 204 93.97 -6.00 8.29
C GLY R 204 93.29 -6.98 9.23
N THR R 205 94.05 -7.92 9.78
CA THR R 205 93.52 -8.97 10.62
C THR R 205 94.63 -9.51 11.52
N ALA R 206 94.20 -10.07 12.67
CA ALA R 206 95.07 -10.78 13.58
C ALA R 206 94.57 -12.22 13.73
N GLY R 207 93.61 -12.65 12.90
CA GLY R 207 93.08 -14.01 12.94
C GLY R 207 93.80 -14.92 11.95
N PRO R 208 94.31 -16.09 12.39
CA PRO R 208 94.91 -17.06 11.48
C PRO R 208 94.01 -17.44 10.30
N TYR R 209 92.71 -17.65 10.56
CA TYR R 209 91.79 -18.05 9.52
C TYR R 209 91.74 -16.96 8.44
N MET R 210 91.51 -15.71 8.83
CA MET R 210 91.33 -14.64 7.86
C MET R 210 92.67 -14.33 7.17
N ALA R 211 93.80 -14.56 7.85
CA ALA R 211 95.10 -14.37 7.25
C ALA R 211 95.25 -15.31 6.05
N LYS R 212 94.85 -16.56 6.21
CA LYS R 212 94.88 -17.55 5.13
C LYS R 212 93.99 -17.07 3.98
N LYS R 213 92.77 -16.65 4.32
CA LYS R 213 91.82 -16.20 3.31
C LYS R 213 92.36 -14.97 2.58
N THR R 214 93.09 -14.11 3.31
CA THR R 214 93.65 -12.91 2.72
C THR R 214 94.64 -13.31 1.61
N GLY R 215 95.49 -14.29 1.89
CA GLY R 215 96.42 -14.78 0.89
C GLY R 215 95.71 -15.35 -0.32
N GLN R 216 94.62 -16.08 -0.06
CA GLN R 216 93.87 -16.71 -1.13
C GLN R 216 93.17 -15.68 -2.01
N LEU R 217 92.54 -14.66 -1.41
CA LEU R 217 91.56 -13.84 -2.09
C LEU R 217 92.07 -12.43 -2.38
N CYS R 218 93.10 -11.98 -1.69
CA CYS R 218 93.50 -10.57 -1.73
C CYS R 218 94.98 -10.48 -2.07
N ASP R 219 95.56 -9.29 -1.93
CA ASP R 219 96.87 -8.98 -2.46
C ASP R 219 97.93 -8.87 -1.37
N GLY R 220 97.52 -8.66 -0.12
CA GLY R 220 98.50 -8.41 0.95
C GLY R 220 97.87 -8.44 2.32
N LEU R 221 98.75 -8.53 3.34
CA LEU R 221 98.34 -8.66 4.73
C LEU R 221 98.82 -7.45 5.52
N LEU R 222 97.95 -6.96 6.40
CA LEU R 222 98.31 -5.98 7.41
C LEU R 222 97.91 -6.54 8.77
N THR R 223 98.84 -6.51 9.72
CA THR R 223 98.55 -7.07 11.03
C THR R 223 99.13 -6.14 12.10
N PRO R 224 98.63 -6.16 13.35
CA PRO R 224 99.22 -5.39 14.44
C PRO R 224 100.43 -6.07 15.05
N GLY R 225 101.20 -5.27 15.80
CA GLY R 225 102.30 -5.78 16.61
C GLY R 225 101.84 -6.89 17.55
N ALA R 226 102.63 -7.95 17.66
CA ALA R 226 102.36 -9.06 18.55
C ALA R 226 103.65 -9.85 18.77
N ASN R 227 103.65 -10.89 19.60
CA ASN R 227 104.88 -11.64 19.82
C ASN R 227 105.28 -12.41 18.55
N ASP R 228 106.50 -12.89 18.52
CA ASP R 228 107.11 -13.54 17.37
C ASP R 228 106.27 -14.75 16.92
N GLU R 229 105.82 -15.58 17.87
CA GLU R 229 105.07 -16.79 17.55
C GLU R 229 103.78 -16.43 16.78
N LYS R 230 103.06 -15.39 17.24
CA LYS R 230 101.80 -15.03 16.63
C LYS R 230 102.04 -14.44 15.24
N LEU R 231 103.09 -13.63 15.09
CA LEU R 231 103.41 -13.02 13.81
C LEU R 231 103.79 -14.07 12.79
N ARG R 232 104.60 -15.05 13.21
CA ARG R 232 105.02 -16.12 12.32
C ARG R 232 103.80 -16.92 11.86
N LEU R 233 102.83 -17.16 12.74
CA LEU R 233 101.65 -17.92 12.39
C LEU R 233 100.87 -17.16 11.33
N LEU R 234 100.66 -15.85 11.54
CA LEU R 234 99.89 -15.05 10.60
C LEU R 234 100.59 -15.01 9.24
N LEU R 235 101.91 -14.78 9.24
CA LEU R 235 102.67 -14.79 8.00
C LEU R 235 102.52 -16.13 7.29
N SER R 236 102.67 -17.22 8.04
CA SER R 236 102.66 -18.56 7.46
C SER R 236 101.29 -18.86 6.88
N ARG R 237 100.21 -18.49 7.59
CA ARG R 237 98.87 -18.71 7.10
C ARG R 237 98.62 -17.95 5.81
N PHE R 238 99.06 -16.69 5.80
CA PHE R 238 98.94 -15.86 4.62
C PHE R 238 99.66 -16.49 3.43
N GLU R 239 100.88 -16.95 3.65
CA GLU R 239 101.71 -17.51 2.58
C GLU R 239 101.05 -18.78 2.04
N GLU R 240 100.59 -19.64 2.94
CA GLU R 240 99.95 -20.91 2.58
C GLU R 240 98.72 -20.65 1.74
N GLY R 241 97.91 -19.67 2.15
CA GLY R 241 96.70 -19.31 1.42
C GLY R 241 97.01 -18.86 -0.01
N ALA R 242 98.03 -18.02 -0.15
CA ALA R 242 98.46 -17.53 -1.45
C ALA R 242 98.96 -18.68 -2.32
N ARG R 243 99.80 -19.57 -1.74
CA ARG R 243 100.35 -20.67 -2.49
C ARG R 243 99.27 -21.62 -2.97
N ALA R 244 98.33 -21.96 -2.11
CA ALA R 244 97.26 -22.88 -2.47
C ALA R 244 96.38 -22.28 -3.58
N ALA R 245 96.38 -20.95 -3.73
CA ALA R 245 95.62 -20.32 -4.80
C ALA R 245 96.49 -20.04 -6.03
N GLY R 246 97.71 -20.59 -6.09
CA GLY R 246 98.57 -20.49 -7.26
C GLY R 246 99.32 -19.16 -7.34
N LYS R 247 99.35 -18.37 -6.26
CA LYS R 247 100.00 -17.07 -6.27
C LYS R 247 101.40 -17.19 -5.68
N ASP R 248 102.26 -16.21 -5.96
CA ASP R 248 103.62 -16.16 -5.44
C ASP R 248 103.67 -15.20 -4.25
N PRO R 249 103.72 -15.70 -2.99
CA PRO R 249 103.66 -14.84 -1.81
C PRO R 249 104.90 -13.98 -1.58
N ARG R 250 106.01 -14.31 -2.28
CA ARG R 250 107.21 -13.52 -2.16
C ARG R 250 107.02 -12.13 -2.78
N ARG R 251 106.02 -11.98 -3.67
CA ARG R 251 105.75 -10.71 -4.31
C ARG R 251 104.54 -10.01 -3.67
N MET R 252 104.03 -10.55 -2.55
CA MET R 252 102.84 -9.99 -1.92
C MET R 252 103.24 -9.32 -0.61
N PRO R 253 102.78 -8.07 -0.37
CA PRO R 253 103.17 -7.34 0.83
C PRO R 253 102.73 -7.99 2.12
N ARG R 254 103.62 -7.97 3.12
CA ARG R 254 103.31 -8.37 4.48
C ARG R 254 103.63 -7.18 5.37
N MET R 255 102.59 -6.54 5.89
CA MET R 255 102.70 -5.21 6.48
C MET R 255 102.34 -5.34 7.96
N ILE R 256 103.02 -4.57 8.82
CA ILE R 256 102.71 -4.56 10.23
C ILE R 256 102.57 -3.12 10.72
N GLN R 257 101.59 -2.90 11.59
CA GLN R 257 101.36 -1.61 12.23
C GLN R 257 101.73 -1.71 13.70
N VAL R 258 102.70 -0.87 14.12
CA VAL R 258 103.17 -0.90 15.49
C VAL R 258 102.91 0.43 16.18
N HIS R 259 102.76 0.37 17.49
CA HIS R 259 102.57 1.54 18.34
C HIS R 259 103.80 1.72 19.20
N VAL R 260 104.38 2.92 19.15
CA VAL R 260 105.54 3.23 19.96
C VAL R 260 105.27 4.54 20.70
N SER R 261 106.08 4.80 21.72
CA SER R 261 106.12 6.07 22.40
C SER R 261 107.57 6.52 22.51
N TRP R 262 107.94 7.49 21.68
CA TRP R 262 109.21 8.17 21.79
C TRP R 262 108.98 9.54 22.40
N ALA R 263 109.90 9.94 23.28
CA ALA R 263 109.90 11.26 23.88
C ALA R 263 111.30 11.56 24.38
N GLU R 264 111.49 12.74 24.98
CA GLU R 264 112.82 13.21 25.33
C GLU R 264 113.37 12.36 26.48
N THR R 265 112.49 11.85 27.36
CA THR R 265 112.87 10.94 28.42
C THR R 265 111.94 9.73 28.41
N ASP R 266 112.43 8.64 29.01
CA ASP R 266 111.63 7.44 29.23
C ASP R 266 110.36 7.79 30.00
N GLU R 267 110.50 8.64 31.03
CA GLU R 267 109.38 8.99 31.90
C GLU R 267 108.25 9.62 31.07
N GLN R 268 108.60 10.56 30.16
CA GLN R 268 107.61 11.22 29.33
C GLN R 268 107.00 10.21 28.35
N ALA R 269 107.81 9.26 27.86
CA ALA R 269 107.32 8.27 26.90
C ALA R 269 106.24 7.39 27.54
N ILE R 270 106.48 7.02 28.82
CA ILE R 270 105.55 6.19 29.56
C ILE R 270 104.25 7.00 29.79
N GLU R 271 104.39 8.25 30.24
CA GLU R 271 103.25 9.07 30.54
C GLU R 271 102.39 9.30 29.30
N ASN R 272 103.05 9.53 28.16
CA ASN R 272 102.37 9.75 26.89
C ASN R 272 101.49 8.55 26.53
N ALA R 273 102.01 7.33 26.72
CA ALA R 273 101.28 6.13 26.40
C ALA R 273 100.02 6.01 27.27
N LEU R 274 100.16 6.22 28.59
CA LEU R 274 99.03 6.14 29.52
C LEU R 274 97.93 7.15 29.16
N ARG R 275 98.34 8.39 28.86
CA ARG R 275 97.40 9.47 28.67
C ARG R 275 96.72 9.36 27.31
N GLU R 276 97.49 9.02 26.26
CA GLU R 276 97.02 9.14 24.89
C GLU R 276 96.48 7.83 24.33
N TRP R 277 96.96 6.68 24.83
CA TRP R 277 96.72 5.42 24.15
C TRP R 277 96.48 4.30 25.16
N PRO R 278 95.58 4.47 26.15
CA PRO R 278 95.34 3.43 27.14
C PRO R 278 94.80 2.14 26.51
N ASN R 279 94.14 2.29 25.35
CA ASN R 279 93.64 1.14 24.61
C ASN R 279 94.79 0.22 24.20
N GLY R 280 95.99 0.78 24.08
CA GLY R 280 97.20 -0.01 23.84
C GLY R 280 97.52 -0.95 25.01
N GLY R 281 97.01 -0.66 26.20
CA GLY R 281 97.24 -1.52 27.36
C GLY R 281 96.04 -2.43 27.66
N MET R 282 95.10 -2.53 26.70
CA MET R 282 93.91 -3.34 26.85
C MET R 282 94.07 -4.61 26.03
N ALA R 283 94.68 -5.64 26.64
CA ALA R 283 94.95 -6.90 25.99
C ALA R 283 93.71 -7.80 26.09
N PHE R 284 92.67 -7.41 25.35
CA PHE R 284 91.40 -8.13 25.35
C PHE R 284 90.62 -7.68 24.13
N PRO R 285 89.61 -8.45 23.66
CA PRO R 285 88.91 -8.12 22.42
C PRO R 285 88.08 -6.85 22.64
N LYS R 286 88.19 -5.91 21.69
CA LYS R 286 87.62 -4.58 21.86
C LYS R 286 86.54 -4.28 20.83
N GLY R 287 86.18 -5.27 20.00
CA GLY R 287 85.35 -5.04 18.84
C GLY R 287 83.86 -4.85 19.13
N ASP R 288 83.44 -5.11 20.37
CA ASP R 288 82.04 -5.01 20.75
C ASP R 288 81.73 -3.72 21.55
N ILE R 289 82.76 -2.98 21.96
CA ILE R 289 82.58 -1.83 22.84
C ILE R 289 82.18 -0.60 22.02
N ARG R 290 81.07 0.02 22.42
CA ARG R 290 80.38 0.98 21.54
C ARG R 290 80.86 2.42 21.70
N ASN R 291 81.19 2.85 22.92
CA ASN R 291 81.31 4.26 23.20
C ASN R 291 82.73 4.66 23.62
N PRO R 292 83.22 5.84 23.21
CA PRO R 292 84.44 6.40 23.78
C PRO R 292 84.42 6.44 25.31
N GLU R 293 83.26 6.74 25.90
CA GLU R 293 83.10 6.80 27.34
C GLU R 293 83.32 5.42 27.98
N ASP R 294 83.05 4.34 27.25
CA ASP R 294 83.27 3.00 27.76
C ASP R 294 84.77 2.74 27.89
N PHE R 295 85.51 2.98 26.80
CA PHE R 295 86.95 2.84 26.82
C PHE R 295 87.56 3.76 27.88
N GLN R 296 87.02 4.97 27.99
CA GLN R 296 87.53 5.95 28.92
C GLN R 296 87.45 5.41 30.36
N ALA R 297 86.33 4.77 30.70
CA ALA R 297 86.19 4.21 32.04
C ALA R 297 87.11 3.01 32.22
N MET R 298 87.29 2.21 31.17
CA MET R 298 88.17 1.05 31.23
C MET R 298 89.62 1.50 31.35
N ALA R 299 89.96 2.66 30.78
CA ALA R 299 91.32 3.19 30.78
C ALA R 299 91.83 3.40 32.21
N ARG R 300 90.93 3.67 33.16
CA ARG R 300 91.30 3.95 34.54
C ARG R 300 92.01 2.75 35.15
N LEU R 301 91.87 1.56 34.56
CA LEU R 301 92.52 0.35 35.07
C LEU R 301 93.92 0.15 34.47
N VAL R 302 94.25 0.87 33.39
CA VAL R 302 95.46 0.55 32.66
C VAL R 302 96.68 1.14 33.38
N ARG R 303 97.74 0.33 33.44
CA ARG R 303 99.00 0.70 34.07
C ARG R 303 100.14 0.42 33.10
N PRO R 304 101.34 1.00 33.31
CA PRO R 304 102.47 0.77 32.39
C PRO R 304 102.77 -0.69 32.03
N GLU R 305 102.67 -1.61 33.02
CA GLU R 305 102.92 -3.03 32.80
C GLU R 305 102.12 -3.56 31.61
N HIS R 306 100.88 -3.07 31.42
CA HIS R 306 99.95 -3.64 30.46
C HIS R 306 100.34 -3.37 29.01
N PHE R 307 101.33 -2.48 28.82
CA PHE R 307 101.80 -2.12 27.48
C PHE R 307 102.94 -2.98 26.98
N GLN R 308 103.50 -3.89 27.81
CA GLN R 308 104.68 -4.63 27.37
C GLN R 308 104.33 -5.50 26.16
N GLY R 309 105.14 -5.36 25.10
CA GLY R 309 104.94 -6.07 23.85
C GLY R 309 103.90 -5.41 22.93
N ARG R 310 103.26 -4.33 23.39
CA ARG R 310 102.17 -3.71 22.66
C ARG R 310 102.52 -2.27 22.30
N VAL R 311 103.31 -1.60 23.17
CA VAL R 311 103.77 -0.24 22.94
C VAL R 311 105.17 -0.13 23.53
N LEU R 312 106.15 0.10 22.64
CA LEU R 312 107.52 0.35 23.08
C LEU R 312 107.62 1.78 23.59
N MET R 313 108.09 1.94 24.83
CA MET R 313 108.09 3.22 25.51
C MET R 313 109.53 3.53 25.92
N THR R 314 110.25 4.32 25.12
CA THR R 314 111.62 4.70 25.45
C THR R 314 112.07 5.87 24.59
N SER R 315 113.01 6.65 25.14
CA SER R 315 113.66 7.76 24.46
C SER R 315 114.84 7.27 23.63
N ASP R 316 115.24 6.00 23.85
CA ASP R 316 116.44 5.46 23.21
C ASP R 316 116.10 5.04 21.78
N LEU R 317 116.61 5.83 20.82
CA LEU R 317 116.28 5.62 19.41
C LEU R 317 116.97 4.37 18.86
N ASP R 318 118.07 3.94 19.47
CA ASP R 318 118.69 2.69 19.10
C ASP R 318 117.72 1.53 19.33
N ARG R 319 116.96 1.58 20.44
CA ARG R 319 116.04 0.51 20.80
C ARG R 319 114.85 0.49 19.86
N HIS R 320 114.42 1.68 19.39
CA HIS R 320 113.39 1.79 18.36
C HIS R 320 113.88 1.09 17.09
N GLY R 321 115.14 1.37 16.72
CA GLY R 321 115.74 0.80 15.52
C GLY R 321 115.76 -0.74 15.57
N GLU R 322 116.21 -1.30 16.70
CA GLU R 322 116.33 -2.75 16.86
C GLU R 322 114.94 -3.40 16.84
N PHE R 323 113.97 -2.76 17.49
CA PHE R 323 112.62 -3.27 17.53
C PHE R 323 112.05 -3.40 16.11
N LEU R 324 112.28 -2.38 15.28
CA LEU R 324 111.76 -2.36 13.93
C LEU R 324 112.50 -3.37 13.05
N GLN R 325 113.85 -3.40 13.20
CA GLN R 325 114.68 -4.31 12.41
C GLN R 325 114.25 -5.76 12.66
N HIS R 326 113.95 -6.11 13.93
CA HIS R 326 113.51 -7.44 14.28
C HIS R 326 112.28 -7.86 13.45
N LEU R 327 111.37 -6.91 13.24
CA LEU R 327 110.13 -7.21 12.51
C LEU R 327 110.44 -7.43 11.02
N ILE R 328 111.39 -6.67 10.48
CA ILE R 328 111.83 -6.88 9.11
C ILE R 328 112.41 -8.30 8.99
N ASP R 329 113.23 -8.67 9.98
CA ASP R 329 113.91 -9.95 9.98
C ASP R 329 112.91 -11.11 10.03
N LEU R 330 111.75 -10.90 10.68
CA LEU R 330 110.72 -11.94 10.74
C LEU R 330 110.08 -12.14 9.36
N GLY R 331 110.13 -11.12 8.49
CA GLY R 331 109.62 -11.24 7.14
C GLY R 331 108.60 -10.17 6.73
N PHE R 332 108.43 -9.13 7.56
CA PHE R 332 107.56 -8.02 7.20
C PHE R 332 108.28 -7.14 6.18
N THR R 333 107.54 -6.72 5.16
CA THR R 333 108.10 -5.97 4.03
C THR R 333 107.76 -4.50 4.17
N GLU R 334 106.82 -4.15 5.06
CA GLU R 334 106.51 -2.77 5.39
C GLU R 334 106.15 -2.66 6.85
N ILE R 335 106.56 -1.55 7.49
CA ILE R 335 106.17 -1.24 8.86
C ILE R 335 105.57 0.16 8.88
N TYR R 336 104.39 0.30 9.52
CA TYR R 336 103.75 1.58 9.75
C TYR R 336 103.84 1.88 11.24
N VAL R 337 104.47 3.00 11.58
CA VAL R 337 104.74 3.34 12.97
C VAL R 337 103.81 4.45 13.43
N HIS R 338 103.09 4.17 14.52
CA HIS R 338 102.27 5.11 15.23
C HIS R 338 102.97 5.52 16.53
N ASN R 339 103.45 6.76 16.60
CA ASN R 339 103.90 7.33 17.86
C ASN R 339 102.68 7.84 18.62
N VAL R 340 102.51 7.38 19.86
CA VAL R 340 101.28 7.65 20.59
C VAL R 340 101.28 9.08 21.14
N GLY R 341 102.46 9.69 21.28
CA GLY R 341 102.56 11.01 21.89
C GLY R 341 102.06 12.11 20.95
N ARG R 342 101.74 13.28 21.54
CA ARG R 342 101.33 14.45 20.79
C ARG R 342 102.51 15.11 20.09
N ASN R 343 103.74 14.64 20.40
CA ASN R 343 104.98 15.19 19.86
C ASN R 343 105.29 14.58 18.48
N GLN R 344 104.36 14.74 17.53
CA GLN R 344 104.45 14.09 16.24
C GLN R 344 105.62 14.63 15.42
N GLU R 345 105.73 15.96 15.37
CA GLU R 345 106.76 16.58 14.56
C GLU R 345 108.14 16.13 15.05
N GLU R 346 108.33 16.10 16.37
CA GLU R 346 109.62 15.79 16.99
C GLU R 346 109.93 14.32 16.72
N PHE R 347 108.91 13.46 16.83
CA PHE R 347 109.03 12.04 16.57
C PHE R 347 109.48 11.81 15.11
N ILE R 348 108.81 12.50 14.19
CA ILE R 348 109.11 12.35 12.77
C ILE R 348 110.56 12.72 12.50
N ARG R 349 111.02 13.84 13.08
CA ARG R 349 112.39 14.31 12.83
C ARG R 349 113.41 13.36 13.46
N ALA R 350 113.09 12.86 14.65
CA ALA R 350 113.98 11.95 15.36
C ALA R 350 114.13 10.63 14.59
N TYR R 351 113.01 10.08 14.10
CA TYR R 351 113.06 8.85 13.32
C TYR R 351 113.80 9.10 12.00
N GLY R 352 113.57 10.25 11.38
CA GLY R 352 114.20 10.59 10.11
C GLY R 352 115.72 10.66 10.23
N ARG R 353 116.20 11.18 11.37
CA ARG R 353 117.61 11.38 11.62
C ARG R 353 118.27 10.07 12.08
N ALA R 354 117.62 9.31 12.98
CA ALA R 354 118.32 8.31 13.78
C ALA R 354 117.84 6.88 13.53
N VAL R 355 116.67 6.68 12.92
CA VAL R 355 116.10 5.34 12.79
C VAL R 355 116.03 4.91 11.33
N ILE R 356 115.35 5.68 10.50
CA ILE R 356 115.06 5.28 9.13
C ILE R 356 116.34 4.97 8.35
N PRO R 357 117.40 5.82 8.38
CA PRO R 357 118.61 5.53 7.62
C PRO R 357 119.30 4.21 7.98
N HIS R 358 119.08 3.68 9.19
CA HIS R 358 119.78 2.50 9.68
C HIS R 358 118.96 1.22 9.54
N LEU R 359 117.70 1.30 9.07
CA LEU R 359 116.91 0.10 8.82
C LEU R 359 117.40 -0.56 7.54
N ARG R 360 117.54 -1.89 7.59
CA ARG R 360 118.02 -2.67 6.45
C ARG R 360 116.87 -3.49 5.89
N TRP R 361 116.36 -3.07 4.73
CA TRP R 361 115.30 -3.76 4.03
C TRP R 361 115.90 -4.69 2.99
N PRO R 362 115.34 -5.91 2.76
CA PRO R 362 115.72 -6.70 1.59
C PRO R 362 115.44 -5.91 0.31
N ALA R 363 116.33 -5.99 -0.67
CA ALA R 363 116.35 -5.11 -1.83
C ALA R 363 115.09 -5.29 -2.69
N ASP R 364 114.60 -6.53 -2.78
CA ASP R 364 113.48 -6.78 -3.68
C ASP R 364 112.12 -6.66 -3.04
N ALA R 365 112.05 -6.28 -1.76
CA ALA R 365 110.88 -6.54 -0.92
C ALA R 365 109.65 -5.88 -1.54
N PRO R 366 108.53 -6.62 -1.66
CA PRO R 366 107.30 -6.08 -2.24
C PRO R 366 106.63 -5.08 -1.32
N VAL R 367 106.11 -4.05 -1.97
CA VAL R 367 105.47 -2.94 -1.31
C VAL R 367 104.03 -2.87 -1.81
N ALA R 368 103.11 -2.40 -0.97
CA ALA R 368 101.69 -2.34 -1.32
C ALA R 368 101.45 -1.27 -2.36
N GLN R 369 101.32 -1.71 -3.62
CA GLN R 369 101.02 -0.85 -4.76
C GLN R 369 100.59 -1.71 -5.93
N ALA R 370 99.88 -1.14 -6.90
CA ALA R 370 99.34 -1.86 -8.04
C ALA R 370 100.47 -2.45 -8.89
N MET R 371 100.29 -3.70 -9.38
CA MET R 371 101.03 -4.23 -10.53
C MET R 371 101.09 -3.12 -11.60
C1 BG6 S . -18.67 34.42 -38.81
C2 BG6 S . -17.18 34.63 -38.43
O1 BG6 S . -18.95 33.18 -39.34
O5 BG6 S . -19.09 35.38 -39.77
C3 BG6 S . -16.90 36.06 -37.99
O2 BG6 S . -16.81 33.72 -37.39
C4 BG6 S . -17.56 37.08 -38.93
O3 BG6 S . -15.50 36.29 -37.87
C5 BG6 S . -19.03 36.72 -39.24
O4 BG6 S . -17.55 38.35 -38.31
C6 BG6 S . -19.67 37.64 -40.26
O6 BG6 S . -18.95 37.59 -41.51
P BG6 S . -19.32 38.65 -42.67
O1P BG6 S . -20.27 37.97 -43.63
O2P BG6 S . -18.00 39.02 -43.36
O3P BG6 S . -19.97 39.83 -41.94
H1 BG6 S . -19.20 34.54 -37.99
H2 BG6 S . -16.64 34.43 -39.23
HO1 BG6 S . -18.92 32.61 -38.73
H3 BG6 S . -17.31 36.19 -37.09
HO2 BG6 S . -15.97 33.77 -37.29
H4 BG6 S . -17.04 37.12 -39.77
HO3 BG6 S . -15.38 37.06 -37.50
H5 BG6 S . -19.55 36.76 -38.41
HO4 BG6 S . -18.06 38.31 -37.58
H61 BG6 S . -19.67 38.55 -39.91
H62 BG6 S . -20.59 37.35 -40.40
C1 BG6 T . -25.48 3.83 -20.62
C2 BG6 T . -25.49 4.29 -19.18
O1 BG6 T . -26.37 4.56 -21.39
O5 BG6 T . -25.84 2.45 -20.70
C3 BG6 T . -24.51 3.45 -18.36
O2 BG6 T . -25.20 5.67 -19.10
C4 BG6 T . -24.80 1.94 -18.54
O3 BG6 T . -24.57 3.88 -16.99
C5 BG6 T . -24.95 1.54 -20.02
O4 BG6 T . -23.73 1.16 -18.02
C6 BG6 T . -25.54 0.16 -20.21
O6 BG6 T . -26.89 0.06 -19.65
P BG6 T . -27.64 -1.37 -19.66
O1P BG6 T . -26.54 -2.43 -19.61
O2P BG6 T . -28.44 -1.48 -20.94
O3P BG6 T . -28.55 -1.35 -18.43
H1 BG6 T . -24.57 3.94 -20.99
H2 BG6 T . -26.41 4.13 -18.83
HO1 BG6 T . -26.08 5.34 -21.51
H3 BG6 T . -23.60 3.63 -18.69
HO2 BG6 T . -25.32 5.95 -18.33
H4 BG6 T . -25.63 1.72 -18.06
HO3 BG6 T . -23.93 3.51 -16.57
H5 BG6 T . -24.07 1.58 -20.45
HO4 BG6 T . -23.01 1.33 -18.47
H61 BG6 T . -24.96 -0.50 -19.77
H62 BG6 T . -25.56 -0.06 -21.16
C1 BG6 U . -55.16 -5.42 -26.20
C2 BG6 U . -55.45 -6.81 -25.61
O1 BG6 U . -54.11 -5.50 -27.11
O5 BG6 U . -54.86 -4.45 -25.18
C3 BG6 U . -56.44 -6.78 -24.46
O2 BG6 U . -55.95 -7.69 -26.61
C4 BG6 U . -56.06 -5.72 -23.42
O3 BG6 U . -56.52 -8.08 -23.86
C5 BG6 U . -55.85 -4.34 -24.12
O4 BG6 U . -57.10 -5.56 -22.46
C6 BG6 U . -55.38 -3.27 -23.16
O6 BG6 U . -54.35 -3.80 -22.29
P BG6 U . -53.50 -2.79 -21.38
O1P BG6 U . -52.94 -1.69 -22.27
O2P BG6 U . -52.39 -3.63 -20.81
O3P BG6 U . -54.45 -2.25 -20.32
H1 BG6 U . -55.97 -5.11 -26.69
H2 BG6 U . -54.59 -7.17 -25.27
HO1 BG6 U . -54.38 -5.86 -27.81
H3 BG6 U . -57.33 -6.55 -24.82
HO2 BG6 U . -56.00 -8.46 -26.33
H4 BG6 U . -55.22 -5.99 -22.98
HO3 BG6 U . -57.16 -8.10 -23.32
H5 BG6 U . -56.71 -4.05 -24.52
HO4 BG6 U . -57.80 -5.32 -22.83
H61 BG6 U . -56.14 -2.96 -22.62
H62 BG6 U . -55.03 -2.51 -23.66
C1 BG6 V . -60.06 -9.84 -61.72
C2 BG6 V . -61.52 -10.23 -61.95
O1 BG6 V . -60.01 -8.69 -60.92
O5 BG6 V . -59.42 -9.64 -62.99
C3 BG6 V . -61.62 -11.48 -62.82
O2 BG6 V . -62.18 -10.38 -60.71
C4 BG6 V . -60.85 -11.28 -64.13
O3 BG6 V . -63.01 -11.79 -63.06
C5 BG6 V . -59.39 -10.84 -63.82
O4 BG6 V . -60.80 -12.49 -64.89
C6 BG6 V . -58.56 -10.53 -65.06
O6 BG6 V . -59.31 -9.69 -65.99
P BG6 V . -58.69 -9.38 -67.46
O1P BG6 V . -57.35 -8.69 -67.24
O2P BG6 V . -59.70 -8.49 -68.14
O3P BG6 V . -58.55 -10.74 -68.12
H1 BG6 V . -59.59 -10.58 -61.25
H2 BG6 V . -61.94 -9.49 -62.44
HO1 BG6 V . -60.21 -8.92 -60.13
H3 BG6 V . -61.21 -12.24 -62.33
HO2 BG6 V . -63.01 -10.48 -60.85
H4 BG6 V . -61.30 -10.58 -64.66
HO3 BG6 V . -63.08 -12.54 -63.42
H5 BG6 V . -58.94 -11.56 -63.32
HO4 BG6 V . -60.39 -13.11 -64.44
H61 BG6 V . -58.32 -11.36 -65.50
H62 BG6 V . -57.74 -10.07 -64.79
C1 BG6 W . -54.79 17.56 -76.89
C2 BG6 W . -54.74 17.42 -78.42
O1 BG6 W . -53.71 16.89 -76.31
O5 BG6 W . -56.02 17.02 -76.38
C3 BG6 W . -56.01 17.91 -79.11
O2 BG6 W . -53.64 18.13 -78.96
C4 BG6 W . -57.27 17.40 -78.43
O3 BG6 W . -55.95 17.50 -80.49
C5 BG6 W . -57.19 17.68 -76.91
O4 BG6 W . -58.43 18.02 -78.96
C6 BG6 W . -58.38 17.21 -76.11
O6 BG6 W . -58.99 16.02 -76.69
P BG6 W . -60.19 15.29 -75.91
O1P BG6 W . -59.82 15.32 -74.43
O2P BG6 W . -60.20 13.88 -76.46
O3P BG6 W . -61.46 16.06 -76.23
H1 BG6 W . -54.74 18.52 -76.66
H2 BG6 W . -54.63 16.46 -78.62
HO1 BG6 W . -53.00 17.35 -76.44
H3 BG6 W . -56.02 18.91 -79.08
HO2 BG6 W . -53.52 17.66 -79.78
H4 BG6 W . -57.34 16.42 -78.57
HO3 BG6 W . -56.56 17.92 -80.90
H5 BG6 W . -57.09 18.66 -76.79
HO4 BG6 W . -58.38 18.87 -78.83
H61 BG6 W . -59.05 17.93 -76.07
H62 BG6 W . -58.10 17.02 -75.20
C1 BG6 X . -21.52 29.20 -69.60
C2 BG6 X . -21.48 30.56 -70.29
O1 BG6 X . -22.66 29.05 -68.84
O5 BG6 X . -20.37 29.04 -68.78
C3 BG6 X . -20.19 30.69 -71.12
O2 BG6 X . -22.67 30.78 -71.06
C4 BG6 X . -19.00 30.50 -70.19
O3 BG6 X . -20.12 31.93 -71.81
C5 BG6 X . -19.12 29.10 -69.54
O4 BG6 X . -17.75 30.61 -70.88
C6 BG6 X . -17.98 28.74 -68.63
O6 BG6 X . -17.33 29.95 -68.16
P BG6 X . -16.41 29.88 -66.86
O1P BG6 X . -17.00 28.80 -65.97
O2P BG6 X . -16.49 31.27 -66.21
O3P BG6 X . -15.04 29.52 -67.38
H1 BG6 X . -21.52 28.49 -70.29
H2 BG6 X . -21.45 31.25 -69.58
HO1 BG6 X . -23.31 28.92 -69.37
H3 BG6 X . -20.18 29.95 -71.79
HO2 BG6 X . -22.69 31.56 -71.33
H4 BG6 X . -19.04 31.18 -69.48
HO3 BG6 X . -19.48 31.92 -72.36
H5 BG6 X . -19.16 28.42 -70.27
HO4 BG6 X . -17.69 29.98 -71.46
H61 BG6 X . -17.33 28.18 -69.10
H62 BG6 X . -18.32 28.23 -67.86
C1 BG6 Y . 2.96 -4.19 60.94
C2 BG6 Y . 4.32 -4.84 61.11
O1 BG6 Y . 2.26 -4.79 59.89
O5 BG6 Y . 3.20 -2.77 60.81
C3 BG6 Y . 5.00 -4.33 62.38
O2 BG6 Y . 4.16 -6.26 61.08
C4 BG6 Y . 5.04 -2.80 62.39
O3 BG6 Y . 6.32 -4.87 62.46
C5 BG6 Y . 3.66 -2.20 62.05
O4 BG6 Y . 5.41 -2.32 63.69
C6 BG6 Y . 3.68 -0.69 61.91
O6 BG6 Y . 4.79 -0.33 61.06
P BG6 Y . 4.99 1.22 60.65
O1P BG6 Y . 3.73 1.63 59.88
O2P BG6 Y . 6.23 1.25 59.79
O3P BG6 Y . 5.17 1.93 61.98
H1 BG6 Y . 2.45 -4.33 61.78
H2 BG6 Y . 4.86 -4.57 60.33
HO1 BG6 Y . 1.97 -5.52 60.17
H3 BG6 Y . 4.48 -4.64 63.16
HO2 BG6 Y . 4.88 -6.61 61.00
H4 BG6 Y . 5.70 -2.48 61.74
HO3 BG6 Y . 6.64 -4.71 63.18
H5 BG6 Y . 3.03 -2.44 62.78
HO4 BG6 Y . 4.86 -2.60 64.25
H61 BG6 Y . 3.77 -0.28 62.79
H62 BG6 Y . 2.84 -0.39 61.51
C1 BG6 Z . -18.99 -32.66 55.81
C2 BG6 Z . -18.92 -33.31 57.21
O1 BG6 Z . -19.47 -31.36 55.86
O5 BG6 Z . -19.86 -33.38 54.91
C3 BG6 Z . -18.68 -34.81 57.13
O2 BG6 Z . -17.91 -32.71 58.03
C4 BG6 Z . -19.63 -35.45 56.13
O3 BG6 Z . -18.83 -35.37 58.43
C5 BG6 Z . -19.49 -34.77 54.78
O4 BG6 Z . -19.33 -36.85 55.96
C6 BG6 Z . -20.36 -35.37 53.72
O6 BG6 Z . -21.55 -35.86 54.37
P BG6 Z . -22.87 -35.87 53.49
O1P BG6 Z . -24.04 -35.96 54.44
O2P BG6 Z . -22.69 -37.12 52.65
O3P BG6 Z . -22.89 -34.60 52.67
H1 BG6 Z . -18.09 -32.66 55.42
H2 BG6 Z . -19.80 -33.17 57.65
HO1 BG6 Z . -18.86 -30.86 56.13
H3 BG6 Z . -17.75 -34.95 56.82
HO2 BG6 Z . -17.98 -32.97 58.78
H4 BG6 Z . -20.55 -35.35 56.45
HO3 BG6 Z . -18.58 -36.15 58.42
H5 BG6 Z . -18.54 -34.82 54.49
HO4 BG6 Z . -18.56 -36.93 55.67
H61 BG6 Z . -19.89 -36.10 53.27
H62 BG6 Z . -20.59 -34.69 53.05
C1 BG6 AA . -48.22 -21.94 49.15
C2 BG6 AA . -49.16 -23.14 48.81
O1 BG6 AA . -47.18 -21.77 48.26
O5 BG6 AA . -47.61 -22.16 50.43
C3 BG6 AA . -50.14 -23.47 49.92
O2 BG6 AA . -49.97 -22.90 47.67
C4 BG6 AA . -49.44 -23.54 51.29
O3 BG6 AA . -50.81 -24.68 49.55
C5 BG6 AA . -48.57 -22.29 51.51
O4 BG6 AA . -50.39 -23.58 52.37
C6 BG6 AA . -47.82 -22.29 52.81
O6 BG6 AA . -47.27 -23.61 53.08
P BG6 AA . -47.08 -24.08 54.61
O1P BG6 AA . -45.95 -25.08 54.57
O2P BG6 AA . -48.47 -24.66 55.02
O3P BG6 AA . -46.71 -22.86 55.39
H1 BG6 AA . -48.76 -21.12 49.19
H2 BG6 AA . -48.60 -23.93 48.65
HO1 BG6 AA . -47.47 -21.45 47.55
H3 BG6 AA . -50.82 -22.74 49.96
HO2 BG6 AA . -50.34 -23.62 47.46
H4 BG6 AA . -48.88 -24.35 51.32
HO3 BG6 AA . -51.43 -24.81 50.09
H5 BG6 AA . -49.16 -21.50 51.49
HO4 BG6 AA . -50.84 -22.89 52.38
H61 BG6 AA . -48.42 -22.03 53.54
H62 BG6 AA . -47.10 -21.63 52.77
C1 BG6 BA . -47.16 -1.08 19.91
C2 BG6 BA . -48.61 -0.63 19.81
O1 BG6 BA . -46.51 -0.73 21.10
O5 BG6 BA . -46.41 -0.38 18.93
C3 BG6 BA . -49.15 -0.76 18.38
O2 BG6 BA . -49.41 -1.32 20.77
C4 BG6 BA . -48.18 -0.21 17.33
O3 BG6 BA . -50.41 -0.09 18.31
C5 BG6 BA . -46.75 -0.73 17.60
O4 BG6 BA . -48.56 -0.62 16.01
C6 BG6 BA . -45.68 -0.16 16.71
O6 BG6 BA . -45.79 1.28 16.70
P BG6 BA . -44.84 2.14 15.76
O1P BG6 BA . -45.35 3.55 15.91
O2P BG6 BA . -44.96 1.62 14.35
O3P BG6 BA . -43.45 1.95 16.33
H1 BG6 BA . -47.08 -2.06 19.76
H2 BG6 BA . -48.62 0.33 20.05
HO1 BG6 BA . -46.79 -1.20 21.73
H3 BG6 BA . -49.30 -1.72 18.19
HO2 BG6 BA . -50.17 -0.99 20.79
H4 BG6 BA . -48.18 0.77 17.38
HO3 BG6 BA . -50.78 -0.27 17.59
H5 BG6 BA . -46.75 -1.73 17.51
HO4 BG6 BA . -48.53 -1.45 15.95
H61 BG6 BA . -45.78 -0.51 15.80
H62 BG6 BA . -44.79 -0.42 17.05
C1 PEG CA . -37.76 -8.14 38.73
O1 PEG CA . -37.71 -6.76 39.03
C2 PEG CA . -39.12 -8.57 38.20
O2 PEG CA . -38.99 -9.41 37.07
C3 PEG CA . -38.88 -8.70 35.83
C4 PEG CA . -37.44 -8.25 35.55
O4 PEG CA . -36.50 -9.33 35.37
H11 PEG CA . -37.56 -8.65 39.53
H12 PEG CA . -37.08 -8.35 38.06
HO1 PEG CA . -36.93 -6.58 39.34
H21 PEG CA . -39.64 -7.77 37.96
H22 PEG CA . -39.60 -9.05 38.92
H31 PEG CA . -39.46 -7.92 35.85
H32 PEG CA . -39.18 -9.29 35.10
H41 PEG CA . -37.14 -7.68 36.28
H42 PEG CA . -37.46 -7.71 34.74
HO4 PEG CA . -35.73 -9.03 35.22
C1 BG6 DA . -28.60 24.07 25.30
C2 BG6 DA . -28.44 24.71 23.92
O1 BG6 DA . -28.18 22.72 25.37
O5 BG6 DA . -29.99 24.11 25.73
C3 BG6 DA . -28.97 26.12 23.93
O2 BG6 DA . -27.09 24.71 23.48
C4 BG6 DA . -30.44 26.10 24.37
O3 BG6 DA . -28.75 26.72 22.66
C5 BG6 DA . -30.57 25.43 25.73
O4 BG6 DA . -30.97 27.41 24.55
C6 BG6 DA . -32.01 25.27 26.17
O6 BG6 DA . -32.76 24.56 25.13
P BG6 DA . -34.33 24.32 25.33
O1P BG6 DA . -34.91 24.23 23.93
O2P BG6 DA . -34.87 25.51 26.12
O3P BG6 DA . -34.42 23.00 26.08
H1 BG6 DA . -28.07 24.60 25.95
H2 BG6 DA . -28.98 24.18 23.29
HO1 BG6 DA . -27.34 22.71 25.38
H3 BG6 DA . -28.46 26.64 24.60
HO2 BG6 DA . -27.06 24.94 22.68
H4 BG6 DA . -30.97 25.62 23.70
HO3 BG6 DA . -28.91 27.54 22.70
H5 BG6 DA . -30.10 25.99 26.40
HO4 BG6 DA . -30.55 27.83 25.14
H61 BG6 DA . -32.41 26.16 26.32
H62 BG6 DA . -32.06 24.76 27.00
O1 PG4 EA . -17.50 9.78 36.95
C1 PG4 EA . -16.56 9.91 35.90
C2 PG4 EA . -16.96 10.94 34.87
O2 PG4 EA . -16.49 10.61 33.55
C3 PG4 EA . -15.10 10.31 33.50
C4 PG4 EA . -14.84 8.81 33.61
O3 PG4 EA . -15.65 8.08 32.68
C5 PG4 EA . -16.65 7.23 33.26
C6 PG4 EA . -18.03 7.72 32.84
O4 PG4 EA . -19.08 7.00 33.49
C7 PG4 EA . -18.90 5.57 33.49
C8 PG4 EA . -19.17 4.98 32.11
O5 PG4 EA . -19.55 3.60 32.15
HO1 PG4 EA . -17.24 9.21 37.51
H11 PG4 EA . -16.47 9.03 35.47
H12 PG4 EA . -15.69 10.15 36.28
H21 PG4 EA . -16.60 11.81 35.12
H22 PG4 EA . -17.94 11.01 34.84
H31 PG4 EA . -14.63 10.77 34.24
H32 PG4 EA . -14.72 10.65 32.67
H41 PG4 EA . -15.02 8.51 34.52
H42 PG4 EA . -13.90 8.64 33.41
H51 PG4 EA . -16.58 7.24 34.25
H52 PG4 EA . -16.51 6.31 32.95
H61 PG4 EA . -18.13 7.62 31.87
H62 PG4 EA . -18.13 8.67 33.05
H71 PG4 EA . -19.52 5.18 34.14
H72 PG4 EA . -17.99 5.35 33.77
H81 PG4 EA . -18.35 5.07 31.57
H82 PG4 EA . -19.87 5.50 31.67
HO5 PG4 EA . -19.65 3.27 31.40
C1 BG6 FA . 4.26 11.69 33.97
C2 BG6 FA . 5.12 12.80 34.53
O1 BG6 FA . 3.13 11.58 34.76
O5 BG6 FA . 4.96 10.45 33.98
C3 BG6 FA . 6.38 12.95 33.68
O2 BG6 FA . 4.38 14.02 34.62
C4 BG6 FA . 7.12 11.62 33.57
O3 BG6 FA . 7.22 13.96 34.27
C5 BG6 FA . 6.19 10.43 33.23
O4 BG6 FA . 8.13 11.69 32.56
C6 BG6 FA . 6.85 9.12 33.56
O6 BG6 FA . 7.43 9.21 34.91
P BG6 FA . 9.00 8.87 35.12
O1P BG6 FA . 9.24 8.58 36.61
O2P BG6 FA . 9.21 7.65 34.23
O3P BG6 FA . 9.75 10.09 34.60
H1 BG6 FA . 3.99 11.91 33.05
H2 BG6 FA . 5.38 12.54 35.43
HO1 BG6 FA . 2.65 12.19 34.77
H3 BG6 FA . 6.12 13.25 32.78
HO2 BG6 FA . 4.83 14.60 35.06
H4 BG6 FA . 7.55 11.43 34.44
HO3 BG6 FA . 7.84 14.14 33.76
H5 BG6 FA . 5.99 10.45 32.27
HO4 BG6 FA . 7.80 11.85 31.82
H61 BG6 FA . 7.56 8.92 32.91
H62 BG6 FA . 6.20 8.40 33.54
C1 BG6 GA . 73.76 -9.73 38.31
C2 BG6 GA . 74.69 -10.60 39.19
O1 BG6 GA . 73.58 -10.21 37.04
O5 BG6 GA . 74.33 -8.43 38.20
C3 BG6 GA . 74.89 -9.95 40.56
O2 BG6 GA . 74.22 -11.93 39.34
C4 BG6 GA . 75.45 -8.54 40.37
O3 BG6 GA . 75.73 -10.74 41.40
C5 BG6 GA . 74.48 -7.75 39.47
O4 BG6 GA . 75.59 -7.89 41.63
C6 BG6 GA . 74.92 -6.32 39.19
O6 BG6 GA . 76.36 -6.19 39.35
P BG6 GA . 77.05 -4.81 38.91
O1P BG6 GA . 76.28 -4.28 37.72
O2P BG6 GA . 78.50 -5.13 38.57
O3P BG6 GA . 76.90 -3.92 40.13
H1 BG6 GA . 72.87 -9.65 38.75
H2 BG6 GA . 75.56 -10.63 38.74
HO1 BG6 GA . 73.05 -10.91 37.08
H3 BG6 GA . 74.01 -9.87 41.00
HO2 BG6 GA . 74.83 -12.40 39.72
H4 BG6 GA . 76.33 -8.60 39.93
HO3 BG6 GA . 75.71 -10.43 42.18
H5 BG6 GA . 73.60 -7.72 39.92
HO4 BG6 GA . 74.86 -7.81 41.97
H61 BG6 GA . 74.46 -5.71 39.81
H62 BG6 GA . 74.66 -6.08 38.28
C1 BG6 HA . 49.32 -32.61 24.78
C2 BG6 HA . 48.39 -32.84 25.99
O1 BG6 HA . 49.60 -31.27 24.48
O5 BG6 HA . 48.72 -33.14 23.60
C3 BG6 HA . 48.09 -34.32 26.14
O2 BG6 HA . 48.90 -32.35 27.22
C4 BG6 HA . 47.54 -34.88 24.83
O3 BG6 HA . 47.18 -34.50 27.22
C5 BG6 HA . 48.50 -34.57 23.67
O4 BG6 HA . 47.39 -36.30 24.93
C6 BG6 HA . 47.95 -34.97 22.34
O6 BG6 HA . 46.51 -34.84 22.39
P BG6 HA . 45.71 -35.04 21.03
O1P BG6 HA . 46.16 -33.85 20.24
O2P BG6 HA . 44.25 -35.02 21.38
O3P BG6 HA . 46.18 -36.39 20.46
H1 BG6 HA . 50.18 -33.07 24.95
H2 BG6 HA . 47.54 -32.39 25.80
HO1 BG6 HA . 50.12 -30.98 25.06
H3 BG6 HA . 48.94 -34.79 26.35
HO2 BG6 HA . 48.30 -32.40 27.81
H4 BG6 HA . 46.66 -34.48 24.66
HO3 BG6 HA . 47.15 -35.34 27.40
H5 BG6 HA . 49.36 -35.03 23.83
HO4 BG6 HA . 48.12 -36.68 25.04
H61 BG6 HA . 48.19 -35.91 22.15
H62 BG6 HA . 48.31 -34.41 21.63
C1 PEG IA . 63.39 -16.32 21.20
O1 PEG IA . 63.08 -17.00 19.99
C2 PEG IA . 62.23 -15.56 21.78
O2 PEG IA . 61.33 -16.46 22.40
C3 PEG IA . 61.02 -16.13 23.75
C4 PEG IA . 62.13 -16.59 24.65
O4 PEG IA . 62.33 -17.99 24.60
H11 PEG IA . 64.13 -15.69 21.04
H12 PEG IA . 63.70 -16.97 21.86
HO1 PEG IA . 63.76 -17.39 19.59
H21 PEG IA . 61.76 -15.08 21.05
H22 PEG IA . 62.54 -14.90 22.43
H31 PEG IA . 60.18 -16.55 24.02
H32 PEG IA . 60.90 -15.15 23.83
H41 PEG IA . 61.91 -16.33 25.57
H42 PEG IA . 62.95 -16.13 24.39
HO4 PEG IA . 63.04 -18.17 25.23
C1 BG6 JA . 31.41 -17.35 3.86
C2 BG6 JA . 30.39 -18.43 3.54
O1 BG6 JA . 32.63 -17.61 3.36
O5 BG6 JA . 31.65 -17.25 5.29
C3 BG6 JA . 29.07 -18.11 4.21
O2 BG6 JA . 30.19 -18.61 2.14
C4 BG6 JA . 29.26 -18.07 5.72
O3 BG6 JA . 28.09 -19.06 3.79
C5 BG6 JA . 30.48 -17.19 6.18
O4 BG6 JA . 28.09 -17.52 6.32
C6 BG6 JA . 30.99 -17.57 7.55
O6 BG6 JA . 30.07 -18.49 8.24
P BG6 JA . 28.93 -17.84 9.20
O1P BG6 JA . 29.25 -18.31 10.61
O2P BG6 JA . 27.59 -18.36 8.68
O3P BG6 JA . 29.09 -16.35 9.00
H1 BG6 JA . 31.09 -16.47 3.53
H2 BG6 JA . 30.73 -19.28 3.92
HO1 BG6 JA . 32.61 -17.50 2.51
H3 BG6 JA . 28.79 -17.21 3.91
HO2 BG6 JA . 29.73 -19.32 2.02
H4 BG6 JA . 29.39 -18.99 6.05
HO3 BG6 JA . 27.33 -18.83 4.05
H5 BG6 JA . 30.17 -16.25 6.22
HO4 BG6 JA . 27.98 -16.73 6.02
H61 BG6 JA . 31.10 -16.77 8.10
H62 BG6 JA . 31.86 -18.01 7.46
C1 PGE KA . 48.93 -10.57 -3.49
O1 PGE KA . 49.87 -11.14 -2.57
C2 PGE KA . 48.13 -9.45 -2.92
O2 PGE KA . 49.02 -8.42 -2.47
C3 PGE KA . 48.96 -8.16 -1.07
C4 PGE KA . 50.14 -7.32 -0.62
O4 PGE KA . 50.39 -4.32 2.46
C6 PGE KA . 50.28 -5.74 2.63
C5 PGE KA . 49.47 -6.39 1.53
O3 PGE KA . 50.25 -7.35 0.81
H1 PGE KA . 48.31 -11.28 -3.79
H12 PGE KA . 49.41 -10.26 -4.29
HO1 PGE KA . 50.21 -11.75 -3.10
H2 PGE KA . 47.60 -9.78 -2.17
H22 PGE KA . 47.53 -9.09 -3.60
H3 PGE KA . 48.98 -9.02 -0.59
H32 PGE KA . 48.12 -7.70 -0.86
H4 PGE KA . 50.01 -6.40 -0.92
H42 PGE KA . 50.96 -7.66 -1.02
HO4 PGE KA . 50.97 -3.84 2.99
H6 PGE KA . 49.85 -5.92 3.49
H62 PGE KA . 51.18 -6.13 2.65
H5 PGE KA . 49.13 -5.71 0.91
H52 PGE KA . 48.70 -6.85 1.92
C1 BG6 LA . 51.51 -4.52 -22.48
C2 BG6 LA . 50.60 -3.62 -23.30
O1 BG6 LA . 51.38 -4.22 -21.14
O5 BG6 LA . 52.87 -4.38 -22.93
C3 BG6 LA . 50.74 -3.92 -24.78
O2 BG6 LA . 49.25 -3.77 -22.92
C4 BG6 LA . 52.19 -3.87 -25.22
O3 BG6 LA . 49.91 -2.99 -25.49
C5 BG6 LA . 53.05 -4.77 -24.32
O4 BG6 LA . 52.29 -4.31 -26.56
C6 BG6 LA . 54.53 -4.73 -24.61
O6 BG6 LA . 54.93 -3.36 -24.82
P BG6 LA . 55.99 -3.01 -25.99
O1P BG6 LA . 57.09 -4.05 -25.97
O2P BG6 LA . 56.50 -1.62 -25.63
O3P BG6 LA . 55.19 -3.06 -27.31
H1 BG6 LA . 51.23 -5.46 -22.62
H2 BG6 LA . 50.88 -2.69 -23.13
HO1 BG6 LA . 50.64 -4.51 -20.87
H3 BG6 LA . 50.39 -4.83 -24.95
HO2 BG6 LA . 48.80 -3.17 -23.30
H4 BG6 LA . 52.52 -2.93 -25.15
HO3 BG6 LA . 49.90 -3.22 -26.31
H5 BG6 LA . 52.74 -5.71 -24.42
HO4 BG6 LA . 52.06 -5.10 -26.62
H61 BG6 LA . 54.71 -5.26 -25.41
H62 BG6 LA . 55.03 -5.11 -23.86
C1 BG6 MA . 72.83 16.28 -11.35
C2 BG6 MA . 73.77 16.62 -12.48
O1 BG6 MA . 73.12 14.99 -10.92
O5 BG6 MA . 71.47 16.53 -11.77
C3 BG6 MA . 73.63 18.07 -12.81
O2 BG6 MA . 75.11 16.34 -12.13
C4 BG6 MA . 72.17 18.36 -13.20
O3 BG6 MA . 74.60 18.39 -13.82
C5 BG6 MA . 71.24 17.93 -12.07
O4 BG6 MA . 71.95 19.74 -13.38
C6 BG6 MA . 69.77 18.10 -12.39
O6 BG6 MA . 69.41 17.53 -13.68
P BG6 MA . 67.90 17.74 -14.22
O1P BG6 MA . 67.05 16.77 -13.40
O2P BG6 MA . 67.93 17.41 -15.70
O3P BG6 MA . 67.50 19.19 -13.96
H1 BG6 MA . 73.03 16.90 -10.60
H2 BG6 MA . 73.53 16.08 -13.27
HO1 BG6 MA . 73.89 15.00 -10.51
H3 BG6 MA . 73.84 18.60 -12.00
HO2 BG6 MA . 75.62 16.43 -12.82
H4 BG6 MA . 71.95 17.88 -14.03
HO3 BG6 MA . 74.63 19.24 -13.92
H5 BG6 MA . 71.44 18.46 -11.27
HO4 BG6 MA . 72.09 20.16 -12.66
H61 BG6 MA . 69.55 19.06 -12.39
H62 BG6 MA . 69.23 17.68 -11.69
C1 EDO NA . 75.43 1.82 4.32
O1 EDO NA . 74.89 0.58 3.81
C2 EDO NA . 75.11 2.98 3.47
O2 EDO NA . 73.84 3.53 3.79
H11 EDO NA . 76.40 1.73 4.41
H12 EDO NA . 75.06 1.97 5.22
HO1 EDO NA . 75.10 -0.05 4.26
H21 EDO NA . 75.11 2.70 2.53
H22 EDO NA . 75.80 3.66 3.59
HO2 EDO NA . 73.60 4.19 3.35
C1 BG6 OA . 92.21 0.73 14.52
C2 BG6 OA . 93.29 1.67 15.06
O1 BG6 OA . 90.94 1.18 14.88
O5 BG6 OA . 92.35 -0.62 15.01
C3 BG6 OA . 94.67 1.08 14.97
O2 BG6 OA . 93.27 2.92 14.37
C4 BG6 OA . 94.69 -0.31 15.57
O3 BG6 OA . 95.60 1.96 15.62
C5 BG6 OA . 93.66 -1.18 14.83
O4 BG6 OA . 95.99 -0.89 15.42
C6 BG6 OA . 93.60 -2.59 15.36
O6 BG6 OA . 93.34 -2.52 16.79
P BG6 OA . 94.41 -3.21 17.78
O1P BG6 OA . 94.97 -4.35 16.98
O2P BG6 OA . 93.63 -3.64 19.03
O3P BG6 OA . 95.45 -2.15 18.06
H1 BG6 OA . 92.27 0.71 13.53
H2 BG6 OA . 93.08 1.84 16.01
HO1 BG6 OA . 90.77 1.84 14.43
H3 BG6 OA . 94.93 1.00 14.02
HO2 BG6 OA . 93.78 3.44 14.77
H4 BG6 OA . 94.47 -0.25 16.53
HO3 BG6 OA . 96.41 1.70 15.41
H5 BG6 OA . 93.89 -1.20 13.87
HO4 BG6 OA . 96.20 -0.96 14.60
H61 BG6 OA . 94.45 -3.05 15.20
H62 BG6 OA . 92.89 -3.09 14.92
#